data_8E6R
#
_entry.id   8E6R
#
_cell.length_a   1.00
_cell.length_b   1.00
_cell.length_c   1.00
_cell.angle_alpha   90.00
_cell.angle_beta   90.00
_cell.angle_gamma   90.00
#
_symmetry.space_group_name_H-M   'P 1'
#
loop_
_entity.id
_entity.type
_entity.pdbx_description
1 polymer 'Transient receptor potential cation channel subfamily M member 2'
2 non-polymer ADENOSINE-5-DIPHOSPHORIBOSE
3 non-polymer '[(2R,3S,4R,5R)-5-(6-AMINOPURIN-9-YL)-3,4-DIHYDROXY-OXOLAN-2-YL]METHYL[HYDROXY-[[(2R,3S,4R,5S)-3,4,5-TRIHYDROXYOXOLAN-2-YL]METHOXY]PHOSPHORYL] HYDROGEN PHOSPHATE'
#
_entity_poly.entity_id   1
_entity_poly.type   'polypeptide(L)'
_entity_poly.pdbx_seq_one_letter_code
;MEPSALRKAGSEQEEGFEGLPRRVTDLGMVSNLRRSNSSLFKSWRLQCPFGNNDKQESLSSWIPENIKKKECVYFVESSK
LSDAGKVVCQCGYTHEQHLEEATKPHTFQGTQWDPKKHVQEMPTDAFGDIVFTGLSQKVKKYVRVSQDTPSSVIYHLMTQ
HWGLDVPNLLISVTGGAKNFNMKPRLKSIFRRGLVKVAQTTGAWIITGGSHTGVMKQVGEAVRDFSLSSSYKEGELITIG
VATWGTVHRREGLIHPTGSFPAEYILDEDGQGNLTCLDSNHSHFILVDDGTHGQYGVEIPLRTRLEKFISEQTKERGGVA
IKIPIVCVVLEGGPGTLHTIDNATTNGTPCVVVEGSGRVADVIAQVANLPVSDITISLIQQKLSVFFQEMFETFTESRIV
EWTKKIQDIVRRRQLLTVFREGKDGQQDVDVAILQALLKASRSQDHFGHENWDHQLKLAVAWNRVDIARSEIFMDEWQWK
PSDLHPTMTAALISNKPEFVKLFLENGVQLKEFVTWDTLLYLYENLDPSCLFHSKLQKVLVEDPERPACAPAAPRLQMHH
VAQVLRELLGDFTQPLYPRPRHNDRLRLLLPVPHVKLNVQGVSLRSLYKRSSGHVTFTMDPIRDLLIWAIVQNRRELAGI
IWAQSQDCIAAALACSKILKELSKEEEDTDSSEEMLALAEEYEHRAIGVFTECYRKDEERAQKLLTRVSEAWGKTTCLQL
ALEAKDMKFVSHGGIQAFLTKVWWGQLSVDNGLWRVTLCMLAFPLLLTGLISFREKRLQDVGTPAARARAFFTAPVVVFH
LNILSYFAFLCLFAYVLMVDFQPVPSWCECAIYLWLFSLVCEEMRQLFYDPDECGLMKKAALYFSDFWNKLDVGAILLFV
AGLTCRLIPATLYPGRVILSLDFILFCLRLMHIFTISKTLGPKIIIVKRMMKDVFFFLFLLAVWVVSFGVAKQAILIHNE
RRVDWLFRGAVYHSYLTIFGQIPGYIDGVNFNPEHCSPNGTDPYKPKCPESDATQQRPAFPEWLTVLLLCLYLLFTNILL
LNLLIAMFNYTFQQVQEHTDQIWKFQRHDLIEEYHGRPAAPPPFILLSHLQLFIKRVVLKTPAKRHKQLKNKLEKNEEAA
LLSWEIYLKENYLQNRQFQQKQRPEQKIEDISNKVDAMVDLLDLDPLKRSGSMEQRLASLEEQVAQTAQALHWIVRTLRA
SGFSSEADVPTLASQKAAEEPDAEPGGRKKTEEPGDSYHVNARHLLYPNCPVTRFPVPNEKVPWETEFLIYDPPFYTAER
KDAAAMDPMGDTLEPLSTIQYNVVDGLRDRRSFHGPYTVQAGLPLNPMGRTGLRGRGSLSCFGPNHTLYPMVTRWRRNED
GAICRKSIKKMLEVLVVKLPLSEHWALPGGSREPGEMLPRKLKRILRQEHWPSFENLLKCGMEVYKGYMDDPRNTDNAWI
ETVAVSVHFQDQNDVELNRLNSNLHACDSGASIRWQVVDRRIPLYANHKTLLQKAAAEFGAHY
;
_entity_poly.pdbx_strand_id   A,B,C,D
#
# COMPACT_ATOMS: atom_id res chain seq x y z
N ILE A 67 -71.08 -3.58 -14.18
CA ILE A 67 -71.12 -4.21 -12.87
C ILE A 67 -71.09 -5.73 -13.03
N LYS A 68 -69.90 -6.32 -12.85
CA LYS A 68 -69.76 -7.77 -12.96
C LYS A 68 -70.16 -8.46 -11.66
N LYS A 69 -71.42 -8.29 -11.25
CA LYS A 69 -71.93 -8.95 -10.07
C LYS A 69 -72.80 -10.16 -10.42
N LYS A 70 -73.26 -10.25 -11.67
CA LYS A 70 -74.08 -11.37 -12.13
C LYS A 70 -73.26 -12.64 -12.36
N GLU A 71 -71.99 -12.63 -11.99
CA GLU A 71 -71.12 -13.81 -12.17
C GLU A 71 -70.65 -14.34 -10.82
N CYS A 72 -70.16 -13.46 -9.95
CA CYS A 72 -69.71 -13.87 -8.63
C CYS A 72 -70.90 -14.09 -7.71
N VAL A 73 -70.68 -14.86 -6.64
CA VAL A 73 -71.77 -15.35 -5.80
C VAL A 73 -71.39 -15.26 -4.31
N TYR A 74 -72.40 -15.39 -3.46
CA TYR A 74 -72.24 -15.53 -2.02
C TYR A 74 -71.57 -16.83 -1.60
N PHE A 75 -72.20 -17.96 -1.96
CA PHE A 75 -71.95 -19.26 -1.34
C PHE A 75 -72.42 -19.17 0.11
N VAL A 76 -73.34 -18.24 0.38
CA VAL A 76 -73.94 -18.10 1.70
C VAL A 76 -74.75 -19.35 1.99
N GLU A 77 -75.03 -19.61 3.25
CA GLU A 77 -75.51 -20.91 3.68
C GLU A 77 -76.86 -20.77 4.39
N SER A 78 -77.81 -21.60 3.96
CA SER A 78 -79.13 -21.65 4.58
C SER A 78 -79.11 -22.57 5.80
N SER A 79 -78.29 -22.17 6.79
CA SER A 79 -77.99 -23.02 7.93
C SER A 79 -79.18 -23.11 8.88
N LYS A 80 -80.00 -24.15 8.73
CA LYS A 80 -81.10 -24.39 9.65
C LYS A 80 -80.55 -24.59 11.07
N LEU A 81 -81.18 -23.93 12.05
CA LEU A 81 -80.67 -23.96 13.41
C LEU A 81 -80.78 -25.35 14.01
N SER A 82 -79.66 -26.06 14.08
CA SER A 82 -79.63 -27.43 14.59
C SER A 82 -78.41 -27.65 15.47
N ASP A 83 -78.04 -26.63 16.27
CA ASP A 83 -76.86 -26.76 17.11
C ASP A 83 -76.92 -25.83 18.32
N ALA A 84 -76.07 -26.10 19.31
CA ALA A 84 -75.89 -25.21 20.44
C ALA A 84 -74.52 -25.44 21.06
N GLY A 85 -73.58 -24.55 20.77
CA GLY A 85 -72.21 -24.74 21.23
C GLY A 85 -71.79 -23.78 22.31
N LYS A 86 -72.64 -22.81 22.64
CA LYS A 86 -72.37 -21.82 23.67
C LYS A 86 -71.04 -21.13 23.43
N VAL A 87 -70.92 -20.42 22.31
CA VAL A 87 -69.70 -19.70 21.97
C VAL A 87 -69.99 -18.19 22.03
N VAL A 88 -69.00 -17.45 22.52
CA VAL A 88 -69.06 -16.00 22.78
C VAL A 88 -70.46 -15.61 23.24
N CYS A 89 -70.90 -16.18 24.36
CA CYS A 89 -72.17 -15.87 25.02
C CYS A 89 -73.35 -15.87 24.05
N GLN A 90 -73.36 -16.82 23.11
CA GLN A 90 -74.44 -16.92 22.14
C GLN A 90 -74.85 -18.38 22.04
N CYS A 91 -75.80 -18.68 21.14
CA CYS A 91 -76.27 -20.04 20.96
C CYS A 91 -76.48 -20.34 19.48
N GLY A 92 -77.06 -21.50 19.18
CA GLY A 92 -77.33 -21.89 17.81
C GLY A 92 -76.08 -22.22 17.02
N TYR A 93 -76.25 -22.52 15.73
CA TYR A 93 -75.11 -22.70 14.84
C TYR A 93 -74.47 -21.35 14.57
N THR A 94 -73.30 -21.38 13.93
CA THR A 94 -72.54 -20.17 13.62
C THR A 94 -73.45 -19.11 12.99
N HIS A 95 -73.47 -17.92 13.60
CA HIS A 95 -74.28 -16.74 13.31
C HIS A 95 -75.43 -16.60 14.30
N GLU A 96 -76.41 -15.79 13.94
CA GLU A 96 -77.50 -15.37 14.81
C GLU A 96 -78.73 -15.10 13.97
N GLN A 97 -79.64 -14.24 14.46
CA GLN A 97 -80.86 -13.91 13.74
C GLN A 97 -80.60 -13.52 12.27
N HIS A 98 -79.34 -13.27 11.91
CA HIS A 98 -78.96 -13.09 10.51
C HIS A 98 -78.61 -14.42 9.82
N LEU A 99 -78.86 -15.56 10.47
CA LEU A 99 -78.60 -16.86 9.84
C LEU A 99 -79.66 -17.21 8.81
N GLU A 100 -80.84 -16.60 8.92
CA GLU A 100 -81.92 -16.83 7.96
C GLU A 100 -81.99 -15.65 6.99
N GLU A 101 -81.31 -15.82 5.85
CA GLU A 101 -81.19 -14.74 4.87
C GLU A 101 -82.54 -14.34 4.28
N ALA A 102 -83.12 -15.22 3.45
CA ALA A 102 -84.44 -14.97 2.89
C ALA A 102 -85.31 -16.21 2.87
N THR A 103 -84.69 -17.39 2.86
CA THR A 103 -85.45 -18.62 2.72
C THR A 103 -85.76 -19.25 4.07
N LYS A 104 -84.94 -18.94 5.08
CA LYS A 104 -85.14 -19.20 6.50
C LYS A 104 -84.86 -20.67 6.81
N PRO A 105 -84.74 -21.05 8.09
CA PRO A 105 -84.59 -22.47 8.43
C PRO A 105 -85.93 -23.17 8.41
N HIS A 106 -86.52 -23.34 7.24
CA HIS A 106 -87.93 -23.66 7.14
C HIS A 106 -88.14 -24.92 6.32
N THR A 107 -89.41 -25.31 6.19
CA THR A 107 -89.87 -26.47 5.44
C THR A 107 -89.28 -27.75 6.03
N PHE A 108 -88.46 -28.47 5.26
CA PHE A 108 -87.84 -29.69 5.80
C PHE A 108 -86.37 -29.80 5.41
N GLN A 109 -85.79 -28.78 4.81
CA GLN A 109 -84.41 -28.82 4.35
C GLN A 109 -83.51 -28.79 5.57
N GLY A 110 -82.93 -29.94 5.90
CA GLY A 110 -82.08 -30.05 7.08
C GLY A 110 -82.59 -30.98 8.15
N THR A 111 -81.95 -32.15 8.28
CA THR A 111 -82.11 -33.02 9.44
C THR A 111 -80.80 -33.31 10.14
N GLN A 112 -79.74 -33.60 9.40
CA GLN A 112 -78.36 -33.53 9.87
C GLN A 112 -77.64 -32.54 8.97
N TRP A 113 -76.92 -31.60 9.55
CA TRP A 113 -76.43 -30.49 8.73
C TRP A 113 -75.29 -30.91 7.82
N ASP A 114 -75.64 -31.45 6.65
CA ASP A 114 -74.70 -31.82 5.60
C ASP A 114 -74.19 -30.54 4.95
N PRO A 115 -72.87 -30.32 4.90
CA PRO A 115 -72.31 -29.10 4.30
C PRO A 115 -72.25 -29.14 2.76
N LYS A 116 -72.99 -30.07 2.17
CA LYS A 116 -72.98 -30.24 0.72
C LYS A 116 -74.38 -30.11 0.13
N LYS A 117 -75.41 -30.40 0.92
CA LYS A 117 -76.75 -30.50 0.37
C LYS A 117 -77.28 -29.16 -0.13
N HIS A 118 -77.07 -28.08 0.63
CA HIS A 118 -77.74 -26.83 0.32
C HIS A 118 -76.88 -25.66 0.79
N VAL A 119 -76.03 -25.13 -0.10
CA VAL A 119 -75.19 -23.98 0.19
C VAL A 119 -75.48 -22.93 -0.89
N GLN A 120 -76.75 -22.86 -1.28
CA GLN A 120 -77.26 -22.16 -2.46
C GLN A 120 -76.53 -20.84 -2.74
N GLU A 121 -76.22 -20.64 -4.02
CA GLU A 121 -75.29 -19.62 -4.50
C GLU A 121 -76.08 -18.42 -5.00
N MET A 122 -76.09 -17.33 -4.24
CA MET A 122 -76.67 -16.06 -4.70
C MET A 122 -75.58 -15.05 -5.00
N PRO A 123 -75.84 -14.10 -5.90
CA PRO A 123 -74.80 -13.14 -6.29
C PRO A 123 -74.35 -12.25 -5.14
N THR A 124 -73.14 -11.73 -5.28
CA THR A 124 -72.43 -11.06 -4.18
C THR A 124 -73.15 -9.77 -3.76
N ASP A 125 -72.73 -9.24 -2.61
CA ASP A 125 -73.20 -7.95 -2.13
C ASP A 125 -72.04 -7.14 -1.55
N ALA A 126 -70.82 -7.66 -1.63
CA ALA A 126 -69.63 -6.97 -1.14
C ALA A 126 -68.62 -6.89 -2.28
N PHE A 127 -68.76 -5.86 -3.11
CA PHE A 127 -67.86 -5.59 -4.22
C PHE A 127 -67.73 -4.06 -4.35
N GLY A 128 -66.65 -3.53 -3.77
CA GLY A 128 -66.47 -2.10 -3.76
C GLY A 128 -65.05 -1.62 -3.57
N ASP A 129 -64.89 -0.60 -2.72
CA ASP A 129 -63.61 0.05 -2.52
C ASP A 129 -63.54 0.49 -1.05
N ILE A 130 -62.65 -0.11 -0.28
CA ILE A 130 -62.58 0.13 1.16
C ILE A 130 -61.48 1.13 1.47
N VAL A 131 -61.79 2.09 2.33
CA VAL A 131 -60.84 3.11 2.79
C VAL A 131 -60.80 3.07 4.31
N PHE A 132 -59.58 3.06 4.86
CA PHE A 132 -59.42 3.07 6.31
C PHE A 132 -59.59 4.49 6.84
N THR A 133 -59.69 4.59 8.17
CA THR A 133 -60.11 5.84 8.80
C THR A 133 -59.12 6.97 8.53
N GLY A 134 -57.93 6.89 9.13
CA GLY A 134 -56.91 7.89 8.90
C GLY A 134 -55.52 7.30 8.78
N LEU A 135 -55.42 5.99 8.98
CA LEU A 135 -54.12 5.32 8.99
C LEU A 135 -53.52 5.28 7.58
N SER A 136 -54.39 5.26 6.57
CA SER A 136 -53.93 5.29 5.18
C SER A 136 -54.98 5.93 4.28
N GLN A 137 -54.78 7.19 3.92
CA GLN A 137 -55.71 7.87 3.02
C GLN A 137 -55.50 7.39 1.59
N LYS A 138 -56.18 6.31 1.22
CA LYS A 138 -56.01 5.70 -0.10
C LYS A 138 -57.30 5.04 -0.54
N VAL A 139 -57.24 4.24 -1.60
CA VAL A 139 -58.40 3.47 -2.05
C VAL A 139 -57.96 2.02 -2.24
N LYS A 140 -58.70 1.10 -1.64
CA LYS A 140 -58.42 -0.33 -1.73
C LYS A 140 -59.71 -1.07 -2.08
N LYS A 141 -59.65 -1.90 -3.11
CA LYS A 141 -60.83 -2.57 -3.64
C LYS A 141 -60.90 -4.00 -3.15
N TYR A 142 -62.10 -4.42 -2.75
CA TYR A 142 -62.33 -5.72 -2.16
C TYR A 142 -63.54 -6.39 -2.79
N VAL A 143 -63.55 -7.72 -2.77
CA VAL A 143 -64.63 -8.53 -3.30
C VAL A 143 -64.90 -9.68 -2.35
N ARG A 144 -66.16 -10.05 -2.22
CA ARG A 144 -66.56 -11.21 -1.41
C ARG A 144 -66.84 -12.37 -2.36
N VAL A 145 -65.79 -13.10 -2.74
CA VAL A 145 -65.92 -14.22 -3.66
C VAL A 145 -66.31 -15.47 -2.90
N SER A 146 -66.74 -16.50 -3.62
CA SER A 146 -67.08 -17.77 -2.99
C SER A 146 -65.89 -18.72 -3.03
N GLN A 147 -66.08 -19.94 -2.56
CA GLN A 147 -65.06 -20.97 -2.63
C GLN A 147 -65.15 -21.76 -3.94
N ASP A 148 -66.21 -21.57 -4.72
CA ASP A 148 -66.41 -22.34 -5.95
C ASP A 148 -66.30 -21.51 -7.22
N THR A 149 -66.07 -20.20 -7.11
CA THR A 149 -65.88 -19.39 -8.30
C THR A 149 -64.62 -19.83 -9.04
N PRO A 150 -64.71 -20.12 -10.34
CA PRO A 150 -63.53 -20.52 -11.09
C PRO A 150 -62.50 -19.41 -11.15
N SER A 151 -61.23 -19.80 -11.29
CA SER A 151 -60.19 -18.80 -11.44
C SER A 151 -60.10 -18.34 -12.89
N SER A 152 -61.25 -18.04 -13.48
CA SER A 152 -61.34 -17.34 -14.76
C SER A 152 -62.41 -16.25 -14.78
N VAL A 153 -63.33 -16.25 -13.82
CA VAL A 153 -64.29 -15.17 -13.64
C VAL A 153 -63.59 -14.07 -12.88
N ILE A 154 -62.46 -14.41 -12.26
CA ILE A 154 -61.73 -13.48 -11.42
C ILE A 154 -60.44 -13.04 -12.10
N TYR A 155 -59.85 -13.88 -12.93
CA TYR A 155 -58.71 -13.43 -13.71
C TYR A 155 -59.18 -12.47 -14.79
N HIS A 156 -60.37 -12.70 -15.33
CA HIS A 156 -61.03 -11.77 -16.23
C HIS A 156 -61.49 -10.52 -15.48
N LEU A 157 -61.38 -10.55 -14.15
CA LEU A 157 -61.84 -9.47 -13.30
C LEU A 157 -60.71 -8.66 -12.67
N MET A 158 -59.57 -9.26 -12.33
CA MET A 158 -58.43 -8.45 -11.92
C MET A 158 -57.76 -7.81 -13.13
N THR A 159 -57.67 -8.56 -14.24
CA THR A 159 -57.03 -8.05 -15.45
C THR A 159 -57.77 -6.82 -15.96
N GLN A 160 -59.03 -6.98 -16.39
CA GLN A 160 -59.87 -5.84 -16.75
C GLN A 160 -61.23 -5.99 -16.06
N HIS A 161 -61.26 -5.71 -14.76
CA HIS A 161 -62.42 -5.12 -14.10
C HIS A 161 -61.89 -4.31 -12.91
N TRP A 162 -60.58 -4.32 -12.75
CA TRP A 162 -59.89 -3.73 -11.60
C TRP A 162 -58.80 -2.76 -11.99
N GLY A 163 -58.08 -3.04 -13.09
CA GLY A 163 -56.95 -2.22 -13.47
C GLY A 163 -55.62 -2.79 -12.98
N LEU A 164 -55.39 -4.07 -13.25
CA LEU A 164 -54.16 -4.73 -12.86
C LEU A 164 -53.50 -5.30 -14.11
N ASP A 165 -52.17 -5.38 -14.07
CA ASP A 165 -51.37 -5.82 -15.21
C ASP A 165 -51.25 -7.34 -15.21
N VAL A 166 -50.38 -7.87 -16.04
CA VAL A 166 -50.07 -9.30 -16.09
C VAL A 166 -48.76 -9.53 -15.33
N PRO A 167 -48.76 -10.36 -14.29
CA PRO A 167 -47.58 -10.48 -13.43
C PRO A 167 -46.45 -11.24 -14.11
N ASN A 168 -45.27 -11.14 -13.51
CA ASN A 168 -44.12 -11.94 -13.91
C ASN A 168 -43.48 -12.69 -12.76
N LEU A 169 -43.93 -12.47 -11.51
CA LEU A 169 -43.40 -13.19 -10.36
C LEU A 169 -44.45 -13.14 -9.25
N LEU A 170 -44.60 -14.26 -8.54
CA LEU A 170 -45.76 -14.52 -7.69
C LEU A 170 -45.33 -15.03 -6.31
N ILE A 171 -44.43 -14.28 -5.65
CA ILE A 171 -43.99 -14.62 -4.30
C ILE A 171 -45.19 -14.85 -3.41
N SER A 172 -45.27 -16.05 -2.81
CA SER A 172 -46.33 -16.40 -1.87
C SER A 172 -45.74 -16.42 -0.48
N VAL A 173 -46.16 -15.48 0.37
CA VAL A 173 -45.62 -15.34 1.71
C VAL A 173 -46.70 -15.79 2.69
N THR A 174 -46.57 -17.02 3.18
CA THR A 174 -47.45 -17.55 4.20
C THR A 174 -46.65 -17.90 5.46
N GLY A 175 -47.37 -18.22 6.52
CA GLY A 175 -46.72 -18.53 7.79
C GLY A 175 -47.69 -18.76 8.92
N GLY A 176 -47.43 -18.11 10.07
CA GLY A 176 -48.28 -18.24 11.23
C GLY A 176 -49.21 -17.05 11.38
N ALA A 177 -50.05 -17.13 12.41
CA ALA A 177 -51.01 -16.08 12.72
C ALA A 177 -51.25 -16.04 14.22
N LYS A 178 -51.56 -14.84 14.72
CA LYS A 178 -51.93 -14.57 16.12
C LYS A 178 -50.91 -15.13 17.11
N ASN A 179 -49.76 -15.58 16.62
CA ASN A 179 -48.67 -16.05 17.45
C ASN A 179 -47.37 -15.84 16.68
N PHE A 180 -46.68 -14.73 16.89
CA PHE A 180 -45.59 -14.39 16.00
C PHE A 180 -44.70 -13.34 16.66
N ASN A 181 -43.47 -13.75 16.97
CA ASN A 181 -42.49 -12.83 17.56
C ASN A 181 -41.24 -12.86 16.67
N MET A 182 -41.23 -11.99 15.66
CA MET A 182 -40.19 -12.05 14.63
C MET A 182 -38.87 -11.61 15.23
N LYS A 183 -37.84 -12.45 15.08
CA LYS A 183 -36.57 -12.20 15.76
C LYS A 183 -35.94 -10.90 15.27
N PRO A 184 -35.29 -10.12 16.16
CA PRO A 184 -34.84 -8.77 15.79
C PRO A 184 -33.86 -8.73 14.62
N ARG A 185 -33.08 -9.80 14.45
CA ARG A 185 -32.20 -9.91 13.30
C ARG A 185 -32.91 -10.56 12.10
N LEU A 186 -33.70 -11.60 12.36
CA LEU A 186 -34.51 -12.18 11.29
C LEU A 186 -35.51 -11.17 10.76
N LYS A 187 -36.00 -10.28 11.62
CA LYS A 187 -36.90 -9.22 11.20
C LYS A 187 -36.21 -8.32 10.17
N SER A 188 -34.88 -8.30 10.20
CA SER A 188 -34.10 -7.52 9.24
C SER A 188 -33.79 -8.24 7.94
N ILE A 189 -33.33 -9.49 7.99
CA ILE A 189 -33.17 -10.26 6.77
C ILE A 189 -34.48 -10.41 6.01
N PHE A 190 -35.61 -10.44 6.71
CA PHE A 190 -36.89 -10.59 6.03
C PHE A 190 -37.19 -9.44 5.07
N ARG A 191 -37.13 -8.19 5.56
CA ARG A 191 -37.50 -7.10 4.67
C ARG A 191 -36.40 -6.75 3.66
N ARG A 192 -35.12 -6.90 4.01
CA ARG A 192 -34.11 -6.79 2.96
C ARG A 192 -34.27 -7.87 1.90
N GLY A 193 -34.93 -8.96 2.26
CA GLY A 193 -35.17 -10.03 1.32
C GLY A 193 -36.45 -9.90 0.51
N LEU A 194 -37.44 -9.16 1.03
CA LEU A 194 -38.75 -9.13 0.41
C LEU A 194 -39.05 -7.82 -0.31
N VAL A 195 -38.28 -6.76 -0.04
CA VAL A 195 -38.56 -5.49 -0.71
C VAL A 195 -37.90 -5.48 -2.09
N LYS A 196 -36.74 -6.14 -2.21
CA LYS A 196 -35.99 -6.15 -3.45
C LYS A 196 -36.68 -6.87 -4.60
N VAL A 197 -37.38 -7.97 -4.32
CA VAL A 197 -38.14 -8.67 -5.35
C VAL A 197 -39.27 -7.76 -5.82
N ALA A 198 -39.83 -6.98 -4.90
CA ALA A 198 -40.85 -5.99 -5.23
C ALA A 198 -40.25 -4.82 -6.00
N GLN A 199 -38.99 -4.48 -5.68
CA GLN A 199 -38.31 -3.39 -6.37
C GLN A 199 -38.22 -3.65 -7.86
N THR A 200 -37.84 -4.86 -8.24
CA THR A 200 -37.66 -5.20 -9.65
C THR A 200 -38.91 -5.85 -10.23
N THR A 201 -38.81 -6.30 -11.49
CA THR A 201 -39.86 -6.99 -12.24
C THR A 201 -41.25 -6.40 -12.04
N GLY A 202 -42.27 -7.24 -12.04
CA GLY A 202 -43.64 -6.84 -11.85
C GLY A 202 -44.31 -7.68 -10.78
N ALA A 203 -43.56 -7.99 -9.73
CA ALA A 203 -43.94 -9.01 -8.77
C ALA A 203 -45.26 -8.70 -8.08
N TRP A 204 -46.05 -9.75 -7.86
CA TRP A 204 -47.27 -9.71 -7.08
C TRP A 204 -47.02 -10.38 -5.73
N ILE A 205 -47.50 -9.76 -4.67
CA ILE A 205 -47.32 -10.30 -3.32
C ILE A 205 -48.66 -10.79 -2.79
N ILE A 206 -48.93 -12.08 -2.97
CA ILE A 206 -50.18 -12.65 -2.48
C ILE A 206 -49.99 -13.19 -1.08
N THR A 207 -50.70 -12.58 -0.12
CA THR A 207 -50.60 -12.96 1.29
C THR A 207 -51.98 -12.97 1.93
N GLY A 208 -52.12 -13.67 3.05
CA GLY A 208 -53.35 -13.65 3.80
C GLY A 208 -53.66 -12.27 4.33
N GLY A 209 -54.94 -11.88 4.36
CA GLY A 209 -55.32 -10.57 4.82
C GLY A 209 -55.63 -10.51 6.29
N SER A 210 -54.65 -10.11 7.10
CA SER A 210 -54.83 -9.99 8.54
C SER A 210 -53.70 -9.14 9.11
N HIS A 211 -54.01 -8.38 10.16
CA HIS A 211 -53.00 -7.54 10.81
C HIS A 211 -52.30 -8.34 11.90
N THR A 212 -51.78 -9.52 11.56
CA THR A 212 -51.08 -10.37 12.51
C THR A 212 -50.26 -11.44 11.79
N GLY A 213 -49.05 -11.70 12.29
CA GLY A 213 -48.22 -12.76 11.74
C GLY A 213 -47.23 -12.28 10.70
N VAL A 214 -46.78 -13.24 9.89
CA VAL A 214 -45.90 -12.92 8.78
C VAL A 214 -46.67 -12.06 7.79
N MET A 215 -48.00 -12.15 7.84
CA MET A 215 -48.83 -11.26 7.03
C MET A 215 -48.86 -9.84 7.55
N LYS A 216 -48.55 -9.60 8.82
CA LYS A 216 -48.39 -8.23 9.32
C LYS A 216 -46.97 -7.73 9.14
N GLN A 217 -46.00 -8.62 8.93
CA GLN A 217 -44.64 -8.21 8.61
C GLN A 217 -44.42 -7.97 7.12
N VAL A 218 -45.16 -8.64 6.25
CA VAL A 218 -45.08 -8.38 4.81
C VAL A 218 -45.80 -7.10 4.44
N GLY A 219 -46.74 -6.66 5.28
CA GLY A 219 -47.38 -5.37 5.09
C GLY A 219 -46.68 -4.28 5.86
N GLU A 220 -45.73 -4.66 6.72
CA GLU A 220 -44.95 -3.70 7.48
C GLU A 220 -43.70 -3.23 6.73
N ALA A 221 -43.37 -3.86 5.61
CA ALA A 221 -42.22 -3.41 4.83
C ALA A 221 -42.66 -2.66 3.58
N VAL A 222 -43.87 -2.96 3.09
CA VAL A 222 -44.40 -2.23 1.94
C VAL A 222 -44.61 -0.77 2.27
N ARG A 223 -44.99 -0.45 3.51
CA ARG A 223 -45.08 0.94 3.93
C ARG A 223 -43.71 1.63 3.88
N ASP A 224 -42.65 0.95 4.29
CA ASP A 224 -41.31 1.51 4.19
C ASP A 224 -40.92 1.73 2.74
N PHE A 225 -41.40 0.85 1.85
CA PHE A 225 -41.06 0.94 0.43
C PHE A 225 -42.12 1.73 -0.31
N SER A 226 -42.97 2.46 0.41
CA SER A 226 -43.95 3.31 -0.24
C SER A 226 -43.83 4.75 0.24
N LEU A 227 -43.18 4.95 1.39
CA LEU A 227 -42.90 6.30 1.90
C LEU A 227 -41.44 6.70 1.67
N SER A 228 -40.60 5.73 1.32
CA SER A 228 -39.21 6.01 0.94
C SER A 228 -38.70 4.90 0.04
N SER A 229 -38.62 5.16 -1.27
CA SER A 229 -38.29 4.10 -2.21
C SER A 229 -37.72 4.72 -3.48
N SER A 230 -37.43 3.88 -4.47
CA SER A 230 -36.86 4.34 -5.74
C SER A 230 -37.93 5.03 -6.59
N TYR A 231 -39.06 4.37 -6.77
CA TYR A 231 -40.18 4.91 -7.53
C TYR A 231 -41.08 5.79 -6.68
N LYS A 232 -40.75 5.97 -5.39
CA LYS A 232 -41.62 6.62 -4.42
C LYS A 232 -42.99 5.97 -4.45
N GLU A 233 -44.05 6.78 -4.39
CA GLU A 233 -45.45 6.36 -4.38
C GLU A 233 -45.64 4.90 -3.98
N GLY A 234 -46.17 4.08 -4.89
CA GLY A 234 -46.14 2.64 -4.69
C GLY A 234 -46.70 1.86 -5.87
N GLU A 235 -45.95 0.87 -6.33
CA GLU A 235 -46.43 -0.10 -7.31
C GLU A 235 -45.90 -1.48 -6.93
N LEU A 236 -46.66 -2.18 -6.09
CA LEU A 236 -46.29 -3.49 -5.60
C LEU A 236 -47.38 -4.54 -5.82
N ILE A 237 -48.65 -4.13 -5.80
CA ILE A 237 -49.79 -5.04 -5.91
C ILE A 237 -49.65 -6.16 -4.89
N THR A 238 -50.04 -5.88 -3.65
CA THR A 238 -49.97 -6.83 -2.55
C THR A 238 -51.36 -7.42 -2.35
N ILE A 239 -51.63 -8.52 -3.05
CA ILE A 239 -52.95 -9.14 -3.00
C ILE A 239 -53.17 -9.76 -1.62
N GLY A 240 -54.31 -9.43 -1.02
CA GLY A 240 -54.67 -10.02 0.26
C GLY A 240 -55.90 -10.90 0.17
N VAL A 241 -55.72 -12.19 0.33
CA VAL A 241 -56.82 -13.13 0.20
C VAL A 241 -57.03 -13.84 1.52
N ALA A 242 -58.24 -13.71 2.07
CA ALA A 242 -58.56 -14.31 3.36
C ALA A 242 -59.99 -14.84 3.37
N THR A 243 -60.48 -15.21 4.55
CA THR A 243 -61.84 -15.75 4.67
C THR A 243 -62.74 -14.61 5.15
N TRP A 244 -63.86 -14.40 4.45
CA TRP A 244 -64.83 -13.39 4.83
C TRP A 244 -65.32 -13.60 6.26
N GLY A 245 -65.71 -14.83 6.58
CA GLY A 245 -66.26 -15.14 7.89
C GLY A 245 -65.36 -14.76 9.04
N THR A 246 -64.05 -14.79 8.81
CA THR A 246 -63.07 -14.42 9.84
C THR A 246 -62.64 -12.97 9.70
N VAL A 247 -63.63 -12.07 9.72
CA VAL A 247 -63.40 -10.63 9.70
C VAL A 247 -64.25 -10.01 10.81
N HIS A 248 -63.65 -9.10 11.57
CA HIS A 248 -64.28 -8.64 12.80
C HIS A 248 -65.54 -7.81 12.55
N ARG A 249 -65.39 -6.65 11.90
CA ARG A 249 -66.54 -5.80 11.58
C ARG A 249 -66.89 -5.95 10.10
N ARG A 250 -67.53 -7.08 9.79
CA ARG A 250 -68.08 -7.29 8.46
C ARG A 250 -69.24 -6.36 8.16
N GLU A 251 -69.87 -5.79 9.18
CA GLU A 251 -70.95 -4.84 8.99
C GLU A 251 -70.42 -3.53 8.44
N GLY A 252 -71.14 -2.97 7.48
CA GLY A 252 -70.68 -1.79 6.76
C GLY A 252 -69.84 -2.13 5.55
N LEU A 253 -69.35 -3.37 5.47
CA LEU A 253 -68.62 -3.83 4.30
C LEU A 253 -69.58 -4.57 3.38
N ILE A 254 -70.85 -4.65 3.77
CA ILE A 254 -71.86 -5.34 2.99
C ILE A 254 -72.96 -4.36 2.57
N HIS A 255 -72.86 -3.85 1.35
CA HIS A 255 -73.83 -2.92 0.80
C HIS A 255 -74.30 -3.43 -0.55
N PRO A 256 -75.61 -3.53 -0.77
CA PRO A 256 -76.09 -3.92 -2.11
C PRO A 256 -75.57 -2.98 -3.17
N THR A 257 -75.29 -3.54 -4.35
CA THR A 257 -74.54 -2.89 -5.43
C THR A 257 -73.09 -2.80 -4.97
N GLY A 258 -72.55 -1.60 -4.76
CA GLY A 258 -71.16 -1.47 -4.35
C GLY A 258 -70.98 -0.85 -2.97
N SER A 259 -69.73 -0.62 -2.59
CA SER A 259 -69.44 0.05 -1.33
C SER A 259 -68.98 1.47 -1.58
N PHE A 260 -68.07 1.66 -2.54
CA PHE A 260 -67.65 2.99 -3.00
C PHE A 260 -67.19 3.86 -1.84
N PRO A 261 -65.94 3.71 -1.40
CA PRO A 261 -65.50 4.23 -0.11
C PRO A 261 -66.42 4.03 1.08
N ALA A 262 -66.58 2.77 1.49
CA ALA A 262 -67.10 2.41 2.79
C ALA A 262 -65.99 2.53 3.83
N GLU A 263 -66.34 2.28 5.08
CA GLU A 263 -65.41 2.49 6.19
C GLU A 263 -65.13 1.18 6.91
N TYR A 264 -63.93 1.09 7.48
CA TYR A 264 -63.46 -0.08 8.25
C TYR A 264 -62.70 0.44 9.47
N ILE A 265 -63.34 0.40 10.63
CA ILE A 265 -62.67 0.80 11.87
C ILE A 265 -61.82 -0.36 12.37
N LEU A 266 -60.55 -0.08 12.65
CA LEU A 266 -59.60 -1.11 13.10
C LEU A 266 -59.58 -1.12 14.62
N ASP A 267 -60.40 -1.99 15.21
CA ASP A 267 -60.39 -2.22 16.65
C ASP A 267 -59.97 -3.67 16.90
N GLU A 268 -58.92 -3.84 17.69
CA GLU A 268 -58.29 -5.15 17.89
C GLU A 268 -58.40 -5.61 19.35
N ASP A 269 -59.32 -5.01 20.11
CA ASP A 269 -59.50 -5.39 21.52
C ASP A 269 -60.73 -6.27 21.69
N GLY A 270 -61.77 -6.02 20.90
CA GLY A 270 -62.99 -6.78 21.00
C GLY A 270 -63.12 -7.89 19.97
N GLN A 271 -61.99 -8.27 19.36
CA GLN A 271 -62.00 -9.31 18.35
C GLN A 271 -62.36 -10.67 18.96
N GLY A 272 -61.78 -11.00 20.11
CA GLY A 272 -62.08 -12.26 20.77
C GLY A 272 -61.45 -13.44 20.06
N ASN A 273 -62.04 -13.80 18.92
CA ASN A 273 -61.47 -14.82 18.06
C ASN A 273 -61.61 -14.45 16.59
N LEU A 274 -62.07 -13.24 16.28
CA LEU A 274 -62.46 -12.86 14.93
C LEU A 274 -61.48 -11.82 14.41
N THR A 275 -60.53 -12.26 13.58
CA THR A 275 -59.38 -11.46 13.19
C THR A 275 -59.77 -10.31 12.27
N CYS A 276 -59.11 -9.17 12.49
CA CYS A 276 -59.28 -7.98 11.67
C CYS A 276 -58.40 -8.06 10.42
N LEU A 277 -58.71 -7.20 9.45
CA LEU A 277 -57.94 -7.11 8.23
C LEU A 277 -56.68 -6.26 8.46
N ASP A 278 -55.74 -6.35 7.51
CA ASP A 278 -54.52 -5.56 7.58
C ASP A 278 -54.77 -4.13 7.12
N SER A 279 -53.71 -3.34 7.00
CA SER A 279 -53.89 -1.93 6.67
C SER A 279 -52.85 -1.45 5.65
N ASN A 280 -52.09 -2.37 5.07
CA ASN A 280 -51.08 -1.99 4.09
C ASN A 280 -51.05 -2.89 2.87
N HIS A 281 -52.05 -3.73 2.66
CA HIS A 281 -52.15 -4.51 1.44
C HIS A 281 -52.68 -3.62 0.31
N SER A 282 -52.97 -4.25 -0.83
CA SER A 282 -53.46 -3.51 -1.99
C SER A 282 -54.88 -3.86 -2.36
N HIS A 283 -55.21 -5.16 -2.50
CA HIS A 283 -56.54 -5.60 -2.87
C HIS A 283 -56.91 -6.80 -2.01
N PHE A 284 -58.16 -6.84 -1.56
CA PHE A 284 -58.63 -7.86 -0.63
C PHE A 284 -59.63 -8.76 -1.32
N ILE A 285 -59.29 -10.05 -1.44
CA ILE A 285 -60.19 -11.05 -2.01
C ILE A 285 -60.72 -11.93 -0.89
N LEU A 286 -61.93 -11.65 -0.42
CA LEU A 286 -62.49 -12.41 0.69
C LEU A 286 -63.33 -13.58 0.18
N VAL A 287 -62.95 -14.79 0.59
CA VAL A 287 -63.70 -15.98 0.22
C VAL A 287 -64.77 -16.24 1.28
N ASP A 288 -65.79 -17.01 0.92
CA ASP A 288 -66.89 -17.25 1.85
C ASP A 288 -67.33 -18.70 1.75
N ASP A 289 -67.70 -19.27 2.91
CA ASP A 289 -68.33 -20.59 2.93
C ASP A 289 -69.60 -20.62 3.78
N GLY A 290 -69.93 -19.54 4.47
CA GLY A 290 -71.11 -19.49 5.32
C GLY A 290 -70.89 -19.90 6.76
N THR A 291 -69.68 -19.77 7.30
CA THR A 291 -69.38 -20.19 8.66
C THR A 291 -68.74 -19.03 9.40
N HIS A 292 -68.87 -19.07 10.73
CA HIS A 292 -68.28 -18.07 11.62
C HIS A 292 -67.17 -18.72 12.43
N GLY A 293 -65.97 -18.15 12.34
CA GLY A 293 -64.85 -18.62 13.12
C GLY A 293 -64.11 -19.82 12.56
N GLN A 294 -64.49 -20.30 11.38
CA GLN A 294 -63.81 -21.44 10.76
C GLN A 294 -62.72 -20.91 9.83
N TYR A 295 -61.51 -20.82 10.36
CA TYR A 295 -60.35 -20.50 9.54
C TYR A 295 -59.93 -21.72 8.73
N GLY A 296 -59.09 -21.50 7.73
CA GLY A 296 -58.65 -22.54 6.84
C GLY A 296 -59.50 -22.74 5.60
N VAL A 297 -60.64 -22.06 5.50
CA VAL A 297 -61.44 -22.11 4.28
C VAL A 297 -60.66 -21.50 3.11
N GLU A 298 -59.91 -20.43 3.39
CA GLU A 298 -59.10 -19.79 2.36
C GLU A 298 -57.75 -20.51 2.34
N ILE A 299 -57.69 -21.59 1.58
CA ILE A 299 -56.47 -22.38 1.38
C ILE A 299 -56.54 -23.07 0.00
N PRO A 300 -57.63 -23.76 -0.34
CA PRO A 300 -57.64 -24.44 -1.65
C PRO A 300 -57.81 -23.50 -2.83
N LEU A 301 -58.63 -22.45 -2.68
CA LEU A 301 -58.95 -21.60 -3.81
C LEU A 301 -57.73 -20.83 -4.31
N ARG A 302 -56.90 -20.32 -3.41
CA ARG A 302 -55.71 -19.62 -3.86
C ARG A 302 -54.70 -20.56 -4.53
N THR A 303 -54.78 -21.86 -4.24
CA THR A 303 -53.90 -22.84 -4.86
C THR A 303 -54.30 -23.20 -6.28
N ARG A 304 -55.46 -22.75 -6.75
CA ARG A 304 -55.76 -22.78 -8.18
C ARG A 304 -55.65 -21.38 -8.76
N LEU A 305 -55.82 -20.36 -7.91
CA LEU A 305 -55.56 -18.98 -8.31
C LEU A 305 -54.10 -18.83 -8.71
N GLU A 306 -53.19 -19.32 -7.87
CA GLU A 306 -51.76 -19.23 -8.12
C GLU A 306 -51.27 -20.19 -9.20
N LYS A 307 -52.15 -21.06 -9.69
CA LYS A 307 -51.81 -21.91 -10.84
C LYS A 307 -52.37 -21.34 -12.15
N PHE A 308 -53.67 -21.04 -12.18
CA PHE A 308 -54.27 -20.53 -13.40
C PHE A 308 -53.72 -19.16 -13.76
N ILE A 309 -53.30 -18.37 -12.77
CA ILE A 309 -52.62 -17.10 -13.05
C ILE A 309 -51.24 -17.39 -13.61
N SER A 310 -50.58 -18.41 -13.07
CA SER A 310 -49.13 -18.59 -13.26
C SER A 310 -48.78 -19.64 -14.30
N GLU A 311 -49.77 -20.29 -14.91
CA GLU A 311 -49.44 -21.36 -15.87
C GLU A 311 -50.20 -21.24 -17.18
N GLN A 312 -51.41 -20.67 -17.18
CA GLN A 312 -52.18 -20.56 -18.41
C GLN A 312 -52.74 -19.16 -18.63
N THR A 313 -51.91 -18.13 -18.49
CA THR A 313 -52.35 -16.76 -18.76
C THR A 313 -51.52 -16.03 -19.79
N LYS A 314 -50.30 -16.46 -20.11
CA LYS A 314 -49.47 -15.79 -21.11
C LYS A 314 -49.38 -16.64 -22.37
N GLU A 315 -49.15 -15.97 -23.49
CA GLU A 315 -49.21 -16.64 -24.77
C GLU A 315 -48.22 -16.06 -25.78
N ARG A 316 -46.98 -15.75 -25.39
CA ARG A 316 -45.99 -15.70 -26.45
C ARG A 316 -45.26 -17.04 -26.53
N GLY A 317 -44.51 -17.22 -27.61
CA GLY A 317 -43.92 -18.50 -27.91
C GLY A 317 -44.90 -19.36 -28.67
N GLY A 318 -46.09 -18.81 -28.90
CA GLY A 318 -47.12 -19.45 -29.68
C GLY A 318 -47.87 -20.56 -28.97
N VAL A 319 -47.31 -21.12 -27.90
CA VAL A 319 -47.96 -22.22 -27.22
C VAL A 319 -48.28 -21.91 -25.75
N ALA A 320 -47.25 -21.74 -24.92
CA ALA A 320 -47.43 -21.45 -23.50
C ALA A 320 -46.08 -21.21 -22.83
N ILE A 321 -46.07 -20.40 -21.78
CA ILE A 321 -44.88 -20.13 -20.99
C ILE A 321 -45.29 -20.05 -19.53
N LYS A 322 -44.46 -20.58 -18.64
CA LYS A 322 -44.77 -20.63 -17.21
C LYS A 322 -44.41 -19.31 -16.54
N ILE A 323 -45.35 -18.74 -15.79
CA ILE A 323 -45.07 -17.61 -14.90
C ILE A 323 -44.31 -18.14 -13.69
N PRO A 324 -43.17 -17.55 -13.34
CA PRO A 324 -42.46 -17.96 -12.13
C PRO A 324 -43.32 -17.79 -10.89
N ILE A 325 -43.22 -18.74 -9.98
CA ILE A 325 -43.97 -18.72 -8.72
C ILE A 325 -43.10 -19.32 -7.63
N VAL A 326 -43.06 -18.67 -6.48
CA VAL A 326 -42.30 -19.11 -5.32
C VAL A 326 -43.16 -18.93 -4.07
N CYS A 327 -42.96 -19.81 -3.09
CA CYS A 327 -43.73 -19.76 -1.85
C CYS A 327 -42.75 -19.67 -0.69
N VAL A 328 -42.85 -18.60 0.08
CA VAL A 328 -41.98 -18.41 1.24
C VAL A 328 -42.79 -18.63 2.52
N VAL A 329 -42.23 -19.44 3.42
CA VAL A 329 -42.91 -19.76 4.68
C VAL A 329 -41.99 -19.48 5.86
N LEU A 330 -42.51 -18.75 6.83
CA LEU A 330 -41.82 -18.47 8.08
C LEU A 330 -42.71 -18.87 9.26
N GLU A 331 -42.14 -19.63 10.20
CA GLU A 331 -42.89 -20.29 11.26
C GLU A 331 -44.08 -21.05 10.67
N GLY A 332 -45.20 -21.08 11.38
CA GLY A 332 -46.39 -21.69 10.82
C GLY A 332 -47.27 -22.27 11.91
N GLY A 333 -48.16 -23.17 11.48
CA GLY A 333 -49.11 -23.80 12.36
C GLY A 333 -49.94 -24.84 11.63
N PRO A 334 -51.11 -25.19 12.20
CA PRO A 334 -51.96 -26.21 11.58
C PRO A 334 -52.33 -25.94 10.13
N GLY A 335 -52.61 -24.67 9.81
CA GLY A 335 -52.97 -24.28 8.46
C GLY A 335 -51.81 -23.93 7.57
N THR A 336 -50.57 -24.06 8.05
CA THR A 336 -49.39 -23.77 7.26
C THR A 336 -48.84 -25.02 6.57
N LEU A 337 -49.10 -26.20 7.10
CA LEU A 337 -48.74 -27.45 6.42
C LEU A 337 -49.70 -27.78 5.30
N HIS A 338 -51.00 -27.52 5.48
CA HIS A 338 -51.96 -27.67 4.41
C HIS A 338 -51.77 -26.55 3.40
N THR A 339 -51.07 -25.50 3.82
CA THR A 339 -50.65 -24.42 2.94
C THR A 339 -49.57 -24.83 1.95
N ILE A 340 -48.56 -25.60 2.38
CA ILE A 340 -47.46 -25.97 1.50
C ILE A 340 -47.67 -27.30 0.80
N ASP A 341 -48.40 -28.24 1.41
CA ASP A 341 -48.71 -29.50 0.77
C ASP A 341 -49.52 -29.31 -0.50
N ASN A 342 -50.57 -28.49 -0.44
CA ASN A 342 -51.39 -28.23 -1.61
C ASN A 342 -50.60 -27.50 -2.68
N ALA A 343 -49.73 -26.57 -2.28
CA ALA A 343 -48.91 -25.82 -3.22
C ALA A 343 -47.90 -26.71 -3.94
N THR A 344 -47.18 -27.54 -3.19
CA THR A 344 -46.19 -28.44 -3.78
C THR A 344 -46.84 -29.49 -4.67
N THR A 345 -48.01 -29.99 -4.26
CA THR A 345 -48.74 -30.95 -5.09
C THR A 345 -49.12 -30.32 -6.43
N ASN A 346 -49.56 -29.07 -6.39
CA ASN A 346 -49.90 -28.33 -7.60
C ASN A 346 -48.66 -28.07 -8.44
N GLY A 347 -47.52 -27.83 -7.78
CA GLY A 347 -46.29 -27.56 -8.50
C GLY A 347 -45.70 -26.19 -8.22
N THR A 348 -45.93 -25.67 -7.02
CA THR A 348 -45.39 -24.38 -6.60
C THR A 348 -44.12 -24.63 -5.80
N PRO A 349 -42.96 -24.23 -6.31
CA PRO A 349 -41.72 -24.34 -5.53
C PRO A 349 -41.80 -23.51 -4.25
N CYS A 350 -41.30 -24.06 -3.15
CA CYS A 350 -41.36 -23.37 -1.86
C CYS A 350 -40.01 -23.40 -1.17
N VAL A 351 -39.78 -22.41 -0.32
CA VAL A 351 -38.57 -22.29 0.48
C VAL A 351 -38.97 -22.10 1.93
N VAL A 352 -38.29 -22.81 2.83
CA VAL A 352 -38.56 -22.75 4.27
C VAL A 352 -37.43 -21.98 4.92
N VAL A 353 -37.78 -21.08 5.84
CA VAL A 353 -36.79 -20.28 6.57
C VAL A 353 -36.50 -20.99 7.89
N GLU A 354 -35.34 -21.62 7.98
CA GLU A 354 -34.97 -22.39 9.16
C GLU A 354 -34.62 -21.45 10.31
N GLY A 355 -34.82 -21.93 11.55
CA GLY A 355 -34.49 -21.18 12.74
C GLY A 355 -35.55 -20.19 13.17
N SER A 356 -36.73 -20.20 12.55
CA SER A 356 -37.75 -19.20 12.86
C SER A 356 -38.58 -19.60 14.09
N GLY A 357 -38.95 -20.88 14.18
CA GLY A 357 -39.97 -21.24 15.14
C GLY A 357 -40.71 -22.52 14.79
N ARG A 358 -42.02 -22.40 14.62
CA ARG A 358 -42.93 -23.49 14.32
C ARG A 358 -42.78 -23.94 12.86
N VAL A 359 -43.84 -24.52 12.29
CA VAL A 359 -43.83 -25.58 11.30
C VAL A 359 -42.78 -25.40 10.20
N ALA A 360 -42.29 -24.17 10.00
CA ALA A 360 -41.15 -23.96 9.12
C ALA A 360 -39.94 -24.77 9.54
N ASP A 361 -39.59 -24.76 10.82
CA ASP A 361 -38.41 -25.48 11.30
C ASP A 361 -38.58 -26.99 11.27
N VAL A 362 -39.75 -27.48 11.63
CA VAL A 362 -39.97 -28.93 11.77
C VAL A 362 -39.88 -29.57 10.38
N ILE A 363 -39.95 -28.75 9.33
CA ILE A 363 -39.77 -29.23 7.97
C ILE A 363 -38.47 -28.65 7.43
N ALA A 364 -37.74 -27.92 8.27
CA ALA A 364 -36.44 -27.39 7.86
C ALA A 364 -35.34 -28.40 8.18
N GLN A 365 -35.49 -29.15 9.26
CA GLN A 365 -34.47 -30.16 9.61
C GLN A 365 -34.93 -31.59 9.36
N VAL A 366 -35.91 -31.81 8.48
CA VAL A 366 -36.30 -33.16 8.11
C VAL A 366 -36.40 -33.22 6.59
N ALA A 367 -35.89 -32.19 5.93
CA ALA A 367 -36.08 -31.99 4.50
C ALA A 367 -35.01 -32.68 3.66
N ASN A 368 -34.12 -33.43 4.29
CA ASN A 368 -33.07 -34.13 3.57
C ASN A 368 -33.01 -35.61 3.93
N LEU A 369 -33.75 -36.00 4.97
CA LEU A 369 -33.77 -37.37 5.40
C LEU A 369 -34.65 -38.21 4.47
N PRO A 370 -34.41 -39.52 4.42
CA PRO A 370 -35.24 -40.39 3.59
C PRO A 370 -36.71 -40.34 4.01
N VAL A 371 -37.58 -40.53 3.02
CA VAL A 371 -39.03 -40.46 3.22
C VAL A 371 -39.48 -41.63 4.09
N SER A 372 -38.66 -42.69 4.14
CA SER A 372 -38.99 -43.86 4.94
C SER A 372 -38.62 -43.64 6.40
N ASP A 373 -37.59 -42.82 6.64
CA ASP A 373 -37.14 -42.57 8.01
C ASP A 373 -38.22 -41.83 8.80
N ILE A 374 -38.89 -40.86 8.18
CA ILE A 374 -39.91 -40.05 8.84
C ILE A 374 -41.02 -40.96 9.36
N THR A 375 -41.19 -40.97 10.68
CA THR A 375 -42.18 -41.82 11.34
C THR A 375 -42.93 -41.04 12.40
N ILE A 376 -43.87 -41.72 13.06
CA ILE A 376 -44.64 -41.10 14.13
C ILE A 376 -43.76 -40.80 15.34
N SER A 377 -42.76 -41.65 15.60
CA SER A 377 -41.82 -41.39 16.68
C SER A 377 -40.99 -40.14 16.43
N LEU A 378 -40.46 -39.99 15.21
CA LEU A 378 -39.67 -38.81 14.89
C LEU A 378 -40.51 -37.53 14.97
N ILE A 379 -41.75 -37.57 14.47
CA ILE A 379 -42.59 -36.38 14.55
C ILE A 379 -42.96 -36.09 16.00
N GLN A 380 -43.12 -37.13 16.82
CA GLN A 380 -43.37 -36.90 18.24
C GLN A 380 -42.19 -36.24 18.94
N GLN A 381 -40.96 -36.63 18.62
CA GLN A 381 -39.81 -36.00 19.25
C GLN A 381 -39.53 -34.61 18.68
N LYS A 382 -39.92 -34.37 17.43
CA LYS A 382 -39.63 -33.09 16.80
C LYS A 382 -40.83 -32.15 16.92
N LEU A 383 -41.91 -32.64 17.54
CA LEU A 383 -43.02 -31.76 17.88
C LEU A 383 -43.02 -31.40 19.36
N SER A 384 -42.01 -31.82 20.12
CA SER A 384 -41.93 -31.52 21.54
C SER A 384 -40.84 -30.48 21.83
N VAL A 385 -40.28 -29.86 20.80
CA VAL A 385 -39.24 -28.85 20.99
C VAL A 385 -39.69 -27.54 20.33
N PHE A 386 -40.10 -27.60 19.07
CA PHE A 386 -40.61 -26.41 18.40
C PHE A 386 -42.03 -26.09 18.84
N PHE A 387 -42.80 -27.11 19.21
CA PHE A 387 -44.19 -26.95 19.63
C PHE A 387 -44.27 -27.30 21.11
N GLN A 388 -44.40 -26.28 21.96
CA GLN A 388 -44.35 -26.50 23.40
C GLN A 388 -45.75 -26.55 24.02
N GLU A 389 -46.53 -25.49 23.87
CA GLU A 389 -47.83 -25.43 24.54
C GLU A 389 -48.92 -26.09 23.70
N MET A 390 -48.75 -26.10 22.37
CA MET A 390 -49.71 -26.80 21.52
C MET A 390 -49.48 -28.31 21.51
N PHE A 391 -48.36 -28.78 22.06
CA PHE A 391 -48.05 -30.21 22.02
C PHE A 391 -49.09 -31.06 22.75
N GLU A 392 -49.48 -30.63 23.96
CA GLU A 392 -50.46 -31.39 24.71
C GLU A 392 -51.82 -31.35 24.02
N THR A 393 -52.05 -30.32 23.21
CA THR A 393 -53.24 -30.30 22.38
C THR A 393 -53.19 -31.38 21.31
N PHE A 394 -52.02 -31.60 20.71
CA PHE A 394 -51.85 -32.63 19.69
C PHE A 394 -52.21 -34.00 20.26
N THR A 395 -53.24 -34.61 19.68
CA THR A 395 -53.67 -35.93 20.09
C THR A 395 -52.99 -37.01 19.25
N GLU A 396 -53.42 -38.26 19.40
CA GLU A 396 -52.86 -39.33 18.57
C GLU A 396 -53.49 -39.36 17.18
N SER A 397 -54.53 -38.57 16.91
CA SER A 397 -55.12 -38.49 15.59
C SER A 397 -54.73 -37.19 14.88
N ARG A 398 -53.79 -36.43 15.45
CA ARG A 398 -53.26 -35.25 14.79
C ARG A 398 -51.75 -35.33 14.60
N ILE A 399 -51.09 -36.36 15.11
CA ILE A 399 -49.68 -36.60 14.82
C ILE A 399 -49.47 -37.66 13.77
N VAL A 400 -50.47 -38.47 13.45
CA VAL A 400 -50.37 -39.46 12.37
C VAL A 400 -51.03 -38.85 11.14
N GLU A 401 -51.63 -37.66 11.29
CA GLU A 401 -52.18 -36.92 10.18
C GLU A 401 -51.25 -35.75 9.87
N TRP A 402 -50.29 -35.49 10.76
CA TRP A 402 -49.25 -34.50 10.53
C TRP A 402 -47.98 -35.14 9.98
N THR A 403 -47.88 -36.47 10.02
CA THR A 403 -46.72 -37.18 9.50
C THR A 403 -46.84 -37.51 8.02
N LYS A 404 -48.02 -37.93 7.56
CA LYS A 404 -48.26 -38.21 6.15
C LYS A 404 -48.07 -36.99 5.27
N LYS A 405 -48.52 -35.81 5.72
CA LYS A 405 -48.35 -34.58 4.97
C LYS A 405 -46.88 -34.18 4.90
N ILE A 406 -46.14 -34.37 6.01
CA ILE A 406 -44.70 -34.09 6.00
C ILE A 406 -43.98 -35.03 5.05
N GLN A 407 -44.30 -36.31 5.09
CA GLN A 407 -43.71 -37.25 4.14
C GLN A 407 -44.07 -36.86 2.71
N ASP A 408 -45.32 -36.44 2.49
CA ASP A 408 -45.76 -36.07 1.15
C ASP A 408 -44.98 -34.88 0.62
N ILE A 409 -44.71 -33.89 1.47
CA ILE A 409 -43.96 -32.72 1.01
C ILE A 409 -42.48 -33.03 0.92
N VAL A 410 -42.02 -34.10 1.56
CA VAL A 410 -40.61 -34.48 1.48
C VAL A 410 -40.25 -35.21 0.20
N ARG A 411 -41.04 -36.21 -0.23
CA ARG A 411 -40.66 -36.90 -1.46
C ARG A 411 -40.90 -36.06 -2.71
N ARG A 412 -41.46 -34.86 -2.57
CA ARG A 412 -41.35 -33.82 -3.59
C ARG A 412 -40.09 -33.02 -3.30
N ARG A 413 -38.96 -33.73 -3.30
CA ARG A 413 -37.65 -33.12 -3.07
C ARG A 413 -37.24 -32.19 -4.19
N GLN A 414 -37.94 -32.20 -5.32
CA GLN A 414 -37.70 -31.28 -6.42
C GLN A 414 -38.62 -30.08 -6.37
N LEU A 415 -39.29 -29.84 -5.24
CA LEU A 415 -40.14 -28.67 -5.05
C LEU A 415 -40.00 -28.12 -3.63
N LEU A 416 -38.86 -28.37 -2.99
CA LEU A 416 -38.66 -27.94 -1.61
C LEU A 416 -37.18 -27.72 -1.34
N THR A 417 -36.86 -26.59 -0.74
CA THR A 417 -35.49 -26.28 -0.32
C THR A 417 -35.56 -25.70 1.09
N VAL A 418 -34.40 -25.26 1.59
CA VAL A 418 -34.30 -24.71 2.94
C VAL A 418 -33.38 -23.49 2.95
N PHE A 419 -33.77 -22.46 3.70
CA PHE A 419 -32.95 -21.27 3.85
C PHE A 419 -31.98 -21.48 5.01
N ARG A 420 -30.76 -21.92 4.69
CA ARG A 420 -29.73 -22.12 5.69
C ARG A 420 -29.35 -20.78 6.33
N GLU A 421 -29.07 -20.82 7.63
CA GLU A 421 -28.89 -19.58 8.36
C GLU A 421 -27.44 -19.14 8.56
N GLY A 422 -26.64 -19.89 9.31
CA GLY A 422 -25.42 -19.32 9.83
C GLY A 422 -24.26 -19.09 8.86
N LYS A 423 -23.48 -20.13 8.58
CA LYS A 423 -22.45 -20.07 7.53
C LYS A 423 -22.91 -20.89 6.34
N ASP A 424 -24.07 -20.52 5.79
CA ASP A 424 -24.63 -21.11 4.58
C ASP A 424 -25.85 -20.30 4.18
N GLY A 425 -25.96 -19.96 2.91
CA GLY A 425 -27.03 -19.07 2.49
C GLY A 425 -26.97 -17.75 3.24
N GLN A 426 -25.76 -17.18 3.35
CA GLN A 426 -25.57 -15.93 4.06
C GLN A 426 -25.96 -14.76 3.17
N GLN A 427 -27.27 -14.57 2.96
CA GLN A 427 -27.79 -13.51 2.11
C GLN A 427 -29.27 -13.37 2.39
N ASP A 428 -29.89 -12.42 1.68
CA ASP A 428 -31.34 -12.21 1.80
C ASP A 428 -32.11 -13.45 1.35
N VAL A 429 -33.43 -13.40 1.53
CA VAL A 429 -34.31 -14.52 1.18
C VAL A 429 -34.28 -14.77 -0.32
N ASP A 430 -33.79 -13.79 -1.07
CA ASP A 430 -33.96 -13.79 -2.52
C ASP A 430 -33.19 -14.93 -3.20
N VAL A 431 -31.89 -15.08 -2.89
CA VAL A 431 -31.15 -16.19 -3.48
C VAL A 431 -31.80 -17.52 -3.12
N ALA A 432 -32.43 -17.59 -1.95
CA ALA A 432 -33.17 -18.78 -1.56
C ALA A 432 -34.39 -19.04 -2.43
N ILE A 433 -35.08 -17.99 -2.90
CA ILE A 433 -36.25 -18.24 -3.74
C ILE A 433 -35.83 -18.84 -5.07
N LEU A 434 -34.71 -18.39 -5.64
CA LEU A 434 -34.25 -19.06 -6.84
C LEU A 434 -33.46 -20.33 -6.55
N GLN A 435 -32.99 -20.53 -5.31
CA GLN A 435 -32.51 -21.86 -4.94
C GLN A 435 -33.64 -22.87 -5.04
N ALA A 436 -34.82 -22.52 -4.53
CA ALA A 436 -36.00 -23.35 -4.72
C ALA A 436 -36.31 -23.53 -6.19
N LEU A 437 -36.28 -22.43 -6.95
CA LEU A 437 -36.54 -22.52 -8.38
C LEU A 437 -35.48 -23.35 -9.11
N LEU A 438 -34.23 -23.30 -8.63
CA LEU A 438 -33.15 -23.97 -9.35
C LEU A 438 -33.26 -25.48 -9.22
N LYS A 439 -33.39 -25.99 -8.00
CA LYS A 439 -33.64 -27.42 -7.83
C LYS A 439 -34.99 -27.82 -8.40
N ALA A 440 -35.97 -26.91 -8.39
CA ALA A 440 -37.26 -27.23 -8.99
C ALA A 440 -37.17 -27.36 -10.51
N SER A 441 -36.55 -26.37 -11.16
CA SER A 441 -36.54 -26.32 -12.61
C SER A 441 -35.39 -27.11 -13.22
N ARG A 442 -34.45 -27.61 -12.41
CA ARG A 442 -33.47 -28.56 -12.93
C ARG A 442 -34.14 -29.82 -13.44
N SER A 443 -35.18 -30.29 -12.74
CA SER A 443 -36.02 -31.36 -13.25
C SER A 443 -36.90 -30.88 -14.39
N GLN A 444 -37.07 -29.58 -14.55
CA GLN A 444 -37.95 -28.99 -15.55
C GLN A 444 -37.19 -28.27 -16.66
N ASP A 445 -36.01 -28.76 -17.03
CA ASP A 445 -35.13 -28.02 -17.92
C ASP A 445 -35.24 -28.39 -19.39
N HIS A 446 -35.94 -29.47 -19.73
CA HIS A 446 -35.98 -29.84 -21.14
C HIS A 446 -37.40 -29.95 -21.70
N PHE A 447 -38.39 -30.27 -20.87
CA PHE A 447 -39.74 -30.40 -21.40
C PHE A 447 -40.43 -29.03 -21.44
N GLY A 448 -39.71 -27.99 -21.03
CA GLY A 448 -40.19 -26.62 -21.16
C GLY A 448 -39.47 -25.87 -22.26
N HIS A 449 -38.33 -26.41 -22.68
CA HIS A 449 -37.55 -25.91 -23.81
C HIS A 449 -37.03 -24.49 -23.58
N GLU A 450 -37.93 -23.51 -23.61
CA GLU A 450 -37.55 -22.12 -23.41
C GLU A 450 -37.31 -21.80 -21.94
N ASN A 451 -37.68 -22.71 -21.05
CA ASN A 451 -37.64 -22.50 -19.60
C ASN A 451 -36.28 -22.02 -19.11
N TRP A 452 -35.23 -22.33 -19.86
CA TRP A 452 -33.89 -21.81 -19.59
C TRP A 452 -33.84 -20.29 -19.65
N ASP A 453 -34.56 -19.69 -20.59
CA ASP A 453 -34.49 -18.24 -20.80
C ASP A 453 -35.01 -17.48 -19.58
N HIS A 454 -36.14 -17.90 -19.01
CA HIS A 454 -36.62 -17.21 -17.83
C HIS A 454 -35.78 -17.53 -16.61
N GLN A 455 -35.20 -18.73 -16.55
CA GLN A 455 -34.23 -19.04 -15.51
C GLN A 455 -33.14 -17.98 -15.46
N LEU A 456 -32.61 -17.59 -16.61
CA LEU A 456 -31.62 -16.51 -16.62
C LEU A 456 -32.24 -15.14 -16.42
N LYS A 457 -33.47 -14.90 -16.88
CA LYS A 457 -34.07 -13.58 -16.68
C LYS A 457 -34.29 -13.27 -15.20
N LEU A 458 -34.43 -14.29 -14.35
CA LEU A 458 -34.29 -14.06 -12.92
C LEU A 458 -32.84 -14.10 -12.47
N ALA A 459 -32.04 -15.02 -12.99
CA ALA A 459 -30.66 -15.15 -12.54
C ALA A 459 -29.86 -13.86 -12.72
N VAL A 460 -30.40 -12.88 -13.44
CA VAL A 460 -29.76 -11.57 -13.53
C VAL A 460 -30.02 -10.73 -12.28
N ALA A 461 -30.87 -11.19 -11.37
CA ALA A 461 -31.30 -10.37 -10.24
C ALA A 461 -30.37 -10.40 -9.04
N TRP A 462 -29.35 -11.24 -9.05
CA TRP A 462 -28.49 -11.37 -7.87
C TRP A 462 -27.03 -11.07 -8.17
N ASN A 463 -27.35 -11.27 -11.15
CA ASN A 463 -25.99 -11.41 -11.65
C ASN A 463 -25.32 -12.64 -11.04
N ARG A 464 -26.03 -13.76 -11.04
CA ARG A 464 -25.49 -15.03 -10.57
C ARG A 464 -24.55 -15.57 -11.64
N VAL A 465 -23.42 -14.89 -11.78
CA VAL A 465 -22.38 -15.31 -12.73
C VAL A 465 -21.79 -16.65 -12.32
N ASP A 466 -21.47 -16.80 -11.03
CA ASP A 466 -20.91 -18.05 -10.54
C ASP A 466 -21.93 -19.18 -10.61
N ILE A 467 -23.20 -18.88 -10.29
CA ILE A 467 -24.24 -19.90 -10.36
C ILE A 467 -24.48 -20.32 -11.80
N ALA A 468 -24.64 -19.35 -12.70
CA ALA A 468 -24.86 -19.68 -14.12
C ALA A 468 -23.68 -20.45 -14.70
N ARG A 469 -22.46 -20.10 -14.29
CA ARG A 469 -21.30 -20.90 -14.67
C ARG A 469 -21.41 -22.32 -14.10
N SER A 470 -21.83 -22.45 -12.85
CA SER A 470 -21.88 -23.74 -12.17
C SER A 470 -23.03 -24.62 -12.62
N GLU A 471 -24.18 -24.03 -12.95
CA GLU A 471 -25.36 -24.84 -13.23
C GLU A 471 -25.43 -25.32 -14.68
N ILE A 472 -24.82 -24.59 -15.61
CA ILE A 472 -24.91 -24.92 -17.03
C ILE A 472 -23.56 -25.28 -17.61
N PHE A 473 -22.53 -24.47 -17.34
CA PHE A 473 -21.26 -24.61 -18.05
C PHE A 473 -20.51 -25.89 -17.68
N MET A 474 -20.80 -26.49 -16.54
CA MET A 474 -20.23 -27.79 -16.19
C MET A 474 -21.26 -28.92 -16.22
N ASP A 475 -22.32 -28.78 -17.02
CA ASP A 475 -23.18 -29.91 -17.32
C ASP A 475 -22.58 -30.70 -18.49
N GLU A 476 -23.35 -31.64 -19.04
CA GLU A 476 -23.00 -32.25 -20.32
C GLU A 476 -23.55 -31.37 -21.44
N TRP A 477 -23.21 -30.09 -21.33
CA TRP A 477 -23.83 -29.03 -22.10
C TRP A 477 -23.54 -29.19 -23.59
N GLN A 478 -24.60 -29.20 -24.39
CA GLN A 478 -24.49 -29.37 -25.84
C GLN A 478 -23.96 -28.13 -26.54
N TRP A 479 -23.61 -27.09 -25.78
CA TRP A 479 -22.92 -25.87 -26.18
C TRP A 479 -23.71 -25.04 -27.18
N LYS A 480 -24.76 -25.63 -27.76
CA LYS A 480 -25.99 -25.02 -28.27
C LYS A 480 -25.82 -23.56 -28.69
N PRO A 481 -25.03 -23.25 -29.72
CA PRO A 481 -24.81 -21.84 -30.07
C PRO A 481 -26.10 -21.11 -30.42
N SER A 482 -27.06 -21.80 -31.05
CA SER A 482 -28.33 -21.15 -31.37
C SER A 482 -29.15 -20.86 -30.13
N ASP A 483 -29.21 -21.80 -29.19
CA ASP A 483 -29.98 -21.60 -27.96
C ASP A 483 -29.35 -20.56 -27.04
N LEU A 484 -28.07 -20.27 -27.21
CA LEU A 484 -27.43 -19.23 -26.38
C LEU A 484 -27.86 -17.84 -26.80
N HIS A 485 -28.48 -17.70 -27.97
CA HIS A 485 -28.83 -16.38 -28.46
C HIS A 485 -30.07 -15.78 -27.81
N PRO A 486 -31.17 -16.51 -27.59
CA PRO A 486 -32.26 -15.93 -26.80
C PRO A 486 -31.81 -15.50 -25.40
N THR A 487 -30.94 -16.29 -24.78
CA THR A 487 -30.33 -15.93 -23.51
C THR A 487 -29.37 -14.75 -23.65
N MET A 488 -28.65 -14.65 -24.76
CA MET A 488 -27.85 -13.47 -25.04
C MET A 488 -28.71 -12.21 -25.05
N THR A 489 -29.81 -12.25 -25.80
CA THR A 489 -30.71 -11.11 -25.86
C THR A 489 -31.34 -10.80 -24.51
N ALA A 490 -31.70 -11.83 -23.75
CA ALA A 490 -32.19 -11.61 -22.39
C ALA A 490 -31.13 -10.96 -21.51
N ALA A 491 -29.86 -11.27 -21.75
CA ALA A 491 -28.76 -10.64 -21.03
C ALA A 491 -28.37 -9.29 -21.61
N LEU A 492 -28.98 -8.89 -22.72
CA LEU A 492 -28.72 -7.59 -23.31
C LEU A 492 -29.79 -6.55 -23.02
N ILE A 493 -31.05 -6.95 -22.77
CA ILE A 493 -32.13 -5.97 -22.65
C ILE A 493 -31.84 -4.98 -21.52
N SER A 494 -31.11 -5.40 -20.49
CA SER A 494 -30.50 -4.48 -19.54
C SER A 494 -29.01 -4.80 -19.44
N ASN A 495 -28.35 -4.19 -18.44
CA ASN A 495 -26.90 -4.15 -18.41
C ASN A 495 -26.24 -5.54 -18.44
N LYS A 496 -26.43 -6.36 -17.41
CA LYS A 496 -25.80 -7.68 -17.27
C LYS A 496 -24.36 -7.66 -17.77
N PRO A 497 -23.46 -6.97 -17.07
CA PRO A 497 -22.10 -6.77 -17.60
C PRO A 497 -21.31 -8.07 -17.73
N GLU A 498 -21.51 -8.98 -16.78
CA GLU A 498 -20.72 -10.20 -16.75
C GLU A 498 -21.38 -11.34 -17.52
N PHE A 499 -22.70 -11.34 -17.68
CA PHE A 499 -23.37 -12.43 -18.38
C PHE A 499 -22.98 -12.46 -19.85
N VAL A 500 -22.87 -11.30 -20.48
CA VAL A 500 -22.47 -11.26 -21.88
C VAL A 500 -21.02 -11.73 -22.04
N LYS A 501 -20.14 -11.39 -21.07
CA LYS A 501 -18.79 -11.92 -21.17
C LYS A 501 -18.78 -13.42 -20.93
N LEU A 502 -19.64 -13.90 -20.04
CA LEU A 502 -19.85 -15.34 -19.90
C LEU A 502 -20.17 -15.98 -21.24
N PHE A 503 -20.99 -15.32 -22.05
CA PHE A 503 -21.31 -15.84 -23.37
C PHE A 503 -20.15 -15.74 -24.35
N LEU A 504 -19.16 -14.87 -24.09
CA LEU A 504 -18.05 -14.79 -25.02
C LEU A 504 -16.93 -15.78 -24.73
N GLU A 505 -16.73 -16.22 -23.48
CA GLU A 505 -15.81 -17.35 -23.32
C GLU A 505 -16.47 -18.65 -23.77
N ASN A 506 -17.80 -18.74 -23.67
CA ASN A 506 -18.52 -19.81 -24.34
C ASN A 506 -18.40 -19.68 -25.85
N GLY A 507 -18.07 -18.49 -26.35
CA GLY A 507 -17.88 -18.28 -27.76
C GLY A 507 -19.17 -18.12 -28.52
N VAL A 508 -20.02 -17.21 -28.08
CA VAL A 508 -21.18 -16.82 -28.88
C VAL A 508 -20.69 -15.98 -30.05
N GLN A 509 -20.74 -16.55 -31.25
CA GLN A 509 -20.32 -15.83 -32.44
C GLN A 509 -21.33 -14.73 -32.71
N LEU A 510 -20.99 -13.49 -32.32
CA LEU A 510 -21.85 -12.35 -32.57
C LEU A 510 -22.14 -12.20 -34.06
N LYS A 511 -21.20 -12.59 -34.91
CA LYS A 511 -21.29 -12.27 -36.33
C LYS A 511 -22.47 -12.97 -37.02
N GLU A 512 -22.96 -14.10 -36.48
CA GLU A 512 -24.23 -14.63 -36.99
C GLU A 512 -25.36 -14.43 -36.00
N PHE A 513 -25.04 -14.13 -34.75
CA PHE A 513 -26.06 -13.90 -33.73
C PHE A 513 -26.91 -12.69 -34.08
N VAL A 514 -26.28 -11.64 -34.61
CA VAL A 514 -27.01 -10.42 -34.94
C VAL A 514 -27.51 -10.55 -36.38
N THR A 515 -28.78 -10.90 -36.54
CA THR A 515 -29.50 -10.86 -37.79
C THR A 515 -30.27 -9.54 -37.84
N TRP A 516 -31.08 -9.38 -38.89
CA TRP A 516 -31.84 -8.14 -39.01
C TRP A 516 -32.89 -8.03 -37.89
N ASP A 517 -33.64 -9.11 -37.66
CA ASP A 517 -34.59 -9.12 -36.56
C ASP A 517 -33.90 -9.05 -35.20
N THR A 518 -32.65 -9.50 -35.10
CA THR A 518 -31.93 -9.37 -33.84
C THR A 518 -31.67 -7.91 -33.50
N LEU A 519 -31.21 -7.12 -34.48
CA LEU A 519 -31.10 -5.67 -34.25
C LEU A 519 -32.46 -5.02 -34.02
N LEU A 520 -33.51 -5.49 -34.69
CA LEU A 520 -34.85 -5.01 -34.34
C LEU A 520 -35.10 -5.14 -32.85
N TYR A 521 -35.05 -6.39 -32.35
CA TYR A 521 -35.26 -6.66 -30.93
C TYR A 521 -34.36 -5.83 -30.02
N LEU A 522 -33.09 -5.67 -30.38
CA LEU A 522 -32.20 -4.86 -29.56
C LEU A 522 -32.65 -3.41 -29.54
N TYR A 523 -33.14 -2.91 -30.67
CA TYR A 523 -33.42 -1.49 -30.80
C TYR A 523 -34.79 -1.08 -30.26
N GLU A 524 -35.73 -2.01 -30.05
CA GLU A 524 -36.93 -1.56 -29.33
C GLU A 524 -36.71 -1.51 -27.81
N ASN A 525 -35.58 -2.02 -27.32
CA ASN A 525 -35.40 -2.18 -25.89
C ASN A 525 -34.33 -1.22 -25.35
N LEU A 526 -34.39 0.03 -25.78
CA LEU A 526 -33.52 1.06 -25.21
C LEU A 526 -33.84 1.25 -23.73
N ASP A 527 -32.93 1.90 -23.03
CA ASP A 527 -33.22 2.33 -21.67
C ASP A 527 -34.27 3.44 -21.70
N PRO A 528 -35.44 3.25 -21.06
CA PRO A 528 -36.47 4.29 -21.14
C PRO A 528 -36.09 5.61 -20.49
N SER A 529 -35.13 5.60 -19.57
CA SER A 529 -34.75 6.81 -18.84
C SER A 529 -33.81 7.71 -19.63
N CYS A 530 -33.17 7.22 -20.67
CA CYS A 530 -32.26 8.04 -21.45
C CYS A 530 -33.03 9.08 -22.26
N LEU A 531 -32.43 10.26 -22.41
CA LEU A 531 -33.03 11.29 -23.24
C LEU A 531 -33.06 10.90 -24.71
N PHE A 532 -32.13 10.06 -25.15
CA PHE A 532 -32.16 9.61 -26.53
C PHE A 532 -33.35 8.69 -26.78
N HIS A 533 -33.82 7.99 -25.74
CA HIS A 533 -35.08 7.28 -25.83
C HIS A 533 -36.23 8.24 -26.06
N SER A 534 -36.23 9.38 -25.36
CA SER A 534 -37.20 10.43 -25.66
C SER A 534 -37.02 10.95 -27.08
N LYS A 535 -35.80 10.90 -27.62
CA LYS A 535 -35.59 11.26 -29.01
C LYS A 535 -36.14 10.19 -29.97
N LEU A 536 -36.17 8.93 -29.53
CA LEU A 536 -36.88 7.91 -30.29
C LEU A 536 -38.38 8.18 -30.29
N GLN A 537 -38.92 8.68 -29.17
CA GLN A 537 -40.30 9.13 -29.19
C GLN A 537 -40.49 10.30 -30.14
N LYS A 538 -39.61 11.30 -30.08
CA LYS A 538 -39.80 12.43 -30.99
C LYS A 538 -39.71 11.99 -32.45
N VAL A 539 -38.77 11.09 -32.77
CA VAL A 539 -38.64 10.63 -34.17
C VAL A 539 -39.78 9.70 -34.54
N LEU A 540 -40.39 9.04 -33.56
CA LEU A 540 -41.65 8.37 -33.82
C LEU A 540 -42.69 9.37 -34.30
N VAL A 541 -42.71 10.58 -33.73
CA VAL A 541 -43.67 11.62 -34.11
C VAL A 541 -43.12 12.60 -35.14
N GLU A 542 -41.85 12.48 -35.54
CA GLU A 542 -41.32 13.27 -36.64
C GLU A 542 -41.92 12.81 -37.97
N ASP A 543 -42.10 11.51 -38.14
CA ASP A 543 -42.81 10.95 -39.28
C ASP A 543 -43.87 10.01 -38.70
N PRO A 544 -44.94 10.57 -38.14
CA PRO A 544 -45.94 9.73 -37.45
C PRO A 544 -46.81 8.93 -38.42
N GLU A 545 -47.86 8.30 -37.87
CA GLU A 545 -48.66 7.36 -38.63
C GLU A 545 -49.27 8.01 -39.87
N ARG A 546 -49.97 9.12 -39.70
CA ARG A 546 -50.76 9.63 -40.81
C ARG A 546 -49.97 10.43 -41.86
N PRO A 547 -49.26 11.52 -41.50
CA PRO A 547 -48.79 12.44 -42.54
C PRO A 547 -47.65 11.91 -43.42
N ALA A 548 -46.61 11.35 -42.81
CA ALA A 548 -45.41 10.97 -43.56
C ALA A 548 -45.25 9.47 -43.74
N CYS A 549 -45.88 8.66 -42.89
CA CYS A 549 -45.74 7.20 -42.93
C CYS A 549 -47.13 6.58 -42.98
N ALA A 550 -47.94 7.01 -43.97
CA ALA A 550 -49.40 6.97 -44.04
C ALA A 550 -50.07 5.78 -43.33
N PRO A 551 -49.56 4.53 -43.44
CA PRO A 551 -50.11 3.47 -42.58
C PRO A 551 -49.92 3.74 -41.09
N ALA A 552 -50.44 2.85 -40.24
CA ALA A 552 -50.24 3.02 -38.80
C ALA A 552 -48.77 2.87 -38.45
N ALA A 553 -48.31 3.69 -37.51
CA ALA A 553 -46.91 3.66 -37.08
C ALA A 553 -46.74 4.33 -35.72
N PRO A 554 -47.23 3.69 -34.65
CA PRO A 554 -46.78 4.05 -33.30
C PRO A 554 -45.65 3.19 -32.76
N ARG A 555 -45.09 2.30 -33.56
CA ARG A 555 -44.02 1.41 -33.15
C ARG A 555 -42.74 1.77 -33.90
N LEU A 556 -41.63 1.73 -33.18
CA LEU A 556 -40.36 2.21 -33.72
C LEU A 556 -39.79 1.21 -34.71
N GLN A 557 -38.92 1.71 -35.58
CA GLN A 557 -38.33 0.93 -36.64
C GLN A 557 -36.82 1.17 -36.63
N MET A 558 -36.16 0.78 -37.72
CA MET A 558 -34.73 0.96 -37.88
C MET A 558 -34.35 2.11 -38.80
N HIS A 559 -35.17 2.45 -39.80
CA HIS A 559 -34.96 3.67 -40.55
C HIS A 559 -35.37 4.90 -39.75
N HIS A 560 -36.21 4.71 -38.71
CA HIS A 560 -36.37 5.77 -37.71
C HIS A 560 -35.05 6.04 -37.00
N VAL A 561 -34.29 5.00 -36.68
CA VAL A 561 -32.96 5.18 -36.10
C VAL A 561 -32.02 5.80 -37.13
N ALA A 562 -32.15 5.40 -38.39
CA ALA A 562 -31.31 5.97 -39.44
C ALA A 562 -31.58 7.47 -39.62
N GLN A 563 -32.86 7.88 -39.58
CA GLN A 563 -33.19 9.28 -39.80
C GLN A 563 -32.92 10.13 -38.57
N VAL A 564 -32.66 9.53 -37.41
CA VAL A 564 -32.18 10.30 -36.27
C VAL A 564 -30.66 10.30 -36.20
N LEU A 565 -30.01 9.25 -36.70
CA LEU A 565 -28.57 9.34 -36.98
C LEU A 565 -28.28 10.37 -38.06
N ARG A 566 -29.28 10.66 -38.91
CA ARG A 566 -29.18 11.76 -39.85
C ARG A 566 -28.82 13.07 -39.14
N GLU A 567 -29.50 13.36 -38.03
CA GLU A 567 -29.25 14.62 -37.33
C GLU A 567 -28.13 14.48 -36.30
N LEU A 568 -27.90 13.27 -35.80
CA LEU A 568 -26.87 13.08 -34.79
C LEU A 568 -25.48 13.40 -35.34
N LEU A 569 -25.15 12.88 -36.52
CA LEU A 569 -23.92 13.27 -37.20
C LEU A 569 -24.27 14.22 -38.34
N GLY A 570 -23.29 14.57 -39.16
CA GLY A 570 -23.42 15.70 -40.06
C GLY A 570 -24.25 15.47 -41.31
N ASP A 571 -23.79 16.00 -42.43
CA ASP A 571 -24.48 16.00 -43.71
C ASP A 571 -23.80 15.02 -44.66
N PHE A 572 -23.40 13.89 -44.12
CA PHE A 572 -22.44 13.00 -44.76
C PHE A 572 -23.19 11.91 -45.51
N THR A 573 -22.44 11.06 -46.21
CA THR A 573 -23.02 9.83 -46.75
C THR A 573 -23.22 8.85 -45.59
N GLN A 574 -24.46 8.47 -45.34
CA GLN A 574 -24.83 7.66 -44.18
C GLN A 574 -25.55 6.42 -44.67
N PRO A 575 -24.84 5.45 -45.25
CA PRO A 575 -25.52 4.19 -45.56
C PRO A 575 -25.97 3.49 -44.30
N LEU A 576 -25.02 2.94 -43.52
CA LEU A 576 -25.17 2.50 -42.14
C LEU A 576 -26.37 1.58 -41.94
N TYR A 577 -27.10 1.33 -43.02
CA TYR A 577 -28.39 0.67 -43.08
C TYR A 577 -28.80 0.59 -44.54
N PRO A 578 -29.71 -0.30 -44.93
CA PRO A 578 -30.34 -0.15 -46.25
C PRO A 578 -31.49 0.84 -46.21
N ARG A 579 -31.16 2.13 -46.10
CA ARG A 579 -32.19 3.18 -46.00
C ARG A 579 -33.17 3.23 -47.18
N PRO A 580 -32.74 3.12 -48.45
CA PRO A 580 -33.71 3.35 -49.55
C PRO A 580 -34.83 2.33 -49.60
N ARG A 581 -35.71 2.49 -50.60
CA ARG A 581 -37.03 1.85 -50.55
C ARG A 581 -36.96 0.34 -50.70
N HIS A 582 -35.79 -0.20 -51.06
CA HIS A 582 -35.62 -1.65 -51.02
C HIS A 582 -35.84 -2.18 -49.60
N ASN A 583 -35.47 -1.40 -48.59
CA ASN A 583 -35.64 -1.78 -47.20
C ASN A 583 -36.19 -0.59 -46.41
N ASP A 584 -37.26 0.03 -46.92
CA ASP A 584 -37.86 1.17 -46.23
C ASP A 584 -38.46 0.72 -44.91
N ARG A 585 -37.76 1.06 -43.83
CA ARG A 585 -38.10 0.68 -42.47
C ARG A 585 -38.81 1.84 -41.78
N LEU A 586 -39.92 2.25 -42.38
CA LEU A 586 -40.65 3.42 -41.87
C LEU A 586 -42.16 3.23 -41.78
N ARG A 587 -42.76 2.29 -42.51
CA ARG A 587 -44.21 2.26 -42.66
C ARG A 587 -44.82 0.87 -42.40
N LEU A 588 -44.12 -0.01 -41.70
CA LEU A 588 -44.43 -1.44 -41.71
C LEU A 588 -45.34 -1.81 -40.53
N LEU A 589 -46.61 -1.41 -40.61
CA LEU A 589 -47.64 -1.98 -39.75
C LEU A 589 -48.95 -2.31 -40.46
N LEU A 590 -49.28 -1.66 -41.56
CA LEU A 590 -50.46 -2.08 -42.30
C LEU A 590 -50.04 -2.87 -43.53
N PRO A 591 -50.87 -3.81 -44.01
CA PRO A 591 -50.41 -4.73 -45.04
C PRO A 591 -50.18 -4.06 -46.39
N VAL A 592 -49.11 -3.28 -46.47
CA VAL A 592 -48.67 -2.76 -47.77
C VAL A 592 -48.18 -3.92 -48.63
N PRO A 593 -48.57 -4.02 -49.89
CA PRO A 593 -48.22 -5.20 -50.68
C PRO A 593 -46.74 -5.28 -51.04
N HIS A 594 -46.38 -6.26 -51.86
CA HIS A 594 -45.00 -6.62 -52.12
C HIS A 594 -44.32 -5.68 -53.10
N VAL A 595 -43.18 -6.11 -53.64
CA VAL A 595 -42.29 -5.30 -54.47
C VAL A 595 -43.02 -4.77 -55.71
N LYS A 596 -44.24 -5.27 -55.94
CA LYS A 596 -45.02 -4.79 -57.09
C LYS A 596 -45.23 -3.28 -57.05
N LEU A 597 -45.21 -2.68 -55.85
CA LEU A 597 -45.22 -1.23 -55.75
C LEU A 597 -43.81 -0.67 -55.88
N ASN A 598 -42.89 -1.15 -55.04
CA ASN A 598 -41.52 -0.64 -54.98
C ASN A 598 -41.47 0.85 -54.67
N VAL A 599 -42.55 1.39 -54.10
CA VAL A 599 -42.57 2.74 -53.58
C VAL A 599 -42.06 2.77 -52.15
N GLN A 600 -42.44 1.78 -51.34
CA GLN A 600 -41.61 1.31 -50.24
C GLN A 600 -41.67 -0.20 -50.04
N GLY A 601 -42.25 -0.98 -50.96
CA GLY A 601 -42.46 -2.39 -50.71
C GLY A 601 -41.15 -3.14 -50.48
N VAL A 602 -41.11 -3.91 -49.39
CA VAL A 602 -39.90 -4.59 -48.95
C VAL A 602 -40.17 -6.09 -48.88
N SER A 603 -39.95 -6.78 -50.00
CA SER A 603 -40.07 -8.23 -50.05
C SER A 603 -38.93 -8.82 -50.87
N LEU A 604 -37.77 -8.15 -50.86
CA LEU A 604 -36.64 -8.61 -51.66
C LEU A 604 -36.09 -9.93 -51.15
N ARG A 605 -36.07 -10.11 -49.82
CA ARG A 605 -35.47 -11.31 -49.26
C ARG A 605 -36.50 -12.42 -49.10
N SER A 606 -37.60 -12.16 -48.41
CA SER A 606 -38.60 -13.17 -48.13
C SER A 606 -39.99 -12.55 -48.28
N LEU A 607 -41.01 -13.28 -47.85
CA LEU A 607 -42.39 -12.84 -47.95
C LEU A 607 -42.67 -11.73 -46.95
N TYR A 608 -43.77 -11.02 -47.18
CA TYR A 608 -44.17 -9.90 -46.34
C TYR A 608 -45.08 -10.42 -45.23
N LYS A 609 -44.56 -10.47 -44.01
CA LYS A 609 -45.28 -10.92 -42.82
C LYS A 609 -45.14 -9.89 -41.70
N ARG A 610 -45.40 -8.62 -42.05
CA ARG A 610 -45.10 -7.49 -41.18
C ARG A 610 -43.61 -7.47 -40.83
N SER A 611 -42.78 -7.86 -41.80
CA SER A 611 -41.33 -7.92 -41.62
C SER A 611 -40.70 -7.82 -43.00
N SER A 612 -39.38 -8.01 -43.04
CA SER A 612 -38.64 -7.90 -44.29
C SER A 612 -37.79 -9.14 -44.55
N GLY A 613 -37.31 -9.77 -43.50
CA GLY A 613 -36.52 -10.97 -43.62
C GLY A 613 -35.05 -10.75 -43.29
N HIS A 614 -34.23 -11.68 -43.76
CA HIS A 614 -32.78 -11.62 -43.54
C HIS A 614 -32.18 -10.63 -44.53
N VAL A 615 -32.33 -9.35 -44.18
CA VAL A 615 -31.77 -8.23 -44.92
C VAL A 615 -30.74 -7.60 -44.00
N THR A 616 -30.02 -8.47 -43.28
CA THR A 616 -29.24 -8.14 -42.09
C THR A 616 -28.12 -7.14 -42.37
N PHE A 617 -27.32 -6.86 -41.35
CA PHE A 617 -26.49 -5.67 -41.20
C PHE A 617 -25.94 -5.11 -42.51
N THR A 618 -25.46 -6.00 -43.38
CA THR A 618 -25.02 -5.68 -44.73
C THR A 618 -23.77 -4.81 -44.71
N MET A 619 -23.42 -4.24 -43.56
CA MET A 619 -22.19 -3.46 -43.46
C MET A 619 -21.36 -3.81 -42.24
N ASP A 620 -22.00 -4.00 -41.08
CA ASP A 620 -21.28 -4.19 -39.83
C ASP A 620 -22.12 -4.81 -38.71
N PRO A 621 -21.77 -5.98 -38.21
CA PRO A 621 -22.45 -6.49 -37.01
C PRO A 621 -22.10 -5.75 -35.71
N ILE A 622 -20.80 -5.66 -35.41
CA ILE A 622 -20.39 -5.37 -34.04
C ILE A 622 -20.42 -3.89 -33.72
N ARG A 623 -19.95 -3.02 -34.61
CA ARG A 623 -19.97 -1.60 -34.30
C ARG A 623 -21.38 -1.02 -34.36
N ASP A 624 -22.33 -1.69 -35.01
CA ASP A 624 -23.73 -1.38 -34.74
C ASP A 624 -24.13 -1.76 -33.32
N LEU A 625 -23.64 -2.89 -32.82
CA LEU A 625 -23.78 -3.14 -31.39
C LEU A 625 -23.11 -2.06 -30.56
N LEU A 626 -22.03 -1.46 -31.07
CA LEU A 626 -21.37 -0.36 -30.36
C LEU A 626 -22.29 0.85 -30.24
N ILE A 627 -23.05 1.16 -31.30
CA ILE A 627 -24.04 2.21 -31.21
C ILE A 627 -25.10 1.84 -30.18
N TRP A 628 -25.56 0.59 -30.20
CA TRP A 628 -26.58 0.13 -29.27
C TRP A 628 -26.12 0.18 -27.82
N ALA A 629 -24.83 -0.09 -27.57
CA ALA A 629 -24.34 -0.04 -26.20
C ALA A 629 -24.31 1.40 -25.68
N ILE A 630 -23.89 2.35 -26.52
CA ILE A 630 -23.73 3.73 -26.06
C ILE A 630 -25.04 4.50 -26.02
N VAL A 631 -26.04 4.10 -26.81
CA VAL A 631 -27.33 4.79 -26.77
C VAL A 631 -28.15 4.41 -25.54
N GLN A 632 -27.81 3.32 -24.86
CA GLN A 632 -28.45 2.96 -23.59
C GLN A 632 -27.61 3.33 -22.38
N ASN A 633 -26.57 4.16 -22.56
CA ASN A 633 -25.66 4.52 -21.46
C ASN A 633 -25.04 3.29 -20.82
N ARG A 634 -24.58 2.36 -21.66
CA ARG A 634 -23.84 1.18 -21.22
C ARG A 634 -22.39 1.37 -21.63
N ARG A 635 -21.56 1.83 -20.70
CA ARG A 635 -20.18 2.17 -21.02
C ARG A 635 -19.28 0.95 -21.00
N GLU A 636 -19.41 0.10 -19.97
CA GLU A 636 -18.59 -1.11 -19.89
C GLU A 636 -18.81 -2.06 -21.06
N LEU A 637 -20.08 -2.30 -21.42
CA LEU A 637 -20.38 -3.19 -22.54
C LEU A 637 -19.81 -2.64 -23.84
N ALA A 638 -19.93 -1.34 -24.05
CA ALA A 638 -19.36 -0.72 -25.25
C ALA A 638 -17.85 -0.88 -25.30
N GLY A 639 -17.18 -0.71 -24.16
CA GLY A 639 -15.74 -0.94 -24.12
C GLY A 639 -15.37 -2.36 -24.48
N ILE A 640 -16.12 -3.34 -23.97
CA ILE A 640 -15.85 -4.73 -24.32
C ILE A 640 -16.06 -4.98 -25.81
N ILE A 641 -17.18 -4.51 -26.36
CA ILE A 641 -17.52 -4.84 -27.73
C ILE A 641 -16.71 -4.00 -28.72
N TRP A 642 -16.04 -2.95 -28.25
CA TRP A 642 -15.06 -2.27 -29.09
C TRP A 642 -13.94 -3.22 -29.50
N ALA A 643 -13.58 -4.14 -28.61
CA ALA A 643 -12.49 -5.09 -28.88
C ALA A 643 -12.79 -6.01 -30.05
N GLN A 644 -14.04 -6.13 -30.46
CA GLN A 644 -14.41 -6.90 -31.65
C GLN A 644 -14.88 -6.02 -32.80
N SER A 645 -14.82 -4.70 -32.65
CA SER A 645 -15.28 -3.81 -33.71
C SER A 645 -14.31 -3.82 -34.89
N GLN A 646 -14.87 -3.78 -36.10
CA GLN A 646 -14.11 -3.73 -37.33
C GLN A 646 -13.41 -2.40 -37.57
N ASP A 647 -13.98 -1.31 -37.06
CA ASP A 647 -13.49 0.03 -37.36
C ASP A 647 -12.28 0.40 -36.50
N CYS A 648 -12.49 0.46 -35.19
CA CYS A 648 -11.48 0.62 -34.14
C CYS A 648 -10.70 1.92 -34.23
N ILE A 649 -10.96 2.74 -35.25
CA ILE A 649 -10.42 4.09 -35.28
C ILE A 649 -11.53 5.09 -35.53
N ALA A 650 -12.22 4.95 -36.66
CA ALA A 650 -13.30 5.87 -36.98
C ALA A 650 -14.51 5.65 -36.09
N ALA A 651 -14.70 4.42 -35.60
CA ALA A 651 -15.74 4.18 -34.59
C ALA A 651 -15.42 4.96 -33.32
N ALA A 652 -14.15 4.97 -32.91
CA ALA A 652 -13.75 5.71 -31.72
C ALA A 652 -13.98 7.21 -31.85
N LEU A 653 -13.72 7.78 -33.03
CA LEU A 653 -14.04 9.20 -33.24
C LEU A 653 -15.54 9.44 -33.36
N ALA A 654 -16.24 8.63 -34.16
CA ALA A 654 -17.65 8.86 -34.40
C ALA A 654 -18.48 8.68 -33.13
N CYS A 655 -18.19 7.63 -32.35
CA CYS A 655 -18.93 7.41 -31.11
C CYS A 655 -18.72 8.56 -30.13
N SER A 656 -17.49 9.05 -30.01
CA SER A 656 -17.22 10.18 -29.14
C SER A 656 -18.02 11.41 -29.59
N LYS A 657 -18.12 11.62 -30.89
CA LYS A 657 -18.95 12.71 -31.39
C LYS A 657 -20.41 12.52 -31.02
N ILE A 658 -20.92 11.30 -31.16
CA ILE A 658 -22.31 11.02 -30.75
C ILE A 658 -22.49 11.26 -29.27
N LEU A 659 -21.47 10.90 -28.47
CA LEU A 659 -21.51 11.14 -27.04
C LEU A 659 -21.59 12.63 -26.72
N LYS A 660 -20.84 13.45 -27.45
CA LYS A 660 -20.98 14.89 -27.32
C LYS A 660 -22.37 15.34 -27.73
N GLU A 661 -22.92 14.74 -28.79
CA GLU A 661 -24.29 15.05 -29.20
C GLU A 661 -25.28 14.77 -28.08
N LEU A 662 -25.14 13.62 -27.41
CA LEU A 662 -25.99 13.31 -26.27
C LEU A 662 -25.83 14.32 -25.15
N SER A 663 -24.59 14.72 -24.84
CA SER A 663 -24.40 15.76 -23.83
C SER A 663 -24.86 17.11 -24.32
N LYS A 664 -24.74 17.37 -25.63
CA LYS A 664 -25.16 18.66 -26.18
C LYS A 664 -26.68 18.83 -26.11
N GLU A 665 -27.42 17.76 -26.37
CA GLU A 665 -28.88 17.89 -26.47
C GLU A 665 -29.54 18.05 -25.10
N GLU A 666 -29.44 17.03 -24.25
CA GLU A 666 -30.06 17.09 -22.93
C GLU A 666 -29.59 15.96 -22.02
N GLU A 667 -28.85 16.29 -20.96
CA GLU A 667 -28.67 15.36 -19.86
C GLU A 667 -28.83 15.97 -18.48
N ASP A 668 -28.47 17.25 -18.30
CA ASP A 668 -28.68 18.23 -17.23
C ASP A 668 -28.02 17.84 -15.91
N THR A 669 -27.49 16.62 -15.83
CA THR A 669 -26.68 16.20 -14.67
C THR A 669 -26.21 14.77 -14.84
N ASP A 670 -25.10 14.46 -14.17
CA ASP A 670 -24.73 13.12 -13.72
C ASP A 670 -24.39 12.16 -14.85
N SER A 671 -24.65 12.56 -16.09
CA SER A 671 -24.18 11.76 -17.22
C SER A 671 -23.54 12.57 -18.33
N SER A 672 -23.94 13.83 -18.55
CA SER A 672 -23.34 14.62 -19.62
C SER A 672 -21.85 14.84 -19.37
N GLU A 673 -21.47 15.12 -18.13
CA GLU A 673 -20.06 15.25 -17.80
C GLU A 673 -19.33 13.94 -18.05
N GLU A 674 -19.92 12.81 -17.65
CA GLU A 674 -19.26 11.54 -17.87
C GLU A 674 -19.48 10.99 -19.27
N MET A 675 -20.55 11.35 -19.97
CA MET A 675 -20.59 11.12 -21.42
C MET A 675 -19.41 11.80 -22.11
N LEU A 676 -19.19 13.08 -21.80
CA LEU A 676 -18.09 13.80 -22.42
C LEU A 676 -16.75 13.20 -22.01
N ALA A 677 -16.58 12.86 -20.74
CA ALA A 677 -15.31 12.29 -20.27
C ALA A 677 -15.09 10.91 -20.86
N LEU A 678 -16.13 10.09 -20.96
CA LEU A 678 -15.95 8.77 -21.56
C LEU A 678 -15.76 8.89 -23.07
N ALA A 679 -16.36 9.90 -23.69
CA ALA A 679 -15.99 10.23 -25.07
C ALA A 679 -14.51 10.55 -25.16
N GLU A 680 -13.96 11.21 -24.13
CA GLU A 680 -12.53 11.49 -24.11
C GLU A 680 -11.71 10.21 -24.06
N GLU A 681 -12.16 9.20 -23.28
CA GLU A 681 -11.34 8.00 -23.17
C GLU A 681 -11.47 7.11 -24.41
N TYR A 682 -12.63 7.15 -25.09
CA TYR A 682 -12.66 6.57 -26.44
C TYR A 682 -11.71 7.29 -27.38
N GLU A 683 -11.67 8.62 -27.32
CA GLU A 683 -10.68 9.36 -28.09
C GLU A 683 -9.27 8.99 -27.64
N HIS A 684 -9.11 8.67 -26.35
CA HIS A 684 -7.82 8.19 -25.86
C HIS A 684 -7.44 6.84 -26.44
N ARG A 685 -8.41 5.93 -26.58
CA ARG A 685 -8.11 4.67 -27.26
C ARG A 685 -7.81 4.91 -28.72
N ALA A 686 -8.47 5.91 -29.33
CA ALA A 686 -8.10 6.32 -30.68
C ALA A 686 -6.67 6.85 -30.72
N ILE A 687 -6.24 7.57 -29.68
CA ILE A 687 -4.86 8.02 -29.59
C ILE A 687 -3.93 6.82 -29.55
N GLY A 688 -4.24 5.83 -28.72
CA GLY A 688 -3.39 4.67 -28.57
C GLY A 688 -3.32 3.77 -29.79
N VAL A 689 -4.46 3.51 -30.44
CA VAL A 689 -4.43 2.66 -31.62
C VAL A 689 -3.66 3.35 -32.75
N PHE A 690 -3.80 4.66 -32.89
CA PHE A 690 -2.96 5.39 -33.82
C PHE A 690 -1.50 5.30 -33.39
N THR A 691 -1.23 5.37 -32.08
CA THR A 691 0.14 5.36 -31.60
C THR A 691 0.85 4.07 -32.02
N GLU A 692 0.17 2.93 -31.90
CA GLU A 692 0.81 1.67 -32.30
C GLU A 692 0.81 1.50 -33.81
N CYS A 693 -0.26 1.90 -34.50
CA CYS A 693 -0.31 1.68 -35.95
C CYS A 693 0.56 2.66 -36.72
N TYR A 694 0.81 3.86 -36.19
CA TYR A 694 1.75 4.78 -36.82
C TYR A 694 3.19 4.31 -36.61
N ARG A 695 3.47 3.67 -35.48
CA ARG A 695 4.80 3.16 -35.22
C ARG A 695 5.22 2.09 -36.22
N LYS A 696 4.32 1.16 -36.53
CA LYS A 696 4.60 0.09 -37.49
C LYS A 696 3.97 0.46 -38.82
N ASP A 697 4.80 0.59 -39.86
CA ASP A 697 4.35 0.92 -41.21
C ASP A 697 3.60 2.27 -41.22
N GLU A 698 4.36 3.32 -40.90
CA GLU A 698 3.77 4.66 -40.85
C GLU A 698 3.19 5.07 -42.19
N GLU A 699 3.80 4.64 -43.30
CA GLU A 699 3.22 4.89 -44.61
C GLU A 699 1.92 4.13 -44.80
N ARG A 700 1.85 2.88 -44.35
CA ARG A 700 0.59 2.17 -44.38
C ARG A 700 -0.44 2.83 -43.47
N ALA A 701 -0.01 3.30 -42.30
CA ALA A 701 -0.94 4.00 -41.42
C ALA A 701 -1.51 5.25 -42.10
N GLN A 702 -0.65 6.06 -42.72
CA GLN A 702 -1.12 7.31 -43.29
C GLN A 702 -2.07 7.07 -44.46
N LYS A 703 -1.91 5.95 -45.18
CA LYS A 703 -2.93 5.64 -46.19
C LYS A 703 -4.15 4.97 -45.56
N LEU A 704 -4.01 4.43 -44.34
CA LEU A 704 -5.20 3.95 -43.61
C LEU A 704 -6.06 5.09 -43.11
N LEU A 705 -5.49 6.29 -42.92
CA LEU A 705 -6.32 7.44 -42.55
C LEU A 705 -7.28 7.82 -43.67
N THR A 706 -7.10 7.28 -44.87
CA THR A 706 -7.97 7.53 -46.02
C THR A 706 -8.69 6.22 -46.37
N ARG A 707 -9.98 6.15 -46.05
CA ARG A 707 -10.84 5.03 -46.36
C ARG A 707 -11.82 5.46 -47.46
N VAL A 708 -12.51 4.50 -48.08
CA VAL A 708 -13.49 4.80 -49.11
C VAL A 708 -14.88 4.88 -48.49
N SER A 709 -15.84 5.44 -49.24
CA SER A 709 -17.19 5.68 -48.75
C SER A 709 -17.97 4.37 -48.72
N GLU A 710 -17.62 3.53 -47.75
CA GLU A 710 -18.21 2.20 -47.63
C GLU A 710 -18.79 1.91 -46.25
N ALA A 711 -18.09 2.26 -45.17
CA ALA A 711 -18.46 1.79 -43.82
C ALA A 711 -19.46 2.72 -43.15
N TRP A 712 -19.05 3.96 -42.90
CA TRP A 712 -19.98 5.05 -42.60
C TRP A 712 -20.09 6.03 -43.74
N GLY A 713 -20.03 5.52 -44.98
CA GLY A 713 -19.89 6.41 -46.11
C GLY A 713 -18.54 7.11 -46.07
N LYS A 714 -18.53 8.37 -46.49
CA LYS A 714 -17.33 9.19 -46.50
C LYS A 714 -17.06 9.70 -45.08
N THR A 715 -16.21 10.70 -44.94
CA THR A 715 -15.59 11.11 -43.67
C THR A 715 -14.71 9.99 -43.11
N THR A 716 -13.63 9.76 -43.84
CA THR A 716 -12.60 8.76 -43.50
C THR A 716 -11.76 9.21 -42.31
N CYS A 717 -12.40 9.22 -41.13
CA CYS A 717 -11.75 9.38 -39.82
C CYS A 717 -10.89 10.63 -39.73
N LEU A 718 -10.99 11.51 -40.72
CA LEU A 718 -10.38 12.83 -40.70
C LEU A 718 -11.42 13.94 -40.68
N GLN A 719 -12.40 13.89 -41.58
CA GLN A 719 -13.53 14.80 -41.51
C GLN A 719 -14.47 14.45 -40.37
N LEU A 720 -14.42 13.20 -39.87
CA LEU A 720 -15.08 12.90 -38.60
C LEU A 720 -14.45 13.69 -37.46
N ALA A 721 -13.11 13.79 -37.46
CA ALA A 721 -12.43 14.52 -36.40
C ALA A 721 -12.77 16.01 -36.41
N LEU A 722 -13.35 16.50 -37.50
CA LEU A 722 -13.71 17.91 -37.58
C LEU A 722 -14.85 18.22 -36.62
N GLU A 723 -15.98 17.57 -36.79
CA GLU A 723 -17.14 17.78 -35.93
C GLU A 723 -17.10 16.90 -34.68
N ALA A 724 -16.09 16.04 -34.54
CA ALA A 724 -15.90 15.31 -33.30
C ALA A 724 -14.99 16.04 -32.32
N LYS A 725 -14.53 17.24 -32.66
CA LYS A 725 -13.75 18.09 -31.77
C LYS A 725 -12.56 17.33 -31.20
N ASP A 726 -11.60 17.04 -32.07
CA ASP A 726 -10.44 16.23 -31.68
C ASP A 726 -9.15 17.04 -31.79
N MET A 727 -9.02 18.05 -30.91
CA MET A 727 -7.74 18.74 -30.81
C MET A 727 -6.71 17.87 -30.10
N LYS A 728 -7.14 16.77 -29.49
CA LYS A 728 -6.20 15.74 -29.06
C LYS A 728 -5.69 14.93 -30.24
N PHE A 729 -6.62 14.29 -30.98
CA PHE A 729 -6.21 13.30 -31.98
C PHE A 729 -5.44 13.91 -33.14
N VAL A 730 -5.88 15.07 -33.66
CA VAL A 730 -5.19 15.64 -34.80
C VAL A 730 -3.84 16.23 -34.41
N SER A 731 -3.67 16.62 -33.15
CA SER A 731 -2.40 17.14 -32.65
C SER A 731 -1.59 16.05 -31.96
N HIS A 732 -1.32 14.96 -32.68
CA HIS A 732 -0.70 13.78 -32.08
C HIS A 732 0.20 13.11 -33.11
N GLY A 733 1.51 13.24 -32.91
CA GLY A 733 2.48 12.50 -33.69
C GLY A 733 2.39 12.71 -35.19
N GLY A 734 1.91 11.69 -35.90
CA GLY A 734 1.92 11.66 -37.34
C GLY A 734 0.74 12.30 -38.05
N ILE A 735 -0.26 12.82 -37.32
CA ILE A 735 -1.38 13.46 -37.99
C ILE A 735 -0.93 14.71 -38.73
N GLN A 736 -0.41 15.69 -38.00
CA GLN A 736 0.05 16.90 -38.67
C GLN A 736 1.33 16.65 -39.46
N ALA A 737 1.98 15.50 -39.25
CA ALA A 737 3.06 15.11 -40.15
C ALA A 737 2.52 14.74 -41.53
N PHE A 738 1.47 13.92 -41.58
CA PHE A 738 0.81 13.67 -42.86
C PHE A 738 0.14 14.93 -43.38
N LEU A 739 -0.35 15.79 -42.49
CA LEU A 739 -0.87 17.09 -42.89
C LEU A 739 0.26 18.01 -43.37
N THR A 740 1.49 17.75 -42.93
CA THR A 740 2.69 18.36 -43.46
C THR A 740 3.16 17.63 -44.73
N LYS A 741 2.47 16.55 -45.10
CA LYS A 741 2.65 15.93 -46.41
C LYS A 741 1.63 16.39 -47.46
N VAL A 742 0.41 16.74 -47.07
CA VAL A 742 -0.54 17.31 -48.03
C VAL A 742 -0.25 18.80 -48.25
N TRP A 743 -0.06 19.54 -47.16
CA TRP A 743 0.77 20.73 -47.25
C TRP A 743 2.19 20.25 -47.50
N TRP A 744 2.99 21.02 -48.24
CA TRP A 744 4.18 20.44 -48.87
C TRP A 744 3.78 19.20 -49.67
N GLY A 745 2.90 19.44 -50.64
CA GLY A 745 2.06 18.37 -51.16
C GLY A 745 2.83 17.16 -51.67
N GLN A 746 3.80 17.40 -52.55
CA GLN A 746 4.52 16.31 -53.19
C GLN A 746 6.02 16.53 -53.21
N LEU A 747 6.48 17.78 -53.13
CA LEU A 747 7.86 18.08 -53.51
C LEU A 747 8.85 17.63 -52.43
N SER A 748 8.74 18.21 -51.25
CA SER A 748 9.67 17.93 -50.14
C SER A 748 9.11 18.56 -48.89
N VAL A 749 9.74 18.28 -47.74
CA VAL A 749 9.33 18.85 -46.47
C VAL A 749 10.48 19.47 -45.70
N ASP A 750 11.74 19.15 -46.00
CA ASP A 750 12.85 19.55 -45.15
C ASP A 750 13.16 21.05 -45.25
N ASN A 751 13.17 21.60 -46.46
CA ASN A 751 13.62 22.97 -46.66
C ASN A 751 12.66 23.97 -46.04
N GLY A 752 13.22 25.01 -45.43
CA GLY A 752 12.44 26.08 -44.84
C GLY A 752 12.18 27.20 -45.84
N LEU A 753 11.83 28.36 -45.29
CA LEU A 753 11.51 29.55 -46.07
C LEU A 753 12.74 30.37 -46.46
N TRP A 754 13.95 29.84 -46.50
CA TRP A 754 15.12 30.67 -46.78
C TRP A 754 15.52 30.60 -48.26
N ARG A 755 15.62 29.40 -48.82
CA ARG A 755 16.04 29.24 -50.20
C ARG A 755 14.88 29.06 -51.18
N VAL A 756 13.66 28.83 -50.70
CA VAL A 756 12.52 28.82 -51.60
C VAL A 756 12.13 30.25 -51.99
N THR A 757 12.23 31.21 -51.06
CA THR A 757 11.95 32.60 -51.39
C THR A 757 12.82 33.10 -52.52
N LEU A 758 13.99 32.48 -52.74
CA LEU A 758 14.78 32.78 -53.92
C LEU A 758 14.25 32.04 -55.14
N CYS A 759 13.40 31.04 -54.93
CA CYS A 759 12.87 30.25 -56.05
C CYS A 759 11.68 30.92 -56.72
N MET A 760 11.02 31.85 -56.03
CA MET A 760 10.02 32.68 -56.69
C MET A 760 10.56 33.52 -57.84
N LEU A 761 11.68 34.22 -57.63
CA LEU A 761 12.14 35.21 -58.60
C LEU A 761 13.15 34.64 -59.59
N ALA A 762 14.09 33.82 -59.13
CA ALA A 762 15.10 33.24 -60.00
C ALA A 762 14.46 32.12 -60.80
N PHE A 763 13.87 32.48 -61.94
CA PHE A 763 13.20 31.49 -62.78
C PHE A 763 14.12 30.37 -63.25
N PRO A 764 15.33 30.62 -63.76
CA PRO A 764 16.18 29.49 -64.22
C PRO A 764 16.76 28.66 -63.09
N LEU A 765 16.54 29.03 -61.83
CA LEU A 765 17.27 28.41 -60.72
C LEU A 765 16.80 27.00 -60.38
N LEU A 766 15.54 26.64 -60.64
CA LEU A 766 15.04 25.34 -60.19
C LEU A 766 15.73 24.21 -60.95
N LEU A 767 16.26 24.50 -62.14
CA LEU A 767 16.97 23.49 -62.91
C LEU A 767 18.27 23.06 -62.26
N THR A 768 18.83 23.88 -61.37
CA THR A 768 20.07 23.54 -60.69
C THR A 768 19.77 22.64 -59.49
N GLY A 769 20.84 22.23 -58.80
CA GLY A 769 20.70 21.36 -57.64
C GLY A 769 20.56 22.12 -56.34
N LEU A 770 19.66 23.12 -56.31
CA LEU A 770 19.44 23.88 -55.09
C LEU A 770 18.44 23.18 -54.17
N ILE A 771 17.30 22.79 -54.72
CA ILE A 771 16.31 22.01 -53.99
C ILE A 771 15.97 20.76 -54.80
N SER A 772 15.64 19.69 -54.10
CA SER A 772 15.35 18.40 -54.72
C SER A 772 13.87 18.09 -54.60
N PHE A 773 13.23 17.88 -55.75
CA PHE A 773 11.85 17.45 -55.78
C PHE A 773 11.76 15.97 -55.41
N ARG A 774 10.54 15.52 -55.10
CA ARG A 774 10.32 14.08 -55.01
C ARG A 774 10.47 13.43 -56.37
N GLU A 775 10.12 14.16 -57.44
CA GLU A 775 10.49 13.73 -58.78
C GLU A 775 12.00 13.66 -58.92
N LYS A 776 12.69 14.69 -58.45
CA LYS A 776 14.15 14.69 -58.45
C LYS A 776 14.73 13.72 -57.45
N ARG A 777 13.96 13.28 -56.45
CA ARG A 777 14.42 12.26 -55.53
C ARG A 777 14.68 10.95 -56.27
N LEU A 778 13.79 10.60 -57.20
CA LEU A 778 13.97 9.48 -58.11
C LEU A 778 14.52 9.92 -59.46
N GLN A 779 14.90 11.21 -59.58
CA GLN A 779 15.36 11.78 -60.85
C GLN A 779 14.31 11.64 -61.94
N ASP A 780 13.05 11.83 -61.57
CA ASP A 780 11.95 11.86 -62.53
C ASP A 780 11.88 13.18 -63.28
N VAL A 781 12.72 14.15 -62.93
CA VAL A 781 12.72 15.45 -63.59
C VAL A 781 13.44 15.30 -64.93
N GLY A 782 12.67 15.09 -65.98
CA GLY A 782 13.20 15.07 -67.33
C GLY A 782 12.43 16.02 -68.22
N THR A 783 11.34 16.56 -67.68
CA THR A 783 10.46 17.47 -68.40
C THR A 783 10.38 18.80 -67.65
N PRO A 784 10.75 19.92 -68.29
CA PRO A 784 10.56 21.22 -67.63
C PRO A 784 9.11 21.51 -67.32
N ALA A 785 8.17 21.06 -68.15
CA ALA A 785 6.76 21.26 -67.87
C ALA A 785 6.34 20.53 -66.60
N ALA A 786 6.81 19.30 -66.42
CA ALA A 786 6.50 18.56 -65.19
C ALA A 786 7.15 19.23 -63.98
N ARG A 787 8.43 19.62 -64.09
CA ARG A 787 9.11 20.29 -62.99
C ARG A 787 8.43 21.60 -62.61
N ALA A 788 7.77 22.25 -63.57
CA ALA A 788 7.11 23.53 -63.31
C ALA A 788 5.68 23.35 -62.82
N ARG A 789 4.93 22.42 -63.42
CA ARG A 789 3.53 22.26 -63.08
C ARG A 789 3.34 21.50 -61.77
N ALA A 790 4.17 20.49 -61.48
CA ALA A 790 4.14 19.89 -60.16
C ALA A 790 4.50 20.90 -59.09
N PHE A 791 5.43 21.81 -59.40
CA PHE A 791 5.69 22.94 -58.53
C PHE A 791 4.46 23.84 -58.40
N PHE A 792 3.74 24.03 -59.51
CA PHE A 792 2.56 24.89 -59.49
C PHE A 792 1.46 24.33 -58.60
N THR A 793 1.21 23.02 -58.68
CA THR A 793 0.09 22.40 -57.98
C THR A 793 0.36 22.17 -56.50
N ALA A 794 1.57 22.43 -56.02
CA ALA A 794 1.86 22.28 -54.61
C ALA A 794 1.12 23.34 -53.80
N PRO A 795 0.39 22.95 -52.75
CA PRO A 795 -0.32 23.96 -51.94
C PRO A 795 0.60 25.00 -51.31
N VAL A 796 1.86 24.65 -51.04
CA VAL A 796 2.79 25.67 -50.55
C VAL A 796 2.98 26.76 -51.59
N VAL A 797 3.14 26.40 -52.85
CA VAL A 797 3.33 27.37 -53.91
C VAL A 797 2.05 28.13 -54.23
N VAL A 798 0.90 27.45 -54.25
CA VAL A 798 -0.37 28.15 -54.43
C VAL A 798 -0.57 29.17 -53.32
N PHE A 799 -0.14 28.84 -52.10
CA PHE A 799 -0.21 29.80 -51.00
C PHE A 799 0.51 31.09 -51.37
N HIS A 800 1.82 31.03 -51.57
CA HIS A 800 2.59 32.26 -51.80
C HIS A 800 2.20 32.96 -53.09
N LEU A 801 1.73 32.24 -54.10
CA LEU A 801 1.22 32.91 -55.30
C LEU A 801 -0.03 33.72 -54.99
N ASN A 802 -0.93 33.20 -54.16
CA ASN A 802 -2.09 33.99 -53.76
C ASN A 802 -1.73 35.06 -52.74
N ILE A 803 -0.69 34.84 -51.94
CA ILE A 803 -0.34 35.79 -50.88
C ILE A 803 0.44 36.97 -51.45
N LEU A 804 1.55 36.70 -52.14
CA LEU A 804 2.41 37.76 -52.62
C LEU A 804 1.80 38.60 -53.74
N SER A 805 1.02 37.99 -54.64
CA SER A 805 0.32 38.77 -55.66
C SER A 805 -0.73 39.67 -55.03
N TYR A 806 -1.47 39.15 -54.04
CA TYR A 806 -2.40 39.98 -53.29
C TYR A 806 -1.66 41.04 -52.47
N PHE A 807 -0.49 40.69 -51.94
CA PHE A 807 0.33 41.66 -51.23
C PHE A 807 0.77 42.79 -52.15
N ALA A 808 1.15 42.46 -53.39
CA ALA A 808 1.41 43.50 -54.39
C ALA A 808 0.13 44.27 -54.73
N PHE A 809 -1.04 43.63 -54.60
CA PHE A 809 -2.28 44.37 -54.79
C PHE A 809 -2.50 45.42 -53.73
N LEU A 810 -2.12 45.14 -52.47
CA LEU A 810 -2.11 46.19 -51.46
C LEU A 810 -1.17 47.34 -51.85
N CYS A 811 0.01 47.01 -52.38
CA CYS A 811 0.90 48.06 -52.87
C CYS A 811 0.26 48.84 -54.02
N LEU A 812 -0.48 48.15 -54.88
CA LEU A 812 -1.22 48.83 -55.95
C LEU A 812 -2.31 49.73 -55.39
N PHE A 813 -3.01 49.27 -54.36
CA PHE A 813 -4.02 50.08 -53.70
C PHE A 813 -3.41 51.28 -52.97
N ALA A 814 -2.18 51.17 -52.49
CA ALA A 814 -1.49 52.31 -51.91
C ALA A 814 -1.02 53.28 -52.99
N TYR A 815 -0.55 52.73 -54.12
CA TYR A 815 -0.06 53.57 -55.21
C TYR A 815 -1.20 54.31 -55.93
N VAL A 816 -2.38 53.71 -56.02
CA VAL A 816 -3.52 54.37 -56.66
C VAL A 816 -4.05 55.53 -55.82
N LEU A 817 -3.63 55.62 -54.56
CA LEU A 817 -4.00 56.72 -53.70
C LEU A 817 -2.85 57.68 -53.41
N MET A 818 -1.60 57.22 -53.48
CA MET A 818 -0.46 58.09 -53.23
C MET A 818 -0.20 58.99 -54.44
N VAL A 819 -0.01 58.41 -55.61
CA VAL A 819 0.28 59.17 -56.82
C VAL A 819 -0.97 59.37 -57.67
N ASP A 820 -1.84 58.37 -57.72
CA ASP A 820 -3.03 58.41 -58.57
C ASP A 820 -4.26 58.94 -57.84
N PHE A 821 -4.06 59.82 -56.85
CA PHE A 821 -5.19 60.46 -56.16
C PHE A 821 -5.75 61.54 -57.09
N GLN A 822 -6.40 61.08 -58.16
CA GLN A 822 -6.92 61.96 -59.20
C GLN A 822 -8.39 61.66 -59.42
N PRO A 823 -9.18 62.66 -59.82
CA PRO A 823 -10.61 62.43 -60.07
C PRO A 823 -10.94 61.85 -61.43
N VAL A 824 -9.95 61.30 -62.15
CA VAL A 824 -10.19 60.75 -63.49
C VAL A 824 -9.64 59.34 -63.55
N PRO A 825 -10.26 58.44 -64.33
CA PRO A 825 -9.69 57.09 -64.47
C PRO A 825 -8.49 57.08 -65.39
N SER A 826 -7.30 56.91 -64.81
CA SER A 826 -6.06 56.89 -65.57
C SER A 826 -5.72 55.44 -65.96
N TRP A 827 -4.50 55.25 -66.48
CA TRP A 827 -4.07 53.90 -66.84
C TRP A 827 -3.89 53.02 -65.61
N CYS A 828 -3.64 53.62 -64.46
CA CYS A 828 -3.48 52.89 -63.21
C CYS A 828 -4.74 52.90 -62.35
N GLU A 829 -5.58 53.92 -62.50
CA GLU A 829 -6.82 53.98 -61.71
C GLU A 829 -7.78 52.87 -62.09
N CYS A 830 -7.78 52.46 -63.36
CA CYS A 830 -8.71 51.42 -63.80
C CYS A 830 -8.30 50.03 -63.32
N ALA A 831 -7.04 49.84 -62.92
CA ALA A 831 -6.58 48.53 -62.50
C ALA A 831 -7.10 48.15 -61.12
N ILE A 832 -7.56 49.11 -60.32
CA ILE A 832 -8.07 48.82 -58.98
C ILE A 832 -9.51 48.35 -58.99
N TYR A 833 -10.14 48.27 -60.18
CA TYR A 833 -11.57 48.01 -60.26
C TYR A 833 -11.90 46.55 -59.92
N LEU A 834 -11.39 45.62 -60.71
CA LEU A 834 -11.91 44.25 -60.73
C LEU A 834 -10.98 43.24 -60.08
N TRP A 835 -10.00 43.68 -59.29
CA TRP A 835 -9.21 42.71 -58.52
C TRP A 835 -10.08 42.05 -57.45
N LEU A 836 -10.86 42.84 -56.72
CA LEU A 836 -11.81 42.27 -55.78
C LEU A 836 -12.86 41.42 -56.49
N PHE A 837 -13.23 41.79 -57.72
CA PHE A 837 -14.11 40.95 -58.52
C PHE A 837 -13.45 39.63 -58.89
N SER A 838 -12.12 39.63 -59.07
CA SER A 838 -11.38 38.41 -59.36
C SER A 838 -11.24 37.51 -58.13
N LEU A 839 -11.40 38.06 -56.93
CA LEU A 839 -11.33 37.26 -55.71
C LEU A 839 -12.69 36.86 -55.15
N VAL A 840 -13.74 37.66 -55.34
CA VAL A 840 -15.06 37.26 -54.87
C VAL A 840 -15.57 36.05 -55.64
N CYS A 841 -15.07 35.81 -56.84
CA CYS A 841 -15.43 34.57 -57.54
C CYS A 841 -14.81 33.36 -56.86
N GLU A 842 -13.61 33.51 -56.29
CA GLU A 842 -13.06 32.45 -55.44
C GLU A 842 -13.91 32.26 -54.18
N GLU A 843 -14.39 33.35 -53.59
CA GLU A 843 -15.32 33.21 -52.48
C GLU A 843 -16.62 32.55 -52.91
N MET A 844 -17.06 32.80 -54.15
CA MET A 844 -18.20 32.07 -54.70
C MET A 844 -17.90 30.59 -54.86
N ARG A 845 -16.67 30.26 -55.28
CA ARG A 845 -16.25 28.87 -55.36
C ARG A 845 -16.27 28.21 -53.99
N GLN A 846 -15.83 28.93 -52.96
CA GLN A 846 -15.99 28.42 -51.60
C GLN A 846 -17.45 28.25 -51.23
N LEU A 847 -18.30 29.19 -51.64
CA LEU A 847 -19.74 29.08 -51.40
C LEU A 847 -20.35 27.90 -52.13
N PHE A 848 -19.88 27.60 -53.37
CA PHE A 848 -20.40 26.48 -54.15
C PHE A 848 -19.22 25.63 -54.61
N TYR A 849 -18.74 24.77 -53.73
CA TYR A 849 -17.81 23.70 -54.09
C TYR A 849 -18.38 22.33 -53.78
N ASP A 850 -18.79 22.09 -52.53
CA ASP A 850 -19.53 20.88 -52.16
C ASP A 850 -20.51 21.19 -51.02
N PRO A 851 -21.40 22.19 -51.20
CA PRO A 851 -22.44 22.39 -50.20
C PRO A 851 -23.69 21.59 -50.55
N ASP A 852 -24.74 21.73 -49.75
CA ASP A 852 -26.03 21.20 -50.16
C ASP A 852 -26.59 22.03 -51.32
N GLU A 853 -27.40 21.39 -52.14
CA GLU A 853 -27.92 22.03 -53.34
C GLU A 853 -29.15 22.88 -53.08
N CYS A 854 -29.60 22.96 -51.84
CA CYS A 854 -30.83 23.69 -51.48
C CYS A 854 -30.56 24.93 -50.65
N GLY A 855 -29.48 24.94 -49.86
CA GLY A 855 -29.25 25.96 -48.86
C GLY A 855 -28.50 27.20 -49.29
N LEU A 856 -29.19 28.34 -49.33
CA LEU A 856 -28.55 29.61 -49.64
C LEU A 856 -28.38 30.51 -48.43
N MET A 857 -29.37 30.58 -47.55
CA MET A 857 -29.18 31.19 -46.25
C MET A 857 -29.00 30.13 -45.16
N LYS A 858 -28.80 28.87 -45.54
CA LYS A 858 -28.42 27.80 -44.64
C LYS A 858 -26.91 27.62 -44.51
N LYS A 859 -26.19 27.56 -45.64
CA LYS A 859 -24.73 27.59 -45.58
C LYS A 859 -24.18 29.01 -45.38
N ALA A 860 -24.96 30.04 -45.68
CA ALA A 860 -24.55 31.41 -45.40
C ALA A 860 -24.46 31.69 -43.92
N ALA A 861 -25.24 30.99 -43.10
CA ALA A 861 -25.11 31.12 -41.65
C ALA A 861 -23.77 30.63 -41.15
N LEU A 862 -23.18 29.64 -41.83
CA LEU A 862 -21.82 29.22 -41.48
C LEU A 862 -20.82 30.35 -41.70
N TYR A 863 -20.97 31.10 -42.80
CA TYR A 863 -20.15 32.28 -43.00
C TYR A 863 -20.42 33.32 -41.94
N PHE A 864 -21.70 33.56 -41.63
CA PHE A 864 -22.06 34.56 -40.62
C PHE A 864 -21.80 34.10 -39.20
N SER A 865 -21.49 32.83 -38.98
CA SER A 865 -21.22 32.35 -37.62
C SER A 865 -19.92 32.89 -37.06
N ASP A 866 -19.02 33.38 -37.92
CA ASP A 866 -17.74 33.90 -37.49
C ASP A 866 -17.70 35.41 -37.70
N PHE A 867 -17.28 36.13 -36.67
CA PHE A 867 -17.14 37.58 -36.78
C PHE A 867 -15.99 37.96 -37.70
N TRP A 868 -15.04 37.04 -37.93
CA TRP A 868 -13.97 37.30 -38.88
C TRP A 868 -14.51 37.48 -40.29
N ASN A 869 -15.48 36.65 -40.68
CA ASN A 869 -16.12 36.81 -41.98
C ASN A 869 -16.86 38.15 -42.06
N LYS A 870 -17.49 38.57 -40.97
CA LYS A 870 -18.11 39.89 -40.95
C LYS A 870 -17.08 41.01 -41.06
N LEU A 871 -15.86 40.78 -40.55
CA LEU A 871 -14.77 41.73 -40.77
C LEU A 871 -14.40 41.83 -42.23
N ASP A 872 -14.34 40.70 -42.94
CA ASP A 872 -14.15 40.73 -44.39
C ASP A 872 -15.29 41.46 -45.10
N VAL A 873 -16.53 41.24 -44.64
CA VAL A 873 -17.66 41.97 -45.19
C VAL A 873 -17.50 43.47 -44.94
N GLY A 874 -17.05 43.86 -43.75
CA GLY A 874 -16.79 45.26 -43.49
C GLY A 874 -15.70 45.82 -44.37
N ALA A 875 -14.70 45.01 -44.71
CA ALA A 875 -13.67 45.45 -45.66
C ALA A 875 -14.28 45.75 -47.02
N ILE A 876 -15.24 44.95 -47.46
CA ILE A 876 -15.92 45.23 -48.73
C ILE A 876 -16.80 46.47 -48.61
N LEU A 877 -17.57 46.58 -47.53
CA LEU A 877 -18.53 47.68 -47.40
C LEU A 877 -17.86 49.03 -47.20
N LEU A 878 -16.70 49.08 -46.53
CA LEU A 878 -15.98 50.35 -46.45
C LEU A 878 -15.45 50.79 -47.81
N PHE A 879 -15.04 49.84 -48.66
CA PHE A 879 -14.69 50.19 -50.03
C PHE A 879 -15.89 50.77 -50.77
N VAL A 880 -17.07 50.17 -50.59
CA VAL A 880 -18.28 50.72 -51.21
C VAL A 880 -18.60 52.10 -50.65
N ALA A 881 -18.46 52.28 -49.34
CA ALA A 881 -18.76 53.57 -48.72
C ALA A 881 -17.86 54.66 -49.27
N GLY A 882 -16.57 54.37 -49.43
CA GLY A 882 -15.67 55.32 -50.07
C GLY A 882 -15.85 55.44 -51.57
N LEU A 883 -16.40 54.40 -52.21
CA LEU A 883 -16.71 54.50 -53.63
C LEU A 883 -17.82 55.50 -53.88
N THR A 884 -18.87 55.48 -53.07
CA THR A 884 -19.94 56.46 -53.19
C THR A 884 -19.43 57.87 -52.90
N CYS A 885 -18.56 58.02 -51.91
CA CYS A 885 -17.98 59.33 -51.64
C CYS A 885 -17.08 59.79 -52.77
N ARG A 886 -16.36 58.86 -53.41
CA ARG A 886 -15.55 59.20 -54.58
C ARG A 886 -16.42 59.51 -55.80
N LEU A 887 -17.54 58.81 -55.95
CA LEU A 887 -18.45 59.08 -57.05
C LEU A 887 -19.03 60.49 -56.99
N ILE A 888 -19.11 61.08 -55.80
CA ILE A 888 -19.55 62.46 -55.63
C ILE A 888 -18.30 63.33 -55.59
N PRO A 889 -18.06 64.18 -56.60
CA PRO A 889 -16.83 65.00 -56.61
C PRO A 889 -16.72 65.96 -55.44
N ALA A 890 -17.83 66.36 -54.82
CA ALA A 890 -17.78 67.27 -53.68
C ALA A 890 -17.26 66.61 -52.41
N THR A 891 -17.11 65.29 -52.40
CA THR A 891 -16.65 64.55 -51.23
C THR A 891 -15.37 63.78 -51.54
N LEU A 892 -14.41 64.44 -52.20
CA LEU A 892 -13.14 63.80 -52.50
C LEU A 892 -12.30 63.55 -51.25
N TYR A 893 -12.36 64.44 -50.27
CA TYR A 893 -11.65 64.25 -49.01
C TYR A 893 -12.21 63.05 -48.25
N PRO A 894 -13.54 62.89 -48.15
CA PRO A 894 -14.06 61.61 -47.65
C PRO A 894 -13.57 60.41 -48.45
N GLY A 895 -13.48 60.54 -49.78
CA GLY A 895 -12.87 59.47 -50.57
C GLY A 895 -11.39 59.34 -50.33
N ARG A 896 -10.74 60.40 -49.82
CA ARG A 896 -9.33 60.33 -49.47
C ARG A 896 -9.10 59.59 -48.15
N VAL A 897 -10.08 59.61 -47.25
CA VAL A 897 -9.87 59.08 -45.91
C VAL A 897 -10.52 57.71 -45.73
N ILE A 898 -11.66 57.47 -46.37
CA ILE A 898 -12.38 56.21 -46.14
C ILE A 898 -11.59 55.02 -46.67
N LEU A 899 -11.03 55.14 -47.87
CA LEU A 899 -10.21 54.06 -48.40
C LEU A 899 -8.92 53.88 -47.61
N SER A 900 -8.37 54.97 -47.07
CA SER A 900 -7.19 54.87 -46.21
C SER A 900 -7.49 54.06 -44.96
N LEU A 901 -8.65 54.27 -44.33
CA LEU A 901 -9.08 53.41 -43.24
C LEU A 901 -9.41 52.00 -43.68
N ASP A 902 -9.92 51.83 -44.91
CA ASP A 902 -10.18 50.50 -45.44
C ASP A 902 -8.89 49.72 -45.67
N PHE A 903 -7.75 50.40 -45.80
CA PHE A 903 -6.46 49.72 -45.94
C PHE A 903 -6.16 48.87 -44.71
N ILE A 904 -6.52 49.36 -43.52
CA ILE A 904 -6.16 48.69 -42.28
C ILE A 904 -6.95 47.41 -42.04
N LEU A 905 -8.12 47.26 -42.67
CA LEU A 905 -8.87 46.02 -42.52
C LEU A 905 -8.25 44.85 -43.27
N PHE A 906 -7.58 45.12 -44.39
CA PHE A 906 -6.98 44.03 -45.16
C PHE A 906 -5.78 43.42 -44.47
N CYS A 907 -5.02 44.20 -43.70
CA CYS A 907 -3.86 43.64 -43.01
C CYS A 907 -4.25 42.80 -41.80
N LEU A 908 -5.31 43.19 -41.09
CA LEU A 908 -5.82 42.31 -40.04
C LEU A 908 -6.39 41.03 -40.63
N ARG A 909 -7.08 41.15 -41.78
CA ARG A 909 -7.48 39.95 -42.52
C ARG A 909 -6.27 39.12 -42.92
N LEU A 910 -5.15 39.78 -43.25
CA LEU A 910 -3.93 39.06 -43.57
C LEU A 910 -3.41 38.27 -42.37
N MET A 911 -3.37 38.89 -41.19
CA MET A 911 -2.98 38.16 -39.99
C MET A 911 -3.93 37.00 -39.70
N HIS A 912 -5.19 37.13 -40.08
CA HIS A 912 -6.08 35.98 -40.07
C HIS A 912 -5.61 34.89 -41.03
N ILE A 913 -5.10 35.29 -42.20
CA ILE A 913 -4.60 34.32 -43.17
C ILE A 913 -3.17 33.91 -42.85
N PHE A 914 -2.37 34.84 -42.31
CA PHE A 914 -0.95 34.62 -42.06
C PHE A 914 -0.71 33.86 -40.76
N THR A 915 -1.77 33.26 -40.21
CA THR A 915 -1.68 32.41 -39.02
C THR A 915 -1.19 31.02 -39.42
N ILE A 916 0.07 30.96 -39.86
CA ILE A 916 0.57 29.80 -40.59
C ILE A 916 1.73 29.08 -39.89
N SER A 917 2.52 29.82 -39.12
CA SER A 917 3.76 29.28 -38.57
C SER A 917 3.64 28.98 -37.08
N LYS A 918 4.48 28.05 -36.62
CA LYS A 918 4.46 27.65 -35.21
C LYS A 918 4.86 28.80 -34.29
N THR A 919 5.76 29.68 -34.74
CA THR A 919 6.08 30.89 -33.99
C THR A 919 5.06 31.99 -34.22
N LEU A 920 4.13 31.79 -35.15
CA LEU A 920 3.16 32.81 -35.53
C LEU A 920 1.74 32.36 -35.22
N GLY A 921 1.38 31.16 -35.66
CA GLY A 921 0.03 30.64 -35.56
C GLY A 921 -0.56 30.62 -34.16
N PRO A 922 0.02 29.82 -33.26
CA PRO A 922 -0.53 29.74 -31.90
C PRO A 922 -0.59 31.09 -31.20
N LYS A 923 0.32 32.00 -31.51
CA LYS A 923 0.30 33.31 -30.87
C LYS A 923 -0.73 34.25 -31.47
N ILE A 924 -1.27 33.93 -32.65
CA ILE A 924 -2.48 34.57 -33.14
C ILE A 924 -3.73 33.88 -32.60
N ILE A 925 -3.66 32.58 -32.32
CA ILE A 925 -4.69 31.97 -31.49
C ILE A 925 -4.73 32.63 -30.12
N ILE A 926 -3.59 33.13 -29.64
CA ILE A 926 -3.58 33.90 -28.41
C ILE A 926 -4.36 35.21 -28.58
N VAL A 927 -4.13 35.93 -29.69
CA VAL A 927 -4.83 37.21 -29.88
C VAL A 927 -6.31 37.00 -30.14
N LYS A 928 -6.73 35.76 -30.42
CA LYS A 928 -8.16 35.45 -30.35
C LYS A 928 -8.73 35.72 -28.97
N ARG A 929 -7.90 35.64 -27.92
CA ARG A 929 -8.32 35.99 -26.57
C ARG A 929 -8.28 37.49 -26.31
N MET A 930 -7.56 38.27 -27.12
CA MET A 930 -7.47 39.70 -26.88
C MET A 930 -8.32 40.58 -27.80
N MET A 931 -8.83 40.07 -28.93
CA MET A 931 -9.55 40.96 -29.84
C MET A 931 -10.66 41.72 -29.11
N LYS A 932 -11.44 41.04 -28.28
CA LYS A 932 -12.37 41.74 -27.40
C LYS A 932 -11.66 42.37 -26.21
N ASP A 933 -10.63 41.73 -25.68
CA ASP A 933 -9.81 42.32 -24.63
C ASP A 933 -9.06 43.56 -25.13
N VAL A 934 -8.76 43.63 -26.43
CA VAL A 934 -8.26 44.86 -27.04
C VAL A 934 -9.23 46.00 -26.78
N PHE A 935 -10.52 45.78 -27.05
CA PHE A 935 -11.51 46.84 -26.83
C PHE A 935 -11.63 47.19 -25.36
N PHE A 936 -11.60 46.19 -24.48
CA PHE A 936 -11.68 46.45 -23.05
C PHE A 936 -10.54 47.33 -22.58
N PHE A 937 -9.32 47.04 -23.04
CA PHE A 937 -8.21 47.90 -22.64
C PHE A 937 -8.21 49.23 -23.39
N LEU A 938 -8.90 49.34 -24.53
CA LEU A 938 -9.16 50.65 -25.11
C LEU A 938 -9.92 51.54 -24.15
N PHE A 939 -11.16 51.16 -23.80
CA PHE A 939 -11.93 52.10 -22.98
C PHE A 939 -11.51 52.03 -21.51
N LEU A 940 -10.54 51.18 -21.19
CA LEU A 940 -9.86 51.32 -19.90
C LEU A 940 -8.79 52.42 -19.97
N LEU A 941 -7.76 52.21 -20.80
CA LEU A 941 -6.64 53.13 -20.90
C LEU A 941 -7.02 54.48 -21.48
N ALA A 942 -7.81 54.52 -22.54
CA ALA A 942 -8.19 55.79 -23.16
C ALA A 942 -9.09 56.63 -22.29
N VAL A 943 -10.07 56.03 -21.61
CA VAL A 943 -10.90 56.81 -20.70
C VAL A 943 -10.09 57.30 -19.52
N TRP A 944 -9.14 56.48 -19.02
CA TRP A 944 -8.23 56.95 -17.99
C TRP A 944 -7.24 57.99 -18.52
N VAL A 945 -7.00 58.05 -19.83
CA VAL A 945 -6.25 59.17 -20.39
C VAL A 945 -6.98 60.48 -20.11
N VAL A 946 -8.32 60.45 -20.17
CA VAL A 946 -9.13 61.65 -20.00
C VAL A 946 -8.96 62.27 -18.61
N SER A 947 -8.80 61.46 -17.56
CA SER A 947 -8.72 62.00 -16.21
C SER A 947 -7.47 62.86 -15.99
N PHE A 948 -6.49 62.78 -16.90
CA PHE A 948 -5.32 63.64 -16.86
C PHE A 948 -5.24 64.63 -18.02
N GLY A 949 -5.80 64.29 -19.17
CA GLY A 949 -5.77 65.22 -20.30
C GLY A 949 -6.49 66.51 -20.01
N VAL A 950 -7.61 66.44 -19.29
CA VAL A 950 -8.32 67.66 -18.89
C VAL A 950 -7.62 68.34 -17.72
N ALA A 951 -7.10 67.54 -16.77
CA ALA A 951 -6.48 68.11 -15.58
C ALA A 951 -5.15 68.79 -15.87
N LYS A 952 -4.45 68.41 -16.94
CA LYS A 952 -3.16 69.03 -17.24
C LYS A 952 -3.32 70.49 -17.67
N GLN A 953 -4.32 70.77 -18.50
CA GLN A 953 -4.56 72.11 -19.01
C GLN A 953 -5.42 72.95 -18.07
N ALA A 954 -5.87 72.38 -16.95
CA ALA A 954 -6.77 73.09 -16.05
C ALA A 954 -6.07 74.25 -15.35
N ILE A 955 -4.83 74.03 -14.89
CA ILE A 955 -4.16 75.03 -14.07
C ILE A 955 -3.28 75.95 -14.90
N LEU A 956 -2.48 75.41 -15.81
CA LEU A 956 -1.64 76.25 -16.66
C LEU A 956 -2.50 77.07 -17.61
N ILE A 957 -2.07 78.30 -17.87
CA ILE A 957 -2.83 79.24 -18.70
C ILE A 957 -2.44 79.00 -20.15
N HIS A 958 -3.33 78.38 -20.91
CA HIS A 958 -3.12 78.12 -22.33
C HIS A 958 -4.10 78.94 -23.16
N ASN A 959 -3.63 79.41 -24.32
CA ASN A 959 -4.44 80.28 -25.16
C ASN A 959 -4.39 79.89 -26.63
N GLU A 960 -4.00 78.66 -26.96
CA GLU A 960 -3.98 78.18 -28.33
C GLU A 960 -5.33 77.56 -28.65
N ARG A 961 -6.15 78.25 -29.45
CA ARG A 961 -7.48 77.76 -29.76
C ARG A 961 -7.98 78.36 -31.08
N ARG A 962 -8.70 77.54 -31.83
CA ARG A 962 -9.53 77.99 -32.95
C ARG A 962 -10.57 76.90 -33.18
N VAL A 963 -11.41 77.08 -34.20
CA VAL A 963 -12.50 76.14 -34.46
C VAL A 963 -11.91 74.77 -34.77
N ASP A 964 -12.16 73.81 -33.88
CA ASP A 964 -11.74 72.40 -34.04
C ASP A 964 -10.23 72.23 -33.94
N TRP A 965 -9.51 73.31 -33.60
CA TRP A 965 -8.14 73.18 -33.12
C TRP A 965 -8.01 73.60 -31.66
N LEU A 966 -9.06 74.15 -31.06
CA LEU A 966 -9.10 74.26 -29.61
C LEU A 966 -9.03 72.88 -28.96
N PHE A 967 -9.65 71.89 -29.59
CA PHE A 967 -9.51 70.51 -29.15
C PHE A 967 -8.05 70.06 -29.20
N ARG A 968 -7.28 70.56 -30.18
CA ARG A 968 -5.88 70.16 -30.30
C ARG A 968 -5.08 70.57 -29.08
N GLY A 969 -5.14 71.84 -28.70
CA GLY A 969 -4.34 72.35 -27.61
C GLY A 969 -4.77 71.90 -26.23
N ALA A 970 -5.85 71.13 -26.12
CA ALA A 970 -6.33 70.68 -24.83
C ALA A 970 -6.28 69.15 -24.72
N VAL A 971 -6.40 68.45 -25.85
CA VAL A 971 -6.45 66.99 -25.87
C VAL A 971 -5.31 66.40 -26.70
N TYR A 972 -5.07 66.95 -27.89
CA TYR A 972 -4.02 66.41 -28.74
C TYR A 972 -2.64 66.58 -28.12
N HIS A 973 -2.40 67.70 -27.45
CA HIS A 973 -1.14 67.94 -26.76
C HIS A 973 -1.09 67.28 -25.39
N SER A 974 -1.97 66.31 -25.14
CA SER A 974 -1.98 65.54 -23.89
C SER A 974 -1.52 64.11 -24.07
N TYR A 975 -2.09 63.38 -25.03
CA TYR A 975 -1.64 62.02 -25.29
C TYR A 975 -0.25 61.98 -25.92
N LEU A 976 0.09 63.00 -26.71
CA LEU A 976 1.43 63.07 -27.30
C LEU A 976 2.50 63.24 -26.22
N THR A 977 2.14 63.82 -25.08
CA THR A 977 3.09 63.95 -23.98
C THR A 977 3.40 62.62 -23.31
N ILE A 978 2.52 61.63 -23.45
CA ILE A 978 2.74 60.33 -22.83
C ILE A 978 3.90 59.61 -23.52
N PHE A 979 3.98 59.71 -24.84
CA PHE A 979 4.93 58.92 -25.62
C PHE A 979 6.11 59.73 -26.14
N GLY A 980 6.30 60.97 -25.68
CA GLY A 980 7.52 61.69 -25.99
C GLY A 980 7.39 63.14 -26.39
N GLN A 981 6.30 63.49 -27.09
CA GLN A 981 6.14 64.87 -27.53
C GLN A 981 5.50 65.71 -26.44
N ILE A 982 6.33 66.37 -25.63
CA ILE A 982 5.87 67.17 -24.50
C ILE A 982 6.26 68.63 -24.77
N PRO A 983 5.30 69.55 -24.89
CA PRO A 983 5.66 70.97 -24.97
C PRO A 983 6.07 71.51 -23.61
N GLY A 984 7.24 71.08 -23.12
CA GLY A 984 7.71 71.50 -21.81
C GLY A 984 7.96 72.97 -21.68
N TYR A 985 8.38 73.63 -22.77
CA TYR A 985 8.56 75.08 -22.75
C TYR A 985 7.26 75.83 -22.82
N ILE A 986 6.14 75.14 -23.04
CA ILE A 986 4.82 75.76 -23.09
C ILE A 986 3.97 75.37 -21.88
N ASP A 987 3.98 74.08 -21.52
CA ASP A 987 3.19 73.61 -20.38
C ASP A 987 3.74 74.14 -19.06
N GLY A 988 5.00 74.58 -19.03
CA GLY A 988 5.58 75.10 -17.81
C GLY A 988 5.12 76.51 -17.48
N PHE A 1020 4.55 80.01 -10.22
CA PHE A 1020 4.06 79.42 -8.98
C PHE A 1020 3.50 77.99 -9.13
N PRO A 1021 2.60 77.74 -10.15
CA PRO A 1021 2.04 76.39 -10.33
C PRO A 1021 3.00 75.41 -11.02
N GLU A 1022 4.22 75.33 -10.50
CA GLU A 1022 5.22 74.40 -11.02
C GLU A 1022 5.41 73.17 -10.14
N TRP A 1023 5.41 73.34 -8.81
CA TRP A 1023 5.50 72.19 -7.92
C TRP A 1023 4.30 71.28 -8.08
N LEU A 1024 3.10 71.84 -8.20
CA LEU A 1024 1.91 71.04 -8.45
C LEU A 1024 1.96 70.35 -9.80
N THR A 1025 2.54 71.01 -10.83
CA THR A 1025 2.67 70.37 -12.12
C THR A 1025 3.62 69.18 -12.06
N VAL A 1026 4.71 69.30 -11.29
CA VAL A 1026 5.60 68.16 -11.10
C VAL A 1026 4.89 67.05 -10.32
N LEU A 1027 4.17 67.42 -9.26
CA LEU A 1027 3.50 66.43 -8.43
C LEU A 1027 2.46 65.64 -9.21
N LEU A 1028 1.61 66.33 -9.97
CA LEU A 1028 0.56 65.65 -10.72
C LEU A 1028 1.12 64.77 -11.82
N LEU A 1029 2.15 65.22 -12.54
CA LEU A 1029 2.77 64.38 -13.56
C LEU A 1029 3.45 63.16 -12.96
N CYS A 1030 4.03 63.28 -11.77
CA CYS A 1030 4.55 62.11 -11.07
C CYS A 1030 3.42 61.23 -10.55
N LEU A 1031 2.33 61.83 -10.09
CA LEU A 1031 1.22 61.08 -9.52
C LEU A 1031 0.53 60.21 -10.56
N TYR A 1032 0.27 60.76 -11.75
CA TYR A 1032 -0.62 60.09 -12.68
C TYR A 1032 0.10 59.00 -13.47
N LEU A 1033 1.34 59.26 -13.90
CA LEU A 1033 2.08 58.27 -14.69
C LEU A 1033 2.40 57.00 -13.90
N LEU A 1034 2.39 57.06 -12.57
CA LEU A 1034 2.50 55.83 -11.80
C LEU A 1034 1.28 54.94 -11.98
N PHE A 1035 0.12 55.53 -12.25
CA PHE A 1035 -1.10 54.75 -12.44
C PHE A 1035 -1.16 54.11 -13.81
N THR A 1036 -0.51 54.69 -14.81
CA THR A 1036 -0.50 54.10 -16.14
C THR A 1036 0.69 53.17 -16.35
N ASN A 1037 1.91 53.71 -16.29
CA ASN A 1037 3.11 52.95 -16.63
C ASN A 1037 3.42 51.85 -15.63
N ILE A 1038 2.80 51.85 -14.46
CA ILE A 1038 2.98 50.81 -13.46
C ILE A 1038 1.77 49.89 -13.39
N LEU A 1039 0.61 50.44 -13.00
CA LEU A 1039 -0.58 49.60 -12.93
C LEU A 1039 -0.97 49.07 -14.31
N LEU A 1040 -1.36 49.97 -15.22
CA LEU A 1040 -2.03 49.54 -16.44
C LEU A 1040 -1.07 48.96 -17.48
N LEU A 1041 0.24 49.03 -17.24
CA LEU A 1041 1.22 48.39 -18.12
C LEU A 1041 1.91 47.22 -17.43
N ASN A 1042 2.51 47.48 -16.27
CA ASN A 1042 3.31 46.46 -15.60
C ASN A 1042 2.46 45.40 -14.91
N LEU A 1043 1.25 45.74 -14.46
CA LEU A 1043 0.34 44.71 -13.99
C LEU A 1043 -0.36 44.02 -15.14
N LEU A 1044 -0.49 44.70 -16.28
CA LEU A 1044 -0.92 44.05 -17.51
C LEU A 1044 0.09 42.99 -17.95
N ILE A 1045 1.35 43.17 -17.56
CA ILE A 1045 2.34 42.12 -17.73
C ILE A 1045 1.91 40.86 -17.00
N ALA A 1046 1.44 41.01 -15.76
CA ALA A 1046 0.91 39.88 -15.00
C ALA A 1046 -0.36 39.31 -15.63
N MET A 1047 -1.25 40.17 -16.13
CA MET A 1047 -2.45 39.68 -16.80
C MET A 1047 -2.13 38.97 -18.12
N PHE A 1048 -0.91 39.08 -18.61
CA PHE A 1048 -0.50 38.40 -19.84
C PHE A 1048 0.31 37.12 -19.62
N ASN A 1049 1.25 37.10 -18.68
CA ASN A 1049 2.09 35.91 -18.53
C ASN A 1049 1.26 34.70 -18.14
N TYR A 1050 0.39 34.83 -17.15
CA TYR A 1050 -0.40 33.68 -16.70
C TYR A 1050 -1.38 33.23 -17.77
N THR A 1051 -2.00 34.17 -18.49
CA THR A 1051 -2.88 33.79 -19.59
C THR A 1051 -2.13 33.07 -20.69
N PHE A 1052 -0.86 33.42 -20.93
CA PHE A 1052 -0.06 32.65 -21.87
C PHE A 1052 0.21 31.24 -21.37
N GLN A 1053 0.49 31.10 -20.07
CA GLN A 1053 0.86 29.80 -19.51
C GLN A 1053 -0.33 28.92 -19.17
N GLN A 1054 -1.56 29.45 -19.21
CA GLN A 1054 -2.70 28.66 -18.76
C GLN A 1054 -3.39 27.94 -19.91
N VAL A 1055 -3.41 28.56 -21.09
CA VAL A 1055 -4.23 28.06 -22.19
C VAL A 1055 -3.30 27.66 -23.34
N GLN A 1056 -1.99 27.66 -23.08
CA GLN A 1056 -1.03 27.23 -24.09
C GLN A 1056 -1.25 25.79 -24.50
N GLU A 1057 -1.53 24.91 -23.53
CA GLU A 1057 -1.89 23.53 -23.82
C GLU A 1057 -3.23 23.43 -24.54
N HIS A 1058 -3.92 24.55 -24.70
CA HIS A 1058 -5.01 24.60 -25.66
C HIS A 1058 -4.58 25.27 -26.95
N THR A 1059 -4.10 26.52 -26.86
CA THR A 1059 -3.86 27.33 -28.06
C THR A 1059 -2.88 26.69 -29.04
N ASP A 1060 -1.98 25.80 -28.59
CA ASP A 1060 -1.09 25.14 -29.53
C ASP A 1060 -1.82 24.07 -30.33
N GLN A 1061 -2.51 23.16 -29.64
CA GLN A 1061 -3.19 22.05 -30.31
C GLN A 1061 -4.46 22.49 -31.02
N ILE A 1062 -5.16 23.53 -30.54
CA ILE A 1062 -6.30 24.00 -31.30
C ILE A 1062 -5.84 24.72 -32.57
N TRP A 1063 -4.62 25.26 -32.56
CA TRP A 1063 -4.05 25.76 -33.82
C TRP A 1063 -3.66 24.61 -34.72
N LYS A 1064 -3.15 23.51 -34.16
CA LYS A 1064 -3.00 22.28 -34.92
C LYS A 1064 -4.33 21.84 -35.54
N PHE A 1065 -5.44 22.15 -34.87
CA PHE A 1065 -6.77 21.90 -35.44
C PHE A 1065 -7.11 22.84 -36.58
N GLN A 1066 -7.08 24.15 -36.36
CA GLN A 1066 -7.51 25.14 -37.35
C GLN A 1066 -6.51 25.33 -38.48
N ARG A 1067 -5.30 24.78 -38.37
CA ARG A 1067 -4.37 24.93 -39.48
C ARG A 1067 -4.88 24.18 -40.70
N HIS A 1068 -5.67 23.13 -40.47
CA HIS A 1068 -6.22 22.34 -41.58
C HIS A 1068 -7.08 23.17 -42.51
N ASP A 1069 -7.75 24.21 -42.02
CA ASP A 1069 -8.67 24.98 -42.86
C ASP A 1069 -7.94 25.57 -44.07
N LEU A 1070 -6.78 26.16 -43.84
CA LEU A 1070 -5.96 26.65 -44.94
C LEU A 1070 -5.50 25.50 -45.83
N ILE A 1071 -5.27 24.31 -45.25
CA ILE A 1071 -4.79 23.17 -46.04
C ILE A 1071 -5.88 22.66 -46.96
N GLU A 1072 -7.13 22.60 -46.50
CA GLU A 1072 -8.21 22.22 -47.42
C GLU A 1072 -8.43 23.31 -48.46
N GLU A 1073 -8.31 24.58 -48.07
CA GLU A 1073 -8.55 25.66 -49.03
C GLU A 1073 -7.53 25.65 -50.15
N TYR A 1074 -6.28 25.34 -49.85
CA TYR A 1074 -5.24 25.20 -50.86
C TYR A 1074 -5.16 23.79 -51.43
N HIS A 1075 -5.86 22.83 -50.80
CA HIS A 1075 -6.20 21.57 -51.45
C HIS A 1075 -7.57 21.64 -52.11
N GLY A 1076 -8.17 22.84 -52.12
CA GLY A 1076 -9.38 23.09 -52.87
C GLY A 1076 -9.20 24.28 -53.79
N ARG A 1077 -7.97 24.49 -54.26
CA ARG A 1077 -7.61 25.64 -55.06
C ARG A 1077 -6.86 25.20 -56.30
N PRO A 1078 -7.09 25.81 -57.46
CA PRO A 1078 -6.26 25.53 -58.63
C PRO A 1078 -4.89 26.17 -58.50
N ALA A 1079 -4.05 25.92 -59.50
CA ALA A 1079 -2.67 26.40 -59.51
C ALA A 1079 -2.51 27.73 -60.25
N ALA A 1080 -3.60 28.48 -60.43
CA ALA A 1080 -3.46 29.73 -61.15
C ALA A 1080 -3.32 30.90 -60.18
N PRO A 1081 -2.40 31.83 -60.44
CA PRO A 1081 -2.25 33.00 -59.59
C PRO A 1081 -3.43 33.95 -59.77
N PRO A 1082 -3.68 34.81 -58.78
CA PRO A 1082 -4.83 35.73 -58.88
C PRO A 1082 -4.79 36.60 -60.13
N PRO A 1083 -3.59 37.00 -60.64
CA PRO A 1083 -3.56 37.61 -61.97
C PRO A 1083 -4.18 36.74 -63.05
N PHE A 1084 -3.94 35.42 -62.97
CA PHE A 1084 -4.47 34.47 -63.93
C PHE A 1084 -5.62 33.64 -63.38
N ILE A 1085 -6.08 33.93 -62.16
CA ILE A 1085 -7.15 33.13 -61.56
C ILE A 1085 -8.48 33.37 -62.23
N LEU A 1086 -8.63 34.46 -62.98
CA LEU A 1086 -9.82 34.65 -63.80
C LEU A 1086 -9.91 33.62 -64.91
N LEU A 1087 -8.76 33.14 -65.40
CA LEU A 1087 -8.78 32.04 -66.37
C LEU A 1087 -9.36 30.78 -65.75
N SER A 1088 -8.97 30.48 -64.51
CA SER A 1088 -9.57 29.35 -63.80
C SER A 1088 -11.03 29.60 -63.45
N HIS A 1089 -11.40 30.85 -63.20
CA HIS A 1089 -12.82 31.18 -63.00
C HIS A 1089 -13.61 30.86 -64.25
N LEU A 1090 -13.17 31.37 -65.40
CA LEU A 1090 -13.82 31.08 -66.67
C LEU A 1090 -13.68 29.62 -67.08
N GLN A 1091 -12.72 28.89 -66.52
CA GLN A 1091 -12.60 27.47 -66.80
C GLN A 1091 -13.82 26.71 -66.32
N LEU A 1092 -14.35 27.04 -65.14
CA LEU A 1092 -15.60 26.46 -64.68
C LEU A 1092 -16.82 27.20 -65.21
N PHE A 1093 -16.67 28.48 -65.57
CA PHE A 1093 -17.77 29.20 -66.19
C PHE A 1093 -18.11 28.63 -67.56
N ILE A 1094 -17.11 28.24 -68.35
CA ILE A 1094 -17.38 27.58 -69.62
C ILE A 1094 -17.66 26.09 -69.42
N LYS A 1095 -17.40 25.56 -68.23
CA LYS A 1095 -17.69 24.15 -67.95
C LYS A 1095 -19.12 23.94 -67.45
N ARG A 1096 -19.73 24.95 -66.84
CA ARG A 1096 -21.10 24.84 -66.37
C ARG A 1096 -22.13 24.99 -67.48
N VAL A 1097 -21.75 25.61 -68.60
CA VAL A 1097 -22.65 25.72 -69.75
C VAL A 1097 -22.64 24.47 -70.61
N VAL A 1098 -21.65 23.58 -70.45
CA VAL A 1098 -21.66 22.28 -71.12
C VAL A 1098 -21.85 21.13 -70.14
N LEU A 1099 -21.60 21.33 -68.85
CA LEU A 1099 -21.89 20.34 -67.82
C LEU A 1099 -22.60 21.05 -66.68
N LYS A 1100 -23.92 20.93 -66.64
CA LYS A 1100 -24.74 21.62 -65.64
C LYS A 1100 -24.92 20.74 -64.39
N THR A 1101 -23.79 20.42 -63.75
CA THR A 1101 -23.81 19.63 -62.54
C THR A 1101 -22.53 19.87 -61.76
N PRO A 1102 -22.60 19.96 -60.42
CA PRO A 1102 -21.40 20.09 -59.58
C PRO A 1102 -20.80 18.75 -59.19
N ALA A 1103 -20.61 17.87 -60.17
CA ALA A 1103 -20.06 16.54 -59.94
C ALA A 1103 -19.00 16.21 -60.98
N LYS A 1104 -18.19 17.21 -61.35
CA LYS A 1104 -17.13 17.01 -62.33
C LYS A 1104 -15.86 16.47 -61.67
N ARG A 1105 -15.32 17.22 -60.71
CA ARG A 1105 -14.14 16.79 -59.97
C ARG A 1105 -14.33 17.12 -58.50
N HIS A 1106 -13.79 16.26 -57.64
CA HIS A 1106 -13.74 16.50 -56.20
C HIS A 1106 -12.26 16.66 -55.86
N LYS A 1107 -11.74 17.87 -56.05
CA LYS A 1107 -10.32 18.11 -55.87
C LYS A 1107 -10.06 18.10 -54.36
N GLN A 1108 -9.89 16.90 -53.83
CA GLN A 1108 -9.98 16.64 -52.39
C GLN A 1108 -9.20 15.37 -52.08
N LEU A 1109 -9.46 14.78 -50.91
CA LEU A 1109 -8.82 13.53 -50.53
C LEU A 1109 -9.07 12.43 -51.57
N LYS A 1110 -10.35 12.12 -51.81
CA LYS A 1110 -10.82 11.22 -52.87
C LYS A 1110 -9.97 9.97 -53.07
N ASN A 1111 -9.56 9.32 -51.98
CA ASN A 1111 -8.71 8.14 -52.10
C ASN A 1111 -9.55 6.92 -52.44
N LYS A 1112 -9.17 6.23 -53.52
CA LYS A 1112 -9.80 4.97 -53.88
C LYS A 1112 -9.00 3.82 -53.28
N LEU A 1113 -9.71 2.88 -52.66
CA LEU A 1113 -9.10 1.72 -52.03
C LEU A 1113 -9.82 0.47 -52.50
N GLU A 1114 -9.06 -0.52 -52.95
CA GLU A 1114 -9.64 -1.78 -53.40
C GLU A 1114 -10.01 -2.65 -52.20
N LYS A 1115 -10.99 -3.54 -52.41
CA LYS A 1115 -11.42 -4.43 -51.35
C LYS A 1115 -10.29 -5.35 -50.88
N ASN A 1116 -9.54 -5.92 -51.82
CA ASN A 1116 -8.56 -6.96 -51.48
C ASN A 1116 -7.34 -6.37 -50.78
N GLU A 1117 -6.79 -5.27 -51.29
CA GLU A 1117 -5.70 -4.61 -50.60
C GLU A 1117 -6.11 -4.07 -49.25
N GLU A 1118 -7.38 -3.67 -49.09
CA GLU A 1118 -7.88 -3.27 -47.79
C GLU A 1118 -8.02 -4.47 -46.86
N ALA A 1119 -8.23 -5.67 -47.41
CA ALA A 1119 -8.29 -6.87 -46.58
C ALA A 1119 -6.94 -7.17 -45.94
N ALA A 1120 -5.86 -7.10 -46.72
CA ALA A 1120 -4.52 -7.32 -46.17
C ALA A 1120 -4.18 -6.29 -45.11
N LEU A 1121 -4.86 -5.15 -45.13
CA LEU A 1121 -4.73 -4.20 -44.03
C LEU A 1121 -5.63 -4.59 -42.87
N LEU A 1122 -6.93 -4.80 -43.14
CA LEU A 1122 -7.90 -4.91 -42.04
C LEU A 1122 -7.47 -5.97 -41.05
N SER A 1123 -7.03 -7.13 -41.55
CA SER A 1123 -6.48 -8.14 -40.65
C SER A 1123 -5.38 -7.55 -39.79
N TRP A 1124 -4.59 -6.63 -40.35
CA TRP A 1124 -3.41 -6.17 -39.63
C TRP A 1124 -3.75 -5.21 -38.50
N GLU A 1125 -4.66 -4.23 -38.69
CA GLU A 1125 -4.92 -3.36 -37.53
C GLU A 1125 -5.89 -3.99 -36.55
N ILE A 1126 -6.59 -5.06 -36.94
CA ILE A 1126 -7.29 -5.82 -35.91
C ILE A 1126 -6.31 -6.63 -35.06
N TYR A 1127 -5.28 -7.21 -35.69
CA TYR A 1127 -4.18 -7.78 -34.93
C TYR A 1127 -3.55 -6.73 -34.02
N LEU A 1128 -3.27 -5.55 -34.59
CA LEU A 1128 -2.73 -4.44 -33.81
C LEU A 1128 -3.69 -3.96 -32.73
N LYS A 1129 -5.00 -4.00 -32.99
CA LYS A 1129 -5.97 -3.55 -31.99
C LYS A 1129 -5.95 -4.46 -30.76
N GLU A 1130 -6.11 -5.77 -30.98
CA GLU A 1130 -6.08 -6.65 -29.83
C GLU A 1130 -4.69 -6.73 -29.22
N ASN A 1131 -3.64 -6.61 -30.03
CA ASN A 1131 -2.29 -6.45 -29.49
C ASN A 1131 -2.22 -5.23 -28.58
N TYR A 1132 -2.70 -4.08 -29.06
CA TYR A 1132 -2.57 -2.85 -28.29
C TYR A 1132 -3.45 -2.86 -27.04
N LEU A 1133 -4.67 -3.39 -27.16
CA LEU A 1133 -5.52 -3.46 -25.97
C LEU A 1133 -4.97 -4.46 -24.96
N GLN A 1134 -4.30 -5.52 -25.43
CA GLN A 1134 -3.59 -6.40 -24.51
C GLN A 1134 -2.49 -5.64 -23.79
N ASN A 1135 -1.73 -4.83 -24.53
CA ASN A 1135 -0.70 -4.00 -23.89
C ASN A 1135 -1.32 -2.90 -23.02
N ARG A 1136 -2.48 -2.38 -23.42
CA ARG A 1136 -3.11 -1.31 -22.66
C ARG A 1136 -3.62 -1.82 -21.31
N GLN A 1137 -4.29 -2.97 -21.31
CA GLN A 1137 -4.66 -3.59 -20.04
C GLN A 1137 -3.42 -4.08 -19.30
N PHE A 1138 -2.33 -4.35 -20.03
CA PHE A 1138 -1.08 -4.70 -19.37
C PHE A 1138 -0.52 -3.53 -18.58
N GLN A 1139 -0.44 -2.35 -19.20
CA GLN A 1139 0.00 -1.16 -18.47
C GLN A 1139 -0.99 -0.77 -17.39
N GLN A 1140 -2.28 -0.99 -17.61
CA GLN A 1140 -3.25 -0.82 -16.53
C GLN A 1140 -2.97 -1.78 -15.39
N LYS A 1141 -2.60 -3.03 -15.72
CA LYS A 1141 -2.16 -3.98 -14.72
C LYS A 1141 -0.86 -3.54 -14.05
N GLN A 1142 -0.11 -2.64 -14.68
CA GLN A 1142 1.10 -2.10 -14.08
C GLN A 1142 0.84 -0.94 -13.12
N ARG A 1143 -0.40 -0.50 -12.99
CA ARG A 1143 -0.68 0.57 -12.03
C ARG A 1143 -0.67 -0.02 -10.62
N PRO A 1144 0.22 0.43 -9.74
CA PRO A 1144 0.49 -0.30 -8.50
C PRO A 1144 -0.66 -0.36 -7.52
N GLU A 1145 -1.69 0.47 -7.68
CA GLU A 1145 -2.78 0.46 -6.73
C GLU A 1145 -3.63 -0.81 -6.81
N GLN A 1146 -3.68 -1.46 -7.98
CA GLN A 1146 -4.22 -2.82 -8.03
C GLN A 1146 -3.35 -3.75 -7.20
N LYS A 1147 -2.02 -3.61 -7.31
CA LYS A 1147 -1.13 -4.38 -6.46
C LYS A 1147 -1.22 -3.97 -5.00
N ILE A 1148 -1.93 -2.87 -4.69
CA ILE A 1148 -2.26 -2.58 -3.30
C ILE A 1148 -3.49 -3.37 -2.87
N GLU A 1149 -4.54 -3.34 -3.68
CA GLU A 1149 -5.81 -3.96 -3.32
C GLU A 1149 -5.90 -5.44 -3.66
N ASP A 1150 -4.97 -5.97 -4.46
CA ASP A 1150 -4.99 -7.40 -4.71
C ASP A 1150 -4.69 -8.20 -3.46
N ILE A 1151 -3.70 -7.80 -2.67
CA ILE A 1151 -3.47 -8.47 -1.40
C ILE A 1151 -4.74 -8.45 -0.57
N SER A 1152 -5.51 -7.36 -0.64
CA SER A 1152 -6.80 -7.33 0.02
C SER A 1152 -7.70 -8.46 -0.47
N ASN A 1153 -7.74 -8.69 -1.79
CA ASN A 1153 -8.60 -9.75 -2.32
C ASN A 1153 -8.18 -11.14 -1.84
N LYS A 1154 -6.90 -11.49 -2.00
CA LYS A 1154 -6.44 -12.78 -1.46
C LYS A 1154 -6.53 -12.85 0.07
N VAL A 1155 -6.07 -11.84 0.81
CA VAL A 1155 -6.20 -11.99 2.25
C VAL A 1155 -7.67 -12.10 2.65
N ASP A 1156 -8.58 -11.60 1.82
CA ASP A 1156 -10.00 -11.90 1.99
C ASP A 1156 -10.32 -13.35 1.66
N ALA A 1157 -9.47 -14.03 0.89
CA ALA A 1157 -9.64 -15.47 0.72
C ALA A 1157 -8.97 -16.29 1.82
N MET A 1158 -8.05 -15.68 2.59
CA MET A 1158 -7.49 -16.29 3.79
C MET A 1158 -8.25 -15.98 5.07
N VAL A 1159 -9.12 -14.98 5.09
CA VAL A 1159 -9.92 -14.73 6.29
C VAL A 1159 -10.90 -15.88 6.51
N ASP A 1160 -11.43 -16.43 5.41
CA ASP A 1160 -12.36 -17.55 5.52
C ASP A 1160 -11.67 -18.89 5.34
N LEU A 1161 -10.37 -18.91 5.01
CA LEU A 1161 -9.70 -20.17 4.71
C LEU A 1161 -9.46 -21.02 5.95
N LEU A 1162 -9.33 -20.39 7.13
CA LEU A 1162 -9.12 -21.13 8.37
C LEU A 1162 -10.41 -21.27 9.17
N ASP A 1163 -11.54 -21.43 8.49
CA ASP A 1163 -12.84 -21.64 9.12
C ASP A 1163 -13.42 -22.99 8.70
N LEU A 1164 -12.55 -23.99 8.59
CA LEU A 1164 -12.96 -25.33 8.20
C LEU A 1164 -12.76 -26.35 9.32
N ASP A 1165 -12.33 -25.92 10.50
CA ASP A 1165 -12.17 -26.81 11.64
C ASP A 1165 -12.81 -26.22 12.89
N GLY A 1235 -34.87 -44.45 1.44
CA GLY A 1235 -36.28 -44.28 1.17
C GLY A 1235 -37.05 -45.59 1.19
N ASP A 1236 -38.33 -45.53 0.81
CA ASP A 1236 -39.19 -46.71 0.77
C ASP A 1236 -39.81 -46.82 -0.60
N SER A 1237 -40.12 -48.06 -1.00
CA SER A 1237 -40.71 -48.35 -2.31
C SER A 1237 -42.08 -48.99 -2.06
N TYR A 1238 -43.09 -48.15 -1.92
CA TYR A 1238 -44.47 -48.58 -1.82
C TYR A 1238 -45.31 -47.85 -2.86
N HIS A 1239 -46.59 -48.19 -2.92
CA HIS A 1239 -47.49 -47.49 -3.83
C HIS A 1239 -47.62 -46.04 -3.43
N VAL A 1240 -47.06 -45.16 -4.27
CA VAL A 1240 -46.99 -43.73 -3.95
C VAL A 1240 -47.95 -42.90 -4.78
N ASN A 1241 -49.04 -43.48 -5.28
CA ASN A 1241 -50.05 -42.74 -6.03
C ASN A 1241 -51.45 -42.92 -5.47
N ALA A 1242 -51.78 -44.14 -5.02
CA ALA A 1242 -53.08 -44.38 -4.42
C ALA A 1242 -53.24 -43.63 -3.10
N ARG A 1243 -52.17 -43.58 -2.30
CA ARG A 1243 -52.22 -42.91 -1.00
C ARG A 1243 -51.96 -41.41 -1.17
N HIS A 1244 -52.95 -40.75 -1.78
CA HIS A 1244 -52.91 -39.32 -1.98
C HIS A 1244 -54.27 -38.71 -1.69
N LEU A 1245 -54.28 -37.44 -1.33
CA LEU A 1245 -55.52 -36.74 -1.02
C LEU A 1245 -56.34 -36.54 -2.30
N LEU A 1246 -57.61 -36.18 -2.11
CA LEU A 1246 -58.48 -35.77 -3.22
C LEU A 1246 -58.56 -36.81 -4.32
N TYR A 1247 -59.18 -37.96 -4.02
CA TYR A 1247 -59.44 -39.01 -4.99
C TYR A 1247 -59.97 -38.40 -6.28
N PRO A 1248 -59.35 -38.72 -7.44
CA PRO A 1248 -59.68 -38.02 -8.70
C PRO A 1248 -61.17 -37.89 -8.98
N ASN A 1249 -61.59 -36.67 -9.33
CA ASN A 1249 -62.97 -36.36 -9.69
C ASN A 1249 -63.96 -36.73 -8.61
N CYS A 1250 -63.65 -36.41 -7.35
CA CYS A 1250 -64.57 -36.64 -6.26
C CYS A 1250 -64.19 -35.80 -5.04
N PRO A 1251 -65.12 -35.00 -4.50
CA PRO A 1251 -64.80 -34.21 -3.30
C PRO A 1251 -64.74 -35.06 -2.04
N VAL A 1252 -63.78 -35.97 -1.97
CA VAL A 1252 -63.64 -36.84 -0.80
C VAL A 1252 -62.18 -36.79 -0.34
N THR A 1253 -61.92 -37.26 0.88
CA THR A 1253 -60.57 -37.33 1.40
C THR A 1253 -60.31 -38.75 1.87
N ARG A 1254 -59.04 -39.11 1.95
CA ARG A 1254 -58.61 -40.41 2.44
C ARG A 1254 -57.95 -40.24 3.80
N PHE A 1255 -58.17 -41.20 4.69
CA PHE A 1255 -57.49 -41.18 5.97
C PHE A 1255 -55.99 -41.36 5.75
N PRO A 1256 -55.16 -40.42 6.21
CA PRO A 1256 -53.72 -40.47 5.88
C PRO A 1256 -53.04 -41.76 6.35
N VAL A 1257 -52.35 -42.43 5.44
CA VAL A 1257 -51.63 -43.65 5.75
C VAL A 1257 -50.16 -43.44 5.42
N PRO A 1258 -49.32 -43.06 6.37
CA PRO A 1258 -47.88 -42.93 6.11
C PRO A 1258 -47.26 -44.26 5.71
N ASN A 1259 -46.03 -44.18 5.20
CA ASN A 1259 -45.34 -45.32 4.63
C ASN A 1259 -45.15 -46.45 5.65
N GLU A 1260 -45.10 -46.11 6.93
CA GLU A 1260 -44.85 -47.09 7.98
C GLU A 1260 -45.96 -48.12 8.10
N LYS A 1261 -47.21 -47.69 8.03
CA LYS A 1261 -48.35 -48.57 8.27
C LYS A 1261 -49.08 -48.98 7.00
N VAL A 1262 -48.43 -48.85 5.84
CA VAL A 1262 -49.05 -49.29 4.59
C VAL A 1262 -49.33 -50.79 4.54
N PRO A 1263 -48.50 -51.69 5.07
CA PRO A 1263 -48.80 -53.11 4.94
C PRO A 1263 -50.05 -53.50 5.72
N TRP A 1264 -50.64 -54.62 5.33
CA TRP A 1264 -51.90 -55.08 5.89
C TRP A 1264 -51.73 -55.86 7.19
N GLU A 1265 -50.51 -55.91 7.74
CA GLU A 1265 -50.27 -56.56 9.02
C GLU A 1265 -49.96 -55.59 10.15
N THR A 1266 -49.57 -54.36 9.84
CA THR A 1266 -49.36 -53.36 10.88
C THR A 1266 -50.68 -53.01 11.56
N GLU A 1267 -50.65 -52.99 12.89
CA GLU A 1267 -51.86 -52.80 13.70
C GLU A 1267 -52.19 -51.31 13.77
N PHE A 1268 -53.27 -50.92 13.10
CA PHE A 1268 -53.79 -49.56 13.20
C PHE A 1268 -55.25 -49.63 13.63
N LEU A 1269 -55.56 -49.01 14.77
CA LEU A 1269 -56.89 -49.10 15.35
C LEU A 1269 -57.68 -47.79 15.30
N ILE A 1270 -57.05 -46.70 14.83
CA ILE A 1270 -57.78 -45.47 14.53
C ILE A 1270 -58.34 -45.51 13.11
N TYR A 1271 -58.21 -46.64 12.42
CA TYR A 1271 -58.60 -46.79 11.01
C TYR A 1271 -60.10 -46.57 10.82
N ASP A 1272 -60.46 -45.48 10.14
CA ASP A 1272 -61.86 -45.18 9.82
C ASP A 1272 -61.90 -44.50 8.46
N PRO A 1273 -61.70 -45.25 7.37
CA PRO A 1273 -61.65 -44.64 6.05
C PRO A 1273 -63.03 -44.49 5.46
N PRO A 1274 -63.23 -43.53 4.55
CA PRO A 1274 -64.54 -43.36 3.91
C PRO A 1274 -64.91 -44.53 3.01
N PHE A 1275 -66.11 -44.47 2.42
CA PHE A 1275 -66.63 -45.57 1.62
C PHE A 1275 -67.22 -45.04 0.32
N TYR A 1276 -66.47 -44.20 -0.40
CA TYR A 1276 -66.96 -43.64 -1.64
C TYR A 1276 -67.03 -44.69 -2.73
N THR A 1277 -68.16 -44.72 -3.44
CA THR A 1277 -68.35 -45.63 -4.57
C THR A 1277 -69.27 -44.99 -5.60
N ALA A 1278 -68.72 -44.59 -6.74
CA ALA A 1278 -69.50 -43.94 -7.80
C ALA A 1278 -70.54 -44.88 -8.38
N LEU A 1293 -75.44 -52.66 1.14
CA LEU A 1293 -74.06 -53.11 1.30
C LEU A 1293 -74.01 -54.42 2.10
N GLU A 1294 -73.17 -55.34 1.62
CA GLU A 1294 -72.78 -56.64 2.18
C GLU A 1294 -73.49 -57.89 1.64
N PRO A 1295 -74.55 -57.80 0.77
CA PRO A 1295 -74.99 -59.02 0.10
C PRO A 1295 -74.25 -59.25 -1.22
N LEU A 1296 -72.92 -59.16 -1.18
CA LEU A 1296 -72.09 -59.35 -2.36
C LEU A 1296 -71.53 -60.77 -2.45
N SER A 1297 -72.27 -61.76 -1.96
CA SER A 1297 -71.81 -63.15 -1.99
C SER A 1297 -71.88 -63.71 -3.40
N THR A 1298 -71.56 -65.00 -3.54
CA THR A 1298 -71.55 -65.69 -4.84
C THR A 1298 -70.61 -65.01 -5.83
N ILE A 1299 -69.48 -64.52 -5.33
CA ILE A 1299 -68.44 -63.90 -6.15
C ILE A 1299 -67.22 -64.81 -6.05
N GLN A 1300 -66.88 -65.45 -7.17
CA GLN A 1300 -65.78 -66.41 -7.19
C GLN A 1300 -64.43 -65.71 -7.21
N TYR A 1301 -63.98 -65.19 -6.07
CA TYR A 1301 -62.69 -64.55 -6.00
C TYR A 1301 -61.58 -65.59 -6.10
N ASN A 1302 -60.37 -65.11 -6.45
CA ASN A 1302 -59.18 -65.94 -6.61
C ASN A 1302 -59.33 -66.92 -7.76
N VAL A 1303 -60.44 -66.85 -8.49
CA VAL A 1303 -60.68 -67.71 -9.65
C VAL A 1303 -61.30 -66.85 -10.74
N VAL A 1304 -61.65 -67.47 -11.87
CA VAL A 1304 -62.27 -66.74 -12.97
C VAL A 1304 -63.76 -66.61 -12.70
N ASP A 1305 -64.14 -65.55 -11.97
CA ASP A 1305 -65.53 -65.33 -11.62
C ASP A 1305 -66.32 -64.89 -12.86
N GLY A 1306 -67.08 -65.82 -13.44
CA GLY A 1306 -67.81 -65.54 -14.66
C GLY A 1306 -66.89 -65.14 -15.78
N LEU A 1307 -67.31 -64.18 -16.59
CA LEU A 1307 -66.48 -63.63 -17.67
C LEU A 1307 -65.71 -62.40 -17.21
N ARG A 1308 -64.99 -62.51 -16.08
CA ARG A 1308 -64.24 -61.38 -15.54
C ARG A 1308 -62.82 -61.74 -15.13
N ASP A 1309 -62.54 -63.03 -14.91
CA ASP A 1309 -61.21 -63.49 -14.51
C ASP A 1309 -60.73 -62.79 -13.24
N ARG A 1310 -61.42 -63.04 -12.12
CA ARG A 1310 -61.09 -62.40 -10.86
C ARG A 1310 -59.95 -63.10 -10.12
N ARG A 1311 -58.74 -63.09 -10.69
CA ARG A 1311 -57.57 -63.58 -9.94
C ARG A 1311 -56.34 -62.80 -10.42
N SER A 1312 -55.73 -62.07 -9.48
CA SER A 1312 -54.61 -61.21 -9.79
C SER A 1312 -53.36 -62.04 -10.12
N PHE A 1313 -52.40 -61.39 -10.77
CA PHE A 1313 -51.20 -62.08 -11.22
C PHE A 1313 -50.34 -62.59 -10.08
N HIS A 1314 -50.19 -61.83 -9.00
CA HIS A 1314 -49.32 -62.20 -7.89
C HIS A 1314 -50.10 -62.91 -6.80
N GLY A 1315 -50.72 -64.03 -7.19
CA GLY A 1315 -51.37 -64.91 -6.24
C GLY A 1315 -52.74 -64.41 -5.78
N PRO A 1316 -53.48 -65.29 -5.12
CA PRO A 1316 -54.80 -64.91 -4.61
C PRO A 1316 -54.72 -63.87 -3.51
N TYR A 1317 -55.77 -63.07 -3.38
CA TYR A 1317 -55.92 -62.09 -2.33
C TYR A 1317 -56.83 -62.64 -1.23
N THR A 1318 -57.16 -61.82 -0.24
CA THR A 1318 -57.97 -62.23 0.90
C THR A 1318 -59.31 -61.50 0.82
N VAL A 1319 -60.32 -61.88 1.61
CA VAL A 1319 -61.63 -61.23 1.58
C VAL A 1319 -62.05 -60.90 3.01
N GLN A 1320 -62.25 -59.61 3.29
CA GLN A 1320 -62.68 -59.16 4.61
C GLN A 1320 -64.19 -59.04 4.75
N ALA A 1321 -64.92 -60.11 4.38
CA ALA A 1321 -66.37 -60.34 4.44
C ALA A 1321 -66.87 -60.69 3.05
N GLY A 1322 -67.10 -59.68 2.22
CA GLY A 1322 -67.50 -59.89 0.85
C GLY A 1322 -66.81 -58.92 -0.08
N LEU A 1323 -65.85 -58.17 0.44
CA LEU A 1323 -65.08 -57.19 -0.32
C LEU A 1323 -63.61 -57.57 -0.29
N PRO A 1324 -62.92 -57.60 -1.42
CA PRO A 1324 -61.50 -57.95 -1.41
C PRO A 1324 -60.65 -56.92 -0.68
N LEU A 1325 -59.42 -57.30 -0.32
CA LEU A 1325 -58.47 -56.39 0.32
C LEU A 1325 -57.38 -56.08 -0.69
N ASN A 1326 -57.10 -54.78 -0.88
CA ASN A 1326 -56.08 -54.36 -1.83
C ASN A 1326 -54.72 -54.86 -1.39
N PRO A 1327 -54.03 -55.64 -2.23
CA PRO A 1327 -52.67 -56.06 -1.89
C PRO A 1327 -51.70 -54.89 -2.01
N MET A 1328 -50.41 -55.13 -1.79
CA MET A 1328 -49.38 -54.12 -2.00
C MET A 1328 -49.47 -52.97 -0.99
N GLY A 1329 -50.43 -53.04 -0.08
CA GLY A 1329 -50.55 -52.09 1.00
C GLY A 1329 -51.96 -51.53 1.09
N ARG A 1330 -52.11 -50.53 1.96
CA ARG A 1330 -53.37 -49.82 2.16
C ARG A 1330 -53.41 -48.57 1.28
N THR A 1331 -54.61 -48.02 1.12
CA THR A 1331 -54.80 -46.81 0.35
C THR A 1331 -55.29 -45.65 1.21
N GLY A 1332 -56.33 -45.84 2.00
CA GLY A 1332 -56.90 -44.77 2.79
C GLY A 1332 -58.38 -44.60 2.53
N LEU A 1333 -58.87 -45.29 1.50
CA LEU A 1333 -60.28 -45.28 1.11
C LEU A 1333 -60.78 -46.70 1.07
N ARG A 1334 -62.11 -46.86 1.07
CA ARG A 1334 -62.74 -48.16 0.95
C ARG A 1334 -63.71 -48.10 -0.23
N GLY A 1335 -64.52 -49.14 -0.39
CA GLY A 1335 -65.47 -49.16 -1.48
C GLY A 1335 -64.79 -49.51 -2.79
N ARG A 1336 -65.19 -48.80 -3.86
CA ARG A 1336 -64.69 -49.10 -5.19
C ARG A 1336 -64.25 -47.84 -5.90
N GLY A 1337 -64.78 -46.69 -5.49
CA GLY A 1337 -64.50 -45.48 -6.21
C GLY A 1337 -65.12 -45.51 -7.61
N SER A 1338 -64.47 -44.81 -8.53
CA SER A 1338 -64.90 -44.78 -9.91
C SER A 1338 -64.34 -45.98 -10.67
N LEU A 1339 -64.78 -47.18 -10.34
CA LEU A 1339 -64.26 -48.39 -10.94
C LEU A 1339 -65.42 -49.32 -11.29
N SER A 1340 -65.15 -50.25 -12.20
CA SER A 1340 -66.17 -51.19 -12.67
C SER A 1340 -66.65 -52.10 -11.55
N CYS A 1341 -65.76 -52.92 -11.01
CA CYS A 1341 -66.11 -53.89 -9.98
C CYS A 1341 -64.93 -54.11 -9.03
N PHE A 1342 -65.23 -54.66 -7.86
CA PHE A 1342 -64.20 -54.97 -6.89
C PHE A 1342 -63.30 -56.10 -7.39
N GLY A 1343 -62.03 -56.04 -7.02
CA GLY A 1343 -61.06 -57.02 -7.43
C GLY A 1343 -60.10 -56.47 -8.46
N PRO A 1344 -59.37 -57.36 -9.14
CA PRO A 1344 -58.38 -56.92 -10.14
C PRO A 1344 -59.06 -56.48 -11.43
N ASN A 1345 -59.07 -55.18 -11.68
CA ASN A 1345 -59.54 -54.65 -12.95
C ASN A 1345 -58.43 -54.74 -13.99
N HIS A 1346 -58.72 -55.38 -15.12
CA HIS A 1346 -57.70 -55.67 -16.11
C HIS A 1346 -57.81 -54.73 -17.30
N THR A 1347 -56.68 -54.08 -17.63
CA THR A 1347 -56.54 -53.30 -18.84
C THR A 1347 -55.30 -53.81 -19.58
N LEU A 1348 -55.14 -53.41 -20.83
CA LEU A 1348 -54.16 -54.02 -21.71
C LEU A 1348 -53.35 -52.96 -22.45
N TYR A 1349 -52.83 -51.98 -21.69
CA TYR A 1349 -52.08 -50.86 -22.25
C TYR A 1349 -50.99 -51.33 -23.22
N PRO A 1350 -51.15 -51.07 -24.52
CA PRO A 1350 -50.18 -51.58 -25.50
C PRO A 1350 -49.08 -50.58 -25.81
N MET A 1351 -47.95 -51.09 -26.30
CA MET A 1351 -46.82 -50.23 -26.65
C MET A 1351 -46.48 -50.37 -28.13
N VAL A 1352 -46.50 -49.25 -28.83
CA VAL A 1352 -46.11 -49.20 -30.24
C VAL A 1352 -44.97 -48.19 -30.38
N THR A 1353 -43.86 -48.62 -30.98
CA THR A 1353 -42.63 -47.84 -30.99
C THR A 1353 -41.99 -47.80 -32.37
N ARG A 1354 -41.30 -46.69 -32.61
CA ARG A 1354 -40.36 -46.56 -33.71
C ARG A 1354 -39.19 -45.71 -33.26
N TRP A 1355 -37.96 -46.09 -33.64
CA TRP A 1355 -36.85 -45.16 -33.52
C TRP A 1355 -37.19 -43.91 -34.33
N ARG A 1356 -36.95 -42.73 -33.77
CA ARG A 1356 -37.43 -41.54 -34.47
C ARG A 1356 -36.60 -41.34 -35.72
N ARG A 1357 -37.25 -41.00 -36.84
CA ARG A 1357 -36.50 -40.71 -38.04
C ARG A 1357 -36.00 -39.27 -37.97
N ASN A 1358 -34.83 -39.02 -38.57
CA ASN A 1358 -34.32 -37.65 -38.44
C ASN A 1358 -34.30 -36.89 -39.77
N GLU A 1359 -33.47 -37.31 -40.72
CA GLU A 1359 -33.58 -36.77 -42.07
C GLU A 1359 -33.24 -37.81 -43.13
N ASP A 1360 -32.54 -38.87 -42.71
CA ASP A 1360 -31.99 -39.86 -43.63
C ASP A 1360 -32.50 -41.27 -43.39
N GLY A 1361 -33.12 -41.51 -42.23
CA GLY A 1361 -33.53 -42.85 -41.86
C GLY A 1361 -32.63 -43.40 -40.78
N ALA A 1362 -31.34 -43.10 -40.90
CA ALA A 1362 -30.38 -43.53 -39.88
C ALA A 1362 -30.69 -42.85 -38.56
N ILE A 1363 -31.03 -43.65 -37.55
CA ILE A 1363 -31.25 -43.15 -36.19
C ILE A 1363 -30.12 -42.26 -35.71
N CYS A 1364 -30.47 -41.01 -35.38
CA CYS A 1364 -29.52 -40.03 -34.88
C CYS A 1364 -29.26 -40.28 -33.40
N ARG A 1365 -27.98 -40.38 -33.06
CA ARG A 1365 -27.57 -40.73 -31.70
C ARG A 1365 -28.07 -39.70 -30.70
N LYS A 1366 -28.66 -40.19 -29.61
CA LYS A 1366 -29.10 -39.33 -28.52
C LYS A 1366 -27.92 -38.98 -27.64
N SER A 1367 -28.19 -38.47 -26.43
CA SER A 1367 -27.13 -38.01 -25.53
C SER A 1367 -26.04 -39.06 -25.33
N ILE A 1368 -26.42 -40.29 -24.99
CA ILE A 1368 -25.44 -41.38 -24.87
C ILE A 1368 -25.86 -42.55 -25.74
N LYS A 1369 -27.01 -43.14 -25.42
CA LYS A 1369 -27.52 -44.31 -26.11
C LYS A 1369 -28.59 -43.90 -27.11
N LYS A 1370 -29.28 -44.90 -27.65
CA LYS A 1370 -30.18 -44.66 -28.77
C LYS A 1370 -31.55 -44.24 -28.23
N MET A 1371 -32.38 -43.68 -29.11
CA MET A 1371 -33.60 -42.99 -28.71
C MET A 1371 -34.78 -43.48 -29.56
N LEU A 1372 -35.95 -43.64 -28.93
CA LEU A 1372 -37.14 -44.13 -29.59
C LEU A 1372 -38.32 -43.17 -29.42
N GLU A 1373 -39.42 -43.51 -30.07
CA GLU A 1373 -40.67 -42.75 -30.02
C GLU A 1373 -41.84 -43.69 -29.73
N VAL A 1374 -42.93 -43.13 -29.22
CA VAL A 1374 -44.19 -43.85 -29.02
C VAL A 1374 -45.33 -43.00 -29.56
N LEU A 1375 -46.45 -43.67 -29.83
CA LEU A 1375 -47.66 -43.00 -30.33
C LEU A 1375 -48.62 -42.77 -29.16
N VAL A 1376 -48.80 -41.52 -28.79
CA VAL A 1376 -49.66 -41.15 -27.67
C VAL A 1376 -50.88 -40.40 -28.21
N VAL A 1377 -51.96 -40.41 -27.41
CA VAL A 1377 -53.24 -39.86 -27.82
C VAL A 1377 -53.72 -38.87 -26.76
N LYS A 1378 -54.31 -37.77 -27.18
CA LYS A 1378 -54.79 -36.73 -26.29
C LYS A 1378 -56.27 -36.47 -26.54
N LEU A 1379 -57.11 -37.02 -25.68
CA LEU A 1379 -58.52 -36.69 -25.69
C LEU A 1379 -58.67 -35.28 -25.13
N PRO A 1380 -59.73 -34.53 -25.51
CA PRO A 1380 -59.78 -33.10 -25.13
C PRO A 1380 -59.74 -32.87 -23.63
N LEU A 1381 -60.63 -33.51 -22.87
CA LEU A 1381 -60.75 -33.26 -21.43
C LEU A 1381 -59.66 -34.03 -20.68
N SER A 1382 -58.42 -33.57 -20.86
CA SER A 1382 -57.27 -34.16 -20.19
C SER A 1382 -56.15 -33.12 -20.17
N GLU A 1383 -55.03 -33.48 -19.52
CA GLU A 1383 -53.86 -32.62 -19.49
C GLU A 1383 -52.57 -33.41 -19.72
N HIS A 1384 -52.68 -34.66 -20.16
CA HIS A 1384 -51.50 -35.47 -20.43
C HIS A 1384 -51.74 -36.36 -21.64
N TRP A 1385 -50.65 -36.77 -22.27
CA TRP A 1385 -50.65 -37.53 -23.52
C TRP A 1385 -50.72 -39.03 -23.19
N ALA A 1386 -51.92 -39.47 -22.80
CA ALA A 1386 -52.10 -40.82 -22.27
C ALA A 1386 -51.82 -41.87 -23.33
N LEU A 1387 -51.43 -43.07 -22.87
CA LEU A 1387 -51.17 -44.17 -23.76
C LEU A 1387 -52.46 -44.66 -24.40
N PRO A 1388 -52.40 -45.20 -25.63
CA PRO A 1388 -53.62 -45.64 -26.34
C PRO A 1388 -54.07 -47.04 -25.93
N GLY A 1389 -54.65 -47.14 -24.74
CA GLY A 1389 -55.17 -48.42 -24.27
C GLY A 1389 -55.84 -48.26 -22.92
N GLY A 1390 -56.64 -49.26 -22.59
CA GLY A 1390 -57.39 -49.25 -21.34
C GLY A 1390 -58.22 -50.49 -21.11
N SER A 1391 -59.44 -50.30 -20.59
CA SER A 1391 -60.29 -51.40 -20.13
C SER A 1391 -60.54 -52.42 -21.22
N ARG A 1392 -60.15 -53.67 -20.98
CA ARG A 1392 -60.31 -54.73 -21.98
C ARG A 1392 -61.70 -55.34 -21.91
N GLU A 1393 -62.52 -55.05 -22.92
CA GLU A 1393 -63.81 -55.72 -23.05
C GLU A 1393 -63.55 -57.21 -23.31
N PRO A 1394 -64.17 -58.12 -22.55
CA PRO A 1394 -63.96 -59.56 -22.80
C PRO A 1394 -64.12 -59.95 -24.26
N GLY A 1395 -63.13 -60.69 -24.77
CA GLY A 1395 -63.15 -61.15 -26.14
C GLY A 1395 -62.80 -60.09 -27.17
N GLU A 1396 -62.23 -58.97 -26.73
CA GLU A 1396 -61.83 -57.91 -27.64
C GLU A 1396 -60.35 -58.00 -27.96
N MET A 1397 -59.52 -58.21 -26.94
CA MET A 1397 -58.07 -58.40 -27.07
C MET A 1397 -57.40 -57.09 -27.50
N LEU A 1398 -58.19 -56.06 -27.79
CA LEU A 1398 -57.67 -54.75 -28.11
C LEU A 1398 -58.34 -53.73 -27.20
N PRO A 1399 -57.56 -52.88 -26.50
CA PRO A 1399 -58.07 -52.28 -25.26
C PRO A 1399 -59.02 -51.11 -25.41
N ARG A 1400 -60.01 -51.22 -26.32
CA ARG A 1400 -61.22 -50.42 -26.29
C ARG A 1400 -60.97 -48.94 -26.61
N LYS A 1401 -59.71 -48.53 -26.66
CA LYS A 1401 -59.37 -47.14 -27.00
C LYS A 1401 -58.45 -47.08 -28.21
N LEU A 1402 -57.69 -48.13 -28.46
CA LEU A 1402 -56.98 -48.25 -29.73
C LEU A 1402 -57.95 -48.97 -30.66
N LYS A 1403 -59.16 -49.23 -30.13
CA LYS A 1403 -60.26 -49.82 -30.89
C LYS A 1403 -61.32 -48.78 -31.26
N ARG A 1404 -61.24 -47.56 -30.74
CA ARG A 1404 -62.27 -46.55 -30.93
C ARG A 1404 -61.66 -45.18 -30.70
N ILE A 1405 -62.16 -44.19 -31.45
CA ILE A 1405 -61.64 -42.82 -31.44
C ILE A 1405 -60.21 -42.85 -31.97
N LEU A 1406 -59.87 -43.98 -32.60
CA LEU A 1406 -58.57 -44.22 -33.23
C LEU A 1406 -58.81 -45.08 -34.45
N ARG A 1407 -57.77 -45.75 -34.96
CA ARG A 1407 -57.89 -46.51 -36.20
C ARG A 1407 -59.06 -47.49 -36.12
N GLN A 1408 -59.92 -47.40 -37.14
CA GLN A 1408 -61.13 -48.21 -37.23
C GLN A 1408 -61.30 -48.64 -38.67
N GLU A 1409 -62.09 -49.71 -38.87
CA GLU A 1409 -62.18 -50.39 -40.16
C GLU A 1409 -60.80 -50.84 -40.59
N HIS A 1410 -59.94 -51.10 -39.60
CA HIS A 1410 -58.55 -51.49 -39.87
C HIS A 1410 -58.07 -52.56 -38.91
N TRP A 1411 -58.94 -53.06 -38.01
CA TRP A 1411 -58.59 -53.95 -36.91
C TRP A 1411 -57.85 -55.24 -37.29
N PRO A 1412 -58.35 -56.04 -38.28
CA PRO A 1412 -57.84 -57.41 -38.43
C PRO A 1412 -56.32 -57.55 -38.46
N SER A 1413 -55.61 -56.55 -38.98
CA SER A 1413 -54.16 -56.62 -39.11
C SER A 1413 -53.43 -56.57 -37.78
N PHE A 1414 -53.57 -55.47 -37.04
CA PHE A 1414 -52.87 -55.37 -35.76
C PHE A 1414 -53.53 -56.25 -34.70
N GLU A 1415 -54.78 -56.67 -34.93
CA GLU A 1415 -55.35 -57.73 -34.12
C GLU A 1415 -54.81 -59.10 -34.49
N ASN A 1416 -54.07 -59.21 -35.59
CA ASN A 1416 -53.32 -60.41 -35.93
C ASN A 1416 -51.84 -60.22 -35.65
N LEU A 1417 -51.47 -59.05 -35.13
CA LEU A 1417 -50.07 -58.77 -34.79
C LEU A 1417 -49.86 -58.71 -33.29
N LEU A 1418 -50.94 -58.54 -32.52
CA LEU A 1418 -50.79 -58.43 -31.07
C LEU A 1418 -50.43 -59.76 -30.44
N LYS A 1419 -50.68 -60.86 -31.14
CA LYS A 1419 -50.18 -62.15 -30.66
C LYS A 1419 -48.76 -62.38 -31.20
N CYS A 1420 -47.92 -61.36 -31.08
CA CYS A 1420 -46.52 -61.44 -31.48
C CYS A 1420 -45.73 -60.33 -30.79
N GLY A 1421 -45.00 -60.66 -29.74
CA GLY A 1421 -44.22 -59.65 -29.05
C GLY A 1421 -43.93 -60.07 -27.63
N MET A 1422 -43.09 -59.25 -26.97
CA MET A 1422 -42.67 -59.53 -25.61
C MET A 1422 -43.55 -58.79 -24.60
N GLU A 1423 -43.76 -59.43 -23.46
CA GLU A 1423 -44.45 -58.80 -22.35
C GLU A 1423 -43.41 -58.07 -21.49
N VAL A 1424 -43.78 -56.90 -20.95
CA VAL A 1424 -42.83 -56.11 -20.20
C VAL A 1424 -43.30 -55.94 -18.76
N TYR A 1425 -44.61 -55.97 -18.54
CA TYR A 1425 -45.12 -55.85 -17.18
C TYR A 1425 -46.52 -56.44 -17.03
N LYS A 1426 -46.61 -57.61 -16.42
CA LYS A 1426 -47.89 -58.20 -16.06
C LYS A 1426 -48.13 -58.04 -14.56
N GLY A 1427 -48.77 -56.96 -14.15
CA GLY A 1427 -48.92 -56.70 -12.74
C GLY A 1427 -49.81 -55.51 -12.43
N TYR A 1428 -49.45 -54.83 -11.34
CA TYR A 1428 -50.26 -53.78 -10.74
C TYR A 1428 -49.73 -52.41 -11.10
N MET A 1429 -50.64 -51.46 -11.31
CA MET A 1429 -50.25 -50.08 -11.57
C MET A 1429 -50.36 -49.26 -10.29
N ASP A 1430 -49.69 -48.11 -10.26
CA ASP A 1430 -49.91 -47.14 -9.21
C ASP A 1430 -50.87 -46.06 -9.70
N ASP A 1431 -52.15 -46.42 -9.85
CA ASP A 1431 -53.16 -45.45 -10.23
C ASP A 1431 -53.55 -44.58 -9.03
N PRO A 1432 -53.96 -43.34 -9.26
CA PRO A 1432 -54.51 -42.53 -8.16
C PRO A 1432 -55.95 -42.89 -7.86
N ARG A 1433 -56.51 -43.81 -8.64
CA ARG A 1433 -57.90 -44.20 -8.51
C ARG A 1433 -58.11 -45.47 -7.70
N ASN A 1434 -57.07 -46.01 -7.07
CA ASN A 1434 -57.18 -47.27 -6.37
C ASN A 1434 -57.82 -47.09 -5.00
N THR A 1435 -58.22 -48.21 -4.41
CA THR A 1435 -58.84 -48.23 -3.10
C THR A 1435 -58.51 -49.54 -2.42
N ASP A 1436 -58.90 -49.65 -1.15
CA ASP A 1436 -58.56 -50.84 -0.36
C ASP A 1436 -59.33 -52.08 -0.81
N ASN A 1437 -60.41 -51.91 -1.57
CA ASN A 1437 -61.25 -53.02 -1.98
C ASN A 1437 -61.33 -53.19 -3.49
N ALA A 1438 -60.47 -52.50 -4.24
CA ALA A 1438 -60.45 -52.64 -5.69
C ALA A 1438 -59.11 -52.12 -6.21
N TRP A 1439 -58.66 -52.71 -7.32
CA TRP A 1439 -57.39 -52.33 -7.93
C TRP A 1439 -57.44 -52.64 -9.42
N ILE A 1440 -56.49 -52.07 -10.16
CA ILE A 1440 -56.44 -52.17 -11.61
C ILE A 1440 -55.10 -52.82 -11.99
N GLU A 1441 -55.13 -53.73 -12.95
CA GLU A 1441 -53.95 -54.45 -13.39
C GLU A 1441 -53.79 -54.37 -14.91
N THR A 1442 -52.56 -54.54 -15.38
CA THR A 1442 -52.26 -54.48 -16.80
C THR A 1442 -51.46 -55.70 -17.26
N VAL A 1443 -51.74 -56.13 -18.49
CA VAL A 1443 -50.78 -56.86 -19.30
C VAL A 1443 -50.24 -55.86 -20.30
N ALA A 1444 -48.92 -55.83 -20.49
CA ALA A 1444 -48.32 -54.78 -21.30
C ALA A 1444 -47.53 -55.36 -22.47
N VAL A 1445 -48.16 -55.40 -23.65
CA VAL A 1445 -47.47 -55.89 -24.83
C VAL A 1445 -46.79 -54.73 -25.56
N SER A 1446 -45.67 -55.05 -26.23
CA SER A 1446 -44.89 -54.07 -26.95
C SER A 1446 -44.59 -54.58 -28.35
N VAL A 1447 -44.70 -53.68 -29.33
CA VAL A 1447 -44.36 -54.00 -30.72
C VAL A 1447 -43.44 -52.91 -31.25
N HIS A 1448 -42.34 -53.32 -31.87
CA HIS A 1448 -41.37 -52.39 -32.44
C HIS A 1448 -41.29 -52.56 -33.96
N PHE A 1449 -40.98 -51.45 -34.64
CA PHE A 1449 -40.85 -51.41 -36.09
C PHE A 1449 -39.40 -51.07 -36.40
N GLN A 1450 -38.66 -52.08 -36.88
CA GLN A 1450 -37.23 -51.90 -37.12
C GLN A 1450 -36.96 -50.89 -38.23
N ASP A 1451 -37.70 -50.99 -39.33
CA ASP A 1451 -37.44 -50.15 -40.48
C ASP A 1451 -38.34 -48.91 -40.47
N GLN A 1452 -38.24 -48.13 -41.54
CA GLN A 1452 -39.02 -46.91 -41.74
C GLN A 1452 -39.97 -47.01 -42.91
N ASN A 1453 -39.59 -47.73 -43.97
CA ASN A 1453 -40.44 -47.90 -45.14
C ASN A 1453 -40.84 -49.36 -45.29
N ASP A 1454 -41.16 -50.01 -44.16
CA ASP A 1454 -41.55 -51.41 -44.17
C ASP A 1454 -43.00 -51.57 -44.58
N VAL A 1455 -43.55 -52.77 -44.42
CA VAL A 1455 -44.93 -53.04 -44.81
C VAL A 1455 -45.82 -52.91 -43.59
N GLU A 1456 -45.24 -52.51 -42.45
CA GLU A 1456 -46.00 -52.31 -41.22
C GLU A 1456 -46.24 -50.83 -40.99
N LEU A 1457 -45.20 -50.01 -41.17
CA LEU A 1457 -45.32 -48.57 -40.96
C LEU A 1457 -45.95 -47.91 -42.17
N ASN A 1458 -46.07 -48.64 -43.28
CA ASN A 1458 -46.76 -48.15 -44.46
C ASN A 1458 -48.24 -48.52 -44.46
N ARG A 1459 -48.67 -49.36 -43.52
CA ARG A 1459 -50.07 -49.69 -43.35
C ARG A 1459 -50.65 -49.33 -41.99
N LEU A 1460 -49.83 -48.91 -41.03
CA LEU A 1460 -50.32 -48.48 -39.72
C LEU A 1460 -50.69 -47.00 -39.73
N ASN A 1461 -49.73 -46.15 -40.10
CA ASN A 1461 -49.92 -44.71 -40.06
C ASN A 1461 -51.00 -44.24 -41.04
N SER A 1462 -50.87 -44.63 -42.31
CA SER A 1462 -51.83 -44.18 -43.31
C SER A 1462 -52.97 -45.17 -43.50
N ASN A 1463 -53.57 -45.62 -42.40
CA ASN A 1463 -54.80 -46.39 -42.46
C ASN A 1463 -55.68 -46.06 -41.27
N LEU A 1464 -55.24 -45.10 -40.45
CA LEU A 1464 -55.89 -44.83 -39.18
C LEU A 1464 -56.85 -43.66 -39.29
N HIS A 1465 -58.08 -43.85 -38.81
CA HIS A 1465 -59.02 -42.76 -38.66
C HIS A 1465 -58.57 -41.74 -37.63
N ALA A 1466 -58.19 -42.20 -36.43
CA ALA A 1466 -57.50 -41.39 -35.43
C ALA A 1466 -58.36 -40.25 -34.88
N CYS A 1467 -59.59 -40.11 -35.37
CA CYS A 1467 -60.49 -39.06 -34.91
C CYS A 1467 -61.93 -39.50 -35.14
N ASP A 1468 -62.58 -39.97 -34.08
CA ASP A 1468 -64.02 -40.21 -34.11
C ASP A 1468 -64.73 -39.10 -33.35
N SER A 1469 -64.36 -38.93 -32.09
CA SER A 1469 -64.89 -37.84 -31.27
C SER A 1469 -63.77 -37.25 -30.42
N GLY A 1470 -62.54 -37.67 -30.66
CA GLY A 1470 -61.39 -37.18 -29.91
C GLY A 1470 -60.85 -35.89 -30.46
N ALA A 1471 -59.62 -35.54 -30.09
CA ALA A 1471 -59.07 -34.25 -30.53
C ALA A 1471 -57.60 -34.32 -30.93
N SER A 1472 -56.97 -35.50 -30.84
CA SER A 1472 -55.54 -35.55 -31.14
C SER A 1472 -54.99 -36.96 -31.32
N ILE A 1473 -53.89 -37.05 -32.08
CA ILE A 1473 -53.02 -38.22 -32.16
C ILE A 1473 -51.65 -37.70 -32.60
N ARG A 1474 -50.59 -38.17 -31.94
CA ARG A 1474 -49.27 -37.59 -32.19
C ARG A 1474 -48.14 -38.47 -31.66
N TRP A 1475 -47.19 -38.82 -32.52
CA TRP A 1475 -46.00 -39.53 -32.09
C TRP A 1475 -45.12 -38.60 -31.25
N GLN A 1476 -44.70 -39.09 -30.09
CA GLN A 1476 -44.00 -38.26 -29.11
C GLN A 1476 -42.65 -38.90 -28.78
N VAL A 1477 -41.67 -38.05 -28.50
CA VAL A 1477 -40.31 -38.48 -28.20
C VAL A 1477 -40.25 -38.92 -26.74
N VAL A 1478 -39.73 -40.12 -26.50
CA VAL A 1478 -39.80 -40.73 -25.18
C VAL A 1478 -38.65 -40.26 -24.32
N ASP A 1479 -38.84 -39.14 -23.63
CA ASP A 1479 -37.80 -38.58 -22.76
C ASP A 1479 -38.13 -38.77 -21.29
N ARG A 1480 -37.28 -38.25 -20.41
CA ARG A 1480 -37.47 -38.36 -18.97
C ARG A 1480 -38.67 -37.57 -18.45
N ARG A 1481 -39.17 -36.59 -19.22
CA ARG A 1481 -40.25 -35.74 -18.76
C ARG A 1481 -41.39 -35.65 -19.76
N ILE A 1482 -41.86 -36.79 -20.27
CA ILE A 1482 -43.00 -36.83 -21.18
C ILE A 1482 -44.21 -36.26 -20.47
N PRO A 1483 -45.00 -35.39 -21.11
CA PRO A 1483 -46.29 -34.99 -20.53
C PRO A 1483 -47.31 -36.12 -20.57
N LEU A 1484 -46.94 -37.26 -19.97
CA LEU A 1484 -47.79 -38.45 -19.92
C LEU A 1484 -48.26 -38.66 -18.49
N TYR A 1485 -49.27 -39.50 -18.30
CA TYR A 1485 -49.72 -39.91 -16.97
C TYR A 1485 -48.57 -40.64 -16.29
N ALA A 1486 -48.23 -40.20 -15.08
CA ALA A 1486 -47.06 -40.71 -14.35
C ALA A 1486 -47.10 -42.23 -14.21
N ASN A 1487 -48.30 -42.78 -14.03
CA ASN A 1487 -48.46 -44.23 -13.93
C ASN A 1487 -48.00 -44.91 -15.21
N HIS A 1488 -48.37 -44.36 -16.36
CA HIS A 1488 -47.90 -44.87 -17.65
C HIS A 1488 -46.42 -44.62 -17.87
N LYS A 1489 -45.90 -43.47 -17.41
CA LYS A 1489 -44.47 -43.21 -17.46
C LYS A 1489 -43.67 -44.23 -16.67
N THR A 1490 -44.27 -44.85 -15.64
CA THR A 1490 -43.62 -45.99 -14.99
C THR A 1490 -43.47 -47.16 -15.95
N LEU A 1491 -44.51 -47.44 -16.75
CA LEU A 1491 -44.44 -48.52 -17.71
C LEU A 1491 -43.36 -48.28 -18.75
N LEU A 1492 -43.28 -47.05 -19.26
CA LEU A 1492 -42.27 -46.73 -20.27
C LEU A 1492 -40.86 -46.83 -19.71
N GLN A 1493 -40.71 -46.52 -18.41
CA GLN A 1493 -39.41 -46.54 -17.76
C GLN A 1493 -38.83 -47.94 -17.68
N LYS A 1494 -39.69 -48.96 -17.83
CA LYS A 1494 -39.23 -50.34 -17.84
C LYS A 1494 -39.40 -50.98 -19.20
N ALA A 1495 -40.07 -50.30 -20.13
CA ALA A 1495 -40.31 -50.86 -21.45
C ALA A 1495 -39.28 -50.37 -22.47
N ALA A 1496 -38.95 -49.08 -22.42
CA ALA A 1496 -37.94 -48.52 -23.31
C ALA A 1496 -36.56 -49.06 -22.96
N ALA A 1497 -36.39 -49.51 -21.73
CA ALA A 1497 -35.12 -50.05 -21.24
C ALA A 1497 -34.79 -51.43 -21.81
N GLU A 1498 -35.72 -52.09 -22.51
CA GLU A 1498 -35.47 -53.40 -23.09
C GLU A 1498 -34.61 -53.34 -24.34
N PHE A 1499 -34.37 -52.16 -24.90
CA PHE A 1499 -33.54 -51.99 -26.07
C PHE A 1499 -32.31 -51.13 -25.84
N GLY A 1500 -32.25 -50.39 -24.73
CA GLY A 1500 -31.13 -49.51 -24.46
C GLY A 1500 -31.43 -48.07 -24.81
N ALA A 1501 -32.64 -47.62 -24.50
CA ALA A 1501 -33.09 -46.29 -24.88
C ALA A 1501 -32.82 -45.27 -23.77
N HIS A 1502 -33.23 -44.02 -24.02
CA HIS A 1502 -33.18 -42.94 -23.02
C HIS A 1502 -34.62 -42.51 -22.72
N TYR A 1503 -35.14 -42.97 -21.59
CA TYR A 1503 -36.35 -42.38 -21.06
C TYR A 1503 -35.99 -41.15 -20.24
N ILE B 67 -16.89 22.94 67.66
CA ILE B 67 -16.10 21.77 68.04
C ILE B 67 -17.01 20.58 68.29
N LYS B 68 -17.10 19.69 67.29
CA LYS B 68 -17.94 18.51 67.42
C LYS B 68 -17.21 17.40 68.17
N LYS B 69 -16.84 17.67 69.42
CA LYS B 69 -16.19 16.66 70.26
C LYS B 69 -17.16 16.06 71.26
N LYS B 70 -18.30 16.71 71.51
CA LYS B 70 -19.31 16.22 72.44
C LYS B 70 -20.13 15.07 71.86
N GLU B 71 -19.74 14.55 70.69
CA GLU B 71 -20.45 13.45 70.06
C GLU B 71 -19.56 12.22 69.94
N CYS B 72 -18.34 12.40 69.44
CA CYS B 72 -17.40 11.29 69.32
C CYS B 72 -16.78 10.97 70.67
N VAL B 73 -16.26 9.75 70.81
CA VAL B 73 -15.83 9.21 72.10
C VAL B 73 -14.51 8.46 71.97
N TYR B 74 -13.90 8.19 73.12
CA TYR B 74 -12.74 7.33 73.25
C TYR B 74 -13.02 5.87 72.93
N PHE B 75 -13.95 5.26 73.68
CA PHE B 75 -14.07 3.81 73.82
C PHE B 75 -12.81 3.29 74.50
N VAL B 76 -12.14 4.17 75.25
CA VAL B 76 -10.97 3.81 76.04
C VAL B 76 -11.41 2.84 77.11
N GLU B 77 -10.47 2.07 77.66
CA GLU B 77 -10.80 0.90 78.45
C GLU B 77 -10.20 1.02 79.84
N SER B 78 -11.02 0.79 80.86
CA SER B 78 -10.59 0.78 82.25
C SER B 78 -10.02 -0.60 82.61
N SER B 79 -8.94 -0.96 81.92
CA SER B 79 -8.39 -2.30 82.00
C SER B 79 -7.68 -2.54 83.32
N LYS B 80 -8.38 -3.12 84.29
CA LYS B 80 -7.77 -3.49 85.56
C LYS B 80 -6.65 -4.48 85.33
N LEU B 81 -5.49 -4.25 85.96
CA LEU B 81 -4.31 -5.07 85.71
C LEU B 81 -4.53 -6.50 86.21
N SER B 82 -4.78 -7.42 85.27
CA SER B 82 -5.06 -8.81 85.60
C SER B 82 -4.35 -9.74 84.62
N ASP B 83 -3.14 -9.38 84.21
CA ASP B 83 -2.43 -10.20 83.24
C ASP B 83 -0.92 -10.00 83.32
N ALA B 84 -0.17 -10.93 82.73
CA ALA B 84 1.28 -10.80 82.58
C ALA B 84 1.75 -11.64 81.40
N GLY B 85 2.01 -11.00 80.26
CA GLY B 85 2.36 -11.73 79.07
C GLY B 85 3.81 -11.59 78.65
N LYS B 86 4.54 -10.72 79.35
CA LYS B 86 5.95 -10.46 79.07
C LYS B 86 6.17 -10.11 77.61
N VAL B 87 5.58 -9.01 77.15
CA VAL B 87 5.72 -8.55 75.78
C VAL B 87 6.54 -7.26 75.77
N VAL B 88 7.40 -7.12 74.75
CA VAL B 88 8.35 -6.03 74.58
C VAL B 88 8.89 -5.57 75.93
N CYS B 89 9.53 -6.48 76.65
CA CYS B 89 10.19 -6.22 77.94
C CYS B 89 9.30 -5.44 78.91
N GLN B 90 8.02 -5.76 78.94
CA GLN B 90 7.08 -5.10 79.83
C GLN B 90 6.22 -6.16 80.51
N CYS B 91 5.25 -5.72 81.32
CA CYS B 91 4.37 -6.64 82.03
C CYS B 91 2.94 -6.11 82.02
N GLY B 92 2.05 -6.79 82.75
CA GLY B 92 0.67 -6.36 82.85
C GLY B 92 -0.11 -6.58 81.58
N TYR B 93 -1.37 -6.15 81.56
CA TYR B 93 -2.18 -6.16 80.35
C TYR B 93 -1.67 -5.07 79.42
N THR B 94 -2.19 -5.08 78.18
CA THR B 94 -1.78 -4.12 77.18
C THR B 94 -1.82 -2.70 77.73
N HIS B 95 -0.68 -2.00 77.61
CA HIS B 95 -0.36 -0.66 78.11
C HIS B 95 0.50 -0.73 79.37
N GLU B 96 0.57 0.37 80.09
CA GLU B 96 1.47 0.57 81.21
C GLU B 96 0.84 1.54 82.20
N GLN B 97 1.65 2.23 82.99
CA GLN B 97 1.14 3.19 83.97
C GLN B 97 0.11 4.15 83.40
N HIS B 98 -0.01 4.22 82.07
CA HIS B 98 -1.10 4.95 81.42
C HIS B 98 -2.35 4.10 81.23
N LEU B 99 -2.40 2.90 81.80
CA LEU B 99 -3.58 2.05 81.70
C LEU B 99 -4.70 2.53 82.61
N GLU B 100 -4.37 3.29 83.65
CA GLU B 100 -5.35 3.86 84.57
C GLU B 100 -5.57 5.33 84.23
N GLU B 101 -6.60 5.58 83.42
CA GLU B 101 -6.87 6.92 82.91
C GLU B 101 -7.23 7.89 84.03
N ALA B 102 -8.41 7.71 84.63
CA ALA B 102 -8.84 8.54 85.75
C ALA B 102 -9.54 7.75 86.84
N THR B 103 -10.12 6.60 86.47
CA THR B 103 -10.92 5.84 87.43
C THR B 103 -10.10 4.74 88.08
N LYS B 104 -9.03 4.29 87.40
CA LYS B 104 -7.98 3.42 87.89
C LYS B 104 -8.46 1.98 87.96
N PRO B 105 -7.55 1.01 88.14
CA PRO B 105 -8.00 -0.38 88.34
C PRO B 105 -8.43 -0.62 89.77
N HIS B 106 -9.56 -0.03 90.17
CA HIS B 106 -9.87 0.13 91.58
C HIS B 106 -11.24 -0.48 91.88
N THR B 107 -11.61 -0.40 93.16
CA THR B 107 -12.87 -0.88 93.70
C THR B 107 -13.00 -2.39 93.49
N PHE B 108 -13.99 -2.83 92.70
CA PHE B 108 -14.14 -4.26 92.45
C PHE B 108 -14.45 -4.55 90.99
N GLN B 109 -14.42 -3.55 90.11
CA GLN B 109 -14.76 -3.71 88.71
C GLN B 109 -13.65 -4.52 88.04
N GLY B 110 -13.93 -5.79 87.77
CA GLY B 110 -12.95 -6.68 87.18
C GLY B 110 -12.54 -7.85 88.04
N THR B 111 -12.99 -9.04 87.67
CA THR B 111 -12.47 -10.30 88.20
C THR B 111 -11.95 -11.22 87.12
N GLN B 112 -12.69 -11.37 86.02
CA GLN B 112 -12.19 -11.90 84.76
C GLN B 112 -12.42 -10.83 83.72
N TRP B 113 -11.39 -10.50 82.94
CA TRP B 113 -11.50 -9.31 82.10
C TRP B 113 -12.44 -9.52 80.93
N ASP B 114 -13.72 -9.31 81.16
CA ASP B 114 -14.76 -9.34 80.15
C ASP B 114 -14.65 -8.08 79.29
N PRO B 115 -14.51 -8.21 77.96
CA PRO B 115 -14.37 -7.05 77.08
C PRO B 115 -15.69 -6.35 76.76
N LYS B 116 -16.71 -6.65 77.56
CA LYS B 116 -18.04 -6.08 77.32
C LYS B 116 -18.55 -5.32 78.55
N LYS B 117 -18.05 -5.67 79.74
CA LYS B 117 -18.66 -5.15 80.97
C LYS B 117 -18.42 -3.64 81.10
N HIS B 118 -17.20 -3.18 80.83
CA HIS B 118 -16.84 -1.80 81.18
C HIS B 118 -15.79 -1.29 80.20
N VAL B 119 -16.25 -0.63 79.13
CA VAL B 119 -15.35 -0.04 78.14
C VAL B 119 -15.76 1.44 78.02
N GLN B 120 -16.11 2.03 79.17
CA GLN B 120 -16.78 3.32 79.31
C GLN B 120 -16.30 4.36 78.31
N GLU B 121 -17.28 5.08 77.73
CA GLU B 121 -17.12 5.93 76.56
C GLU B 121 -16.97 7.37 77.00
N MET B 122 -15.75 7.91 76.93
CA MET B 122 -15.51 9.33 77.15
C MET B 122 -15.19 10.05 75.85
N PRO B 123 -15.48 11.34 75.75
CA PRO B 123 -15.28 12.07 74.50
C PRO B 123 -13.80 12.14 74.10
N THR B 124 -13.59 12.32 72.79
CA THR B 124 -12.28 12.16 72.18
C THR B 124 -11.28 13.21 72.68
N ASP B 125 -10.01 12.98 72.38
CA ASP B 125 -8.95 13.94 72.65
C ASP B 125 -7.98 14.03 71.48
N ALA B 126 -8.26 13.33 70.39
CA ALA B 126 -7.43 13.35 69.19
C ALA B 126 -8.32 13.71 68.00
N PHE B 127 -8.49 15.02 67.79
CA PHE B 127 -9.26 15.55 66.67
C PHE B 127 -8.57 16.84 66.22
N GLY B 128 -7.74 16.73 65.19
CA GLY B 128 -6.99 17.88 64.73
C GLY B 128 -6.51 17.82 63.29
N ASP B 129 -5.25 18.20 63.09
CA ASP B 129 -4.68 18.32 61.75
C ASP B 129 -3.20 17.96 61.85
N ILE B 130 -2.81 16.83 61.26
CA ILE B 130 -1.44 16.32 61.39
C ILE B 130 -0.62 16.72 60.18
N VAL B 131 0.61 17.17 60.45
CA VAL B 131 1.56 17.55 59.41
C VAL B 131 2.85 16.76 59.64
N PHE B 132 3.37 16.17 58.57
CA PHE B 132 4.62 15.43 58.66
C PHE B 132 5.81 16.39 58.64
N THR B 133 6.99 15.84 58.94
CA THR B 133 8.15 16.69 59.20
C THR B 133 8.56 17.50 57.98
N GLY B 134 9.07 16.84 56.96
CA GLY B 134 9.45 17.52 55.73
C GLY B 134 9.11 16.74 54.49
N LEU B 135 8.60 15.51 54.67
CA LEU B 135 8.33 14.61 53.57
C LEU B 135 7.14 15.12 52.76
N SER B 136 6.22 15.82 53.41
CA SER B 136 5.08 16.40 52.72
C SER B 136 4.58 17.65 53.45
N GLN B 137 4.94 18.83 52.95
CA GLN B 137 4.48 20.08 53.55
C GLN B 137 3.02 20.33 53.19
N LYS B 138 2.11 19.78 54.00
CA LYS B 138 0.68 19.88 53.73
C LYS B 138 -0.10 19.87 55.03
N VAL B 139 -1.42 19.71 54.94
CA VAL B 139 -2.27 19.58 56.13
C VAL B 139 -3.15 18.36 55.96
N LYS B 140 -3.14 17.49 56.96
CA LYS B 140 -3.96 16.27 56.96
C LYS B 140 -4.69 16.16 58.29
N LYS B 141 -6.00 15.96 58.21
CA LYS B 141 -6.86 15.97 59.39
C LYS B 141 -7.19 14.55 59.83
N TYR B 142 -7.12 14.33 61.14
CA TYR B 142 -7.30 13.00 61.72
C TYR B 142 -8.25 13.08 62.91
N VAL B 143 -8.91 11.96 63.18
CA VAL B 143 -9.83 11.83 64.30
C VAL B 143 -9.63 10.47 64.95
N ARG B 144 -9.77 10.41 66.27
CA ARG B 144 -9.71 9.15 67.01
C ARG B 144 -11.13 8.74 67.35
N VAL B 145 -11.78 8.04 66.41
CA VAL B 145 -13.15 7.59 66.59
C VAL B 145 -13.16 6.29 67.36
N SER B 146 -14.34 5.88 67.85
CA SER B 146 -14.47 4.61 68.54
C SER B 146 -14.94 3.53 67.57
N GLN B 147 -15.18 2.33 68.08
CA GLN B 147 -15.73 1.25 67.28
C GLN B 147 -17.25 1.24 67.30
N ASP B 148 -17.88 2.05 68.15
CA ASP B 148 -19.33 2.08 68.27
C ASP B 148 -19.97 3.36 67.79
N THR B 149 -19.20 4.34 67.32
CA THR B 149 -19.79 5.55 66.77
C THR B 149 -20.59 5.22 65.52
N PRO B 150 -21.85 5.64 65.44
CA PRO B 150 -22.66 5.36 64.24
C PRO B 150 -22.08 6.05 63.02
N SER B 151 -22.33 5.47 61.85
CA SER B 151 -21.89 6.10 60.62
C SER B 151 -22.88 7.17 60.18
N SER B 152 -23.29 8.02 61.13
CA SER B 152 -24.02 9.24 60.86
C SER B 152 -23.53 10.42 61.68
N VAL B 153 -22.76 10.20 62.74
CA VAL B 153 -22.09 11.27 63.49
C VAL B 153 -20.83 11.62 62.72
N ILE B 154 -20.44 10.76 61.80
CA ILE B 154 -19.20 10.92 61.06
C ILE B 154 -19.48 11.30 59.62
N TYR B 155 -20.61 10.84 59.06
CA TYR B 155 -20.98 11.31 57.73
C TYR B 155 -21.43 12.76 57.81
N HIS B 156 -22.07 13.13 58.93
CA HIS B 156 -22.38 14.53 59.21
C HIS B 156 -21.13 15.31 59.54
N LEU B 157 -20.00 14.62 59.67
CA LEU B 157 -18.73 15.21 60.06
C LEU B 157 -17.72 15.29 58.92
N MET B 158 -17.69 14.32 57.99
CA MET B 158 -16.86 14.50 56.80
C MET B 158 -17.54 15.46 55.81
N THR B 159 -18.87 15.36 55.69
CA THR B 159 -19.60 16.20 54.76
C THR B 159 -19.44 17.67 55.14
N GLN B 160 -19.95 18.07 56.31
CA GLN B 160 -19.70 19.40 56.84
C GLN B 160 -19.26 19.31 58.30
N HIS B 161 -18.00 18.90 58.50
CA HIS B 161 -17.19 19.37 59.61
C HIS B 161 -15.74 19.33 59.16
N TRP B 162 -15.53 18.91 57.92
CA TRP B 162 -14.22 18.65 57.33
C TRP B 162 -14.00 19.38 56.02
N GLY B 163 -15.04 19.50 55.19
CA GLY B 163 -14.89 20.07 53.87
C GLY B 163 -14.70 19.01 52.79
N LEU B 164 -15.59 18.02 52.78
CA LEU B 164 -15.55 16.96 51.78
C LEU B 164 -16.87 16.93 51.04
N ASP B 165 -16.81 16.50 49.78
CA ASP B 165 -17.97 16.49 48.90
C ASP B 165 -18.75 15.19 49.08
N VAL B 166 -19.70 14.92 48.20
CA VAL B 166 -20.46 13.68 48.17
C VAL B 166 -19.87 12.78 47.10
N PRO B 167 -19.42 11.58 47.43
CA PRO B 167 -18.68 10.75 46.48
C PRO B 167 -19.60 10.16 45.42
N ASN B 168 -18.98 9.65 44.36
CA ASN B 168 -19.68 8.88 43.33
C ASN B 168 -19.06 7.52 43.07
N LEU B 169 -17.90 7.21 43.68
CA LEU B 169 -17.26 5.91 43.51
C LEU B 169 -16.34 5.68 44.69
N LEU B 170 -16.32 4.44 45.19
CA LEU B 170 -15.78 4.10 46.51
C LEU B 170 -14.84 2.90 46.43
N ILE B 171 -13.85 2.97 45.54
CA ILE B 171 -12.86 1.91 45.40
C ILE B 171 -12.27 1.58 46.78
N SER B 172 -12.38 0.32 47.18
CA SER B 172 -11.82 -0.16 48.44
C SER B 172 -10.60 -1.02 48.11
N VAL B 173 -9.41 -0.53 48.48
CA VAL B 173 -8.17 -1.20 48.17
C VAL B 173 -7.61 -1.78 49.47
N THR B 174 -7.82 -3.08 49.66
CA THR B 174 -7.27 -3.80 50.80
C THR B 174 -6.35 -4.92 50.31
N GLY B 175 -5.63 -5.53 51.25
CA GLY B 175 -4.69 -6.57 50.91
C GLY B 175 -3.87 -7.05 52.09
N GLY B 176 -2.55 -7.16 51.92
CA GLY B 176 -1.65 -7.61 52.96
C GLY B 176 -0.96 -6.45 53.66
N ALA B 177 -0.16 -6.81 54.65
CA ALA B 177 0.60 -5.83 55.43
C ALA B 177 1.89 -6.48 55.91
N LYS B 178 2.91 -5.63 56.06
CA LYS B 178 4.23 -6.00 56.61
C LYS B 178 4.85 -7.22 55.91
N ASN B 179 4.24 -7.64 54.80
CA ASN B 179 4.77 -8.73 53.97
C ASN B 179 4.28 -8.52 52.56
N PHE B 180 5.07 -7.87 51.71
CA PHE B 180 4.53 -7.42 50.44
C PHE B 180 5.68 -7.11 49.48
N ASN B 181 5.79 -7.92 48.44
CA ASN B 181 6.81 -7.71 47.40
C ASN B 181 6.11 -7.61 46.04
N MET B 182 5.69 -6.41 45.69
CA MET B 182 4.84 -6.21 44.52
C MET B 182 5.65 -6.48 43.26
N LYS B 183 5.13 -7.37 42.41
CA LYS B 183 5.90 -7.82 41.25
C LYS B 183 6.18 -6.65 40.30
N PRO B 184 7.37 -6.62 39.68
CA PRO B 184 7.78 -5.42 38.91
C PRO B 184 6.85 -5.08 37.77
N ARG B 185 6.19 -6.08 37.19
CA ARG B 185 5.19 -5.84 36.16
C ARG B 185 3.81 -5.61 36.77
N LEU B 186 3.44 -6.40 37.78
CA LEU B 186 2.19 -6.16 38.48
C LEU B 186 2.20 -4.79 39.17
N LYS B 187 3.39 -4.35 39.61
CA LYS B 187 3.52 -3.02 40.19
C LYS B 187 3.15 -1.95 39.18
N SER B 188 3.24 -2.29 37.89
CA SER B 188 2.87 -1.36 36.82
C SER B 188 1.40 -1.42 36.44
N ILE B 189 0.82 -2.60 36.24
CA ILE B 189 -0.62 -2.68 36.02
C ILE B 189 -1.41 -2.10 37.19
N PHE B 190 -0.88 -2.16 38.42
CA PHE B 190 -1.61 -1.64 39.56
C PHE B 190 -1.83 -0.13 39.45
N ARG B 191 -0.77 0.66 39.23
CA ARG B 191 -0.98 2.10 39.22
C ARG B 191 -1.61 2.60 37.92
N ARG B 192 -1.32 1.98 36.77
CA ARG B 192 -2.11 2.33 35.58
C ARG B 192 -3.58 1.98 35.77
N GLY B 193 -3.88 1.07 36.70
CA GLY B 193 -5.26 0.70 36.97
C GLY B 193 -5.93 1.53 38.04
N LEU B 194 -5.16 2.14 38.94
CA LEU B 194 -5.73 2.81 40.10
C LEU B 194 -5.68 4.33 39.99
N VAL B 195 -4.87 4.89 39.09
CA VAL B 195 -4.81 6.35 39.00
C VAL B 195 -5.94 6.86 38.11
N LYS B 196 -6.33 6.07 37.11
CA LYS B 196 -7.36 6.47 36.16
C LYS B 196 -8.74 6.61 36.78
N VAL B 197 -9.11 5.74 37.72
CA VAL B 197 -10.39 5.86 38.42
C VAL B 197 -10.37 7.14 39.24
N ALA B 198 -9.21 7.49 39.78
CA ALA B 198 -9.04 8.74 40.52
C ALA B 198 -9.05 9.93 39.56
N GLN B 199 -8.54 9.73 38.35
CA GLN B 199 -8.53 10.80 37.36
C GLN B 199 -9.95 11.30 37.07
N THR B 200 -10.87 10.38 36.87
CA THR B 200 -12.25 10.73 36.51
C THR B 200 -13.13 10.81 37.75
N THR B 201 -14.43 11.02 37.53
CA THR B 201 -15.49 11.07 38.54
C THR B 201 -15.08 11.83 39.79
N GLY B 202 -15.57 11.39 40.95
CA GLY B 202 -15.25 12.00 42.23
C GLY B 202 -14.82 10.94 43.22
N ALA B 203 -14.03 9.98 42.75
CA ALA B 203 -13.76 8.75 43.48
C ALA B 203 -13.08 9.01 44.81
N TRP B 204 -13.47 8.23 45.81
CA TRP B 204 -12.84 8.20 47.12
C TRP B 204 -12.02 6.91 47.24
N ILE B 205 -10.81 7.04 47.78
CA ILE B 205 -9.94 5.89 47.94
C ILE B 205 -9.81 5.56 49.42
N ILE B 206 -10.64 4.64 49.90
CA ILE B 206 -10.58 4.25 51.31
C ILE B 206 -9.65 3.06 51.48
N THR B 207 -8.54 3.29 52.20
CA THR B 207 -7.53 2.26 52.43
C THR B 207 -7.05 2.29 53.87
N GLY B 208 -6.47 1.19 54.34
CA GLY B 208 -5.87 1.17 55.66
C GLY B 208 -4.71 2.14 55.77
N GLY B 209 -4.56 2.76 56.94
CA GLY B 209 -3.51 3.74 57.12
C GLY B 209 -2.23 3.14 57.67
N SER B 210 -1.28 2.82 56.78
CA SER B 210 -0.01 2.27 57.18
C SER B 210 0.98 2.41 56.02
N HIS B 211 2.25 2.60 56.35
CA HIS B 211 3.28 2.72 55.33
C HIS B 211 3.84 1.35 55.00
N THR B 212 2.96 0.41 54.68
CA THR B 212 3.36 -0.95 54.33
C THR B 212 2.25 -1.71 53.62
N GLY B 213 2.59 -2.48 52.60
CA GLY B 213 1.62 -3.31 51.92
C GLY B 213 1.01 -2.66 50.68
N VAL B 214 -0.14 -3.17 50.30
CA VAL B 214 -0.89 -2.59 49.18
C VAL B 214 -1.32 -1.19 49.59
N MET B 215 -1.39 -0.95 50.90
CA MET B 215 -1.67 0.40 51.39
C MET B 215 -0.49 1.35 51.23
N LYS B 216 0.75 0.84 51.10
CA LYS B 216 1.88 1.69 50.77
C LYS B 216 2.06 1.83 49.26
N GLN B 217 1.46 0.94 48.47
CA GLN B 217 1.46 1.09 47.01
C GLN B 217 0.34 1.96 46.49
N VAL B 218 -0.80 2.03 47.19
CA VAL B 218 -1.89 2.92 46.82
C VAL B 218 -1.58 4.35 47.20
N GLY B 219 -0.68 4.56 48.16
CA GLY B 219 -0.21 5.89 48.49
C GLY B 219 1.06 6.23 47.73
N GLU B 220 1.63 5.26 47.03
CA GLU B 220 2.82 5.48 46.22
C GLU B 220 2.49 5.91 44.81
N ALA B 221 1.22 5.85 44.40
CA ALA B 221 0.83 6.31 43.07
C ALA B 221 0.13 7.66 43.14
N VAL B 222 -0.50 7.96 44.27
CA VAL B 222 -1.14 9.27 44.44
C VAL B 222 -0.11 10.38 44.41
N ARG B 223 1.11 10.13 44.93
CA ARG B 223 2.18 11.10 44.81
C ARG B 223 2.55 11.36 43.36
N ASP B 224 2.61 10.32 42.54
CA ASP B 224 2.88 10.48 41.11
C ASP B 224 1.77 11.28 40.44
N PHE B 225 0.54 11.11 40.93
CA PHE B 225 -0.60 11.78 40.33
C PHE B 225 -0.89 13.08 41.08
N SER B 226 0.07 13.55 41.88
CA SER B 226 -0.10 14.83 42.54
C SER B 226 1.07 15.77 42.23
N LEU B 227 2.18 15.21 41.76
CA LEU B 227 3.31 16.01 41.31
C LEU B 227 3.40 16.07 39.79
N SER B 228 2.65 15.22 39.10
CA SER B 228 2.53 15.29 37.65
C SER B 228 1.22 14.67 37.21
N SER B 229 0.24 15.50 36.85
CA SER B 229 -1.10 14.99 36.58
C SER B 229 -1.84 15.98 35.69
N SER B 230 -3.11 15.71 35.40
CA SER B 230 -3.92 16.55 34.54
C SER B 230 -4.35 17.82 35.28
N TYR B 231 -4.91 17.65 36.48
CA TYR B 231 -5.33 18.76 37.33
C TYR B 231 -4.17 19.32 38.17
N LYS B 232 -2.98 18.74 38.03
CA LYS B 232 -1.85 19.04 38.91
C LYS B 232 -2.28 18.86 40.36
N GLU B 233 -1.85 19.79 41.24
CA GLU B 233 -2.13 19.79 42.68
C GLU B 233 -2.56 18.42 43.21
N GLY B 234 -3.78 18.33 43.72
CA GLY B 234 -4.36 17.04 44.01
C GLY B 234 -5.79 17.10 44.50
N GLU B 235 -6.66 16.30 43.89
CA GLU B 235 -8.02 16.10 44.37
C GLU B 235 -8.39 14.63 44.21
N LEU B 236 -8.07 13.83 45.22
CA LEU B 236 -8.31 12.41 45.21
C LEU B 236 -9.09 11.92 46.43
N ILE B 237 -8.93 12.57 47.58
CA ILE B 237 -9.55 12.17 48.83
C ILE B 237 -9.25 10.70 49.11
N THR B 238 -8.06 10.43 49.64
CA THR B 238 -7.61 9.08 49.95
C THR B 238 -7.81 8.85 51.43
N ILE B 239 -9.00 8.34 51.79
CA ILE B 239 -9.33 8.15 53.20
C ILE B 239 -8.49 7.02 53.77
N GLY B 240 -7.86 7.28 54.91
CA GLY B 240 -7.08 6.27 55.60
C GLY B 240 -7.68 5.89 56.94
N VAL B 241 -8.21 4.69 57.06
CA VAL B 241 -8.86 4.25 58.27
C VAL B 241 -8.09 3.07 58.85
N ALA B 242 -7.62 3.21 60.08
CA ALA B 242 -6.85 2.18 60.74
C ALA B 242 -7.18 2.10 62.22
N THR B 243 -6.40 1.33 62.98
CA THR B 243 -6.63 1.18 64.42
C THR B 243 -5.67 2.14 65.14
N TRP B 244 -6.22 2.93 66.06
CA TRP B 244 -5.42 3.84 66.87
C TRP B 244 -4.33 3.10 67.62
N GLY B 245 -4.71 2.01 68.30
CA GLY B 245 -3.78 1.26 69.11
C GLY B 245 -2.56 0.77 68.37
N THR B 246 -2.70 0.53 67.08
CA THR B 246 -1.59 0.07 66.24
C THR B 246 -0.94 1.25 65.51
N VAL B 247 -0.49 2.23 66.28
CA VAL B 247 0.25 3.38 65.78
C VAL B 247 1.46 3.59 66.67
N HIS B 248 2.63 3.81 66.05
CA HIS B 248 3.89 3.75 66.78
C HIS B 248 4.03 4.89 67.78
N ARG B 249 4.09 6.13 67.30
CA ARG B 249 4.20 7.28 68.19
C ARG B 249 2.84 7.98 68.30
N ARG B 250 1.96 7.37 69.08
CA ARG B 250 0.68 7.97 69.43
C ARG B 250 0.85 9.21 70.31
N GLU B 251 1.98 9.34 70.98
CA GLU B 251 2.27 10.50 71.81
C GLU B 251 2.50 11.73 70.93
N GLY B 252 1.92 12.85 71.36
CA GLY B 252 1.95 14.06 70.56
C GLY B 252 0.78 14.17 69.60
N LEU B 253 0.11 13.04 69.36
CA LEU B 253 -1.11 13.04 68.54
C LEU B 253 -2.33 13.12 69.45
N ILE B 254 -2.09 13.20 70.76
CA ILE B 254 -3.17 13.26 71.74
C ILE B 254 -3.07 14.56 72.54
N HIS B 255 -3.83 15.56 72.12
CA HIS B 255 -3.88 16.85 72.79
C HIS B 255 -5.32 17.22 73.10
N PRO B 256 -5.62 17.58 74.34
CA PRO B 256 -6.99 18.03 74.66
C PRO B 256 -7.38 19.20 73.77
N THR B 257 -8.66 19.25 73.41
CA THR B 257 -9.21 20.12 72.38
C THR B 257 -8.70 19.59 71.04
N GLY B 258 -7.88 20.35 70.32
CA GLY B 258 -7.39 19.90 69.02
C GLY B 258 -5.89 19.69 68.97
N SER B 259 -5.38 19.37 67.78
CA SER B 259 -3.94 19.23 67.59
C SER B 259 -3.40 20.43 66.82
N PHE B 260 -4.08 20.82 65.74
CA PHE B 260 -3.76 22.04 65.00
C PHE B 260 -2.30 22.08 64.58
N PRO B 261 -1.95 21.42 63.48
CA PRO B 261 -0.55 21.11 63.17
C PRO B 261 0.33 20.59 64.31
N ALA B 262 0.01 19.39 64.78
CA ALA B 262 0.91 18.58 65.59
C ALA B 262 1.91 17.89 64.68
N GLU B 263 2.84 17.15 65.28
CA GLU B 263 3.94 16.54 64.53
C GLU B 263 3.89 15.02 64.64
N TYR B 264 4.37 14.36 63.59
CA TYR B 264 4.46 12.90 63.52
C TYR B 264 5.80 12.53 62.88
N ILE B 265 6.75 12.09 63.71
CA ILE B 265 8.05 11.65 63.21
C ILE B 265 7.92 10.22 62.69
N LEU B 266 8.35 9.99 61.45
CA LEU B 266 8.25 8.67 60.84
C LEU B 266 9.55 7.91 61.08
N ASP B 267 9.57 7.11 62.15
CA ASP B 267 10.67 6.20 62.43
C ASP B 267 10.16 4.77 62.35
N GLU B 268 10.79 3.96 61.50
CA GLU B 268 10.33 2.62 61.20
C GLU B 268 11.32 1.55 61.65
N ASP B 269 12.24 1.91 62.54
CA ASP B 269 13.24 0.96 63.04
C ASP B 269 12.87 0.45 64.43
N GLY B 270 12.28 1.32 65.24
CA GLY B 270 11.91 0.95 66.60
C GLY B 270 10.45 0.56 66.75
N GLN B 271 9.79 0.25 65.63
CA GLN B 271 8.38 -0.12 65.68
C GLN B 271 8.18 -1.45 66.40
N GLY B 272 9.02 -2.44 66.11
CA GLY B 272 8.93 -3.74 66.76
C GLY B 272 7.74 -4.53 66.27
N ASN B 273 6.55 -4.12 66.69
CA ASN B 273 5.31 -4.70 66.19
C ASN B 273 4.23 -3.64 66.01
N LEU B 274 4.58 -2.36 66.15
CA LEU B 274 3.59 -1.29 66.22
C LEU B 274 3.74 -0.41 64.98
N THR B 275 2.85 -0.61 64.01
CA THR B 275 2.99 -0.07 62.67
C THR B 275 2.78 1.45 62.66
N CYS B 276 3.58 2.12 61.84
CA CYS B 276 3.49 3.55 61.62
C CYS B 276 2.43 3.88 60.58
N LEU B 277 2.03 5.15 60.54
CA LEU B 277 1.08 5.63 59.56
C LEU B 277 1.77 5.90 58.22
N ASP B 278 0.96 6.05 57.17
CA ASP B 278 1.48 6.34 55.85
C ASP B 278 1.81 7.83 55.73
N SER B 279 2.18 8.28 54.53
CA SER B 279 2.61 9.65 54.36
C SER B 279 2.05 10.28 53.09
N ASN B 280 1.10 9.61 52.44
CA ASN B 280 0.51 10.14 51.21
C ASN B 280 -1.00 9.99 51.15
N HIS B 281 -1.66 9.64 52.25
CA HIS B 281 -3.11 9.62 52.28
C HIS B 281 -3.64 11.05 52.43
N SER B 282 -4.95 11.16 52.63
CA SER B 282 -5.59 12.46 52.76
C SER B 282 -6.16 12.73 54.14
N HIS B 283 -6.95 11.80 54.67
CA HIS B 283 -7.57 11.96 55.99
C HIS B 283 -7.47 10.63 56.73
N PHE B 284 -7.16 10.70 58.02
CA PHE B 284 -6.92 9.52 58.84
C PHE B 284 -8.03 9.36 59.87
N ILE B 285 -8.77 8.26 59.77
CA ILE B 285 -9.82 7.94 60.73
C ILE B 285 -9.36 6.79 61.61
N LEU B 286 -8.87 7.11 62.81
CA LEU B 286 -8.34 6.08 63.69
C LEU B 286 -9.42 5.58 64.65
N VAL B 287 -9.68 4.27 64.59
CA VAL B 287 -10.65 3.65 65.48
C VAL B 287 -9.93 3.19 66.74
N ASP B 288 -10.68 2.99 67.83
CA ASP B 288 -10.06 2.62 69.09
C ASP B 288 -10.91 1.57 69.79
N ASP B 289 -10.25 0.62 70.45
CA ASP B 289 -10.93 -0.32 71.33
C ASP B 289 -10.28 -0.44 72.69
N GLY B 290 -9.16 0.21 72.94
CA GLY B 290 -8.46 0.14 74.20
C GLY B 290 -7.43 -0.96 74.33
N THR B 291 -6.85 -1.43 73.22
CA THR B 291 -5.89 -2.52 73.25
C THR B 291 -4.61 -2.08 72.54
N HIS B 292 -3.50 -2.74 72.90
CA HIS B 292 -2.20 -2.49 72.29
C HIS B 292 -1.79 -3.72 71.49
N GLY B 293 -1.52 -3.51 70.20
CA GLY B 293 -1.04 -4.57 69.34
C GLY B 293 -2.10 -5.48 68.77
N GLN B 294 -3.38 -5.21 69.03
CA GLN B 294 -4.48 -6.02 68.49
C GLN B 294 -4.94 -5.41 67.17
N TYR B 295 -4.37 -5.91 66.08
CA TYR B 295 -4.86 -5.54 64.76
C TYR B 295 -6.16 -6.28 64.45
N GLY B 296 -6.86 -5.81 63.43
CA GLY B 296 -8.14 -6.37 63.05
C GLY B 296 -9.34 -5.71 63.70
N VAL B 297 -9.13 -4.79 64.64
CA VAL B 297 -10.24 -4.03 65.21
C VAL B 297 -10.88 -3.15 64.13
N GLU B 298 -10.06 -2.59 63.25
CA GLU B 298 -10.56 -1.75 62.16
C GLU B 298 -10.89 -2.69 61.00
N ILE B 299 -12.09 -3.24 61.01
CA ILE B 299 -12.62 -4.11 59.97
C ILE B 299 -14.15 -3.99 59.93
N PRO B 300 -14.86 -4.13 61.06
CA PRO B 300 -16.33 -4.05 60.97
C PRO B 300 -16.86 -2.64 60.75
N LEU B 301 -16.22 -1.63 61.36
CA LEU B 301 -16.77 -0.28 61.30
C LEU B 301 -16.74 0.28 59.89
N ARG B 302 -15.66 0.05 59.15
CA ARG B 302 -15.64 0.55 57.77
C ARG B 302 -16.64 -0.16 56.88
N THR B 303 -17.07 -1.37 57.26
CA THR B 303 -18.06 -2.10 56.49
C THR B 303 -19.48 -1.60 56.70
N ARG B 304 -19.71 -0.71 57.66
CA ARG B 304 -20.95 0.05 57.69
C ARG B 304 -20.71 1.48 57.21
N LEU B 305 -19.48 1.95 57.32
CA LEU B 305 -19.09 3.22 56.73
C LEU B 305 -19.28 3.17 55.22
N GLU B 306 -18.77 2.12 54.59
CA GLU B 306 -18.87 1.94 53.15
C GLU B 306 -20.27 1.55 52.69
N LYS B 307 -21.18 1.29 53.61
CA LYS B 307 -22.58 1.06 53.25
C LYS B 307 -23.44 2.31 53.46
N PHE B 308 -23.37 2.91 54.64
CA PHE B 308 -24.17 4.09 54.90
C PHE B 308 -23.75 5.28 54.05
N ILE B 309 -22.47 5.34 53.66
CA ILE B 309 -22.03 6.36 52.71
C ILE B 309 -22.59 6.03 51.33
N SER B 310 -22.62 4.74 50.99
CA SER B 310 -22.80 4.31 49.60
C SER B 310 -24.22 3.86 49.28
N GLU B 311 -25.13 3.87 50.25
CA GLU B 311 -26.47 3.37 49.99
C GLU B 311 -27.58 4.30 50.47
N GLN B 312 -27.33 5.09 51.52
CA GLN B 312 -28.37 5.99 52.03
C GLN B 312 -27.86 7.41 52.26
N THR B 313 -27.17 7.97 51.27
CA THR B 313 -26.72 9.37 51.38
C THR B 313 -27.18 10.27 50.26
N LYS B 314 -27.61 9.74 49.12
CA LYS B 314 -28.08 10.58 48.01
C LYS B 314 -29.59 10.46 47.87
N GLU B 315 -30.19 11.51 47.32
CA GLU B 315 -31.64 11.59 47.29
C GLU B 315 -32.16 12.32 46.04
N ARG B 316 -31.59 12.06 44.85
CA ARG B 316 -32.42 12.37 43.70
C ARG B 316 -33.15 11.10 43.24
N GLY B 317 -34.14 11.30 42.38
CA GLY B 317 -35.02 10.22 42.00
C GLY B 317 -36.16 10.14 42.98
N GLY B 318 -36.13 11.02 43.98
CA GLY B 318 -37.19 11.12 44.96
C GLY B 318 -37.19 10.04 46.03
N VAL B 319 -36.53 8.91 45.79
CA VAL B 319 -36.57 7.82 46.76
C VAL B 319 -35.16 7.45 47.26
N ALA B 320 -34.31 6.92 46.38
CA ALA B 320 -32.95 6.51 46.73
C ALA B 320 -32.19 6.03 45.51
N ILE B 321 -30.87 6.19 45.52
CA ILE B 321 -30.00 5.72 44.44
C ILE B 321 -28.73 5.18 45.09
N LYS B 322 -28.20 4.08 44.54
CA LYS B 322 -27.02 3.43 45.11
C LYS B 322 -25.75 4.11 44.61
N ILE B 323 -24.86 4.45 45.54
CA ILE B 323 -23.52 4.88 45.20
C ILE B 323 -22.70 3.66 44.78
N PRO B 324 -22.04 3.69 43.62
CA PRO B 324 -21.20 2.57 43.23
C PRO B 324 -20.08 2.32 44.24
N ILE B 325 -19.79 1.05 44.49
CA ILE B 325 -18.75 0.65 45.42
C ILE B 325 -18.09 -0.61 44.89
N VAL B 326 -16.75 -0.64 44.93
CA VAL B 326 -15.96 -1.77 44.49
C VAL B 326 -14.85 -2.01 45.49
N CYS B 327 -14.46 -3.28 45.65
CA CYS B 327 -13.41 -3.64 46.60
C CYS B 327 -12.33 -4.39 45.83
N VAL B 328 -11.10 -3.85 45.85
CA VAL B 328 -9.98 -4.48 45.18
C VAL B 328 -9.05 -5.09 46.22
N VAL B 329 -8.66 -6.35 46.00
CA VAL B 329 -7.79 -7.05 46.93
C VAL B 329 -6.60 -7.63 46.20
N LEU B 330 -5.40 -7.37 46.73
CA LEU B 330 -4.16 -7.94 46.22
C LEU B 330 -3.41 -8.61 47.36
N GLU B 331 -2.97 -9.85 47.12
CA GLU B 331 -2.43 -10.71 48.17
C GLU B 331 -3.39 -10.75 49.35
N GLY B 332 -2.86 -10.84 50.57
CA GLY B 332 -3.71 -10.77 51.74
C GLY B 332 -3.12 -11.56 52.90
N GLY B 333 -3.99 -11.87 53.85
CA GLY B 333 -3.62 -12.58 55.06
C GLY B 333 -4.81 -12.88 55.93
N PRO B 334 -4.57 -13.14 57.22
CA PRO B 334 -5.67 -13.47 58.14
C PRO B 334 -6.78 -12.43 58.19
N GLY B 335 -6.41 -11.16 58.16
CA GLY B 335 -7.37 -10.07 58.19
C GLY B 335 -7.90 -9.64 56.84
N THR B 336 -7.50 -10.31 55.76
CA THR B 336 -7.97 -9.99 54.42
C THR B 336 -9.19 -10.82 54.02
N LEU B 337 -9.35 -12.01 54.60
CA LEU B 337 -10.56 -12.79 54.38
C LEU B 337 -11.75 -12.28 55.19
N HIS B 338 -11.51 -11.82 56.41
CA HIS B 338 -12.55 -11.17 57.19
C HIS B 338 -12.82 -9.79 56.61
N THR B 339 -11.88 -9.30 55.79
CA THR B 339 -12.06 -8.08 55.02
C THR B 339 -13.06 -8.22 53.89
N ILE B 340 -13.04 -9.32 53.13
CA ILE B 340 -13.94 -9.48 52.00
C ILE B 340 -15.23 -10.20 52.35
N ASP B 341 -15.22 -11.10 53.34
CA ASP B 341 -16.45 -11.75 53.78
C ASP B 341 -17.48 -10.76 54.31
N ASN B 342 -17.04 -9.83 55.17
CA ASN B 342 -17.95 -8.83 55.71
C ASN B 342 -18.46 -7.91 54.60
N ALA B 343 -17.59 -7.56 53.65
CA ALA B 343 -17.96 -6.68 52.55
C ALA B 343 -18.99 -7.34 51.63
N THR B 344 -18.74 -8.58 51.23
CA THR B 344 -19.66 -9.29 50.35
C THR B 344 -21.00 -9.56 51.03
N THR B 345 -20.97 -9.87 52.32
CA THR B 345 -22.19 -10.08 53.07
C THR B 345 -23.04 -8.80 53.08
N ASN B 346 -22.38 -7.66 53.27
CA ASN B 346 -23.04 -6.37 53.24
C ASN B 346 -23.57 -6.05 51.84
N GLY B 347 -22.83 -6.47 50.81
CA GLY B 347 -23.24 -6.22 49.45
C GLY B 347 -22.27 -5.36 48.66
N THR B 348 -20.98 -5.45 48.99
CA THR B 348 -19.93 -4.73 48.28
C THR B 348 -19.32 -5.67 47.25
N PRO B 349 -19.50 -5.38 45.96
CA PRO B 349 -18.82 -6.17 44.92
C PRO B 349 -17.30 -6.09 45.06
N CYS B 350 -16.62 -7.21 44.88
CA CYS B 350 -15.18 -7.26 45.02
C CYS B 350 -14.53 -7.98 43.84
N VAL B 351 -13.28 -7.62 43.58
CA VAL B 351 -12.48 -8.23 42.52
C VAL B 351 -11.15 -8.67 43.12
N VAL B 352 -10.73 -9.89 42.76
CA VAL B 352 -9.48 -10.46 43.26
C VAL B 352 -8.46 -10.44 42.14
N VAL B 353 -7.22 -10.05 42.46
CA VAL B 353 -6.15 -9.99 41.48
C VAL B 353 -5.37 -11.30 41.56
N GLU B 354 -5.57 -12.18 40.57
CA GLU B 354 -4.93 -13.49 40.57
C GLU B 354 -3.45 -13.36 40.26
N GLY B 355 -2.66 -14.32 40.75
CA GLY B 355 -1.23 -14.35 40.50
C GLY B 355 -0.40 -13.48 41.40
N SER B 356 -1.00 -12.87 42.43
CA SER B 356 -0.27 -11.93 43.27
C SER B 356 0.54 -12.65 44.35
N GLY B 357 -0.05 -13.66 44.99
CA GLY B 357 0.52 -14.16 46.22
C GLY B 357 -0.48 -14.88 47.12
N ARG B 358 -0.61 -14.35 48.33
CA ARG B 358 -1.49 -14.88 49.37
C ARG B 358 -2.95 -14.57 49.05
N VAL B 359 -3.79 -14.51 50.09
CA VAL B 359 -5.20 -14.90 50.12
C VAL B 359 -5.98 -14.48 48.88
N ALA B 360 -5.49 -13.49 48.14
CA ALA B 360 -6.08 -13.17 46.84
C ALA B 360 -6.09 -14.38 45.91
N ASP B 361 -4.97 -15.09 45.78
CA ASP B 361 -4.87 -16.22 44.87
C ASP B 361 -5.69 -17.42 45.33
N VAL B 362 -5.70 -17.70 46.63
CA VAL B 362 -6.33 -18.91 47.14
C VAL B 362 -7.84 -18.80 46.93
N ILE B 363 -8.31 -17.58 46.66
CA ILE B 363 -9.72 -17.36 46.35
C ILE B 363 -9.83 -16.95 44.88
N ALA B 364 -8.69 -16.94 44.19
CA ALA B 364 -8.71 -16.64 42.76
C ALA B 364 -8.91 -17.92 41.94
N GLN B 365 -8.38 -19.04 42.42
CA GLN B 365 -8.54 -20.30 41.70
C GLN B 365 -9.52 -21.26 42.38
N VAL B 366 -10.44 -20.76 43.21
CA VAL B 366 -11.47 -21.60 43.80
C VAL B 366 -12.81 -20.88 43.64
N ALA B 367 -12.82 -19.83 42.83
CA ALA B 367 -13.94 -18.91 42.73
C ALA B 367 -14.97 -19.35 41.69
N ASN B 368 -14.77 -20.52 41.09
CA ASN B 368 -15.70 -21.01 40.08
C ASN B 368 -16.15 -22.44 40.38
N LEU B 369 -15.50 -23.08 41.35
CA LEU B 369 -15.84 -24.44 41.72
C LEU B 369 -17.11 -24.45 42.57
N PRO B 370 -17.82 -25.58 42.59
CA PRO B 370 -19.03 -25.67 43.41
C PRO B 370 -18.72 -25.47 44.89
N VAL B 371 -19.70 -24.90 45.61
CA VAL B 371 -19.56 -24.58 47.03
C VAL B 371 -19.44 -25.86 47.83
N SER B 372 -19.91 -26.97 47.27
CA SER B 372 -19.85 -28.26 47.96
C SER B 372 -18.47 -28.88 47.80
N ASP B 373 -17.79 -28.59 46.70
CA ASP B 373 -16.47 -29.15 46.45
C ASP B 373 -15.46 -28.66 47.48
N ILE B 374 -15.52 -27.38 47.82
CA ILE B 374 -14.58 -26.77 48.77
C ILE B 374 -14.66 -27.48 50.11
N THR B 375 -13.56 -28.09 50.52
CA THR B 375 -13.48 -28.87 51.74
C THR B 375 -12.19 -28.54 52.50
N ILE B 376 -12.03 -29.19 53.65
CA ILE B 376 -10.84 -29.00 54.46
C ILE B 376 -9.61 -29.58 53.75
N SER B 377 -9.78 -30.67 53.00
CA SER B 377 -8.67 -31.22 52.24
C SER B 377 -8.20 -30.28 51.14
N LEU B 378 -9.14 -29.68 50.40
CA LEU B 378 -8.76 -28.74 49.35
C LEU B 378 -8.07 -27.51 49.91
N ILE B 379 -8.58 -26.98 51.02
CA ILE B 379 -7.94 -25.81 51.62
C ILE B 379 -6.57 -26.18 52.18
N GLN B 380 -6.42 -27.41 52.68
CA GLN B 380 -5.10 -27.85 53.12
C GLN B 380 -4.10 -27.95 51.98
N GLN B 381 -4.51 -28.42 50.80
CA GLN B 381 -3.59 -28.52 49.68
C GLN B 381 -3.34 -27.16 49.04
N LYS B 382 -4.31 -26.24 49.14
CA LYS B 382 -4.18 -24.94 48.51
C LYS B 382 -3.65 -23.91 49.50
N LEU B 383 -3.43 -24.34 50.75
CA LEU B 383 -2.72 -23.47 51.70
C LEU B 383 -1.27 -23.91 51.89
N SER B 384 -0.80 -24.89 51.13
CA SER B 384 0.58 -25.36 51.24
C SER B 384 1.42 -24.92 50.04
N VAL B 385 0.89 -24.04 49.19
CA VAL B 385 1.62 -23.56 48.02
C VAL B 385 1.72 -22.03 48.08
N PHE B 386 0.58 -21.36 48.27
CA PHE B 386 0.60 -19.91 48.41
C PHE B 386 1.07 -19.48 49.79
N PHE B 387 0.82 -20.31 50.81
CA PHE B 387 1.20 -20.03 52.19
C PHE B 387 2.28 -21.02 52.59
N GLN B 388 3.53 -20.56 52.66
CA GLN B 388 4.66 -21.46 52.92
C GLN B 388 5.09 -21.45 54.37
N GLU B 389 5.47 -20.28 54.89
CA GLU B 389 6.00 -20.23 56.25
C GLU B 389 4.89 -20.09 57.28
N MET B 390 3.76 -19.49 56.90
CA MET B 390 2.63 -19.41 57.82
C MET B 390 1.85 -20.71 57.89
N PHE B 391 2.13 -21.68 57.00
CA PHE B 391 1.36 -22.92 56.96
C PHE B 391 1.51 -23.71 58.26
N GLU B 392 2.74 -23.85 58.77
CA GLU B 392 2.96 -24.60 59.99
C GLU B 392 2.31 -23.88 61.18
N THR B 393 2.14 -22.57 61.05
CA THR B 393 1.38 -21.82 62.07
C THR B 393 -0.09 -22.22 62.04
N PHE B 394 -0.65 -22.42 60.84
CA PHE B 394 -2.04 -22.82 60.71
C PHE B 394 -2.30 -24.14 61.43
N THR B 395 -3.15 -24.10 62.44
CA THR B 395 -3.52 -25.29 63.19
C THR B 395 -4.75 -25.94 62.60
N GLU B 396 -5.29 -26.96 63.28
CA GLU B 396 -6.52 -27.58 62.81
C GLU B 396 -7.76 -26.77 63.18
N SER B 397 -7.63 -25.72 63.98
CA SER B 397 -8.74 -24.83 64.31
C SER B 397 -8.66 -23.51 63.55
N ARG B 398 -7.73 -23.40 62.60
CA ARG B 398 -7.66 -22.22 61.74
C ARG B 398 -7.79 -22.59 60.27
N ILE B 399 -7.86 -23.87 59.92
CA ILE B 399 -8.16 -24.29 58.56
C ILE B 399 -9.60 -24.72 58.37
N VAL B 400 -10.35 -24.97 59.45
CA VAL B 400 -11.77 -25.28 59.36
C VAL B 400 -12.55 -24.01 59.66
N GLU B 401 -11.82 -22.95 60.03
CA GLU B 401 -12.41 -21.63 60.22
C GLU B 401 -12.03 -20.75 59.04
N TRP B 402 -11.08 -21.22 58.22
CA TRP B 402 -10.72 -20.56 56.97
C TRP B 402 -11.45 -21.14 55.78
N THR B 403 -12.11 -22.29 55.95
CA THR B 403 -12.87 -22.93 54.88
C THR B 403 -14.31 -22.46 54.82
N LYS B 404 -14.97 -22.27 55.95
CA LYS B 404 -16.34 -21.76 55.99
C LYS B 404 -16.45 -20.35 55.43
N LYS B 405 -15.48 -19.48 55.70
CA LYS B 405 -15.47 -18.12 55.16
C LYS B 405 -15.25 -18.14 53.64
N ILE B 406 -14.36 -19.03 53.17
CA ILE B 406 -14.16 -19.16 51.73
C ILE B 406 -15.42 -19.66 51.05
N GLN B 407 -16.07 -20.67 51.62
CA GLN B 407 -17.34 -21.15 51.07
C GLN B 407 -18.37 -20.03 51.08
N ASP B 408 -18.41 -19.25 52.16
CA ASP B 408 -19.38 -18.17 52.29
C ASP B 408 -19.18 -17.12 51.21
N ILE B 409 -17.93 -16.77 50.90
CA ILE B 409 -17.68 -15.77 49.87
C ILE B 409 -17.85 -16.37 48.48
N VAL B 410 -17.83 -17.70 48.36
CA VAL B 410 -18.03 -18.34 47.07
C VAL B 410 -19.48 -18.41 46.64
N ARG B 411 -20.40 -18.82 47.52
CA ARG B 411 -21.80 -18.90 47.09
C ARG B 411 -22.43 -17.52 46.93
N ARG B 412 -21.71 -16.45 47.25
CA ARG B 412 -22.06 -15.11 46.77
C ARG B 412 -21.33 -14.92 45.44
N ARG B 413 -21.64 -15.79 44.49
CA ARG B 413 -21.07 -15.74 43.15
C ARG B 413 -21.52 -14.52 42.37
N GLN B 414 -22.53 -13.80 42.86
CA GLN B 414 -22.97 -12.56 42.25
C GLN B 414 -22.36 -11.34 42.92
N LEU B 415 -21.30 -11.52 43.71
CA LEU B 415 -20.57 -10.42 44.33
C LEU B 415 -19.07 -10.69 44.33
N LEU B 416 -18.60 -11.51 43.40
CA LEU B 416 -17.19 -11.88 43.37
C LEU B 416 -16.77 -12.22 41.93
N THR B 417 -15.66 -11.64 41.51
CA THR B 417 -15.08 -11.95 40.20
C THR B 417 -13.58 -12.14 40.39
N VAL B 418 -12.86 -12.31 39.28
CA VAL B 418 -11.42 -12.55 39.31
C VAL B 418 -10.74 -11.78 38.18
N PHE B 419 -9.59 -11.17 38.48
CA PHE B 419 -8.79 -10.47 37.49
C PHE B 419 -7.88 -11.48 36.79
N ARG B 420 -8.31 -11.99 35.65
CA ARG B 420 -7.51 -12.92 34.87
C ARG B 420 -6.26 -12.22 34.34
N GLU B 421 -5.15 -12.95 34.30
CA GLU B 421 -3.86 -12.32 34.01
C GLU B 421 -3.40 -12.43 32.56
N GLY B 422 -3.13 -13.64 32.08
CA GLY B 422 -2.32 -13.72 30.86
C GLY B 422 -2.97 -13.36 29.54
N LYS B 423 -3.72 -14.29 28.94
CA LYS B 423 -4.52 -13.99 27.76
C LYS B 423 -6.00 -13.96 28.16
N ASP B 424 -6.32 -13.10 29.11
CA ASP B 424 -7.69 -12.85 29.55
C ASP B 424 -7.67 -11.67 30.50
N GLY B 425 -8.59 -10.72 30.32
CA GLY B 425 -8.53 -9.51 31.10
C GLY B 425 -7.20 -8.80 30.91
N GLN B 426 -6.77 -8.69 29.66
CA GLN B 426 -5.49 -8.04 29.35
C GLN B 426 -5.68 -6.53 29.34
N GLN B 427 -5.82 -5.93 30.52
CA GLN B 427 -6.02 -4.50 30.66
C GLN B 427 -5.77 -4.12 32.13
N ASP B 428 -5.92 -2.83 32.41
CA ASP B 428 -5.79 -2.35 33.78
C ASP B 428 -6.85 -2.95 34.69
N VAL B 429 -6.74 -2.67 35.99
CA VAL B 429 -7.64 -3.20 37.00
C VAL B 429 -9.05 -2.67 36.76
N ASP B 430 -9.17 -1.61 35.96
CA ASP B 430 -10.42 -0.86 35.87
C ASP B 430 -11.55 -1.67 35.23
N VAL B 431 -11.30 -2.30 34.07
CA VAL B 431 -12.35 -3.12 33.47
C VAL B 431 -12.76 -4.24 34.43
N ALA B 432 -11.82 -4.70 35.24
CA ALA B 432 -12.14 -5.70 36.27
C ALA B 432 -13.07 -5.16 37.34
N ILE B 433 -12.97 -3.88 37.72
CA ILE B 433 -13.87 -3.38 38.76
C ILE B 433 -15.30 -3.34 38.23
N LEU B 434 -15.50 -2.97 36.96
CA LEU B 434 -16.86 -3.07 36.44
C LEU B 434 -17.21 -4.48 35.98
N GLN B 435 -16.24 -5.36 35.78
CA GLN B 435 -16.59 -6.77 35.65
C GLN B 435 -17.26 -7.27 36.92
N ALA B 436 -16.69 -6.92 38.07
CA ALA B 436 -17.33 -7.23 39.34
C ALA B 436 -18.70 -6.57 39.43
N LEU B 437 -18.79 -5.30 39.05
CA LEU B 437 -20.07 -4.60 39.07
C LEU B 437 -21.07 -5.21 38.08
N LEU B 438 -20.57 -5.72 36.94
CA LEU B 438 -21.48 -6.21 35.91
C LEU B 438 -22.16 -7.49 36.34
N LYS B 439 -21.37 -8.48 36.77
CA LYS B 439 -21.99 -9.69 37.32
C LYS B 439 -22.75 -9.40 38.62
N ALA B 440 -22.32 -8.40 39.39
CA ALA B 440 -23.06 -8.03 40.59
C ALA B 440 -24.42 -7.42 40.26
N SER B 441 -24.44 -6.44 39.35
CA SER B 441 -25.65 -5.69 39.07
C SER B 441 -26.53 -6.36 38.02
N ARG B 442 -26.05 -7.40 37.35
CA ARG B 442 -26.93 -8.19 36.50
C ARG B 442 -28.05 -8.81 37.32
N SER B 443 -27.74 -9.28 38.52
CA SER B 443 -28.78 -9.72 39.46
C SER B 443 -29.55 -8.52 40.02
N GLN B 444 -29.01 -7.31 39.90
CA GLN B 444 -29.61 -6.12 40.46
C GLN B 444 -30.14 -5.17 39.39
N ASP B 445 -30.66 -5.69 38.28
CA ASP B 445 -30.99 -4.86 37.13
C ASP B 445 -32.45 -4.44 37.06
N HIS B 446 -33.33 -4.99 37.89
CA HIS B 446 -34.73 -4.59 37.76
C HIS B 446 -35.34 -4.04 39.04
N PHE B 447 -34.83 -4.46 40.20
CA PHE B 447 -35.42 -3.95 41.44
C PHE B 447 -34.78 -2.63 41.83
N GLY B 448 -33.85 -2.14 41.01
CA GLY B 448 -33.28 -0.82 41.18
C GLY B 448 -33.80 0.17 40.15
N HIS B 449 -34.38 -0.37 39.07
CA HIS B 449 -35.05 0.40 38.02
C HIS B 449 -34.10 1.33 37.29
N GLU B 450 -33.65 2.40 37.95
CA GLU B 450 -32.74 3.36 37.35
C GLU B 450 -31.31 2.84 37.30
N ASN B 451 -31.03 1.74 38.00
CA ASN B 451 -29.70 1.19 38.18
C ASN B 451 -28.96 1.00 36.86
N TRP B 452 -29.71 0.85 35.77
CA TRP B 452 -29.15 0.81 34.43
C TRP B 452 -28.41 2.08 34.06
N ASP B 453 -28.94 3.24 34.48
CA ASP B 453 -28.36 4.52 34.09
C ASP B 453 -26.95 4.68 34.65
N HIS B 454 -26.74 4.35 35.92
CA HIS B 454 -25.39 4.48 36.46
C HIS B 454 -24.47 3.39 35.92
N GLN B 455 -25.03 2.21 35.61
CA GLN B 455 -24.25 1.19 34.91
C GLN B 455 -23.59 1.77 33.67
N LEU B 456 -24.35 2.53 32.88
CA LEU B 456 -23.76 3.16 31.71
C LEU B 456 -22.90 4.37 32.06
N LYS B 457 -23.23 5.11 33.13
CA LYS B 457 -22.41 6.27 33.48
C LYS B 457 -21.00 5.86 33.88
N LEU B 458 -20.81 4.63 34.37
CA LEU B 458 -19.45 4.09 34.44
C LEU B 458 -19.02 3.46 33.13
N ALA B 459 -19.91 2.75 32.45
CA ALA B 459 -19.52 2.06 31.22
C ALA B 459 -18.98 3.01 30.15
N VAL B 460 -19.11 4.32 30.37
CA VAL B 460 -18.48 5.29 29.47
C VAL B 460 -16.98 5.44 29.77
N ALA B 461 -16.48 4.83 30.85
CA ALA B 461 -15.12 5.08 31.30
C ALA B 461 -14.07 4.22 30.61
N TRP B 462 -14.46 3.26 29.79
CA TRP B 462 -13.48 2.36 29.19
C TRP B 462 -13.51 2.37 27.67
N ASN B 463 -16.17 3.75 27.50
CA ASN B 463 -16.60 3.53 26.13
C ASN B 463 -16.69 2.04 25.83
N ARG B 464 -17.30 1.29 26.75
CA ARG B 464 -17.53 -0.14 26.54
C ARG B 464 -18.68 -0.32 25.56
N VAL B 465 -18.40 0.02 24.31
CA VAL B 465 -19.37 -0.12 23.24
C VAL B 465 -19.69 -1.59 23.00
N ASP B 466 -18.64 -2.43 22.93
CA ASP B 466 -18.85 -3.86 22.73
C ASP B 466 -19.54 -4.49 23.93
N ILE B 467 -19.17 -4.08 25.14
CA ILE B 467 -19.81 -4.63 26.33
C ILE B 467 -21.27 -4.21 26.40
N ALA B 468 -21.55 -2.92 26.21
CA ALA B 468 -22.93 -2.44 26.24
C ALA B 468 -23.76 -3.10 25.16
N ARG B 469 -23.19 -3.32 23.97
CA ARG B 469 -23.86 -4.11 22.96
C ARG B 469 -24.12 -5.54 23.43
N SER B 470 -23.14 -6.15 24.09
CA SER B 470 -23.23 -7.55 24.50
C SER B 470 -24.13 -7.76 25.71
N GLU B 471 -24.16 -6.82 26.65
CA GLU B 471 -24.87 -7.05 27.90
C GLU B 471 -26.36 -6.72 27.80
N ILE B 472 -26.76 -5.80 26.92
CA ILE B 472 -28.14 -5.37 26.82
C ILE B 472 -28.76 -5.73 25.48
N PHE B 473 -28.06 -5.46 24.37
CA PHE B 473 -28.67 -5.54 23.05
C PHE B 473 -28.99 -6.99 22.65
N MET B 474 -28.33 -7.98 23.25
CA MET B 474 -28.67 -9.38 23.01
C MET B 474 -29.34 -10.04 24.22
N ASP B 475 -30.00 -9.26 25.07
CA ASP B 475 -30.90 -9.82 26.08
C ASP B 475 -32.26 -10.06 25.45
N GLU B 476 -33.25 -10.37 26.28
CA GLU B 476 -34.65 -10.35 25.85
C GLU B 476 -35.18 -8.92 26.01
N TRP B 477 -34.40 -8.00 25.44
CA TRP B 477 -34.55 -6.58 25.70
C TRP B 477 -35.89 -6.07 25.20
N GLN B 478 -36.63 -5.41 26.08
CA GLN B 478 -37.95 -4.87 25.76
C GLN B 478 -37.88 -3.63 24.87
N TRP B 479 -36.67 -3.22 24.48
CA TRP B 479 -36.35 -2.19 23.49
C TRP B 479 -36.81 -0.80 23.92
N LYS B 480 -37.67 -0.74 24.95
CA LYS B 480 -37.85 0.34 25.93
C LYS B 480 -37.44 1.71 25.40
N PRO B 481 -38.11 2.26 24.39
CA PRO B 481 -37.67 3.56 23.84
C PRO B 481 -37.66 4.68 24.88
N SER B 482 -38.60 4.67 25.84
CA SER B 482 -38.61 5.68 26.89
C SER B 482 -37.43 5.53 27.82
N ASP B 483 -37.12 4.29 28.24
CA ASP B 483 -36.00 4.06 29.14
C ASP B 483 -34.65 4.32 28.50
N LEU B 484 -34.57 4.31 27.17
CA LEU B 484 -33.31 4.60 26.51
C LEU B 484 -32.96 6.08 26.57
N HIS B 485 -33.92 6.93 26.93
CA HIS B 485 -33.68 8.37 26.93
C HIS B 485 -32.86 8.86 28.12
N PRO B 486 -33.11 8.43 29.37
CA PRO B 486 -32.18 8.81 30.44
C PRO B 486 -30.76 8.36 30.17
N THR B 487 -30.58 7.17 29.58
CA THR B 487 -29.28 6.69 29.15
C THR B 487 -28.74 7.50 27.97
N MET B 488 -29.61 7.94 27.06
CA MET B 488 -29.19 8.85 26.00
C MET B 488 -28.60 10.13 26.58
N THR B 489 -29.31 10.75 27.54
CA THR B 489 -28.82 11.97 28.16
C THR B 489 -27.53 11.72 28.93
N ALA B 490 -27.43 10.58 29.62
CA ALA B 490 -26.18 10.22 30.29
C ALA B 490 -25.05 10.06 29.29
N ALA B 491 -25.34 9.59 28.08
CA ALA B 491 -24.35 9.47 27.03
C ALA B 491 -24.13 10.79 26.28
N LEU B 492 -24.90 11.83 26.60
CA LEU B 492 -24.71 13.14 25.99
C LEU B 492 -23.97 14.13 26.87
N ILE B 493 -24.04 14.00 28.20
CA ILE B 493 -23.48 15.03 29.07
C ILE B 493 -21.99 15.23 28.80
N SER B 494 -21.29 14.19 28.35
CA SER B 494 -19.97 14.32 27.75
C SER B 494 -19.98 13.64 26.38
N ASN B 495 -18.79 13.47 25.81
CA ASN B 495 -18.66 13.11 24.40
C ASN B 495 -19.38 11.81 24.03
N LYS B 496 -18.93 10.67 24.56
CA LYS B 496 -19.46 9.34 24.24
C LYS B 496 -19.81 9.22 22.75
N PRO B 497 -18.81 9.23 21.86
CA PRO B 497 -19.11 9.30 20.43
C PRO B 497 -19.83 8.09 19.90
N GLU B 498 -19.52 6.91 20.43
CA GLU B 498 -20.09 5.67 19.91
C GLU B 498 -21.36 5.26 20.65
N PHE B 499 -21.55 5.69 21.89
CA PHE B 499 -22.75 5.30 22.63
C PHE B 499 -24.01 5.89 22.01
N VAL B 500 -23.94 7.14 21.57
CA VAL B 500 -25.10 7.75 20.92
C VAL B 500 -25.40 7.07 19.59
N LYS B 501 -24.37 6.64 18.85
CA LYS B 501 -24.66 5.92 17.63
C LYS B 501 -25.23 4.54 17.95
N LEU B 502 -24.76 3.93 19.03
CA LEU B 502 -25.39 2.71 19.54
C LEU B 502 -26.88 2.91 19.75
N PHE B 503 -27.27 4.08 20.27
CA PHE B 503 -28.69 4.37 20.46
C PHE B 503 -29.40 4.64 19.15
N LEU B 504 -28.68 4.98 18.07
CA LEU B 504 -29.39 5.21 16.81
C LEU B 504 -29.60 3.95 15.97
N GLU B 505 -28.75 2.92 16.08
CA GLU B 505 -29.15 1.67 15.45
C GLU B 505 -30.24 0.98 16.26
N ASN B 506 -30.26 1.19 17.58
CA ASN B 506 -31.43 0.83 18.37
C ASN B 506 -32.65 1.64 17.97
N GLY B 507 -32.44 2.78 17.33
CA GLY B 507 -33.54 3.60 16.85
C GLY B 507 -34.17 4.45 17.94
N VAL B 508 -33.34 5.21 18.66
CA VAL B 508 -33.89 6.22 19.56
C VAL B 508 -34.44 7.36 18.72
N GLN B 509 -35.76 7.49 18.67
CA GLN B 509 -36.38 8.57 17.92
C GLN B 509 -36.09 9.88 18.63
N LEU B 510 -35.10 10.62 18.13
CA LEU B 510 -34.76 11.92 18.69
C LEU B 510 -35.97 12.86 18.68
N LYS B 511 -36.85 12.70 17.70
CA LYS B 511 -37.90 13.69 17.48
C LYS B 511 -38.91 13.74 18.64
N GLU B 512 -39.07 12.66 19.42
CA GLU B 512 -39.83 12.81 20.66
C GLU B 512 -38.94 12.77 21.90
N PHE B 513 -37.69 12.33 21.74
CA PHE B 513 -36.76 12.29 22.86
C PHE B 513 -36.47 13.69 23.38
N VAL B 514 -36.35 14.66 22.47
CA VAL B 514 -36.04 16.02 22.88
C VAL B 514 -37.36 16.75 23.13
N THR B 515 -37.74 16.85 24.40
CA THR B 515 -38.82 17.70 24.86
C THR B 515 -38.22 19.02 25.34
N TRP B 516 -39.07 19.87 25.91
CA TRP B 516 -38.56 21.16 26.39
C TRP B 516 -37.61 20.98 27.56
N ASP B 517 -38.00 20.16 28.54
CA ASP B 517 -37.11 19.86 29.66
C ASP B 517 -35.88 19.08 29.21
N THR B 518 -35.96 18.33 28.11
CA THR B 518 -34.79 17.63 27.60
C THR B 518 -33.73 18.62 27.13
N LEU B 519 -34.13 19.64 26.36
CA LEU B 519 -33.19 20.69 26.00
C LEU B 519 -32.72 21.48 27.22
N LEU B 520 -33.58 21.70 28.22
CA LEU B 520 -33.11 22.26 29.47
C LEU B 520 -31.92 21.48 30.01
N TYR B 521 -32.12 20.19 30.28
CA TYR B 521 -31.06 19.32 30.80
C TYR B 521 -29.81 19.34 29.92
N LEU B 522 -29.97 19.32 28.60
CA LEU B 522 -28.82 19.36 27.72
C LEU B 522 -28.06 20.67 27.88
N TYR B 523 -28.80 21.77 28.05
CA TYR B 523 -28.18 23.09 28.02
C TYR B 523 -27.58 23.53 29.36
N GLU B 524 -27.92 22.90 30.48
CA GLU B 524 -27.13 23.22 31.67
C GLU B 524 -25.81 22.46 31.72
N ASN B 525 -25.59 21.50 30.81
CA ASN B 525 -24.44 20.62 30.91
C ASN B 525 -23.43 20.88 29.80
N LEU B 526 -23.15 22.15 29.52
CA LEU B 526 -22.10 22.49 28.59
C LEU B 526 -20.75 22.01 29.10
N ASP B 527 -19.77 21.98 28.22
CA ASP B 527 -18.40 21.74 28.66
C ASP B 527 -17.91 22.95 29.45
N PRO B 528 -17.51 22.79 30.72
CA PRO B 528 -17.09 23.96 31.51
C PRO B 528 -15.83 24.63 30.98
N SER B 529 -15.00 23.93 30.22
CA SER B 529 -13.74 24.48 29.74
C SER B 529 -13.89 25.38 28.52
N CYS B 530 -15.02 25.31 27.82
CA CYS B 530 -15.21 26.14 26.64
C CYS B 530 -15.40 27.60 27.05
N LEU B 531 -14.89 28.50 26.20
CA LEU B 531 -15.09 29.93 26.44
C LEU B 531 -16.55 30.33 26.30
N PHE B 532 -17.32 29.61 25.48
CA PHE B 532 -18.74 29.91 25.36
C PHE B 532 -19.48 29.57 26.64
N HIS B 533 -18.97 28.60 27.41
CA HIS B 533 -19.49 28.38 28.76
C HIS B 533 -19.23 29.60 29.64
N SER B 534 -18.05 30.20 29.53
CA SER B 534 -17.81 31.48 30.21
C SER B 534 -18.75 32.56 29.69
N LYS B 535 -19.18 32.46 28.43
CA LYS B 535 -20.17 33.39 27.91
C LYS B 535 -21.56 33.11 28.49
N LEU B 536 -21.84 31.86 28.83
CA LEU B 536 -23.05 31.56 29.59
C LEU B 536 -22.99 32.16 30.98
N GLN B 537 -21.80 32.17 31.59
CA GLN B 537 -21.65 32.91 32.84
C GLN B 537 -21.86 34.41 32.62
N LYS B 538 -21.25 35.00 31.59
CA LYS B 538 -21.45 36.43 31.39
C LYS B 538 -22.93 36.74 31.14
N VAL B 539 -23.62 35.92 30.35
CA VAL B 539 -25.04 36.18 30.08
C VAL B 539 -25.90 35.88 31.29
N LEU B 540 -25.43 35.00 32.18
CA LEU B 540 -26.06 34.91 33.49
C LEU B 540 -26.01 36.25 34.21
N VAL B 541 -24.89 36.97 34.10
CA VAL B 541 -24.73 38.27 34.75
C VAL B 541 -25.07 39.46 33.85
N GLU B 542 -25.41 39.21 32.58
CA GLU B 542 -25.92 40.28 31.71
C GLU B 542 -27.31 40.71 32.16
N ASP B 543 -28.15 39.75 32.55
CA ASP B 543 -29.45 40.02 33.15
C ASP B 543 -29.49 39.23 34.46
N PRO B 544 -28.78 39.70 35.48
CA PRO B 544 -28.67 38.93 36.73
C PRO B 544 -29.95 38.95 37.56
N GLU B 545 -29.85 38.44 38.78
CA GLU B 545 -31.03 38.23 39.62
C GLU B 545 -31.79 39.53 39.86
N ARG B 546 -31.11 40.56 40.34
CA ARG B 546 -31.83 41.74 40.81
C ARG B 546 -32.27 42.71 39.72
N PRO B 547 -31.36 43.26 38.88
CA PRO B 547 -31.75 44.41 38.06
C PRO B 547 -32.71 44.11 36.92
N ALA B 548 -32.44 43.07 36.13
CA ALA B 548 -33.21 42.81 34.91
C ALA B 548 -34.14 41.62 35.02
N CYS B 549 -33.87 40.68 35.93
CA CYS B 549 -34.64 39.45 36.09
C CYS B 549 -35.08 39.32 37.54
N ALA B 550 -35.73 40.37 38.06
CA ALA B 550 -35.89 40.74 39.47
C ALA B 550 -35.93 39.58 40.47
N PRO B 551 -36.64 38.47 40.21
CA PRO B 551 -36.49 37.30 41.10
C PRO B 551 -35.08 36.74 41.12
N ALA B 552 -34.83 35.72 41.94
CA ALA B 552 -33.51 35.11 41.97
C ALA B 552 -33.20 34.43 40.64
N ALA B 553 -31.95 34.53 40.19
CA ALA B 553 -31.54 33.94 38.92
C ALA B 553 -30.02 33.79 38.87
N PRO B 554 -29.46 32.85 39.66
CA PRO B 554 -28.10 32.38 39.38
C PRO B 554 -28.02 31.11 38.54
N ARG B 555 -29.15 30.61 38.05
CA ARG B 555 -29.21 29.39 37.27
C ARG B 555 -29.60 29.72 35.83
N LEU B 556 -28.95 29.05 34.89
CA LEU B 556 -29.10 29.39 33.48
C LEU B 556 -30.44 28.90 32.95
N GLN B 557 -30.87 29.51 31.86
CA GLN B 557 -32.16 29.23 31.27
C GLN B 557 -31.96 29.04 29.77
N MET B 558 -33.05 29.09 29.02
CA MET B 558 -33.02 28.94 27.57
C MET B 558 -33.20 30.24 26.80
N HIS B 559 -33.92 31.22 27.37
CA HIS B 559 -33.92 32.56 26.79
C HIS B 559 -32.61 33.29 27.09
N HIS B 560 -31.87 32.85 28.11
CA HIS B 560 -30.48 33.28 28.23
C HIS B 560 -29.66 32.81 27.03
N VAL B 561 -29.90 31.59 26.55
CA VAL B 561 -29.24 31.12 25.34
C VAL B 561 -29.76 31.89 24.13
N ALA B 562 -31.05 32.22 24.12
CA ALA B 562 -31.60 32.99 23.01
C ALA B 562 -31.00 34.39 22.95
N GLN B 563 -30.82 35.04 24.10
CA GLN B 563 -30.30 36.40 24.10
C GLN B 563 -28.79 36.45 23.89
N VAL B 564 -28.10 35.31 23.96
CA VAL B 564 -26.71 35.27 23.55
C VAL B 564 -26.56 34.84 22.09
N LEU B 565 -27.51 34.04 21.57
CA LEU B 565 -27.63 33.88 20.13
C LEU B 565 -28.01 35.20 19.46
N ARG B 566 -28.63 36.11 20.22
CA ARG B 566 -28.86 37.47 19.74
C ARG B 566 -27.56 38.11 19.27
N GLU B 567 -26.49 37.99 20.06
CA GLU B 567 -25.23 38.63 19.68
C GLU B 567 -24.37 37.72 18.81
N LEU B 568 -24.55 36.40 18.92
CA LEU B 568 -23.74 35.48 18.13
C LEU B 568 -23.98 35.66 16.64
N LEU B 569 -25.25 35.72 16.22
CA LEU B 569 -25.55 36.06 14.84
C LEU B 569 -26.06 37.50 14.79
N GLY B 570 -26.53 37.94 13.62
CA GLY B 570 -26.72 39.35 13.37
C GLY B 570 -27.95 39.99 14.00
N ASP B 571 -28.61 40.87 13.25
CA ASP B 571 -29.74 41.66 13.70
C ASP B 571 -31.02 41.15 13.08
N PHE B 572 -31.13 39.82 13.00
CA PHE B 572 -32.08 39.15 12.14
C PHE B 572 -33.33 38.81 12.95
N THR B 573 -34.34 38.25 12.28
CA THR B 573 -35.45 37.63 12.98
C THR B 573 -34.98 36.31 13.56
N GLN B 574 -35.03 36.19 14.89
CA GLN B 574 -34.47 35.05 15.60
C GLN B 574 -35.57 34.43 16.46
N PRO B 575 -36.53 33.73 15.86
CA PRO B 575 -37.49 33.00 16.71
C PRO B 575 -36.78 31.92 17.50
N LEU B 576 -36.37 30.85 16.82
CA LEU B 576 -35.41 29.84 17.30
C LEU B 576 -35.77 29.29 18.68
N TYR B 577 -36.87 29.78 19.24
CA TYR B 577 -37.31 29.60 20.61
C TYR B 577 -38.62 30.37 20.77
N PRO B 578 -39.46 30.04 21.74
CA PRO B 578 -40.55 30.97 22.10
C PRO B 578 -40.05 32.08 23.02
N ARG B 579 -39.27 33.02 22.47
CA ARG B 579 -38.70 34.11 23.26
C ARG B 579 -39.72 34.98 24.00
N PRO B 580 -40.85 35.40 23.39
CA PRO B 580 -41.71 36.37 24.08
C PRO B 580 -42.34 35.85 25.36
N ARG B 581 -43.15 36.70 26.01
CA ARG B 581 -43.51 36.48 27.40
C ARG B 581 -44.41 35.28 27.61
N HIS B 582 -44.94 34.70 26.54
CA HIS B 582 -45.64 33.42 26.67
C HIS B 582 -44.72 32.35 27.22
N ASN B 583 -43.44 32.41 26.88
CA ASN B 583 -42.45 31.45 27.36
C ASN B 583 -41.19 32.20 27.80
N ASP B 584 -41.36 33.23 28.62
CA ASP B 584 -40.20 34.01 29.09
C ASP B 584 -39.34 33.14 29.99
N ARG B 585 -38.21 32.71 29.44
CA ARG B 585 -37.25 31.81 30.08
C ARG B 585 -36.10 32.63 30.65
N LEU B 586 -36.45 33.57 31.54
CA LEU B 586 -35.45 34.46 32.10
C LEU B 586 -35.55 34.66 33.61
N ARG B 587 -36.69 34.39 34.25
CA ARG B 587 -36.90 34.81 35.63
C ARG B 587 -37.42 33.68 36.52
N LEU B 588 -37.24 32.42 36.15
CA LEU B 588 -38.00 31.31 36.74
C LEU B 588 -37.25 30.66 37.89
N LEU B 589 -37.16 31.37 39.02
CA LEU B 589 -36.78 30.74 40.28
C LEU B 589 -37.61 31.14 41.48
N LEU B 590 -38.23 32.31 41.49
CA LEU B 590 -39.13 32.63 42.58
C LEU B 590 -40.58 32.47 42.11
N PRO B 591 -41.50 32.13 43.02
CA PRO B 591 -42.85 31.76 42.57
C PRO B 591 -43.64 32.91 41.98
N VAL B 592 -43.26 33.33 40.78
CA VAL B 592 -44.07 34.28 40.04
C VAL B 592 -45.38 33.60 39.64
N PRO B 593 -46.54 34.25 39.81
CA PRO B 593 -47.81 33.56 39.58
C PRO B 593 -48.08 33.29 38.10
N HIS B 594 -49.27 32.78 37.81
CA HIS B 594 -49.61 32.24 36.50
C HIS B 594 -49.93 33.34 35.49
N VAL B 595 -50.56 32.95 34.37
CA VAL B 595 -50.82 33.80 33.22
C VAL B 595 -51.62 35.03 33.60
N LYS B 596 -52.15 35.06 34.83
CA LYS B 596 -52.92 36.22 35.29
C LYS B 596 -52.10 37.51 35.20
N LEU B 597 -50.78 37.41 35.28
CA LEU B 597 -49.92 38.57 35.02
C LEU B 597 -49.70 38.74 33.53
N ASN B 598 -49.17 37.69 32.88
CA ASN B 598 -48.79 37.73 31.46
C ASN B 598 -47.76 38.82 31.18
N VAL B 599 -47.05 39.25 32.22
CA VAL B 599 -45.90 40.13 32.06
C VAL B 599 -44.63 39.33 31.81
N GLN B 600 -44.48 38.20 32.50
CA GLN B 600 -43.74 37.06 31.99
C GLN B 600 -44.35 35.72 32.38
N GLY B 601 -45.56 35.67 32.94
CA GLY B 601 -46.10 34.42 33.45
C GLY B 601 -46.23 33.36 32.38
N VAL B 602 -45.70 32.17 32.69
CA VAL B 602 -45.60 31.07 31.72
C VAL B 602 -46.33 29.87 32.30
N SER B 603 -47.64 29.77 32.02
CA SER B 603 -48.45 28.62 32.42
C SER B 603 -49.39 28.24 31.29
N LEU B 604 -48.98 28.49 30.04
CA LEU B 604 -49.86 28.22 28.91
C LEU B 604 -50.07 26.72 28.71
N ARG B 605 -49.03 25.92 28.97
CA ARG B 605 -49.13 24.48 28.73
C ARG B 605 -49.63 23.75 29.96
N SER B 606 -48.95 23.91 31.09
CA SER B 606 -49.29 23.19 32.32
C SER B 606 -49.16 24.14 33.50
N LEU B 607 -49.23 23.58 34.70
CA LEU B 607 -49.14 24.36 35.92
C LEU B 607 -47.72 24.87 36.16
N TYR B 608 -47.61 25.85 37.03
CA TYR B 608 -46.33 26.48 37.35
C TYR B 608 -45.70 25.74 38.52
N LYS B 609 -44.65 24.96 38.24
CA LYS B 609 -43.91 24.19 39.23
C LYS B 609 -42.41 24.47 39.09
N ARG B 610 -42.07 25.76 39.02
CA ARG B 610 -40.72 26.20 38.65
C ARG B 610 -40.34 25.65 37.29
N SER B 611 -41.33 25.59 36.40
CA SER B 611 -41.14 25.08 35.04
C SER B 611 -42.24 25.68 34.16
N SER B 612 -42.31 25.19 32.93
CA SER B 612 -43.28 25.72 31.97
C SER B 612 -44.11 24.59 31.36
N GLY B 613 -43.51 23.42 31.19
CA GLY B 613 -44.19 22.27 30.65
C GLY B 613 -43.73 21.92 29.25
N HIS B 614 -44.57 21.16 28.55
CA HIS B 614 -44.28 20.72 27.18
C HIS B 614 -44.59 21.89 26.24
N VAL B 615 -43.64 22.82 26.19
CA VAL B 615 -43.66 23.97 25.30
C VAL B 615 -42.49 23.77 24.35
N THR B 616 -42.30 22.52 23.94
CA THR B 616 -41.08 22.00 23.33
C THR B 616 -40.74 22.68 22.01
N PHE B 617 -39.68 22.21 21.35
CA PHE B 617 -38.91 22.91 20.35
C PHE B 617 -39.71 23.87 19.48
N THR B 618 -40.88 23.44 19.04
CA THR B 618 -41.86 24.26 18.32
C THR B 618 -41.32 24.64 16.93
N MET B 619 -40.03 24.46 16.70
CA MET B 619 -39.49 24.75 15.38
C MET B 619 -38.57 23.64 14.85
N ASP B 620 -37.72 23.08 15.71
CA ASP B 620 -36.70 22.12 15.27
C ASP B 620 -36.12 21.29 16.40
N PRO B 621 -36.28 19.96 16.38
CA PRO B 621 -35.55 19.13 17.34
C PRO B 621 -34.04 19.01 17.07
N ILE B 622 -33.68 18.61 15.86
CA ILE B 622 -32.35 18.07 15.65
C ILE B 622 -31.30 19.16 15.44
N ARG B 623 -31.59 20.20 14.66
CA ARG B 623 -30.59 21.24 14.45
C ARG B 623 -30.41 22.12 15.69
N ASP B 624 -31.35 22.12 16.63
CA ASP B 624 -31.03 22.61 17.96
C ASP B 624 -30.03 21.71 18.67
N LEU B 625 -30.16 20.38 18.51
CA LEU B 625 -29.09 19.51 18.94
C LEU B 625 -27.78 19.84 18.22
N LEU B 626 -27.85 20.29 16.97
CA LEU B 626 -26.65 20.70 16.25
C LEU B 626 -25.96 21.89 16.92
N ILE B 627 -26.75 22.86 17.40
CA ILE B 627 -26.16 23.95 18.17
C ILE B 627 -25.52 23.41 19.44
N TRP B 628 -26.22 22.49 20.12
CA TRP B 628 -25.71 21.93 21.36
C TRP B 628 -24.42 21.13 21.16
N ALA B 629 -24.28 20.46 20.02
CA ALA B 629 -23.06 19.70 19.77
C ALA B 629 -21.88 20.63 19.54
N ILE B 630 -22.08 21.73 18.81
CA ILE B 630 -20.97 22.61 18.46
C ILE B 630 -20.60 23.57 19.58
N VAL B 631 -21.53 23.88 20.49
CA VAL B 631 -21.19 24.76 21.60
C VAL B 631 -20.38 24.06 22.68
N GLN B 632 -20.35 22.73 22.69
CA GLN B 632 -19.49 21.98 23.59
C GLN B 632 -18.22 21.48 22.92
N ASN B 633 -17.89 21.99 21.73
CA ASN B 633 -16.72 21.53 20.97
C ASN B 633 -16.79 20.01 20.72
N ARG B 634 -17.96 19.54 20.32
CA ARG B 634 -18.15 18.14 19.92
C ARG B 634 -18.34 18.13 18.40
N ARG B 635 -17.26 17.84 17.67
CA ARG B 635 -17.30 17.93 16.22
C ARG B 635 -17.87 16.66 15.59
N GLU B 636 -17.44 15.48 16.07
CA GLU B 636 -17.96 14.23 15.53
C GLU B 636 -19.45 14.07 15.73
N LEU B 637 -19.95 14.37 16.94
CA LEU B 637 -21.38 14.26 17.20
C LEU B 637 -22.18 15.20 16.32
N ALA B 638 -21.69 16.43 16.14
CA ALA B 638 -22.38 17.38 15.27
C ALA B 638 -22.41 16.88 13.83
N GLY B 639 -21.32 16.29 13.35
CA GLY B 639 -21.34 15.71 12.01
C GLY B 639 -22.37 14.60 11.86
N ILE B 640 -22.48 13.74 12.88
CA ILE B 640 -23.48 12.68 12.82
C ILE B 640 -24.89 13.25 12.82
N ILE B 641 -25.17 14.20 13.71
CA ILE B 641 -26.54 14.69 13.87
C ILE B 641 -26.91 15.66 12.74
N TRP B 642 -25.92 16.14 11.98
CA TRP B 642 -26.25 16.86 10.75
C TRP B 642 -27.03 15.98 9.79
N ALA B 643 -26.74 14.68 9.78
CA ALA B 643 -27.40 13.75 8.87
C ALA B 643 -28.90 13.62 9.14
N GLN B 644 -29.37 14.05 10.30
CA GLN B 644 -30.79 14.08 10.60
C GLN B 644 -31.35 15.51 10.67
N SER B 645 -30.54 16.52 10.39
CA SER B 645 -31.00 17.90 10.46
C SER B 645 -31.97 18.21 9.33
N GLN B 646 -33.00 18.99 9.66
CA GLN B 646 -34.00 19.43 8.69
C GLN B 646 -33.48 20.48 7.73
N ASP B 647 -32.50 21.29 8.14
CA ASP B 647 -32.04 22.42 7.34
C ASP B 647 -31.06 22.00 6.26
N CYS B 648 -29.92 21.45 6.68
CA CYS B 648 -28.89 20.81 5.85
C CYS B 648 -28.26 21.74 4.82
N ILE B 649 -28.71 22.99 4.75
CA ILE B 649 -28.02 23.98 3.94
C ILE B 649 -27.76 25.24 4.78
N ALA B 650 -28.85 25.85 5.28
CA ALA B 650 -28.69 27.05 6.08
C ALA B 650 -28.11 26.74 7.45
N ALA B 651 -28.33 25.52 7.97
CA ALA B 651 -27.64 25.10 9.18
C ALA B 651 -26.14 25.04 8.94
N ALA B 652 -25.71 24.52 7.78
CA ALA B 652 -24.30 24.46 7.46
C ALA B 652 -23.65 25.83 7.36
N LEU B 653 -24.34 26.82 6.80
CA LEU B 653 -23.80 28.18 6.78
C LEU B 653 -23.86 28.82 8.16
N ALA B 654 -24.99 28.72 8.86
CA ALA B 654 -25.15 29.39 10.14
C ALA B 654 -24.20 28.84 11.19
N CYS B 655 -24.06 27.51 11.25
CA CYS B 655 -23.15 26.91 12.22
C CYS B 655 -21.71 27.33 11.97
N SER B 656 -21.29 27.36 10.70
CA SER B 656 -19.95 27.81 10.38
C SER B 656 -19.73 29.25 10.82
N LYS B 657 -20.75 30.10 10.66
CA LYS B 657 -20.65 31.47 11.14
C LYS B 657 -20.51 31.51 12.66
N ILE B 658 -21.28 30.69 13.38
CA ILE B 658 -21.14 30.62 14.84
C ILE B 658 -19.76 30.12 15.21
N LEU B 659 -19.21 29.18 14.45
CA LEU B 659 -17.86 28.69 14.70
C LEU B 659 -16.83 29.79 14.53
N LYS B 660 -16.99 30.64 13.51
CA LYS B 660 -16.14 31.81 13.39
C LYS B 660 -16.33 32.75 14.57
N GLU B 661 -17.57 32.90 15.05
CA GLU B 661 -17.82 33.72 16.22
C GLU B 661 -17.06 33.19 17.44
N LEU B 662 -17.07 31.87 17.63
CA LEU B 662 -16.31 31.27 18.72
C LEU B 662 -14.81 31.52 18.57
N SER B 663 -14.28 31.39 17.35
CA SER B 663 -12.87 31.70 17.13
C SER B 663 -12.61 33.20 17.21
N LYS B 664 -13.59 34.02 16.83
CA LYS B 664 -13.42 35.47 16.89
C LYS B 664 -13.34 35.96 18.32
N GLU B 665 -14.16 35.40 19.22
CA GLU B 665 -14.24 35.93 20.57
C GLU B 665 -13.02 35.56 21.42
N GLU B 666 -12.82 34.27 21.67
CA GLU B 666 -11.68 33.84 22.49
C GLU B 666 -11.47 32.33 22.41
N GLU B 667 -10.36 31.90 21.81
CA GLU B 667 -9.90 30.53 22.02
C GLU B 667 -8.40 30.41 22.29
N ASP B 668 -7.58 31.30 21.72
CA ASP B 668 -6.16 31.64 21.92
C ASP B 668 -5.20 30.50 21.58
N THR B 669 -5.73 29.29 21.32
CA THR B 669 -4.93 28.18 20.83
C THR B 669 -5.79 26.95 20.62
N ASP B 670 -5.32 26.08 19.74
CA ASP B 670 -5.61 24.65 19.73
C ASP B 670 -7.06 24.32 19.38
N SER B 671 -7.93 25.31 19.34
CA SER B 671 -9.28 25.08 18.85
C SER B 671 -9.78 26.14 17.88
N SER B 672 -9.33 27.40 17.98
CA SER B 672 -9.82 28.43 17.06
C SER B 672 -9.42 28.10 15.62
N GLU B 673 -8.19 27.63 15.42
CA GLU B 673 -7.78 27.20 14.09
C GLU B 673 -8.63 26.04 13.60
N GLU B 674 -8.90 25.07 14.46
CA GLU B 674 -9.71 23.94 14.03
C GLU B 674 -11.21 24.23 14.10
N MET B 675 -11.67 25.16 14.96
CA MET B 675 -13.03 25.68 14.79
C MET B 675 -13.20 26.28 13.39
N LEU B 676 -12.28 27.14 12.99
CA LEU B 676 -12.37 27.76 11.67
C LEU B 676 -12.27 26.72 10.56
N ALA B 677 -11.35 25.76 10.69
CA ALA B 677 -11.19 24.74 9.67
C ALA B 677 -12.39 23.81 9.61
N LEU B 678 -12.95 23.44 10.76
CA LEU B 678 -14.14 22.59 10.74
C LEU B 678 -15.36 23.38 10.28
N ALA B 679 -15.39 24.69 10.54
CA ALA B 679 -16.39 25.53 9.89
C ALA B 679 -16.23 25.46 8.38
N GLU B 680 -14.98 25.37 7.90
CA GLU B 680 -14.75 25.22 6.47
C GLU B 680 -15.33 23.92 5.94
N GLU B 681 -15.20 22.82 6.70
CA GLU B 681 -15.69 21.55 6.16
C GLU B 681 -17.22 21.45 6.26
N TYR B 682 -17.84 22.13 7.25
CA TYR B 682 -19.29 22.30 7.14
C TYR B 682 -19.67 23.12 5.93
N GLU B 683 -18.93 24.19 5.65
CA GLU B 683 -19.17 24.91 4.40
C GLU B 683 -18.90 24.03 3.20
N HIS B 684 -17.97 23.08 3.33
CA HIS B 684 -17.72 22.12 2.27
C HIS B 684 -18.90 21.18 2.07
N ARG B 685 -19.54 20.74 3.16
CA ARG B 685 -20.75 19.95 3.01
C ARG B 685 -21.87 20.79 2.41
N ALA B 686 -21.90 22.09 2.73
CA ALA B 686 -22.82 23.00 2.06
C ALA B 686 -22.52 23.09 0.57
N ILE B 687 -21.24 23.07 0.20
CA ILE B 687 -20.85 23.04 -1.20
C ILE B 687 -21.40 21.78 -1.87
N GLY B 688 -21.22 20.63 -1.22
CA GLY B 688 -21.65 19.37 -1.78
C GLY B 688 -23.16 19.19 -1.88
N VAL B 689 -23.90 19.59 -0.85
CA VAL B 689 -25.35 19.46 -0.92
C VAL B 689 -25.92 20.38 -1.99
N PHE B 690 -25.36 21.59 -2.13
CA PHE B 690 -25.74 22.43 -3.26
C PHE B 690 -25.35 21.77 -4.57
N THR B 691 -24.19 21.12 -4.61
CA THR B 691 -23.71 20.51 -5.85
C THR B 691 -24.71 19.47 -6.36
N GLU B 692 -25.21 18.63 -5.47
CA GLU B 692 -26.17 17.62 -5.90
C GLU B 692 -27.56 18.21 -6.13
N CYS B 693 -28.00 19.16 -5.29
CA CYS B 693 -29.35 19.70 -5.45
C CYS B 693 -29.46 20.67 -6.62
N TYR B 694 -28.37 21.34 -7.00
CA TYR B 694 -28.39 22.17 -8.20
C TYR B 694 -28.39 21.31 -9.46
N ARG B 695 -27.74 20.15 -9.41
CA ARG B 695 -27.71 19.24 -10.55
C ARG B 695 -29.11 18.74 -10.90
N LYS B 696 -29.90 18.36 -9.92
CA LYS B 696 -31.26 17.85 -10.14
C LYS B 696 -32.24 18.98 -9.84
N ASP B 697 -33.01 19.38 -10.84
CA ASP B 697 -34.01 20.44 -10.71
C ASP B 697 -33.36 21.75 -10.25
N GLU B 698 -32.51 22.29 -11.13
CA GLU B 698 -31.80 23.53 -10.82
C GLU B 698 -32.77 24.68 -10.58
N GLU B 699 -33.90 24.71 -11.28
CA GLU B 699 -34.92 25.71 -11.00
C GLU B 699 -35.53 25.50 -9.62
N ARG B 700 -35.80 24.25 -9.24
CA ARG B 700 -36.26 24.00 -7.87
C ARG B 700 -35.19 24.37 -6.86
N ALA B 701 -33.92 24.08 -7.16
CA ALA B 701 -32.85 24.49 -6.25
C ALA B 701 -32.82 25.99 -6.06
N GLN B 702 -32.88 26.75 -7.16
CA GLN B 702 -32.74 28.20 -7.05
C GLN B 702 -33.92 28.81 -6.29
N LYS B 703 -35.10 28.20 -6.35
CA LYS B 703 -36.18 28.68 -5.48
C LYS B 703 -36.04 28.14 -4.07
N LEU B 704 -35.28 27.06 -3.87
CA LEU B 704 -34.95 26.61 -2.51
C LEU B 704 -33.97 27.53 -1.82
N LEU B 705 -33.18 28.30 -2.58
CA LEU B 705 -32.31 29.27 -1.94
C LEU B 705 -33.11 30.39 -1.28
N THR B 706 -34.40 30.48 -1.55
CA THR B 706 -35.30 31.48 -0.96
C THR B 706 -36.31 30.75 -0.07
N ARG B 707 -36.13 30.86 1.24
CA ARG B 707 -37.03 30.31 2.24
C ARG B 707 -37.78 31.46 2.91
N VAL B 708 -38.84 31.14 3.66
CA VAL B 708 -39.61 32.14 4.37
C VAL B 708 -39.11 32.28 5.81
N SER B 709 -39.51 33.35 6.48
CA SER B 709 -39.03 33.66 7.83
C SER B 709 -39.71 32.75 8.84
N GLU B 710 -39.30 31.49 8.83
CA GLU B 710 -39.92 30.47 9.68
C GLU B 710 -38.93 29.71 10.55
N ALA B 711 -37.79 29.29 9.99
CA ALA B 711 -36.90 28.34 10.67
C ALA B 711 -35.89 29.04 11.57
N TRP B 712 -35.01 29.85 10.97
CA TRP B 712 -34.23 30.83 11.72
C TRP B 712 -34.71 32.25 11.42
N GLY B 713 -36.02 32.41 11.25
CA GLY B 713 -36.52 33.67 10.74
C GLY B 713 -36.07 33.89 9.31
N LYS B 714 -35.78 35.13 8.99
CA LYS B 714 -35.31 35.51 7.66
C LYS B 714 -33.81 35.18 7.55
N THR B 715 -33.13 35.72 6.55
CA THR B 715 -31.81 35.28 6.10
C THR B 715 -31.86 33.85 5.57
N THR B 716 -32.56 33.73 4.43
CA THR B 716 -32.73 32.47 3.71
C THR B 716 -31.43 32.04 3.01
N CYS B 717 -30.46 31.64 3.83
CA CYS B 717 -29.23 30.95 3.39
C CYS B 717 -28.45 31.74 2.34
N LEU B 718 -28.86 32.98 2.09
CA LEU B 718 -28.13 33.92 1.25
C LEU B 718 -27.57 35.09 2.04
N GLN B 719 -28.42 35.75 2.83
CA GLN B 719 -27.96 36.76 3.76
C GLN B 719 -27.20 36.15 4.93
N LEU B 720 -27.42 34.87 5.21
CA LEU B 720 -26.52 34.15 6.12
C LEU B 720 -25.11 34.09 5.56
N ALA B 721 -24.98 33.82 4.26
CA ALA B 721 -23.68 33.74 3.63
C ALA B 721 -22.93 35.07 3.67
N LEU B 722 -23.64 36.16 3.94
CA LEU B 722 -22.99 37.47 4.00
C LEU B 722 -22.06 37.56 5.20
N GLU B 723 -22.60 37.40 6.40
CA GLU B 723 -21.82 37.43 7.62
C GLU B 723 -21.20 36.09 7.97
N ALA B 724 -21.48 35.04 7.19
CA ALA B 724 -20.78 33.77 7.37
C ALA B 724 -19.53 33.68 6.52
N LYS B 725 -19.18 34.73 5.78
CA LYS B 725 -17.94 34.79 5.00
C LYS B 725 -17.78 33.56 4.11
N ASP B 726 -18.63 33.50 3.09
CA ASP B 726 -18.66 32.35 2.19
C ASP B 726 -18.27 32.73 0.77
N MET B 727 -16.99 33.11 0.60
CA MET B 727 -16.49 33.29 -0.75
C MET B 727 -16.28 31.97 -1.45
N LYS B 728 -16.36 30.86 -0.71
CA LYS B 728 -16.46 29.56 -1.34
C LYS B 728 -17.88 29.32 -1.86
N PHE B 729 -18.88 29.39 -0.99
CA PHE B 729 -20.23 28.95 -1.35
C PHE B 729 -20.86 29.83 -2.43
N VAL B 730 -20.75 31.16 -2.31
CA VAL B 730 -21.39 32.02 -3.30
C VAL B 730 -20.68 31.97 -4.65
N SER B 731 -19.39 31.63 -4.65
CA SER B 731 -18.64 31.50 -5.90
C SER B 731 -18.58 30.05 -6.35
N HIS B 732 -19.73 29.41 -6.52
CA HIS B 732 -19.79 27.97 -6.78
C HIS B 732 -20.98 27.69 -7.70
N GLY B 733 -20.69 27.37 -8.95
CA GLY B 733 -21.69 26.89 -9.88
C GLY B 733 -22.86 27.81 -10.10
N GLY B 734 -24.02 27.44 -9.56
CA GLY B 734 -25.27 28.12 -9.82
C GLY B 734 -25.59 29.30 -8.93
N ILE B 735 -24.76 29.63 -7.94
CA ILE B 735 -25.05 30.78 -7.09
C ILE B 735 -25.01 32.07 -7.90
N GLN B 736 -23.86 32.40 -8.47
CA GLN B 736 -23.78 33.62 -9.26
C GLN B 736 -24.53 33.47 -10.60
N ALA B 737 -24.91 32.23 -10.96
CA ALA B 737 -25.83 32.06 -12.07
C ALA B 737 -27.22 32.57 -11.73
N PHE B 738 -27.74 32.19 -10.56
CA PHE B 738 -29.00 32.78 -10.09
C PHE B 738 -28.82 34.26 -9.78
N LEU B 739 -27.63 34.65 -9.33
CA LEU B 739 -27.34 36.07 -9.16
C LEU B 739 -27.22 36.78 -10.49
N THR B 740 -26.91 36.03 -11.56
CA THR B 740 -27.00 36.49 -12.93
C THR B 740 -28.43 36.39 -13.46
N LYS B 741 -29.34 35.86 -12.65
CA LYS B 741 -30.77 35.93 -12.93
C LYS B 741 -31.47 37.08 -12.22
N VAL B 742 -31.02 37.50 -11.04
CA VAL B 742 -31.59 38.70 -10.41
C VAL B 742 -31.00 39.96 -11.02
N TRP B 743 -29.68 40.00 -11.16
CA TRP B 743 -29.10 40.82 -12.21
C TRP B 743 -29.49 40.17 -13.52
N TRP B 744 -29.69 40.98 -14.57
CA TRP B 744 -30.46 40.48 -15.71
C TRP B 744 -31.82 39.95 -15.24
N GLY B 745 -32.56 40.85 -14.60
CA GLY B 745 -33.59 40.43 -13.66
C GLY B 745 -34.62 39.48 -14.26
N GLN B 746 -35.21 39.86 -15.40
CA GLN B 746 -36.28 39.08 -15.99
C GLN B 746 -36.11 38.89 -17.48
N LEU B 747 -35.37 39.76 -18.16
CA LEU B 747 -35.47 39.85 -19.62
C LEU B 747 -34.74 38.69 -20.29
N SER B 748 -33.43 38.61 -20.10
CA SER B 748 -32.59 37.61 -20.76
C SER B 748 -31.21 37.66 -20.11
N VAL B 749 -30.36 36.70 -20.47
CA VAL B 749 -28.99 36.66 -19.97
C VAL B 749 -27.95 36.50 -21.06
N ASP B 750 -28.32 36.06 -22.27
CA ASP B 750 -27.33 35.69 -23.27
C ASP B 750 -26.63 36.91 -23.87
N ASN B 751 -27.37 37.95 -24.21
CA ASN B 751 -26.82 39.08 -24.95
C ASN B 751 -25.81 39.85 -24.11
N GLY B 752 -24.73 40.27 -24.75
CA GLY B 752 -23.72 41.08 -24.11
C GLY B 752 -24.00 42.56 -24.25
N LEU B 753 -22.94 43.35 -24.05
CA LEU B 753 -23.00 44.81 -24.11
C LEU B 753 -22.85 45.37 -25.52
N TRP B 754 -23.11 44.62 -26.60
CA TRP B 754 -22.87 45.16 -27.93
C TRP B 754 -24.13 45.72 -28.57
N ARG B 755 -25.23 44.97 -28.51
CA ARG B 755 -26.47 45.40 -29.13
C ARG B 755 -27.47 46.03 -28.16
N VAL B 756 -27.23 45.91 -26.84
CA VAL B 756 -28.06 46.65 -25.89
C VAL B 756 -27.67 48.13 -25.87
N THR B 757 -26.38 48.44 -26.00
CA THR B 757 -25.96 49.84 -26.06
C THR B 757 -26.62 50.60 -27.20
N LEU B 758 -27.07 49.88 -28.23
CA LEU B 758 -27.89 50.49 -29.27
C LEU B 758 -29.34 50.62 -28.82
N CYS B 759 -29.71 49.90 -27.76
CA CYS B 759 -31.10 49.93 -27.29
C CYS B 759 -31.38 51.12 -26.39
N MET B 760 -30.35 51.73 -25.81
CA MET B 760 -30.53 53.01 -25.12
C MET B 760 -31.05 54.12 -26.02
N LEU B 761 -30.46 54.32 -27.19
CA LEU B 761 -30.75 55.49 -28.01
C LEU B 761 -31.84 55.26 -29.04
N ALA B 762 -31.83 54.10 -29.70
CA ALA B 762 -32.83 53.77 -30.72
C ALA B 762 -34.12 53.40 -30.01
N PHE B 763 -34.93 54.42 -29.72
CA PHE B 763 -36.20 54.17 -29.02
C PHE B 763 -37.13 53.23 -29.77
N PRO B 764 -37.39 53.37 -31.08
CA PRO B 764 -38.31 52.45 -31.74
C PRO B 764 -37.75 51.04 -31.95
N LEU B 765 -36.50 50.79 -31.59
CA LEU B 765 -35.83 49.54 -31.97
C LEU B 765 -36.30 48.33 -31.19
N LEU B 766 -36.76 48.49 -29.95
CA LEU B 766 -37.08 47.31 -29.14
C LEU B 766 -38.28 46.56 -29.72
N LEU B 767 -39.12 47.24 -30.48
CA LEU B 767 -40.27 46.61 -31.10
C LEU B 767 -39.86 45.58 -32.17
N THR B 768 -38.66 45.70 -32.72
CA THR B 768 -38.18 44.76 -33.72
C THR B 768 -37.66 43.49 -33.05
N GLY B 769 -37.22 42.54 -33.87
CA GLY B 769 -36.69 41.29 -33.37
C GLY B 769 -35.19 41.31 -33.15
N LEU B 770 -34.70 42.36 -32.48
CA LEU B 770 -33.27 42.46 -32.21
C LEU B 770 -32.90 41.69 -30.95
N ILE B 771 -33.62 41.92 -29.86
CA ILE B 771 -33.44 41.17 -28.62
C ILE B 771 -34.79 40.61 -28.20
N SER B 772 -34.76 39.46 -27.54
CA SER B 772 -35.98 38.77 -27.13
C SER B 772 -36.11 38.83 -25.61
N PHE B 773 -37.23 39.39 -25.15
CA PHE B 773 -37.55 39.40 -23.73
C PHE B 773 -38.00 38.01 -23.29
N ARG B 774 -38.02 37.80 -21.97
CA ARG B 774 -38.70 36.61 -21.46
C ARG B 774 -40.19 36.71 -21.71
N GLU B 775 -40.74 37.92 -21.70
CA GLU B 775 -42.10 38.13 -22.20
C GLU B 775 -42.19 37.76 -23.68
N LYS B 776 -41.21 38.19 -24.46
CA LYS B 776 -41.14 37.82 -25.88
C LYS B 776 -40.76 36.36 -26.08
N ARG B 777 -40.16 35.72 -25.07
CA ARG B 777 -39.90 34.29 -25.15
C ARG B 777 -41.19 33.50 -25.27
N LEU B 778 -42.21 33.90 -24.50
CA LEU B 778 -43.56 33.36 -24.61
C LEU B 778 -44.46 34.25 -25.47
N GLN B 779 -43.88 35.28 -26.12
CA GLN B 779 -44.65 36.26 -26.89
C GLN B 779 -45.71 36.94 -26.03
N ASP B 780 -45.35 37.25 -24.78
CA ASP B 780 -46.21 38.03 -23.91
C ASP B 780 -46.16 39.52 -24.22
N VAL B 781 -45.33 39.93 -25.17
CA VAL B 781 -45.20 41.35 -25.55
C VAL B 781 -46.39 41.68 -26.44
N GLY B 782 -47.45 42.22 -25.83
CA GLY B 782 -48.58 42.74 -26.58
C GLY B 782 -48.89 44.16 -26.18
N THR B 783 -48.20 44.62 -25.13
CA THR B 783 -48.38 45.96 -24.59
C THR B 783 -47.06 46.72 -24.64
N PRO B 784 -47.02 47.86 -25.33
CA PRO B 784 -45.78 48.67 -25.29
C PRO B 784 -45.43 49.14 -23.89
N ALA B 785 -46.43 49.42 -23.05
CA ALA B 785 -46.15 49.81 -21.67
C ALA B 785 -45.47 48.68 -20.91
N ALA B 786 -45.93 47.45 -21.09
CA ALA B 786 -45.26 46.32 -20.43
C ALA B 786 -43.85 46.11 -20.97
N ARG B 787 -43.69 46.17 -22.30
CA ARG B 787 -42.37 46.01 -22.91
C ARG B 787 -41.40 47.08 -22.45
N ALA B 788 -41.92 48.27 -22.10
CA ALA B 788 -41.06 49.37 -21.67
C ALA B 788 -40.80 49.35 -20.17
N ARG B 789 -41.83 49.07 -19.37
CA ARG B 789 -41.69 49.13 -17.91
C ARG B 789 -40.97 47.91 -17.35
N ALA B 790 -41.22 46.72 -17.92
CA ALA B 790 -40.41 45.57 -17.54
C ALA B 790 -38.95 45.80 -17.89
N PHE B 791 -38.70 46.46 -19.02
CA PHE B 791 -37.35 46.91 -19.36
C PHE B 791 -36.84 47.92 -18.32
N PHE B 792 -37.72 48.80 -17.85
CA PHE B 792 -37.31 49.82 -16.88
C PHE B 792 -36.90 49.20 -15.55
N THR B 793 -37.65 48.21 -15.07
CA THR B 793 -37.43 47.64 -13.75
C THR B 793 -36.27 46.65 -13.71
N ALA B 794 -35.68 46.33 -14.85
CA ALA B 794 -34.52 45.43 -14.84
C ALA B 794 -33.33 46.11 -14.20
N PRO B 795 -32.66 45.47 -13.24
CA PRO B 795 -31.49 46.09 -12.61
C PRO B 795 -30.36 46.40 -13.58
N VAL B 796 -30.24 45.66 -14.69
CA VAL B 796 -29.27 46.02 -15.70
C VAL B 796 -29.57 47.39 -16.29
N VAL B 797 -30.83 47.66 -16.59
CA VAL B 797 -31.23 48.95 -17.14
C VAL B 797 -31.16 50.07 -16.11
N VAL B 798 -31.60 49.81 -14.87
CA VAL B 798 -31.44 50.80 -13.82
C VAL B 798 -29.98 51.16 -13.64
N PHE B 799 -29.08 50.18 -13.76
CA PHE B 799 -27.66 50.46 -13.70
C PHE B 799 -27.26 51.54 -14.71
N HIS B 800 -27.41 51.24 -16.00
CA HIS B 800 -26.94 52.18 -17.03
C HIS B 800 -27.69 53.49 -17.02
N LEU B 801 -28.96 53.51 -16.59
CA LEU B 801 -29.65 54.79 -16.44
C LEU B 801 -29.03 55.64 -15.34
N ASN B 802 -28.63 55.02 -14.23
CA ASN B 802 -27.93 55.78 -13.19
C ASN B 802 -26.48 56.08 -13.57
N ILE B 803 -25.87 55.24 -14.39
CA ILE B 803 -24.46 55.43 -14.74
C ILE B 803 -24.29 56.48 -15.82
N LEU B 804 -24.97 56.30 -16.96
CA LEU B 804 -24.80 57.21 -18.09
C LEU B 804 -25.35 58.60 -17.85
N SER B 805 -26.47 58.74 -17.14
CA SER B 805 -26.97 60.07 -16.78
C SER B 805 -26.00 60.79 -15.85
N TYR B 806 -25.47 60.07 -14.85
CA TYR B 806 -24.44 60.63 -13.99
C TYR B 806 -23.16 60.91 -14.77
N PHE B 807 -22.84 60.06 -15.74
CA PHE B 807 -21.69 60.30 -16.60
C PHE B 807 -21.87 61.58 -17.41
N ALA B 808 -23.07 61.82 -17.93
CA ALA B 808 -23.38 63.11 -18.55
C ALA B 808 -23.34 64.24 -17.54
N PHE B 809 -23.60 63.96 -16.25
CA PHE B 809 -23.46 64.99 -15.23
C PHE B 809 -22.01 65.39 -15.04
N LEU B 810 -21.06 64.44 -15.14
CA LEU B 810 -19.66 64.83 -15.18
C LEU B 810 -19.34 65.72 -16.38
N CYS B 811 -19.92 65.42 -17.54
CA CYS B 811 -19.74 66.29 -18.70
C CYS B 811 -20.35 67.67 -18.44
N LEU B 812 -21.49 67.72 -17.74
CA LEU B 812 -22.08 68.98 -17.34
C LEU B 812 -21.18 69.74 -16.37
N PHE B 813 -20.57 69.04 -15.42
CA PHE B 813 -19.64 69.66 -14.49
C PHE B 813 -18.37 70.14 -15.18
N ALA B 814 -17.96 69.49 -16.27
CA ALA B 814 -16.85 69.99 -17.06
C ALA B 814 -17.25 71.19 -17.89
N TYR B 815 -18.47 71.18 -18.44
CA TYR B 815 -18.95 72.28 -19.25
C TYR B 815 -19.23 73.53 -18.44
N VAL B 816 -19.67 73.38 -17.19
CA VAL B 816 -19.93 74.54 -16.34
C VAL B 816 -18.65 75.23 -15.92
N LEU B 817 -17.50 74.59 -16.11
CA LEU B 817 -16.20 75.18 -15.82
C LEU B 817 -15.41 75.53 -17.07
N MET B 818 -15.65 74.86 -18.19
CA MET B 818 -14.94 75.18 -19.43
C MET B 818 -15.47 76.46 -20.06
N VAL B 819 -16.78 76.49 -20.34
CA VAL B 819 -17.41 77.63 -20.98
C VAL B 819 -18.08 78.55 -19.96
N ASP B 820 -18.70 77.96 -18.93
CA ASP B 820 -19.45 78.72 -17.94
C ASP B 820 -18.61 79.12 -16.73
N PHE B 821 -17.31 79.32 -16.92
CA PHE B 821 -16.43 79.81 -15.84
C PHE B 821 -16.69 81.30 -15.67
N GLN B 822 -17.88 81.61 -15.14
CA GLN B 822 -18.34 82.98 -14.99
C GLN B 822 -18.75 83.22 -13.54
N PRO B 823 -18.62 84.45 -13.06
CA PRO B 823 -19.01 84.76 -11.68
C PRO B 823 -20.50 85.03 -11.48
N VAL B 824 -21.34 84.68 -12.45
CA VAL B 824 -22.79 84.93 -12.33
C VAL B 824 -23.54 83.64 -12.60
N PRO B 825 -24.70 83.43 -11.96
CA PRO B 825 -25.50 82.24 -12.26
C PRO B 825 -26.23 82.35 -13.59
N SER B 826 -25.77 81.62 -14.60
CA SER B 826 -26.37 81.66 -15.93
C SER B 826 -27.43 80.57 -16.04
N TRP B 827 -27.92 80.34 -17.25
CA TRP B 827 -28.90 79.28 -17.48
C TRP B 827 -28.30 77.90 -17.26
N CYS B 828 -26.99 77.77 -17.43
CA CYS B 828 -26.30 76.51 -17.21
C CYS B 828 -25.61 76.42 -15.86
N GLU B 829 -25.25 77.56 -15.26
CA GLU B 829 -24.61 77.55 -13.95
C GLU B 829 -25.55 77.06 -12.86
N CYS B 830 -26.85 77.34 -13.01
CA CYS B 830 -27.81 76.93 -11.99
C CYS B 830 -28.11 75.43 -12.02
N ALA B 831 -27.79 74.75 -13.13
CA ALA B 831 -28.08 73.34 -13.24
C ALA B 831 -27.14 72.48 -12.42
N ILE B 832 -25.97 73.01 -12.04
CA ILE B 832 -25.01 72.24 -11.25
C ILE B 832 -25.33 72.23 -9.78
N TYR B 833 -26.42 72.89 -9.36
CA TYR B 833 -26.69 73.09 -7.93
C TYR B 833 -27.17 71.81 -7.28
N LEU B 834 -28.31 71.27 -7.73
CA LEU B 834 -29.04 70.28 -6.95
C LEU B 834 -28.97 68.87 -7.53
N TRP B 835 -28.03 68.60 -8.44
CA TRP B 835 -27.82 67.22 -8.86
C TRP B 835 -27.31 66.36 -7.72
N LEU B 836 -26.31 66.87 -6.99
CA LEU B 836 -25.84 66.19 -5.79
C LEU B 836 -26.94 66.10 -4.74
N PHE B 837 -27.82 67.10 -4.67
CA PHE B 837 -28.98 67.02 -3.79
C PHE B 837 -29.95 65.93 -4.23
N SER B 838 -30.04 65.67 -5.54
CA SER B 838 -30.88 64.61 -6.06
C SER B 838 -30.29 63.22 -5.82
N LEU B 839 -28.98 63.12 -5.57
CA LEU B 839 -28.35 61.85 -5.26
C LEU B 839 -28.14 61.59 -3.77
N VAL B 840 -27.94 62.63 -2.96
CA VAL B 840 -27.82 62.41 -1.52
C VAL B 840 -29.11 61.91 -0.92
N CYS B 841 -30.26 62.16 -1.56
CA CYS B 841 -31.50 61.57 -1.10
C CYS B 841 -31.51 60.06 -1.33
N GLU B 842 -30.89 59.60 -2.43
CA GLU B 842 -30.69 58.16 -2.60
C GLU B 842 -29.76 57.61 -1.53
N GLU B 843 -28.72 58.35 -1.17
CA GLU B 843 -27.88 57.93 -0.05
C GLU B 843 -28.65 57.93 1.26
N MET B 844 -29.60 58.85 1.42
CA MET B 844 -30.51 58.81 2.57
C MET B 844 -31.39 57.58 2.53
N ARG B 845 -31.87 57.19 1.35
CA ARG B 845 -32.64 55.97 1.20
C ARG B 845 -31.82 54.75 1.59
N GLN B 846 -30.53 54.73 1.21
CA GLN B 846 -29.64 53.68 1.69
C GLN B 846 -29.49 53.74 3.21
N LEU B 847 -29.38 54.94 3.77
CA LEU B 847 -29.31 55.10 5.21
C LEU B 847 -30.58 54.64 5.91
N PHE B 848 -31.76 54.87 5.30
CA PHE B 848 -33.03 54.46 5.89
C PHE B 848 -33.81 53.68 4.83
N TYR B 849 -33.48 52.39 4.70
CA TYR B 849 -34.29 51.44 3.94
C TYR B 849 -34.76 50.30 4.82
N ASP B 850 -33.84 49.58 5.48
CA ASP B 850 -34.19 48.59 6.50
C ASP B 850 -33.11 48.54 7.57
N PRO B 851 -32.78 49.69 8.21
CA PRO B 851 -31.87 49.65 9.35
C PRO B 851 -32.63 49.47 10.65
N ASP B 852 -31.94 49.47 11.78
CA ASP B 852 -32.62 49.56 13.05
C ASP B 852 -33.21 50.96 13.22
N GLU B 853 -34.30 51.04 13.99
CA GLU B 853 -35.02 52.29 14.16
C GLU B 853 -34.40 53.20 15.23
N CYS B 854 -33.32 52.77 15.87
CA CYS B 854 -32.70 53.51 16.95
C CYS B 854 -31.34 54.07 16.60
N GLY B 855 -30.61 53.41 15.69
CA GLY B 855 -29.21 53.71 15.45
C GLY B 855 -28.91 54.76 14.41
N LEU B 856 -28.39 55.91 14.84
CA LEU B 856 -27.96 56.96 13.92
C LEU B 856 -26.45 57.07 13.78
N MET B 857 -25.71 56.96 14.88
CA MET B 857 -24.27 56.77 14.80
C MET B 857 -23.87 55.32 15.02
N LYS B 858 -24.85 54.40 15.02
CA LYS B 858 -24.61 52.96 15.01
C LYS B 858 -24.53 52.36 13.61
N LYS B 859 -25.48 52.68 12.73
CA LYS B 859 -25.34 52.30 11.33
C LYS B 859 -24.43 53.23 10.56
N ALA B 860 -24.18 54.45 11.06
CA ALA B 860 -23.22 55.34 10.44
C ALA B 860 -21.79 54.83 10.55
N ALA B 861 -21.49 54.04 11.59
CA ALA B 861 -20.18 53.42 11.69
C ALA B 861 -19.94 52.41 10.58
N LEU B 862 -21.00 51.76 10.08
CA LEU B 862 -20.86 50.90 8.92
C LEU B 862 -20.42 51.68 7.69
N TYR B 863 -20.97 52.88 7.50
CA TYR B 863 -20.51 53.76 6.43
C TYR B 863 -19.05 54.17 6.68
N PHE B 864 -18.73 54.55 7.91
CA PHE B 864 -17.38 54.99 8.25
C PHE B 864 -16.38 53.84 8.33
N SER B 865 -16.85 52.58 8.33
CA SER B 865 -15.92 51.46 8.40
C SER B 865 -15.10 51.30 7.13
N ASP B 866 -15.53 51.89 6.03
CA ASP B 866 -14.84 51.79 4.74
C ASP B 866 -14.23 53.14 4.38
N PHE B 867 -12.96 53.12 4.01
CA PHE B 867 -12.29 54.35 3.56
C PHE B 867 -12.83 54.82 2.22
N TRP B 868 -13.45 53.91 1.45
CA TRP B 868 -14.08 54.33 0.20
C TRP B 868 -15.22 55.30 0.44
N ASN B 869 -16.02 55.05 1.48
CA ASN B 869 -17.08 56.00 1.84
C ASN B 869 -16.50 57.34 2.27
N LYS B 870 -15.37 57.32 2.98
CA LYS B 870 -14.71 58.57 3.33
C LYS B 870 -14.18 59.28 2.09
N LEU B 871 -13.80 58.53 1.05
CA LEU B 871 -13.44 59.15 -0.22
C LEU B 871 -14.63 59.85 -0.87
N ASP B 872 -15.81 59.24 -0.81
CA ASP B 872 -17.02 59.93 -1.26
C ASP B 872 -17.30 61.17 -0.43
N VAL B 873 -17.09 61.08 0.89
CA VAL B 873 -17.22 62.25 1.75
C VAL B 873 -16.24 63.34 1.34
N GLY B 874 -15.00 62.97 1.04
CA GLY B 874 -14.03 63.93 0.56
C GLY B 874 -14.45 64.56 -0.76
N ALA B 875 -15.10 63.79 -1.63
CA ALA B 875 -15.64 64.35 -2.87
C ALA B 875 -16.68 65.43 -2.58
N ILE B 876 -17.52 65.23 -1.56
CA ILE B 876 -18.48 66.25 -1.19
C ILE B 876 -17.78 67.45 -0.57
N LEU B 877 -16.85 67.22 0.35
CA LEU B 877 -16.21 68.32 1.07
C LEU B 877 -15.31 69.17 0.20
N LEU B 878 -14.66 68.58 -0.82
CA LEU B 878 -13.89 69.41 -1.74
C LEU B 878 -14.80 70.31 -2.58
N PHE B 879 -15.99 69.84 -2.93
CA PHE B 879 -16.97 70.71 -3.58
C PHE B 879 -17.36 71.86 -2.67
N VAL B 880 -17.57 71.57 -1.38
CA VAL B 880 -17.87 72.64 -0.43
C VAL B 880 -16.71 73.60 -0.29
N ALA B 881 -15.48 73.08 -0.23
CA ALA B 881 -14.30 73.94 -0.09
C ALA B 881 -14.16 74.88 -1.28
N GLY B 882 -14.39 74.38 -2.49
CA GLY B 882 -14.39 75.25 -3.65
C GLY B 882 -15.62 76.13 -3.76
N LEU B 883 -16.73 75.72 -3.14
CA LEU B 883 -17.92 76.57 -3.11
C LEU B 883 -17.67 77.83 -2.27
N THR B 884 -17.03 77.67 -1.12
CA THR B 884 -16.68 78.83 -0.30
C THR B 884 -15.68 79.73 -1.02
N CYS B 885 -14.71 79.15 -1.72
CA CYS B 885 -13.77 79.95 -2.49
C CYS B 885 -14.46 80.66 -3.65
N ARG B 886 -15.45 80.01 -4.26
CA ARG B 886 -16.23 80.66 -5.31
C ARG B 886 -17.16 81.73 -4.75
N LEU B 887 -17.70 81.52 -3.56
CA LEU B 887 -18.55 82.52 -2.92
C LEU B 887 -17.79 83.82 -2.64
N ILE B 888 -16.47 83.74 -2.46
CA ILE B 888 -15.63 84.92 -2.28
C ILE B 888 -15.09 85.31 -3.65
N PRO B 889 -15.50 86.45 -4.22
CA PRO B 889 -15.03 86.81 -5.57
C PRO B 889 -13.53 87.01 -5.67
N ALA B 890 -12.84 87.32 -4.57
CA ALA B 890 -11.40 87.51 -4.60
C ALA B 890 -10.64 86.20 -4.75
N THR B 891 -11.30 85.06 -4.64
CA THR B 891 -10.67 83.75 -4.73
C THR B 891 -11.27 82.94 -5.87
N LEU B 892 -11.43 83.56 -7.04
CA LEU B 892 -11.97 82.84 -8.19
C LEU B 892 -10.99 81.80 -8.73
N TYR B 893 -9.69 82.09 -8.68
CA TYR B 893 -8.68 81.13 -9.11
C TYR B 893 -8.68 79.90 -8.20
N PRO B 894 -8.74 80.06 -6.87
CA PRO B 894 -9.00 78.88 -6.03
C PRO B 894 -10.27 78.15 -6.40
N GLY B 895 -11.34 78.88 -6.74
CA GLY B 895 -12.53 78.23 -7.26
C GLY B 895 -12.34 77.61 -8.63
N ARG B 896 -11.32 78.08 -9.36
CA ARG B 896 -10.98 77.48 -10.65
C ARG B 896 -10.23 76.17 -10.49
N VAL B 897 -9.50 75.99 -9.40
CA VAL B 897 -8.61 74.84 -9.26
C VAL B 897 -9.20 73.78 -8.34
N ILE B 898 -9.93 74.19 -7.30
CA ILE B 898 -10.41 73.22 -6.32
C ILE B 898 -11.44 72.28 -6.93
N LEU B 899 -12.38 72.82 -7.71
CA LEU B 899 -13.36 71.97 -8.38
C LEU B 899 -12.72 71.10 -9.45
N SER B 900 -11.66 71.60 -10.11
CA SER B 900 -10.94 70.78 -11.07
C SER B 900 -10.30 69.58 -10.41
N LEU B 901 -9.70 69.75 -9.23
CA LEU B 901 -9.22 68.61 -8.45
C LEU B 901 -10.36 67.74 -7.93
N ASP B 902 -11.51 68.33 -7.62
CA ASP B 902 -12.67 67.54 -7.20
C ASP B 902 -13.21 66.68 -8.33
N PHE B 903 -12.91 67.02 -9.59
CA PHE B 903 -13.33 66.18 -10.71
C PHE B 903 -12.70 64.80 -10.63
N ILE B 904 -11.44 64.72 -10.18
CA ILE B 904 -10.71 63.45 -10.17
C ILE B 904 -11.22 62.48 -9.11
N LEU B 905 -11.88 62.96 -8.07
CA LEU B 905 -12.43 62.05 -7.07
C LEU B 905 -13.65 61.29 -7.57
N PHE B 906 -14.44 61.88 -8.47
CA PHE B 906 -15.63 61.20 -8.96
C PHE B 906 -15.29 60.03 -9.88
N CYS B 907 -14.19 60.12 -10.64
CA CYS B 907 -13.85 59.02 -11.52
C CYS B 907 -13.26 57.83 -10.76
N LEU B 908 -12.50 58.07 -9.69
CA LEU B 908 -12.08 56.96 -8.84
C LEU B 908 -13.28 56.34 -8.15
N ARG B 909 -14.24 57.17 -7.71
CA ARG B 909 -15.50 56.63 -7.22
C ARG B 909 -16.23 55.83 -8.29
N LEU B 910 -16.11 56.25 -9.56
CA LEU B 910 -16.69 55.49 -10.65
C LEU B 910 -16.05 54.12 -10.79
N MET B 911 -14.72 54.04 -10.75
CA MET B 911 -14.05 52.74 -10.77
C MET B 911 -14.45 51.88 -9.58
N HIS B 912 -14.78 52.50 -8.44
CA HIS B 912 -15.40 51.76 -7.35
C HIS B 912 -16.76 51.21 -7.77
N ILE B 913 -17.52 51.99 -8.54
CA ILE B 913 -18.83 51.53 -8.99
C ILE B 913 -18.70 50.66 -10.23
N PHE B 914 -17.73 50.95 -11.09
CA PHE B 914 -17.55 50.29 -12.38
C PHE B 914 -16.83 48.95 -12.25
N THR B 915 -16.72 48.46 -11.02
CA THR B 915 -16.14 47.14 -10.72
C THR B 915 -17.18 46.05 -10.98
N ILE B 916 -17.53 45.90 -12.27
CA ILE B 916 -18.73 45.15 -12.65
C ILE B 916 -18.43 43.92 -13.50
N SER B 917 -17.36 43.95 -14.27
CA SER B 917 -17.11 42.91 -15.27
C SER B 917 -16.00 41.96 -14.83
N LYS B 918 -16.04 40.75 -15.39
CA LYS B 918 -15.04 39.73 -15.04
C LYS B 918 -13.65 40.14 -15.49
N THR B 919 -13.54 40.85 -16.61
CA THR B 919 -12.25 41.41 -17.02
C THR B 919 -11.93 42.71 -16.31
N LEU B 920 -12.88 43.23 -15.52
CA LEU B 920 -12.72 44.52 -14.86
C LEU B 920 -12.76 44.36 -13.34
N GLY B 921 -13.77 43.67 -12.83
CA GLY B 921 -14.01 43.53 -11.41
C GLY B 921 -12.86 42.99 -10.60
N PRO B 922 -12.47 41.73 -10.85
CA PRO B 922 -11.38 41.13 -10.07
C PRO B 922 -10.09 41.93 -10.15
N LYS B 923 -9.84 42.61 -11.26
CA LYS B 923 -8.62 43.39 -11.39
C LYS B 923 -8.69 44.73 -10.68
N ILE B 924 -9.90 45.19 -10.31
CA ILE B 924 -10.03 46.27 -9.36
C ILE B 924 -9.99 45.76 -7.92
N ILE B 925 -10.41 44.51 -7.68
CA ILE B 925 -10.08 43.87 -6.42
C ILE B 925 -8.56 43.75 -6.27
N ILE B 926 -7.84 43.66 -7.38
CA ILE B 926 -6.39 43.68 -7.33
C ILE B 926 -5.90 45.05 -6.87
N VAL B 927 -6.47 46.14 -7.42
CA VAL B 927 -5.99 47.47 -7.04
C VAL B 927 -6.40 47.82 -5.61
N LYS B 928 -7.30 47.03 -5.01
CA LYS B 928 -7.47 47.11 -3.56
C LYS B 928 -6.18 46.79 -2.82
N ARG B 929 -5.28 46.00 -3.42
CA ARG B 929 -3.96 45.74 -2.85
C ARG B 929 -2.96 46.85 -3.14
N MET B 930 -3.22 47.72 -4.13
CA MET B 930 -2.28 48.78 -4.45
C MET B 930 -2.64 50.16 -3.97
N MET B 931 -3.89 50.43 -3.58
CA MET B 931 -4.25 51.80 -3.21
C MET B 931 -3.29 52.37 -2.17
N LYS B 932 -2.97 51.59 -1.13
CA LYS B 932 -1.90 51.99 -0.22
C LYS B 932 -0.51 51.74 -0.82
N ASP B 933 -0.35 50.68 -1.60
CA ASP B 933 0.90 50.45 -2.33
C ASP B 933 1.14 51.53 -3.38
N VAL B 934 0.07 52.14 -3.90
CA VAL B 934 0.22 53.34 -4.73
C VAL B 934 0.99 54.42 -3.99
N PHE B 935 0.59 54.70 -2.74
CA PHE B 935 1.27 55.73 -1.97
C PHE B 935 2.70 55.33 -1.66
N PHE B 936 2.93 54.06 -1.34
CA PHE B 936 4.29 53.59 -1.05
C PHE B 936 5.20 53.81 -2.25
N PHE B 937 4.72 53.47 -3.46
CA PHE B 937 5.55 53.71 -4.62
C PHE B 937 5.60 55.19 -5.03
N LEU B 938 4.65 56.01 -4.57
CA LEU B 938 4.82 57.45 -4.68
C LEU B 938 6.08 57.91 -3.95
N PHE B 939 6.12 57.75 -2.62
CA PHE B 939 7.26 58.32 -1.92
C PHE B 939 8.49 57.45 -2.05
N LEU B 940 8.39 56.33 -2.78
CA LEU B 940 9.59 55.64 -3.23
C LEU B 940 10.15 56.31 -4.49
N LEU B 941 9.39 56.28 -5.58
CA LEU B 941 9.83 56.80 -6.87
C LEU B 941 10.02 58.32 -6.87
N ALA B 942 9.09 59.07 -6.29
CA ALA B 942 9.19 60.52 -6.29
C ALA B 942 10.34 61.03 -5.43
N VAL B 943 10.55 60.45 -4.25
CA VAL B 943 11.69 60.87 -3.44
C VAL B 943 13.00 60.48 -4.12
N TRP B 944 13.04 59.32 -4.79
CA TRP B 944 14.21 58.97 -5.59
C TRP B 944 14.35 59.84 -6.83
N VAL B 945 13.27 60.47 -7.30
CA VAL B 945 13.41 61.48 -8.35
C VAL B 945 14.28 62.63 -7.85
N VAL B 946 14.16 62.98 -6.56
CA VAL B 946 14.89 64.09 -5.99
C VAL B 946 16.40 63.89 -6.03
N SER B 947 16.88 62.66 -5.84
CA SER B 947 18.33 62.43 -5.80
C SER B 947 19.01 62.71 -7.13
N PHE B 948 18.24 62.85 -8.21
CA PHE B 948 18.79 63.24 -9.50
C PHE B 948 18.30 64.60 -9.98
N GLY B 949 17.11 65.04 -9.57
CA GLY B 949 16.64 66.35 -9.98
C GLY B 949 17.52 67.48 -9.49
N VAL B 950 18.05 67.35 -8.27
CA VAL B 950 18.98 68.34 -7.75
C VAL B 950 20.36 68.16 -8.36
N ALA B 951 20.79 66.91 -8.54
CA ALA B 951 22.12 66.62 -9.05
C ALA B 951 22.30 66.99 -10.52
N LYS B 952 21.22 67.03 -11.31
CA LYS B 952 21.34 67.35 -12.72
C LYS B 952 21.72 68.82 -12.92
N GLN B 953 21.11 69.72 -12.16
CA GLN B 953 21.37 71.15 -12.28
C GLN B 953 22.56 71.61 -11.46
N ALA B 954 23.20 70.70 -10.71
CA ALA B 954 24.29 71.08 -9.83
C ALA B 954 25.53 71.52 -10.62
N ILE B 955 25.87 70.80 -11.68
CA ILE B 955 27.11 71.05 -12.40
C ILE B 955 26.92 72.01 -13.57
N LEU B 956 25.90 71.79 -14.39
CA LEU B 956 25.66 72.69 -15.51
C LEU B 956 25.22 74.06 -15.01
N ILE B 957 25.67 75.10 -15.72
CA ILE B 957 25.40 76.48 -15.31
C ILE B 957 24.05 76.89 -15.89
N HIS B 958 23.04 76.98 -15.04
CA HIS B 958 21.71 77.40 -15.44
C HIS B 958 21.38 78.74 -14.80
N ASN B 959 20.64 79.58 -15.54
CA ASN B 959 20.35 80.92 -15.08
C ASN B 959 18.89 81.32 -15.30
N GLU B 960 17.99 80.35 -15.50
CA GLU B 960 16.57 80.62 -15.67
C GLU B 960 15.91 80.61 -14.29
N ARG B 961 15.54 81.77 -13.78
CA ARG B 961 14.95 81.88 -12.45
C ARG B 961 14.13 83.15 -12.31
N ARG B 962 13.01 83.02 -11.59
CA ARG B 962 12.26 84.15 -11.07
C ARG B 962 11.45 83.62 -9.89
N VAL B 963 10.63 84.48 -9.30
CA VAL B 963 9.86 84.12 -8.10
C VAL B 963 8.91 82.98 -8.46
N ASP B 964 9.17 81.80 -7.87
CA ASP B 964 8.33 80.61 -8.02
C ASP B 964 8.40 80.02 -9.43
N TRP B 965 9.27 80.57 -10.29
CA TRP B 965 9.69 79.87 -11.50
C TRP B 965 11.16 79.47 -11.45
N LEU B 966 11.90 79.91 -10.44
CA LEU B 966 13.21 79.30 -10.17
C LEU B 966 13.04 77.82 -9.85
N PHE B 967 11.96 77.46 -9.17
CA PHE B 967 11.63 76.06 -8.97
C PHE B 967 11.43 75.33 -10.29
N ARG B 968 10.89 76.02 -11.30
CA ARG B 968 10.64 75.39 -12.59
C ARG B 968 11.94 74.92 -13.23
N GLY B 969 12.92 75.82 -13.36
CA GLY B 969 14.15 75.49 -14.04
C GLY B 969 15.08 74.57 -13.29
N ALA B 970 14.72 74.14 -12.08
CA ALA B 970 15.56 73.25 -11.30
C ALA B 970 14.87 71.92 -11.04
N VAL B 971 13.54 71.92 -10.98
CA VAL B 971 12.76 70.74 -10.65
C VAL B 971 11.81 70.36 -11.77
N TYR B 972 11.08 71.33 -12.31
CA TYR B 972 10.12 71.03 -13.38
C TYR B 972 10.81 70.50 -14.62
N HIS B 973 11.97 71.05 -14.97
CA HIS B 973 12.75 70.59 -16.12
C HIS B 973 13.58 69.35 -15.79
N SER B 974 13.26 68.65 -14.70
CA SER B 974 13.93 67.41 -14.33
C SER B 974 13.05 66.18 -14.52
N TYR B 975 11.81 66.19 -14.00
CA TYR B 975 10.92 65.06 -14.21
C TYR B 975 10.43 64.99 -15.65
N LEU B 976 10.29 66.14 -16.31
CA LEU B 976 9.90 66.13 -17.72
C LEU B 976 10.95 65.47 -18.60
N THR B 977 12.21 65.48 -18.17
CA THR B 977 13.27 64.81 -18.91
C THR B 977 13.16 63.29 -18.83
N ILE B 978 12.48 62.76 -17.82
CA ILE B 978 12.35 61.32 -17.68
C ILE B 978 11.45 60.76 -18.78
N PHE B 979 10.37 61.46 -19.09
CA PHE B 979 9.35 60.95 -19.99
C PHE B 979 9.38 61.58 -21.39
N GLY B 980 10.43 62.33 -21.73
CA GLY B 980 10.58 62.76 -23.10
C GLY B 980 10.98 64.21 -23.33
N GLN B 981 10.52 65.12 -22.47
CA GLN B 981 10.85 66.53 -22.66
C GLN B 981 12.20 66.86 -22.02
N ILE B 982 13.26 66.80 -22.81
CA ILE B 982 14.61 67.04 -22.33
C ILE B 982 15.16 68.27 -23.03
N PRO B 983 15.49 69.35 -22.32
CA PRO B 983 16.18 70.47 -22.96
C PRO B 983 17.64 70.16 -23.23
N GLY B 984 17.88 69.25 -24.18
CA GLY B 984 19.24 68.83 -24.48
C GLY B 984 20.13 69.94 -25.00
N TYR B 985 19.57 70.91 -25.72
CA TYR B 985 20.33 72.05 -26.18
C TYR B 985 20.61 73.06 -25.08
N ILE B 986 20.01 72.88 -23.90
CA ILE B 986 20.22 73.76 -22.76
C ILE B 986 21.00 73.06 -21.66
N ASP B 987 20.64 71.81 -21.34
CA ASP B 987 21.34 71.07 -20.31
C ASP B 987 22.77 70.72 -20.71
N GLY B 988 23.09 70.74 -21.99
CA GLY B 988 24.43 70.43 -22.45
C GLY B 988 25.41 71.56 -22.23
N PHE B 1020 33.39 71.06 -21.10
CA PHE B 1020 34.14 70.09 -20.30
C PHE B 1020 33.23 69.13 -19.51
N PRO B 1021 32.19 69.64 -18.76
CA PRO B 1021 31.31 68.75 -17.99
C PRO B 1021 30.27 68.03 -18.85
N GLU B 1022 30.73 67.39 -19.92
CA GLU B 1022 29.85 66.61 -20.79
C GLU B 1022 29.97 65.11 -20.57
N TRP B 1023 31.19 64.61 -20.38
CA TRP B 1023 31.37 63.19 -20.08
C TRP B 1023 30.70 62.81 -18.77
N LEU B 1024 30.83 63.65 -17.74
CA LEU B 1024 30.14 63.41 -16.48
C LEU B 1024 28.62 63.49 -16.63
N THR B 1025 28.14 64.39 -17.49
CA THR B 1025 26.70 64.46 -17.72
C THR B 1025 26.17 63.19 -18.40
N VAL B 1026 26.94 62.63 -19.33
CA VAL B 1026 26.57 61.35 -19.93
C VAL B 1026 26.62 60.24 -18.89
N LEU B 1027 27.69 60.21 -18.09
CA LEU B 1027 27.85 59.14 -17.10
C LEU B 1027 26.73 59.15 -16.08
N LEU B 1028 26.40 60.32 -15.53
CA LEU B 1028 25.35 60.39 -14.51
C LEU B 1028 23.98 60.04 -15.06
N LEU B 1029 23.65 60.50 -16.28
CA LEU B 1029 22.37 60.15 -16.89
C LEU B 1029 22.29 58.66 -17.20
N CYS B 1030 23.39 58.02 -17.58
CA CYS B 1030 23.41 56.57 -17.72
C CYS B 1030 23.34 55.87 -16.38
N LEU B 1031 24.00 56.43 -15.36
CA LEU B 1031 24.04 55.82 -14.03
C LEU B 1031 22.67 55.79 -13.38
N TYR B 1032 21.92 56.88 -13.45
CA TYR B 1032 20.74 57.02 -12.62
C TYR B 1032 19.53 56.31 -13.23
N LEU B 1033 19.36 56.41 -14.56
CA LEU B 1033 18.22 55.78 -15.21
C LEU B 1033 18.24 54.27 -15.14
N LEU B 1034 19.42 53.66 -14.90
CA LEU B 1034 19.43 52.23 -14.63
C LEU B 1034 18.76 51.90 -13.31
N PHE B 1035 18.78 52.83 -12.36
CA PHE B 1035 18.16 52.58 -11.07
C PHE B 1035 16.65 52.73 -11.11
N THR B 1036 16.13 53.53 -12.03
CA THR B 1036 14.69 53.70 -12.15
C THR B 1036 14.09 52.71 -13.15
N ASN B 1037 14.48 52.82 -14.44
CA ASN B 1037 13.85 52.05 -15.49
C ASN B 1037 14.15 50.56 -15.41
N ILE B 1038 15.13 50.15 -14.60
CA ILE B 1038 15.45 48.74 -14.40
C ILE B 1038 14.98 48.26 -13.03
N LEU B 1039 15.53 48.82 -11.96
CA LEU B 1039 15.10 48.39 -10.64
C LEU B 1039 13.62 48.73 -10.40
N LEU B 1040 13.29 50.02 -10.35
CA LEU B 1040 12.00 50.44 -9.84
C LEU B 1040 10.86 50.22 -10.83
N LEU B 1041 11.16 49.82 -12.07
CA LEU B 1041 10.13 49.47 -13.04
C LEU B 1041 10.15 47.98 -13.34
N ASN B 1042 11.29 47.46 -13.77
CA ASN B 1042 11.38 46.08 -14.23
C ASN B 1042 11.38 45.08 -13.08
N LEU B 1043 11.89 45.45 -11.91
CA LEU B 1043 11.71 44.61 -10.74
C LEU B 1043 10.33 44.78 -10.13
N LEU B 1044 9.71 45.93 -10.34
CA LEU B 1044 8.30 46.10 -10.00
C LEU B 1044 7.43 45.17 -10.85
N ILE B 1045 7.92 44.81 -12.04
CA ILE B 1045 7.27 43.76 -12.82
C ILE B 1045 7.22 42.47 -12.02
N ALA B 1046 8.33 42.10 -11.37
CA ALA B 1046 8.36 40.93 -10.52
C ALA B 1046 7.48 41.09 -9.28
N MET B 1047 7.45 42.28 -8.68
CA MET B 1047 6.57 42.51 -7.55
C MET B 1047 5.09 42.49 -7.94
N PHE B 1048 4.78 42.50 -9.23
CA PHE B 1048 3.40 42.43 -9.69
C PHE B 1048 2.96 41.06 -10.19
N ASN B 1049 3.81 40.33 -10.93
CA ASN B 1049 3.36 39.05 -11.48
C ASN B 1049 3.02 38.05 -10.38
N TYR B 1050 3.90 37.91 -9.39
CA TYR B 1050 3.65 36.94 -8.33
C TYR B 1050 2.45 37.34 -7.47
N THR B 1051 2.30 38.63 -7.19
CA THR B 1051 1.12 39.09 -6.46
C THR B 1051 -0.16 38.84 -7.23
N PHE B 1052 -0.12 38.91 -8.56
CA PHE B 1052 -1.28 38.53 -9.35
C PHE B 1052 -1.57 37.04 -9.23
N GLN B 1053 -0.52 36.21 -9.26
CA GLN B 1053 -0.70 34.76 -9.26
C GLN B 1053 -0.92 34.17 -7.88
N GLN B 1054 -0.73 34.94 -6.81
CA GLN B 1054 -0.81 34.37 -5.47
C GLN B 1054 -2.21 34.51 -4.87
N VAL B 1055 -2.90 35.60 -5.17
CA VAL B 1055 -4.14 35.94 -4.48
C VAL B 1055 -5.28 35.93 -5.49
N GLN B 1056 -4.99 35.46 -6.71
CA GLN B 1056 -6.03 35.36 -7.72
C GLN B 1056 -7.14 34.40 -7.30
N GLU B 1057 -6.77 33.27 -6.69
CA GLU B 1057 -7.76 32.36 -6.12
C GLU B 1057 -8.49 32.97 -4.94
N HIS B 1058 -8.08 34.17 -4.51
CA HIS B 1058 -8.93 34.96 -3.63
C HIS B 1058 -9.67 36.04 -4.42
N THR B 1059 -8.92 36.92 -5.12
CA THR B 1059 -9.50 38.11 -5.72
C THR B 1059 -10.64 37.80 -6.69
N ASP B 1060 -10.66 36.61 -7.31
CA ASP B 1060 -11.77 36.29 -8.21
C ASP B 1060 -13.04 35.98 -7.43
N GLN B 1061 -12.95 35.07 -6.46
CA GLN B 1061 -14.12 34.64 -5.70
C GLN B 1061 -14.57 35.70 -4.69
N ILE B 1062 -13.65 36.49 -4.14
CA ILE B 1062 -14.12 37.55 -3.25
C ILE B 1062 -14.80 38.65 -4.07
N TRP B 1063 -14.46 38.78 -5.35
CA TRP B 1063 -15.25 39.66 -6.21
C TRP B 1063 -16.60 39.06 -6.52
N LYS B 1064 -16.66 37.73 -6.70
CA LYS B 1064 -17.94 37.05 -6.73
C LYS B 1064 -18.75 37.32 -5.47
N PHE B 1065 -18.08 37.56 -4.34
CA PHE B 1065 -18.76 37.95 -3.12
C PHE B 1065 -19.27 39.38 -3.17
N GLN B 1066 -18.39 40.36 -3.42
CA GLN B 1066 -18.75 41.78 -3.36
C GLN B 1066 -19.56 42.23 -4.57
N ARG B 1067 -19.71 41.42 -5.61
CA ARG B 1067 -20.54 41.83 -6.73
C ARG B 1067 -21.99 41.94 -6.30
N HIS B 1068 -22.38 41.16 -5.29
CA HIS B 1068 -23.75 41.18 -4.79
C HIS B 1068 -24.17 42.56 -4.29
N ASP B 1069 -23.24 43.36 -3.76
CA ASP B 1069 -23.60 44.64 -3.18
C ASP B 1069 -24.29 45.54 -4.20
N LEU B 1070 -23.73 45.62 -5.41
CA LEU B 1070 -24.39 46.35 -6.49
C LEU B 1070 -25.72 45.71 -6.85
N ILE B 1071 -25.82 44.38 -6.74
CA ILE B 1071 -27.05 43.69 -7.11
C ILE B 1071 -28.17 43.99 -6.12
N GLU B 1072 -27.87 44.05 -4.82
CA GLU B 1072 -28.90 44.47 -3.87
C GLU B 1072 -29.24 45.93 -4.05
N GLU B 1073 -28.24 46.78 -4.34
CA GLU B 1073 -28.51 48.20 -4.49
C GLU B 1073 -29.43 48.48 -5.67
N TYR B 1074 -29.27 47.74 -6.77
CA TYR B 1074 -30.17 47.87 -7.91
C TYR B 1074 -31.37 46.95 -7.81
N HIS B 1075 -31.37 46.02 -6.85
CA HIS B 1075 -32.58 45.38 -6.37
C HIS B 1075 -33.17 46.12 -5.18
N GLY B 1076 -32.60 47.27 -4.85
CA GLY B 1076 -33.17 48.16 -3.86
C GLY B 1076 -33.32 49.56 -4.42
N ARG B 1077 -33.55 49.64 -5.74
CA ARG B 1077 -33.63 50.91 -6.45
C ARG B 1077 -34.89 50.94 -7.30
N PRO B 1078 -35.56 52.08 -7.40
CA PRO B 1078 -36.67 52.20 -8.35
C PRO B 1078 -36.16 52.32 -9.78
N ALA B 1079 -37.11 52.38 -10.71
CA ALA B 1079 -36.80 52.43 -12.13
C ALA B 1079 -36.74 53.86 -12.68
N ALA B 1080 -36.56 54.85 -11.81
CA ALA B 1080 -36.51 56.21 -12.32
C ALA B 1080 -35.07 56.68 -12.52
N PRO B 1081 -34.78 57.33 -13.63
CA PRO B 1081 -33.43 57.86 -13.86
C PRO B 1081 -33.15 59.04 -12.93
N PRO B 1082 -31.88 59.35 -12.69
CA PRO B 1082 -31.54 60.45 -11.78
C PRO B 1082 -32.16 61.78 -12.21
N PRO B 1083 -32.33 62.04 -13.53
CA PRO B 1083 -33.15 63.20 -13.91
C PRO B 1083 -34.55 63.16 -13.34
N PHE B 1084 -35.15 61.97 -13.29
CA PHE B 1084 -36.49 61.79 -12.76
C PHE B 1084 -36.50 61.13 -11.39
N ILE B 1085 -35.33 60.88 -10.80
CA ILE B 1085 -35.29 60.19 -9.50
C ILE B 1085 -35.80 61.07 -8.37
N LEU B 1086 -35.88 62.39 -8.58
CA LEU B 1086 -36.54 63.25 -7.62
C LEU B 1086 -38.03 62.96 -7.52
N LEU B 1087 -38.65 62.50 -8.61
CA LEU B 1087 -40.03 62.06 -8.55
C LEU B 1087 -40.18 60.86 -7.63
N SER B 1088 -39.26 59.90 -7.73
CA SER B 1088 -39.27 58.77 -6.81
C SER B 1088 -38.91 59.18 -5.39
N HIS B 1089 -38.06 60.20 -5.23
CA HIS B 1089 -37.80 60.74 -3.90
C HIS B 1089 -39.08 61.29 -3.28
N LEU B 1090 -39.77 62.17 -4.01
CA LEU B 1090 -41.03 62.71 -3.54
C LEU B 1090 -42.13 61.67 -3.46
N GLN B 1091 -41.98 60.53 -4.15
CA GLN B 1091 -42.95 59.45 -4.04
C GLN B 1091 -43.00 58.90 -2.62
N LEU B 1092 -41.84 58.74 -1.98
CA LEU B 1092 -41.81 58.36 -0.57
C LEU B 1092 -41.94 59.55 0.36
N PHE B 1093 -41.57 60.76 -0.10
CA PHE B 1093 -41.79 61.94 0.72
C PHE B 1093 -43.28 62.22 0.93
N ILE B 1094 -44.10 62.02 -0.11
CA ILE B 1094 -45.54 62.16 0.06
C ILE B 1094 -46.16 60.90 0.66
N LYS B 1095 -45.41 59.80 0.72
CA LYS B 1095 -45.90 58.58 1.34
C LYS B 1095 -45.64 58.52 2.83
N ARG B 1096 -44.64 59.23 3.33
CA ARG B 1096 -44.36 59.25 4.76
C ARG B 1096 -45.27 60.19 5.53
N VAL B 1097 -45.90 61.15 4.85
CA VAL B 1097 -46.85 62.04 5.49
C VAL B 1097 -48.24 61.41 5.59
N VAL B 1098 -48.52 60.34 4.84
CA VAL B 1098 -49.76 59.59 4.98
C VAL B 1098 -49.54 58.20 5.57
N LEU B 1099 -48.32 57.68 5.50
CA LEU B 1099 -47.96 56.41 6.15
C LEU B 1099 -46.65 56.64 6.90
N LYS B 1100 -46.75 56.86 8.21
CA LYS B 1100 -45.57 57.15 9.03
C LYS B 1100 -44.97 55.86 9.59
N THR B 1101 -44.55 54.98 8.68
CA THR B 1101 -43.91 53.74 9.07
C THR B 1101 -43.05 53.21 7.92
N PRO B 1102 -41.86 52.66 8.20
CA PRO B 1102 -41.03 52.05 7.17
C PRO B 1102 -41.36 50.59 6.92
N ALA B 1103 -42.65 50.29 6.73
CA ALA B 1103 -43.12 48.92 6.51
C ALA B 1103 -44.12 48.89 5.37
N LYS B 1104 -43.87 49.68 4.33
CA LYS B 1104 -44.76 49.73 3.18
C LYS B 1104 -44.41 48.63 2.18
N ARG B 1105 -43.18 48.64 1.67
CA ARG B 1105 -42.72 47.61 0.74
C ARG B 1105 -41.30 47.22 1.12
N HIS B 1106 -40.99 45.95 0.91
CA HIS B 1106 -39.63 45.42 1.06
C HIS B 1106 -39.18 45.02 -0.33
N LYS B 1107 -38.69 45.98 -1.11
CA LYS B 1107 -38.35 45.73 -2.50
C LYS B 1107 -37.06 44.91 -2.48
N GLN B 1108 -37.20 43.59 -2.32
CA GLN B 1108 -36.12 42.71 -1.93
C GLN B 1108 -36.48 41.30 -2.37
N LEU B 1109 -35.80 40.30 -1.79
CA LEU B 1109 -36.09 38.91 -2.10
C LEU B 1109 -37.55 38.57 -1.82
N LYS B 1110 -37.98 38.76 -0.57
CA LYS B 1110 -39.37 38.65 -0.12
C LYS B 1110 -40.15 37.48 -0.74
N ASN B 1111 -39.54 36.31 -0.81
CA ASN B 1111 -40.21 35.16 -1.42
C ASN B 1111 -41.18 34.53 -0.44
N LYS B 1112 -42.43 34.37 -0.85
CA LYS B 1112 -43.43 33.66 -0.06
C LYS B 1112 -43.47 32.21 -0.49
N LEU B 1113 -43.46 31.31 0.47
CA LEU B 1113 -43.49 29.87 0.23
C LEU B 1113 -44.58 29.25 1.09
N GLU B 1114 -45.44 28.45 0.47
CA GLU B 1114 -46.50 27.77 1.21
C GLU B 1114 -45.94 26.56 1.95
N LYS B 1115 -46.63 26.18 3.02
CA LYS B 1115 -46.20 25.02 3.80
C LYS B 1115 -46.23 23.74 2.97
N ASN B 1116 -47.29 23.52 2.20
CA ASN B 1116 -47.48 22.24 1.52
C ASN B 1116 -46.52 22.07 0.35
N GLU B 1117 -46.37 23.10 -0.48
CA GLU B 1117 -45.39 23.03 -1.56
C GLU B 1117 -43.96 22.93 -1.03
N GLU B 1118 -43.69 23.51 0.14
CA GLU B 1118 -42.39 23.33 0.76
C GLU B 1118 -42.23 21.91 1.30
N ALA B 1119 -43.33 21.24 1.65
CA ALA B 1119 -43.24 19.85 2.08
C ALA B 1119 -42.78 18.93 0.95
N ALA B 1120 -43.36 19.09 -0.24
CA ALA B 1120 -42.95 18.29 -1.38
C ALA B 1120 -41.49 18.55 -1.74
N LEU B 1121 -40.94 19.69 -1.31
CA LEU B 1121 -39.52 19.91 -1.43
C LEU B 1121 -38.77 19.24 -0.27
N LEU B 1122 -39.16 19.54 0.97
CA LEU B 1122 -38.33 19.16 2.11
C LEU B 1122 -38.02 17.68 2.08
N SER B 1123 -39.02 16.84 1.80
CA SER B 1123 -38.74 15.42 1.63
C SER B 1123 -37.65 15.20 0.58
N TRP B 1124 -37.62 16.03 -0.45
CA TRP B 1124 -36.71 15.76 -1.56
C TRP B 1124 -35.26 16.11 -1.22
N GLU B 1125 -34.96 17.25 -0.57
CA GLU B 1125 -33.54 17.46 -0.29
C GLU B 1125 -33.07 16.71 0.96
N ILE B 1126 -33.99 16.19 1.77
CA ILE B 1126 -33.52 15.23 2.78
C ILE B 1126 -33.18 13.90 2.13
N TYR B 1127 -33.97 13.45 1.15
CA TYR B 1127 -33.56 12.32 0.33
C TYR B 1127 -32.22 12.59 -0.33
N LEU B 1128 -32.07 13.77 -0.93
CA LEU B 1128 -30.81 14.17 -1.54
C LEU B 1128 -29.68 14.29 -0.52
N LYS B 1129 -29.99 14.72 0.71
CA LYS B 1129 -28.95 14.86 1.72
C LYS B 1129 -28.37 13.52 2.11
N GLU B 1130 -29.24 12.56 2.47
CA GLU B 1130 -28.71 11.25 2.82
C GLU B 1130 -28.16 10.53 1.60
N ASN B 1131 -28.76 10.75 0.42
CA ASN B 1131 -28.14 10.28 -0.80
C ASN B 1131 -26.72 10.83 -0.97
N TYR B 1132 -26.56 12.15 -0.80
CA TYR B 1132 -25.26 12.76 -1.05
C TYR B 1132 -24.24 12.36 0.02
N LEU B 1133 -24.67 12.29 1.28
CA LEU B 1133 -23.73 11.87 2.32
C LEU B 1133 -23.36 10.41 2.17
N GLN B 1134 -24.28 9.58 1.66
CA GLN B 1134 -23.92 8.22 1.30
C GLN B 1134 -22.86 8.21 0.21
N ASN B 1135 -23.03 9.05 -0.81
CA ASN B 1135 -22.00 9.16 -1.85
C ASN B 1135 -20.73 9.82 -1.32
N ARG B 1136 -20.85 10.74 -0.38
CA ARG B 1136 -19.68 11.42 0.15
C ARG B 1136 -18.81 10.47 0.97
N GLN B 1137 -19.44 9.68 1.85
CA GLN B 1137 -18.69 8.64 2.55
C GLN B 1137 -18.26 7.55 1.58
N PHE B 1138 -18.96 7.40 0.45
CA PHE B 1138 -18.53 6.47 -0.57
C PHE B 1138 -17.21 6.90 -1.20
N GLN B 1139 -17.13 8.18 -1.61
CA GLN B 1139 -15.87 8.69 -2.15
C GLN B 1139 -14.78 8.74 -1.09
N GLN B 1140 -15.17 9.00 0.17
CA GLN B 1140 -14.20 8.87 1.26
C GLN B 1140 -13.71 7.43 1.37
N LYS B 1141 -14.61 6.47 1.19
CA LYS B 1141 -14.23 5.06 1.14
C LYS B 1141 -13.37 4.76 -0.08
N GLN B 1142 -13.41 5.63 -1.10
CA GLN B 1142 -12.56 5.47 -2.27
C GLN B 1142 -11.15 6.04 -2.07
N ARG B 1143 -10.86 6.67 -0.94
CA ARG B 1143 -9.51 7.15 -0.71
C ARG B 1143 -8.61 5.97 -0.36
N PRO B 1144 -7.59 5.68 -1.16
CA PRO B 1144 -6.88 4.40 -1.07
C PRO B 1144 -6.14 4.16 0.24
N GLU B 1145 -5.89 5.20 1.04
CA GLU B 1145 -5.14 5.00 2.26
C GLU B 1145 -5.91 4.21 3.31
N GLN B 1146 -7.25 4.26 3.28
CA GLN B 1146 -8.00 3.28 4.06
C GLN B 1146 -7.75 1.87 3.55
N LYS B 1147 -7.70 1.71 2.23
CA LYS B 1147 -7.34 0.42 1.66
C LYS B 1147 -5.87 0.07 1.91
N ILE B 1148 -5.08 1.01 2.43
CA ILE B 1148 -3.75 0.67 2.94
C ILE B 1148 -3.86 0.11 4.35
N GLU B 1149 -4.58 0.81 5.22
CA GLU B 1149 -4.65 0.45 6.64
C GLU B 1149 -5.72 -0.60 6.95
N ASP B 1150 -6.63 -0.89 6.03
CA ASP B 1150 -7.60 -1.95 6.28
C ASP B 1150 -6.91 -3.31 6.38
N ILE B 1151 -5.99 -3.62 5.46
CA ILE B 1151 -5.24 -4.86 5.60
C ILE B 1151 -4.58 -4.92 6.97
N SER B 1152 -4.11 -3.78 7.47
CA SER B 1152 -3.60 -3.73 8.84
C SER B 1152 -4.65 -4.21 9.85
N ASN B 1153 -5.90 -3.76 9.70
CA ASN B 1153 -6.94 -4.14 10.65
C ASN B 1153 -7.23 -5.65 10.60
N LYS B 1154 -7.47 -6.21 9.41
CA LYS B 1154 -7.66 -7.65 9.31
C LYS B 1154 -6.40 -8.44 9.68
N VAL B 1155 -5.21 -8.08 9.17
CA VAL B 1155 -4.06 -8.88 9.57
C VAL B 1155 -3.85 -8.79 11.07
N ASP B 1156 -4.35 -7.72 11.71
CA ASP B 1156 -4.43 -7.69 13.16
C ASP B 1156 -5.48 -8.65 13.70
N ALA B 1157 -6.45 -9.06 12.89
CA ALA B 1157 -7.35 -10.13 13.31
C ALA B 1157 -6.80 -11.53 13.01
N MET B 1158 -5.79 -11.63 12.14
CA MET B 1158 -5.05 -12.88 11.93
C MET B 1158 -3.83 -13.05 12.82
N VAL B 1159 -3.34 -12.00 13.47
CA VAL B 1159 -2.22 -12.17 14.40
C VAL B 1159 -2.68 -12.98 15.61
N ASP B 1160 -3.92 -12.77 16.04
CA ASP B 1160 -4.46 -13.52 17.17
C ASP B 1160 -5.27 -14.73 16.74
N LEU B 1161 -5.50 -14.90 15.44
CA LEU B 1161 -6.37 -15.99 14.98
C LEU B 1161 -5.74 -17.36 15.13
N LEU B 1162 -4.41 -17.45 15.09
CA LEU B 1162 -3.71 -18.72 15.25
C LEU B 1162 -3.16 -18.90 16.66
N ASP B 1163 -3.89 -18.41 17.66
CA ASP B 1163 -3.52 -18.56 19.07
C ASP B 1163 -4.60 -19.33 19.82
N LEU B 1164 -5.17 -20.33 19.16
CA LEU B 1164 -6.23 -21.16 19.75
C LEU B 1164 -5.78 -22.60 19.96
N ASP B 1165 -4.53 -22.93 19.66
CA ASP B 1165 -4.02 -24.27 19.87
C ASP B 1165 -2.67 -24.23 20.60
N GLY B 1235 -22.94 -28.09 43.48
CA GLY B 1235 -23.15 -27.46 44.77
C GLY B 1235 -23.86 -28.36 45.77
N ASP B 1236 -24.21 -27.80 46.92
CA ASP B 1236 -24.88 -28.54 47.98
C ASP B 1236 -26.16 -27.80 48.37
N SER B 1237 -27.15 -28.55 48.83
CA SER B 1237 -28.44 -28.01 49.23
C SER B 1237 -28.64 -28.31 50.73
N TYR B 1238 -28.12 -27.42 51.57
CA TYR B 1238 -28.32 -27.47 53.00
C TYR B 1238 -28.88 -26.13 53.48
N HIS B 1239 -29.17 -26.05 54.78
CA HIS B 1239 -29.63 -24.80 55.35
C HIS B 1239 -28.54 -23.74 55.25
N VAL B 1240 -28.76 -22.75 54.39
CA VAL B 1240 -27.76 -21.73 54.10
C VAL B 1240 -28.09 -20.38 54.72
N ASN B 1241 -28.87 -20.34 55.80
CA ASN B 1241 -29.17 -19.09 56.49
C ASN B 1241 -28.85 -19.17 57.99
N ALA B 1242 -29.11 -20.32 58.62
CA ALA B 1242 -28.79 -20.46 60.03
C ALA B 1242 -27.28 -20.45 60.26
N ARG B 1243 -26.52 -21.08 59.36
CA ARG B 1243 -25.07 -21.14 59.50
C ARG B 1243 -24.43 -19.88 58.92
N HIS B 1244 -24.65 -18.78 59.64
CA HIS B 1244 -24.07 -17.49 59.28
C HIS B 1244 -23.58 -16.78 60.53
N LEU B 1245 -22.61 -15.90 60.35
CA LEU B 1245 -22.06 -15.14 61.46
C LEU B 1245 -23.08 -14.13 61.99
N LEU B 1246 -22.80 -13.60 63.18
CA LEU B 1246 -23.57 -12.49 63.75
C LEU B 1246 -25.05 -12.80 63.84
N TYR B 1247 -25.42 -13.74 64.71
CA TYR B 1247 -26.81 -14.08 65.00
C TYR B 1247 -27.62 -12.80 65.16
N PRO B 1248 -28.74 -12.66 64.43
CA PRO B 1248 -29.46 -11.37 64.39
C PRO B 1248 -29.72 -10.74 65.76
N ASN B 1249 -29.41 -9.45 65.86
CA ASN B 1249 -29.63 -8.65 67.06
C ASN B 1249 -28.94 -9.24 68.29
N CYS B 1250 -27.68 -9.67 68.14
CA CYS B 1250 -26.90 -10.15 69.27
C CYS B 1250 -25.41 -10.15 68.95
N PRO B 1251 -24.59 -9.50 69.77
CA PRO B 1251 -23.13 -9.53 69.53
C PRO B 1251 -22.50 -10.87 69.85
N VAL B 1252 -22.85 -11.91 69.11
CA VAL B 1252 -22.30 -13.24 69.35
C VAL B 1252 -21.81 -13.80 68.02
N THR B 1253 -21.00 -14.84 68.07
CA THR B 1253 -20.53 -15.51 66.87
C THR B 1253 -20.85 -17.00 66.99
N ARG B 1254 -20.91 -17.67 65.84
CA ARG B 1254 -21.14 -19.10 65.77
C ARG B 1254 -19.87 -19.80 65.33
N PHE B 1255 -19.60 -20.97 65.88
CA PHE B 1255 -18.47 -21.75 65.46
C PHE B 1255 -18.68 -22.18 64.00
N PRO B 1256 -17.76 -21.85 63.09
CA PRO B 1256 -18.00 -22.10 61.66
C PRO B 1256 -18.23 -23.57 61.35
N VAL B 1257 -19.33 -23.85 60.64
CA VAL B 1257 -19.65 -25.21 60.24
C VAL B 1257 -19.76 -25.25 58.72
N PRO B 1258 -18.70 -25.63 58.01
CA PRO B 1258 -18.80 -25.76 56.55
C PRO B 1258 -19.79 -26.83 56.15
N ASN B 1259 -20.13 -26.83 54.86
CA ASN B 1259 -21.16 -27.69 54.31
C ASN B 1259 -20.88 -29.17 54.53
N GLU B 1260 -19.59 -29.52 54.64
CA GLU B 1260 -19.20 -30.93 54.77
C GLU B 1260 -19.70 -31.56 56.06
N LYS B 1261 -19.59 -30.83 57.18
CA LYS B 1261 -19.89 -31.40 58.49
C LYS B 1261 -21.22 -30.92 59.05
N VAL B 1262 -22.12 -30.42 58.20
CA VAL B 1262 -23.44 -30.01 58.67
C VAL B 1262 -24.28 -31.16 59.22
N PRO B 1263 -24.24 -32.39 58.69
CA PRO B 1263 -25.11 -33.43 59.25
C PRO B 1263 -24.69 -33.81 60.66
N TRP B 1264 -25.64 -34.41 61.38
CA TRP B 1264 -25.45 -34.73 62.79
C TRP B 1264 -24.75 -36.07 63.00
N GLU B 1265 -24.25 -36.69 61.93
CA GLU B 1265 -23.48 -37.92 62.05
C GLU B 1265 -22.00 -37.74 61.75
N THR B 1266 -21.59 -36.67 61.07
CA THR B 1266 -20.18 -36.41 60.86
C THR B 1266 -19.49 -36.10 62.18
N GLU B 1267 -18.34 -36.73 62.38
CA GLU B 1267 -17.60 -36.67 63.65
C GLU B 1267 -16.79 -35.38 63.68
N PHE B 1268 -17.21 -34.44 64.53
CA PHE B 1268 -16.46 -33.23 64.80
C PHE B 1268 -16.19 -33.12 66.29
N LEU B 1269 -14.91 -33.08 66.66
CA LEU B 1269 -14.53 -33.09 68.07
C LEU B 1269 -13.93 -31.78 68.55
N ILE B 1270 -13.74 -30.81 67.66
CA ILE B 1270 -13.40 -29.44 68.07
C ILE B 1270 -14.65 -28.63 68.37
N TYR B 1271 -15.82 -29.27 68.35
CA TYR B 1271 -17.11 -28.61 68.51
C TYR B 1271 -17.24 -27.95 69.87
N ASP B 1272 -17.27 -26.61 69.89
CA ASP B 1272 -17.46 -25.84 71.11
C ASP B 1272 -18.28 -24.60 70.79
N PRO B 1273 -19.57 -24.75 70.57
CA PRO B 1273 -20.40 -23.61 70.16
C PRO B 1273 -20.89 -22.83 71.37
N PRO B 1274 -21.17 -21.53 71.20
CA PRO B 1274 -21.70 -20.73 72.32
C PRO B 1274 -23.09 -21.18 72.76
N PHE B 1275 -23.62 -20.53 73.80
CA PHE B 1275 -24.90 -20.92 74.38
C PHE B 1275 -25.77 -19.69 74.62
N TYR B 1276 -25.91 -18.83 73.62
CA TYR B 1276 -26.70 -17.62 73.75
C TYR B 1276 -28.19 -17.95 73.84
N THR B 1277 -28.86 -17.34 74.81
CA THR B 1277 -30.30 -17.49 74.98
C THR B 1277 -30.89 -16.21 75.56
N ALA B 1278 -31.64 -15.47 74.75
CA ALA B 1278 -32.23 -14.22 75.19
C ALA B 1278 -33.27 -14.44 76.29
N LEU B 1293 -29.40 -24.30 84.20
CA LEU B 1293 -29.43 -25.12 82.99
C LEU B 1293 -29.42 -26.61 83.33
N GLU B 1294 -30.28 -27.37 82.62
CA GLU B 1294 -30.45 -28.83 82.59
C GLU B 1294 -31.60 -29.41 83.43
N PRO B 1295 -32.33 -28.65 84.29
CA PRO B 1295 -33.57 -29.22 84.83
C PRO B 1295 -34.77 -28.94 83.94
N LEU B 1296 -34.62 -29.23 82.65
CA LEU B 1296 -35.69 -29.03 81.67
C LEU B 1296 -36.47 -30.31 81.40
N SER B 1297 -36.61 -31.19 82.39
CA SER B 1297 -37.33 -32.45 82.22
C SER B 1297 -38.83 -32.20 82.15
N THR B 1298 -39.60 -33.30 82.07
CA THR B 1298 -41.07 -33.23 81.97
C THR B 1298 -41.51 -32.43 80.75
N ILE B 1299 -40.77 -32.55 79.66
CA ILE B 1299 -41.11 -31.91 78.39
C ILE B 1299 -41.44 -33.03 77.41
N GLN B 1300 -42.71 -33.10 77.01
CA GLN B 1300 -43.17 -34.18 76.13
C GLN B 1300 -42.77 -33.93 74.69
N TYR B 1301 -41.50 -34.17 74.37
CA TYR B 1301 -41.03 -34.01 72.99
C TYR B 1301 -41.61 -35.12 72.10
N ASN B 1302 -41.60 -34.85 70.80
CA ASN B 1302 -42.11 -35.76 69.78
C ASN B 1302 -43.62 -35.99 69.91
N VAL B 1303 -44.25 -35.29 70.85
CA VAL B 1303 -45.69 -35.36 71.04
C VAL B 1303 -46.22 -33.96 71.30
N VAL B 1304 -47.51 -33.83 71.55
CA VAL B 1304 -48.11 -32.52 71.81
C VAL B 1304 -47.88 -32.16 73.26
N ASP B 1305 -46.72 -31.54 73.55
CA ASP B 1305 -46.38 -31.16 74.92
C ASP B 1305 -47.25 -30.00 75.37
N GLY B 1306 -48.26 -30.29 76.20
CA GLY B 1306 -49.19 -29.28 76.63
C GLY B 1306 -49.91 -28.62 75.46
N LEU B 1307 -50.12 -27.31 75.54
CA LEU B 1307 -50.72 -26.55 74.44
C LEU B 1307 -49.65 -25.94 73.54
N ARG B 1308 -48.71 -26.78 73.06
CA ARG B 1308 -47.63 -26.29 72.21
C ARG B 1308 -47.40 -27.17 70.98
N ASP B 1309 -47.86 -28.42 71.00
CA ASP B 1309 -47.69 -29.34 69.88
C ASP B 1309 -46.22 -29.51 69.50
N ARG B 1310 -45.43 -30.09 70.41
CA ARG B 1310 -44.00 -30.25 70.18
C ARG B 1310 -43.68 -31.50 69.35
N ARG B 1311 -44.09 -31.51 68.07
CA ARG B 1311 -43.65 -32.59 67.17
C ARG B 1311 -43.60 -32.02 65.75
N SER B 1312 -42.40 -32.03 65.19
CA SER B 1312 -42.16 -31.46 63.88
C SER B 1312 -42.81 -32.31 62.79
N PHE B 1313 -42.99 -31.70 61.61
CA PHE B 1313 -43.68 -32.37 60.51
C PHE B 1313 -42.92 -33.58 59.98
N HIS B 1314 -41.60 -33.50 59.88
CA HIS B 1314 -40.79 -34.58 59.30
C HIS B 1314 -40.27 -35.51 60.39
N GLY B 1315 -41.21 -36.08 61.13
CA GLY B 1315 -40.89 -37.11 62.10
C GLY B 1315 -40.31 -36.57 63.40
N PRO B 1316 -40.22 -37.44 64.41
CA PRO B 1316 -39.66 -37.03 65.70
C PRO B 1316 -38.18 -36.71 65.59
N TYR B 1317 -37.71 -35.85 66.49
CA TYR B 1317 -36.30 -35.51 66.61
C TYR B 1317 -35.70 -36.27 67.80
N THR B 1318 -34.44 -35.99 68.11
CA THR B 1318 -33.71 -36.67 69.18
C THR B 1318 -33.47 -35.69 70.32
N VAL B 1319 -33.04 -36.13 71.51
CA VAL B 1319 -32.79 -35.23 72.63
C VAL B 1319 -31.42 -35.54 73.22
N GLN B 1320 -30.53 -34.56 73.23
CA GLN B 1320 -29.18 -34.73 73.77
C GLN B 1320 -29.08 -34.30 75.23
N ALA B 1321 -29.97 -34.82 76.08
CA ALA B 1321 -30.12 -34.67 77.53
C ALA B 1321 -31.52 -34.16 77.84
N GLY B 1322 -31.72 -32.85 77.72
CA GLY B 1322 -33.02 -32.24 77.90
C GLY B 1322 -33.28 -31.15 76.89
N LEU B 1323 -32.38 -31.04 75.90
CA LEU B 1323 -32.48 -30.04 74.85
C LEU B 1323 -32.59 -30.76 73.51
N PRO B 1324 -33.54 -30.40 72.65
CA PRO B 1324 -33.65 -31.07 71.34
C PRO B 1324 -32.44 -30.78 70.45
N LEU B 1325 -32.28 -31.59 69.40
CA LEU B 1325 -31.21 -31.39 68.42
C LEU B 1325 -31.86 -30.92 67.13
N ASN B 1326 -31.34 -29.83 66.57
CA ASN B 1326 -31.89 -29.27 65.34
C ASN B 1326 -31.71 -30.27 64.19
N PRO B 1327 -32.79 -30.67 63.55
CA PRO B 1327 -32.65 -31.54 62.36
C PRO B 1327 -32.11 -30.75 61.18
N MET B 1328 -31.98 -31.40 60.02
CA MET B 1328 -31.58 -30.73 58.78
C MET B 1328 -30.13 -30.24 58.83
N GLY B 1329 -29.43 -30.49 59.94
CA GLY B 1329 -28.03 -30.19 60.04
C GLY B 1329 -27.73 -29.42 61.31
N ARG B 1330 -26.48 -28.96 61.40
CA ARG B 1330 -26.00 -28.15 62.51
C ARG B 1330 -26.10 -26.67 62.15
N THR B 1331 -26.01 -25.82 63.18
CA THR B 1331 -26.06 -24.38 62.99
C THR B 1331 -24.74 -23.71 63.38
N GLY B 1332 -24.22 -23.99 64.57
CA GLY B 1332 -23.01 -23.34 65.03
C GLY B 1332 -23.23 -22.69 66.39
N LEU B 1333 -24.48 -22.62 66.82
CA LEU B 1333 -24.87 -22.06 68.09
C LEU B 1333 -25.68 -23.11 68.87
N ARG B 1334 -25.81 -22.89 70.18
CA ARG B 1334 -26.63 -23.75 71.02
C ARG B 1334 -27.65 -22.87 71.74
N GLY B 1335 -28.36 -23.45 72.70
CA GLY B 1335 -29.35 -22.68 73.42
C GLY B 1335 -30.62 -22.51 72.61
N ARG B 1336 -31.18 -21.30 72.67
CA ARG B 1336 -32.46 -21.03 72.02
C ARG B 1336 -32.38 -19.74 71.21
N GLY B 1337 -31.47 -18.85 71.58
CA GLY B 1337 -31.44 -17.55 70.95
C GLY B 1337 -32.67 -16.74 71.32
N SER B 1338 -33.07 -15.88 70.38
CA SER B 1338 -34.27 -15.06 70.56
C SER B 1338 -35.50 -15.83 70.10
N LEU B 1339 -35.85 -16.89 70.84
CA LEU B 1339 -36.98 -17.73 70.46
C LEU B 1339 -37.81 -18.02 71.70
N SER B 1340 -39.06 -18.43 71.47
CA SER B 1340 -39.99 -18.73 72.55
C SER B 1340 -39.53 -19.90 73.40
N CYS B 1341 -39.44 -21.09 72.79
CA CYS B 1341 -39.08 -22.30 73.51
C CYS B 1341 -38.33 -23.25 72.57
N PHE B 1342 -37.64 -24.20 73.18
CA PHE B 1342 -36.92 -25.20 72.41
C PHE B 1342 -37.89 -26.12 71.67
N GLY B 1343 -37.47 -26.59 70.51
CA GLY B 1343 -38.29 -27.46 69.69
C GLY B 1343 -38.84 -26.74 68.47
N PRO B 1344 -39.84 -27.34 67.82
CA PRO B 1344 -40.42 -26.74 66.61
C PRO B 1344 -41.33 -25.57 66.96
N ASN B 1345 -40.87 -24.36 66.66
CA ASN B 1345 -41.70 -23.18 66.81
C ASN B 1345 -42.59 -23.02 65.56
N HIS B 1346 -43.89 -22.94 65.77
CA HIS B 1346 -44.84 -22.95 64.67
C HIS B 1346 -45.37 -21.55 64.39
N THR B 1347 -45.27 -21.15 63.12
CA THR B 1347 -45.89 -19.93 62.62
C THR B 1347 -46.73 -20.33 61.40
N LEU B 1348 -47.59 -19.41 60.94
CA LEU B 1348 -48.61 -19.75 59.96
C LEU B 1348 -48.64 -18.71 58.84
N TYR B 1349 -47.46 -18.40 58.28
CA TYR B 1349 -47.33 -17.39 57.23
C TYR B 1349 -48.34 -17.59 56.11
N PRO B 1350 -49.34 -16.70 55.99
CA PRO B 1350 -50.39 -16.89 54.98
C PRO B 1350 -50.09 -16.19 53.67
N MET B 1351 -50.70 -16.66 52.59
CA MET B 1351 -50.50 -16.07 51.28
C MET B 1351 -51.83 -15.55 50.71
N VAL B 1352 -51.85 -14.26 50.40
CA VAL B 1352 -53.00 -13.63 49.75
C VAL B 1352 -52.55 -13.03 48.43
N THR B 1353 -53.24 -13.37 47.35
CA THR B 1353 -52.77 -13.04 46.01
C THR B 1353 -53.90 -12.50 45.15
N ARG B 1354 -53.51 -11.63 44.21
CA ARG B 1354 -54.33 -11.22 43.09
C ARG B 1354 -53.45 -11.04 41.86
N TRP B 1355 -53.91 -11.48 40.70
CA TRP B 1355 -53.28 -11.06 39.46
C TRP B 1355 -53.34 -9.53 39.40
N ARG B 1356 -52.23 -8.88 39.04
CA ARG B 1356 -52.24 -7.43 39.15
C ARG B 1356 -53.17 -6.86 38.08
N ARG B 1357 -53.98 -5.87 38.45
CA ARG B 1357 -54.82 -5.23 37.46
C ARG B 1357 -53.99 -4.20 36.71
N ASN B 1358 -54.31 -3.99 35.42
CA ASN B 1358 -53.47 -3.05 34.68
C ASN B 1358 -54.21 -1.76 34.29
N GLU B 1359 -55.20 -1.86 33.40
CA GLU B 1359 -56.08 -0.73 33.16
C GLU B 1359 -57.51 -1.17 32.86
N ASP B 1360 -57.66 -2.43 32.47
CA ASP B 1360 -58.93 -2.95 31.97
C ASP B 1360 -59.48 -4.11 32.79
N GLY B 1361 -58.64 -4.71 33.63
CA GLY B 1361 -59.04 -5.90 34.36
C GLY B 1361 -58.37 -7.12 33.78
N ALA B 1362 -58.25 -7.16 32.46
CA ALA B 1362 -57.55 -8.25 31.79
C ALA B 1362 -56.09 -8.26 32.19
N ILE B 1363 -55.65 -9.34 32.84
CA ILE B 1363 -54.25 -9.53 33.20
C ILE B 1363 -53.32 -9.31 32.02
N CYS B 1364 -52.42 -8.34 32.17
CA CYS B 1364 -51.43 -8.01 31.14
C CYS B 1364 -50.28 -9.01 31.19
N ARG B 1365 -49.97 -9.61 30.04
CA ARG B 1365 -48.98 -10.66 29.95
C ARG B 1365 -47.62 -10.16 30.40
N LYS B 1366 -46.96 -10.94 31.26
CA LYS B 1366 -45.62 -10.65 31.70
C LYS B 1366 -44.61 -11.10 30.64
N SER B 1367 -43.34 -11.20 31.02
CA SER B 1367 -42.29 -11.53 30.06
C SER B 1367 -42.61 -12.78 29.26
N ILE B 1368 -42.97 -13.88 29.92
CA ILE B 1368 -43.38 -15.08 29.21
C ILE B 1368 -44.74 -15.54 29.69
N LYS B 1369 -44.83 -15.89 30.98
CA LYS B 1369 -46.05 -16.39 31.58
C LYS B 1369 -46.75 -15.28 32.37
N LYS B 1370 -47.76 -15.67 33.12
CA LYS B 1370 -48.64 -14.69 33.75
C LYS B 1370 -48.02 -14.25 35.09
N MET B 1371 -48.52 -13.14 35.62
CA MET B 1371 -47.88 -12.44 36.74
C MET B 1371 -48.92 -12.13 37.82
N LEU B 1372 -48.52 -12.26 39.08
CA LEU B 1372 -49.40 -12.05 40.22
C LEU B 1372 -48.81 -11.03 41.19
N GLU B 1373 -49.59 -10.70 42.22
CA GLU B 1373 -49.22 -9.78 43.29
C GLU B 1373 -49.52 -10.41 44.64
N VAL B 1374 -48.84 -9.90 45.67
CA VAL B 1374 -49.10 -10.28 47.07
C VAL B 1374 -49.19 -9.01 47.91
N LEU B 1375 -49.81 -9.14 49.08
CA LEU B 1375 -49.96 -8.03 50.01
C LEU B 1375 -48.88 -8.17 51.09
N VAL B 1376 -47.93 -7.25 51.10
CA VAL B 1376 -46.82 -7.27 52.05
C VAL B 1376 -46.94 -6.07 52.98
N VAL B 1377 -46.33 -6.19 54.16
CA VAL B 1377 -46.45 -5.20 55.22
C VAL B 1377 -45.06 -4.78 55.67
N LYS B 1378 -44.87 -3.50 55.95
CA LYS B 1378 -43.59 -2.95 56.36
C LYS B 1378 -43.75 -2.23 57.69
N LEU B 1379 -43.34 -2.89 58.76
CA LEU B 1379 -43.25 -2.24 60.07
C LEU B 1379 -42.05 -1.30 60.02
N PRO B 1380 -42.03 -0.22 60.82
CA PRO B 1380 -40.97 0.79 60.66
C PRO B 1380 -39.56 0.25 60.85
N LEU B 1381 -39.29 -0.43 61.95
CA LEU B 1381 -37.94 -0.89 62.27
C LEU B 1381 -37.65 -2.19 61.51
N SER B 1382 -37.50 -2.03 60.20
CA SER B 1382 -37.17 -3.15 59.31
C SER B 1382 -36.57 -2.58 58.03
N GLU B 1383 -36.15 -3.48 57.14
CA GLU B 1383 -35.61 -3.09 55.84
C GLU B 1383 -36.16 -3.96 54.71
N HIS B 1384 -37.19 -4.77 54.98
CA HIS B 1384 -37.78 -5.62 53.96
C HIS B 1384 -39.29 -5.69 54.16
N TRP B 1385 -39.99 -6.02 53.07
CA TRP B 1385 -41.45 -6.04 53.01
C TRP B 1385 -41.94 -7.43 53.43
N ALA B 1386 -41.90 -7.68 54.74
CA ALA B 1386 -42.15 -9.02 55.27
C ALA B 1386 -43.58 -9.45 55.02
N LEU B 1387 -43.79 -10.77 54.97
CA LEU B 1387 -45.12 -11.31 54.77
C LEU B 1387 -45.98 -11.07 56.02
N PRO B 1388 -47.29 -10.94 55.84
CA PRO B 1388 -48.19 -10.65 56.98
C PRO B 1388 -48.59 -11.90 57.76
N GLY B 1389 -47.65 -12.41 58.55
CA GLY B 1389 -47.94 -13.57 59.39
C GLY B 1389 -46.74 -13.93 60.23
N GLY B 1390 -47.01 -14.72 61.27
CA GLY B 1390 -45.98 -15.13 62.20
C GLY B 1390 -46.45 -16.06 63.29
N SER B 1391 -45.98 -15.84 64.52
CA SER B 1391 -46.20 -16.76 65.63
C SER B 1391 -47.68 -17.01 65.89
N ARG B 1392 -48.10 -18.27 65.79
CA ARG B 1392 -49.49 -18.63 65.98
C ARG B 1392 -49.83 -18.80 67.46
N GLU B 1393 -50.57 -17.86 68.02
CA GLU B 1393 -51.09 -18.02 69.37
C GLU B 1393 -52.06 -19.19 69.37
N PRO B 1394 -51.92 -20.17 70.28
CA PRO B 1394 -52.87 -21.29 70.33
C PRO B 1394 -54.33 -20.87 70.29
N GLY B 1395 -55.10 -21.49 69.40
CA GLY B 1395 -56.51 -21.19 69.27
C GLY B 1395 -56.83 -19.90 68.54
N GLU B 1396 -55.84 -19.33 67.85
CA GLU B 1396 -56.06 -18.10 67.10
C GLU B 1396 -56.31 -18.40 65.63
N MET B 1397 -55.50 -19.29 65.04
CA MET B 1397 -55.64 -19.76 63.67
C MET B 1397 -55.29 -18.64 62.69
N LEU B 1398 -55.05 -17.44 63.19
CA LEU B 1398 -54.62 -16.31 62.38
C LEU B 1398 -53.34 -15.74 62.98
N PRO B 1399 -52.27 -15.58 62.19
CA PRO B 1399 -50.92 -15.56 62.77
C PRO B 1399 -50.50 -14.25 63.44
N ARG B 1400 -51.38 -13.65 64.25
CA ARG B 1400 -50.98 -12.68 65.27
C ARG B 1400 -50.48 -11.37 64.69
N LYS B 1401 -50.26 -11.32 63.37
CA LYS B 1401 -49.81 -10.09 62.71
C LYS B 1401 -50.78 -9.68 61.61
N LEU B 1402 -51.49 -10.63 61.03
CA LEU B 1402 -52.60 -10.28 60.15
C LEU B 1402 -53.82 -10.19 61.07
N LYS B 1403 -53.57 -10.35 62.37
CA LYS B 1403 -54.56 -10.18 63.43
C LYS B 1403 -54.40 -8.86 64.18
N ARG B 1404 -53.31 -8.12 63.94
CA ARG B 1404 -53.00 -6.93 64.71
C ARG B 1404 -52.07 -6.05 63.89
N ILE B 1405 -52.22 -4.72 64.05
CA ILE B 1405 -51.48 -3.72 63.28
C ILE B 1405 -51.88 -3.86 61.81
N LEU B 1406 -52.98 -4.58 61.59
CA LEU B 1406 -53.58 -4.81 60.28
C LEU B 1406 -55.10 -4.86 60.47
N ARG B 1407 -55.81 -5.44 59.52
CA ARG B 1407 -57.27 -5.43 59.57
C ARG B 1407 -57.78 -5.99 60.90
N GLN B 1408 -58.63 -5.19 61.53
CA GLN B 1408 -59.19 -5.50 62.85
C GLN B 1408 -60.66 -5.12 62.84
N GLU B 1409 -61.42 -5.70 63.77
CA GLU B 1409 -62.87 -5.62 63.78
C GLU B 1409 -63.41 -6.15 62.46
N HIS B 1410 -62.65 -7.07 61.85
CA HIS B 1410 -63.01 -7.61 60.54
C HIS B 1410 -62.73 -9.10 60.46
N TRP B 1411 -62.27 -9.73 61.55
CA TRP B 1411 -61.76 -11.10 61.58
C TRP B 1411 -62.72 -12.18 61.06
N PRO B 1412 -64.00 -12.24 61.52
CA PRO B 1412 -64.82 -13.44 61.27
C PRO B 1412 -64.86 -13.93 59.83
N SER B 1413 -64.73 -13.02 58.86
CA SER B 1413 -64.82 -13.40 57.46
C SER B 1413 -63.62 -14.19 56.96
N PHE B 1414 -62.42 -13.61 57.01
CA PHE B 1414 -61.24 -14.33 56.55
C PHE B 1414 -60.82 -15.40 57.54
N GLU B 1415 -61.31 -15.32 58.79
CA GLU B 1415 -61.17 -16.45 59.69
C GLU B 1415 -62.18 -17.56 59.37
N ASN B 1416 -63.14 -17.28 58.48
CA ASN B 1416 -64.02 -18.31 57.95
C ASN B 1416 -63.60 -18.69 56.53
N LEU B 1417 -62.54 -18.06 56.03
CA LEU B 1417 -62.04 -18.35 54.68
C LEU B 1417 -60.71 -19.09 54.72
N LEU B 1418 -60.02 -19.04 55.87
CA LEU B 1418 -58.71 -19.71 55.95
C LEU B 1418 -58.85 -21.22 55.97
N LYS B 1419 -60.04 -21.73 56.31
CA LYS B 1419 -60.27 -23.16 56.16
C LYS B 1419 -60.78 -23.46 54.75
N CYS B 1420 -60.10 -22.88 53.76
CA CYS B 1420 -60.41 -23.12 52.36
C CYS B 1420 -59.21 -22.73 51.49
N GLY B 1421 -58.45 -23.72 51.03
CA GLY B 1421 -57.30 -23.40 50.21
C GLY B 1421 -56.29 -24.53 50.25
N MET B 1422 -55.27 -24.39 49.40
CA MET B 1422 -54.24 -25.40 49.29
C MET B 1422 -53.03 -25.05 50.16
N GLU B 1423 -52.40 -26.08 50.69
CA GLU B 1423 -51.15 -25.93 51.42
C GLU B 1423 -49.99 -26.00 50.43
N VAL B 1424 -48.96 -25.20 50.65
CA VAL B 1424 -47.85 -25.15 49.69
C VAL B 1424 -46.55 -25.60 50.37
N TYR B 1425 -46.44 -25.39 51.68
CA TYR B 1425 -45.24 -25.83 52.39
C TYR B 1425 -45.48 -26.02 53.87
N LYS B 1426 -45.58 -27.28 54.30
CA LYS B 1426 -45.64 -27.62 55.72
C LYS B 1426 -44.29 -28.16 56.18
N GLY B 1427 -43.40 -27.29 56.65
CA GLY B 1427 -42.08 -27.73 56.99
C GLY B 1427 -41.24 -26.66 57.66
N TYR B 1428 -39.94 -26.71 57.37
CA TYR B 1428 -38.91 -25.94 58.06
C TYR B 1428 -38.49 -24.75 57.20
N MET B 1429 -38.22 -23.62 57.86
CA MET B 1429 -37.70 -22.44 57.17
C MET B 1429 -36.20 -22.36 57.34
N ASP B 1430 -35.56 -21.59 56.47
CA ASP B 1430 -34.16 -21.24 56.68
C ASP B 1430 -34.06 -19.85 57.31
N ASP B 1431 -34.44 -19.74 58.59
CA ASP B 1431 -34.31 -18.49 59.30
C ASP B 1431 -32.86 -18.26 59.72
N PRO B 1432 -32.43 -17.00 59.83
CA PRO B 1432 -31.09 -16.72 60.38
C PRO B 1432 -31.09 -16.80 61.90
N ARG B 1433 -32.26 -17.04 62.48
CA ARG B 1433 -32.42 -17.07 63.93
C ARG B 1433 -32.40 -18.48 64.53
N ASN B 1434 -32.09 -19.49 63.73
CA ASN B 1434 -32.16 -20.86 64.21
C ASN B 1434 -30.92 -21.22 65.03
N THR B 1435 -31.02 -22.34 65.74
CA THR B 1435 -29.92 -22.83 66.57
C THR B 1435 -30.01 -24.35 66.63
N ASP B 1436 -29.00 -24.96 67.26
CA ASP B 1436 -28.93 -26.42 67.28
C ASP B 1436 -29.99 -27.03 68.19
N ASN B 1437 -30.61 -26.23 69.07
CA ASN B 1437 -31.57 -26.75 70.04
C ASN B 1437 -32.96 -26.13 69.88
N ALA B 1438 -33.20 -25.41 68.78
CA ALA B 1438 -34.50 -24.82 68.54
C ALA B 1438 -34.62 -24.48 67.05
N TRP B 1439 -35.85 -24.55 66.55
CA TRP B 1439 -36.11 -24.25 65.14
C TRP B 1439 -37.55 -23.77 65.00
N ILE B 1440 -37.83 -23.18 63.84
CA ILE B 1440 -39.12 -22.56 63.54
C ILE B 1440 -39.72 -23.26 62.32
N GLU B 1441 -41.01 -23.54 62.36
CA GLU B 1441 -41.71 -24.24 61.28
C GLU B 1441 -42.95 -23.46 60.85
N THR B 1442 -43.39 -23.69 59.62
CA THR B 1442 -44.56 -23.03 59.07
C THR B 1442 -45.54 -24.03 58.47
N VAL B 1443 -46.82 -23.71 58.60
CA VAL B 1443 -47.86 -24.17 57.68
C VAL B 1443 -48.16 -22.98 56.77
N ALA B 1444 -48.24 -23.21 55.47
CA ALA B 1444 -48.37 -22.09 54.55
C ALA B 1444 -49.62 -22.21 53.70
N VAL B 1445 -50.68 -21.50 54.10
CA VAL B 1445 -51.92 -21.50 53.33
C VAL B 1445 -51.90 -20.36 52.32
N SER B 1446 -52.58 -20.58 51.19
CA SER B 1446 -52.65 -19.61 50.12
C SER B 1446 -54.11 -19.43 49.69
N VAL B 1447 -54.48 -18.18 49.44
CA VAL B 1447 -55.81 -17.85 48.93
C VAL B 1447 -55.67 -16.92 47.73
N HIS B 1448 -56.35 -17.24 46.65
CA HIS B 1448 -56.31 -16.44 45.43
C HIS B 1448 -57.69 -15.85 45.13
N PHE B 1449 -57.68 -14.68 44.50
CA PHE B 1449 -58.89 -13.97 44.11
C PHE B 1449 -58.93 -13.91 42.58
N GLN B 1450 -59.82 -14.71 41.98
CA GLN B 1450 -59.85 -14.81 40.53
C GLN B 1450 -60.28 -13.50 39.88
N ASP B 1451 -61.30 -12.85 40.42
CA ASP B 1451 -61.83 -11.64 39.80
C ASP B 1451 -61.22 -10.39 40.43
N GLN B 1452 -61.73 -9.24 39.99
CA GLN B 1452 -61.30 -7.94 40.48
C GLN B 1452 -62.41 -7.18 41.20
N ASN B 1453 -63.66 -7.37 40.79
CA ASN B 1453 -64.79 -6.72 41.45
C ASN B 1453 -65.69 -7.76 42.09
N ASP B 1454 -65.08 -8.77 42.73
CA ASP B 1454 -65.84 -9.83 43.37
C ASP B 1454 -66.34 -9.39 44.73
N VAL B 1455 -66.86 -10.32 45.53
CA VAL B 1455 -67.39 -10.00 46.85
C VAL B 1455 -66.32 -10.27 47.90
N GLU B 1456 -65.12 -10.64 47.45
CA GLU B 1456 -64.00 -10.87 48.36
C GLU B 1456 -63.03 -9.70 48.34
N LEU B 1457 -62.72 -9.19 47.15
CA LEU B 1457 -61.81 -8.07 47.01
C LEU B 1457 -62.53 -6.76 47.29
N ASN B 1458 -63.86 -6.80 47.35
CA ASN B 1458 -64.64 -5.62 47.71
C ASN B 1458 -64.91 -5.56 49.21
N ARG B 1459 -64.55 -6.61 49.95
CA ARG B 1459 -64.65 -6.59 51.41
C ARG B 1459 -63.33 -6.81 52.12
N LEU B 1460 -62.25 -7.15 51.42
CA LEU B 1460 -60.94 -7.31 52.04
C LEU B 1460 -60.21 -5.97 52.10
N ASN B 1461 -60.03 -5.33 50.94
CA ASN B 1461 -59.25 -4.10 50.85
C ASN B 1461 -59.91 -2.96 51.63
N SER B 1462 -61.18 -2.68 51.36
CA SER B 1462 -61.85 -1.57 52.02
C SER B 1462 -62.58 -2.01 53.28
N ASN B 1463 -61.91 -2.77 54.14
CA ASN B 1463 -62.42 -3.07 55.47
C ASN B 1463 -61.26 -3.14 56.47
N LEU B 1464 -60.05 -2.87 55.99
CA LEU B 1464 -58.86 -3.09 56.79
C LEU B 1464 -58.39 -1.82 57.46
N HIS B 1465 -58.14 -1.90 58.77
CA HIS B 1465 -57.50 -0.81 59.48
C HIS B 1465 -56.06 -0.59 59.03
N ALA B 1466 -55.26 -1.66 58.96
CA ALA B 1466 -53.95 -1.65 58.32
C ALA B 1466 -52.94 -0.75 59.01
N CYS B 1467 -53.33 -0.07 60.09
CA CYS B 1467 -52.44 0.81 60.82
C CYS B 1467 -52.94 0.93 62.26
N ASP B 1468 -52.32 0.18 63.17
CA ASP B 1468 -52.53 0.37 64.60
C ASP B 1468 -51.34 1.10 65.20
N SER B 1469 -50.15 0.54 65.03
CA SER B 1469 -48.91 1.18 65.46
C SER B 1469 -47.82 0.97 64.42
N GLY B 1470 -48.20 0.42 63.27
CA GLY B 1470 -47.24 0.16 62.20
C GLY B 1470 -47.01 1.37 61.31
N ALA B 1471 -46.46 1.16 60.13
CA ALA B 1471 -46.15 2.30 59.27
C ALA B 1471 -46.44 2.05 57.80
N SER B 1472 -46.95 0.87 57.44
CA SER B 1472 -47.17 0.61 56.02
C SER B 1472 -48.03 -0.62 55.72
N ILE B 1473 -48.66 -0.61 54.56
CA ILE B 1473 -49.29 -1.76 53.93
C ILE B 1473 -49.33 -1.47 52.43
N ARG B 1474 -48.97 -2.46 51.61
CA ARG B 1474 -48.82 -2.20 50.18
C ARG B 1474 -48.76 -3.48 49.36
N TRP B 1475 -49.65 -3.59 48.37
CA TRP B 1475 -49.57 -4.70 47.43
C TRP B 1475 -48.34 -4.56 46.55
N GLN B 1476 -47.58 -5.65 46.43
CA GLN B 1476 -46.27 -5.63 45.77
C GLN B 1476 -46.26 -6.66 44.65
N VAL B 1477 -45.53 -6.35 43.58
CA VAL B 1477 -45.45 -7.20 42.41
C VAL B 1477 -44.41 -8.30 42.68
N VAL B 1478 -44.81 -9.55 42.46
CA VAL B 1478 -44.00 -10.69 42.89
C VAL B 1478 -42.96 -11.02 41.82
N ASP B 1479 -41.80 -10.38 41.91
CA ASP B 1479 -40.73 -10.60 40.95
C ASP B 1479 -39.59 -11.39 41.57
N ARG B 1480 -38.52 -11.61 40.80
CA ARG B 1480 -37.35 -12.36 41.25
C ARG B 1480 -36.55 -11.64 42.33
N ARG B 1481 -36.74 -10.33 42.50
CA ARG B 1481 -35.95 -9.56 43.45
C ARG B 1481 -36.83 -8.70 44.35
N ILE B 1482 -37.86 -9.28 44.94
CA ILE B 1482 -38.72 -8.57 45.89
C ILE B 1482 -37.87 -8.14 47.08
N PRO B 1483 -38.01 -6.90 47.56
CA PRO B 1483 -37.36 -6.52 48.82
C PRO B 1483 -38.03 -7.17 50.02
N LEU B 1484 -38.10 -8.50 50.00
CA LEU B 1484 -38.70 -9.30 51.05
C LEU B 1484 -37.61 -10.06 51.80
N TYR B 1485 -37.94 -10.59 52.97
CA TYR B 1485 -37.04 -11.47 53.71
C TYR B 1485 -36.78 -12.70 52.87
N ALA B 1486 -35.49 -13.03 52.66
CA ALA B 1486 -35.08 -14.10 51.78
C ALA B 1486 -35.75 -15.42 52.13
N ASN B 1487 -35.94 -15.66 53.43
CA ASN B 1487 -36.61 -16.88 53.88
C ASN B 1487 -38.05 -16.94 53.35
N HIS B 1488 -38.76 -15.82 53.40
CA HIS B 1488 -40.09 -15.73 52.82
C HIS B 1488 -40.08 -15.80 51.30
N LYS B 1489 -39.08 -15.21 50.66
CA LYS B 1489 -38.91 -15.33 49.22
C LYS B 1489 -38.72 -16.78 48.78
N THR B 1490 -38.20 -17.65 49.66
CA THR B 1490 -38.20 -19.08 49.38
C THR B 1490 -39.62 -19.61 49.30
N LEU B 1491 -40.50 -19.19 50.21
CA LEU B 1491 -41.87 -19.64 50.20
C LEU B 1491 -42.59 -19.21 48.92
N LEU B 1492 -42.38 -17.95 48.51
CA LEU B 1492 -43.03 -17.45 47.31
C LEU B 1492 -42.52 -18.18 46.06
N GLN B 1493 -41.26 -18.60 46.08
CA GLN B 1493 -40.64 -19.25 44.93
C GLN B 1493 -41.28 -20.62 44.68
N LYS B 1494 -41.97 -21.17 45.67
CA LYS B 1494 -42.67 -22.44 45.50
C LYS B 1494 -44.17 -22.26 45.55
N ALA B 1495 -44.65 -21.06 45.90
CA ALA B 1495 -46.08 -20.82 46.02
C ALA B 1495 -46.65 -20.18 44.75
N ALA B 1496 -45.92 -19.21 44.19
CA ALA B 1496 -46.35 -18.58 42.95
C ALA B 1496 -46.26 -19.56 41.78
N ALA B 1497 -45.44 -20.59 41.93
CA ALA B 1497 -45.23 -21.60 40.89
C ALA B 1497 -46.42 -22.54 40.75
N GLU B 1498 -47.40 -22.51 41.65
CA GLU B 1498 -48.56 -23.38 41.57
C GLU B 1498 -49.56 -22.94 40.51
N PHE B 1499 -49.41 -21.74 39.95
CA PHE B 1499 -50.29 -21.25 38.90
C PHE B 1499 -49.57 -20.95 37.59
N GLY B 1500 -48.25 -20.90 37.57
CA GLY B 1500 -47.52 -20.59 36.36
C GLY B 1500 -47.09 -19.15 36.32
N ALA B 1501 -46.64 -18.61 37.46
CA ALA B 1501 -46.28 -17.20 37.55
C ALA B 1501 -44.81 -16.96 37.28
N HIS B 1502 -44.39 -15.69 37.38
CA HIS B 1502 -42.98 -15.30 37.31
C HIS B 1502 -42.57 -14.71 38.65
N TYR B 1503 -41.87 -15.52 39.45
CA TYR B 1503 -41.17 -14.98 40.60
C TYR B 1503 -39.81 -14.44 40.15
N ILE C 67 68.67 -11.43 21.52
CA ILE C 67 68.39 -12.78 21.06
C ILE C 67 67.95 -13.66 22.22
N LYS C 68 66.64 -13.86 22.35
CA LYS C 68 66.10 -14.69 23.41
C LYS C 68 66.16 -16.17 23.03
N LYS C 69 67.37 -16.68 22.80
CA LYS C 69 67.56 -18.09 22.50
C LYS C 69 68.08 -18.85 23.71
N LYS C 70 68.61 -18.17 24.72
CA LYS C 70 69.11 -18.80 25.93
C LYS C 70 68.00 -19.25 26.87
N GLU C 71 66.75 -19.17 26.43
CA GLU C 71 65.62 -19.57 27.26
C GLU C 71 64.87 -20.75 26.62
N CYS C 72 64.57 -20.65 25.33
CA CYS C 72 63.90 -21.73 24.62
C CYS C 72 64.88 -22.85 24.29
N VAL C 73 64.36 -24.05 24.05
CA VAL C 73 65.18 -25.25 23.94
C VAL C 73 64.69 -26.13 22.79
N TYR C 74 65.53 -27.10 22.42
CA TYR C 74 65.20 -28.16 21.48
C TYR C 74 64.15 -29.13 22.01
N PHE C 75 64.46 -29.79 23.13
CA PHE C 75 63.80 -31.02 23.57
C PHE C 75 64.12 -32.10 22.55
N VAL C 76 65.23 -31.93 21.84
CA VAL C 76 65.73 -32.92 20.89
C VAL C 76 66.12 -34.17 21.68
N GLU C 77 66.18 -35.31 21.01
CA GLU C 77 66.23 -36.60 21.67
C GLU C 77 67.48 -37.36 21.27
N SER C 78 68.21 -37.85 22.27
CA SER C 78 69.39 -38.68 22.05
C SER C 78 68.99 -40.14 21.83
N SER C 79 68.22 -40.35 20.75
CA SER C 79 67.58 -41.64 20.50
C SER C 79 68.60 -42.68 20.06
N LYS C 80 69.10 -43.48 21.00
CA LYS C 80 69.99 -44.58 20.67
C LYS C 80 69.28 -45.56 19.75
N LEU C 81 69.96 -45.98 18.68
CA LEU C 81 69.34 -46.83 17.66
C LEU C 81 68.99 -48.19 18.24
N SER C 82 67.71 -48.42 18.52
CA SER C 82 67.24 -49.66 19.12
C SER C 82 65.93 -50.11 18.49
N ASP C 83 65.80 -49.90 17.18
CA ASP C 83 64.55 -50.26 16.51
C ASP C 83 64.75 -50.52 15.03
N ALA C 84 63.77 -51.16 14.40
CA ALA C 84 63.74 -51.34 12.95
C ALA C 84 62.29 -51.55 12.50
N GLY C 85 61.68 -50.50 11.95
CA GLY C 85 60.28 -50.58 11.58
C GLY C 85 60.04 -50.61 10.08
N LYS C 86 61.10 -50.43 9.30
CA LYS C 86 61.02 -50.43 7.84
C LYS C 86 59.96 -49.45 7.34
N VAL C 87 60.16 -48.16 7.62
CA VAL C 87 59.24 -47.13 7.19
C VAL C 87 59.93 -46.26 6.15
N VAL C 88 59.15 -45.85 5.14
CA VAL C 88 59.61 -45.10 3.97
C VAL C 88 61.01 -45.53 3.55
N CYS C 89 61.15 -46.82 3.22
CA CYS C 89 62.39 -47.41 2.71
C CYS C 89 63.61 -47.05 3.56
N GLN C 90 63.44 -47.02 4.87
CA GLN C 90 64.54 -46.69 5.78
C GLN C 90 64.53 -47.70 6.92
N CYS C 91 65.43 -47.51 7.88
CA CYS C 91 65.52 -48.40 9.04
C CYS C 91 65.78 -47.61 10.31
N GLY C 92 66.02 -48.32 11.41
CA GLY C 92 66.31 -47.67 12.68
C GLY C 92 65.10 -47.00 13.30
N TYR C 93 65.29 -46.33 14.42
CA TYR C 93 64.25 -45.53 15.03
C TYR C 93 64.04 -44.27 14.19
N THR C 94 62.98 -43.52 14.50
CA THR C 94 62.64 -42.32 13.77
C THR C 94 63.87 -41.42 13.60
N HIS C 95 64.16 -41.08 12.34
CA HIS C 95 65.30 -40.30 11.83
C HIS C 95 66.33 -41.22 11.19
N GLU C 96 67.55 -40.69 11.01
CA GLU C 96 68.61 -41.33 10.26
C GLU C 96 69.95 -40.88 10.82
N GLN C 97 71.00 -40.91 10.01
CA GLN C 97 72.33 -40.51 10.45
C GLN C 97 72.34 -39.16 11.17
N HIS C 98 71.25 -38.39 11.08
CA HIS C 98 71.07 -37.19 11.89
C HIS C 98 70.44 -37.48 13.25
N LEU C 99 70.28 -38.75 13.62
CA LEU C 99 69.72 -39.09 14.93
C LEU C 99 70.73 -38.89 16.06
N GLU C 100 72.02 -38.87 15.72
CA GLU C 100 73.08 -38.64 16.69
C GLU C 100 73.58 -37.20 16.57
N GLU C 101 73.00 -36.33 17.39
CA GLU C 101 73.28 -34.89 17.30
C GLU C 101 74.74 -34.58 17.62
N ALA C 102 75.12 -34.72 18.89
CA ALA C 102 76.51 -34.51 19.29
C ALA C 102 76.99 -35.55 20.29
N THR C 103 76.07 -36.15 21.04
CA THR C 103 76.45 -37.07 22.10
C THR C 103 76.43 -38.52 21.63
N LYS C 104 75.64 -38.80 20.59
CA LYS C 104 75.63 -40.03 19.81
C LYS C 104 74.91 -41.14 20.58
N PRO C 105 74.57 -42.26 19.93
CA PRO C 105 73.98 -43.39 20.66
C PRO C 105 75.06 -44.20 21.34
N HIS C 106 75.69 -43.65 22.37
CA HIS C 106 76.97 -44.16 22.84
C HIS C 106 76.88 -44.47 24.34
N THR C 107 78.00 -44.97 24.87
CA THR C 107 78.18 -45.32 26.28
C THR C 107 77.20 -46.42 26.67
N PHE C 108 76.28 -46.14 27.60
CA PHE C 108 75.30 -47.15 28.00
C PHE C 108 73.90 -46.56 28.15
N GLN C 109 73.70 -45.31 27.78
CA GLN C 109 72.41 -44.64 27.95
C GLN C 109 71.44 -45.24 26.94
N GLY C 110 70.52 -46.07 27.42
CA GLY C 110 69.58 -46.75 26.56
C GLY C 110 69.70 -48.25 26.53
N THR C 111 68.74 -48.94 27.17
CA THR C 111 68.53 -50.36 26.99
C THR C 111 67.13 -50.71 26.51
N GLN C 112 66.10 -50.08 27.09
CA GLN C 112 64.76 -50.01 26.53
C GLN C 112 64.45 -48.52 26.38
N TRP C 113 63.97 -48.12 25.20
CA TRP C 113 63.90 -46.69 24.95
C TRP C 113 62.77 -46.02 25.73
N ASP C 114 63.07 -45.65 26.96
CA ASP C 114 62.17 -44.90 27.84
C ASP C 114 62.12 -43.45 27.34
N PRO C 115 60.92 -42.92 27.04
CA PRO C 115 60.80 -41.54 26.54
C PRO C 115 60.87 -40.48 27.63
N LYS C 116 61.38 -40.87 28.79
CA LYS C 116 61.46 -39.96 29.93
C LYS C 116 62.88 -39.83 30.44
N LYS C 117 63.71 -40.85 30.23
CA LYS C 117 65.02 -40.89 30.88
C LYS C 117 65.94 -39.79 30.36
N HIS C 118 65.98 -39.58 29.04
CA HIS C 118 67.01 -38.70 28.47
C HIS C 118 66.46 -38.04 27.21
N VAL C 119 65.90 -36.84 27.36
CA VAL C 119 65.41 -36.06 26.23
C VAL C 119 66.07 -34.69 26.29
N GLN C 120 67.35 -34.70 26.69
CA GLN C 120 68.14 -33.55 27.10
C GLN C 120 67.85 -32.30 26.29
N GLU C 121 67.73 -31.18 26.99
CA GLU C 121 67.19 -29.92 26.49
C GLU C 121 68.33 -28.98 26.12
N MET C 122 68.58 -28.81 24.82
CA MET C 122 69.53 -27.82 24.34
C MET C 122 68.80 -26.64 23.70
N PRO C 123 69.41 -25.45 23.70
CA PRO C 123 68.73 -24.26 23.16
C PRO C 123 68.45 -24.38 21.67
N THR C 124 67.45 -23.61 21.23
CA THR C 124 66.85 -23.75 19.91
C THR C 124 67.86 -23.39 18.81
N ASP C 125 67.51 -23.74 17.57
CA ASP C 125 68.27 -23.35 16.39
C ASP C 125 67.34 -22.92 15.26
N ALA C 126 66.04 -22.88 15.53
CA ALA C 126 65.05 -22.46 14.53
C ALA C 126 64.22 -21.34 15.14
N PHE C 127 64.73 -20.11 15.02
CA PHE C 127 64.05 -18.91 15.49
C PHE C 127 64.36 -17.78 14.50
N GLY C 128 63.44 -17.55 13.57
CA GLY C 128 63.67 -16.56 12.55
C GLY C 128 62.43 -16.00 11.88
N ASP C 129 62.48 -15.90 10.55
CA ASP C 129 61.43 -15.25 9.77
C ASP C 129 61.35 -15.98 8.44
N ILE C 130 60.25 -16.70 8.19
CA ILE C 130 60.11 -17.53 7.01
C ILE C 130 59.32 -16.79 5.94
N VAL C 131 59.81 -16.85 4.70
CA VAL C 131 59.15 -16.25 3.54
C VAL C 131 58.94 -17.34 2.49
N PHE C 132 57.72 -17.41 1.95
CA PHE C 132 57.43 -18.37 0.90
C PHE C 132 57.95 -17.87 -0.45
N THR C 133 57.94 -18.77 -1.43
CA THR C 133 58.63 -18.50 -2.69
C THR C 133 58.02 -17.30 -3.42
N GLY C 134 56.81 -17.46 -3.94
CA GLY C 134 56.15 -16.36 -4.62
C GLY C 134 54.67 -16.29 -4.31
N LEU C 135 54.18 -17.27 -3.55
CA LEU C 135 52.74 -17.37 -3.27
C LEU C 135 52.31 -16.25 -2.34
N SER C 136 53.23 -15.78 -1.49
CA SER C 136 52.93 -14.65 -0.61
C SER C 136 54.20 -13.88 -0.27
N GLN C 137 54.40 -12.74 -0.93
CA GLN C 137 55.57 -11.91 -0.64
C GLN C 137 55.37 -11.15 0.67
N LYS C 138 55.75 -11.79 1.77
CA LYS C 138 55.54 -11.22 3.10
C LYS C 138 56.64 -11.69 4.05
N VAL C 139 56.46 -11.45 5.35
CA VAL C 139 57.38 -11.95 6.36
C VAL C 139 56.57 -12.66 7.44
N LYS C 140 56.96 -13.88 7.77
CA LYS C 140 56.29 -14.68 8.79
C LYS C 140 57.34 -15.26 9.72
N LYS C 141 57.16 -15.06 11.02
CA LYS C 141 58.14 -15.45 12.02
C LYS C 141 57.76 -16.76 12.69
N TYR C 142 58.75 -17.63 12.86
CA TYR C 142 58.54 -18.97 13.38
C TYR C 142 59.57 -19.28 14.46
N VAL C 143 59.18 -20.17 15.37
CA VAL C 143 60.06 -20.62 16.46
C VAL C 143 59.89 -22.12 16.64
N ARG C 144 60.97 -22.81 16.97
CA ARG C 144 60.94 -24.23 17.27
C ARG C 144 60.97 -24.39 18.79
N VAL C 145 59.80 -24.33 19.41
CA VAL C 145 59.70 -24.44 20.85
C VAL C 145 59.65 -25.92 21.25
N SER C 146 59.83 -26.20 22.54
CA SER C 146 59.73 -27.56 23.03
C SER C 146 58.34 -27.84 23.55
N GLN C 147 58.12 -29.03 24.11
CA GLN C 147 56.86 -29.38 24.75
C GLN C 147 56.84 -29.01 26.22
N ASP C 148 57.99 -28.62 26.79
CA ASP C 148 58.08 -28.31 28.20
C ASP C 148 58.35 -26.84 28.50
N THR C 149 58.48 -25.99 27.49
CA THR C 149 58.65 -24.56 27.73
C THR C 149 57.39 -24.00 28.38
N PRO C 150 57.53 -23.30 29.52
CA PRO C 150 56.36 -22.72 30.17
C PRO C 150 55.69 -21.67 29.28
N SER C 151 54.39 -21.49 29.49
CA SER C 151 53.69 -20.45 28.74
C SER C 151 53.87 -19.10 29.44
N SER C 152 55.12 -18.79 29.79
CA SER C 152 55.53 -17.45 30.22
C SER C 152 56.86 -17.02 29.62
N VAL C 153 57.65 -17.94 29.07
CA VAL C 153 58.86 -17.61 28.32
C VAL C 153 58.42 -17.24 26.92
N ILE C 154 57.18 -17.59 26.57
CA ILE C 154 56.67 -17.37 25.23
C ILE C 154 55.64 -16.26 25.22
N TYR C 155 54.91 -16.08 26.32
CA TYR C 155 54.02 -14.92 26.40
C TYR C 155 54.85 -13.65 26.55
N HIS C 156 55.98 -13.75 27.25
CA HIS C 156 56.96 -12.67 27.31
C HIS C 156 57.67 -12.51 25.99
N LEU C 157 57.43 -13.44 25.05
CA LEU C 157 58.10 -13.45 23.76
C LEU C 157 57.19 -13.06 22.60
N MET C 158 55.90 -13.38 22.64
CA MET C 158 55.00 -12.83 21.62
C MET C 158 54.66 -11.39 21.94
N THR C 159 54.47 -11.07 23.22
CA THR C 159 54.12 -9.71 23.63
C THR C 159 55.23 -8.74 23.23
N GLN C 160 56.42 -8.88 23.82
CA GLN C 160 57.58 -8.11 23.39
C GLN C 160 58.77 -9.04 23.19
N HIS C 161 58.75 -9.80 22.08
CA HIS C 161 59.96 -10.18 21.36
C HIS C 161 59.57 -10.35 19.90
N TRP C 162 58.30 -10.11 19.61
CA TRP C 162 57.70 -10.35 18.29
C TRP C 162 56.96 -9.13 17.75
N GLY C 163 56.32 -8.36 18.61
CA GLY C 163 55.50 -7.26 18.16
C GLY C 163 54.04 -7.62 18.03
N LEU C 164 53.47 -8.21 19.08
CA LEU C 164 52.06 -8.58 19.11
C LEU C 164 51.40 -7.90 20.30
N ASP C 165 50.11 -7.63 20.14
CA ASP C 165 49.34 -6.90 21.14
C ASP C 165 48.78 -7.87 22.18
N VAL C 166 47.88 -7.39 23.02
CA VAL C 166 47.19 -8.22 24.02
C VAL C 166 45.81 -8.56 23.46
N PRO C 167 45.47 -9.83 23.31
CA PRO C 167 44.23 -10.20 22.63
C PRO C 167 42.99 -9.92 23.49
N ASN C 168 41.84 -9.97 22.83
CA ASN C 168 40.55 -9.89 23.52
C ASN C 168 39.62 -11.04 23.15
N LEU C 169 39.99 -11.89 22.18
CA LEU C 169 39.17 -13.03 21.80
C LEU C 169 40.07 -14.05 21.13
N LEU C 170 39.82 -15.34 21.43
CA LEU C 170 40.77 -16.42 21.17
C LEU C 170 40.08 -17.60 20.50
N ILE C 171 39.39 -17.34 19.39
CA ILE C 171 38.73 -18.39 18.62
C ILE C 171 39.72 -19.51 18.32
N SER C 172 39.40 -20.72 18.74
CA SER C 172 40.22 -21.90 18.47
C SER C 172 39.50 -22.74 17.42
N VAL C 173 40.09 -22.83 16.24
CA VAL C 173 39.50 -23.53 15.11
C VAL C 173 40.30 -24.82 14.89
N THR C 174 39.77 -25.93 15.39
CA THR C 174 40.36 -27.23 15.15
C THR C 174 39.37 -28.13 14.41
N GLY C 175 39.87 -29.29 13.98
CA GLY C 175 39.04 -30.21 13.22
C GLY C 175 39.79 -31.42 12.71
N GLY C 176 39.61 -31.74 11.43
CA GLY C 176 40.27 -32.86 10.81
C GLY C 176 41.50 -32.44 10.01
N ALA C 177 42.16 -33.45 9.45
CA ALA C 177 43.35 -33.22 8.63
C ALA C 177 43.44 -34.33 7.58
N LYS C 178 44.03 -33.96 6.44
CA LYS C 178 44.32 -34.88 5.32
C LYS C 178 43.09 -35.67 4.86
N ASN C 179 41.92 -35.31 5.37
CA ASN C 179 40.65 -35.91 4.96
C ASN C 179 39.55 -34.89 5.19
N PHE C 180 39.20 -34.12 4.17
CA PHE C 180 38.33 -32.97 4.41
C PHE C 180 37.72 -32.51 3.09
N ASN C 181 36.40 -32.67 3.00
CA ASN C 181 35.66 -32.23 1.80
C ASN C 181 34.54 -31.28 2.27
N MET C 182 34.88 -30.00 2.38
CA MET C 182 33.98 -29.04 3.00
C MET C 182 32.78 -28.80 2.09
N LYS C 183 31.58 -28.98 2.64
CA LYS C 183 30.37 -28.95 1.82
C LYS C 183 30.19 -27.58 1.18
N PRO C 184 29.71 -27.52 -0.09
CA PRO C 184 29.69 -26.25 -0.82
C PRO C 184 28.89 -25.16 -0.16
N ARG C 185 27.85 -25.52 0.59
CA ARG C 185 27.10 -24.54 1.36
C ARG C 185 27.70 -24.32 2.75
N LEU C 186 28.13 -25.40 3.41
CA LEU C 186 28.85 -25.24 4.67
C LEU C 186 30.15 -24.48 4.49
N LYS C 187 30.78 -24.62 3.31
CA LYS C 187 31.98 -23.87 2.99
C LYS C 187 31.68 -22.38 2.99
N SER C 188 30.41 -22.02 2.78
CA SER C 188 29.99 -20.62 2.79
C SER C 188 29.62 -20.10 4.18
N ILE C 189 28.81 -20.84 4.96
CA ILE C 189 28.56 -20.43 6.33
C ILE C 189 29.84 -20.35 7.14
N PHE C 190 30.85 -21.16 6.82
CA PHE C 190 32.09 -21.13 7.59
C PHE C 190 32.79 -19.77 7.48
N ARG C 191 33.03 -19.28 6.26
CA ARG C 191 33.78 -18.03 6.18
C ARG C 191 32.95 -16.80 6.49
N ARG C 192 31.64 -16.81 6.19
CA ARG C 192 30.81 -15.71 6.70
C ARG C 192 30.77 -15.73 8.22
N GLY C 193 31.05 -16.88 8.83
CA GLY C 193 31.07 -16.98 10.28
C GLY C 193 32.40 -16.67 10.92
N LEU C 194 33.50 -16.82 10.17
CA LEU C 194 34.83 -16.71 10.76
C LEU C 194 35.55 -15.41 10.39
N VAL C 195 35.09 -14.70 9.35
CA VAL C 195 35.79 -13.47 8.99
C VAL C 195 35.29 -12.32 9.85
N LYS C 196 34.02 -12.36 10.25
CA LYS C 196 33.42 -11.28 11.03
C LYS C 196 33.99 -11.14 12.43
N VAL C 197 34.31 -12.25 13.10
CA VAL C 197 34.94 -12.19 14.41
C VAL C 197 36.33 -11.56 14.26
N ALA C 198 36.99 -11.84 13.13
CA ALA C 198 38.27 -11.23 12.82
C ALA C 198 38.10 -9.76 12.46
N GLN C 199 36.96 -9.42 11.83
CA GLN C 199 36.70 -8.04 11.46
C GLN C 199 36.69 -7.13 12.68
N THR C 200 36.01 -7.56 13.74
CA THR C 200 35.88 -6.74 14.94
C THR C 200 36.95 -7.09 15.97
N THR C 201 36.86 -6.48 17.16
CA THR C 201 37.73 -6.68 18.31
C THR C 201 39.20 -6.80 17.94
N GLY C 202 39.94 -7.63 18.69
CA GLY C 202 41.34 -7.87 18.43
C GLY C 202 41.64 -9.35 18.37
N ALA C 203 40.73 -10.10 17.74
CA ALA C 203 40.70 -11.55 17.84
C ALA C 203 41.99 -12.18 17.31
N TRP C 204 42.42 -13.23 18.00
CA TRP C 204 43.52 -14.09 17.58
C TRP C 204 42.96 -15.41 17.07
N ILE C 205 43.49 -15.88 15.95
CA ILE C 205 43.03 -17.13 15.37
C ILE C 205 44.12 -18.20 15.51
N ILE C 206 44.03 -18.99 16.58
CA ILE C 206 45.02 -20.03 16.81
C ILE C 206 44.54 -21.34 16.17
N THR C 207 45.30 -21.80 15.16
CA THR C 207 44.96 -23.01 14.43
C THR C 207 46.21 -23.84 14.17
N GLY C 208 46.03 -25.13 13.90
CA GLY C 208 47.14 -25.98 13.51
C GLY C 208 47.77 -25.52 12.21
N GLY C 209 49.10 -25.63 12.11
CA GLY C 209 49.79 -25.19 10.91
C GLY C 209 49.96 -26.28 9.88
N SER C 210 49.06 -26.32 8.90
CA SER C 210 49.12 -27.30 7.83
C SER C 210 48.24 -26.84 6.68
N HIS C 211 48.64 -27.17 5.46
CA HIS C 211 47.86 -26.80 4.28
C HIS C 211 46.85 -27.92 3.97
N THR C 212 46.06 -28.29 4.97
CA THR C 212 45.05 -29.33 4.80
C THR C 212 44.03 -29.32 5.94
N GLY C 213 42.77 -29.52 5.60
CA GLY C 213 41.72 -29.60 6.62
C GLY C 213 41.02 -28.30 6.88
N VAL C 214 40.39 -28.23 8.06
CA VAL C 214 39.75 -27.01 8.50
C VAL C 214 40.83 -25.95 8.69
N MET C 215 42.07 -26.40 8.91
CA MET C 215 43.19 -25.48 8.97
C MET C 215 43.58 -24.90 7.61
N LYS C 216 43.22 -25.56 6.51
CA LYS C 216 43.41 -24.97 5.19
C LYS C 216 42.21 -24.14 4.76
N GLN C 217 41.05 -24.30 5.41
CA GLN C 217 39.90 -23.45 5.16
C GLN C 217 39.90 -22.18 5.99
N VAL C 218 40.51 -22.21 7.18
CA VAL C 218 40.65 -21.02 8.01
C VAL C 218 41.74 -20.10 7.47
N GLY C 219 42.67 -20.64 6.70
CA GLY C 219 43.67 -19.84 6.02
C GLY C 219 43.23 -19.48 4.62
N GLU C 220 42.13 -20.08 4.16
CA GLU C 220 41.59 -19.78 2.84
C GLU C 220 40.61 -18.61 2.86
N ALA C 221 40.21 -18.14 4.05
CA ALA C 221 39.33 -16.99 4.13
C ALA C 221 40.08 -15.74 4.55
N VAL C 222 41.19 -15.91 5.27
CA VAL C 222 42.02 -14.76 5.65
C VAL C 222 42.61 -14.09 4.42
N ARG C 223 42.93 -14.86 3.37
CA ARG C 223 43.37 -14.27 2.11
C ARG C 223 42.28 -13.40 1.48
N ASP C 224 41.03 -13.86 1.53
CA ASP C 224 39.91 -13.06 1.02
C ASP C 224 39.74 -11.79 1.84
N PHE C 225 40.04 -11.87 3.14
CA PHE C 225 39.87 -10.72 4.02
C PHE C 225 41.19 -9.97 4.14
N SER C 226 42.14 -10.23 3.24
CA SER C 226 43.39 -9.46 3.24
C SER C 226 43.63 -8.83 1.88
N LEU C 227 42.95 -9.32 0.84
CA LEU C 227 43.02 -8.72 -0.49
C LEU C 227 41.76 -7.91 -0.81
N SER C 228 40.72 -8.07 0.00
CA SER C 228 39.52 -7.26 -0.13
C SER C 228 38.79 -7.21 1.22
N SER C 229 38.92 -6.10 1.94
CA SER C 229 38.40 -6.05 3.30
C SER C 229 38.15 -4.58 3.68
N SER C 230 37.73 -4.36 4.92
CA SER C 230 37.45 -3.02 5.43
C SER C 230 38.74 -2.25 5.68
N TYR C 231 39.66 -2.86 6.43
CA TYR C 231 40.95 -2.27 6.73
C TYR C 231 41.98 -2.53 5.63
N LYS C 232 41.58 -3.23 4.57
CA LYS C 232 42.49 -3.72 3.55
C LYS C 232 43.62 -4.50 4.21
N GLU C 233 44.86 -4.29 3.74
CA GLU C 233 46.08 -4.95 4.22
C GLU C 233 45.81 -6.24 4.98
N GLY C 234 46.16 -6.27 6.26
CA GLY C 234 45.71 -7.34 7.13
C GLY C 234 46.14 -7.18 8.57
N GLU C 235 45.18 -7.31 9.50
CA GLU C 235 45.47 -7.39 10.92
C GLU C 235 44.54 -8.42 11.55
N LEU C 236 44.98 -9.67 11.55
CA LEU C 236 44.20 -10.78 12.08
C LEU C 236 44.97 -11.60 13.10
N ILE C 237 46.29 -11.70 12.98
CA ILE C 237 47.14 -12.52 13.85
C ILE C 237 46.59 -13.94 13.89
N THR C 238 46.92 -14.73 12.88
CA THR C 238 46.47 -16.12 12.76
C THR C 238 47.61 -17.01 13.22
N ILE C 239 47.63 -17.32 14.52
CA ILE C 239 48.70 -18.11 15.08
C ILE C 239 48.61 -19.55 14.58
N GLY C 240 49.73 -20.06 14.09
CA GLY C 240 49.78 -21.44 13.65
C GLY C 240 50.71 -22.28 14.49
N VAL C 241 50.15 -23.20 15.26
CA VAL C 241 50.95 -24.02 16.16
C VAL C 241 50.82 -25.47 15.75
N ALA C 242 51.96 -26.10 15.44
CA ALA C 242 51.96 -27.49 15.00
C ALA C 242 53.18 -28.22 15.55
N THR C 243 53.43 -29.43 15.05
CA THR C 243 54.56 -30.23 15.53
C THR C 243 55.69 -30.06 14.51
N TRP C 244 56.89 -29.74 15.01
CA TRP C 244 58.07 -29.60 14.16
C TRP C 244 58.33 -30.87 13.37
N GLY C 245 58.32 -32.01 14.06
CA GLY C 245 58.63 -33.28 13.45
C GLY C 245 57.77 -33.60 12.24
N THR C 246 56.54 -33.11 12.24
CA THR C 246 55.61 -33.33 11.13
C THR C 246 55.62 -32.16 10.15
N VAL C 247 56.81 -31.86 9.65
CA VAL C 247 57.01 -30.83 8.62
C VAL C 247 57.89 -31.43 7.53
N HIS C 248 57.51 -31.21 6.28
CA HIS C 248 58.11 -31.95 5.17
C HIS C 248 59.56 -31.56 4.94
N ARG C 249 59.82 -30.31 4.57
CA ARG C 249 61.19 -29.83 4.36
C ARG C 249 61.63 -28.98 5.54
N ARG C 250 61.95 -29.67 6.63
CA ARG C 250 62.54 -29.02 7.80
C ARG C 250 63.94 -28.50 7.52
N GLU C 251 64.60 -29.02 6.49
CA GLU C 251 65.93 -28.56 6.10
C GLU C 251 65.84 -27.16 5.51
N GLY C 252 66.78 -26.31 5.89
CA GLY C 252 66.75 -24.90 5.51
C GLY C 252 65.97 -24.05 6.48
N LEU C 253 65.16 -24.67 7.33
CA LEU C 253 64.45 -23.96 8.38
C LEU C 253 65.24 -24.06 9.68
N ILE C 254 66.39 -24.72 9.63
CA ILE C 254 67.24 -24.90 10.80
C ILE C 254 68.61 -24.26 10.56
N HIS C 255 68.77 -23.02 11.04
CA HIS C 255 70.01 -22.29 10.91
C HIS C 255 70.46 -21.79 12.28
N PRO C 256 71.69 -22.05 12.68
CA PRO C 256 72.17 -21.51 13.96
C PRO C 256 72.04 -19.99 13.97
N THR C 257 71.74 -19.45 15.16
CA THR C 257 71.32 -18.07 15.36
C THR C 257 69.91 -17.95 14.77
N GLY C 258 69.71 -17.16 13.72
CA GLY C 258 68.39 -16.99 13.15
C GLY C 258 68.25 -17.50 11.74
N SER C 259 67.09 -17.29 11.12
CA SER C 259 66.87 -17.67 9.73
C SER C 259 66.87 -16.43 8.86
N PHE C 260 66.13 -15.38 9.28
CA PHE C 260 66.16 -14.08 8.62
C PHE C 260 65.87 -14.20 7.13
N PRO C 261 64.58 -14.27 6.76
CA PRO C 261 64.19 -14.72 5.42
C PRO C 261 64.88 -15.93 4.85
N ALA C 262 64.64 -17.09 5.47
CA ALA C 262 64.91 -18.39 4.88
C ALA C 262 63.79 -18.74 3.91
N GLU C 263 63.92 -19.89 3.25
CA GLU C 263 62.99 -20.28 2.20
C GLU C 263 62.28 -21.57 2.56
N TYR C 264 61.04 -21.71 2.07
CA TYR C 264 60.21 -22.89 2.28
C TYR C 264 59.50 -23.21 0.97
N ILE C 265 59.98 -24.23 0.26
CA ILE C 265 59.34 -24.66 -0.98
C ILE C 265 58.15 -25.54 -0.64
N LEU C 266 56.99 -25.21 -1.20
CA LEU C 266 55.76 -25.95 -0.93
C LEU C 266 55.58 -27.03 -2.00
N ASP C 267 56.06 -28.23 -1.69
CA ASP C 267 55.85 -29.40 -2.53
C ASP C 267 55.01 -30.41 -1.77
N GLU C 268 53.87 -30.81 -2.34
CA GLU C 268 52.89 -31.64 -1.66
C GLU C 268 52.72 -32.99 -2.34
N ASP C 269 53.69 -33.39 -3.17
CA ASP C 269 53.61 -34.67 -3.87
C ASP C 269 54.52 -35.71 -3.22
N GLY C 270 55.66 -35.25 -2.69
CA GLY C 270 56.61 -36.16 -2.07
C GLY C 270 56.51 -36.19 -0.55
N GLN C 271 55.39 -35.71 -0.01
CA GLN C 271 55.20 -35.69 1.43
C GLN C 271 55.10 -37.10 2.01
N GLY C 272 54.34 -37.99 1.35
CA GLY C 272 54.20 -39.36 1.80
C GLY C 272 53.34 -39.46 3.04
N ASN C 273 53.91 -39.05 4.17
CA ASN C 273 53.15 -38.97 5.41
C ASN C 273 53.54 -37.72 6.22
N LEU C 274 54.35 -36.84 5.65
CA LEU C 274 54.96 -35.74 6.39
C LEU C 274 54.38 -34.42 5.88
N THR C 275 53.43 -33.87 6.65
CA THR C 275 52.59 -32.77 6.20
C THR C 275 53.37 -31.47 6.10
N CYS C 276 53.06 -30.69 5.06
CA CYS C 276 53.63 -29.38 4.83
C CYS C 276 52.89 -28.32 5.64
N LEU C 277 53.53 -27.15 5.76
CA LEU C 277 52.93 -26.02 6.45
C LEU C 277 51.95 -25.29 5.52
N ASP C 278 51.14 -24.43 6.13
CA ASP C 278 50.18 -23.64 5.38
C ASP C 278 50.87 -22.45 4.73
N SER C 279 50.10 -21.55 4.12
CA SER C 279 50.70 -20.43 3.38
C SER C 279 49.94 -19.13 3.62
N ASN C 280 49.01 -19.11 4.58
CA ASN C 280 48.26 -17.90 4.86
C ASN C 280 48.09 -17.63 6.35
N HIS C 281 48.83 -18.31 7.22
CA HIS C 281 48.82 -17.98 8.63
C HIS C 281 49.69 -16.75 8.89
N SER C 282 49.90 -16.43 10.16
CA SER C 282 50.69 -15.26 10.53
C SER C 282 51.99 -15.61 11.22
N HIS C 283 51.94 -16.45 12.26
CA HIS C 283 53.11 -16.84 13.01
C HIS C 283 53.05 -18.33 13.31
N PHE C 284 54.18 -19.01 13.18
CA PHE C 284 54.24 -20.46 13.30
C PHE C 284 55.02 -20.83 14.56
N ILE C 285 54.33 -21.51 15.49
CA ILE C 285 54.98 -22.00 16.70
C ILE C 285 55.11 -23.51 16.61
N LEU C 286 56.31 -23.98 16.26
CA LEU C 286 56.52 -25.41 16.08
C LEU C 286 57.03 -26.05 17.37
N VAL C 287 56.29 -27.03 17.87
CA VAL C 287 56.71 -27.75 19.07
C VAL C 287 57.54 -28.95 18.65
N ASP C 288 58.33 -29.48 19.58
CA ASP C 288 59.22 -30.59 19.24
C ASP C 288 59.24 -31.59 20.37
N ASP C 289 59.32 -32.87 20.03
CA ASP C 289 59.55 -33.92 21.00
C ASP C 289 60.66 -34.89 20.60
N GLY C 290 61.22 -34.75 19.41
CA GLY C 290 62.26 -35.62 18.94
C GLY C 290 61.80 -36.86 18.18
N THR C 291 60.64 -36.83 17.55
CA THR C 291 60.09 -37.98 16.84
C THR C 291 59.75 -37.57 15.42
N HIS C 292 59.72 -38.56 14.54
CA HIS C 292 59.36 -38.38 13.13
C HIS C 292 58.04 -39.09 12.86
N GLY C 293 57.06 -38.32 12.37
CA GLY C 293 55.78 -38.88 12.00
C GLY C 293 54.80 -39.07 13.13
N GLN C 294 55.13 -38.66 14.35
CA GLN C 294 54.22 -38.79 15.49
C GLN C 294 53.43 -37.49 15.63
N TYR C 295 52.25 -37.49 15.02
CA TYR C 295 51.31 -36.39 15.23
C TYR C 295 50.64 -36.52 16.58
N GLY C 296 50.00 -35.42 17.01
CA GLY C 296 49.38 -35.37 18.31
C GLY C 296 50.25 -34.87 19.44
N VAL C 297 51.55 -34.65 19.18
CA VAL C 297 52.41 -34.03 20.19
C VAL C 297 51.95 -32.61 20.47
N GLU C 298 51.52 -31.90 19.44
CA GLU C 298 51.02 -30.53 19.59
C GLU C 298 49.53 -30.63 19.93
N ILE C 299 49.24 -30.78 21.21
CA ILE C 299 47.88 -30.83 21.75
C ILE C 299 47.88 -30.34 23.19
N PRO C 300 48.76 -30.85 24.08
CA PRO C 300 48.69 -30.37 25.47
C PRO C 300 49.26 -28.97 25.66
N LEU C 301 50.32 -28.61 24.93
CA LEU C 301 50.97 -27.32 25.18
C LEU C 301 50.07 -26.15 24.83
N ARG C 302 49.34 -26.22 23.73
CA ARG C 302 48.44 -25.13 23.40
C ARG C 302 47.29 -25.00 24.39
N THR C 303 46.95 -26.08 25.10
CA THR C 303 45.91 -26.05 26.10
C THR C 303 46.33 -25.39 27.40
N ARG C 304 47.61 -25.09 27.58
CA ARG C 304 48.02 -24.17 28.63
C ARG C 304 48.38 -22.82 28.06
N LEU C 305 48.73 -22.79 26.77
CA LEU C 305 48.92 -21.53 26.05
C LEU C 305 47.60 -20.76 26.03
N GLU C 306 46.52 -21.43 25.65
CA GLU C 306 45.20 -20.82 25.57
C GLU C 306 44.58 -20.55 26.93
N LYS C 307 45.21 -21.01 28.01
CA LYS C 307 44.77 -20.67 29.37
C LYS C 307 45.59 -19.54 29.96
N PHE C 308 46.90 -19.66 29.95
CA PHE C 308 47.74 -18.61 30.53
C PHE C 308 47.65 -17.31 29.75
N ILE C 309 47.38 -17.39 28.45
CA ILE C 309 47.12 -16.18 27.68
C ILE C 309 45.77 -15.59 28.08
N SER C 310 44.79 -16.47 28.32
CA SER C 310 43.38 -16.08 28.38
C SER C 310 42.85 -15.93 29.80
N GLU C 311 43.67 -16.19 30.83
CA GLU C 311 43.15 -16.13 32.19
C GLU C 311 44.04 -15.33 33.14
N GLN C 312 45.35 -15.28 32.89
CA GLN C 312 46.23 -14.55 33.80
C GLN C 312 47.19 -13.62 33.04
N THR C 313 46.67 -12.82 32.11
CA THR C 313 47.51 -11.86 31.41
C THR C 313 47.03 -10.41 31.51
N LYS C 314 45.77 -10.15 31.86
CA LYS C 314 45.28 -8.80 31.99
C LYS C 314 45.06 -8.43 33.45
N GLU C 315 45.15 -7.14 33.74
CA GLU C 315 45.14 -6.70 35.13
C GLU C 315 44.46 -5.33 35.29
N ARG C 316 43.32 -5.08 34.63
CA ARG C 316 42.49 -4.03 35.20
C ARG C 316 41.42 -4.65 36.09
N GLY C 317 40.77 -3.81 36.89
CA GLY C 317 39.86 -4.28 37.90
C GLY C 317 40.64 -4.57 39.18
N GLY C 318 41.95 -4.38 39.11
CA GLY C 318 42.82 -4.52 40.26
C GLY C 318 43.16 -5.95 40.63
N VAL C 319 42.36 -6.92 40.19
CA VAL C 319 42.61 -8.31 40.58
C VAL C 319 42.85 -9.22 39.37
N ALA C 320 41.84 -9.41 38.52
CA ALA C 320 41.94 -10.27 37.35
C ALA C 320 40.66 -10.23 36.53
N ILE C 321 40.78 -10.44 35.22
CA ILE C 321 39.64 -10.49 34.31
C ILE C 321 39.92 -11.58 33.28
N LYS C 322 38.88 -12.33 32.92
CA LYS C 322 39.03 -13.46 31.99
C LYS C 322 39.00 -12.97 30.55
N ILE C 323 39.98 -13.37 29.75
CA ILE C 323 39.94 -13.18 28.31
C ILE C 323 38.96 -14.17 27.71
N PRO C 324 38.00 -13.72 26.91
CA PRO C 324 37.09 -14.67 26.25
C PRO C 324 37.84 -15.65 25.37
N ILE C 325 37.38 -16.90 25.38
CA ILE C 325 37.98 -17.96 24.59
C ILE C 325 36.87 -18.90 24.12
N VAL C 326 36.91 -19.28 22.85
CA VAL C 326 35.94 -20.18 22.25
C VAL C 326 36.69 -21.16 21.36
N CYS C 327 36.16 -22.38 21.26
CA CYS C 327 36.78 -23.44 20.45
C CYS C 327 35.75 -23.93 19.44
N VAL C 328 36.08 -23.79 18.16
CA VAL C 328 35.20 -24.25 17.09
C VAL C 328 35.78 -25.51 16.47
N VAL C 329 34.92 -26.53 16.32
CA VAL C 329 35.35 -27.80 15.76
C VAL C 329 34.45 -28.21 14.60
N LEU C 330 35.06 -28.56 13.47
CA LEU C 330 34.35 -29.07 12.32
C LEU C 330 34.97 -30.40 11.88
N GLU C 331 34.12 -31.41 11.68
CA GLU C 331 34.55 -32.78 11.49
C GLU C 331 35.52 -33.18 12.60
N GLY C 332 36.51 -34.01 12.28
CA GLY C 332 37.52 -34.34 13.26
C GLY C 332 38.10 -35.73 13.01
N GLY C 333 38.73 -36.25 14.07
CA GLY C 333 39.38 -37.54 14.02
C GLY C 333 39.95 -37.94 15.37
N PRO C 334 40.91 -38.86 15.37
CA PRO C 334 41.48 -39.34 16.64
C PRO C 334 42.06 -38.23 17.51
N GLY C 335 42.72 -37.26 16.90
CA GLY C 335 43.30 -36.15 17.61
C GLY C 335 42.38 -34.96 17.83
N THR C 336 41.12 -35.06 17.43
CA THR C 336 40.14 -33.99 17.62
C THR C 336 39.34 -34.17 18.90
N LEU C 337 39.20 -35.41 19.39
CA LEU C 337 38.58 -35.65 20.68
C LEU C 337 39.51 -35.33 21.85
N HIS C 338 40.80 -35.65 21.71
CA HIS C 338 41.79 -35.24 22.70
C HIS C 338 42.01 -33.74 22.59
N THR C 339 41.60 -33.15 21.46
CA THR C 339 41.60 -31.71 21.28
C THR C 339 40.54 -31.01 22.12
N ILE C 340 39.32 -31.54 22.20
CA ILE C 340 38.25 -30.86 22.94
C ILE C 340 38.15 -31.30 24.39
N ASP C 341 38.52 -32.55 24.70
CA ASP C 341 38.51 -33.01 26.09
C ASP C 341 39.47 -32.20 26.96
N ASN C 342 40.70 -32.00 26.48
CA ASN C 342 41.67 -31.22 27.24
C ASN C 342 41.22 -29.76 27.37
N ALA C 343 40.61 -29.21 26.33
CA ALA C 343 40.14 -27.84 26.35
C ALA C 343 39.00 -27.64 27.35
N THR C 344 37.99 -28.53 27.30
CA THR C 344 36.85 -28.44 28.20
C THR C 344 37.27 -28.67 29.65
N THR C 345 38.21 -29.60 29.87
CA THR C 345 38.71 -29.84 31.22
C THR C 345 39.38 -28.59 31.77
N ASN C 346 40.15 -27.91 30.92
CA ASN C 346 40.80 -26.66 31.31
C ASN C 346 39.77 -25.56 31.55
N GLY C 347 38.69 -25.57 30.77
CA GLY C 347 37.66 -24.56 30.91
C GLY C 347 37.47 -23.69 29.69
N THR C 348 37.72 -24.25 28.51
CA THR C 348 37.52 -23.56 27.24
C THR C 348 36.16 -23.95 26.68
N PRO C 349 35.21 -23.01 26.61
CA PRO C 349 33.93 -23.31 25.96
C PRO C 349 34.11 -23.69 24.50
N CYS C 350 33.37 -24.69 24.03
CA CYS C 350 33.50 -25.16 22.66
C CYS C 350 32.13 -25.32 22.01
N VAL C 351 32.12 -25.20 20.69
CA VAL C 351 30.92 -25.35 19.88
C VAL C 351 31.20 -26.36 18.78
N VAL C 352 30.27 -27.28 18.55
CA VAL C 352 30.41 -28.31 17.54
C VAL C 352 29.48 -27.98 16.39
N VAL C 353 29.98 -28.13 15.16
CA VAL C 353 29.20 -27.85 13.95
C VAL C 353 28.59 -29.17 13.48
N GLU C 354 27.29 -29.33 13.71
CA GLU C 354 26.60 -30.56 13.36
C GLU C 354 26.43 -30.67 11.85
N GLY C 355 26.36 -31.91 11.35
CA GLY C 355 26.14 -32.17 9.94
C GLY C 355 27.38 -32.11 9.09
N SER C 356 28.56 -31.99 9.69
CA SER C 356 29.80 -31.83 8.92
C SER C 356 30.35 -33.18 8.45
N GLY C 357 30.33 -34.18 9.32
CA GLY C 357 31.12 -35.37 9.04
C GLY C 357 31.48 -36.16 10.28
N ARG C 358 32.79 -36.32 10.49
CA ARG C 358 33.38 -37.06 11.59
C ARG C 358 33.25 -36.28 12.90
N VAL C 359 34.16 -36.55 13.85
CA VAL C 359 33.94 -36.54 15.29
C VAL C 359 33.10 -35.37 15.79
N ALA C 360 33.00 -34.29 15.01
CA ALA C 360 32.06 -33.23 15.33
C ALA C 360 30.63 -33.74 15.43
N ASP C 361 30.17 -34.53 14.48
CA ASP C 361 28.79 -35.03 14.48
C ASP C 361 28.53 -36.05 15.59
N VAL C 362 29.49 -36.94 15.84
CA VAL C 362 29.26 -38.03 16.78
C VAL C 362 29.12 -37.47 18.18
N ILE C 363 29.53 -36.20 18.36
CA ILE C 363 29.35 -35.51 19.63
C ILE C 363 28.34 -34.41 19.43
N ALA C 364 27.77 -34.31 18.23
CA ALA C 364 26.71 -33.34 17.98
C ALA C 364 25.35 -33.92 18.30
N GLN C 365 25.16 -35.23 18.09
CA GLN C 365 23.88 -35.86 18.40
C GLN C 365 23.94 -36.75 19.63
N VAL C 366 24.89 -36.53 20.54
CA VAL C 366 24.92 -37.26 21.80
C VAL C 366 25.15 -36.26 22.93
N ALA C 367 25.01 -34.98 22.60
CA ALA C 367 25.39 -33.89 23.50
C ALA C 367 24.26 -33.46 24.43
N ASN C 368 23.14 -34.17 24.39
CA ASN C 368 22.00 -33.83 25.24
C ASN C 368 21.50 -35.05 26.00
N LEU C 369 21.99 -36.23 25.64
CA LEU C 369 21.58 -37.45 26.30
C LEU C 369 22.26 -37.58 27.66
N PRO C 370 21.67 -38.34 28.58
CA PRO C 370 22.31 -38.54 29.89
C PRO C 370 23.67 -39.20 29.76
N VAL C 371 24.55 -38.87 30.71
CA VAL C 371 25.93 -39.35 30.72
C VAL C 371 25.93 -40.85 30.97
N SER C 372 24.87 -41.36 31.57
CA SER C 372 24.76 -42.78 31.87
C SER C 372 24.33 -43.56 30.64
N ASP C 373 23.56 -42.92 29.76
CA ASP C 373 23.07 -43.60 28.56
C ASP C 373 24.22 -43.96 27.64
N ILE C 374 25.20 -43.07 27.49
CA ILE C 374 26.33 -43.28 26.59
C ILE C 374 27.09 -44.53 27.00
N THR C 375 27.12 -45.52 26.12
CA THR C 375 27.76 -46.80 26.38
C THR C 375 28.60 -47.23 25.18
N ILE C 376 29.22 -48.41 25.33
CA ILE C 376 30.03 -48.96 24.24
C ILE C 376 29.15 -49.38 23.08
N SER C 377 27.94 -49.84 23.35
CA SER C 377 27.02 -50.20 22.27
C SER C 377 26.60 -48.96 21.47
N LEU C 378 26.26 -47.87 22.15
CA LEU C 378 25.87 -46.65 21.44
C LEU C 378 27.02 -46.10 20.61
N ILE C 379 28.24 -46.10 21.15
CA ILE C 379 29.37 -45.60 20.38
C ILE C 379 29.67 -46.53 19.20
N GLN C 380 29.45 -47.83 19.37
CA GLN C 380 29.61 -48.75 18.26
C GLN C 380 28.61 -48.51 17.14
N GLN C 381 27.35 -48.19 17.47
CA GLN C 381 26.37 -47.92 16.43
C GLN C 381 26.56 -46.54 15.82
N LYS C 382 27.11 -45.60 16.60
CA LYS C 382 27.27 -44.23 16.10
C LYS C 382 28.66 -44.02 15.52
N LEU C 383 29.50 -45.07 15.58
CA LEU C 383 30.78 -45.02 14.87
C LEU C 383 30.73 -45.83 13.58
N SER C 384 29.57 -46.38 13.21
CA SER C 384 29.44 -47.16 11.99
C SER C 384 28.67 -46.39 10.91
N VAL C 385 28.41 -45.10 11.11
CA VAL C 385 27.69 -44.29 10.14
C VAL C 385 28.55 -43.09 9.75
N PHE C 386 29.05 -42.35 10.74
CA PHE C 386 29.93 -41.24 10.44
C PHE C 386 31.34 -41.71 10.11
N PHE C 387 31.75 -42.85 10.66
CA PHE C 387 33.08 -43.41 10.44
C PHE C 387 32.91 -44.71 9.66
N GLN C 388 33.24 -44.67 8.37
CA GLN C 388 32.99 -45.82 7.50
C GLN C 388 34.25 -46.67 7.28
N GLU C 389 35.32 -46.07 6.75
CA GLU C 389 36.50 -46.84 6.43
C GLU C 389 37.44 -46.98 7.63
N MET C 390 37.41 -46.01 8.55
CA MET C 390 38.20 -46.13 9.75
C MET C 390 37.56 -47.05 10.79
N PHE C 391 36.30 -47.46 10.58
CA PHE C 391 35.60 -48.27 11.57
C PHE C 391 36.28 -49.61 11.77
N GLU C 392 36.66 -50.29 10.69
CA GLU C 392 37.30 -51.60 10.82
C GLU C 392 38.67 -51.45 11.46
N THR C 393 39.26 -50.25 11.35
CA THR C 393 40.50 -49.97 12.07
C THR C 393 40.25 -49.91 13.58
N PHE C 394 39.12 -49.33 13.99
CA PHE C 394 38.77 -49.25 15.40
C PHE C 394 38.67 -50.64 16.02
N THR C 395 39.54 -50.90 16.99
CA THR C 395 39.54 -52.18 17.69
C THR C 395 38.66 -52.11 18.93
N GLU C 396 38.70 -53.16 19.76
CA GLU C 396 37.94 -53.12 21.00
C GLU C 396 38.66 -52.34 22.10
N SER C 397 39.91 -51.90 21.87
CA SER C 397 40.63 -51.07 22.82
C SER C 397 40.69 -49.62 22.36
N ARG C 398 39.97 -49.27 21.30
CA ARG C 398 39.85 -47.89 20.87
C ARG C 398 38.41 -47.40 20.85
N ILE C 399 37.44 -48.26 21.13
CA ILE C 399 36.06 -47.84 21.30
C ILE C 399 35.65 -47.74 22.75
N VAL C 400 36.41 -48.31 23.69
CA VAL C 400 36.15 -48.17 25.11
C VAL C 400 37.06 -47.07 25.65
N GLU C 401 37.95 -46.58 24.78
CA GLU C 401 38.79 -45.44 25.12
C GLU C 401 38.28 -44.20 24.40
N TRP C 402 37.35 -44.41 23.47
CA TRP C 402 36.66 -43.32 22.80
C TRP C 402 35.32 -43.01 23.45
N THR C 403 34.84 -43.88 24.35
CA THR C 403 33.59 -43.67 25.05
C THR C 403 33.75 -42.88 26.34
N LYS C 404 34.80 -43.15 27.11
CA LYS C 404 35.09 -42.40 28.33
C LYS C 404 35.35 -40.93 28.07
N LYS C 405 36.06 -40.59 26.99
CA LYS C 405 36.32 -39.21 26.63
C LYS C 405 35.02 -38.51 26.20
N ILE C 406 34.17 -39.20 25.45
CA ILE C 406 32.88 -38.64 25.07
C ILE C 406 32.02 -38.39 26.30
N GLN C 407 31.95 -39.35 27.22
CA GLN C 407 31.22 -39.14 28.46
C GLN C 407 31.80 -37.97 29.24
N ASP C 408 33.13 -37.87 29.27
CA ASP C 408 33.80 -36.80 30.00
C ASP C 408 33.45 -35.43 29.45
N ILE C 409 33.39 -35.31 28.11
CA ILE C 409 33.05 -34.03 27.52
C ILE C 409 31.55 -33.77 27.60
N VAL C 410 30.75 -34.81 27.84
CA VAL C 410 29.30 -34.61 27.97
C VAL C 410 28.89 -34.09 29.34
N ARG C 411 29.39 -34.66 30.44
CA ARG C 411 28.95 -34.15 31.73
C ARG C 411 29.55 -32.78 32.05
N ARG C 412 30.41 -32.23 31.19
CA ARG C 412 30.70 -30.80 31.18
C ARG C 412 29.69 -30.14 30.24
N ARG C 413 28.41 -30.31 30.58
CA ARG C 413 27.32 -29.72 29.82
C ARG C 413 27.29 -28.20 29.90
N GLN C 414 28.07 -27.61 30.79
CA GLN C 414 28.20 -26.17 30.88
C GLN C 414 29.43 -25.66 30.14
N LEU C 415 30.01 -26.48 29.27
CA LEU C 415 31.15 -26.08 28.43
C LEU C 415 31.03 -26.67 27.04
N LEU C 416 29.81 -26.99 26.60
CA LEU C 416 29.62 -27.61 25.30
C LEU C 416 28.23 -27.27 24.76
N THR C 417 28.18 -26.86 23.51
CA THR C 417 26.93 -26.58 22.82
C THR C 417 27.01 -27.22 21.42
N VAL C 418 25.99 -26.97 20.61
CA VAL C 418 25.92 -27.54 19.26
C VAL C 418 25.38 -26.49 18.28
N PHE C 419 25.97 -26.44 17.09
CA PHE C 419 25.51 -25.55 16.03
C PHE C 419 24.41 -26.25 15.24
N ARG C 420 23.16 -25.98 15.61
CA ARG C 420 22.02 -26.55 14.90
C ARG C 420 21.97 -26.02 13.47
N GLU C 421 21.56 -26.89 12.54
CA GLU C 421 21.68 -26.53 11.13
C GLU C 421 20.40 -25.99 10.49
N GLY C 422 19.35 -26.81 10.39
CA GLY C 422 18.30 -26.46 9.45
C GLY C 422 17.35 -25.34 9.81
N LYS C 423 16.34 -25.60 10.65
CA LYS C 423 15.48 -24.55 11.19
C LYS C 423 15.80 -24.36 12.66
N ASP C 424 17.07 -24.05 12.95
CA ASP C 424 17.55 -23.74 14.29
C ASP C 424 18.98 -23.24 14.16
N GLY C 425 19.32 -22.15 14.83
CA GLY C 425 20.63 -21.56 14.65
C GLY C 425 20.86 -21.21 13.20
N GLN C 426 19.86 -20.59 12.56
CA GLN C 426 19.97 -20.22 11.16
C GLN C 426 20.76 -18.93 11.02
N GLN C 427 22.08 -19.01 11.21
CA GLN C 427 22.95 -17.85 11.14
C GLN C 427 24.39 -18.34 11.05
N ASP C 428 25.33 -17.39 10.97
CA ASP C 428 26.75 -17.72 10.94
C ASP C 428 27.17 -18.42 12.22
N VAL C 429 28.43 -18.87 12.24
CA VAL C 429 28.99 -19.60 13.38
C VAL C 429 29.03 -18.70 14.61
N ASP C 430 28.92 -17.39 14.39
CA ASP C 430 29.23 -16.42 15.43
C ASP C 430 28.23 -16.47 16.60
N VAL C 431 26.92 -16.46 16.31
CA VAL C 431 25.95 -16.57 17.41
C VAL C 431 26.17 -17.86 18.17
N ALA C 432 26.63 -18.90 17.47
CA ALA C 432 26.96 -20.16 18.13
C ALA C 432 28.14 -20.05 19.09
N ILE C 433 29.14 -19.21 18.78
CA ILE C 433 30.27 -19.09 19.70
C ILE C 433 29.82 -18.44 21.00
N LEU C 434 28.93 -17.44 20.94
CA LEU C 434 28.42 -16.92 22.20
C LEU C 434 27.27 -17.75 22.75
N GLN C 435 26.66 -18.62 21.96
CA GLN C 435 25.78 -19.62 22.57
C GLN C 435 26.60 -20.51 23.50
N ALA C 436 27.76 -20.97 23.04
CA ALA C 436 28.66 -21.70 23.92
C ALA C 436 29.05 -20.87 25.12
N LEU C 437 29.42 -19.60 24.89
CA LEU C 437 29.78 -18.72 26.00
C LEU C 437 28.60 -18.47 26.93
N LEU C 438 27.37 -18.43 26.40
CA LEU C 438 26.22 -18.07 27.23
C LEU C 438 25.90 -19.19 28.21
N LYS C 439 25.75 -20.43 27.71
CA LYS C 439 25.57 -21.54 28.63
C LYS C 439 26.81 -21.77 29.50
N ALA C 440 27.99 -21.45 28.99
CA ALA C 440 29.19 -21.57 29.81
C ALA C 440 29.22 -20.57 30.96
N SER C 441 28.97 -19.30 30.64
CA SER C 441 29.11 -18.23 31.62
C SER C 441 27.85 -18.02 32.45
N ARG C 442 26.73 -18.66 32.10
CA ARG C 442 25.58 -18.66 32.99
C ARG C 442 25.92 -19.30 34.33
N SER C 443 26.70 -20.39 34.29
CA SER C 443 27.25 -20.96 35.51
C SER C 443 28.34 -20.07 36.11
N GLN C 444 28.89 -19.15 35.33
CA GLN C 444 29.99 -18.30 35.75
C GLN C 444 29.57 -16.84 35.91
N ASP C 445 28.35 -16.58 36.35
CA ASP C 445 27.80 -15.22 36.33
C ASP C 445 27.94 -14.47 37.66
N HIS C 446 28.36 -15.13 38.75
CA HIS C 446 28.42 -14.38 40.00
C HIS C 446 29.79 -14.44 40.66
N PHE C 447 30.57 -15.50 40.43
CA PHE C 447 31.88 -15.57 41.08
C PHE C 447 32.92 -14.83 40.24
N GLY C 448 32.49 -14.25 39.14
CA GLY C 448 33.35 -13.39 38.34
C GLY C 448 32.98 -11.93 38.48
N HIS C 449 31.78 -11.67 39.00
CA HIS C 449 31.29 -10.33 39.34
C HIS C 449 31.17 -9.43 38.12
N GLU C 450 32.30 -9.01 37.58
CA GLU C 450 32.33 -8.14 36.41
C GLU C 450 32.04 -8.89 35.12
N ASN C 451 32.05 -10.23 35.17
CA ASN C 451 31.94 -11.10 34.01
C ASN C 451 30.72 -10.76 33.15
N TRP C 452 29.70 -10.14 33.74
CA TRP C 452 28.55 -9.64 33.01
C TRP C 452 28.94 -8.59 31.99
N ASP C 453 29.89 -7.72 32.33
CA ASP C 453 30.26 -6.61 31.45
C ASP C 453 30.84 -7.11 30.14
N HIS C 454 31.75 -8.09 30.18
CA HIS C 454 32.29 -8.59 28.93
C HIS C 454 31.27 -9.43 28.18
N GLN C 455 30.38 -10.11 28.91
CA GLN C 455 29.26 -10.78 28.26
C GLN C 455 28.52 -9.84 27.33
N LEU C 456 28.24 -8.63 27.79
CA LEU C 456 27.59 -7.65 26.93
C LEU C 456 28.55 -7.06 25.90
N LYS C 457 29.84 -6.90 26.23
CA LYS C 457 30.77 -6.33 25.25
C LYS C 457 30.92 -7.23 24.03
N LEU C 458 30.69 -8.54 24.15
CA LEU C 458 30.47 -9.35 22.97
C LEU C 458 29.04 -9.31 22.47
N ALA C 459 28.06 -9.33 23.39
CA ALA C 459 26.66 -9.37 22.97
C ALA C 459 26.28 -8.18 22.10
N VAL C 460 27.15 -7.18 21.99
CA VAL C 460 26.93 -6.08 21.05
C VAL C 460 27.28 -6.47 19.62
N ALA C 461 27.87 -7.65 19.41
CA ALA C 461 28.41 -8.02 18.11
C ALA C 461 27.40 -8.64 17.16
N TRP C 462 26.18 -8.92 17.61
CA TRP C 462 25.22 -9.60 16.76
C TRP C 462 23.93 -8.80 16.56
N ASN C 463 24.48 -6.92 18.84
CA ASN C 463 23.19 -6.28 19.10
C ASN C 463 22.14 -7.34 19.43
N ARG C 464 22.50 -8.27 20.32
CA ARG C 464 21.58 -9.30 20.80
C ARG C 464 20.63 -8.65 21.81
N VAL C 465 19.75 -7.79 21.27
CA VAL C 465 18.75 -7.13 22.09
C VAL C 465 17.76 -8.14 22.66
N ASP C 466 17.28 -9.05 21.82
CA ASP C 466 16.35 -10.07 22.28
C ASP C 466 17.01 -11.04 23.24
N ILE C 467 18.27 -11.41 22.99
CA ILE C 467 18.98 -12.30 23.89
C ILE C 467 19.23 -11.63 25.23
N ALA C 468 19.75 -10.40 25.21
CA ALA C 468 20.01 -9.68 26.46
C ALA C 468 18.72 -9.46 27.24
N ARG C 469 17.61 -9.19 26.55
CA ARG C 469 16.32 -9.15 27.21
C ARG C 469 15.96 -10.50 27.81
N SER C 470 16.21 -11.58 27.08
CA SER C 470 15.82 -12.93 27.52
C SER C 470 16.72 -13.49 28.60
N GLU C 471 18.01 -13.18 28.59
CA GLU C 471 18.93 -13.83 29.51
C GLU C 471 19.00 -13.14 30.86
N ILE C 472 18.73 -11.85 30.93
CA ILE C 472 18.85 -11.09 32.17
C ILE C 472 17.51 -10.54 32.65
N PHE C 473 16.74 -9.93 31.75
CA PHE C 473 15.56 -9.18 32.18
C PHE C 473 14.44 -10.08 32.71
N MET C 474 14.44 -11.37 32.36
CA MET C 474 13.50 -12.32 32.94
C MET C 474 14.15 -13.31 33.89
N ASP C 475 15.27 -12.93 34.51
CA ASP C 475 15.82 -13.70 35.62
C ASP C 475 15.13 -13.22 36.91
N GLU C 476 15.65 -13.67 38.06
CA GLU C 476 15.28 -13.08 39.34
C GLU C 476 16.16 -11.85 39.59
N TRP C 477 16.18 -10.99 38.58
CA TRP C 477 17.15 -9.92 38.45
C TRP C 477 16.97 -8.91 39.58
N GLN C 478 18.06 -8.63 40.30
CA GLN C 478 18.05 -7.69 41.41
C GLN C 478 17.96 -6.24 40.96
N TRP C 479 17.85 -6.00 39.66
CA TRP C 479 17.57 -4.73 39.00
C TRP C 479 18.66 -3.69 39.23
N LYS C 480 19.56 -3.95 40.19
CA LYS C 480 20.95 -3.52 40.28
C LYS C 480 21.25 -2.22 39.53
N PRO C 481 20.67 -1.09 39.94
CA PRO C 481 20.90 0.15 39.17
C PRO C 481 22.37 0.54 39.09
N SER C 482 23.16 0.27 40.13
CA SER C 482 24.58 0.58 40.09
C SER C 482 25.32 -0.32 39.11
N ASP C 483 25.02 -1.62 39.12
CA ASP C 483 25.69 -2.56 38.22
C ASP C 483 25.30 -2.35 36.77
N LEU C 484 24.17 -1.70 36.50
CA LEU C 484 23.78 -1.44 35.11
C LEU C 484 24.64 -0.34 34.48
N HIS C 485 25.37 0.42 35.30
CA HIS C 485 26.13 1.54 34.76
C HIS C 485 27.42 1.13 34.06
N PRO C 486 28.24 0.20 34.56
CA PRO C 486 29.36 -0.26 33.74
C PRO C 486 28.93 -0.85 32.42
N THR C 487 27.81 -1.57 32.41
CA THR C 487 27.20 -2.06 31.18
C THR C 487 26.64 -0.94 30.32
N MET C 488 26.09 0.11 30.94
CA MET C 488 25.68 1.30 30.20
C MET C 488 26.87 1.91 29.45
N THR C 489 27.98 2.10 30.16
CA THR C 489 29.17 2.67 29.52
C THR C 489 29.72 1.74 28.43
N ALA C 490 29.70 0.43 28.67
CA ALA C 490 30.10 -0.51 27.63
C ALA C 490 29.19 -0.42 26.41
N ALA C 491 27.91 -0.12 26.62
CA ALA C 491 26.96 0.09 25.53
C ALA C 491 27.04 1.48 24.94
N LEU C 492 27.84 2.37 25.52
CA LEU C 492 28.03 3.72 24.99
C LEU C 492 29.31 3.90 24.20
N ILE C 493 30.37 3.13 24.49
CA ILE C 493 31.66 3.39 23.86
C ILE C 493 31.56 3.33 22.34
N SER C 494 30.64 2.52 21.81
CA SER C 494 30.23 2.61 20.42
C SER C 494 28.71 2.74 20.36
N ASN C 495 28.15 2.61 19.15
CA ASN C 495 26.77 2.99 18.90
C ASN C 495 25.75 2.29 19.81
N LYS C 496 25.60 0.97 19.68
CA LYS C 496 24.62 0.18 20.42
C LYS C 496 23.29 0.92 20.56
N PRO C 497 22.56 1.13 19.46
CA PRO C 497 21.37 2.00 19.52
C PRO C 497 20.26 1.45 20.40
N GLU C 498 20.10 0.12 20.39
CA GLU C 498 18.99 -0.48 21.13
C GLU C 498 19.37 -0.87 22.56
N PHE C 499 20.66 -1.12 22.83
CA PHE C 499 21.06 -1.51 24.18
C PHE C 499 20.82 -0.39 25.19
N VAL C 500 21.11 0.85 24.80
CA VAL C 500 20.87 1.97 25.71
C VAL C 500 19.37 2.16 25.94
N LYS C 501 18.54 1.94 24.92
CA LYS C 501 17.10 2.02 25.18
C LYS C 501 16.64 0.87 26.05
N LEU C 502 17.24 -0.32 25.87
CA LEU C 502 17.02 -1.42 26.81
C LEU C 502 17.27 -0.98 28.24
N PHE C 503 18.33 -0.19 28.46
CA PHE C 503 18.62 0.30 29.80
C PHE C 503 17.64 1.38 30.25
N LEU C 504 16.91 2.03 29.33
CA LEU C 504 15.96 3.04 29.78
C LEU C 504 14.57 2.48 30.11
N GLU C 505 14.14 1.37 29.52
CA GLU C 505 12.93 0.75 30.07
C GLU C 505 13.23 0.04 31.38
N ASN C 506 14.46 -0.45 31.55
CA ASN C 506 14.92 -0.86 32.87
C ASN C 506 15.00 0.32 33.83
N GLY C 507 15.06 1.53 33.30
CA GLY C 507 15.07 2.73 34.12
C GLY C 507 16.43 3.02 34.72
N VAL C 508 17.46 3.08 33.88
CA VAL C 508 18.75 3.58 34.34
C VAL C 508 18.63 5.09 34.51
N GLN C 509 18.64 5.54 35.75
CA GLN C 509 18.56 6.98 36.02
C GLN C 509 19.87 7.62 35.59
N LEU C 510 19.85 8.24 34.40
CA LEU C 510 21.02 8.95 33.91
C LEU C 510 21.48 10.02 34.88
N LYS C 511 20.56 10.61 35.62
CA LYS C 511 20.88 11.79 36.41
C LYS C 511 21.87 11.50 37.54
N GLU C 512 21.96 10.25 38.02
CA GLU C 512 23.07 9.93 38.92
C GLU C 512 24.12 9.05 38.24
N PHE C 513 23.76 8.46 37.10
CA PHE C 513 24.71 7.62 36.38
C PHE C 513 25.90 8.43 35.88
N VAL C 514 25.65 9.66 35.43
CA VAL C 514 26.72 10.50 34.92
C VAL C 514 27.30 11.30 36.09
N THR C 515 28.43 10.83 36.61
CA THR C 515 29.24 11.56 37.56
C THR C 515 30.36 12.25 36.79
N TRP C 516 31.29 12.88 37.50
CA TRP C 516 32.38 13.57 36.83
C TRP C 516 33.29 12.57 36.12
N ASP C 517 33.68 11.50 36.81
CA ASP C 517 34.48 10.47 36.17
C ASP C 517 33.72 9.74 35.07
N THR C 518 32.38 9.71 35.14
CA THR C 518 31.59 9.11 34.07
C THR C 518 31.74 9.89 32.77
N LEU C 519 31.62 11.22 32.85
CA LEU C 519 31.90 12.03 31.67
C LEU C 519 33.36 11.95 31.24
N LEU C 520 34.30 11.82 32.18
CA LEU C 520 35.68 11.54 31.78
C LEU C 520 35.73 10.33 30.86
N TYR C 521 35.28 9.17 31.36
CA TYR C 521 35.27 7.93 30.59
C TYR C 521 34.56 8.08 29.26
N LEU C 522 33.42 8.78 29.22
CA LEU C 522 32.73 8.97 27.95
C LEU C 522 33.56 9.79 26.98
N TYR C 523 34.28 10.79 27.51
CA TYR C 523 34.96 11.73 26.63
C TYR C 523 36.34 11.26 26.16
N GLU C 524 36.95 10.25 26.77
CA GLU C 524 38.15 9.72 26.12
C GLU C 524 37.80 8.74 25.00
N ASN C 525 36.54 8.36 24.85
CA ASN C 525 36.17 7.29 23.93
C ASN C 525 35.38 7.83 22.74
N LEU C 526 35.83 8.94 22.17
CA LEU C 526 35.23 9.45 20.95
C LEU C 526 35.45 8.45 19.81
N ASP C 527 34.70 8.63 18.74
CA ASP C 527 34.97 7.87 17.52
C ASP C 527 36.29 8.34 16.92
N PRO C 528 37.27 7.45 16.75
CA PRO C 528 38.57 7.91 16.23
C PRO C 528 38.51 8.42 14.80
N SER C 529 37.50 8.02 14.02
CA SER C 529 37.42 8.41 12.62
C SER C 529 36.85 9.80 12.41
N CYS C 530 36.20 10.38 13.41
CA CYS C 530 35.65 11.72 13.25
C CYS C 530 36.75 12.76 13.20
N LEU C 531 36.53 13.80 12.40
CA LEU C 531 37.48 14.91 12.34
C LEU C 531 37.55 15.67 13.65
N PHE C 532 36.45 15.69 14.43
CA PHE C 532 36.48 16.36 15.72
C PHE C 532 37.38 15.60 16.69
N HIS C 533 37.53 14.29 16.51
CA HIS C 533 38.55 13.55 17.25
C HIS C 533 39.95 14.04 16.89
N SER C 534 40.19 14.29 15.60
CA SER C 534 41.45 14.94 15.22
C SER C 534 41.56 16.33 15.82
N LYS C 535 40.44 16.99 16.08
CA LYS C 535 40.47 18.28 16.78
C LYS C 535 40.80 18.10 18.26
N LEU C 536 40.41 16.96 18.84
CA LEU C 536 40.88 16.63 20.18
C LEU C 536 42.39 16.40 20.20
N GLN C 537 42.92 15.79 19.14
CA GLN C 537 44.37 15.73 19.02
C GLN C 537 44.98 17.13 18.89
N LYS C 538 44.43 17.99 18.04
CA LYS C 538 45.01 19.31 17.91
C LYS C 538 44.94 20.07 19.23
N VAL C 539 43.82 19.97 19.96
CA VAL C 539 43.71 20.68 21.24
C VAL C 539 44.56 20.02 22.31
N LEU C 540 44.87 18.73 22.16
CA LEU C 540 45.90 18.14 22.99
C LEU C 540 47.24 18.87 22.77
N VAL C 541 47.54 19.25 21.53
CA VAL C 541 48.78 19.94 21.19
C VAL C 541 48.64 21.46 21.16
N GLU C 542 47.43 21.99 21.36
CA GLU C 542 47.27 23.44 21.51
C GLU C 542 47.83 23.91 22.83
N ASP C 543 47.65 23.13 23.90
CA ASP C 543 48.28 23.37 25.19
C ASP C 543 48.96 22.07 25.57
N PRO C 544 50.09 21.74 24.94
CA PRO C 544 50.74 20.45 25.18
C PRO C 544 51.44 20.37 26.52
N GLU C 545 52.20 19.29 26.72
CA GLU C 545 52.78 18.99 28.03
C GLU C 545 53.66 20.13 28.53
N ARG C 546 54.63 20.55 27.73
CA ARG C 546 55.64 21.47 28.26
C ARG C 546 55.21 22.93 28.33
N PRO C 547 54.82 23.59 27.21
CA PRO C 547 54.72 25.06 27.24
C PRO C 547 53.58 25.63 28.07
N ALA C 548 52.36 25.11 27.90
CA ALA C 548 51.19 25.70 28.52
C ALA C 548 50.62 24.89 29.69
N CYS C 549 50.90 23.59 29.74
CA CYS C 549 50.38 22.70 30.76
C CYS C 549 51.53 21.96 31.42
N ALA C 550 52.51 22.71 31.93
CA ALA C 550 53.91 22.35 32.20
C ALA C 550 54.14 20.89 32.61
N PRO C 551 53.31 20.28 33.49
CA PRO C 551 53.45 18.84 33.71
C PRO C 551 53.18 18.00 32.46
N ALA C 552 53.35 16.69 32.55
CA ALA C 552 53.07 15.83 31.40
C ALA C 552 51.59 15.88 31.05
N ALA C 553 51.29 15.89 29.75
CA ALA C 553 49.91 15.93 29.28
C ALA C 553 49.80 15.45 27.84
N PRO C 554 49.98 14.16 27.60
CA PRO C 554 49.52 13.56 26.33
C PRO C 554 48.14 12.92 26.40
N ARG C 555 47.44 13.04 27.53
CA ARG C 555 46.13 12.46 27.70
C ARG C 555 45.08 13.56 27.80
N LEU C 556 43.93 13.33 27.17
CA LEU C 556 42.92 14.36 27.04
C LEU C 556 42.18 14.56 28.37
N GLN C 557 41.58 15.73 28.50
CA GLN C 557 40.90 16.12 29.72
C GLN C 557 39.53 16.68 29.34
N MET C 558 38.90 17.37 30.28
CA MET C 558 37.60 17.98 30.07
C MET C 558 37.65 19.49 29.87
N HIS C 559 38.63 20.19 30.45
CA HIS C 559 38.84 21.59 30.08
C HIS C 559 39.51 21.71 28.72
N HIS C 560 40.15 20.64 28.25
CA HIS C 560 40.50 20.58 26.83
C HIS C 560 39.26 20.62 25.95
N VAL C 561 38.20 19.90 26.36
CA VAL C 561 36.93 19.97 25.65
C VAL C 561 36.31 21.35 25.81
N ALA C 562 36.46 21.96 26.99
CA ALA C 562 35.91 23.29 27.21
C ALA C 562 36.61 24.32 26.33
N GLN C 563 37.94 24.23 26.20
CA GLN C 563 38.68 25.22 25.41
C GLN C 563 38.54 24.98 23.91
N VAL C 564 38.00 23.84 23.49
CA VAL C 564 37.67 23.66 22.08
C VAL C 564 36.20 24.03 21.82
N LEU C 565 35.33 23.87 22.82
CA LEU C 565 34.02 24.51 22.76
C LEU C 565 34.14 26.02 22.76
N ARG C 566 35.25 26.55 23.29
CA ARG C 566 35.57 27.97 23.16
C ARG C 566 35.52 28.41 21.71
N GLU C 567 36.14 27.65 20.81
CA GLU C 567 36.19 28.05 19.41
C GLU C 567 34.98 27.53 18.64
N LEU C 568 34.37 26.43 19.09
CA LEU C 568 33.23 25.87 18.37
C LEU C 568 32.06 26.85 18.36
N LEU C 569 31.71 27.42 19.50
CA LEU C 569 30.71 28.48 19.53
C LEU C 569 31.44 29.82 19.73
N GLY C 570 30.67 30.89 19.93
CA GLY C 570 31.21 32.23 19.78
C GLY C 570 32.06 32.74 20.94
N ASP C 571 31.88 34.01 21.29
CA ASP C 571 32.66 34.71 22.29
C ASP C 571 31.83 34.92 23.54
N PHE C 572 31.06 33.91 23.90
CA PHE C 572 29.97 34.03 24.84
C PHE C 572 30.44 33.64 26.24
N THR C 573 29.56 33.78 27.22
CA THR C 573 29.81 33.19 28.52
C THR C 573 29.61 31.69 28.43
N GLN C 574 30.67 30.92 28.69
CA GLN C 574 30.67 29.47 28.48
C GLN C 574 31.06 28.81 29.80
N PRO C 575 30.16 28.78 30.78
CA PRO C 575 30.48 27.98 31.98
C PRO C 575 30.59 26.51 31.63
N LEU C 576 29.44 25.87 31.35
CA LEU C 576 29.33 24.55 30.69
C LEU C 576 30.20 23.49 31.36
N TYR C 577 30.93 23.89 32.41
CA TYR C 577 31.98 23.15 33.07
C TYR C 577 32.50 24.03 34.21
N PRO C 578 33.13 23.47 35.23
CA PRO C 578 33.91 24.32 36.14
C PRO C 578 35.29 24.65 35.57
N ARG C 579 35.34 25.50 34.55
CA ARG C 579 36.60 25.85 33.89
C ARG C 579 37.66 26.45 34.81
N PRO C 580 37.36 27.39 35.73
CA PRO C 580 38.44 28.05 36.47
C PRO C 580 39.23 27.12 37.38
N ARG C 581 40.21 27.69 38.08
CA ARG C 581 41.28 26.89 38.68
C ARG C 581 40.80 26.02 39.83
N HIS C 582 39.58 26.22 40.30
CA HIS C 582 38.99 25.28 41.25
C HIS C 582 38.91 23.88 40.66
N ASN C 583 38.68 23.79 39.36
CA ASN C 583 38.60 22.51 38.66
C ASN C 583 39.39 22.58 37.35
N ASP C 584 40.63 23.06 37.42
CA ASP C 584 41.46 23.17 36.22
C ASP C 584 41.78 21.78 35.69
N ARG C 585 41.10 21.43 34.60
CA ARG C 585 41.18 20.13 33.96
C ARG C 585 42.12 20.21 32.76
N LEU C 586 43.36 20.62 33.04
CA LEU C 586 44.33 20.82 31.97
C LEU C 586 45.71 20.24 32.23
N ARG C 587 46.10 19.98 33.49
CA ARG C 587 47.48 19.66 33.82
C ARG C 587 47.64 18.42 34.68
N LEU C 588 46.65 17.53 34.71
CA LEU C 588 46.55 16.51 35.76
C LEU C 588 47.18 15.19 35.33
N LEU C 589 48.52 15.17 35.26
CA LEU C 589 49.27 13.91 35.20
C LEU C 589 50.49 13.84 36.11
N LEU C 590 51.10 14.97 36.47
CA LEU C 590 52.18 14.88 37.44
C LEU C 590 51.67 15.35 38.81
N PRO C 591 52.25 14.84 39.90
CA PRO C 591 51.65 15.10 41.22
C PRO C 591 51.74 16.55 41.66
N VAL C 592 50.95 17.41 41.02
CA VAL C 592 50.81 18.78 41.53
C VAL C 592 50.10 18.74 42.86
N PRO C 593 50.57 19.48 43.87
CA PRO C 593 49.96 19.35 45.21
C PRO C 593 48.58 19.94 45.31
N HIS C 594 48.04 19.97 46.53
CA HIS C 594 46.64 20.28 46.77
C HIS C 594 46.36 21.78 46.71
N VAL C 595 45.19 22.18 47.24
CA VAL C 595 44.65 23.54 47.14
C VAL C 595 45.62 24.56 47.74
N LYS C 596 46.68 24.08 48.41
CA LYS C 596 47.66 24.99 48.99
C LYS C 596 48.29 25.90 47.93
N LEU C 597 48.33 25.45 46.68
CA LEU C 597 48.73 26.33 45.59
C LEU C 597 47.56 27.18 45.11
N ASN C 598 46.46 26.52 44.72
CA ASN C 598 45.30 27.16 44.13
C ASN C 598 45.65 27.94 42.87
N VAL C 599 46.77 27.60 42.25
CA VAL C 599 47.11 28.12 40.93
C VAL C 599 46.50 27.26 39.83
N GLN C 600 46.49 25.96 40.01
CA GLN C 600 45.48 25.09 39.45
C GLN C 600 45.09 23.93 40.37
N GLY C 601 45.50 23.92 41.64
CA GLY C 601 45.28 22.76 42.49
C GLY C 601 43.79 22.46 42.68
N VAL C 602 43.43 21.19 42.44
CA VAL C 602 42.04 20.76 42.43
C VAL C 602 41.88 19.65 43.47
N SER C 603 41.57 20.04 44.71
CA SER C 603 41.27 19.09 45.78
C SER C 603 40.10 19.59 46.61
N LEU C 604 39.19 20.32 45.98
CA LEU C 604 38.06 20.90 46.71
C LEU C 604 37.10 19.81 47.19
N ARG C 605 36.91 18.77 46.39
CA ARG C 605 35.94 17.74 46.74
C ARG C 605 36.59 16.62 47.55
N SER C 606 37.65 16.02 47.02
CA SER C 606 38.29 14.88 47.68
C SER C 606 39.80 15.03 47.53
N LEU C 607 40.52 13.97 47.88
CA LEU C 607 41.98 13.97 47.83
C LEU C 607 42.46 13.91 46.39
N TYR C 608 43.74 14.25 46.20
CA TYR C 608 44.35 14.29 44.89
C TYR C 608 44.97 12.92 44.59
N LYS C 609 44.33 12.17 43.70
CA LYS C 609 44.78 10.84 43.28
C LYS C 609 44.83 10.77 41.76
N ARG C 610 45.47 11.78 41.15
CA ARG C 610 45.41 11.99 39.71
C ARG C 610 43.96 12.15 39.24
N SER C 611 43.16 12.79 40.09
CA SER C 611 41.76 13.02 39.80
C SER C 611 41.30 14.23 40.63
N SER C 612 40.00 14.48 40.60
CA SER C 612 39.44 15.63 41.30
C SER C 612 38.31 15.24 42.24
N GLY C 613 37.57 14.21 41.87
CA GLY C 613 36.48 13.70 42.69
C GLY C 613 35.12 14.02 42.11
N HIS C 614 34.10 13.96 42.98
CA HIS C 614 32.72 14.23 42.58
C HIS C 614 32.54 15.74 42.50
N VAL C 615 33.00 16.30 41.38
CA VAL C 615 32.86 17.71 41.05
C VAL C 615 31.96 17.74 39.82
N THR C 616 30.96 16.86 39.82
CA THR C 616 30.19 16.44 38.65
C THR C 616 29.44 17.60 38.00
N PHE C 617 28.65 17.28 36.97
CA PHE C 617 28.18 18.18 35.93
C PHE C 617 27.95 19.61 36.39
N THR C 618 27.32 19.77 37.55
CA THR C 618 27.12 21.05 38.22
C THR C 618 26.16 21.94 37.43
N MET C 619 25.89 21.58 36.16
CA MET C 619 24.94 22.36 35.39
C MET C 619 23.92 21.50 34.66
N ASP C 620 24.36 20.39 34.06
CA ASP C 620 23.50 19.56 33.22
C ASP C 620 24.02 18.16 32.99
N PRO C 621 23.30 17.13 33.40
CA PRO C 621 23.69 15.76 33.00
C PRO C 621 23.43 15.42 31.53
N ILE C 622 22.19 15.62 31.08
CA ILE C 622 21.74 14.96 29.86
C ILE C 622 22.16 15.70 28.60
N ARG C 623 22.05 17.02 28.56
CA ARG C 623 22.44 17.74 27.35
C ARG C 623 23.96 17.79 27.17
N ASP C 624 24.74 17.54 28.24
CA ASP C 624 26.13 17.18 28.01
C ASP C 624 26.28 15.83 27.34
N LEU C 625 25.43 14.86 27.71
CA LEU C 625 25.36 13.65 26.90
C LEU C 625 24.95 13.96 25.46
N LEU C 626 24.13 14.99 25.27
CA LEU C 626 23.75 15.39 23.91
C LEU C 626 24.96 15.85 23.10
N ILE C 627 25.86 16.60 23.74
CA ILE C 627 27.11 16.97 23.07
C ILE C 627 27.92 15.71 22.74
N TRP C 628 27.99 14.78 23.70
CA TRP C 628 28.75 13.56 23.50
C TRP C 628 28.17 12.69 22.39
N ALA C 629 26.85 12.68 22.22
CA ALA C 629 26.27 11.88 21.15
C ALA C 629 26.58 12.46 19.78
N ILE C 630 26.55 13.80 19.65
CA ILE C 630 26.73 14.42 18.35
C ILE C 630 28.20 14.55 17.96
N VAL C 631 29.11 14.57 18.93
CA VAL C 631 30.54 14.65 18.59
C VAL C 631 31.09 13.32 18.11
N GLN C 632 30.39 12.21 18.34
CA GLN C 632 30.78 10.91 17.79
C GLN C 632 29.96 10.53 16.57
N ASN C 633 29.23 11.48 15.97
CA ASN C 633 28.35 11.19 14.82
C ASN C 633 27.35 10.08 15.15
N ARG C 634 26.73 10.19 16.33
CA ARG C 634 25.65 9.30 16.74
C ARG C 634 24.35 10.10 16.70
N ARG C 635 23.60 9.97 15.61
CA ARG C 635 22.41 10.80 15.41
C ARG C 635 21.21 10.21 16.13
N GLU C 636 20.99 8.89 16.02
CA GLU C 636 19.85 8.26 16.70
C GLU C 636 19.92 8.41 18.21
N LEU C 637 21.09 8.16 18.80
CA LEU C 637 21.23 8.28 20.25
C LEU C 637 20.98 9.71 20.70
N ALA C 638 21.48 10.69 19.95
CA ALA C 638 21.23 12.09 20.30
C ALA C 638 19.75 12.42 20.23
N GLY C 639 19.04 11.91 19.22
CA GLY C 639 17.60 12.12 19.16
C GLY C 639 16.87 11.54 20.35
N ILE C 640 17.27 10.34 20.79
CA ILE C 640 16.65 9.75 21.96
C ILE C 640 16.92 10.57 23.21
N ILE C 641 18.18 10.97 23.43
CA ILE C 641 18.54 11.63 24.66
C ILE C 641 18.10 13.09 24.66
N TRP C 642 17.72 13.64 23.50
CA TRP C 642 17.06 14.94 23.49
C TRP C 642 15.76 14.90 24.29
N ALA C 643 15.07 13.76 24.27
CA ALA C 643 13.79 13.62 24.97
C ALA C 643 13.93 13.76 26.47
N GLN C 644 15.14 13.64 27.01
CA GLN C 644 15.38 13.86 28.43
C GLN C 644 16.18 15.13 28.70
N SER C 645 16.49 15.91 27.67
CA SER C 645 17.28 17.13 27.84
C SER C 645 16.48 18.21 28.55
N GLN C 646 17.14 18.93 29.44
CA GLN C 646 16.54 20.03 30.18
C GLN C 646 16.29 21.26 29.32
N ASP C 647 17.09 21.47 28.27
CA ASP C 647 17.02 22.70 27.49
C ASP C 647 15.90 22.66 26.46
N CYS C 648 15.98 21.70 25.52
CA CYS C 648 14.96 21.34 24.54
C CYS C 648 14.59 22.48 23.58
N ILE C 649 15.18 23.66 23.76
CA ILE C 649 15.04 24.72 22.77
C ILE C 649 16.41 25.25 22.39
N ALA C 650 17.14 25.78 23.39
CA ALA C 650 18.47 26.31 23.12
C ALA C 650 19.47 25.22 22.81
N ALA C 651 19.25 24.01 23.35
CA ALA C 651 20.07 22.87 22.93
C ALA C 651 19.86 22.57 21.46
N ALA C 652 18.61 22.63 21.00
CA ALA C 652 18.33 22.38 19.59
C ALA C 652 18.98 23.40 18.67
N LEU C 653 19.02 24.68 19.05
CA LEU C 653 19.74 25.67 18.26
C LEU C 653 21.26 25.50 18.38
N ALA C 654 21.77 25.35 19.60
CA ALA C 654 23.22 25.30 19.80
C ALA C 654 23.83 24.06 19.15
N CYS C 655 23.17 22.90 19.30
CA CYS C 655 23.70 21.69 18.67
C CYS C 655 23.73 21.81 17.16
N SER C 656 22.68 22.38 16.57
CA SER C 656 22.66 22.57 15.12
C SER C 656 23.80 23.48 14.69
N LYS C 657 24.10 24.51 15.48
CA LYS C 657 25.24 25.36 15.17
C LYS C 657 26.55 24.58 15.24
N ILE C 658 26.70 23.74 16.26
CA ILE C 658 27.90 22.90 16.36
C ILE C 658 27.99 21.95 15.18
N LEU C 659 26.85 21.43 14.73
CA LEU C 659 26.82 20.57 13.56
C LEU C 659 27.29 21.31 12.31
N LYS C 660 26.86 22.56 12.14
CA LYS C 660 27.40 23.37 11.06
C LYS C 660 28.90 23.59 11.23
N GLU C 661 29.36 23.78 12.47
CA GLU C 661 30.79 23.92 12.72
C GLU C 661 31.54 22.68 12.27
N LEU C 662 31.02 21.50 12.57
CA LEU C 662 31.63 20.26 12.11
C LEU C 662 31.66 20.17 10.59
N SER C 663 30.56 20.55 9.93
CA SER C 663 30.58 20.57 8.47
C SER C 663 31.44 21.69 7.93
N LYS C 664 31.53 22.81 8.65
CA LYS C 664 32.35 23.93 8.20
C LYS C 664 33.83 23.58 8.23
N GLU C 665 34.27 22.87 9.28
CA GLU C 665 35.71 22.64 9.45
C GLU C 665 36.24 21.59 8.46
N GLU C 666 35.78 20.35 8.56
CA GLU C 666 36.26 19.29 7.67
C GLU C 666 35.40 18.04 7.76
N GLU C 667 34.69 17.71 6.68
CA GLU C 667 34.14 16.37 6.54
C GLU C 667 34.34 15.75 5.15
N ASP C 668 34.33 16.58 4.10
CA ASP C 668 34.70 16.41 2.68
C ASP C 668 33.83 15.40 1.94
N THR C 669 32.97 14.67 2.66
CA THR C 669 31.98 13.80 2.03
C THR C 669 31.14 13.11 3.09
N ASP C 670 29.93 12.72 2.67
CA ASP C 670 29.16 11.62 3.25
C ASP C 670 28.66 11.89 4.66
N SER C 671 29.15 12.95 5.30
CA SER C 671 28.58 13.35 6.58
C SER C 671 28.31 14.84 6.71
N SER C 672 29.06 15.71 6.04
CA SER C 672 28.82 17.14 6.16
C SER C 672 27.44 17.51 5.64
N GLU C 673 27.03 16.92 4.51
CA GLU C 673 25.69 17.15 4.00
C GLU C 673 24.65 16.66 4.99
N GLU C 674 24.86 15.48 5.57
CA GLU C 674 23.88 14.98 6.53
C GLU C 674 24.07 15.55 7.93
N MET C 675 25.28 15.98 8.31
CA MET C 675 25.39 16.84 9.49
C MET C 675 24.52 18.09 9.34
N LEU C 676 24.65 18.78 8.20
CA LEU C 676 23.86 19.98 7.99
C LEU C 676 22.36 19.67 7.94
N ALA C 677 21.99 18.58 7.26
CA ALA C 677 20.57 18.22 7.16
C ALA C 677 20.01 17.79 8.51
N LEU C 678 20.79 17.04 9.29
CA LEU C 678 20.30 16.65 10.61
C LEU C 678 20.30 17.82 11.56
N ALA C 679 21.23 18.78 11.37
CA ALA C 679 21.10 20.05 12.07
C ALA C 679 19.79 20.73 11.70
N GLU C 680 19.36 20.59 10.45
CA GLU C 680 18.07 21.14 10.04
C GLU C 680 16.92 20.48 10.78
N GLU C 681 16.98 19.15 11.00
CA GLU C 681 15.85 18.51 11.65
C GLU C 681 15.85 18.76 13.16
N TYR C 682 17.02 18.97 13.77
CA TYR C 682 17.01 19.51 15.13
C TYR C 682 16.41 20.90 15.16
N GLU C 683 16.74 21.75 14.18
CA GLU C 683 16.08 23.04 14.07
C GLU C 683 14.59 22.86 13.82
N HIS C 684 14.21 21.78 13.12
CA HIS C 684 12.81 21.46 12.92
C HIS C 684 12.12 21.09 14.23
N ARG C 685 12.80 20.33 15.10
CA ARG C 685 12.23 20.06 16.41
C ARG C 685 12.14 21.34 17.23
N ALA C 686 13.11 22.24 17.05
CA ALA C 686 13.01 23.56 17.66
C ALA C 686 11.81 24.33 17.13
N ILE C 687 11.50 24.18 15.84
CA ILE C 687 10.30 24.78 15.27
C ILE C 687 9.06 24.22 15.96
N GLY C 688 9.00 22.90 16.11
CA GLY C 688 7.84 22.25 16.70
C GLY C 688 7.64 22.53 18.17
N VAL C 689 8.71 22.52 18.97
CA VAL C 689 8.57 22.81 20.39
C VAL C 689 8.14 24.25 20.59
N PHE C 690 8.67 25.19 19.79
CA PHE C 690 8.14 26.54 19.83
C PHE C 690 6.69 26.57 19.38
N THR C 691 6.33 25.76 18.39
CA THR C 691 4.97 25.78 17.87
C THR C 691 3.97 25.43 18.96
N GLU C 692 4.28 24.41 19.76
CA GLU C 692 3.35 24.03 20.84
C GLU C 692 3.44 24.99 22.03
N CYS C 693 4.65 25.44 22.38
CA CYS C 693 4.78 26.32 23.55
C CYS C 693 4.30 27.74 23.29
N TYR C 694 4.35 28.21 22.04
CA TYR C 694 3.78 29.51 21.72
C TYR C 694 2.25 29.44 21.70
N ARG C 695 1.69 28.30 21.32
CA ARG C 695 0.25 28.13 21.31
C ARG C 695 -0.35 28.24 22.71
N LYS C 696 0.27 27.62 23.70
CA LYS C 696 -0.20 27.66 25.09
C LYS C 696 0.63 28.67 25.84
N ASP C 697 -0.02 29.72 26.36
CA ASP C 697 0.64 30.77 27.14
C ASP C 697 1.73 31.45 26.31
N GLU C 698 1.28 32.13 25.26
CA GLU C 698 2.21 32.81 24.36
C GLU C 698 3.01 33.88 25.10
N GLU C 699 2.41 34.53 26.09
CA GLU C 699 3.17 35.48 26.91
C GLU C 699 4.21 34.76 27.75
N ARG C 700 3.87 33.60 28.32
CA ARG C 700 4.89 32.81 29.01
C ARG C 700 5.96 32.32 28.05
N ALA C 701 5.58 31.94 26.84
CA ALA C 701 6.58 31.53 25.86
C ALA C 701 7.53 32.67 25.55
N GLN C 702 7.01 33.87 25.29
CA GLN C 702 7.87 34.97 24.89
C GLN C 702 8.83 35.38 26.00
N LYS C 703 8.43 35.20 27.27
CA LYS C 703 9.40 35.42 28.33
C LYS C 703 10.32 34.22 28.52
N LEU C 704 9.92 33.03 28.04
CA LEU C 704 10.83 31.90 28.01
C LEU C 704 11.93 32.06 26.97
N LEU C 705 11.71 32.87 25.94
CA LEU C 705 12.79 33.14 24.99
C LEU C 705 13.92 33.92 25.63
N THR C 706 13.72 34.46 26.83
CA THR C 706 14.73 35.19 27.59
C THR C 706 15.08 34.40 28.84
N ARG C 707 16.26 33.77 28.84
CA ARG C 707 16.80 33.03 29.97
C ARG C 707 17.96 33.82 30.56
N VAL C 708 18.41 33.44 31.75
CA VAL C 708 19.53 34.10 32.41
C VAL C 708 20.81 33.35 32.11
N SER C 709 21.96 33.99 32.37
CA SER C 709 23.27 33.44 32.04
C SER C 709 23.65 32.34 33.04
N GLU C 710 22.97 31.20 32.90
CA GLU C 710 23.14 30.09 33.82
C GLU C 710 23.48 28.78 33.13
N ALA C 711 22.81 28.43 32.04
CA ALA C 711 22.90 27.08 31.48
C ALA C 711 24.05 26.95 30.48
N TRP C 712 23.99 27.70 29.38
CA TRP C 712 25.15 27.94 28.54
C TRP C 712 25.64 29.37 28.68
N GLY C 713 25.57 29.92 29.88
CA GLY C 713 25.80 31.35 30.04
C GLY C 713 24.70 32.13 29.34
N LYS C 714 25.10 33.26 28.76
CA LYS C 714 24.18 34.13 28.03
C LYS C 714 23.93 33.53 26.65
N THR C 715 23.38 34.33 25.72
CA THR C 715 22.79 33.86 24.46
C THR C 715 21.58 32.96 24.74
N THR C 716 20.55 33.61 25.26
CA THR C 716 19.26 32.99 25.57
C THR C 716 18.46 32.67 24.31
N CYS C 717 18.96 31.68 23.56
CA CYS C 717 18.25 31.04 22.46
C CYS C 717 17.78 32.03 21.39
N LEU C 718 18.22 33.27 21.49
CA LEU C 718 18.03 34.29 20.46
C LEU C 718 19.32 34.72 19.82
N GLN C 719 20.33 35.07 20.61
CA GLN C 719 21.66 35.31 20.10
C GLN C 719 22.34 34.02 19.66
N LEU C 720 21.90 32.87 20.17
CA LEU C 720 22.31 31.60 19.58
C LEU C 720 21.82 31.48 18.15
N ALA C 721 20.57 31.90 17.89
CA ALA C 721 20.02 31.82 16.55
C ALA C 721 20.78 32.71 15.57
N LEU C 722 21.58 33.65 16.06
CA LEU C 722 22.33 34.53 15.18
C LEU C 722 23.41 33.77 14.44
N GLU C 723 24.33 33.14 15.17
CA GLU C 723 25.39 32.36 14.58
C GLU C 723 24.99 30.92 14.31
N ALA C 724 23.77 30.53 14.67
CA ALA C 724 23.26 29.22 14.28
C ALA C 724 22.50 29.26 12.96
N LYS C 725 22.44 30.42 12.31
CA LYS C 725 21.84 30.56 10.97
C LYS C 725 20.43 29.97 10.94
N ASP C 726 19.52 30.64 11.63
CA ASP C 726 18.16 30.15 11.76
C ASP C 726 17.17 31.11 11.09
N MET C 727 17.24 31.18 9.76
CA MET C 727 16.20 31.91 9.04
C MET C 727 14.90 31.11 9.00
N LYS C 728 14.94 29.85 9.40
CA LYS C 728 13.71 29.12 9.68
C LYS C 728 13.12 29.55 11.02
N PHE C 729 13.89 29.41 12.11
CA PHE C 729 13.32 29.56 13.44
C PHE C 729 12.87 31.00 13.73
N VAL C 730 13.66 32.00 13.35
CA VAL C 730 13.28 33.38 13.65
C VAL C 730 12.12 33.83 12.78
N SER C 731 11.95 33.25 11.61
CA SER C 731 10.84 33.59 10.72
C SER C 731 9.70 32.60 10.89
N HIS C 732 9.19 32.47 12.12
CA HIS C 732 8.20 31.42 12.43
C HIS C 732 7.26 31.95 13.50
N GLY C 733 6.03 32.25 13.10
CA GLY C 733 4.97 32.57 14.03
C GLY C 733 5.26 33.74 14.95
N GLY C 734 5.50 33.45 16.22
CA GLY C 734 5.63 34.45 17.25
C GLY C 734 6.99 35.05 17.47
N ILE C 735 8.02 34.61 16.73
CA ILE C 735 9.35 35.20 16.91
C ILE C 735 9.34 36.67 16.49
N GLN C 736 9.05 36.94 15.22
CA GLN C 736 9.02 38.33 14.78
C GLN C 736 7.81 39.06 15.33
N ALA C 737 6.84 38.33 15.90
CA ALA C 737 5.79 39.00 16.67
C ALA C 737 6.33 39.58 17.96
N PHE C 738 7.11 38.80 18.72
CA PHE C 738 7.79 39.36 19.88
C PHE C 738 8.84 40.38 19.46
N LEU C 739 9.46 40.18 18.30
CA LEU C 739 10.36 41.18 17.75
C LEU C 739 9.60 42.42 17.29
N THR C 740 8.31 42.27 16.99
CA THR C 740 7.38 43.37 16.77
C THR C 740 6.86 43.91 18.11
N LYS C 741 7.25 43.28 19.22
CA LYS C 741 7.02 43.84 20.55
C LYS C 741 8.22 44.60 21.10
N VAL C 742 9.47 44.23 20.74
CA VAL C 742 10.62 45.03 21.16
C VAL C 742 10.78 46.24 20.23
N TRP C 743 10.70 46.01 18.92
CA TRP C 743 10.27 47.08 18.04
C TRP C 743 8.79 47.32 18.37
N TRP C 744 8.33 48.56 18.24
CA TRP C 744 7.09 48.94 18.92
C TRP C 744 7.19 48.59 20.40
N GLY C 745 8.19 49.19 21.04
CA GLY C 745 8.74 48.62 22.27
C GLY C 745 7.72 48.41 23.35
N GLN C 746 6.95 49.44 23.67
CA GLN C 746 6.01 49.37 24.79
C GLN C 746 4.65 49.93 24.45
N LEU C 747 4.55 50.81 23.46
CA LEU C 747 3.36 51.65 23.32
C LEU C 747 2.19 50.86 22.76
N SER C 748 2.32 50.37 21.53
CA SER C 748 1.26 49.68 20.83
C SER C 748 1.85 49.04 19.57
N VAL C 749 1.05 48.22 18.89
CA VAL C 749 1.48 47.59 17.64
C VAL C 749 0.48 47.76 16.51
N ASP C 750 -0.77 48.11 16.78
CA ASP C 750 -1.81 48.06 15.74
C ASP C 750 -1.66 49.19 14.74
N ASN C 751 -1.39 50.41 15.20
CA ASN C 751 -1.42 51.58 14.33
C ASN C 751 -0.28 51.54 13.32
N GLY C 752 -0.58 51.94 12.08
CA GLY C 752 0.41 52.02 11.03
C GLY C 752 1.07 53.39 10.99
N LEU C 753 1.68 53.68 9.84
CA LEU C 753 2.40 54.92 9.59
C LEU C 753 1.51 56.06 9.12
N TRP C 754 0.19 56.07 9.37
CA TRP C 754 -0.65 57.13 8.83
C TRP C 754 -0.92 58.22 9.85
N ARG C 755 -1.28 57.85 11.08
CA ARG C 755 -1.61 58.84 12.11
C ARG C 755 -0.46 59.10 13.08
N VAL C 756 0.59 58.28 13.06
CA VAL C 756 1.77 58.60 13.85
C VAL C 756 2.59 59.72 13.18
N THR C 757 2.67 59.72 11.84
CA THR C 757 3.37 60.79 11.15
C THR C 757 2.79 62.16 11.47
N LEU C 758 1.52 62.21 11.89
CA LEU C 758 0.96 63.45 12.41
C LEU C 758 1.38 63.68 13.86
N CYS C 759 1.89 62.64 14.53
CA CYS C 759 2.27 62.77 15.93
C CYS C 759 3.67 63.37 16.10
N MET C 760 4.50 63.32 15.06
CA MET C 760 5.76 64.06 15.07
C MET C 760 5.58 65.56 15.22
N LEU C 761 4.71 66.17 14.44
CA LEU C 761 4.62 67.63 14.36
C LEU C 761 3.61 68.23 15.31
N ALA C 762 2.43 67.62 15.44
CA ALA C 762 1.38 68.12 16.32
C ALA C 762 1.76 67.77 17.76
N PHE C 763 2.53 68.66 18.38
CA PHE C 763 2.97 68.42 19.76
C PHE C 763 1.83 68.26 20.74
N PRO C 764 0.78 69.11 20.76
CA PRO C 764 -0.28 68.92 21.75
C PRO C 764 -1.20 67.74 21.46
N LEU C 765 -1.00 67.02 20.35
CA LEU C 765 -1.97 66.03 19.91
C LEU C 765 -1.97 64.74 20.72
N LEU C 766 -0.84 64.36 21.32
CA LEU C 766 -0.78 63.05 21.98
C LEU C 766 -1.69 63.03 23.20
N LEU C 767 -1.99 64.20 23.77
CA LEU C 767 -2.88 64.27 24.93
C LEU C 767 -4.30 63.86 24.59
N THR C 768 -4.69 63.94 23.31
CA THR C 768 -6.04 63.57 22.90
C THR C 768 -6.13 62.04 22.73
N GLY C 769 -7.32 61.57 22.39
CA GLY C 769 -7.55 60.16 22.20
C GLY C 769 -7.33 59.70 20.77
N LEU C 770 -6.19 60.08 20.19
CA LEU C 770 -5.88 59.68 18.82
C LEU C 770 -5.22 58.31 18.80
N ILE C 771 -4.19 58.11 19.61
CA ILE C 771 -3.54 56.82 19.78
C ILE C 771 -3.49 56.49 21.26
N SER C 772 -3.55 55.20 21.57
CA SER C 772 -3.59 54.72 22.94
C SER C 772 -2.28 54.03 23.28
N PHE C 773 -1.61 54.54 24.32
CA PHE C 773 -0.40 53.90 24.83
C PHE C 773 -0.77 52.64 25.61
N ARG C 774 0.24 51.80 25.87
CA ARG C 774 0.03 50.73 26.84
C ARG C 774 -0.17 51.30 28.23
N GLU C 775 0.47 52.44 28.53
CA GLU C 775 0.14 53.20 29.72
C GLU C 775 -1.31 53.67 29.66
N LYS C 776 -1.73 54.19 28.51
CA LYS C 776 -3.12 54.59 28.31
C LYS C 776 -4.06 53.40 28.22
N ARG C 777 -3.53 52.20 27.91
CA ARG C 777 -4.36 51.00 27.93
C ARG C 777 -4.90 50.74 29.33
N LEU C 778 -4.05 50.93 30.34
CA LEU C 778 -4.46 50.88 31.74
C LEU C 778 -4.73 52.27 32.30
N GLN C 779 -4.72 53.29 31.45
CA GLN C 779 -4.87 54.69 31.87
C GLN C 779 -3.80 55.08 32.89
N ASP C 780 -2.58 54.61 32.66
CA ASP C 780 -1.43 55.01 33.46
C ASP C 780 -0.90 56.39 33.07
N VAL C 781 -1.47 57.01 32.04
CA VAL C 781 -1.04 58.33 31.59
C VAL C 781 -1.64 59.36 32.53
N GLY C 782 -0.86 59.76 33.54
CA GLY C 782 -1.24 60.85 34.41
C GLY C 782 -0.14 61.89 34.49
N THR C 783 0.99 61.57 33.88
CA THR C 783 2.15 62.43 33.87
C THR C 783 2.54 62.76 32.43
N PRO C 784 2.56 64.04 32.04
CA PRO C 784 3.05 64.38 30.70
C PRO C 784 4.49 63.96 30.46
N ALA C 785 5.33 64.01 31.50
CA ALA C 785 6.72 63.56 31.35
C ALA C 785 6.78 62.07 31.02
N ALA C 786 5.96 61.27 31.70
CA ALA C 786 5.92 59.84 31.38
C ALA C 786 5.38 59.59 29.98
N ARG C 787 4.29 60.28 29.62
CA ARG C 787 3.72 60.12 28.28
C ARG C 787 4.70 60.53 27.20
N ALA C 788 5.60 61.45 27.50
CA ALA C 788 6.56 61.93 26.51
C ALA C 788 7.84 61.08 26.49
N ARG C 789 8.35 60.71 27.66
CA ARG C 789 9.61 59.98 27.71
C ARG C 789 9.46 58.50 27.36
N ALA C 790 8.34 57.87 27.75
CA ALA C 790 8.06 56.52 27.25
C ALA C 790 7.91 56.53 25.74
N PHE C 791 7.31 57.60 25.20
CA PHE C 791 7.30 57.80 23.75
C PHE C 791 8.71 57.97 23.21
N PHE C 792 9.57 58.68 23.96
CA PHE C 792 10.93 58.91 23.50
C PHE C 792 11.74 57.62 23.41
N THR C 793 11.60 56.75 24.41
CA THR C 793 12.43 55.56 24.51
C THR C 793 11.96 54.43 23.59
N ALA C 794 10.83 54.60 22.91
CA ALA C 794 10.38 53.57 21.98
C ALA C 794 11.31 53.50 20.78
N PRO C 795 11.79 52.32 20.41
CA PRO C 795 12.68 52.22 19.23
C PRO C 795 12.04 52.70 17.94
N VAL C 796 10.71 52.62 17.81
CA VAL C 796 10.05 53.18 16.64
C VAL C 796 10.28 54.69 16.58
N VAL C 797 10.15 55.38 17.70
CA VAL C 797 10.35 56.82 17.73
C VAL C 797 11.82 57.21 17.60
N VAL C 798 12.73 56.47 18.25
CA VAL C 798 14.15 56.70 18.06
C VAL C 798 14.52 56.54 16.59
N PHE C 799 13.91 55.58 15.91
CA PHE C 799 14.13 55.42 14.47
C PHE C 799 13.86 56.72 13.72
N HIS C 800 12.61 57.18 13.74
CA HIS C 800 12.23 58.34 12.95
C HIS C 800 12.93 59.62 13.41
N LEU C 801 13.29 59.73 14.69
CA LEU C 801 14.08 60.87 15.13
C LEU C 801 15.47 60.86 14.51
N ASN C 802 16.09 59.69 14.42
CA ASN C 802 17.39 59.61 13.74
C ASN C 802 17.24 59.70 12.23
N ILE C 803 16.11 59.26 11.68
CA ILE C 803 15.95 59.24 10.23
C ILE C 803 15.59 60.63 9.70
N LEU C 804 14.52 61.23 10.22
CA LEU C 804 14.05 62.51 9.70
C LEU C 804 14.99 63.67 10.00
N SER C 805 15.64 63.69 11.15
CA SER C 805 16.62 64.73 11.41
C SER C 805 17.82 64.60 10.47
N TYR C 806 18.29 63.38 10.25
CA TYR C 806 19.34 63.15 9.26
C TYR C 806 18.85 63.45 7.86
N PHE C 807 17.58 63.16 7.57
CA PHE C 807 17.00 63.52 6.28
C PHE C 807 16.99 65.03 6.08
N ALA C 808 16.66 65.79 7.12
CA ALA C 808 16.81 67.23 7.07
C ALA C 808 18.28 67.64 6.95
N PHE C 809 19.20 66.83 7.45
CA PHE C 809 20.61 67.11 7.25
C PHE C 809 21.02 66.99 5.79
N LEU C 810 20.45 66.03 5.05
CA LEU C 810 20.65 66.01 3.60
C LEU C 810 20.11 67.27 2.95
N CYS C 811 18.94 67.77 3.40
CA CYS C 811 18.44 69.04 2.89
C CYS C 811 19.37 70.18 3.23
N LEU C 812 19.98 70.14 4.42
CA LEU C 812 20.98 71.14 4.80
C LEU C 812 22.22 71.05 3.92
N PHE C 813 22.66 69.83 3.61
CA PHE C 813 23.79 69.64 2.72
C PHE C 813 23.48 70.07 1.29
N ALA C 814 22.22 69.98 0.86
CA ALA C 814 21.83 70.51 -0.44
C ALA C 814 21.76 72.04 -0.40
N TYR C 815 21.27 72.60 0.70
CA TYR C 815 21.15 74.05 0.82
C TYR C 815 22.51 74.74 0.95
N VAL C 816 23.48 74.08 1.60
CA VAL C 816 24.82 74.67 1.74
C VAL C 816 25.56 74.70 0.41
N LEU C 817 25.07 73.99 -0.59
CA LEU C 817 25.65 74.00 -1.93
C LEU C 817 24.80 74.73 -2.94
N MET C 818 23.48 74.80 -2.74
CA MET C 818 22.61 75.52 -3.68
C MET C 818 22.74 77.03 -3.50
N VAL C 819 22.51 77.53 -2.30
CA VAL C 819 22.56 78.95 -2.01
C VAL C 819 23.89 79.35 -1.38
N ASP C 820 24.45 78.49 -0.53
CA ASP C 820 25.68 78.80 0.20
C ASP C 820 26.93 78.31 -0.52
N PHE C 821 26.89 78.24 -1.85
CA PHE C 821 28.09 77.88 -2.64
C PHE C 821 29.02 79.08 -2.66
N GLN C 822 29.61 79.37 -1.51
CA GLN C 822 30.46 80.53 -1.31
C GLN C 822 31.80 80.09 -0.75
N PRO C 823 32.87 80.83 -1.06
CA PRO C 823 34.20 80.47 -0.54
C PRO C 823 34.48 80.96 0.87
N VAL C 824 33.47 81.37 1.63
CA VAL C 824 33.66 81.89 2.99
C VAL C 824 32.74 81.14 3.95
N PRO C 825 33.15 80.94 5.20
CA PRO C 825 32.25 80.30 6.17
C PRO C 825 31.17 81.27 6.66
N SER C 826 29.94 81.06 6.22
CA SER C 826 28.83 81.92 6.59
C SER C 826 28.13 81.34 7.82
N TRP C 827 26.97 81.90 8.17
CA TRP C 827 26.21 81.39 9.30
C TRP C 827 25.67 79.98 9.03
N CYS C 828 25.47 79.64 7.76
CA CYS C 828 25.00 78.31 7.38
C CYS C 828 26.12 77.38 6.94
N GLU C 829 27.23 77.93 6.44
CA GLU C 829 28.35 77.09 6.01
C GLU C 829 29.00 76.37 7.18
N CYS C 830 29.00 76.99 8.37
CA CYS C 830 29.63 76.37 9.53
C CYS C 830 28.80 75.24 10.11
N ALA C 831 27.50 75.17 9.78
CA ALA C 831 26.65 74.13 10.34
C ALA C 831 26.91 72.76 9.71
N ILE C 832 27.53 72.71 8.53
CA ILE C 832 27.81 71.45 7.87
C ILE C 832 29.06 70.76 8.40
N TYR C 833 29.74 71.37 9.37
CA TYR C 833 31.04 70.87 9.80
C TYR C 833 30.91 69.59 10.62
N LEU C 834 30.23 69.66 11.77
CA LEU C 834 30.35 68.64 12.81
C LEU C 834 29.11 67.76 12.93
N TRP C 835 28.22 67.76 11.94
CA TRP C 835 27.12 66.79 11.96
C TRP C 835 27.65 65.38 11.79
N LEU C 836 28.55 65.17 10.83
CA LEU C 836 29.21 63.88 10.69
C LEU C 836 30.03 63.54 11.93
N PHE C 837 30.62 64.56 12.59
CA PHE C 837 31.29 64.33 13.85
C PHE C 837 30.33 63.90 14.95
N SER C 838 29.08 64.38 14.90
CA SER C 838 28.06 63.97 15.86
C SER C 838 27.55 62.56 15.60
N LEU C 839 27.73 62.03 14.38
CA LEU C 839 27.32 60.67 14.08
C LEU C 839 28.44 59.64 14.15
N VAL C 840 29.69 60.02 13.87
CA VAL C 840 30.79 59.08 13.99
C VAL C 840 31.02 58.69 15.45
N CYS C 841 30.58 59.51 16.41
CA CYS C 841 30.65 59.09 17.80
C CYS C 841 29.65 57.98 18.08
N GLU C 842 28.48 58.00 17.42
CA GLU C 842 27.58 56.85 17.48
C GLU C 842 28.21 55.61 16.85
N GLU C 843 28.93 55.78 15.75
CA GLU C 843 29.67 54.66 15.18
C GLU C 843 30.76 54.18 16.12
N MET C 844 31.37 55.10 16.88
CA MET C 844 32.31 54.71 17.93
C MET C 844 31.61 53.93 19.04
N ARG C 845 30.39 54.34 19.40
CA ARG C 845 29.60 53.59 20.38
C ARG C 845 29.29 52.18 19.87
N GLN C 846 28.98 52.05 18.58
CA GLN C 846 28.85 50.72 18.00
C GLN C 846 30.17 49.95 18.06
N LEU C 847 31.28 50.63 17.80
CA LEU C 847 32.60 50.00 17.91
C LEU C 847 32.92 49.59 19.34
N PHE C 848 32.51 50.38 20.33
CA PHE C 848 32.76 50.06 21.74
C PHE C 848 31.44 50.15 22.50
N TYR C 849 30.65 49.07 22.42
CA TYR C 849 29.49 48.88 23.29
C TYR C 849 29.63 47.60 24.11
N ASP C 850 29.82 46.46 23.45
CA ASP C 850 30.15 45.20 24.14
C ASP C 850 31.05 44.35 23.26
N PRO C 851 32.20 44.89 22.81
CA PRO C 851 33.16 44.04 22.10
C PRO C 851 34.16 43.42 23.07
N ASP C 852 35.13 42.67 22.56
CA ASP C 852 36.25 42.27 23.39
C ASP C 852 37.12 43.48 23.70
N GLU C 853 37.79 43.43 24.84
CA GLU C 853 38.59 44.56 25.31
C GLU C 853 39.98 44.60 24.68
N CYS C 854 40.32 43.65 23.83
CA CYS C 854 41.65 43.55 23.24
C CYS C 854 41.67 43.86 21.75
N GLY C 855 40.57 43.60 21.05
CA GLY C 855 40.53 43.61 19.59
C GLY C 855 40.21 44.94 18.93
N LEU C 856 41.20 45.53 18.26
CA LEU C 856 40.99 46.75 17.50
C LEU C 856 40.96 46.54 16.00
N MET C 857 41.84 45.70 15.46
CA MET C 857 41.71 45.24 14.09
C MET C 857 41.12 43.82 14.04
N LYS C 858 40.61 43.31 15.17
CA LYS C 858 39.85 42.07 15.23
C LYS C 858 38.35 42.27 15.06
N LYS C 859 37.76 43.22 15.79
CA LYS C 859 36.37 43.59 15.53
C LYS C 859 36.22 44.51 14.34
N ALA C 860 37.29 45.20 13.93
CA ALA C 860 37.26 46.02 12.73
C ALA C 860 37.11 45.18 11.47
N ALA C 861 37.57 43.93 11.49
CA ALA C 861 37.35 43.04 10.36
C ALA C 861 35.88 42.72 10.17
N LEU C 862 35.10 42.70 11.25
CA LEU C 862 33.65 42.55 11.12
C LEU C 862 33.04 43.71 10.35
N TYR C 863 33.50 44.94 10.63
CA TYR C 863 33.07 46.09 9.83
C TYR C 863 33.52 45.94 8.38
N PHE C 864 34.78 45.54 8.17
CA PHE C 864 35.31 45.39 6.82
C PHE C 864 34.79 44.16 6.10
N SER C 865 34.12 43.24 6.81
CA SER C 865 33.59 42.04 6.15
C SER C 865 32.45 42.35 5.20
N ASP C 866 31.82 43.52 5.34
CA ASP C 866 30.70 43.90 4.50
C ASP C 866 31.11 45.05 3.59
N PHE C 867 30.82 44.91 2.30
CA PHE C 867 31.10 45.99 1.35
C PHE C 867 30.20 47.19 1.58
N TRP C 868 29.05 47.00 2.24
CA TRP C 868 28.20 48.13 2.59
C TRP C 868 28.91 49.09 3.53
N ASN C 869 29.64 48.56 4.51
CA ASN C 869 30.42 49.41 5.39
C ASN C 869 31.51 50.15 4.63
N LYS C 870 32.13 49.49 3.64
CA LYS C 870 33.10 50.18 2.79
C LYS C 870 32.43 51.26 1.95
N LEU C 871 31.16 51.08 1.58
CA LEU C 871 30.41 52.15 0.93
C LEU C 871 30.22 53.35 1.84
N ASP C 872 29.92 53.12 3.12
CA ASP C 872 29.89 54.22 4.08
C ASP C 872 31.25 54.89 4.23
N VAL C 873 32.32 54.09 4.23
CA VAL C 873 33.66 54.65 4.25
C VAL C 873 33.91 55.50 3.02
N GLY C 874 33.48 55.04 1.85
CA GLY C 874 33.60 55.85 0.65
C GLY C 874 32.81 57.13 0.73
N ALA C 875 31.65 57.10 1.39
CA ALA C 875 30.89 58.33 1.62
C ALA C 875 31.69 59.33 2.45
N ILE C 876 32.43 58.85 3.45
CA ILE C 876 33.27 59.75 4.24
C ILE C 876 34.45 60.25 3.41
N LEU C 877 35.13 59.36 2.68
CA LEU C 877 36.33 59.72 1.94
C LEU C 877 36.05 60.65 0.77
N LEU C 878 34.90 60.53 0.11
CA LEU C 878 34.56 61.49 -0.93
C LEU C 878 34.32 62.88 -0.35
N PHE C 879 33.74 62.97 0.84
CA PHE C 879 33.64 64.26 1.52
C PHE C 879 35.01 64.84 1.80
N VAL C 880 35.95 64.01 2.24
CA VAL C 880 37.31 64.47 2.46
C VAL C 880 37.97 64.90 1.15
N ALA C 881 37.75 64.14 0.08
CA ALA C 881 38.36 64.48 -1.21
C ALA C 881 37.86 65.82 -1.71
N GLY C 882 36.55 66.08 -1.57
CA GLY C 882 36.03 67.40 -1.91
C GLY C 882 36.39 68.48 -0.92
N LEU C 883 36.68 68.11 0.33
CA LEU C 883 37.14 69.09 1.31
C LEU C 883 38.51 69.63 0.94
N THR C 884 39.42 68.75 0.53
CA THR C 884 40.73 69.20 0.07
C THR C 884 40.62 70.06 -1.18
N CYS C 885 39.73 69.69 -2.11
CA CYS C 885 39.53 70.52 -3.29
C CYS C 885 38.91 71.86 -2.94
N ARG C 886 38.02 71.90 -1.94
CA ARG C 886 37.46 73.16 -1.46
C ARG C 886 38.49 73.98 -0.71
N LEU C 887 39.38 73.33 0.04
CA LEU C 887 40.44 74.05 0.75
C LEU C 887 41.37 74.77 -0.20
N ILE C 888 41.51 74.30 -1.44
CA ILE C 888 42.30 74.97 -2.47
C ILE C 888 41.35 75.85 -3.26
N PRO C 889 41.47 77.18 -3.18
CA PRO C 889 40.53 78.05 -3.91
C PRO C 889 40.57 77.89 -5.42
N ALA C 890 41.69 77.42 -5.99
CA ALA C 890 41.78 77.23 -7.43
C ALA C 890 40.98 76.04 -7.93
N THR C 891 40.46 75.21 -7.03
CA THR C 891 39.70 74.02 -7.40
C THR C 891 38.29 74.07 -6.82
N LEU C 892 37.63 75.22 -6.95
CA LEU C 892 36.26 75.35 -6.46
C LEU C 892 35.27 74.54 -7.28
N TYR C 893 35.47 74.41 -8.59
CA TYR C 893 34.62 73.59 -9.43
C TYR C 893 34.74 72.11 -9.05
N PRO C 894 35.95 71.58 -8.83
CA PRO C 894 36.03 70.25 -8.21
C PRO C 894 35.31 70.16 -6.89
N GLY C 895 35.40 71.20 -6.06
CA GLY C 895 34.59 71.22 -4.84
C GLY C 895 33.11 71.37 -5.11
N ARG C 896 32.74 71.87 -6.29
CA ARG C 896 31.34 71.96 -6.68
C ARG C 896 30.79 70.61 -7.12
N VAL C 897 31.64 69.72 -7.64
CA VAL C 897 31.16 68.49 -8.24
C VAL C 897 31.36 67.28 -7.32
N ILE C 898 32.46 67.27 -6.55
CA ILE C 898 32.77 66.10 -5.75
C ILE C 898 31.72 65.90 -4.65
N LEU C 899 31.34 66.98 -3.96
CA LEU C 899 30.30 66.85 -2.94
C LEU C 899 28.95 66.52 -3.54
N SER C 900 28.68 67.00 -4.76
CA SER C 900 27.44 66.65 -5.45
C SER C 900 27.37 65.15 -5.72
N LEU C 901 28.47 64.55 -6.16
CA LEU C 901 28.53 63.09 -6.27
C LEU C 901 28.49 62.39 -4.93
N ASP C 902 29.05 63.01 -3.88
CA ASP C 902 28.97 62.43 -2.54
C ASP C 902 27.54 62.43 -2.01
N PHE C 903 26.66 63.28 -2.54
CA PHE C 903 25.26 63.27 -2.15
C PHE C 903 24.61 61.93 -2.46
N ILE C 904 24.97 61.32 -3.59
CA ILE C 904 24.31 60.09 -4.04
C ILE C 904 24.68 58.88 -3.21
N LEU C 905 25.81 58.91 -2.50
CA LEU C 905 26.16 57.78 -1.64
C LEU C 905 25.32 57.72 -0.38
N PHE C 906 24.86 58.86 0.13
CA PHE C 906 24.07 58.85 1.35
C PHE C 906 22.67 58.27 1.12
N CYS C 907 22.09 58.46 -0.07
CA CYS C 907 20.76 57.91 -0.30
C CYS C 907 20.78 56.40 -0.51
N LEU C 908 21.83 55.87 -1.15
CA LEU C 908 21.97 54.41 -1.21
C LEU C 908 22.21 53.85 0.18
N ARG C 909 23.01 54.54 1.01
CA ARG C 909 23.12 54.17 2.42
C ARG C 909 21.77 54.24 3.11
N LEU C 910 20.92 55.19 2.73
CA LEU C 910 19.58 55.28 3.29
C LEU C 910 18.74 54.05 2.94
N MET C 911 18.77 53.64 1.67
CA MET C 911 18.07 52.41 1.28
C MET C 911 18.61 51.20 2.02
N HIS C 912 19.90 51.21 2.36
CA HIS C 912 20.42 50.19 3.27
C HIS C 912 19.76 50.30 4.65
N ILE C 913 19.49 51.52 5.12
CA ILE C 913 18.85 51.69 6.42
C ILE C 913 17.33 51.59 6.27
N PHE C 914 16.78 52.02 5.15
CA PHE C 914 15.33 52.09 4.93
C PHE C 914 14.76 50.74 4.52
N THR C 915 15.55 49.67 4.69
CA THR C 915 15.10 48.31 4.44
C THR C 915 14.28 47.80 5.63
N ILE C 916 13.10 48.41 5.80
CA ILE C 916 12.37 48.29 7.06
C ILE C 916 11.00 47.64 6.90
N SER C 917 10.37 47.79 5.75
CA SER C 917 8.99 47.38 5.57
C SER C 917 8.87 46.10 4.75
N LYS C 918 7.75 45.39 4.95
CA LYS C 918 7.52 44.14 4.25
C LYS C 918 7.39 44.34 2.74
N THR C 919 6.82 45.48 2.32
CA THR C 919 6.78 45.83 0.91
C THR C 919 8.08 46.45 0.44
N LEU C 920 9.01 46.72 1.36
CA LEU C 920 10.26 47.40 1.06
C LEU C 920 11.46 46.51 1.34
N GLY C 921 11.50 45.92 2.54
CA GLY C 921 12.63 45.16 3.01
C GLY C 921 13.06 44.00 2.12
N PRO C 922 12.18 42.99 1.97
CA PRO C 922 12.55 41.84 1.13
C PRO C 922 12.92 42.21 -0.28
N LYS C 923 12.35 43.28 -0.84
CA LYS C 923 12.67 43.68 -2.19
C LYS C 923 13.98 44.44 -2.28
N ILE C 924 14.52 44.92 -1.15
CA ILE C 924 15.90 45.36 -1.11
C ILE C 924 16.85 44.20 -0.83
N ILE C 925 16.38 43.16 -0.13
CA ILE C 925 17.11 41.90 -0.14
C ILE C 925 17.21 41.35 -1.56
N ILE C 926 16.21 41.65 -2.40
CA ILE C 926 16.30 41.29 -3.81
C ILE C 926 17.43 42.07 -4.50
N VAL C 927 17.53 43.38 -4.25
CA VAL C 927 18.58 44.16 -4.91
C VAL C 927 19.96 43.82 -4.38
N LYS C 928 20.03 43.09 -3.26
CA LYS C 928 21.30 42.46 -2.91
C LYS C 928 21.78 41.50 -3.99
N ARG C 929 20.88 40.93 -4.78
CA ARG C 929 21.24 40.10 -5.92
C ARG C 929 21.60 40.90 -7.16
N MET C 930 21.22 42.18 -7.23
CA MET C 930 21.51 42.99 -8.40
C MET C 930 22.66 43.98 -8.26
N MET C 931 23.11 44.31 -7.05
CA MET C 931 24.14 45.34 -6.92
C MET C 931 25.35 45.04 -7.81
N LYS C 932 25.81 43.79 -7.82
CA LYS C 932 26.81 43.38 -8.80
C LYS C 932 26.21 43.15 -10.18
N ASP C 933 24.98 42.63 -10.24
CA ASP C 933 24.27 42.50 -11.50
C ASP C 933 23.95 43.85 -12.12
N VAL C 934 23.82 44.90 -11.29
CA VAL C 934 23.74 46.27 -11.79
C VAL C 934 24.97 46.59 -12.63
N PHE C 935 26.17 46.28 -12.12
CA PHE C 935 27.38 46.57 -12.87
C PHE C 935 27.45 45.73 -14.14
N PHE C 936 27.04 44.45 -14.06
CA PHE C 936 27.07 43.59 -15.24
C PHE C 936 26.18 44.15 -16.34
N PHE C 937 24.98 44.61 -15.99
CA PHE C 937 24.13 45.19 -17.00
C PHE C 937 24.57 46.60 -17.41
N LEU C 938 25.37 47.28 -16.59
CA LEU C 938 26.05 48.48 -17.07
C LEU C 938 26.95 48.18 -18.27
N PHE C 939 27.98 47.36 -18.08
CA PHE C 939 28.90 47.19 -19.20
C PHE C 939 28.34 46.22 -20.23
N LEU C 940 27.14 45.70 -20.01
CA LEU C 940 26.40 45.07 -21.11
C LEU C 940 25.70 46.12 -21.96
N LEU C 941 24.74 46.84 -21.37
CA LEU C 941 23.93 47.82 -22.10
C LEU C 941 24.75 49.02 -22.59
N ALA C 942 25.62 49.57 -21.75
CA ALA C 942 26.40 50.75 -22.15
C ALA C 942 27.41 50.44 -23.24
N VAL C 943 28.11 49.30 -23.16
CA VAL C 943 29.03 48.96 -24.23
C VAL C 943 28.27 48.65 -25.51
N TRP C 944 27.10 48.03 -25.41
CA TRP C 944 26.25 47.85 -26.59
C TRP C 944 25.67 49.18 -27.09
N VAL C 945 25.57 50.20 -26.24
CA VAL C 945 25.24 51.53 -26.73
C VAL C 945 26.28 52.00 -27.74
N VAL C 946 27.54 51.66 -27.50
CA VAL C 946 28.64 52.11 -28.35
C VAL C 946 28.52 51.60 -29.78
N SER C 947 28.04 50.36 -29.97
CA SER C 947 27.98 49.79 -31.31
C SER C 947 27.01 50.53 -32.22
N PHE C 948 26.15 51.39 -31.67
CA PHE C 948 25.27 52.23 -32.46
C PHE C 948 25.58 53.71 -32.35
N GLY C 949 26.15 54.16 -31.22
CA GLY C 949 26.48 55.57 -31.08
C GLY C 949 27.51 56.02 -32.09
N VAL C 950 28.49 55.17 -32.40
CA VAL C 950 29.46 55.49 -33.43
C VAL C 950 28.87 55.30 -34.82
N ALA C 951 28.07 54.26 -35.00
CA ALA C 951 27.51 53.95 -36.31
C ALA C 951 26.47 54.96 -36.77
N LYS C 952 25.80 55.66 -35.85
CA LYS C 952 24.77 56.62 -36.25
C LYS C 952 25.39 57.83 -36.93
N GLN C 953 26.50 58.34 -36.42
CA GLN C 953 27.16 59.52 -36.97
C GLN C 953 28.12 59.17 -38.11
N ALA C 954 28.28 57.88 -38.42
CA ALA C 954 29.25 57.48 -39.43
C ALA C 954 28.85 57.93 -40.83
N ILE C 955 27.57 57.80 -41.16
CA ILE C 955 27.12 58.06 -42.53
C ILE C 955 26.63 59.49 -42.71
N LEU C 956 25.79 59.99 -41.80
CA LEU C 956 25.31 61.36 -41.91
C LEU C 956 26.46 62.34 -41.69
N ILE C 957 26.42 63.45 -42.43
CA ILE C 957 27.50 64.44 -42.40
C ILE C 957 27.19 65.41 -41.26
N HIS C 958 27.95 65.30 -40.17
CA HIS C 958 27.81 66.18 -39.03
C HIS C 958 29.06 67.05 -38.88
N ASN C 959 28.85 68.30 -38.46
CA ASN C 959 29.96 69.25 -38.36
C ASN C 959 29.96 70.04 -37.07
N GLU C 960 29.26 69.57 -36.03
CA GLU C 960 29.24 70.23 -34.74
C GLU C 960 30.38 69.68 -33.89
N ARG C 961 31.43 70.48 -33.70
CA ARG C 961 32.60 70.02 -32.96
C ARG C 961 33.37 71.21 -32.39
N ARG C 962 33.90 71.02 -31.18
CA ARG C 962 34.93 71.87 -30.60
C ARG C 962 35.64 71.04 -29.54
N VAL C 963 36.58 71.65 -28.83
CA VAL C 963 37.38 70.93 -27.84
C VAL C 963 36.47 70.40 -26.75
N ASP C 964 36.34 69.07 -26.67
CA ASP C 964 35.56 68.37 -25.64
C ASP C 964 34.07 68.60 -25.79
N TRP C 965 33.64 69.26 -26.87
CA TRP C 965 32.26 69.20 -27.31
C TRP C 965 32.10 68.48 -28.64
N LEU C 966 33.20 68.14 -29.31
CA LEU C 966 33.13 67.18 -30.40
C LEU C 966 32.61 65.84 -29.91
N PHE C 967 32.99 65.46 -28.68
CA PHE C 967 32.41 64.29 -28.05
C PHE C 967 30.90 64.41 -27.90
N ARG C 968 30.40 65.64 -27.67
CA ARG C 968 28.96 65.83 -27.49
C ARG C 968 28.19 65.45 -28.74
N GLY C 969 28.58 66.01 -29.89
CA GLY C 969 27.85 65.79 -31.12
C GLY C 969 28.01 64.41 -31.73
N ALA C 970 28.81 63.54 -31.11
CA ALA C 970 29.01 62.20 -31.63
C ALA C 970 28.52 61.13 -30.65
N VAL C 971 28.55 61.44 -29.36
CA VAL C 971 28.18 60.48 -28.32
C VAL C 971 27.01 60.99 -27.48
N TYR C 972 27.05 62.24 -27.05
CA TYR C 972 25.98 62.77 -26.22
C TYR C 972 24.65 62.81 -26.96
N HIS C 973 24.67 63.14 -28.24
CA HIS C 973 23.47 63.15 -29.07
C HIS C 973 23.09 61.76 -29.57
N SER C 974 23.64 60.71 -28.96
CA SER C 974 23.31 59.33 -29.30
C SER C 974 22.49 58.63 -28.24
N TYR C 975 22.91 58.69 -26.97
CA TYR C 975 22.12 58.09 -25.90
C TYR C 975 20.85 58.89 -25.63
N LEU C 976 20.89 60.21 -25.82
CA LEU C 976 19.69 61.02 -25.64
C LEU C 976 18.62 60.66 -26.66
N THR C 977 19.01 60.13 -27.82
CA THR C 977 18.03 59.69 -28.81
C THR C 977 17.30 58.43 -28.40
N ILE C 978 17.86 57.65 -27.48
CA ILE C 978 17.22 56.42 -27.04
C ILE C 978 15.98 56.74 -26.21
N PHE C 979 16.06 57.76 -25.36
CA PHE C 979 15.01 58.05 -24.40
C PHE C 979 14.17 59.27 -24.75
N GLY C 980 14.29 59.80 -25.97
CA GLY C 980 13.36 60.82 -26.41
C GLY C 980 13.94 62.02 -27.13
N GLN C 981 15.14 62.45 -26.74
CA GLN C 981 15.73 63.63 -27.36
C GLN C 981 16.47 63.25 -28.64
N ILE C 982 15.79 63.33 -29.78
CA ILE C 982 16.35 62.93 -31.07
C ILE C 982 16.42 64.18 -31.95
N PRO C 983 17.61 64.62 -32.38
CA PRO C 983 17.67 65.70 -33.37
C PRO C 983 17.30 65.21 -34.76
N GLY C 984 16.01 64.89 -34.96
CA GLY C 984 15.55 64.36 -36.23
C GLY C 984 15.72 65.32 -37.39
N TYR C 985 15.61 66.62 -37.14
CA TYR C 985 15.84 67.61 -38.19
C TYR C 985 17.32 67.81 -38.49
N ILE C 986 18.20 67.21 -37.70
CA ILE C 986 19.65 67.30 -37.92
C ILE C 986 20.22 65.96 -38.37
N ASP C 987 19.82 64.87 -37.73
CA ASP C 987 20.31 63.55 -38.10
C ASP C 987 19.82 63.11 -39.47
N GLY C 988 18.74 63.71 -39.98
CA GLY C 988 18.21 63.35 -41.28
C GLY C 988 19.02 63.92 -42.42
N PHE C 1020 19.85 60.95 -49.89
CA PHE C 1020 20.03 59.55 -50.29
C PHE C 1020 20.17 58.58 -49.11
N PRO C 1021 21.06 58.88 -48.09
CA PRO C 1021 21.23 57.98 -46.94
C PRO C 1021 20.10 58.08 -45.92
N GLU C 1022 18.86 57.98 -46.39
CA GLU C 1022 17.69 58.00 -45.51
C GLU C 1022 17.08 56.63 -45.30
N TRP C 1023 17.00 55.81 -46.35
CA TRP C 1023 16.50 54.45 -46.18
C TRP C 1023 17.40 53.64 -45.26
N LEU C 1024 18.72 53.77 -45.41
CA LEU C 1024 19.65 53.10 -44.51
C LEU C 1024 19.54 53.61 -43.09
N THR C 1025 19.27 54.92 -42.91
CA THR C 1025 19.09 55.46 -41.57
C THR C 1025 17.85 54.88 -40.91
N VAL C 1026 16.77 54.71 -41.67
CA VAL C 1026 15.57 54.05 -41.14
C VAL C 1026 15.86 52.59 -40.81
N LEU C 1027 16.55 51.90 -41.72
CA LEU C 1027 16.82 50.48 -41.53
C LEU C 1027 17.67 50.23 -40.29
N LEU C 1028 18.75 51.00 -40.13
CA LEU C 1028 19.63 50.80 -38.97
C LEU C 1028 18.95 51.14 -37.66
N LEU C 1029 18.17 52.22 -37.61
CA LEU C 1029 17.45 52.56 -36.39
C LEU C 1029 16.39 51.52 -36.05
N CYS C 1030 15.75 50.91 -37.05
CA CYS C 1030 14.85 49.79 -36.80
C CYS C 1030 15.62 48.54 -36.39
N LEU C 1031 16.80 48.32 -36.99
CA LEU C 1031 17.60 47.13 -36.71
C LEU C 1031 18.11 47.10 -35.28
N TYR C 1032 18.62 48.23 -34.80
CA TYR C 1032 19.37 48.22 -33.54
C TYR C 1032 18.45 48.25 -32.33
N LEU C 1033 17.38 49.04 -32.38
CA LEU C 1033 16.48 49.15 -31.24
C LEU C 1033 15.73 47.85 -30.95
N LEU C 1034 15.63 46.94 -31.92
CA LEU C 1034 15.10 45.63 -31.62
C LEU C 1034 16.03 44.84 -30.71
N PHE C 1035 17.33 45.12 -30.77
CA PHE C 1035 18.29 44.41 -29.93
C PHE C 1035 18.31 44.93 -28.51
N THR C 1036 17.94 46.19 -28.30
CA THR C 1036 17.90 46.74 -26.95
C THR C 1036 16.51 46.60 -26.32
N ASN C 1037 15.50 47.24 -26.91
CA ASN C 1037 14.17 47.30 -26.30
C ASN C 1037 13.46 45.96 -26.28
N ILE C 1038 13.94 44.96 -27.02
CA ILE C 1038 13.38 43.63 -27.02
C ILE C 1038 14.27 42.65 -26.27
N LEU C 1039 15.49 42.42 -26.75
CA LEU C 1039 16.38 41.50 -26.06
C LEU C 1039 16.73 42.03 -24.66
N LEU C 1040 17.45 43.15 -24.60
CA LEU C 1040 18.09 43.55 -23.35
C LEU C 1040 17.11 44.16 -22.35
N LEU C 1041 15.85 44.39 -22.73
CA LEU C 1041 14.82 44.85 -21.82
C LEU C 1041 13.77 43.77 -21.58
N ASN C 1042 13.15 43.29 -22.65
CA ASN C 1042 12.04 42.36 -22.52
C ASN C 1042 12.49 40.95 -22.15
N LEU C 1043 13.69 40.53 -22.54
CA LEU C 1043 14.22 39.28 -22.01
C LEU C 1043 14.81 39.46 -20.63
N LEU C 1044 15.23 40.67 -20.30
CA LEU C 1044 15.58 40.99 -18.92
C LEU C 1044 14.36 40.88 -18.01
N ILE C 1045 13.17 41.07 -18.58
CA ILE C 1045 11.94 40.75 -17.85
C ILE C 1045 11.92 39.30 -17.43
N ALA C 1046 12.30 38.39 -18.33
CA ALA C 1046 12.40 36.98 -18.01
C ALA C 1046 13.52 36.70 -17.01
N MET C 1047 14.66 37.38 -17.13
CA MET C 1047 15.72 37.22 -16.15
C MET C 1047 15.36 37.76 -14.78
N PHE C 1048 14.26 38.51 -14.67
CA PHE C 1048 13.81 39.03 -13.39
C PHE C 1048 12.65 38.26 -12.76
N ASN C 1049 11.66 37.83 -13.53
CA ASN C 1049 10.50 37.17 -12.92
C ASN C 1049 10.90 35.88 -12.23
N TYR C 1050 11.69 35.03 -12.90
CA TYR C 1050 12.06 33.75 -12.32
C TYR C 1050 12.98 33.94 -11.11
N THR C 1051 13.90 34.90 -11.18
CA THR C 1051 14.74 35.20 -10.03
C THR C 1051 13.93 35.70 -8.84
N PHE C 1052 12.83 36.43 -9.10
CA PHE C 1052 11.95 36.81 -8.01
C PHE C 1052 11.25 35.59 -7.41
N GLN C 1053 10.81 34.66 -8.26
CA GLN C 1053 10.03 33.52 -7.80
C GLN C 1053 10.89 32.37 -7.27
N GLN C 1054 12.21 32.42 -7.44
CA GLN C 1054 13.04 31.28 -7.05
C GLN C 1054 13.60 31.44 -5.65
N VAL C 1055 13.91 32.67 -5.24
CA VAL C 1055 14.65 32.90 -4.01
C VAL C 1055 13.77 33.70 -3.05
N GLN C 1056 12.50 33.86 -3.41
CA GLN C 1056 11.56 34.55 -2.54
C GLN C 1056 11.39 33.83 -1.21
N GLU C 1057 11.33 32.49 -1.24
CA GLU C 1057 11.30 31.70 -0.01
C GLU C 1057 12.62 31.78 0.74
N HIS C 1058 13.62 32.44 0.16
CA HIS C 1058 14.77 32.86 0.96
C HIS C 1058 14.66 34.33 1.34
N THR C 1059 14.55 35.22 0.34
CA THR C 1059 14.66 36.66 0.58
C THR C 1059 13.65 37.18 1.59
N ASP C 1060 12.50 36.52 1.76
CA ASP C 1060 11.55 36.99 2.76
C ASP C 1060 12.02 36.66 4.18
N GLN C 1061 12.36 35.39 4.42
CA GLN C 1061 12.76 34.95 5.75
C GLN C 1061 14.17 35.41 6.12
N ILE C 1062 15.07 35.55 5.15
CA ILE C 1062 16.38 36.10 5.51
C ILE C 1062 16.26 37.58 5.83
N TRP C 1063 15.24 38.27 5.28
CA TRP C 1063 14.97 39.63 5.74
C TRP C 1063 14.36 39.62 7.13
N LYS C 1064 13.50 38.63 7.43
CA LYS C 1064 13.10 38.41 8.81
C LYS C 1064 14.29 38.19 9.72
N PHE C 1065 15.38 37.63 9.19
CA PHE C 1065 16.63 37.51 9.94
C PHE C 1065 17.33 38.84 10.14
N GLN C 1066 17.66 39.56 9.06
CA GLN C 1066 18.45 40.78 9.13
C GLN C 1066 17.66 41.97 9.64
N ARG C 1067 16.33 41.86 9.79
CA ARG C 1067 15.58 42.99 10.35
C ARG C 1067 15.99 43.22 11.80
N HIS C 1068 16.41 42.16 12.48
CA HIS C 1068 16.83 42.27 13.87
C HIS C 1068 17.97 43.24 14.07
N ASP C 1069 18.87 43.40 13.09
CA ASP C 1069 20.04 44.25 13.27
C ASP C 1069 19.63 45.69 13.61
N LEU C 1070 18.67 46.23 12.87
CA LEU C 1070 18.13 47.54 13.20
C LEU C 1070 17.45 47.53 14.57
N ILE C 1071 16.83 46.41 14.95
CA ILE C 1071 16.14 46.35 16.23
C ILE C 1071 17.11 46.36 17.40
N GLU C 1072 18.25 45.67 17.28
CA GLU C 1072 19.27 45.78 18.33
C GLU C 1072 19.89 47.17 18.34
N GLU C 1073 20.10 47.76 17.17
CA GLU C 1073 20.72 49.08 17.11
C GLU C 1073 19.86 50.13 17.78
N TYR C 1074 18.54 50.06 17.61
CA TYR C 1074 17.63 50.96 18.28
C TYR C 1074 17.21 50.45 19.65
N HIS C 1075 17.53 49.20 19.97
CA HIS C 1075 17.56 48.73 21.35
C HIS C 1075 18.95 48.87 21.94
N GLY C 1076 19.86 49.51 21.20
CA GLY C 1076 21.16 49.88 21.73
C GLY C 1076 21.42 51.35 21.51
N ARG C 1077 20.35 52.15 21.53
CA ARG C 1077 20.41 53.57 21.23
C ARG C 1077 19.69 54.36 22.32
N PRO C 1078 20.19 55.51 22.73
CA PRO C 1078 19.44 56.37 23.64
C PRO C 1078 18.30 57.07 22.91
N ALA C 1079 17.52 57.83 23.68
CA ALA C 1079 16.35 58.52 23.17
C ALA C 1079 16.65 59.96 22.73
N ALA C 1080 17.91 60.28 22.49
CA ALA C 1080 18.20 61.66 22.09
C ALA C 1080 18.31 61.78 20.57
N PRO C 1081 17.72 62.82 19.99
CA PRO C 1081 17.83 63.04 18.55
C PRO C 1081 19.24 63.46 18.17
N PRO C 1082 19.63 63.28 16.92
CA PRO C 1082 21.00 63.64 16.50
C PRO C 1082 21.33 65.10 16.77
N PRO C 1083 20.35 66.03 16.68
CA PRO C 1083 20.62 67.39 17.17
C PRO C 1083 21.07 67.40 18.63
N PHE C 1084 20.46 66.55 19.46
CA PHE C 1084 20.79 66.47 20.88
C PHE C 1084 21.60 65.22 21.23
N ILE C 1085 21.99 64.42 20.23
CA ILE C 1085 22.73 63.19 20.51
C ILE C 1085 24.14 63.46 20.99
N LEU C 1086 24.66 64.67 20.78
CA LEU C 1086 25.93 65.06 21.38
C LEU C 1086 25.83 65.14 22.90
N LEU C 1087 24.65 65.47 23.43
CA LEU C 1087 24.44 65.43 24.88
C LEU C 1087 24.58 64.01 25.40
N SER C 1088 24.01 63.04 24.69
CA SER C 1088 24.18 61.64 25.05
C SER C 1088 25.62 61.16 24.83
N HIS C 1089 26.31 61.71 23.83
CA HIS C 1089 27.73 61.41 23.66
C HIS C 1089 28.52 61.87 24.87
N LEU C 1090 28.35 63.14 25.25
CA LEU C 1090 29.00 63.66 26.44
C LEU C 1090 28.50 63.03 27.73
N GLN C 1091 27.32 62.41 27.71
CA GLN C 1091 26.83 61.70 28.88
C GLN C 1091 27.74 60.53 29.25
N LEU C 1092 28.21 59.79 28.25
CA LEU C 1092 29.20 58.74 28.51
C LEU C 1092 30.63 59.29 28.54
N PHE C 1093 30.89 60.41 27.87
CA PHE C 1093 32.20 61.04 27.96
C PHE C 1093 32.51 61.52 29.36
N ILE C 1094 31.51 62.09 30.05
CA ILE C 1094 31.70 62.48 31.45
C ILE C 1094 31.52 61.29 32.38
N LYS C 1095 31.01 60.18 31.89
CA LYS C 1095 30.87 58.98 32.70
C LYS C 1095 32.12 58.09 32.69
N ARG C 1096 32.93 58.17 31.64
CA ARG C 1096 34.16 57.39 31.57
C ARG C 1096 35.29 58.01 32.38
N VAL C 1097 35.21 59.30 32.69
CA VAL C 1097 36.21 59.94 33.54
C VAL C 1097 35.94 59.73 35.02
N VAL C 1098 34.73 59.29 35.39
CA VAL C 1098 34.43 58.92 36.77
C VAL C 1098 34.20 57.42 36.92
N LEU C 1099 33.89 56.72 35.84
CA LEU C 1099 33.77 55.25 35.84
C LEU C 1099 34.54 54.73 34.64
N LYS C 1100 35.78 54.27 34.88
CA LYS C 1100 36.64 53.79 33.80
C LYS C 1100 36.45 52.30 33.56
N THR C 1101 35.21 51.94 33.19
CA THR C 1101 34.88 50.55 32.89
C THR C 1101 33.66 50.50 32.00
N PRO C 1102 33.62 49.59 31.01
CA PRO C 1102 32.44 49.42 30.16
C PRO C 1102 31.44 48.41 30.74
N ALA C 1103 31.10 48.58 32.02
CA ALA C 1103 30.18 47.69 32.72
C ALA C 1103 29.19 48.50 33.53
N LYS C 1104 28.72 49.63 32.98
CA LYS C 1104 27.75 50.47 33.66
C LYS C 1104 26.32 49.99 33.41
N ARG C 1105 25.92 49.95 32.14
CA ARG C 1105 24.61 49.46 31.76
C ARG C 1105 24.74 48.59 30.52
N HIS C 1106 23.90 47.56 30.44
CA HIS C 1106 23.78 46.72 29.25
C HIS C 1106 22.38 46.99 28.69
N LYS C 1107 22.24 48.06 27.92
CA LYS C 1107 20.94 48.47 27.43
C LYS C 1107 20.54 47.47 26.35
N GLN C 1108 19.99 46.34 26.79
CA GLN C 1108 19.86 45.14 25.97
C GLN C 1108 18.72 44.29 26.53
N LEU C 1109 18.70 43.02 26.16
CA LEU C 1109 17.68 42.08 26.67
C LEU C 1109 17.73 42.04 28.21
N LYS C 1110 18.88 41.66 28.77
CA LYS C 1110 19.17 41.69 30.20
C LYS C 1110 18.03 41.23 31.10
N ASN C 1111 17.35 40.16 30.74
CA ASN C 1111 16.21 39.69 31.52
C ASN C 1111 16.69 38.90 32.74
N LYS C 1112 16.24 39.30 33.92
CA LYS C 1112 16.52 38.57 35.14
C LYS C 1112 15.37 37.60 35.43
N LEU C 1113 15.71 36.36 35.74
CA LEU C 1113 14.74 35.31 36.02
C LEU C 1113 15.12 34.63 37.32
N GLU C 1114 14.16 34.50 38.23
CA GLU C 1114 14.41 33.83 39.50
C GLU C 1114 14.41 32.32 39.31
N LYS C 1115 15.09 31.62 40.22
CA LYS C 1115 15.14 30.16 40.15
C LYS C 1115 13.76 29.55 40.31
N ASN C 1116 12.98 30.03 41.28
CA ASN C 1116 11.73 29.37 41.61
C ASN C 1116 10.67 29.59 40.55
N GLU C 1117 10.50 30.81 40.06
CA GLU C 1117 9.57 31.06 38.98
C GLU C 1117 9.99 30.36 37.70
N GLU C 1118 11.29 30.17 37.49
CA GLU C 1118 11.76 29.38 36.35
C GLU C 1118 11.45 27.90 36.56
N ALA C 1119 11.37 27.44 37.81
CA ALA C 1119 11.00 26.05 38.07
C ALA C 1119 9.57 25.76 37.65
N ALA C 1120 8.64 26.65 38.01
CA ALA C 1120 7.24 26.47 37.60
C ALA C 1120 7.10 26.50 36.09
N LEU C 1121 8.08 27.07 35.39
CA LEU C 1121 8.13 26.96 33.94
C LEU C 1121 8.76 25.64 33.52
N LEU C 1122 9.97 25.35 34.02
CA LEU C 1122 10.74 24.25 33.47
C LEU C 1122 9.94 22.96 33.46
N SER C 1123 9.24 22.67 34.55
CA SER C 1123 8.34 21.52 34.55
C SER C 1123 7.37 21.60 33.38
N TRP C 1124 6.93 22.81 33.03
CA TRP C 1124 5.87 22.91 32.04
C TRP C 1124 6.36 22.66 30.62
N GLU C 1125 7.52 23.20 30.19
CA GLU C 1125 7.90 22.88 28.80
C GLU C 1125 8.55 21.52 28.69
N ILE C 1126 8.96 20.89 29.80
CA ILE C 1126 9.31 19.48 29.70
C ILE C 1126 8.05 18.62 29.54
N TYR C 1127 6.98 18.96 30.26
CA TYR C 1127 5.69 18.34 29.96
C TYR C 1127 5.30 18.56 28.51
N LEU C 1128 5.42 19.81 28.04
CA LEU C 1128 5.14 20.13 26.65
C LEU C 1128 6.08 19.43 25.68
N LYS C 1129 7.35 19.23 26.07
CA LYS C 1129 8.30 18.56 25.18
C LYS C 1129 7.92 17.11 24.96
N GLU C 1130 7.70 16.36 26.05
CA GLU C 1130 7.32 14.97 25.85
C GLU C 1130 5.91 14.87 25.29
N ASN C 1131 5.03 15.80 25.64
CA ASN C 1131 3.74 15.88 24.95
C ASN C 1131 3.92 16.07 23.45
N TYR C 1132 4.76 17.03 23.06
CA TYR C 1132 4.90 17.33 21.63
C TYR C 1132 5.61 16.21 20.90
N LEU C 1133 6.64 15.60 21.50
CA LEU C 1133 7.31 14.50 20.83
C LEU C 1133 6.41 13.29 20.75
N GLN C 1134 5.52 13.09 21.73
CA GLN C 1134 4.50 12.06 21.60
C GLN C 1134 3.60 12.35 20.41
N ASN C 1135 3.17 13.61 20.26
CA ASN C 1135 2.37 13.97 19.10
C ASN C 1135 3.18 13.92 17.81
N ARG C 1136 4.48 14.23 17.88
CA ARG C 1136 5.30 14.23 16.68
C ARG C 1136 5.51 12.81 16.16
N GLN C 1137 5.83 11.87 17.05
CA GLN C 1137 5.88 10.47 16.64
C GLN C 1137 4.49 9.96 16.29
N PHE C 1138 3.44 10.59 16.84
CA PHE C 1138 2.08 10.23 16.46
C PHE C 1138 1.81 10.59 15.01
N GLN C 1139 2.13 11.82 14.61
CA GLN C 1139 1.97 12.20 13.21
C GLN C 1139 2.92 11.44 12.30
N GLN C 1140 4.12 11.10 12.80
CA GLN C 1140 4.99 10.19 12.06
C GLN C 1140 4.32 8.83 11.89
N LYS C 1141 3.65 8.36 12.94
CA LYS C 1141 2.86 7.14 12.83
C LYS C 1141 1.69 7.30 11.88
N GLN C 1142 1.28 8.54 11.59
CA GLN C 1142 0.22 8.79 10.63
C GLN C 1142 0.71 8.81 9.19
N ARG C 1143 2.01 8.69 8.95
CA ARG C 1143 2.48 8.63 7.57
C ARG C 1143 2.17 7.24 7.00
N PRO C 1144 1.35 7.17 5.94
CA PRO C 1144 0.76 5.88 5.53
C PRO C 1144 1.76 4.84 5.05
N GLU C 1145 2.99 5.22 4.72
CA GLU C 1145 3.94 4.25 4.20
C GLU C 1145 4.39 3.26 5.27
N GLN C 1146 4.37 3.63 6.55
CA GLN C 1146 4.50 2.63 7.60
C GLN C 1146 3.33 1.66 7.56
N LYS C 1147 2.12 2.19 7.35
CA LYS C 1147 0.96 1.32 7.17
C LYS C 1147 1.02 0.55 5.87
N ILE C 1148 1.96 0.86 4.98
CA ILE C 1148 2.23 -0.01 3.84
C ILE C 1148 3.14 -1.17 4.26
N GLU C 1149 4.24 -0.86 4.95
CA GLU C 1149 5.24 -1.86 5.31
C GLU C 1149 4.94 -2.61 6.59
N ASP C 1150 3.98 -2.16 7.39
CA ASP C 1150 3.60 -2.92 8.58
C ASP C 1150 2.99 -4.25 8.22
N ILE C 1151 2.07 -4.27 7.25
CA ILE C 1151 1.53 -5.55 6.79
C ILE C 1151 2.67 -6.46 6.36
N SER C 1152 3.71 -5.90 5.76
CA SER C 1152 4.90 -6.69 5.45
C SER C 1152 5.49 -7.33 6.71
N ASN C 1153 5.58 -6.57 7.81
CA ASN C 1153 6.17 -7.12 9.03
C ASN C 1153 5.32 -8.26 9.61
N LYS C 1154 4.01 -8.05 9.79
CA LYS C 1154 3.15 -9.14 10.24
C LYS C 1154 3.07 -10.29 9.24
N VAL C 1155 2.85 -10.02 7.94
CA VAL C 1155 2.79 -11.17 7.05
C VAL C 1155 4.12 -11.92 7.04
N ASP C 1156 5.21 -11.24 7.40
CA ASP C 1156 6.46 -11.94 7.68
C ASP C 1156 6.39 -12.74 8.98
N ALA C 1157 5.45 -12.42 9.87
CA ALA C 1157 5.24 -13.29 11.02
C ALA C 1157 4.25 -14.42 10.73
N MET C 1158 3.47 -14.32 9.64
CA MET C 1158 2.64 -15.43 9.15
C MET C 1158 3.33 -16.33 8.13
N VAL C 1159 4.45 -15.92 7.54
CA VAL C 1159 5.17 -16.81 6.63
C VAL C 1159 5.76 -17.98 7.42
N ASP C 1160 6.21 -17.72 8.64
CA ASP C 1160 6.76 -18.77 9.48
C ASP C 1160 5.74 -19.35 10.45
N LEU C 1161 4.53 -18.77 10.52
CA LEU C 1161 3.56 -19.21 11.51
C LEU C 1161 2.97 -20.58 11.20
N LEU C 1162 2.91 -20.97 9.93
CA LEU C 1162 2.38 -22.26 9.52
C LEU C 1162 3.50 -23.27 9.24
N ASP C 1163 4.59 -23.20 9.99
CA ASP C 1163 5.71 -24.13 9.87
C ASP C 1163 5.92 -24.86 11.18
N LEU C 1164 4.81 -25.21 11.84
CA LEU C 1164 4.86 -25.93 13.11
C LEU C 1164 4.28 -27.34 13.00
N ASP C 1165 3.88 -27.77 11.82
CA ASP C 1165 3.36 -29.12 11.62
C ASP C 1165 4.01 -29.78 10.41
N GLY C 1235 21.00 -39.59 34.18
CA GLY C 1235 22.42 -39.68 34.45
C GLY C 1235 22.78 -40.75 35.46
N ASP C 1236 24.05 -40.79 35.84
CA ASP C 1236 24.55 -41.77 36.81
C ASP C 1236 25.25 -41.04 37.94
N SER C 1237 25.23 -41.65 39.12
CA SER C 1237 25.83 -41.09 40.33
C SER C 1237 26.93 -42.04 40.80
N TYR C 1238 28.13 -41.87 40.24
CA TYR C 1238 29.31 -42.59 40.65
C TYR C 1238 30.42 -41.59 41.00
N HIS C 1239 31.56 -42.12 41.44
CA HIS C 1239 32.70 -41.27 41.73
C HIS C 1239 33.19 -40.62 40.44
N VAL C 1240 32.99 -39.31 40.33
CA VAL C 1240 33.30 -38.57 39.12
C VAL C 1240 34.54 -37.70 39.24
N ASN C 1241 35.46 -38.02 40.15
CA ASN C 1241 36.70 -37.27 40.30
C ASN C 1241 37.93 -38.17 40.22
N ALA C 1242 37.85 -39.37 40.79
CA ALA C 1242 38.98 -40.29 40.72
C ALA C 1242 39.20 -40.78 39.29
N ARG C 1243 38.13 -41.03 38.55
CA ARG C 1243 38.22 -41.52 37.17
C ARG C 1243 38.43 -40.34 36.22
N HIS C 1244 39.61 -39.74 36.31
CA HIS C 1244 40.00 -38.65 35.44
C HIS C 1244 41.45 -38.83 35.01
N LEU C 1245 41.78 -38.24 33.86
CA LEU C 1245 43.13 -38.32 33.33
C LEU C 1245 44.09 -37.51 34.19
N LEU C 1246 45.39 -37.74 33.99
CA LEU C 1246 46.45 -36.93 34.59
C LEU C 1246 46.34 -36.86 36.11
N TYR C 1247 46.57 -37.99 36.78
CA TYR C 1247 46.61 -38.08 38.23
C TYR C 1247 47.41 -36.91 38.79
N PRO C 1248 46.85 -36.13 39.75
CA PRO C 1248 47.49 -34.87 40.18
C PRO C 1248 48.97 -34.98 40.50
N ASN C 1249 49.75 -34.05 39.93
CA ASN C 1249 51.19 -33.96 40.17
C ASN C 1249 51.93 -35.24 39.79
N CYS C 1250 51.59 -35.82 38.65
CA CYS C 1250 52.31 -36.99 38.15
C CYS C 1250 52.06 -37.19 36.67
N PRO C 1251 53.11 -37.29 35.86
CA PRO C 1251 52.93 -37.54 34.43
C PRO C 1251 52.50 -38.98 34.12
N VAL C 1252 51.31 -39.37 34.57
CA VAL C 1252 50.83 -40.72 34.34
C VAL C 1252 49.41 -40.62 33.79
N THR C 1253 48.90 -41.72 33.22
CA THR C 1253 47.54 -41.77 32.72
C THR C 1253 46.84 -42.97 33.36
N ARG C 1254 45.52 -42.92 33.37
CA ARG C 1254 44.70 -44.01 33.88
C ARG C 1254 43.98 -44.67 32.72
N PHE C 1255 43.84 -45.99 32.79
CA PHE C 1255 43.07 -46.70 31.77
C PHE C 1255 41.61 -46.26 31.86
N PRO C 1256 41.03 -45.75 30.77
CA PRO C 1256 39.68 -45.16 30.85
C PRO C 1256 38.63 -46.16 31.31
N VAL C 1257 37.87 -45.76 32.33
CA VAL C 1257 36.80 -46.60 32.86
C VAL C 1257 35.48 -45.83 32.75
N PRO C 1258 34.70 -46.04 31.70
CA PRO C 1258 33.40 -45.37 31.60
C PRO C 1258 32.47 -45.80 32.73
N ASN C 1259 31.37 -45.06 32.87
CA ASN C 1259 30.42 -45.22 33.97
C ASN C 1259 29.84 -46.63 34.01
N GLU C 1260 29.76 -47.29 32.86
CA GLU C 1260 29.13 -48.61 32.77
C GLU C 1260 29.89 -49.67 33.57
N LYS C 1261 31.22 -49.67 33.48
CA LYS C 1261 32.02 -50.73 34.08
C LYS C 1261 32.74 -50.30 35.36
N VAL C 1262 32.27 -49.23 36.00
CA VAL C 1262 32.86 -48.79 37.27
C VAL C 1262 32.70 -49.81 38.39
N PRO C 1263 31.60 -50.56 38.52
CA PRO C 1263 31.51 -51.49 39.67
C PRO C 1263 32.50 -52.63 39.54
N TRP C 1264 32.78 -53.25 40.69
CA TRP C 1264 33.80 -54.28 40.78
C TRP C 1264 33.29 -55.66 40.39
N GLU C 1265 32.05 -55.75 39.89
CA GLU C 1265 31.52 -57.03 39.41
C GLU C 1265 31.39 -57.09 37.89
N THR C 1266 31.40 -55.96 37.19
CA THR C 1266 31.37 -55.99 35.73
C THR C 1266 32.66 -56.59 35.20
N GLU C 1267 32.52 -57.50 34.24
CA GLU C 1267 33.64 -58.27 33.70
C GLU C 1267 34.37 -57.43 32.66
N PHE C 1268 35.57 -56.99 32.99
CA PHE C 1268 36.46 -56.31 32.06
C PHE C 1268 37.79 -57.05 32.00
N LEU C 1269 38.15 -57.53 30.80
CA LEU C 1269 39.34 -58.36 30.64
C LEU C 1269 40.45 -57.66 29.87
N ILE C 1270 40.22 -56.46 29.35
CA ILE C 1270 41.29 -55.63 28.81
C ILE C 1270 41.95 -54.80 29.90
N TYR C 1271 41.58 -55.02 31.16
CA TYR C 1271 42.04 -54.23 32.30
C TYR C 1271 43.55 -54.36 32.49
N ASP C 1272 44.27 -53.26 32.25
CA ASP C 1272 45.72 -53.21 32.47
C ASP C 1272 46.08 -51.81 32.94
N PRO C 1273 45.79 -51.49 34.20
CA PRO C 1273 46.04 -50.15 34.71
C PRO C 1273 47.46 -50.00 35.21
N PRO C 1274 48.02 -48.78 35.19
CA PRO C 1274 49.37 -48.56 35.71
C PRO C 1274 49.49 -48.80 37.21
N PHE C 1275 50.70 -48.67 37.74
CA PHE C 1275 50.97 -48.96 39.14
C PHE C 1275 51.81 -47.85 39.77
N TYR C 1276 51.40 -46.60 39.58
CA TYR C 1276 52.15 -45.48 40.13
C TYR C 1276 52.02 -45.43 41.65
N THR C 1277 53.16 -45.24 42.32
CA THR C 1277 53.20 -45.10 43.77
C THR C 1277 54.36 -44.20 44.18
N ALA C 1278 54.06 -42.99 44.62
CA ALA C 1278 55.08 -42.03 45.01
C ALA C 1278 55.87 -42.51 46.22
N LEU C 1293 57.40 -55.64 45.63
CA LEU C 1293 55.95 -55.68 45.64
C LEU C 1293 55.46 -57.08 45.98
N GLU C 1294 54.42 -57.14 46.86
CA GLU C 1294 53.63 -58.28 47.33
C GLU C 1294 54.02 -58.90 48.67
N PRO C 1295 55.14 -58.53 49.35
CA PRO C 1295 55.27 -58.97 50.75
C PRO C 1295 54.64 -57.98 51.72
N LEU C 1296 53.38 -57.61 51.46
CA LEU C 1296 52.65 -56.67 52.30
C LEU C 1296 51.73 -57.39 53.29
N SER C 1297 52.10 -58.59 53.73
CA SER C 1297 51.28 -59.36 54.66
C SER C 1297 51.32 -58.76 56.06
N THR C 1298 50.67 -59.41 57.02
CA THR C 1298 50.59 -58.96 58.40
C THR C 1298 49.98 -57.55 58.49
N ILE C 1299 48.99 -57.29 57.65
CA ILE C 1299 48.26 -56.02 57.66
C ILE C 1299 46.82 -56.36 58.05
N GLN C 1300 46.42 -55.90 59.24
CA GLN C 1300 45.10 -56.23 59.77
C GLN C 1300 44.02 -55.38 59.12
N TYR C 1301 43.63 -55.73 57.89
CA TYR C 1301 42.57 -55.01 57.22
C TYR C 1301 41.22 -55.32 57.87
N ASN C 1302 40.24 -54.44 57.62
CA ASN C 1302 38.89 -54.55 58.14
C ASN C 1302 38.86 -54.42 59.66
N VAL C 1303 40.01 -54.17 60.28
CA VAL C 1303 40.12 -53.97 61.72
C VAL C 1303 41.06 -52.81 61.97
N VAL C 1304 41.32 -52.52 63.24
CA VAL C 1304 42.22 -51.43 63.59
C VAL C 1304 43.66 -51.93 63.51
N ASP C 1305 44.25 -51.85 62.31
CA ASP C 1305 45.61 -52.32 62.10
C ASP C 1305 46.61 -51.38 62.77
N GLY C 1306 47.13 -51.78 63.92
CA GLY C 1306 48.02 -50.93 64.69
C GLY C 1306 47.36 -49.62 65.07
N LEU C 1307 48.11 -48.54 65.02
CA LEU C 1307 47.58 -47.20 65.30
C LEU C 1307 47.17 -46.51 64.00
N ARG C 1308 46.33 -47.18 63.19
CA ARG C 1308 45.89 -46.62 61.92
C ARG C 1308 44.39 -46.76 61.70
N ASP C 1309 43.73 -47.70 62.39
CA ASP C 1309 42.29 -47.93 62.26
C ASP C 1309 41.90 -48.24 60.82
N ARG C 1310 42.37 -49.37 60.30
CA ARG C 1310 42.12 -49.75 58.91
C ARG C 1310 40.77 -50.42 58.73
N ARG C 1311 39.67 -49.69 58.95
CA ARG C 1311 38.34 -50.22 58.62
C ARG C 1311 37.44 -49.04 58.24
N SER C 1312 36.98 -49.06 56.98
CA SER C 1312 36.18 -47.98 56.46
C SER C 1312 34.79 -47.97 57.09
N PHE C 1313 34.11 -46.83 56.97
CA PHE C 1313 32.82 -46.64 57.61
C PHE C 1313 31.74 -47.55 57.05
N HIS C 1314 31.71 -47.75 55.73
CA HIS C 1314 30.67 -48.55 55.09
C HIS C 1314 31.10 -50.01 54.93
N GLY C 1315 31.42 -50.63 56.07
CA GLY C 1315 31.69 -52.05 56.10
C GLY C 1315 33.09 -52.41 55.63
N PRO C 1316 33.48 -53.66 55.87
CA PRO C 1316 34.81 -54.12 55.43
C PRO C 1316 34.91 -54.18 53.91
N TYR C 1317 36.13 -54.04 53.42
CA TYR C 1317 36.45 -54.17 52.01
C TYR C 1317 37.06 -55.55 51.74
N THR C 1318 37.50 -55.79 50.52
CA THR C 1318 38.05 -57.08 50.10
C THR C 1318 39.55 -56.91 49.84
N VAL C 1319 40.32 -57.99 49.69
CA VAL C 1319 41.75 -57.89 49.43
C VAL C 1319 42.11 -58.79 48.24
N GLN C 1320 42.65 -58.20 47.18
CA GLN C 1320 43.04 -58.95 46.00
C GLN C 1320 44.51 -59.37 46.02
N ALA C 1321 44.93 -60.01 47.13
CA ALA C 1321 46.25 -60.59 47.45
C ALA C 1321 46.76 -59.98 48.74
N GLY C 1322 47.34 -58.78 48.64
CA GLY C 1322 47.81 -58.06 49.81
C GLY C 1322 47.52 -56.58 49.70
N LEU C 1323 46.76 -56.20 48.66
CA LEU C 1323 46.39 -54.82 48.41
C LEU C 1323 44.87 -54.71 48.45
N PRO C 1324 44.32 -53.73 49.18
CA PRO C 1324 42.85 -53.58 49.22
C PRO C 1324 42.27 -53.20 47.87
N LEU C 1325 40.96 -53.37 47.72
CA LEU C 1325 40.25 -52.97 46.50
C LEU C 1325 39.39 -51.77 46.84
N ASN C 1326 39.51 -50.71 46.04
CA ASN C 1326 38.75 -49.48 46.28
C ASN C 1326 37.26 -49.76 46.14
N PRO C 1327 36.47 -49.50 47.18
CA PRO C 1327 35.02 -49.64 47.04
C PRO C 1327 34.44 -48.53 46.18
N MET C 1328 33.12 -48.50 46.01
CA MET C 1328 32.43 -47.42 45.32
C MET C 1328 32.75 -47.40 43.83
N GLY C 1329 33.57 -48.34 43.36
CA GLY C 1329 33.84 -48.51 41.95
C GLY C 1329 35.32 -48.58 41.68
N ARG C 1330 35.67 -48.57 40.40
CA ARG C 1330 37.06 -48.58 39.93
C ARG C 1330 37.54 -47.16 39.68
N THR C 1331 38.85 -47.01 39.57
CA THR C 1331 39.46 -45.71 39.29
C THR C 1331 40.17 -45.68 37.95
N GLY C 1332 41.04 -46.66 37.67
CA GLY C 1332 41.79 -46.66 36.44
C GLY C 1332 43.28 -46.75 36.71
N LEU C 1333 43.66 -46.61 37.97
CA LEU C 1333 45.03 -46.70 38.44
C LEU C 1333 45.12 -47.76 39.54
N ARG C 1334 46.34 -48.21 39.81
CA ARG C 1334 46.59 -49.15 40.90
C ARG C 1334 47.64 -48.54 41.81
N GLY C 1335 48.13 -49.33 42.76
CA GLY C 1335 49.14 -48.82 43.67
C GLY C 1335 48.53 -47.95 44.75
N ARG C 1336 49.21 -46.84 45.05
CA ARG C 1336 48.78 -45.97 46.13
C ARG C 1336 48.78 -44.51 45.69
N GLY C 1337 49.58 -44.19 44.68
CA GLY C 1337 49.73 -42.81 44.29
C GLY C 1337 50.45 -42.01 45.38
N SER C 1338 50.11 -40.73 45.44
CA SER C 1338 50.67 -39.86 46.46
C SER C 1338 49.86 -39.96 47.75
N LEU C 1339 49.91 -41.10 48.42
CA LEU C 1339 49.13 -41.33 49.62
C LEU C 1339 50.01 -42.00 50.67
N SER C 1340 49.58 -41.90 51.93
CA SER C 1340 50.32 -42.47 53.05
C SER C 1340 50.42 -43.98 52.96
N CYS C 1341 49.29 -44.67 53.03
CA CYS C 1341 49.25 -46.12 53.03
C CYS C 1341 47.97 -46.61 52.36
N PHE C 1342 47.98 -47.88 51.97
CA PHE C 1342 46.81 -48.50 51.36
C PHE C 1342 45.69 -48.63 52.38
N GLY C 1343 44.45 -48.52 51.90
CA GLY C 1343 43.29 -48.62 52.75
C GLY C 1343 42.63 -47.27 52.95
N PRO C 1344 41.74 -47.18 53.95
CA PRO C 1344 41.03 -45.92 54.21
C PRO C 1344 41.93 -44.91 54.91
N ASN C 1345 42.33 -43.87 54.17
CA ASN C 1345 43.05 -42.77 54.77
C ASN C 1345 42.07 -41.80 55.41
N HIS C 1346 42.28 -41.50 56.68
CA HIS C 1346 41.31 -40.72 57.44
C HIS C 1346 41.81 -39.28 57.64
N THR C 1347 40.95 -38.33 57.27
CA THR C 1347 41.15 -36.93 57.55
C THR C 1347 39.90 -36.42 58.26
N LEU C 1348 39.98 -35.22 58.83
CA LEU C 1348 38.95 -34.74 59.76
C LEU C 1348 38.55 -33.31 59.41
N TYR C 1349 38.26 -33.05 58.14
CA TYR C 1349 37.92 -31.72 57.64
C TYR C 1349 36.84 -31.06 58.50
N PRO C 1350 37.20 -30.02 59.26
CA PRO C 1350 36.23 -29.40 60.17
C PRO C 1350 35.48 -28.23 59.54
N MET C 1351 34.31 -27.91 60.08
CA MET C 1351 33.51 -26.80 59.57
C MET C 1351 33.29 -25.76 60.67
N VAL C 1352 33.70 -24.53 60.38
CA VAL C 1352 33.48 -23.41 61.28
C VAL C 1352 32.69 -22.35 60.52
N THR C 1353 31.58 -21.90 61.10
CA THR C 1353 30.62 -21.05 60.39
C THR C 1353 30.16 -19.88 61.25
N ARG C 1354 29.84 -18.80 60.55
CA ARG C 1354 29.08 -17.68 61.10
C ARG C 1354 28.15 -17.13 60.03
N TRP C 1355 26.93 -16.78 60.40
CA TRP C 1355 26.11 -15.96 59.51
C TRP C 1355 26.87 -14.66 59.26
N ARG C 1356 26.93 -14.22 58.00
CA ARG C 1356 27.79 -13.07 57.73
C ARG C 1356 27.18 -11.83 58.36
N ARG C 1357 28.00 -11.00 58.99
CA ARG C 1357 27.48 -9.76 59.54
C ARG C 1357 27.40 -8.73 58.42
N ASN C 1358 26.42 -7.82 58.49
CA ASN C 1358 26.31 -6.88 57.39
C ASN C 1358 26.64 -5.45 57.78
N GLU C 1359 25.82 -4.81 58.63
CA GLU C 1359 26.20 -3.54 59.22
C GLU C 1359 25.70 -3.40 60.64
N ASP C 1360 24.69 -4.20 61.00
CA ASP C 1360 23.98 -4.05 62.26
C ASP C 1360 24.04 -5.29 63.14
N GLY C 1361 24.45 -6.42 62.58
CA GLY C 1361 24.42 -7.68 63.31
C GLY C 1361 23.29 -8.55 62.82
N ALA C 1362 22.16 -7.93 62.51
CA ALA C 1362 21.03 -8.67 61.97
C ALA C 1362 21.39 -9.24 60.60
N ILE C 1363 21.37 -10.57 60.50
CA ILE C 1363 21.60 -11.26 59.24
C ILE C 1363 20.73 -10.71 58.11
N CYS C 1364 21.39 -10.21 57.06
CA CYS C 1364 20.72 -9.67 55.89
C CYS C 1364 20.24 -10.80 54.99
N ARG C 1365 18.96 -10.78 54.65
CA ARG C 1365 18.33 -11.84 53.89
C ARG C 1365 19.01 -12.01 52.53
N LYS C 1366 19.33 -13.25 52.18
CA LYS C 1366 19.88 -13.57 50.87
C LYS C 1366 18.76 -13.65 49.85
N SER C 1367 19.06 -14.24 48.69
CA SER C 1367 18.09 -14.29 47.59
C SER C 1367 16.73 -14.83 48.04
N ILE C 1368 16.70 -15.98 48.71
CA ILE C 1368 15.46 -16.51 49.24
C ILE C 1368 15.61 -16.79 50.73
N LYS C 1369 16.51 -17.71 51.07
CA LYS C 1369 16.73 -18.14 52.44
C LYS C 1369 17.97 -17.44 53.01
N LYS C 1370 18.39 -17.90 54.19
CA LYS C 1370 19.43 -17.20 54.92
C LYS C 1370 20.80 -17.66 54.43
N MET C 1371 21.83 -16.89 54.77
CA MET C 1371 23.16 -17.06 54.17
C MET C 1371 24.22 -17.09 55.27
N LEU C 1372 25.24 -17.95 55.10
CA LEU C 1372 26.31 -18.13 56.07
C LEU C 1372 27.68 -17.93 55.44
N GLU C 1373 28.70 -17.99 56.28
CA GLU C 1373 30.10 -17.87 55.89
C GLU C 1373 30.91 -19.00 56.50
N VAL C 1374 32.07 -19.28 55.89
CA VAL C 1374 33.05 -20.23 56.42
C VAL C 1374 34.43 -19.60 56.37
N LEU C 1375 35.34 -20.15 57.18
CA LEU C 1375 36.72 -19.69 57.23
C LEU C 1375 37.58 -20.61 56.38
N VAL C 1376 38.09 -20.10 55.26
CA VAL C 1376 38.90 -20.87 54.33
C VAL C 1376 40.32 -20.33 54.35
N VAL C 1377 41.27 -21.18 53.96
CA VAL C 1377 42.70 -20.87 54.03
C VAL C 1377 43.32 -21.12 52.66
N LYS C 1378 44.24 -20.25 52.27
CA LYS C 1378 44.91 -20.32 50.97
C LYS C 1378 46.42 -20.37 51.18
N LEU C 1379 46.98 -21.56 51.06
CA LEU C 1379 48.43 -21.71 51.04
C LEU C 1379 48.91 -21.22 49.68
N PRO C 1380 50.17 -20.75 49.56
CA PRO C 1380 50.59 -20.09 48.31
C PRO C 1380 50.48 -20.97 47.07
N LEU C 1381 51.06 -22.17 47.12
CA LEU C 1381 51.11 -23.05 45.95
C LEU C 1381 49.77 -23.79 45.81
N SER C 1382 48.75 -23.04 45.45
CA SER C 1382 47.40 -23.59 45.23
C SER C 1382 46.63 -22.62 44.34
N GLU C 1383 45.40 -23.02 43.99
CA GLU C 1383 44.53 -22.17 43.19
C GLU C 1383 43.10 -22.16 43.74
N HIS C 1384 42.88 -22.71 44.93
CA HIS C 1384 41.55 -22.73 45.54
C HIS C 1384 41.65 -22.53 47.04
N TRP C 1385 40.55 -22.07 47.62
CA TRP C 1385 40.46 -21.69 49.03
C TRP C 1385 40.08 -22.93 49.85
N ALA C 1386 41.06 -23.81 50.05
CA ALA C 1386 40.78 -25.12 50.64
C ALA C 1386 40.32 -24.99 52.09
N LEU C 1387 39.58 -25.99 52.54
CA LEU C 1387 39.09 -26.02 53.91
C LEU C 1387 40.26 -26.23 54.88
N PRO C 1388 40.17 -25.71 56.10
CA PRO C 1388 41.27 -25.83 57.08
C PRO C 1388 41.26 -27.16 57.83
N GLY C 1389 41.67 -28.21 57.14
CA GLY C 1389 41.76 -29.52 57.77
C GLY C 1389 42.30 -30.55 56.81
N GLY C 1390 42.77 -31.66 57.38
CA GLY C 1390 43.35 -32.73 56.60
C GLY C 1390 43.77 -33.93 57.41
N SER C 1391 44.93 -34.50 57.09
CA SER C 1391 45.39 -35.77 57.64
C SER C 1391 45.45 -35.74 59.16
N ARG C 1392 44.70 -36.62 59.81
CA ARG C 1392 44.64 -36.66 61.27
C ARG C 1392 45.79 -37.48 61.84
N GLU C 1393 46.76 -36.81 62.45
CA GLU C 1393 47.80 -37.49 63.19
C GLU C 1393 47.16 -38.22 64.37
N PRO C 1394 47.42 -39.53 64.56
CA PRO C 1394 46.85 -40.23 65.71
C PRO C 1394 47.02 -39.51 67.03
N GLY C 1395 45.92 -39.37 67.78
CA GLY C 1395 45.95 -38.70 69.06
C GLY C 1395 46.00 -37.19 69.00
N GLU C 1396 45.74 -36.62 67.82
CA GLU C 1396 45.75 -35.16 67.68
C GLU C 1396 44.34 -34.60 67.76
N MET C 1397 43.39 -35.24 67.07
CA MET C 1397 41.98 -34.89 67.10
C MET C 1397 41.74 -33.55 66.41
N LEU C 1398 42.81 -32.88 66.00
CA LEU C 1398 42.73 -31.64 65.23
C LEU C 1398 43.56 -31.80 63.97
N PRO C 1399 42.99 -31.53 62.79
CA PRO C 1399 43.52 -32.14 61.55
C PRO C 1399 44.79 -31.52 60.98
N ARG C 1400 45.78 -31.22 61.82
CA ARG C 1400 47.16 -31.03 61.41
C ARG C 1400 47.37 -29.78 60.57
N LYS C 1401 46.29 -29.13 60.15
CA LYS C 1401 46.39 -27.90 59.37
C LYS C 1401 45.66 -26.75 60.05
N LEU C 1402 44.65 -27.06 60.86
CA LEU C 1402 44.08 -26.05 61.74
C LEU C 1402 44.87 -26.13 63.03
N LYS C 1403 45.90 -27.00 63.01
CA LYS C 1403 46.86 -27.15 64.08
C LYS C 1403 48.20 -26.48 63.77
N ARG C 1404 48.42 -26.03 62.54
CA ARG C 1404 49.71 -25.51 62.11
C ARG C 1404 49.50 -24.60 60.91
N ILE C 1405 50.32 -23.55 60.81
CA ILE C 1405 50.23 -22.53 59.77
C ILE C 1405 48.90 -21.79 59.99
N LEU C 1406 48.31 -21.99 61.16
CA LEU C 1406 47.07 -21.36 61.60
C LEU C 1406 47.17 -21.13 63.09
N ARG C 1407 46.04 -20.93 63.77
CA ARG C 1407 46.06 -20.59 65.19
C ARG C 1407 46.89 -21.60 65.99
N GLN C 1408 47.84 -21.06 66.76
CA GLN C 1408 48.78 -21.85 67.54
C GLN C 1408 48.95 -21.16 68.89
N GLU C 1409 49.42 -21.94 69.88
CA GLU C 1409 49.45 -21.50 71.27
C GLU C 1409 48.03 -21.13 71.70
N HIS C 1410 47.04 -21.76 71.07
CA HIS C 1410 45.64 -21.45 71.34
C HIS C 1410 44.79 -22.71 71.35
N TRP C 1411 45.38 -23.90 71.19
CA TRP C 1411 44.69 -25.17 70.97
C TRP C 1411 43.67 -25.55 72.05
N PRO C 1412 44.00 -25.52 73.37
CA PRO C 1412 43.14 -26.17 74.37
C PRO C 1412 41.65 -25.83 74.29
N SER C 1413 41.32 -24.63 73.85
CA SER C 1413 39.92 -24.19 73.81
C SER C 1413 39.10 -24.90 72.73
N PHE C 1414 39.48 -24.73 71.46
CA PHE C 1414 38.72 -25.38 70.39
C PHE C 1414 39.00 -26.88 70.35
N GLU C 1415 40.09 -27.33 70.97
CA GLU C 1415 40.26 -28.76 71.22
C GLU C 1415 39.37 -29.24 72.36
N ASN C 1416 38.75 -28.34 73.12
CA ASN C 1416 37.74 -28.69 74.10
C ASN C 1416 36.35 -28.37 73.56
N LEU C 1417 36.28 -27.87 72.33
CA LEU C 1417 34.99 -27.55 71.71
C LEU C 1417 34.66 -28.51 70.57
N LEU C 1418 35.66 -29.23 70.06
CA LEU C 1418 35.41 -30.14 68.94
C LEU C 1418 34.62 -31.36 69.39
N LYS C 1419 34.61 -31.66 70.68
CA LYS C 1419 33.72 -32.70 71.18
C LYS C 1419 32.37 -32.10 71.52
N CYS C 1420 31.83 -31.29 70.61
CA CYS C 1420 30.52 -30.68 70.76
C CYS C 1420 30.01 -30.23 69.39
N GLY C 1421 29.11 -30.99 68.78
CA GLY C 1421 28.60 -30.60 67.49
C GLY C 1421 28.06 -31.80 66.74
N MET C 1422 27.43 -31.51 65.60
CA MET C 1422 26.81 -32.54 64.78
C MET C 1422 27.76 -32.99 63.68
N GLU C 1423 27.67 -34.28 63.35
CA GLU C 1423 28.39 -34.84 62.22
C GLU C 1423 27.53 -34.68 60.96
N VAL C 1424 28.17 -34.38 59.82
CA VAL C 1424 27.40 -34.14 58.61
C VAL C 1424 27.76 -35.17 57.55
N TYR C 1425 28.99 -35.69 57.58
CA TYR C 1425 29.37 -36.71 56.62
C TYR C 1425 30.52 -37.58 57.11
N LYS C 1426 30.21 -38.81 57.52
CA LYS C 1426 31.24 -39.79 57.85
C LYS C 1426 31.37 -40.81 56.72
N GLY C 1427 32.23 -40.55 55.75
CA GLY C 1427 32.32 -41.42 54.60
C GLY C 1427 33.47 -41.09 53.68
N TYR C 1428 33.22 -41.31 52.39
CA TYR C 1428 34.23 -41.28 51.34
C TYR C 1428 34.14 -39.97 50.56
N MET C 1429 35.30 -39.44 50.16
CA MET C 1429 35.36 -38.25 49.34
C MET C 1429 35.57 -38.64 47.88
N ASP C 1430 35.24 -37.72 46.97
CA ASP C 1430 35.64 -37.89 45.58
C ASP C 1430 36.90 -37.09 45.30
N ASP C 1431 38.03 -37.56 45.83
CA ASP C 1431 39.31 -36.92 45.56
C ASP C 1431 39.82 -37.32 44.17
N PRO C 1432 40.58 -36.44 43.51
CA PRO C 1432 41.22 -36.82 42.25
C PRO C 1432 42.47 -37.66 42.48
N ARG C 1433 42.82 -37.87 43.75
CA ARG C 1433 44.02 -38.59 44.12
C ARG C 1433 43.78 -40.05 44.46
N ASN C 1434 42.57 -40.56 44.25
CA ASN C 1434 42.25 -41.91 44.67
C ASN C 1434 42.78 -42.94 43.67
N THR C 1435 42.79 -44.20 44.09
CA THR C 1435 43.25 -45.30 43.25
C THR C 1435 42.48 -46.55 43.66
N ASP C 1436 42.71 -47.63 42.89
CA ASP C 1436 41.97 -48.86 43.12
C ASP C 1436 42.39 -49.57 44.40
N ASN C 1437 43.55 -49.21 44.97
CA ASN C 1437 44.08 -49.89 46.14
C ASN C 1437 44.25 -48.95 47.34
N ALA C 1438 43.70 -47.74 47.27
CA ALA C 1438 43.78 -46.80 48.38
C ALA C 1438 42.70 -45.73 48.21
N TRP C 1439 42.21 -45.23 49.33
CA TRP C 1439 41.18 -44.20 49.33
C TRP C 1439 41.28 -43.37 50.60
N ILE C 1440 40.61 -42.22 50.58
CA ILE C 1440 40.66 -41.25 51.67
C ILE C 1440 39.25 -41.04 52.20
N GLU C 1441 39.11 -40.97 53.52
CA GLU C 1441 37.82 -40.83 54.18
C GLU C 1441 37.85 -39.66 55.16
N THR C 1442 36.66 -39.11 55.45
CA THR C 1442 36.53 -37.99 56.37
C THR C 1442 35.47 -38.26 57.42
N VAL C 1443 35.74 -37.74 58.63
CA VAL C 1443 34.70 -37.40 59.58
C VAL C 1443 34.56 -35.88 59.52
N ALA C 1444 33.32 -35.38 59.45
CA ALA C 1444 33.13 -33.96 59.20
C ALA C 1444 32.32 -33.31 60.32
N VAL C 1445 33.02 -32.67 61.26
CA VAL C 1445 32.35 -31.97 62.35
C VAL C 1445 32.10 -30.51 61.95
N SER C 1446 31.01 -29.96 62.48
CA SER C 1446 30.62 -28.59 62.21
C SER C 1446 30.32 -27.86 63.51
N VAL C 1447 30.77 -26.62 63.59
CA VAL C 1447 30.49 -25.75 64.73
C VAL C 1447 29.97 -24.41 64.23
N HIS C 1448 28.87 -23.95 64.80
CA HIS C 1448 28.27 -22.68 64.43
C HIS C 1448 28.30 -21.70 65.59
N PHE C 1449 28.38 -20.41 65.25
CA PHE C 1449 28.41 -19.32 66.22
C PHE C 1449 27.14 -18.50 66.02
N GLN C 1450 26.20 -18.62 66.95
CA GLN C 1450 24.91 -17.96 66.80
C GLN C 1450 25.05 -16.44 66.84
N ASP C 1451 25.85 -15.92 67.78
CA ASP C 1451 25.95 -14.49 67.97
C ASP C 1451 27.15 -13.93 67.22
N GLN C 1452 27.38 -12.64 67.41
CA GLN C 1452 28.49 -11.91 66.80
C GLN C 1452 29.49 -11.39 67.82
N ASN C 1453 29.01 -11.02 69.02
CA ASN C 1453 29.89 -10.54 70.07
C ASN C 1453 29.88 -11.50 71.25
N ASP C 1454 29.89 -12.80 70.97
CA ASP C 1454 29.86 -13.82 72.00
C ASP C 1454 31.25 -14.02 72.60
N VAL C 1455 31.41 -15.06 73.40
CA VAL C 1455 32.69 -15.35 74.04
C VAL C 1455 33.46 -16.37 73.22
N GLU C 1456 32.90 -16.74 72.07
CA GLU C 1456 33.56 -17.68 71.17
C GLU C 1456 34.18 -16.94 69.99
N LEU C 1457 33.44 -15.99 69.41
CA LEU C 1457 33.95 -15.23 68.28
C LEU C 1457 34.86 -14.11 68.75
N ASN C 1458 34.88 -13.84 70.05
CA ASN C 1458 35.79 -12.86 70.64
C ASN C 1458 37.10 -13.51 71.09
N ARG C 1459 37.17 -14.84 71.07
CA ARG C 1459 38.41 -15.55 71.38
C ARG C 1459 38.92 -16.43 70.24
N LEU C 1460 38.16 -16.61 69.17
CA LEU C 1460 38.63 -17.37 68.02
C LEU C 1460 39.39 -16.49 67.05
N ASN C 1461 38.76 -15.43 66.57
CA ASN C 1461 39.36 -14.56 65.57
C ASN C 1461 40.61 -13.85 66.08
N SER C 1462 40.50 -13.17 67.22
CA SER C 1462 41.64 -12.42 67.74
C SER C 1462 42.46 -13.24 68.72
N ASN C 1463 42.80 -14.48 68.35
CA ASN C 1463 43.76 -15.27 69.09
C ASN C 1463 44.58 -16.12 68.14
N LEU C 1464 44.35 -15.96 66.83
CA LEU C 1464 44.93 -16.85 65.84
C LEU C 1464 46.18 -16.26 65.23
N HIS C 1465 47.25 -17.06 65.20
CA HIS C 1465 48.45 -16.69 64.46
C HIS C 1465 48.20 -16.63 62.96
N ALA C 1466 47.59 -17.67 62.39
CA ALA C 1466 47.07 -17.66 61.03
C ALA C 1466 48.15 -17.53 59.96
N CYS C 1467 49.42 -17.43 60.38
CA CYS C 1467 50.53 -17.30 59.43
C CYS C 1467 51.80 -17.81 60.10
N ASP C 1468 52.18 -19.05 59.78
CA ASP C 1468 53.48 -19.56 60.16
C ASP C 1468 54.41 -19.56 58.95
N SER C 1469 53.98 -20.24 57.88
CA SER C 1469 54.72 -20.24 56.62
C SER C 1469 53.74 -20.16 55.45
N GLY C 1470 52.46 -19.93 55.76
CA GLY C 1470 51.43 -19.83 54.73
C GLY C 1470 51.34 -18.45 54.14
N ALA C 1471 50.22 -18.14 53.47
CA ALA C 1471 50.11 -16.84 52.81
C ALA C 1471 48.72 -16.22 52.93
N SER C 1472 47.78 -16.89 53.61
CA SER C 1472 46.44 -16.33 53.66
C SER C 1472 45.52 -16.98 54.70
N ILE C 1473 44.53 -16.21 55.14
CA ILE C 1473 43.37 -16.69 55.89
C ILE C 1473 42.25 -15.67 55.66
N ARG C 1474 41.04 -16.16 55.38
CA ARG C 1474 39.98 -15.25 54.97
C ARG C 1474 38.60 -15.89 55.06
N TRP C 1475 37.68 -15.27 55.79
CA TRP C 1475 36.29 -15.71 55.81
C TRP C 1475 35.64 -15.46 54.45
N GLN C 1476 34.98 -16.49 53.93
CA GLN C 1476 34.46 -16.46 52.57
C GLN C 1476 32.97 -16.74 52.60
N VAL C 1477 32.23 -16.11 51.67
CA VAL C 1477 30.78 -16.25 51.58
C VAL C 1477 30.46 -17.54 50.84
N VAL C 1478 29.61 -18.36 51.44
CA VAL C 1478 29.37 -19.71 50.97
C VAL C 1478 28.32 -19.70 49.86
N ASP C 1479 28.75 -19.51 48.63
CA ASP C 1479 27.83 -19.47 47.49
C ASP C 1479 27.96 -20.72 46.64
N ARG C 1480 27.21 -20.78 45.53
CA ARG C 1480 27.21 -21.91 44.62
C ARG C 1480 28.52 -22.08 43.86
N ARG C 1481 29.35 -21.03 43.80
CA ARG C 1481 30.58 -21.08 43.02
C ARG C 1481 31.80 -20.61 43.82
N ILE C 1482 31.97 -21.13 45.03
CA ILE C 1482 33.14 -20.82 45.86
C ILE C 1482 34.38 -21.28 45.12
N PRO C 1483 35.44 -20.47 45.08
CA PRO C 1483 36.72 -20.96 44.55
C PRO C 1483 37.38 -21.95 45.52
N LEU C 1484 36.65 -23.02 45.85
CA LEU C 1484 37.11 -24.06 46.75
C LEU C 1484 37.37 -25.34 45.95
N TYR C 1485 38.08 -26.29 46.56
CA TYR C 1485 38.26 -27.61 45.97
C TYR C 1485 36.88 -28.27 45.83
N ALA C 1486 36.56 -28.75 44.63
CA ALA C 1486 35.25 -29.28 44.31
C ALA C 1486 34.84 -30.38 45.28
N ASN C 1487 35.81 -31.20 45.71
CA ASN C 1487 35.53 -32.25 46.66
C ASN C 1487 35.03 -31.68 47.98
N HIS C 1488 35.65 -30.60 48.46
CA HIS C 1488 35.19 -29.92 49.66
C HIS C 1488 33.86 -29.19 49.43
N LYS C 1489 33.65 -28.63 48.24
CA LYS C 1489 32.36 -28.04 47.89
C LYS C 1489 31.23 -29.05 47.95
N THR C 1490 31.53 -30.34 47.74
CA THR C 1490 30.52 -31.38 47.99
C THR C 1490 30.14 -31.42 49.46
N LEU C 1491 31.13 -31.32 50.36
CA LEU C 1491 30.85 -31.34 51.79
C LEU C 1491 29.98 -30.15 52.19
N LEU C 1492 30.31 -28.96 51.69
CA LEU C 1492 29.54 -27.77 52.03
C LEU C 1492 28.11 -27.86 51.51
N GLN C 1493 27.93 -28.54 50.37
CA GLN C 1493 26.62 -28.64 49.75
C GLN C 1493 25.67 -29.48 50.59
N LYS C 1494 26.21 -30.27 51.52
CA LYS C 1494 25.37 -31.06 52.43
C LYS C 1494 25.49 -30.56 53.86
N ALA C 1495 26.41 -29.63 54.13
CA ALA C 1495 26.62 -29.13 55.49
C ALA C 1495 25.88 -27.82 55.71
N ALA C 1496 25.92 -26.92 54.74
CA ALA C 1496 25.20 -25.65 54.84
C ALA C 1496 23.70 -25.88 54.78
N ALA C 1497 23.29 -27.02 54.20
CA ALA C 1497 21.88 -27.37 54.07
C ALA C 1497 21.23 -27.78 55.39
N GLU C 1498 21.99 -27.97 56.47
CA GLU C 1498 21.44 -28.36 57.75
C GLU C 1498 20.75 -27.21 58.47
N PHE C 1499 20.93 -25.97 58.00
CA PHE C 1499 20.29 -24.81 58.61
C PHE C 1499 19.34 -24.08 57.67
N GLY C 1500 19.38 -24.35 56.36
CA GLY C 1500 18.53 -23.67 55.41
C GLY C 1500 19.27 -22.56 54.69
N ALA C 1501 20.52 -22.81 54.33
CA ALA C 1501 21.35 -21.79 53.71
C ALA C 1501 21.28 -21.82 52.20
N HIS C 1502 22.05 -20.94 51.54
CA HIS C 1502 22.22 -20.91 50.09
C HIS C 1502 23.67 -21.22 49.77
N TYR C 1503 23.94 -22.47 49.37
CA TYR C 1503 25.21 -22.78 48.75
C TYR C 1503 25.13 -22.45 47.27
N ILE D 67 14.01 -37.09 -61.68
CA ILE D 67 12.89 -37.92 -61.21
C ILE D 67 13.42 -39.12 -60.45
N LYS D 68 13.40 -39.03 -59.11
CA LYS D 68 13.87 -40.14 -58.27
C LYS D 68 12.78 -41.17 -58.09
N LYS D 69 12.33 -41.78 -59.20
CA LYS D 69 11.34 -42.84 -59.15
C LYS D 69 11.98 -44.22 -59.34
N LYS D 70 13.21 -44.28 -59.84
CA LYS D 70 13.93 -45.54 -60.04
C LYS D 70 14.48 -46.11 -58.74
N GLU D 71 14.11 -45.53 -57.59
CA GLU D 71 14.58 -46.01 -56.30
C GLU D 71 13.43 -46.48 -55.44
N CYS D 72 12.37 -45.68 -55.35
CA CYS D 72 11.19 -46.06 -54.57
C CYS D 72 10.34 -47.04 -55.36
N VAL D 73 9.50 -47.80 -54.64
CA VAL D 73 8.79 -48.94 -55.21
C VAL D 73 7.34 -48.97 -54.72
N TYR D 74 6.54 -49.80 -55.42
CA TYR D 74 5.17 -50.12 -55.01
C TYR D 74 5.11 -50.94 -53.73
N PHE D 75 5.73 -52.12 -53.74
CA PHE D 75 5.43 -53.20 -52.80
C PHE D 75 4.01 -53.67 -53.03
N VAL D 76 3.50 -53.44 -54.25
CA VAL D 76 2.19 -53.90 -54.66
C VAL D 76 2.23 -55.42 -54.68
N GLU D 77 1.05 -56.04 -54.62
CA GLU D 77 0.96 -57.46 -54.31
C GLU D 77 0.22 -58.18 -55.44
N SER D 78 0.83 -59.28 -55.90
CA SER D 78 0.23 -60.14 -56.93
C SER D 78 -0.72 -61.14 -56.27
N SER D 79 -1.76 -60.60 -55.63
CA SER D 79 -2.66 -61.38 -54.80
C SER D 79 -3.58 -62.27 -55.63
N LYS D 80 -3.18 -63.53 -55.82
CA LYS D 80 -4.02 -64.49 -56.52
C LYS D 80 -5.33 -64.67 -55.77
N LEU D 81 -6.45 -64.64 -56.49
CA LEU D 81 -7.77 -64.68 -55.86
C LEU D 81 -7.99 -66.02 -55.18
N SER D 82 -7.89 -66.03 -53.84
CA SER D 82 -8.03 -67.26 -53.06
C SER D 82 -8.83 -66.99 -51.79
N ASP D 83 -9.84 -66.13 -51.88
CA ASP D 83 -10.61 -65.79 -50.70
C ASP D 83 -12.01 -65.30 -51.05
N ALA D 84 -12.90 -65.28 -50.05
CA ALA D 84 -14.22 -64.69 -50.19
C ALA D 84 -14.75 -64.29 -48.82
N GLY D 85 -14.68 -63.00 -48.50
CA GLY D 85 -15.06 -62.55 -47.18
C GLY D 85 -16.35 -61.76 -47.14
N LYS D 86 -16.90 -61.46 -48.32
CA LYS D 86 -18.15 -60.72 -48.44
C LYS D 86 -18.08 -59.40 -47.69
N VAL D 87 -17.17 -58.52 -48.09
CA VAL D 87 -17.01 -57.22 -47.46
C VAL D 87 -17.44 -56.13 -48.45
N VAL D 88 -18.09 -55.10 -47.91
CA VAL D 88 -18.70 -53.99 -48.66
C VAL D 88 -19.25 -54.49 -50.00
N CYS D 89 -20.21 -55.43 -49.92
CA CYS D 89 -20.93 -55.96 -51.07
C CYS D 89 -20.01 -56.37 -52.22
N GLN D 90 -18.86 -56.97 -51.87
CA GLN D 90 -17.91 -57.42 -52.88
C GLN D 90 -17.45 -58.82 -52.52
N CYS D 91 -16.52 -59.37 -53.29
CA CYS D 91 -16.00 -60.72 -53.04
C CYS D 91 -14.50 -60.76 -53.27
N GLY D 92 -13.92 -61.97 -53.22
CA GLY D 92 -12.51 -62.14 -53.44
C GLY D 92 -11.65 -61.60 -52.33
N TYR D 93 -10.33 -61.66 -52.49
CA TYR D 93 -9.41 -61.04 -51.56
C TYR D 93 -9.48 -59.53 -51.71
N THR D 94 -8.83 -58.82 -50.79
CA THR D 94 -8.84 -57.36 -50.80
C THR D 94 -8.49 -56.82 -52.18
N HIS D 95 -9.38 -55.98 -52.72
CA HIS D 95 -9.40 -55.35 -54.04
C HIS D 95 -10.40 -56.05 -54.96
N GLU D 96 -10.25 -55.81 -56.26
CA GLU D 96 -11.22 -56.22 -57.28
C GLU D 96 -10.48 -56.46 -58.58
N GLN D 97 -11.18 -56.32 -59.71
CA GLN D 97 -10.56 -56.52 -61.03
C GLN D 97 -9.24 -55.77 -61.19
N HIS D 98 -8.95 -54.82 -60.30
CA HIS D 98 -7.63 -54.19 -60.24
C HIS D 98 -6.63 -54.97 -59.38
N LEU D 99 -6.98 -56.17 -58.93
CA LEU D 99 -6.05 -56.98 -58.14
C LEU D 99 -4.97 -57.61 -59.01
N GLU D 100 -5.22 -57.74 -60.31
CA GLU D 100 -4.26 -58.30 -61.25
C GLU D 100 -3.62 -57.15 -62.03
N GLU D 101 -2.46 -56.70 -61.53
CA GLU D 101 -1.79 -55.55 -62.10
C GLU D 101 -1.32 -55.80 -63.53
N ALA D 102 -0.31 -56.65 -63.70
CA ALA D 102 0.17 -57.01 -65.03
C ALA D 102 0.49 -58.49 -65.16
N THR D 103 0.79 -59.14 -64.03
CA THR D 103 1.23 -60.54 -64.08
C THR D 103 0.06 -61.49 -63.85
N LYS D 104 -0.98 -61.02 -63.16
CA LYS D 104 -2.28 -61.64 -63.01
C LYS D 104 -2.22 -62.77 -61.99
N PRO D 105 -3.36 -63.29 -61.53
CA PRO D 105 -3.34 -64.45 -60.63
C PRO D 105 -3.17 -65.73 -61.42
N HIS D 106 -1.99 -65.94 -62.00
CA HIS D 106 -1.84 -66.91 -63.07
C HIS D 106 -0.73 -67.90 -62.72
N THR D 107 -0.51 -68.85 -63.64
CA THR D 107 0.49 -69.90 -63.54
C THR D 107 0.25 -70.78 -62.32
N PHE D 108 1.18 -70.78 -61.36
CA PHE D 108 0.97 -71.59 -60.16
C PHE D 108 1.38 -70.84 -58.89
N GLN D 109 1.72 -69.57 -58.99
CA GLN D 109 2.19 -68.78 -57.85
C GLN D 109 1.01 -68.54 -56.93
N GLY D 110 0.96 -69.25 -55.81
CA GLY D 110 -0.13 -69.14 -54.88
C GLY D 110 -0.94 -70.42 -54.70
N THR D 111 -0.78 -71.07 -53.55
CA THR D 111 -1.68 -72.12 -53.09
C THR D 111 -2.28 -71.82 -51.72
N GLN D 112 -1.48 -71.35 -50.78
CA GLN D 112 -1.93 -70.68 -49.56
C GLN D 112 -1.29 -69.30 -49.57
N TRP D 113 -2.09 -68.26 -49.35
CA TRP D 113 -1.57 -66.93 -49.60
C TRP D 113 -0.57 -66.49 -48.54
N ASP D 114 0.69 -66.87 -48.72
CA ASP D 114 1.81 -66.47 -47.88
C ASP D 114 2.13 -65.02 -48.18
N PRO D 115 2.14 -64.13 -47.17
CA PRO D 115 2.42 -62.70 -47.38
C PRO D 115 3.91 -62.39 -47.52
N LYS D 116 4.72 -63.43 -47.77
CA LYS D 116 6.15 -63.26 -47.87
C LYS D 116 6.69 -63.75 -49.21
N LYS D 117 5.98 -64.69 -49.84
CA LYS D 117 6.53 -65.37 -51.01
C LYS D 117 6.68 -64.41 -52.20
N HIS D 118 5.67 -63.58 -52.45
CA HIS D 118 5.66 -62.82 -53.71
C HIS D 118 4.92 -61.51 -53.49
N VAL D 119 5.66 -60.44 -53.16
CA VAL D 119 5.09 -59.11 -52.98
C VAL D 119 5.88 -58.18 -53.90
N GLN D 120 6.23 -58.68 -55.08
CA GLN D 120 7.20 -58.12 -56.02
C GLN D 120 7.15 -56.61 -56.10
N GLU D 121 8.33 -56.00 -56.10
CA GLU D 121 8.56 -54.59 -55.89
C GLU D 121 8.75 -53.90 -57.24
N MET D 122 7.73 -53.15 -57.70
CA MET D 122 7.86 -52.31 -58.89
C MET D 122 7.91 -50.84 -58.50
N PRO D 123 8.54 -50.00 -59.32
CA PRO D 123 8.70 -48.59 -58.97
C PRO D 123 7.37 -47.86 -58.88
N THR D 124 7.38 -46.76 -58.13
CA THR D 124 6.16 -46.07 -57.70
C THR D 124 5.43 -45.46 -58.90
N ASP D 125 4.18 -45.04 -58.66
CA ASP D 125 3.39 -44.31 -59.64
C ASP D 125 2.63 -43.15 -58.98
N ALA D 126 2.86 -42.94 -57.70
CA ALA D 126 2.22 -41.86 -56.95
C ALA D 126 3.32 -41.03 -56.29
N PHE D 127 3.86 -40.07 -57.04
CA PHE D 127 4.88 -39.14 -56.55
C PHE D 127 4.63 -37.79 -57.21
N GLY D 128 3.94 -36.91 -56.50
CA GLY D 128 3.59 -35.63 -57.06
C GLY D 128 3.30 -34.53 -56.06
N ASP D 129 2.22 -33.78 -56.32
CA ASP D 129 1.88 -32.60 -55.52
C ASP D 129 0.35 -32.51 -55.49
N ILE D 130 -0.24 -32.73 -54.31
CA ILE D 130 -1.70 -32.78 -54.18
C ILE D 130 -2.23 -31.44 -53.70
N VAL D 131 -3.32 -30.98 -54.34
CA VAL D 131 -3.99 -29.75 -53.98
C VAL D 131 -5.46 -30.07 -53.70
N PHE D 132 -5.98 -29.56 -52.59
CA PHE D 132 -7.38 -29.76 -52.26
C PHE D 132 -8.26 -28.79 -53.04
N THR D 133 -9.57 -29.04 -53.00
CA THR D 133 -10.49 -28.35 -53.90
C THR D 133 -10.50 -26.84 -53.65
N GLY D 134 -11.04 -26.41 -52.51
CA GLY D 134 -11.07 -25.00 -52.18
C GLY D 134 -10.79 -24.74 -50.71
N LEU D 135 -10.65 -25.81 -49.93
CA LEU D 135 -10.49 -25.70 -48.49
C LEU D 135 -9.12 -25.13 -48.16
N SER D 136 -8.14 -25.38 -49.01
CA SER D 136 -6.80 -24.83 -48.83
C SER D 136 -6.09 -24.66 -50.17
N GLN D 137 -6.05 -23.44 -50.69
CA GLN D 137 -5.36 -23.16 -51.94
C GLN D 137 -3.85 -23.16 -51.71
N LYS D 138 -3.22 -24.33 -51.81
CA LYS D 138 -1.80 -24.48 -51.54
C LYS D 138 -1.22 -25.61 -52.37
N VAL D 139 0.00 -26.02 -52.06
CA VAL D 139 0.63 -27.17 -52.71
C VAL D 139 1.17 -28.10 -51.64
N LYS D 140 0.80 -29.38 -51.73
CA LYS D 140 1.25 -30.39 -50.80
C LYS D 140 1.76 -31.60 -51.57
N LYS D 141 2.97 -32.04 -51.24
CA LYS D 141 3.64 -33.11 -51.98
C LYS D 141 3.52 -34.44 -51.26
N TYR D 142 3.23 -35.49 -52.03
CA TYR D 142 2.97 -36.81 -51.48
C TYR D 142 3.74 -37.86 -52.28
N VAL D 143 4.05 -38.96 -51.60
CA VAL D 143 4.75 -40.09 -52.20
C VAL D 143 4.12 -41.38 -51.71
N ARG D 144 4.06 -42.39 -52.59
CA ARG D 144 3.56 -43.71 -52.24
C ARG D 144 4.78 -44.62 -52.03
N VAL D 145 5.32 -44.59 -50.81
CA VAL D 145 6.50 -45.40 -50.48
C VAL D 145 6.06 -46.80 -50.10
N SER D 146 7.02 -47.73 -50.03
CA SER D 146 6.72 -49.08 -49.61
C SER D 146 7.00 -49.24 -48.12
N GLN D 147 6.85 -50.46 -47.61
CA GLN D 147 7.19 -50.76 -46.22
C GLN D 147 8.64 -51.19 -46.08
N ASP D 148 9.35 -51.43 -47.19
CA ASP D 148 10.72 -51.91 -47.15
C ASP D 148 11.75 -50.91 -47.64
N THR D 149 11.32 -49.72 -48.08
CA THR D 149 12.28 -48.70 -48.49
C THR D 149 13.11 -48.27 -47.29
N PRO D 150 14.44 -48.28 -47.41
CA PRO D 150 15.28 -47.84 -46.30
C PRO D 150 15.07 -46.37 -45.99
N SER D 151 15.32 -46.01 -44.72
CA SER D 151 15.22 -44.61 -44.35
C SER D 151 16.51 -43.88 -44.70
N SER D 152 17.00 -44.09 -45.92
CA SER D 152 18.06 -43.31 -46.52
C SER D 152 17.80 -42.96 -47.98
N VAL D 153 16.87 -43.64 -48.64
CA VAL D 153 16.42 -43.28 -49.98
C VAL D 153 15.41 -42.16 -49.84
N ILE D 154 14.92 -41.98 -48.61
CA ILE D 154 13.86 -41.01 -48.34
C ILE D 154 14.43 -39.82 -47.57
N TYR D 155 15.45 -40.05 -46.74
CA TYR D 155 16.10 -38.91 -46.10
C TYR D 155 16.91 -38.14 -47.13
N HIS D 156 17.47 -38.85 -48.10
CA HIS D 156 18.12 -38.22 -49.26
C HIS D 156 17.07 -37.59 -50.17
N LEU D 157 15.79 -37.83 -49.89
CA LEU D 157 14.69 -37.35 -50.71
C LEU D 157 13.89 -36.23 -50.06
N MET D 158 13.73 -36.20 -48.74
CA MET D 158 13.14 -35.02 -48.11
C MET D 158 14.17 -33.89 -48.03
N THR D 159 15.41 -34.23 -47.73
CA THR D 159 16.47 -33.23 -47.61
C THR D 159 16.65 -32.49 -48.93
N GLN D 160 17.10 -33.18 -49.97
CA GLN D 160 17.16 -32.61 -51.31
C GLN D 160 16.52 -33.57 -52.31
N HIS D 161 15.18 -33.64 -52.29
CA HIS D 161 14.39 -33.88 -53.49
C HIS D 161 13.04 -33.19 -53.29
N TRP D 162 12.89 -32.54 -52.13
CA TRP D 162 11.64 -31.93 -51.69
C TRP D 162 11.80 -30.47 -51.30
N GLY D 163 12.93 -30.10 -50.70
CA GLY D 163 13.10 -28.76 -50.19
C GLY D 163 12.79 -28.65 -48.71
N LEU D 164 13.37 -29.53 -47.91
CA LEU D 164 13.18 -29.51 -46.46
C LEU D 164 14.53 -29.39 -45.78
N ASP D 165 14.52 -28.77 -44.60
CA ASP D 165 15.74 -28.48 -43.87
C ASP D 165 16.11 -29.68 -42.99
N VAL D 166 17.07 -29.49 -42.09
CA VAL D 166 17.46 -30.51 -41.12
C VAL D 166 16.80 -30.18 -39.80
N PRO D 167 16.01 -31.08 -39.23
CA PRO D 167 15.20 -30.75 -38.04
C PRO D 167 16.06 -30.65 -36.78
N ASN D 168 15.46 -30.07 -35.74
CA ASN D 168 16.06 -30.05 -34.42
C ASN D 168 15.14 -30.58 -33.33
N LEU D 169 13.88 -30.89 -33.66
CA LEU D 169 12.94 -31.45 -32.70
C LEU D 169 11.85 -32.18 -33.47
N LEU D 170 11.44 -33.33 -32.93
CA LEU D 170 10.66 -34.34 -33.67
C LEU D 170 9.45 -34.80 -32.86
N ILE D 171 8.64 -33.86 -32.39
CA ILE D 171 7.43 -34.19 -31.64
C ILE D 171 6.60 -35.20 -32.43
N SER D 172 6.32 -36.35 -31.82
CA SER D 172 5.50 -37.39 -32.42
C SER D 172 4.15 -37.39 -31.70
N VAL D 173 3.10 -37.01 -32.42
CA VAL D 173 1.76 -36.88 -31.86
C VAL D 173 0.92 -38.02 -32.42
N THR D 174 0.75 -39.07 -31.62
CA THR D 174 -0.11 -40.18 -31.97
C THR D 174 -1.24 -40.31 -30.93
N GLY D 175 -2.20 -41.17 -31.24
CA GLY D 175 -3.34 -41.36 -30.36
C GLY D 175 -4.40 -42.28 -30.92
N GLY D 176 -5.66 -41.86 -30.86
CA GLY D 176 -6.77 -42.64 -31.36
C GLY D 176 -7.21 -42.18 -32.75
N ALA D 177 -8.20 -42.89 -33.28
CA ALA D 177 -8.77 -42.59 -34.58
C ALA D 177 -10.24 -42.99 -34.59
N LYS D 178 -11.01 -42.26 -35.41
CA LYS D 178 -12.44 -42.51 -35.66
C LYS D 178 -13.26 -42.65 -34.38
N ASN D 179 -12.65 -42.32 -33.23
CA ASN D 179 -13.34 -42.31 -31.95
C ASN D 179 -12.63 -41.31 -31.05
N PHE D 180 -13.11 -40.08 -31.00
CA PHE D 180 -12.31 -39.03 -30.36
C PHE D 180 -13.20 -37.85 -30.03
N ASN D 181 -13.40 -37.61 -28.73
CA ASN D 181 -14.18 -36.46 -28.27
C ASN D 181 -13.31 -35.64 -27.31
N MET D 182 -12.54 -34.72 -27.88
CA MET D 182 -11.52 -34.01 -27.11
C MET D 182 -12.20 -33.07 -26.12
N LYS D 183 -11.84 -33.20 -24.84
CA LYS D 183 -12.55 -32.48 -23.78
C LYS D 183 -12.39 -30.97 -23.97
N PRO D 184 -13.44 -30.18 -23.68
CA PRO D 184 -13.41 -28.75 -24.03
C PRO D 184 -12.27 -27.97 -23.36
N ARG D 185 -11.84 -28.41 -22.18
CA ARG D 185 -10.68 -27.81 -21.54
C ARG D 185 -9.38 -28.46 -21.98
N LEU D 186 -9.37 -29.79 -22.10
CA LEU D 186 -8.20 -30.48 -22.64
C LEU D 186 -7.95 -30.06 -24.08
N LYS D 187 -9.01 -29.73 -24.82
CA LYS D 187 -8.87 -29.24 -26.19
C LYS D 187 -8.10 -27.93 -26.19
N SER D 188 -8.10 -27.21 -25.06
CA SER D 188 -7.37 -25.97 -24.92
C SER D 188 -5.93 -26.14 -24.47
N ILE D 189 -5.66 -26.94 -23.44
CA ILE D 189 -4.28 -27.25 -23.08
C ILE D 189 -3.52 -27.89 -24.23
N PHE D 190 -4.20 -28.65 -25.09
CA PHE D 190 -3.52 -29.30 -26.20
C PHE D 190 -2.89 -28.30 -27.16
N ARG D 191 -3.66 -27.34 -27.66
CA ARG D 191 -3.07 -26.44 -28.65
C ARG D 191 -2.18 -25.38 -28.03
N ARG D 192 -2.46 -24.91 -26.81
CA ARG D 192 -1.47 -24.06 -26.14
C ARG D 192 -0.17 -24.83 -25.89
N GLY D 193 -0.25 -26.15 -25.86
CA GLY D 193 0.93 -26.97 -25.65
C GLY D 193 1.67 -27.36 -26.92
N LEU D 194 0.96 -27.38 -28.05
CA LEU D 194 1.54 -27.90 -29.29
C LEU D 194 1.91 -26.82 -30.29
N VAL D 195 1.40 -25.59 -30.14
CA VAL D 195 1.74 -24.55 -31.11
C VAL D 195 3.06 -23.91 -30.72
N LYS D 196 3.36 -23.84 -29.43
CA LYS D 196 4.58 -23.19 -28.95
C LYS D 196 5.86 -23.92 -29.33
N VAL D 197 5.85 -25.24 -29.35
CA VAL D 197 7.02 -26.01 -29.79
C VAL D 197 7.23 -25.75 -31.27
N ALA D 198 6.15 -25.58 -32.02
CA ALA D 198 6.21 -25.22 -33.43
C ALA D 198 6.66 -23.78 -33.60
N GLN D 199 6.29 -22.90 -32.66
CA GLN D 199 6.69 -21.50 -32.72
C GLN D 199 8.20 -21.37 -32.72
N THR D 200 8.88 -22.10 -31.83
CA THR D 200 10.32 -21.99 -31.70
C THR D 200 11.03 -23.06 -32.53
N THR D 201 12.37 -23.12 -32.39
CA THR D 201 13.27 -24.08 -33.03
C THR D 201 12.90 -24.36 -34.49
N GLY D 202 13.11 -25.59 -34.93
CA GLY D 202 12.80 -26.00 -36.30
C GLY D 202 11.97 -27.27 -36.29
N ALA D 203 11.04 -27.36 -35.36
CA ALA D 203 10.36 -28.60 -35.03
C ALA D 203 9.60 -29.17 -36.23
N TRP D 204 9.65 -30.49 -36.34
CA TRP D 204 8.86 -31.25 -37.29
C TRP D 204 7.73 -31.96 -36.55
N ILE D 205 6.53 -31.92 -37.13
CA ILE D 205 5.37 -32.54 -36.53
C ILE D 205 4.97 -33.76 -37.35
N ILE D 206 5.46 -34.94 -36.95
CA ILE D 206 5.12 -36.16 -37.68
C ILE D 206 3.88 -36.80 -37.06
N THR D 207 2.80 -36.85 -37.83
CA THR D 207 1.53 -37.41 -37.36
C THR D 207 0.90 -38.27 -38.45
N GLY D 208 -0.01 -39.16 -38.06
CA GLY D 208 -0.76 -39.94 -39.03
C GLY D 208 -1.62 -39.06 -39.91
N GLY D 209 -1.74 -39.42 -41.18
CA GLY D 209 -2.52 -38.62 -42.10
C GLY D 209 -3.97 -39.04 -42.19
N SER D 210 -4.85 -38.37 -41.45
CA SER D 210 -6.27 -38.66 -41.47
C SER D 210 -7.01 -37.48 -40.86
N HIS D 211 -8.22 -37.23 -41.35
CA HIS D 211 -9.05 -36.15 -40.84
C HIS D 211 -9.91 -36.67 -39.68
N THR D 212 -9.27 -37.30 -38.69
CA THR D 212 -9.98 -37.84 -37.54
C THR D 212 -9.01 -38.15 -36.40
N GLY D 213 -9.42 -37.84 -35.17
CA GLY D 213 -8.62 -38.17 -34.00
C GLY D 213 -7.72 -37.05 -33.53
N VAL D 214 -6.69 -37.44 -32.79
CA VAL D 214 -5.69 -36.48 -32.34
C VAL D 214 -4.95 -35.97 -33.57
N MET D 215 -4.99 -36.75 -34.65
CA MET D 215 -4.43 -36.28 -35.92
C MET D 215 -5.29 -35.22 -36.59
N LYS D 216 -6.58 -35.12 -36.27
CA LYS D 216 -7.39 -34.01 -36.75
C LYS D 216 -7.34 -32.82 -35.82
N GLN D 217 -6.90 -33.01 -34.56
CA GLN D 217 -6.68 -31.89 -33.66
C GLN D 217 -5.30 -31.27 -33.79
N VAL D 218 -4.29 -32.03 -34.21
CA VAL D 218 -2.97 -31.48 -34.46
C VAL D 218 -2.93 -30.72 -35.78
N GLY D 219 -3.86 -31.01 -36.69
CA GLY D 219 -4.00 -30.24 -37.91
C GLY D 219 -5.01 -29.12 -37.75
N GLU D 220 -5.74 -29.12 -36.63
CA GLU D 220 -6.70 -28.08 -36.34
C GLU D 220 -6.09 -26.89 -35.61
N ALA D 221 -4.85 -27.00 -35.16
CA ALA D 221 -4.19 -25.88 -34.51
C ALA D 221 -3.16 -25.23 -35.44
N VAL D 222 -2.62 -26.00 -36.39
CA VAL D 222 -1.69 -25.44 -37.36
C VAL D 222 -2.38 -24.40 -38.23
N ARG D 223 -3.67 -24.60 -38.55
CA ARG D 223 -4.42 -23.58 -39.26
C ARG D 223 -4.53 -22.28 -38.46
N ASP D 224 -4.75 -22.38 -37.15
CA ASP D 224 -4.79 -21.19 -36.28
C ASP D 224 -3.42 -20.51 -36.27
N PHE D 225 -2.35 -21.30 -36.37
CA PHE D 225 -1.00 -20.76 -36.30
C PHE D 225 -0.48 -20.50 -37.72
N SER D 226 -1.37 -20.50 -38.71
CA SER D 226 -0.96 -20.16 -40.06
C SER D 226 -1.78 -19.01 -40.62
N LEU D 227 -2.94 -18.73 -40.01
CA LEU D 227 -3.76 -17.59 -40.37
C LEU D 227 -3.62 -16.44 -39.36
N SER D 228 -3.04 -16.73 -38.20
CA SER D 228 -2.73 -15.70 -37.21
C SER D 228 -1.58 -16.17 -36.34
N SER D 229 -0.38 -15.64 -36.58
CA SER D 229 0.81 -16.16 -35.89
C SER D 229 1.89 -15.08 -35.89
N SER D 230 3.06 -15.42 -35.35
CA SER D 230 4.18 -14.48 -35.27
C SER D 230 4.82 -14.29 -36.64
N TYR D 231 5.16 -15.39 -37.31
CA TYR D 231 5.75 -15.37 -38.64
C TYR D 231 4.69 -15.27 -39.74
N LYS D 232 3.41 -15.22 -39.36
CA LYS D 232 2.30 -15.33 -40.30
C LYS D 232 2.47 -16.59 -41.15
N GLU D 233 2.20 -16.47 -42.45
CA GLU D 233 2.29 -17.56 -43.44
C GLU D 233 2.26 -18.95 -42.82
N GLY D 234 3.34 -19.71 -42.97
CA GLY D 234 3.51 -20.93 -42.21
C GLY D 234 4.83 -21.62 -42.45
N GLU D 235 5.53 -21.96 -41.38
CA GLU D 235 6.71 -22.80 -41.43
C GLU D 235 6.70 -23.77 -40.24
N LEU D 236 6.04 -24.90 -40.43
CA LEU D 236 5.90 -25.91 -39.37
C LEU D 236 6.36 -27.29 -39.81
N ILE D 237 6.22 -27.62 -41.10
CA ILE D 237 6.55 -28.95 -41.63
C ILE D 237 5.84 -30.01 -40.82
N THR D 238 4.57 -30.23 -41.11
CA THR D 238 3.74 -31.22 -40.41
C THR D 238 3.69 -32.46 -41.29
N ILE D 239 4.63 -33.38 -41.06
CA ILE D 239 4.72 -34.59 -41.87
C ILE D 239 3.53 -35.50 -41.56
N GLY D 240 2.86 -35.95 -42.62
CA GLY D 240 1.76 -36.88 -42.46
C GLY D 240 2.06 -38.22 -43.07
N VAL D 241 2.23 -39.24 -42.24
CA VAL D 241 2.58 -40.57 -42.74
C VAL D 241 1.47 -41.54 -42.38
N ALA D 242 0.89 -42.17 -43.39
CA ALA D 242 -0.21 -43.10 -43.19
C ALA D 242 -0.10 -44.29 -44.15
N THR D 243 -1.15 -45.11 -44.23
CA THR D 243 -1.15 -46.27 -45.11
C THR D 243 -1.91 -45.89 -46.38
N TRP D 244 -1.30 -46.16 -47.53
CA TRP D 244 -1.92 -45.91 -48.82
C TRP D 244 -3.25 -46.63 -48.94
N GLY D 245 -3.27 -47.92 -48.60
CA GLY D 245 -4.47 -48.73 -48.74
C GLY D 245 -5.67 -48.19 -48.00
N THR D 246 -5.43 -47.48 -46.90
CA THR D 246 -6.51 -46.89 -46.11
C THR D 246 -6.72 -45.42 -46.49
N VAL D 247 -6.98 -45.20 -47.77
CA VAL D 247 -7.32 -43.88 -48.32
C VAL D 247 -8.54 -44.04 -49.20
N HIS D 248 -9.51 -43.13 -49.05
CA HIS D 248 -10.82 -43.33 -49.64
C HIS D 248 -10.79 -43.25 -51.16
N ARG D 249 -10.45 -42.08 -51.71
CA ARG D 249 -10.37 -41.91 -53.16
C ARG D 249 -8.90 -41.91 -53.58
N ARG D 250 -8.32 -43.11 -53.61
CA ARG D 250 -6.98 -43.31 -54.15
C ARG D 250 -6.93 -43.06 -55.65
N GLU D 251 -8.06 -43.14 -56.34
CA GLU D 251 -8.13 -42.88 -57.76
C GLU D 251 -7.91 -41.39 -58.04
N GLY D 252 -7.12 -41.12 -59.07
CA GLY D 252 -6.72 -39.74 -59.37
C GLY D 252 -5.45 -39.33 -58.66
N LEU D 253 -5.08 -40.08 -57.61
CA LEU D 253 -3.82 -39.85 -56.92
C LEU D 253 -2.75 -40.78 -57.49
N ILE D 254 -3.11 -41.58 -58.49
CA ILE D 254 -2.20 -42.52 -59.12
C ILE D 254 -2.04 -42.20 -60.59
N HIS D 255 -1.00 -41.45 -60.93
CA HIS D 255 -0.70 -41.09 -62.30
C HIS D 255 0.73 -41.47 -62.64
N PRO D 256 0.97 -42.18 -63.74
CA PRO D 256 2.34 -42.49 -64.13
C PRO D 256 3.14 -41.21 -64.31
N THR D 257 4.43 -41.28 -63.95
CA THR D 257 5.32 -40.14 -63.78
C THR D 257 4.86 -39.40 -62.52
N GLY D 258 4.37 -38.17 -62.64
CA GLY D 258 3.96 -37.43 -61.47
C GLY D 258 2.47 -37.11 -61.43
N SER D 259 2.05 -36.34 -60.42
CA SER D 259 0.67 -35.90 -60.33
C SER D 259 0.57 -34.42 -60.70
N PHE D 260 1.45 -33.59 -60.14
CA PHE D 260 1.57 -32.19 -60.52
C PHE D 260 0.24 -31.46 -60.41
N PRO D 261 -0.13 -31.02 -59.19
CA PRO D 261 -1.52 -30.63 -58.91
C PRO D 261 -2.64 -31.53 -59.43
N ALA D 262 -2.70 -32.73 -58.88
CA ALA D 262 -3.88 -33.58 -58.97
C ALA D 262 -4.90 -33.11 -57.94
N GLU D 263 -6.07 -33.77 -57.93
CA GLU D 263 -7.19 -33.34 -57.10
C GLU D 263 -7.56 -34.42 -56.10
N TYR D 264 -8.07 -34.00 -54.94
CA TYR D 264 -8.52 -34.87 -53.87
C TYR D 264 -9.82 -34.31 -53.30
N ILE D 265 -10.95 -34.91 -53.66
CA ILE D 265 -12.24 -34.48 -53.13
C ILE D 265 -12.43 -35.10 -51.75
N LEU D 266 -12.76 -34.27 -50.76
CA LEU D 266 -12.93 -34.73 -49.39
C LEU D 266 -14.40 -35.04 -49.16
N ASP D 267 -14.76 -36.30 -49.34
CA ASP D 267 -16.10 -36.79 -49.02
C ASP D 267 -15.98 -37.82 -47.90
N GLU D 268 -16.70 -37.58 -46.80
CA GLU D 268 -16.56 -38.38 -45.59
C GLU D 268 -17.86 -39.12 -45.25
N ASP D 269 -18.76 -39.26 -46.22
CA ASP D 269 -20.03 -39.96 -46.00
C ASP D 269 -19.99 -41.37 -46.58
N GLY D 270 -19.29 -41.53 -47.70
CA GLY D 270 -19.21 -42.83 -48.36
C GLY D 270 -17.94 -43.59 -48.04
N GLN D 271 -17.25 -43.19 -46.97
CA GLN D 271 -16.01 -43.86 -46.60
C GLN D 271 -16.26 -45.30 -46.14
N GLY D 272 -17.28 -45.51 -45.33
CA GLY D 272 -17.63 -46.84 -44.85
C GLY D 272 -16.63 -47.35 -43.82
N ASN D 273 -15.45 -47.71 -44.30
CA ASN D 273 -14.35 -48.09 -43.41
C ASN D 273 -13.02 -47.55 -43.92
N LEU D 274 -13.02 -46.72 -44.96
CA LEU D 274 -11.81 -46.33 -45.67
C LEU D 274 -11.57 -44.85 -45.43
N THR D 275 -10.64 -44.54 -44.52
CA THR D 275 -10.45 -43.21 -43.97
C THR D 275 -9.85 -42.26 -45.01
N CYS D 276 -10.34 -41.02 -45.00
CA CYS D 276 -9.84 -39.95 -45.86
C CYS D 276 -8.60 -39.31 -45.24
N LEU D 277 -7.89 -38.55 -46.07
CA LEU D 277 -6.71 -37.81 -45.61
C LEU D 277 -7.13 -36.51 -44.94
N ASP D 278 -6.18 -35.90 -44.23
CA ASP D 278 -6.43 -34.63 -43.56
C ASP D 278 -6.35 -33.49 -44.56
N SER D 279 -6.42 -32.25 -44.08
CA SER D 279 -6.44 -31.09 -44.97
C SER D 279 -5.58 -29.95 -44.46
N ASN D 280 -4.77 -30.20 -43.43
CA ASN D 280 -3.91 -29.15 -42.89
C ASN D 280 -2.50 -29.63 -42.59
N HIS D 281 -2.09 -30.81 -43.05
CA HIS D 281 -0.72 -31.25 -42.91
C HIS D 281 0.15 -30.57 -43.95
N SER D 282 1.40 -30.99 -44.05
CA SER D 282 2.34 -30.39 -44.99
C SER D 282 2.78 -31.36 -46.09
N HIS D 283 3.23 -32.56 -45.73
CA HIS D 283 3.69 -33.55 -46.69
C HIS D 283 3.15 -34.91 -46.29
N PHE D 284 2.70 -35.69 -47.28
CA PHE D 284 2.05 -36.97 -47.04
C PHE D 284 2.94 -38.10 -47.54
N ILE D 285 3.37 -38.96 -46.62
CA ILE D 285 4.16 -40.13 -46.97
C ILE D 285 3.30 -41.38 -46.81
N LEU D 286 2.76 -41.88 -47.93
CA LEU D 286 1.87 -43.03 -47.88
C LEU D 286 2.64 -44.32 -48.08
N VAL D 287 2.56 -45.21 -47.09
CA VAL D 287 3.20 -46.52 -47.18
C VAL D 287 2.23 -47.50 -47.82
N ASP D 288 2.75 -48.60 -48.35
CA ASP D 288 1.90 -49.56 -49.05
C ASP D 288 2.35 -50.97 -48.71
N ASP D 289 1.37 -51.87 -48.57
CA ASP D 289 1.68 -53.29 -48.46
C ASP D 289 0.84 -54.16 -49.39
N GLY D 290 -0.10 -53.59 -50.13
CA GLY D 290 -0.93 -54.33 -51.03
C GLY D 290 -2.23 -54.86 -50.45
N THR D 291 -2.78 -54.23 -49.41
CA THR D 291 -3.99 -54.69 -48.76
C THR D 291 -5.00 -53.56 -48.69
N HIS D 292 -6.27 -53.93 -48.60
CA HIS D 292 -7.37 -52.98 -48.48
C HIS D 292 -7.99 -53.12 -47.10
N GLY D 293 -8.03 -52.00 -46.36
CA GLY D 293 -8.66 -51.96 -45.06
C GLY D 293 -7.81 -52.46 -43.91
N GLN D 294 -6.55 -52.81 -44.15
CA GLN D 294 -5.66 -53.27 -43.09
C GLN D 294 -4.87 -52.07 -42.56
N TYR D 295 -5.41 -51.48 -41.49
CA TYR D 295 -4.67 -50.44 -40.78
C TYR D 295 -3.60 -51.07 -39.91
N GLY D 296 -2.66 -50.23 -39.45
CA GLY D 296 -1.54 -50.70 -38.67
C GLY D 296 -0.30 -51.05 -39.46
N VAL D 297 -0.38 -51.05 -40.79
CA VAL D 297 0.81 -51.25 -41.61
C VAL D 297 1.78 -50.11 -41.41
N GLU D 298 1.27 -48.88 -41.27
CA GLU D 298 2.11 -47.71 -41.04
C GLU D 298 2.32 -47.60 -39.54
N ILE D 299 3.33 -48.31 -39.03
CA ILE D 299 3.73 -48.29 -37.63
C ILE D 299 5.22 -48.62 -37.53
N PRO D 300 5.73 -49.70 -38.16
CA PRO D 300 7.16 -49.98 -38.00
C PRO D 300 8.06 -49.05 -38.79
N LEU D 301 7.65 -48.64 -40.00
CA LEU D 301 8.54 -47.85 -40.85
C LEU D 301 8.85 -46.49 -40.26
N ARG D 302 7.85 -45.82 -39.69
CA ARG D 302 8.13 -44.52 -39.08
C ARG D 302 9.03 -44.64 -37.85
N THR D 303 9.06 -45.81 -37.21
CA THR D 303 9.91 -46.04 -36.06
C THR D 303 11.37 -46.25 -36.41
N ARG D 304 11.70 -46.40 -37.70
CA ARG D 304 13.09 -46.27 -38.12
C ARG D 304 13.31 -44.94 -38.83
N LEU D 305 12.23 -44.36 -39.36
CA LEU D 305 12.28 -43.00 -39.88
C LEU D 305 12.64 -42.03 -38.76
N GLU D 306 11.96 -42.14 -37.63
CA GLU D 306 12.19 -41.27 -36.48
C GLU D 306 13.48 -41.58 -35.74
N LYS D 307 14.17 -42.66 -36.12
CA LYS D 307 15.49 -42.94 -35.56
C LYS D 307 16.61 -42.50 -36.50
N PHE D 308 16.55 -42.93 -37.76
CA PHE D 308 17.61 -42.55 -38.70
C PHE D 308 17.62 -41.05 -38.97
N ILE D 309 16.47 -40.39 -38.87
CA ILE D 309 16.43 -38.94 -38.97
C ILE D 309 17.06 -38.34 -37.72
N SER D 310 16.79 -38.94 -36.57
CA SER D 310 17.03 -38.31 -35.27
C SER D 310 18.31 -38.78 -34.58
N GLU D 311 19.05 -39.71 -35.19
CA GLU D 311 20.25 -40.22 -34.51
C GLU D 311 21.49 -40.25 -35.39
N GLN D 312 21.33 -40.40 -36.71
CA GLN D 312 22.48 -40.46 -37.59
C GLN D 312 22.35 -39.54 -38.81
N THR D 313 21.96 -38.28 -38.58
CA THR D 313 21.88 -37.33 -39.68
C THR D 313 22.72 -36.07 -39.50
N LYS D 314 23.13 -35.72 -38.28
CA LYS D 314 23.94 -34.55 -38.04
C LYS D 314 25.37 -34.94 -37.71
N GLU D 315 26.29 -34.03 -38.01
CA GLU D 315 27.70 -34.35 -37.89
C GLU D 315 28.55 -33.14 -37.48
N ARG D 316 28.11 -32.33 -36.52
CA ARG D 316 29.13 -31.54 -35.83
C ARG D 316 29.54 -32.25 -34.55
N GLY D 317 30.64 -31.79 -33.97
CA GLY D 317 31.26 -32.48 -32.86
C GLY D 317 32.20 -33.54 -33.38
N GLY D 318 32.27 -33.65 -34.70
CA GLY D 318 33.18 -34.57 -35.36
C GLY D 318 32.75 -36.02 -35.35
N VAL D 319 31.86 -36.42 -34.45
CA VAL D 319 31.47 -37.82 -34.36
C VAL D 319 29.98 -38.02 -34.58
N ALA D 320 29.14 -37.52 -33.68
CA ALA D 320 27.68 -37.66 -33.78
C ALA D 320 26.98 -36.91 -32.66
N ILE D 321 25.76 -36.45 -32.91
CA ILE D 321 24.94 -35.76 -31.92
C ILE D 321 23.50 -36.21 -32.11
N LYS D 322 22.78 -36.40 -31.01
CA LYS D 322 21.41 -36.91 -31.06
C LYS D 322 20.44 -35.77 -31.32
N ILE D 323 19.56 -35.95 -32.31
CA ILE D 323 18.42 -35.04 -32.52
C ILE D 323 17.38 -35.33 -31.44
N PRO D 324 16.92 -34.32 -30.71
CA PRO D 324 15.85 -34.54 -29.74
C PRO D 324 14.60 -35.10 -30.39
N ILE D 325 13.95 -36.04 -29.70
CA ILE D 325 12.72 -36.67 -30.17
C ILE D 325 11.82 -36.94 -28.98
N VAL D 326 10.53 -36.62 -29.12
CA VAL D 326 9.54 -36.83 -28.09
C VAL D 326 8.27 -37.38 -28.75
N CYS D 327 7.55 -38.21 -27.99
CA CYS D 327 6.32 -38.83 -28.50
C CYS D 327 5.19 -38.48 -27.56
N VAL D 328 4.17 -37.81 -28.07
CA VAL D 328 3.01 -37.43 -27.27
C VAL D 328 1.83 -38.31 -27.67
N VAL D 329 1.16 -38.87 -26.67
CA VAL D 329 0.02 -39.74 -26.91
C VAL D 329 -1.20 -39.28 -26.12
N LEU D 330 -2.33 -39.15 -26.79
CA LEU D 330 -3.60 -38.83 -26.16
C LEU D 330 -4.65 -39.85 -26.57
N GLU D 331 -5.36 -40.38 -25.56
CA GLU D 331 -6.23 -41.54 -25.74
C GLU D 331 -5.49 -42.66 -26.45
N GLY D 332 -6.17 -43.42 -27.30
CA GLY D 332 -5.50 -44.43 -28.07
C GLY D 332 -6.41 -45.60 -28.39
N GLY D 333 -5.79 -46.71 -28.75
CA GLY D 333 -6.49 -47.91 -29.13
C GLY D 333 -5.53 -49.06 -29.42
N PRO D 334 -6.00 -50.07 -30.17
CA PRO D 334 -5.16 -51.24 -30.46
C PRO D 334 -3.83 -50.89 -31.12
N GLY D 335 -3.83 -49.93 -32.03
CA GLY D 335 -2.63 -49.52 -32.72
C GLY D 335 -1.84 -48.43 -32.03
N THR D 336 -2.26 -47.99 -30.84
CA THR D 336 -1.55 -46.98 -30.07
C THR D 336 -0.57 -47.58 -29.08
N LEU D 337 -0.80 -48.81 -28.63
CA LEU D 337 0.17 -49.52 -27.80
C LEU D 337 1.34 -50.06 -28.60
N HIS D 338 1.08 -50.56 -29.81
CA HIS D 338 2.15 -50.97 -30.72
C HIS D 338 2.85 -49.72 -31.25
N THR D 339 2.19 -48.57 -31.11
CA THR D 339 2.78 -47.28 -31.42
C THR D 339 3.85 -46.86 -30.43
N ILE D 340 3.63 -47.04 -29.13
CA ILE D 340 4.59 -46.60 -28.13
C ILE D 340 5.59 -47.67 -27.73
N ASP D 341 5.22 -48.96 -27.79
CA ASP D 341 6.15 -50.03 -27.51
C ASP D 341 7.33 -50.04 -28.48
N ASN D 342 7.05 -49.91 -29.78
CA ASN D 342 8.12 -49.88 -30.77
C ASN D 342 8.99 -48.64 -30.60
N ALA D 343 8.37 -47.51 -30.26
CA ALA D 343 9.11 -46.26 -30.07
C ALA D 343 10.04 -46.33 -28.87
N THR D 344 9.52 -46.80 -27.73
CA THR D 344 10.32 -46.91 -26.52
C THR D 344 11.43 -47.93 -26.67
N THR D 345 11.16 -49.02 -27.37
CA THR D 345 12.19 -50.04 -27.62
C THR D 345 13.32 -49.43 -28.43
N ASN D 346 12.97 -48.63 -29.44
CA ASN D 346 13.97 -47.95 -30.26
C ASN D 346 14.73 -46.90 -29.45
N GLY D 347 14.04 -46.26 -28.51
CA GLY D 347 14.67 -45.24 -27.69
C GLY D 347 14.08 -43.86 -27.85
N THR D 348 12.78 -43.79 -28.14
CA THR D 348 12.06 -42.53 -28.26
C THR D 348 11.36 -42.25 -26.94
N PRO D 349 11.77 -41.20 -26.22
CA PRO D 349 11.04 -40.82 -25.00
C PRO D 349 9.60 -40.43 -25.31
N CYS D 350 8.67 -40.85 -24.45
CA CYS D 350 7.26 -40.58 -24.67
C CYS D 350 6.60 -40.05 -23.41
N VAL D 351 5.53 -39.29 -23.60
CA VAL D 351 4.74 -38.73 -22.51
C VAL D 351 3.28 -39.07 -22.74
N VAL D 352 2.60 -39.50 -21.69
CA VAL D 352 1.19 -39.88 -21.76
C VAL D 352 0.37 -38.79 -21.09
N VAL D 353 -0.75 -38.42 -21.72
CA VAL D 353 -1.63 -37.39 -21.17
C VAL D 353 -2.73 -38.11 -20.39
N GLU D 354 -2.66 -38.03 -19.07
CA GLU D 354 -3.61 -38.72 -18.19
C GLU D 354 -4.96 -38.01 -18.23
N GLY D 355 -6.03 -38.76 -17.98
CA GLY D 355 -7.37 -38.22 -17.91
C GLY D 355 -8.04 -38.04 -19.26
N SER D 356 -7.45 -38.52 -20.34
CA SER D 356 -8.00 -38.31 -21.67
C SER D 356 -9.10 -39.32 -22.01
N GLY D 357 -8.88 -40.58 -21.67
CA GLY D 357 -9.72 -41.62 -22.24
C GLY D 357 -9.08 -42.99 -22.26
N ARG D 358 -8.96 -43.53 -23.47
CA ARG D 358 -8.40 -44.85 -23.74
C ARG D 358 -6.88 -44.84 -23.58
N VAL D 359 -6.20 -45.75 -24.29
CA VAL D 359 -4.97 -46.42 -23.87
C VAL D 359 -3.94 -45.50 -23.21
N ALA D 360 -4.04 -44.19 -23.46
CA ALA D 360 -3.24 -43.24 -22.70
C ALA D 360 -3.43 -43.37 -21.19
N ASP D 361 -4.68 -43.43 -20.72
CA ASP D 361 -4.95 -43.51 -19.29
C ASP D 361 -4.54 -44.85 -18.68
N VAL D 362 -4.78 -45.95 -19.39
CA VAL D 362 -4.56 -47.29 -18.83
C VAL D 362 -3.06 -47.47 -18.62
N ILE D 363 -2.25 -46.63 -19.24
CA ILE D 363 -0.81 -46.65 -19.03
C ILE D 363 -0.41 -45.38 -18.29
N ALA D 364 -1.39 -44.57 -17.92
CA ALA D 364 -1.12 -43.37 -17.13
C ALA D 364 -1.16 -43.69 -15.63
N GLN D 365 -2.03 -44.62 -15.23
CA GLN D 365 -2.11 -45.00 -13.82
C GLN D 365 -1.53 -46.37 -13.52
N VAL D 366 -0.63 -46.88 -14.37
CA VAL D 366 0.07 -48.13 -14.08
C VAL D 366 1.56 -47.91 -14.34
N ALA D 367 1.94 -46.65 -14.51
CA ALA D 367 3.29 -46.29 -14.97
C ALA D 367 4.28 -46.14 -13.82
N ASN D 368 3.86 -46.43 -12.59
CA ASN D 368 4.74 -46.30 -11.44
C ASN D 368 4.74 -47.57 -10.61
N LEU D 369 3.84 -48.49 -10.90
CA LEU D 369 3.75 -49.73 -10.16
C LEU D 369 4.86 -50.70 -10.63
N PRO D 370 5.24 -51.64 -9.77
CA PRO D 370 6.26 -52.63 -10.16
C PRO D 370 5.83 -53.44 -11.38
N VAL D 371 6.82 -53.84 -12.16
CA VAL D 371 6.59 -54.59 -13.41
C VAL D 371 6.03 -55.96 -13.08
N SER D 372 6.26 -56.43 -11.86
CA SER D 372 5.77 -57.73 -11.44
C SER D 372 4.30 -57.66 -11.03
N ASP D 373 3.88 -56.50 -10.53
CA ASP D 373 2.50 -56.34 -10.09
C ASP D 373 1.53 -56.46 -11.26
N ILE D 374 1.89 -55.87 -12.41
CA ILE D 374 1.03 -55.87 -13.60
C ILE D 374 0.75 -57.30 -14.03
N THR D 375 -0.53 -57.68 -13.99
CA THR D 375 -0.97 -59.03 -14.30
C THR D 375 -2.21 -58.99 -15.20
N ILE D 376 -2.68 -60.18 -15.56
CA ILE D 376 -3.88 -60.29 -16.39
C ILE D 376 -5.11 -59.84 -15.61
N SER D 377 -5.14 -60.07 -14.30
CA SER D 377 -6.25 -59.59 -13.49
C SER D 377 -6.30 -58.07 -13.43
N LEU D 378 -5.15 -57.42 -13.23
CA LEU D 378 -5.13 -55.96 -13.19
C LEU D 378 -5.53 -55.35 -14.54
N ILE D 379 -5.05 -55.92 -15.64
CA ILE D 379 -5.43 -55.40 -16.94
C ILE D 379 -6.90 -55.64 -17.21
N GLN D 380 -7.45 -56.76 -16.72
CA GLN D 380 -8.88 -57.00 -16.85
C GLN D 380 -9.71 -55.99 -16.08
N GLN D 381 -9.30 -55.60 -14.88
CA GLN D 381 -10.05 -54.61 -14.12
C GLN D 381 -9.84 -53.20 -14.66
N LYS D 382 -8.69 -52.94 -15.28
CA LYS D 382 -8.39 -51.60 -15.76
C LYS D 382 -8.76 -51.47 -17.24
N LEU D 383 -9.25 -52.57 -17.84
CA LEU D 383 -9.80 -52.48 -19.19
C LEU D 383 -11.33 -52.49 -19.16
N SER D 384 -11.95 -52.48 -17.97
CA SER D 384 -13.40 -52.47 -17.87
C SER D 384 -13.93 -51.11 -17.42
N VAL D 385 -13.08 -50.09 -17.40
CA VAL D 385 -13.50 -48.75 -17.00
C VAL D 385 -13.20 -47.76 -18.11
N PHE D 386 -11.97 -47.76 -18.61
CA PHE D 386 -11.61 -46.90 -19.74
C PHE D 386 -12.13 -47.46 -21.05
N PHE D 387 -12.24 -48.79 -21.14
CA PHE D 387 -12.70 -49.47 -22.36
C PHE D 387 -14.05 -50.11 -22.04
N GLN D 388 -15.13 -49.51 -22.55
CA GLN D 388 -16.47 -49.96 -22.22
C GLN D 388 -17.08 -50.86 -23.29
N GLU D 389 -17.19 -50.35 -24.51
CA GLU D 389 -17.87 -51.12 -25.56
C GLU D 389 -16.90 -52.06 -26.27
N MET D 390 -15.61 -51.71 -26.30
CA MET D 390 -14.63 -52.62 -26.88
C MET D 390 -14.23 -53.74 -25.93
N PHE D 391 -14.64 -53.66 -24.67
CA PHE D 391 -14.24 -54.67 -23.69
C PHE D 391 -14.75 -56.06 -24.05
N GLU D 392 -16.03 -56.17 -24.43
CA GLU D 392 -16.59 -57.46 -24.79
C GLU D 392 -15.94 -58.00 -26.05
N THR D 393 -15.41 -57.09 -26.89
CA THR D 393 -14.63 -57.52 -28.04
C THR D 393 -13.31 -58.17 -27.59
N PHE D 394 -12.68 -57.62 -26.56
CA PHE D 394 -11.44 -58.18 -26.04
C PHE D 394 -11.63 -59.61 -25.57
N THR D 395 -10.94 -60.54 -26.24
CA THR D 395 -11.01 -61.95 -25.89
C THR D 395 -9.92 -62.30 -24.88
N GLU D 396 -9.76 -63.59 -24.59
CA GLU D 396 -8.69 -64.01 -23.69
C GLU D 396 -7.34 -64.09 -24.39
N SER D 397 -7.28 -63.92 -25.72
CA SER D 397 -6.03 -63.88 -26.46
C SER D 397 -5.67 -62.45 -26.87
N ARG D 398 -6.40 -61.46 -26.37
CA ARG D 398 -6.04 -60.07 -26.59
C ARG D 398 -5.82 -59.31 -25.30
N ILE D 399 -6.05 -59.93 -24.14
CA ILE D 399 -5.71 -59.33 -22.86
C ILE D 399 -4.42 -59.88 -22.28
N VAL D 400 -3.92 -61.01 -22.78
CA VAL D 400 -2.63 -61.54 -22.35
C VAL D 400 -1.59 -61.13 -23.38
N GLU D 401 -2.05 -60.50 -24.47
CA GLU D 401 -1.16 -59.92 -25.46
C GLU D 401 -1.13 -58.41 -25.31
N TRP D 402 -2.05 -57.89 -24.49
CA TRP D 402 -2.07 -56.48 -24.13
C TRP D 402 -1.37 -56.22 -22.80
N THR D 403 -1.07 -57.28 -22.05
CA THR D 403 -0.38 -57.17 -20.76
C THR D 403 1.14 -57.20 -20.90
N LYS D 404 1.67 -58.06 -21.77
CA LYS D 404 3.11 -58.13 -22.01
C LYS D 404 3.67 -56.83 -22.60
N LYS D 405 2.93 -56.19 -23.51
CA LYS D 405 3.35 -54.92 -24.08
C LYS D 405 3.33 -53.81 -23.03
N ILE D 406 2.31 -53.80 -22.16
CA ILE D 406 2.27 -52.83 -21.07
C ILE D 406 3.42 -53.04 -20.12
N GLN D 407 3.71 -54.28 -19.74
CA GLN D 407 4.87 -54.54 -18.89
C GLN D 407 6.15 -54.11 -19.58
N ASP D 408 6.24 -54.37 -20.89
CA ASP D 408 7.44 -54.02 -21.65
C ASP D 408 7.67 -52.51 -21.65
N ILE D 409 6.60 -51.73 -21.80
CA ILE D 409 6.76 -50.28 -21.82
C ILE D 409 6.94 -49.74 -20.41
N VAL D 410 6.59 -50.53 -19.38
CA VAL D 410 6.77 -50.09 -18.00
C VAL D 410 8.21 -50.24 -17.50
N ARG D 411 8.86 -51.38 -17.73
CA ARG D 411 10.22 -51.52 -17.23
C ARG D 411 11.22 -50.68 -18.03
N ARG D 412 10.78 -50.00 -19.08
CA ARG D 412 11.53 -48.88 -19.65
C ARG D 412 11.05 -47.62 -18.94
N ARG D 413 11.24 -47.61 -17.62
CA ARG D 413 10.88 -46.48 -16.78
C ARG D 413 11.73 -45.25 -17.04
N GLN D 414 12.82 -45.40 -17.79
CA GLN D 414 13.66 -44.29 -18.20
C GLN D 414 13.31 -43.78 -19.59
N LEU D 415 12.15 -44.16 -20.13
CA LEU D 415 11.66 -43.68 -21.41
C LEU D 415 10.16 -43.44 -21.37
N LEU D 416 9.61 -43.20 -20.19
CA LEU D 416 8.16 -43.01 -20.05
C LEU D 416 7.87 -42.12 -18.85
N THR D 417 7.01 -41.14 -19.06
CA THR D 417 6.54 -40.26 -17.99
C THR D 417 5.02 -40.11 -18.14
N VAL D 418 4.44 -39.24 -17.31
CA VAL D 418 3.00 -39.02 -17.31
C VAL D 418 2.70 -37.53 -17.14
N PHE D 419 1.72 -37.03 -17.89
CA PHE D 419 1.27 -35.65 -17.76
C PHE D 419 0.22 -35.56 -16.67
N ARG D 420 0.65 -35.22 -15.46
CA ARG D 420 -0.26 -35.05 -14.34
C ARG D 420 -1.21 -33.89 -14.60
N GLU D 421 -2.46 -34.04 -14.16
CA GLU D 421 -3.48 -33.07 -14.53
C GLU D 421 -3.76 -31.99 -13.49
N GLY D 422 -4.29 -32.36 -12.32
CA GLY D 422 -4.92 -31.35 -11.50
C GLY D 422 -4.05 -30.36 -10.76
N LYS D 423 -3.49 -30.75 -9.61
CA LYS D 423 -2.49 -29.96 -8.90
C LYS D 423 -1.13 -30.63 -9.04
N ASP D 424 -0.71 -30.81 -10.29
CA ASP D 424 0.61 -31.34 -10.65
C ASP D 424 0.78 -31.22 -12.14
N GLY D 425 1.93 -30.73 -12.59
CA GLY D 425 2.11 -30.46 -14.01
C GLY D 425 1.05 -29.49 -14.50
N GLN D 426 0.81 -28.42 -13.74
CA GLN D 426 -0.19 -27.43 -14.12
C GLN D 426 0.39 -26.47 -15.16
N GLN D 427 0.53 -26.97 -16.40
CA GLN D 427 1.09 -26.17 -17.48
C GLN D 427 0.77 -26.88 -18.80
N ASP D 428 1.22 -26.28 -19.90
CA ASP D 428 1.04 -26.88 -21.22
C ASP D 428 1.78 -28.21 -21.31
N VAL D 429 1.58 -28.90 -22.44
CA VAL D 429 2.17 -30.21 -22.69
C VAL D 429 3.69 -30.09 -22.74
N ASP D 430 4.19 -28.86 -22.92
CA ASP D 430 5.59 -28.65 -23.26
C ASP D 430 6.54 -29.05 -22.12
N VAL D 431 6.28 -28.58 -20.89
CA VAL D 431 7.14 -28.98 -19.78
C VAL D 431 7.12 -30.51 -19.62
N ALA D 432 5.99 -31.13 -19.97
CA ALA D 432 5.90 -32.58 -19.95
C ALA D 432 6.79 -33.24 -20.98
N ILE D 433 6.98 -32.64 -22.16
CA ILE D 433 7.85 -33.28 -23.14
C ILE D 433 9.29 -33.28 -22.67
N LEU D 434 9.74 -32.21 -22.01
CA LEU D 434 11.08 -32.29 -21.44
C LEU D 434 11.11 -32.99 -20.08
N GLN D 435 9.96 -33.16 -19.42
CA GLN D 435 9.94 -34.09 -18.30
C GLN D 435 10.29 -35.49 -18.77
N ALA D 436 9.68 -35.91 -19.88
CA ALA D 436 10.05 -37.18 -20.50
C ALA D 436 11.53 -37.19 -20.88
N LEU D 437 12.00 -36.11 -21.50
CA LEU D 437 13.40 -36.03 -21.88
C LEU D 437 14.32 -36.00 -20.65
N LEU D 438 13.86 -35.41 -19.55
CA LEU D 438 14.74 -35.25 -18.38
C LEU D 438 14.98 -36.59 -17.71
N LYS D 439 13.92 -37.34 -17.40
CA LYS D 439 14.11 -38.68 -16.86
C LYS D 439 14.75 -39.60 -17.90
N ALA D 440 14.50 -39.36 -19.19
CA ALA D 440 15.15 -40.17 -20.21
C ALA D 440 16.65 -39.92 -20.27
N SER D 441 17.05 -38.65 -20.34
CA SER D 441 18.45 -38.29 -20.54
C SER D 441 19.24 -38.23 -19.25
N ARG D 442 18.59 -38.32 -18.08
CA ARG D 442 19.34 -38.48 -16.84
C ARG D 442 20.14 -39.78 -16.86
N SER D 443 19.56 -40.84 -17.40
CA SER D 443 20.32 -42.06 -17.66
C SER D 443 21.30 -41.89 -18.81
N GLN D 444 21.12 -40.86 -19.63
CA GLN D 444 21.94 -40.63 -20.81
C GLN D 444 22.84 -39.41 -20.67
N ASP D 445 23.33 -39.12 -19.48
CA ASP D 445 24.01 -37.86 -19.21
C ASP D 445 25.53 -37.93 -19.32
N HIS D 446 26.13 -39.12 -19.43
CA HIS D 446 27.59 -39.16 -19.47
C HIS D 446 28.15 -39.86 -20.70
N PHE D 447 27.40 -40.81 -21.27
CA PHE D 447 27.94 -41.52 -22.43
C PHE D 447 27.63 -40.73 -23.71
N GLY D 448 26.98 -39.58 -23.56
CA GLY D 448 26.76 -38.67 -24.68
C GLY D 448 27.65 -37.44 -24.60
N HIS D 449 28.20 -37.21 -23.40
CA HIS D 449 29.18 -36.15 -23.14
C HIS D 449 28.61 -34.76 -23.38
N GLU D 450 28.39 -34.41 -24.65
CA GLU D 450 27.85 -33.11 -25.00
C GLU D 450 26.36 -33.01 -24.75
N ASN D 451 25.71 -34.15 -24.48
CA ASN D 451 24.25 -34.25 -24.36
C ASN D 451 23.68 -33.25 -23.37
N TRP D 452 24.49 -32.80 -22.43
CA TRP D 452 24.11 -31.73 -21.51
C TRP D 452 23.80 -30.43 -22.23
N ASP D 453 24.55 -30.12 -23.28
CA ASP D 453 24.39 -28.85 -23.97
C ASP D 453 23.02 -28.73 -24.62
N HIS D 454 22.56 -29.78 -25.30
CA HIS D 454 21.23 -29.70 -25.91
C HIS D 454 20.14 -29.78 -24.86
N GLN D 455 20.40 -30.49 -23.75
CA GLN D 455 19.48 -30.45 -22.62
C GLN D 455 19.15 -29.02 -22.23
N LEU D 456 20.19 -28.18 -22.13
CA LEU D 456 19.94 -26.78 -21.82
C LEU D 456 19.39 -25.99 -23.01
N LYS D 457 19.78 -26.35 -24.24
CA LYS D 457 19.25 -25.61 -25.39
C LYS D 457 17.74 -25.77 -25.52
N LEU D 458 17.17 -26.86 -25.02
CA LEU D 458 15.72 -26.89 -24.83
C LEU D 458 15.30 -26.27 -23.51
N ALA D 459 16.05 -26.51 -22.42
CA ALA D 459 15.65 -25.99 -21.12
C ALA D 459 15.52 -24.47 -21.11
N VAL D 460 15.97 -23.80 -22.16
CA VAL D 460 15.74 -22.36 -22.29
C VAL D 460 14.32 -22.05 -22.76
N ALA D 461 13.53 -23.06 -23.13
CA ALA D 461 12.24 -22.85 -23.77
C ALA D 461 11.10 -22.64 -22.79
N TRP D 462 11.33 -22.80 -21.48
CA TRP D 462 10.22 -22.70 -20.53
C TRP D 462 10.45 -21.63 -19.47
N ASN D 463 13.39 -21.35 -20.05
CA ASN D 463 13.92 -20.65 -18.89
C ASN D 463 13.63 -21.44 -17.62
N ARG D 464 13.90 -22.75 -17.67
CA ARG D 464 13.76 -23.61 -16.50
C ARG D 464 14.95 -23.35 -15.57
N VAL D 465 14.92 -22.16 -14.96
CA VAL D 465 15.96 -21.78 -14.00
C VAL D 465 15.90 -22.67 -12.77
N ASP D 466 14.70 -22.89 -12.24
CA ASP D 466 14.54 -23.74 -11.07
C ASP D 466 14.86 -25.19 -11.39
N ILE D 467 14.47 -25.67 -12.58
CA ILE D 467 14.78 -27.04 -12.95
C ILE D 467 16.29 -27.21 -13.15
N ALA D 468 16.92 -26.31 -13.90
CA ALA D 468 18.36 -26.40 -14.11
C ALA D 468 19.13 -26.30 -12.81
N ARG D 469 18.66 -25.46 -11.88
CA ARG D 469 19.23 -25.46 -10.53
C ARG D 469 19.03 -26.80 -9.83
N SER D 470 17.84 -27.39 -9.97
CA SER D 470 17.51 -28.61 -9.26
C SER D 470 18.15 -29.86 -9.87
N GLU D 471 18.31 -29.90 -11.19
CA GLU D 471 18.78 -31.12 -11.84
C GLU D 471 20.30 -31.25 -11.84
N ILE D 472 21.04 -30.14 -11.82
CA ILE D 472 22.49 -30.16 -11.92
C ILE D 472 23.15 -29.63 -10.66
N PHE D 473 22.70 -28.48 -10.16
CA PHE D 473 23.44 -27.79 -9.10
C PHE D 473 23.40 -28.54 -7.77
N MET D 474 22.43 -29.43 -7.55
CA MET D 474 22.42 -30.29 -6.37
C MET D 474 22.72 -31.75 -6.69
N ASP D 475 23.46 -32.02 -7.76
CA ASP D 475 24.02 -33.34 -7.98
C ASP D 475 25.35 -33.44 -7.24
N GLU D 476 26.12 -34.50 -7.50
CA GLU D 476 27.50 -34.57 -7.06
C GLU D 476 28.37 -33.89 -8.14
N TRP D 477 27.95 -32.67 -8.46
CA TRP D 477 28.42 -31.95 -9.63
C TRP D 477 29.91 -31.64 -9.50
N GLN D 478 30.68 -32.03 -10.52
CA GLN D 478 32.13 -31.81 -10.54
C GLN D 478 32.50 -30.37 -10.80
N TRP D 479 31.51 -29.48 -10.93
CA TRP D 479 31.60 -28.02 -11.00
C TRP D 479 32.36 -27.55 -12.22
N LYS D 480 33.06 -28.46 -12.91
CA LYS D 480 33.39 -28.48 -14.33
C LYS D 480 33.43 -27.09 -14.97
N PRO D 481 34.36 -26.22 -14.58
CA PRO D 481 34.35 -24.86 -15.17
C PRO D 481 34.51 -24.85 -16.68
N SER D 482 35.27 -25.79 -17.24
CA SER D 482 35.41 -25.85 -18.70
C SER D 482 34.13 -26.29 -19.37
N ASP D 483 33.45 -27.30 -18.83
CA ASP D 483 32.21 -27.79 -19.40
C ASP D 483 31.06 -26.79 -19.27
N LEU D 484 31.16 -25.84 -18.34
CA LEU D 484 30.11 -24.84 -18.21
C LEU D 484 30.17 -23.81 -19.34
N HIS D 485 31.27 -23.78 -20.09
CA HIS D 485 31.41 -22.75 -21.12
C HIS D 485 30.61 -23.04 -22.39
N PRO D 486 30.57 -24.27 -22.93
CA PRO D 486 29.64 -24.51 -24.05
C PRO D 486 28.20 -24.22 -23.68
N THR D 487 27.80 -24.55 -22.46
CA THR D 487 26.48 -24.19 -21.95
C THR D 487 26.33 -22.69 -21.74
N MET D 488 27.39 -22.00 -21.32
CA MET D 488 27.38 -20.54 -21.27
C MET D 488 27.07 -19.95 -22.64
N THR D 489 27.79 -20.41 -23.67
CA THR D 489 27.56 -19.91 -25.03
C THR D 489 26.17 -20.27 -25.53
N ALA D 490 25.68 -21.47 -25.21
CA ALA D 490 24.31 -21.82 -25.55
C ALA D 490 23.30 -20.91 -24.86
N ALA D 491 23.62 -20.45 -23.65
CA ALA D 491 22.78 -19.51 -22.93
C ALA D 491 23.01 -18.07 -23.35
N LEU D 492 23.98 -17.82 -24.22
CA LEU D 492 24.23 -16.48 -24.75
C LEU D 492 23.68 -16.24 -26.15
N ILE D 493 23.54 -17.28 -26.97
CA ILE D 493 23.16 -17.06 -28.36
C ILE D 493 21.83 -16.32 -28.47
N SER D 494 20.94 -16.50 -27.49
CA SER D 494 19.80 -15.62 -27.30
C SER D 494 19.79 -15.12 -25.85
N ASN D 495 18.69 -14.49 -25.46
CA ASN D 495 18.64 -13.71 -24.23
C ASN D 495 19.03 -14.51 -22.98
N LYS D 496 18.24 -15.51 -22.59
CA LYS D 496 18.43 -16.29 -21.37
C LYS D 496 18.92 -15.43 -20.22
N PRO D 497 18.09 -14.53 -19.70
CA PRO D 497 18.56 -13.55 -18.72
C PRO D 497 19.02 -14.18 -17.41
N GLU D 498 18.32 -15.24 -16.98
CA GLU D 498 18.61 -15.85 -15.69
C GLU D 498 19.63 -16.98 -15.79
N PHE D 499 19.76 -17.63 -16.95
CA PHE D 499 20.70 -18.74 -17.07
C PHE D 499 22.15 -18.26 -16.92
N VAL D 500 22.47 -17.10 -17.50
CA VAL D 500 23.82 -16.58 -17.35
C VAL D 500 24.10 -16.17 -15.91
N LYS D 501 23.10 -15.65 -15.20
CA LYS D 501 23.34 -15.35 -13.79
C LYS D 501 23.47 -16.64 -12.99
N LEU D 502 22.72 -17.67 -13.36
CA LEU D 502 22.93 -19.01 -12.80
C LEU D 502 24.40 -19.42 -12.93
N PHE D 503 25.01 -19.14 -14.08
CA PHE D 503 26.41 -19.47 -14.27
C PHE D 503 27.34 -18.57 -13.47
N LEU D 504 26.88 -17.40 -13.03
CA LEU D 504 27.78 -16.55 -12.24
C LEU D 504 27.74 -16.84 -10.75
N GLU D 505 26.64 -17.37 -10.19
CA GLU D 505 26.78 -17.86 -8.81
C GLU D 505 27.53 -19.18 -8.78
N ASN D 506 27.45 -19.97 -9.86
CA ASN D 506 28.36 -21.09 -10.03
C ASN D 506 29.79 -20.61 -10.21
N GLY D 507 29.98 -19.35 -10.58
CA GLY D 507 31.30 -18.79 -10.71
C GLY D 507 31.99 -19.17 -12.01
N VAL D 508 31.32 -18.94 -13.13
CA VAL D 508 31.99 -19.06 -14.42
C VAL D 508 32.92 -17.87 -14.59
N GLN D 509 34.22 -18.13 -14.51
CA GLN D 509 35.20 -17.05 -14.68
C GLN D 509 35.18 -16.62 -16.14
N LEU D 510 34.50 -15.50 -16.40
CA LEU D 510 34.45 -14.94 -17.75
C LEU D 510 35.85 -14.67 -18.27
N LYS D 511 36.78 -14.31 -17.39
CA LYS D 511 38.08 -13.81 -17.83
C LYS D 511 38.91 -14.86 -18.57
N GLU D 512 38.66 -16.16 -18.35
CA GLU D 512 39.28 -17.15 -19.23
C GLU D 512 38.26 -17.79 -20.17
N PHE D 513 36.96 -17.62 -19.87
CA PHE D 513 35.93 -18.18 -20.73
C PHE D 513 35.94 -17.54 -22.11
N VAL D 514 36.21 -16.24 -22.17
CA VAL D 514 36.22 -15.54 -23.45
C VAL D 514 37.64 -15.61 -24.00
N THR D 515 37.87 -16.53 -24.92
CA THR D 515 39.07 -16.60 -25.74
C THR D 515 38.78 -15.90 -27.07
N TRP D 516 39.74 -15.97 -27.99
CA TRP D 516 39.55 -15.32 -29.28
C TRP D 516 38.43 -16.01 -30.06
N ASP D 517 38.48 -17.34 -30.13
CA ASP D 517 37.40 -18.07 -30.79
C ASP D 517 36.06 -17.93 -30.06
N THR D 518 36.09 -17.67 -28.75
CA THR D 518 34.85 -17.44 -28.02
C THR D 518 34.15 -16.18 -28.50
N LEU D 519 34.90 -15.09 -28.63
CA LEU D 519 34.34 -13.89 -29.23
C LEU D 519 33.94 -14.09 -30.68
N LEU D 520 34.69 -14.88 -31.44
CA LEU D 520 34.23 -15.25 -32.78
C LEU D 520 32.82 -15.81 -32.72
N TYR D 521 32.64 -16.91 -31.98
CA TYR D 521 31.32 -17.55 -31.83
C TYR D 521 30.25 -16.59 -31.36
N LEU D 522 30.57 -15.71 -30.40
CA LEU D 522 29.58 -14.76 -29.93
C LEU D 522 29.20 -13.78 -31.04
N TYR D 523 30.17 -13.38 -31.87
CA TYR D 523 29.93 -12.33 -32.84
C TYR D 523 29.30 -12.81 -34.14
N GLU D 524 29.31 -14.11 -34.45
CA GLU D 524 28.49 -14.51 -35.59
C GLU D 524 27.02 -14.67 -35.23
N ASN D 525 26.67 -14.62 -33.94
CA ASN D 525 25.32 -14.94 -33.50
C ASN D 525 24.58 -13.71 -33.01
N LEU D 526 24.68 -12.61 -33.75
CA LEU D 526 23.89 -11.43 -33.44
C LEU D 526 22.40 -11.74 -33.60
N ASP D 527 21.56 -10.87 -33.05
CA ASP D 527 20.15 -10.95 -33.34
C ASP D 527 19.90 -10.58 -34.79
N PRO D 528 19.31 -11.46 -35.61
CA PRO D 528 19.12 -11.13 -37.02
C PRO D 528 18.16 -9.98 -37.27
N SER D 529 17.28 -9.67 -36.32
CA SER D 529 16.28 -8.63 -36.50
C SER D 529 16.83 -7.22 -36.27
N CYS D 530 17.97 -7.09 -35.60
CA CYS D 530 18.53 -5.76 -35.35
C CYS D 530 19.05 -5.15 -36.64
N LEU D 531 18.90 -3.82 -36.73
CA LEU D 531 19.44 -3.10 -37.89
C LEU D 531 20.96 -3.14 -37.92
N PHE D 532 21.62 -3.25 -36.76
CA PHE D 532 23.06 -3.36 -36.74
C PHE D 532 23.51 -4.70 -37.33
N HIS D 533 22.67 -5.73 -37.24
CA HIS D 533 22.93 -6.96 -37.98
C HIS D 533 22.90 -6.71 -39.47
N SER D 534 21.95 -5.91 -39.95
CA SER D 534 21.97 -5.48 -41.34
C SER D 534 23.21 -4.66 -41.66
N LYS D 535 23.76 -3.97 -40.65
CA LYS D 535 25.03 -3.27 -40.84
C LYS D 535 26.20 -4.24 -40.91
N LEU D 536 26.10 -5.39 -40.24
CA LEU D 536 27.08 -6.45 -40.44
C LEU D 536 27.00 -7.01 -41.86
N GLN D 537 25.78 -7.10 -42.41
CA GLN D 537 25.68 -7.44 -43.82
C GLN D 537 26.30 -6.37 -44.71
N LYS D 538 26.02 -5.09 -44.45
CA LYS D 538 26.61 -4.07 -45.30
C LYS D 538 28.13 -4.09 -45.20
N VAL D 539 28.68 -4.27 -43.99
CA VAL D 539 30.14 -4.29 -43.84
C VAL D 539 30.72 -5.59 -44.39
N LEU D 540 29.93 -6.66 -44.45
CA LEU D 540 30.34 -7.82 -45.22
C LEU D 540 30.56 -7.42 -46.69
N VAL D 541 29.70 -6.56 -47.23
CA VAL D 541 29.80 -6.11 -48.62
C VAL D 541 30.56 -4.80 -48.79
N GLU D 542 30.99 -4.16 -47.69
CA GLU D 542 31.86 -3.00 -47.80
C GLU D 542 33.25 -3.42 -48.26
N ASP D 543 33.74 -4.55 -47.78
CA ASP D 543 34.98 -5.16 -48.26
C ASP D 543 34.64 -6.60 -48.61
N PRO D 544 33.95 -6.82 -49.73
CA PRO D 544 33.49 -8.17 -50.07
C PRO D 544 34.60 -9.08 -50.55
N GLU D 545 34.21 -10.26 -51.05
CA GLU D 545 35.18 -11.30 -51.37
C GLU D 545 36.22 -10.83 -52.37
N ARG D 546 35.78 -10.30 -53.51
CA ARG D 546 36.72 -10.06 -54.60
C ARG D 546 37.55 -8.77 -54.47
N PRO D 547 36.92 -7.58 -54.36
CA PRO D 547 37.71 -6.34 -54.56
C PRO D 547 38.70 -6.02 -53.45
N ALA D 548 38.26 -6.06 -52.19
CA ALA D 548 39.10 -5.60 -51.08
C ALA D 548 39.64 -6.72 -50.21
N CYS D 549 39.02 -7.89 -50.22
CA CYS D 549 39.41 -9.03 -49.38
C CYS D 549 39.60 -10.26 -50.27
N ALA D 550 40.44 -10.11 -51.31
CA ALA D 550 40.51 -10.90 -52.54
C ALA D 550 40.12 -12.37 -52.42
N PRO D 551 40.53 -13.12 -51.38
CA PRO D 551 39.96 -14.46 -51.20
C PRO D 551 38.45 -14.46 -50.95
N ALA D 552 37.85 -15.63 -50.84
CA ALA D 552 36.42 -15.69 -50.56
C ALA D 552 36.12 -15.12 -49.18
N ALA D 553 35.01 -14.39 -49.07
CA ALA D 553 34.61 -13.78 -47.80
C ALA D 553 33.14 -13.43 -47.80
N PRO D 554 32.25 -14.43 -47.76
CA PRO D 554 30.85 -14.17 -47.37
C PRO D 554 30.56 -14.40 -45.90
N ARG D 555 31.56 -14.70 -45.08
CA ARG D 555 31.39 -14.96 -43.66
C ARG D 555 32.04 -13.84 -42.86
N LEU D 556 31.36 -13.43 -41.78
CA LEU D 556 31.78 -12.27 -41.02
C LEU D 556 33.00 -12.59 -40.16
N GLN D 557 33.71 -11.55 -39.79
CA GLN D 557 34.94 -11.67 -39.04
C GLN D 557 34.89 -10.68 -37.87
N MET D 558 36.04 -10.44 -37.26
CA MET D 558 36.17 -9.51 -36.16
C MET D 558 36.79 -8.17 -36.53
N HIS D 559 37.66 -8.12 -37.54
CA HIS D 559 38.08 -6.83 -38.07
C HIS D 559 36.99 -6.20 -38.93
N HIS D 560 36.03 -7.00 -39.41
CA HIS D 560 34.81 -6.43 -39.93
C HIS D 560 34.06 -5.65 -38.86
N VAL D 561 34.00 -6.20 -37.64
CA VAL D 561 33.42 -5.46 -36.51
C VAL D 561 34.27 -4.25 -36.16
N ALA D 562 35.60 -4.39 -36.25
CA ALA D 562 36.47 -3.27 -35.96
C ALA D 562 36.27 -2.13 -36.97
N GLN D 563 36.13 -2.46 -38.25
CA GLN D 563 35.99 -1.42 -39.27
C GLN D 563 34.58 -0.83 -39.31
N VAL D 564 33.62 -1.44 -38.62
CA VAL D 564 32.32 -0.79 -38.45
C VAL D 564 32.27 -0.01 -37.14
N LEU D 565 33.02 -0.43 -36.12
CA LEU D 565 33.28 0.45 -34.98
C LEU D 565 34.07 1.67 -35.40
N ARG D 566 34.82 1.57 -36.51
CA ARG D 566 35.46 2.74 -37.10
C ARG D 566 34.45 3.85 -37.35
N GLU D 567 33.30 3.51 -37.94
CA GLU D 567 32.31 4.54 -38.25
C GLU D 567 31.36 4.79 -37.09
N LEU D 568 31.17 3.80 -36.22
CA LEU D 568 30.25 3.98 -35.10
C LEU D 568 30.72 5.07 -34.15
N LEU D 569 32.00 5.06 -33.77
CA LEU D 569 32.56 6.16 -33.02
C LEU D 569 33.44 7.00 -33.94
N GLY D 570 34.14 7.98 -33.38
CA GLY D 570 34.74 9.02 -34.19
C GLY D 570 36.00 8.67 -34.96
N ASP D 571 36.95 9.59 -34.99
CA ASP D 571 38.19 9.48 -35.76
C ASP D 571 39.36 9.22 -34.82
N PHE D 572 39.11 8.39 -33.81
CA PHE D 572 39.97 8.28 -32.64
C PHE D 572 40.96 7.14 -32.84
N THR D 573 41.85 6.97 -31.86
CA THR D 573 42.67 5.76 -31.82
C THR D 573 41.79 4.61 -31.34
N GLN D 574 41.63 3.59 -32.18
CA GLN D 574 40.71 2.49 -31.93
C GLN D 574 41.49 1.18 -31.99
N PRO D 575 42.29 0.88 -30.97
CA PRO D 575 42.91 -0.46 -30.96
C PRO D 575 41.84 -1.53 -30.82
N LEU D 576 41.25 -1.65 -29.62
CA LEU D 576 40.01 -2.38 -29.34
C LEU D 576 40.02 -3.82 -29.88
N TYR D 577 41.14 -4.17 -30.52
CA TYR D 577 41.34 -5.38 -31.31
C TYR D 577 42.77 -5.35 -31.83
N PRO D 578 43.36 -6.48 -32.18
CA PRO D 578 44.59 -6.42 -32.99
C PRO D 578 44.30 -6.20 -34.46
N ARG D 579 43.88 -4.98 -34.82
CA ARG D 579 43.52 -4.67 -36.20
C ARG D 579 44.62 -4.89 -37.23
N PRO D 580 45.90 -4.50 -36.98
CA PRO D 580 46.89 -4.58 -38.07
C PRO D 580 47.20 -6.00 -38.53
N ARG D 581 48.11 -6.13 -39.50
CA ARG D 581 48.21 -7.34 -40.29
C ARG D 581 48.72 -8.53 -39.50
N HIS D 582 49.22 -8.31 -38.27
CA HIS D 582 49.54 -9.43 -37.40
C HIS D 582 48.29 -10.27 -37.13
N ASN D 583 47.13 -9.63 -37.06
CA ASN D 583 45.87 -10.33 -36.83
C ASN D 583 44.80 -9.79 -37.78
N ASP D 584 45.13 -9.74 -39.08
CA ASP D 584 44.18 -9.23 -40.07
C ASP D 584 43.01 -10.20 -40.18
N ARG D 585 41.88 -9.78 -39.61
CA ARG D 585 40.66 -10.55 -39.52
C ARG D 585 39.69 -10.10 -40.61
N LEU D 586 40.16 -10.20 -41.85
CA LEU D 586 39.38 -9.73 -42.99
C LEU D 586 39.32 -10.68 -44.18
N ARG D 587 40.26 -11.62 -44.32
CA ARG D 587 40.40 -12.39 -45.56
C ARG D 587 40.48 -13.89 -45.34
N LEU D 588 40.03 -14.41 -44.20
CA LEU D 588 40.38 -15.76 -43.75
C LEU D 588 39.33 -16.79 -44.18
N LEU D 589 39.29 -17.09 -45.48
CA LEU D 589 38.59 -18.29 -45.96
C LEU D 589 39.35 -19.09 -47.00
N LEU D 590 40.26 -18.50 -47.77
CA LEU D 590 41.07 -19.31 -48.66
C LEU D 590 42.46 -19.49 -48.08
N PRO D 591 43.13 -20.59 -48.38
CA PRO D 591 44.38 -20.91 -47.67
C PRO D 591 45.51 -19.95 -47.99
N VAL D 592 45.41 -18.73 -47.48
CA VAL D 592 46.55 -17.80 -47.54
C VAL D 592 47.67 -18.34 -46.65
N PRO D 593 48.91 -18.35 -47.11
CA PRO D 593 49.98 -18.98 -46.33
C PRO D 593 50.36 -18.20 -45.08
N HIS D 594 51.39 -18.66 -44.39
CA HIS D 594 51.75 -18.19 -43.07
C HIS D 594 52.47 -16.85 -43.10
N VAL D 595 53.12 -16.51 -41.97
CA VAL D 595 53.73 -15.20 -41.73
C VAL D 595 54.78 -14.89 -42.79
N LYS D 596 55.13 -15.88 -43.62
CA LYS D 596 56.12 -15.65 -44.68
C LYS D 596 55.69 -14.53 -45.61
N LEU D 597 54.39 -14.27 -45.74
CA LEU D 597 53.92 -13.09 -46.45
C LEU D 597 53.94 -11.87 -45.54
N ASN D 598 53.25 -11.95 -44.41
CA ASN D 598 53.07 -10.83 -43.48
C ASN D 598 52.41 -9.64 -44.16
N VAL D 599 51.72 -9.87 -45.26
CA VAL D 599 50.87 -8.87 -45.88
C VAL D 599 49.48 -8.87 -45.27
N GLN D 600 48.94 -10.06 -44.99
CA GLN D 600 48.01 -10.24 -43.89
C GLN D 600 48.17 -11.56 -43.16
N GLY D 601 49.26 -12.32 -43.39
CA GLY D 601 49.37 -13.66 -42.82
C GLY D 601 49.34 -13.64 -41.30
N VAL D 602 48.48 -14.48 -40.73
CA VAL D 602 48.22 -14.50 -39.29
C VAL D 602 48.52 -15.90 -38.77
N SER D 603 49.78 -16.13 -38.38
CA SER D 603 50.19 -17.39 -37.76
C SER D 603 51.15 -17.11 -36.61
N LEU D 604 50.98 -15.96 -35.95
CA LEU D 604 51.89 -15.59 -34.86
C LEU D 604 51.71 -16.50 -33.65
N ARG D 605 50.48 -16.91 -33.37
CA ARG D 605 50.23 -17.71 -32.18
C ARG D 605 50.34 -19.20 -32.47
N SER D 606 49.59 -19.69 -33.46
CA SER D 606 49.58 -21.12 -33.77
C SER D 606 49.54 -21.29 -35.28
N LEU D 607 49.31 -22.52 -35.72
CA LEU D 607 49.28 -22.84 -37.14
C LEU D 607 48.03 -22.28 -37.80
N TYR D 608 48.07 -22.22 -39.13
CA TYR D 608 46.97 -21.67 -39.92
C TYR D 608 46.02 -22.80 -40.28
N LYS D 609 44.85 -22.82 -39.64
CA LYS D 609 43.81 -23.82 -39.87
C LYS D 609 42.48 -23.13 -40.12
N ARG D 610 42.49 -22.14 -41.02
CA ARG D 610 41.38 -21.22 -41.22
C ARG D 610 41.04 -20.51 -39.91
N SER D 611 42.07 -20.20 -39.13
CA SER D 611 41.94 -19.53 -37.85
C SER D 611 43.26 -18.83 -37.54
N SER D 612 43.35 -18.30 -36.33
CA SER D 612 44.55 -17.56 -35.92
C SER D 612 45.11 -18.09 -34.61
N GLY D 613 44.25 -18.58 -33.74
CA GLY D 613 44.67 -19.14 -32.47
C GLY D 613 44.32 -18.26 -31.29
N HIS D 614 45.01 -18.52 -30.18
CA HIS D 614 44.79 -17.76 -28.95
C HIS D 614 45.52 -16.41 -29.07
N VAL D 615 44.86 -15.50 -29.79
CA VAL D 615 45.30 -14.13 -29.98
C VAL D 615 44.26 -13.26 -29.29
N THR D 616 43.79 -13.75 -28.13
CA THR D 616 42.56 -13.32 -27.47
C THR D 616 42.60 -11.86 -27.05
N PHE D 617 41.54 -11.42 -26.37
CA PHE D 617 41.11 -10.03 -26.24
C PHE D 617 42.25 -9.02 -26.23
N THR D 618 43.32 -9.32 -25.49
CA THR D 618 44.56 -8.55 -25.47
C THR D 618 44.33 -7.18 -24.82
N MET D 619 43.06 -6.77 -24.67
CA MET D 619 42.79 -5.51 -23.99
C MET D 619 41.70 -5.61 -22.94
N ASP D 620 40.62 -6.34 -23.23
CA ASP D 620 39.46 -6.39 -22.34
C ASP D 620 38.53 -7.57 -22.60
N PRO D 621 38.33 -8.45 -21.64
CA PRO D 621 37.29 -9.48 -21.80
C PRO D 621 35.86 -8.96 -21.69
N ILE D 622 35.55 -8.27 -20.60
CA ILE D 622 34.16 -8.10 -20.20
C ILE D 622 33.47 -6.94 -20.93
N ARG D 623 34.14 -5.80 -21.09
CA ARG D 623 33.49 -4.69 -21.77
C ARG D 623 33.38 -4.93 -23.28
N ASP D 624 34.17 -5.85 -23.84
CA ASP D 624 33.82 -6.38 -25.16
C ASP D 624 32.54 -7.19 -25.12
N LEU D 625 32.33 -7.99 -24.06
CA LEU D 625 31.00 -8.56 -23.86
C LEU D 625 29.94 -7.49 -23.72
N LEU D 626 30.29 -6.33 -23.16
CA LEU D 626 29.33 -5.22 -23.05
C LEU D 626 28.91 -4.72 -24.43
N ILE D 627 29.86 -4.64 -25.37
CA ILE D 627 29.50 -4.30 -26.74
C ILE D 627 28.59 -5.37 -27.32
N TRP D 628 28.91 -6.63 -27.08
CA TRP D 628 28.12 -7.74 -27.61
C TRP D 628 26.71 -7.76 -27.02
N ALA D 629 26.53 -7.36 -25.77
CA ALA D 629 25.20 -7.35 -25.19
C ALA D 629 24.34 -6.25 -25.81
N ILE D 630 24.93 -5.08 -26.04
CA ILE D 630 24.14 -3.95 -26.52
C ILE D 630 23.90 -3.99 -28.03
N VAL D 631 24.75 -4.69 -28.80
CA VAL D 631 24.52 -4.79 -30.23
C VAL D 631 23.42 -5.80 -30.58
N GLN D 632 23.04 -6.65 -29.64
CA GLN D 632 21.90 -7.55 -29.83
C GLN D 632 20.64 -7.05 -29.14
N ASN D 633 20.61 -5.79 -28.69
CA ASN D 633 19.47 -5.25 -27.95
C ASN D 633 19.16 -6.08 -26.72
N ARG D 634 20.21 -6.43 -25.98
CA ARG D 634 20.07 -7.12 -24.69
C ARG D 634 20.45 -6.12 -23.60
N ARG D 635 19.43 -5.50 -23.00
CA ARG D 635 19.68 -4.44 -22.04
C ARG D 635 19.97 -4.99 -20.64
N GLU D 636 19.18 -5.97 -20.19
CA GLU D 636 19.41 -6.56 -18.87
C GLU D 636 20.78 -7.22 -18.75
N LEU D 637 21.18 -8.00 -19.76
CA LEU D 637 22.47 -8.66 -19.71
C LEU D 637 23.60 -7.65 -19.68
N ALA D 638 23.48 -6.58 -20.47
CA ALA D 638 24.50 -5.54 -20.46
C ALA D 638 24.59 -4.87 -19.09
N GLY D 639 23.45 -4.61 -18.44
CA GLY D 639 23.49 -4.06 -17.10
C GLY D 639 24.19 -4.97 -16.12
N ILE D 640 23.94 -6.27 -16.20
CA ILE D 640 24.63 -7.22 -15.31
C ILE D 640 26.12 -7.22 -15.58
N ILE D 641 26.53 -7.31 -16.85
CA ILE D 641 27.95 -7.46 -17.16
C ILE D 641 28.70 -6.15 -17.01
N TRP D 642 27.99 -5.02 -16.91
CA TRP D 642 28.65 -3.78 -16.53
C TRP D 642 29.29 -3.90 -15.15
N ALA D 643 28.66 -4.67 -14.25
CA ALA D 643 29.16 -4.82 -12.89
C ALA D 643 30.53 -5.50 -12.84
N GLN D 644 30.94 -6.16 -13.92
CA GLN D 644 32.27 -6.75 -14.00
C GLN D 644 33.17 -6.02 -15.00
N SER D 645 32.70 -4.93 -15.59
CA SER D 645 33.50 -4.21 -16.57
C SER D 645 34.65 -3.47 -15.90
N GLN D 646 35.81 -3.48 -16.57
CA GLN D 646 37.00 -2.79 -16.11
C GLN D 646 36.91 -1.28 -16.22
N ASP D 647 36.13 -0.77 -17.19
CA ASP D 647 36.10 0.66 -17.47
C ASP D 647 35.19 1.41 -16.52
N CYS D 648 33.90 1.08 -16.54
CA CYS D 648 32.85 1.52 -15.61
C CYS D 648 32.62 3.03 -15.61
N ILE D 649 33.40 3.78 -16.39
CA ILE D 649 33.11 5.19 -16.60
C ILE D 649 33.08 5.49 -18.10
N ALA D 650 34.21 5.25 -18.77
CA ALA D 650 34.29 5.52 -20.20
C ALA D 650 33.46 4.52 -21.00
N ALA D 651 33.30 3.29 -20.48
CA ALA D 651 32.36 2.36 -21.10
C ALA D 651 30.94 2.90 -21.05
N ALA D 652 30.55 3.48 -19.91
CA ALA D 652 29.22 4.06 -19.77
C ALA D 652 28.99 5.21 -20.74
N LEU D 653 29.98 6.07 -20.98
CA LEU D 653 29.83 7.12 -21.98
C LEU D 653 29.86 6.56 -23.40
N ALA D 654 30.84 5.69 -23.70
CA ALA D 654 31.01 5.19 -25.06
C ALA D 654 29.82 4.35 -25.50
N CYS D 655 29.32 3.47 -24.62
CA CYS D 655 28.17 2.65 -24.97
C CYS D 655 26.94 3.51 -25.23
N SER D 656 26.71 4.53 -24.41
CA SER D 656 25.58 5.43 -24.63
C SER D 656 25.70 6.12 -25.99
N LYS D 657 26.91 6.50 -26.37
CA LYS D 657 27.13 7.09 -27.68
C LYS D 657 26.79 6.09 -28.79
N ILE D 658 27.22 4.84 -28.63
CA ILE D 658 26.89 3.81 -29.62
C ILE D 658 25.39 3.60 -29.68
N LEU D 659 24.72 3.67 -28.54
CA LEU D 659 23.26 3.55 -28.49
C LEU D 659 22.60 4.67 -29.27
N LYS D 660 23.10 5.91 -29.13
CA LYS D 660 22.61 6.99 -29.96
C LYS D 660 22.90 6.72 -31.44
N GLU D 661 24.07 6.15 -31.74
CA GLU D 661 24.37 5.80 -33.12
C GLU D 661 23.34 4.82 -33.68
N LEU D 662 22.98 3.81 -32.88
CA LEU D 662 21.95 2.86 -33.30
C LEU D 662 20.61 3.55 -33.52
N SER D 663 20.22 4.46 -32.63
CA SER D 663 18.99 5.21 -32.84
C SER D 663 19.13 6.20 -33.98
N LYS D 664 20.33 6.74 -34.19
CA LYS D 664 20.53 7.70 -35.27
C LYS D 664 20.41 7.04 -36.63
N GLU D 665 20.93 5.82 -36.78
CA GLU D 665 20.98 5.19 -38.10
C GLU D 665 19.60 4.69 -38.55
N GLU D 666 19.03 3.72 -37.85
CA GLU D 666 17.73 3.18 -38.22
C GLU D 666 17.13 2.31 -37.12
N GLU D 667 16.04 2.75 -36.51
CA GLU D 667 15.20 1.83 -35.74
C GLU D 667 13.70 1.98 -36.00
N ASP D 668 13.23 3.19 -36.31
CA ASP D 668 11.95 3.67 -36.84
C ASP D 668 10.77 3.42 -35.89
N THR D 669 10.99 2.66 -34.80
CA THR D 669 9.98 2.50 -33.77
C THR D 669 10.51 1.59 -32.66
N ASP D 670 9.94 1.77 -31.47
CA ASP D 670 9.84 0.76 -30.43
C ASP D 670 11.18 0.39 -29.80
N SER D 671 12.28 0.82 -30.39
CA SER D 671 13.57 0.65 -29.74
C SER D 671 14.46 1.88 -29.75
N SER D 672 14.36 2.77 -30.75
CA SER D 672 15.20 3.95 -30.78
C SER D 672 14.93 4.85 -29.59
N GLU D 673 13.66 5.02 -29.24
CA GLU D 673 13.31 5.80 -28.05
C GLU D 673 13.89 5.15 -26.80
N GLU D 674 13.77 3.82 -26.69
CA GLU D 674 14.30 3.15 -25.52
C GLU D 674 15.80 2.88 -25.62
N MET D 675 16.38 2.75 -26.81
CA MET D 675 17.84 2.85 -26.93
C MET D 675 18.34 4.17 -26.37
N LEU D 676 17.73 5.28 -26.78
CA LEU D 676 18.16 6.58 -26.28
C LEU D 676 17.93 6.70 -24.78
N ALA D 677 16.78 6.24 -24.29
CA ALA D 677 16.49 6.33 -22.86
C ALA D 677 17.41 5.42 -22.05
N LEU D 678 17.69 4.22 -22.54
CA LEU D 678 18.59 3.35 -21.81
C LEU D 678 20.03 3.85 -21.91
N ALA D 679 20.38 4.51 -23.01
CA ALA D 679 21.63 5.26 -23.05
C ALA D 679 21.67 6.31 -21.96
N GLU D 680 20.51 6.94 -21.69
CA GLU D 680 20.43 7.91 -20.60
C GLU D 680 20.71 7.25 -19.25
N GLU D 681 20.20 6.04 -19.02
CA GLU D 681 20.40 5.44 -17.71
C GLU D 681 21.82 4.89 -17.54
N TYR D 682 22.46 4.48 -18.64
CA TYR D 682 23.91 4.24 -18.56
C TYR D 682 24.65 5.53 -18.23
N GLU D 683 24.26 6.64 -18.87
CA GLU D 683 24.84 7.93 -18.49
C GLU D 683 24.50 8.26 -17.04
N HIS D 684 23.34 7.82 -16.56
CA HIS D 684 22.97 7.99 -15.16
C HIS D 684 23.89 7.19 -14.24
N ARG D 685 24.24 5.95 -14.62
CA ARG D 685 25.21 5.20 -13.84
C ARG D 685 26.58 5.87 -13.89
N ALA D 686 26.91 6.48 -15.04
CA ALA D 686 28.12 7.29 -15.12
C ALA D 686 28.05 8.49 -14.17
N ILE D 687 26.86 9.08 -14.02
CA ILE D 687 26.67 10.16 -13.06
C ILE D 687 26.95 9.65 -11.65
N GLY D 688 26.37 8.49 -11.31
CA GLY D 688 26.54 7.93 -9.98
C GLY D 688 27.93 7.47 -9.63
N VAL D 689 28.62 6.80 -10.56
CA VAL D 689 29.98 6.36 -10.27
C VAL D 689 30.90 7.56 -10.11
N PHE D 690 30.71 8.61 -10.93
CA PHE D 690 31.44 9.84 -10.68
C PHE D 690 31.06 10.44 -9.34
N THR D 691 29.78 10.36 -8.97
CA THR D 691 29.33 10.96 -7.73
C THR D 691 30.06 10.36 -6.53
N GLU D 692 30.21 9.04 -6.51
CA GLU D 692 30.92 8.41 -5.40
C GLU D 692 32.43 8.59 -5.51
N CYS D 693 32.99 8.49 -6.73
CA CYS D 693 34.44 8.59 -6.86
C CYS D 693 34.95 10.02 -6.71
N TYR D 694 34.14 11.03 -7.02
CA TYR D 694 34.54 12.41 -6.76
C TYR D 694 34.47 12.73 -5.28
N ARG D 695 33.53 12.11 -4.57
CA ARG D 695 33.41 12.32 -3.13
C ARG D 695 34.65 11.86 -2.38
N LYS D 696 35.19 10.69 -2.71
CA LYS D 696 36.38 10.14 -2.08
C LYS D 696 37.58 10.39 -2.98
N ASP D 697 38.55 11.15 -2.48
CA ASP D 697 39.77 11.48 -3.22
C ASP D 697 39.44 12.19 -4.54
N GLU D 698 38.88 13.40 -4.38
CA GLU D 698 38.49 14.19 -5.54
C GLU D 698 39.68 14.52 -6.42
N GLU D 699 40.87 14.71 -5.83
CA GLU D 699 42.07 14.89 -6.64
C GLU D 699 42.43 13.62 -7.40
N ARG D 700 42.31 12.45 -6.76
CA ARG D 700 42.50 11.20 -7.48
C ARG D 700 41.44 11.02 -8.57
N ALA D 701 40.19 11.40 -8.29
CA ALA D 701 39.16 11.32 -9.31
C ALA D 701 39.51 12.19 -10.51
N GLN D 702 39.91 13.44 -10.27
CA GLN D 702 40.15 14.35 -11.38
C GLN D 702 41.34 13.90 -12.23
N LYS D 703 42.31 13.21 -11.64
CA LYS D 703 43.36 12.62 -12.48
C LYS D 703 42.90 11.31 -13.11
N LEU D 704 41.86 10.67 -12.55
CA LEU D 704 41.27 9.52 -13.22
C LEU D 704 40.48 9.91 -14.46
N LEU D 705 40.01 11.16 -14.55
CA LEU D 705 39.36 11.60 -15.78
C LEU D 705 40.33 11.65 -16.95
N THR D 706 41.64 11.54 -16.68
CA THR D 706 42.68 11.53 -17.72
C THR D 706 43.34 10.15 -17.72
N ARG D 707 43.03 9.35 -18.74
CA ARG D 707 43.61 8.04 -18.95
C ARG D 707 44.55 8.11 -20.16
N VAL D 708 45.37 7.08 -20.35
CA VAL D 708 46.30 7.03 -21.48
C VAL D 708 45.66 6.25 -22.63
N SER D 709 46.24 6.37 -23.82
CA SER D 709 45.69 5.77 -25.03
C SER D 709 45.98 4.27 -25.04
N GLU D 710 45.25 3.56 -24.17
CA GLU D 710 45.46 2.13 -23.99
C GLU D 710 44.19 1.30 -24.16
N ALA D 711 43.07 1.73 -23.59
CA ALA D 711 41.88 0.86 -23.49
C ALA D 711 40.98 0.98 -24.72
N TRP D 712 40.44 2.17 -24.97
CA TRP D 712 39.86 2.52 -26.26
C TRP D 712 40.73 3.52 -26.99
N GLY D 713 42.05 3.39 -26.86
CA GLY D 713 42.93 4.43 -27.34
C GLY D 713 42.74 5.70 -26.53
N LYS D 714 42.83 6.83 -27.22
CA LYS D 714 42.65 8.14 -26.60
C LYS D 714 41.15 8.40 -26.43
N THR D 715 40.77 9.66 -26.19
CA THR D 715 39.44 10.05 -25.70
C THR D 715 39.19 9.46 -24.30
N THR D 716 39.96 9.99 -23.36
CA THR D 716 39.88 9.62 -21.95
C THR D 716 38.62 10.19 -21.29
N CYS D 717 37.48 9.62 -21.67
CA CYS D 717 36.19 9.82 -21.01
C CYS D 717 35.78 11.29 -20.90
N LEU D 718 36.53 12.16 -21.57
CA LEU D 718 36.19 13.58 -21.71
C LEU D 718 35.87 13.94 -23.15
N GLN D 719 36.76 13.58 -24.08
CA GLN D 719 36.46 13.73 -25.50
C GLN D 719 35.42 12.71 -25.97
N LEU D 720 35.26 11.61 -25.23
CA LEU D 720 34.10 10.75 -25.45
C LEU D 720 32.80 11.50 -25.16
N ALA D 721 32.78 12.27 -24.07
CA ALA D 721 31.59 13.02 -23.71
C ALA D 721 31.23 14.07 -24.75
N LEU D 722 32.16 14.41 -25.64
CA LEU D 722 31.88 15.40 -26.67
C LEU D 722 30.86 14.87 -27.68
N GLU D 723 31.17 13.77 -28.33
CA GLU D 723 30.27 13.17 -29.30
C GLU D 723 29.29 12.20 -28.67
N ALA D 724 29.37 11.99 -27.36
CA ALA D 724 28.35 11.22 -26.65
C ALA D 724 27.23 12.09 -26.11
N LYS D 725 27.28 13.40 -26.37
CA LYS D 725 26.21 14.33 -26.00
C LYS D 725 25.85 14.20 -24.52
N ASP D 726 26.77 14.64 -23.68
CA ASP D 726 26.60 14.49 -22.23
C ASP D 726 26.52 15.86 -21.55
N MET D 727 25.42 16.58 -21.82
CA MET D 727 25.17 17.79 -21.06
C MET D 727 24.71 17.46 -19.65
N LYS D 728 24.38 16.20 -19.39
CA LYS D 728 24.23 15.75 -18.01
C LYS D 728 25.58 15.57 -17.33
N PHE D 729 26.45 14.73 -17.89
CA PHE D 729 27.66 14.32 -17.19
C PHE D 729 28.64 15.48 -17.00
N VAL D 730 28.86 16.30 -18.02
CA VAL D 730 29.83 17.38 -17.87
C VAL D 730 29.31 18.48 -16.96
N SER D 731 27.99 18.63 -16.85
CA SER D 731 27.40 19.62 -15.96
C SER D 731 27.01 19.00 -14.63
N HIS D 732 27.98 18.39 -13.94
CA HIS D 732 27.68 17.61 -12.73
C HIS D 732 28.86 17.73 -11.77
N GLY D 733 28.65 18.49 -10.69
CA GLY D 733 29.60 18.54 -9.60
C GLY D 733 31.00 18.98 -9.98
N GLY D 734 31.94 18.03 -9.98
CA GLY D 734 33.34 18.31 -10.16
C GLY D 734 33.86 18.37 -11.58
N ILE D 735 33.01 18.14 -12.59
CA ILE D 735 33.50 18.21 -13.96
C ILE D 735 33.91 19.63 -14.30
N GLN D 736 32.95 20.58 -14.26
CA GLN D 736 33.31 21.95 -14.57
C GLN D 736 34.14 22.58 -13.45
N ALA D 737 34.24 21.92 -12.30
CA ALA D 737 35.21 22.33 -11.29
C ALA D 737 36.64 22.03 -11.76
N PHE D 738 36.88 20.82 -12.26
CA PHE D 738 38.18 20.53 -12.87
C PHE D 738 38.37 21.34 -14.14
N LEU D 739 37.27 21.61 -14.86
CA LEU D 739 37.36 22.50 -16.01
C LEU D 739 37.58 23.95 -15.58
N THR D 740 37.24 24.28 -14.34
CA THR D 740 37.62 25.53 -13.70
C THR D 740 39.03 25.43 -13.11
N LYS D 741 39.65 24.25 -13.21
CA LYS D 741 41.07 24.09 -12.92
C LYS D 741 41.96 24.17 -14.15
N VAL D 742 41.49 23.74 -15.33
CA VAL D 742 42.28 23.93 -16.55
C VAL D 742 42.12 25.35 -17.08
N TRP D 743 40.89 25.84 -17.15
CA TRP D 743 40.68 27.28 -17.05
C TRP D 743 41.06 27.66 -15.62
N TRP D 744 41.59 28.86 -15.44
CA TRP D 744 42.35 29.14 -14.21
C TRP D 744 43.43 28.07 -14.03
N GLY D 745 44.31 28.01 -15.04
CA GLY D 745 45.06 26.79 -15.28
C GLY D 745 45.86 26.31 -14.10
N GLN D 746 46.67 27.19 -13.52
CA GLN D 746 47.56 26.79 -12.44
C GLN D 746 47.55 27.76 -11.27
N LEU D 747 47.16 29.01 -11.49
CA LEU D 747 47.46 30.07 -10.51
C LEU D 747 46.55 29.98 -9.29
N SER D 748 45.25 30.16 -9.51
CA SER D 748 44.27 30.19 -8.43
C SER D 748 42.87 30.16 -9.05
N VAL D 749 41.86 30.01 -8.22
CA VAL D 749 40.47 30.02 -8.68
C VAL D 749 39.58 30.97 -7.91
N ASP D 750 39.97 31.41 -6.71
CA ASP D 750 39.06 32.15 -5.85
C ASP D 750 38.78 33.56 -6.35
N ASN D 751 39.81 34.29 -6.79
CA ASN D 751 39.68 35.70 -7.12
C ASN D 751 38.81 35.90 -8.35
N GLY D 752 37.97 36.92 -8.31
CA GLY D 752 37.13 37.28 -9.43
C GLY D 752 37.81 38.28 -10.35
N LEU D 753 36.99 38.94 -11.16
CA LEU D 753 37.44 39.93 -12.14
C LEU D 753 37.63 41.33 -11.55
N TRP D 754 37.82 41.53 -10.25
CA TRP D 754 37.89 42.88 -9.71
C TRP D 754 39.34 43.34 -9.53
N ARG D 755 40.19 42.50 -8.93
CA ARG D 755 41.57 42.88 -8.68
C ARG D 755 42.55 42.33 -9.71
N VAL D 756 42.13 41.40 -10.56
CA VAL D 756 42.99 40.99 -11.67
C VAL D 756 43.01 42.05 -12.77
N THR D 757 41.88 42.70 -13.04
CA THR D 757 41.85 43.78 -14.03
C THR D 757 42.83 44.89 -13.69
N LEU D 758 43.20 45.03 -12.42
CA LEU D 758 44.28 45.93 -12.03
C LEU D 758 45.65 45.30 -12.29
N CYS D 759 45.68 43.98 -12.49
CA CYS D 759 46.96 43.27 -12.69
C CYS D 759 47.43 43.35 -14.14
N MET D 760 46.52 43.63 -15.08
CA MET D 760 46.94 43.94 -16.44
C MET D 760 47.85 45.15 -16.54
N LEU D 761 47.50 46.27 -15.92
CA LEU D 761 48.19 47.54 -16.15
C LEU D 761 49.30 47.80 -15.14
N ALA D 762 49.06 47.51 -13.86
CA ALA D 762 50.06 47.73 -12.83
C ALA D 762 51.11 46.64 -12.92
N PHE D 763 52.12 46.87 -13.77
CA PHE D 763 53.17 45.87 -13.95
C PHE D 763 53.91 45.52 -12.67
N PRO D 764 54.35 46.46 -11.82
CA PRO D 764 55.08 46.06 -10.60
C PRO D 764 54.21 45.44 -9.53
N LEU D 765 52.89 45.37 -9.73
CA LEU D 765 51.98 45.01 -8.66
C LEU D 765 52.00 43.53 -8.30
N LEU D 766 52.32 42.63 -9.24
CA LEU D 766 52.22 41.21 -8.94
C LEU D 766 53.22 40.79 -7.89
N LEU D 767 54.31 41.53 -7.75
CA LEU D 767 55.33 41.23 -6.73
C LEU D 767 54.80 41.41 -5.32
N THR D 768 53.75 42.21 -5.13
CA THR D 768 53.17 42.43 -3.82
C THR D 768 52.25 41.27 -3.44
N GLY D 769 51.68 41.35 -2.24
CA GLY D 769 50.78 40.32 -1.77
C GLY D 769 49.33 40.60 -2.09
N LEU D 770 49.04 40.95 -3.34
CA LEU D 770 47.67 41.22 -3.75
C LEU D 770 46.95 39.94 -4.13
N ILE D 771 47.56 39.12 -4.99
CA ILE D 771 47.03 37.81 -5.34
C ILE D 771 48.13 36.77 -5.11
N SER D 772 47.71 35.56 -4.76
CA SER D 772 48.63 34.48 -4.44
C SER D 772 48.58 33.43 -5.53
N PHE D 773 49.74 33.16 -6.13
CA PHE D 773 49.86 32.08 -7.11
C PHE D 773 49.86 30.74 -6.39
N ARG D 774 49.66 29.66 -7.16
CA ARG D 774 49.93 28.33 -6.62
C ARG D 774 51.41 28.16 -6.35
N GLU D 775 52.26 28.81 -7.15
CA GLU D 775 53.68 28.92 -6.81
C GLU D 775 53.85 29.67 -5.50
N LYS D 776 53.13 30.79 -5.37
CA LYS D 776 53.14 31.55 -4.12
C LYS D 776 52.43 30.83 -2.99
N ARG D 777 51.56 29.88 -3.30
CA ARG D 777 50.93 29.07 -2.26
C ARG D 777 51.98 28.28 -1.49
N LEU D 778 52.95 27.72 -2.21
CA LEU D 778 54.11 27.08 -1.61
C LEU D 778 55.31 28.01 -1.54
N GLN D 779 55.13 29.28 -1.87
CA GLN D 779 56.21 30.26 -1.94
C GLN D 779 57.29 29.82 -2.92
N ASP D 780 56.87 29.25 -4.05
CA ASP D 780 57.79 28.91 -5.13
C ASP D 780 58.18 30.11 -5.96
N VAL D 781 57.62 31.28 -5.68
CA VAL D 781 57.93 32.51 -6.42
C VAL D 781 59.27 33.02 -5.92
N GLY D 782 60.34 32.67 -6.61
CA GLY D 782 61.65 33.21 -6.33
C GLY D 782 62.27 33.78 -7.60
N THR D 783 61.61 33.55 -8.73
CA THR D 783 62.06 33.99 -10.02
C THR D 783 61.02 34.89 -10.65
N PRO D 784 61.35 36.15 -10.99
CA PRO D 784 60.39 36.98 -11.72
C PRO D 784 60.00 36.41 -13.06
N ALA D 785 60.91 35.72 -13.74
CA ALA D 785 60.57 35.09 -15.01
C ALA D 785 59.53 34.01 -14.83
N ALA D 786 59.67 33.19 -13.79
CA ALA D 786 58.65 32.18 -13.51
C ALA D 786 57.32 32.82 -13.13
N ARG D 787 57.34 33.82 -12.25
CA ARG D 787 56.12 34.51 -11.85
C ARG D 787 55.42 35.17 -13.04
N ALA D 788 56.18 35.56 -14.06
CA ALA D 788 55.60 36.22 -15.22
C ALA D 788 55.15 35.23 -16.29
N ARG D 789 55.96 34.19 -16.55
CA ARG D 789 55.65 33.25 -17.62
C ARG D 789 54.57 32.26 -17.22
N ALA D 790 54.56 31.80 -15.97
CA ALA D 790 53.43 31.00 -15.51
C ALA D 790 52.14 31.80 -15.56
N PHE D 791 52.22 33.10 -15.27
CA PHE D 791 51.10 34.00 -15.49
C PHE D 791 50.75 34.08 -16.98
N PHE D 792 51.76 34.08 -17.84
CA PHE D 792 51.53 34.18 -19.29
C PHE D 792 50.78 32.96 -19.82
N THR D 793 51.19 31.77 -19.38
CA THR D 793 50.65 30.53 -19.92
C THR D 793 49.27 30.17 -19.38
N ALA D 794 48.76 30.92 -18.42
CA ALA D 794 47.43 30.65 -17.89
C ALA D 794 46.38 30.97 -18.95
N PRO D 795 45.46 30.05 -19.24
CA PRO D 795 44.41 30.35 -20.24
C PRO D 795 43.55 31.55 -19.89
N VAL D 796 43.39 31.88 -18.60
CA VAL D 796 42.67 33.10 -18.24
C VAL D 796 43.40 34.32 -18.77
N VAL D 797 44.72 34.36 -18.62
CA VAL D 797 45.51 35.49 -19.11
C VAL D 797 45.61 35.52 -20.62
N VAL D 798 45.79 34.36 -21.26
CA VAL D 798 45.78 34.31 -22.72
C VAL D 798 44.46 34.83 -23.25
N PHE D 799 43.36 34.52 -22.56
CA PHE D 799 42.06 35.06 -22.95
C PHE D 799 42.09 36.58 -23.03
N HIS D 800 42.32 37.25 -21.91
CA HIS D 800 42.25 38.71 -21.90
C HIS D 800 43.32 39.36 -22.76
N LEU D 801 44.48 38.72 -22.94
CA LEU D 801 45.46 39.27 -23.87
C LEU D 801 44.95 39.23 -25.31
N ASN D 802 44.26 38.15 -25.70
CA ASN D 802 43.67 38.11 -27.04
C ASN D 802 42.42 38.99 -27.13
N ILE D 803 41.70 39.17 -26.01
CA ILE D 803 40.45 39.93 -26.05
C ILE D 803 40.72 41.43 -26.05
N LEU D 804 41.47 41.93 -25.06
CA LEU D 804 41.68 43.36 -24.93
C LEU D 804 42.55 43.96 -26.02
N SER D 805 43.57 43.23 -26.50
CA SER D 805 44.34 43.72 -27.63
C SER D 805 43.50 43.79 -28.90
N TYR D 806 42.67 42.77 -29.14
CA TYR D 806 41.73 42.83 -30.25
C TYR D 806 40.67 43.92 -30.03
N PHE D 807 40.27 44.13 -28.78
CA PHE D 807 39.34 45.21 -28.46
C PHE D 807 39.96 46.57 -28.79
N ALA D 808 41.24 46.76 -28.47
CA ALA D 808 41.95 47.95 -28.91
C ALA D 808 42.09 47.99 -30.43
N PHE D 809 42.09 46.84 -31.09
CA PHE D 809 42.10 46.83 -32.55
C PHE D 809 40.80 47.37 -33.12
N LEU D 810 39.66 47.08 -32.47
CA LEU D 810 38.41 47.75 -32.87
C LEU D 810 38.51 49.25 -32.68
N CYS D 811 39.13 49.71 -31.60
CA CYS D 811 39.34 51.15 -31.42
C CYS D 811 40.26 51.70 -32.51
N LEU D 812 41.26 50.92 -32.92
CA LEU D 812 42.12 51.32 -34.04
C LEU D 812 41.34 51.39 -35.34
N PHE D 813 40.45 50.43 -35.57
CA PHE D 813 39.60 50.44 -36.75
C PHE D 813 38.61 51.59 -36.75
N ALA D 814 38.18 52.04 -35.56
CA ALA D 814 37.34 53.23 -35.47
C ALA D 814 38.16 54.49 -35.69
N TYR D 815 39.39 54.53 -35.18
CA TYR D 815 40.24 55.70 -35.33
C TYR D 815 40.74 55.86 -36.77
N VAL D 816 40.97 54.77 -37.49
CA VAL D 816 41.41 54.86 -38.88
C VAL D 816 40.32 55.38 -39.79
N LEU D 817 39.07 55.41 -39.32
CA LEU D 817 37.95 55.95 -40.08
C LEU D 817 37.45 57.28 -39.53
N MET D 818 37.65 57.56 -38.24
CA MET D 818 37.21 58.83 -37.67
C MET D 818 38.14 59.96 -38.07
N VAL D 819 39.43 59.82 -37.76
CA VAL D 819 40.41 60.85 -38.06
C VAL D 819 41.18 60.54 -39.35
N ASP D 820 41.48 59.27 -39.60
CA ASP D 820 42.27 58.86 -40.75
C ASP D 820 41.42 58.51 -41.97
N PHE D 821 40.24 59.13 -42.11
CA PHE D 821 39.40 58.95 -43.30
C PHE D 821 40.03 59.74 -44.44
N GLN D 822 41.17 59.24 -44.92
CA GLN D 822 41.96 59.91 -45.94
C GLN D 822 42.23 58.94 -47.08
N PRO D 823 42.36 59.43 -48.31
CA PRO D 823 42.66 58.57 -49.45
C PRO D 823 44.12 58.19 -49.62
N VAL D 824 44.96 58.40 -48.61
CA VAL D 824 46.38 58.09 -48.72
C VAL D 824 46.80 57.21 -47.55
N PRO D 825 47.77 56.32 -47.73
CA PRO D 825 48.25 55.52 -46.59
C PRO D 825 49.15 56.32 -45.68
N SER D 826 48.64 56.68 -44.50
CA SER D 826 49.40 57.47 -43.53
C SER D 826 50.13 56.54 -42.57
N TRP D 827 50.71 57.11 -41.51
CA TRP D 827 51.39 56.30 -40.51
C TRP D 827 50.42 55.40 -39.75
N CYS D 828 49.14 55.80 -39.67
CA CYS D 828 48.12 55.01 -39.00
C CYS D 828 47.28 54.18 -39.96
N GLU D 829 47.16 54.62 -41.22
CA GLU D 829 46.37 53.88 -42.20
C GLU D 829 47.00 52.53 -42.52
N CYS D 830 48.34 52.44 -42.48
CA CYS D 830 49.01 51.20 -42.81
C CYS D 830 48.91 50.16 -41.70
N ALA D 831 48.57 50.58 -40.47
CA ALA D 831 48.49 49.63 -39.36
C ALA D 831 47.24 48.76 -39.44
N ILE D 832 46.22 49.17 -40.20
CA ILE D 832 44.99 48.38 -40.30
C ILE D 832 45.12 47.24 -41.31
N TYR D 833 46.28 47.09 -41.95
CA TYR D 833 46.40 46.15 -43.06
C TYR D 833 46.43 44.70 -42.56
N LEU D 834 47.44 44.35 -41.76
CA LEU D 834 47.78 42.96 -41.52
C LEU D 834 47.41 42.46 -40.13
N TRP D 835 46.55 43.18 -39.41
CA TRP D 835 46.05 42.62 -38.15
C TRP D 835 45.17 41.41 -38.40
N LEU D 836 44.27 41.50 -39.38
CA LEU D 836 43.49 40.34 -39.77
C LEU D 836 44.38 39.25 -40.34
N PHE D 837 45.47 39.61 -41.00
CA PHE D 837 46.44 38.62 -41.44
C PHE D 837 47.13 37.95 -40.27
N SER D 838 47.33 38.67 -39.17
CA SER D 838 47.91 38.10 -37.96
C SER D 838 46.95 37.18 -37.21
N LEU D 839 45.64 37.30 -37.45
CA LEU D 839 44.66 36.43 -36.84
C LEU D 839 44.20 35.27 -37.71
N VAL D 840 44.19 35.43 -39.04
CA VAL D 840 43.82 34.32 -39.90
C VAL D 840 44.85 33.21 -39.83
N CYS D 841 46.09 33.51 -39.44
CA CYS D 841 47.06 32.45 -39.23
C CYS D 841 46.71 31.63 -38.00
N GLU D 842 46.14 32.25 -36.97
CA GLU D 842 45.57 31.49 -35.86
C GLU D 842 44.40 30.63 -36.31
N GLU D 843 43.56 31.16 -37.20
CA GLU D 843 42.50 30.34 -37.77
C GLU D 843 43.06 29.19 -38.61
N MET D 844 44.20 29.43 -39.27
CA MET D 844 44.91 28.35 -39.96
C MET D 844 45.43 27.31 -38.97
N ARG D 845 45.94 27.76 -37.82
CA ARG D 845 46.36 26.84 -36.78
C ARG D 845 45.20 26.00 -36.27
N GLN D 846 44.02 26.60 -36.12
CA GLN D 846 42.82 25.83 -35.81
C GLN D 846 42.50 24.85 -36.92
N LEU D 847 42.65 25.28 -38.18
CA LEU D 847 42.44 24.39 -39.32
C LEU D 847 43.45 23.24 -39.35
N PHE D 848 44.71 23.49 -38.96
CA PHE D 848 45.74 22.46 -38.96
C PHE D 848 46.42 22.46 -37.59
N TYR D 849 45.76 21.80 -36.62
CA TYR D 849 46.39 21.49 -35.34
C TYR D 849 46.43 19.99 -35.11
N ASP D 850 45.28 19.32 -35.15
CA ASP D 850 45.21 17.86 -35.13
C ASP D 850 44.02 17.37 -35.96
N PRO D 851 43.94 17.77 -37.24
CA PRO D 851 42.90 17.18 -38.11
C PRO D 851 43.42 15.95 -38.82
N ASP D 852 42.61 15.35 -39.68
CA ASP D 852 43.13 14.33 -40.57
C ASP D 852 44.04 14.96 -41.61
N GLU D 853 45.00 14.18 -42.09
CA GLU D 853 45.99 14.69 -43.03
C GLU D 853 45.52 14.70 -44.47
N CYS D 854 44.29 14.27 -44.73
CA CYS D 854 43.75 14.17 -46.08
C CYS D 854 42.64 15.16 -46.37
N GLY D 855 41.89 15.57 -45.35
CA GLY D 855 40.66 16.32 -45.53
C GLY D 855 40.79 17.82 -45.56
N LEU D 856 40.53 18.42 -46.73
CA LEU D 856 40.53 19.87 -46.87
C LEU D 856 39.13 20.46 -47.01
N MET D 857 38.24 19.82 -47.77
CA MET D 857 36.84 20.15 -47.73
C MET D 857 36.05 19.15 -46.89
N LYS D 858 36.73 18.28 -46.15
CA LYS D 858 36.12 17.40 -45.16
C LYS D 858 36.07 18.01 -43.77
N LYS D 859 37.17 18.58 -43.27
CA LYS D 859 37.12 19.35 -42.04
C LYS D 859 36.58 20.75 -42.25
N ALA D 860 36.61 21.27 -43.47
CA ALA D 860 36.01 22.56 -43.78
C ALA D 860 34.50 22.54 -43.63
N ALA D 861 33.87 21.38 -43.83
CA ALA D 861 32.44 21.26 -43.61
C ALA D 861 32.08 21.45 -42.14
N LEU D 862 32.99 21.08 -41.23
CA LEU D 862 32.77 21.37 -39.81
C LEU D 862 32.72 22.86 -39.55
N TYR D 863 33.60 23.62 -40.20
CA TYR D 863 33.51 25.08 -40.12
C TYR D 863 32.21 25.58 -40.74
N PHE D 864 31.84 25.06 -41.90
CA PHE D 864 30.62 25.49 -42.58
C PHE D 864 29.36 24.95 -41.93
N SER D 865 29.46 24.00 -41.00
CA SER D 865 28.27 23.46 -40.35
C SER D 865 27.61 24.48 -39.43
N ASP D 866 28.32 25.52 -39.02
CA ASP D 866 27.79 26.54 -38.13
C ASP D 866 27.62 27.84 -38.88
N PHE D 867 26.44 28.46 -38.75
CA PHE D 867 26.20 29.75 -39.37
C PHE D 867 27.01 30.86 -38.70
N TRP D 868 27.46 30.63 -37.46
CA TRP D 868 28.33 31.60 -36.81
C TRP D 868 29.64 31.76 -37.55
N ASN D 869 30.21 30.65 -38.01
CA ASN D 869 31.42 30.72 -38.83
C ASN D 869 31.18 31.46 -40.13
N LYS D 870 30.00 31.27 -40.74
CA LYS D 870 29.65 32.03 -41.93
C LYS D 870 29.49 33.51 -41.61
N LEU D 871 29.06 33.84 -40.40
CA LEU D 871 29.04 35.24 -39.98
C LEU D 871 30.45 35.83 -39.90
N ASP D 872 31.42 35.06 -39.39
CA ASP D 872 32.81 35.50 -39.43
C ASP D 872 33.30 35.65 -40.87
N VAL D 873 32.91 34.72 -41.75
CA VAL D 873 33.24 34.85 -43.17
C VAL D 873 32.64 36.13 -43.74
N GLY D 874 31.38 36.44 -43.40
CA GLY D 874 30.78 37.68 -43.84
C GLY D 874 31.52 38.90 -43.31
N ALA D 875 32.06 38.82 -42.09
CA ALA D 875 32.87 39.91 -41.57
C ALA D 875 34.11 40.13 -42.42
N ILE D 876 34.73 39.05 -42.91
CA ILE D 876 35.88 39.19 -43.79
C ILE D 876 35.45 39.74 -45.16
N LEU D 877 34.38 39.20 -45.73
CA LEU D 877 33.96 39.59 -47.07
C LEU D 877 33.44 41.02 -47.15
N LEU D 878 32.80 41.53 -46.10
CA LEU D 878 32.41 42.93 -46.11
C LEU D 878 33.62 43.85 -46.06
N PHE D 879 34.68 43.46 -45.35
CA PHE D 879 35.92 44.22 -45.42
C PHE D 879 36.48 44.23 -46.83
N VAL D 880 36.44 43.07 -47.51
CA VAL D 880 36.90 43.03 -48.90
C VAL D 880 36.01 43.89 -49.80
N ALA D 881 34.69 43.85 -49.59
CA ALA D 881 33.78 44.63 -50.41
C ALA D 881 34.05 46.12 -50.26
N GLY D 882 34.29 46.58 -49.03
CA GLY D 882 34.68 47.97 -48.84
C GLY D 882 36.10 48.28 -49.25
N LEU D 883 36.97 47.27 -49.30
CA LEU D 883 38.32 47.47 -49.80
C LEU D 883 38.32 47.79 -51.28
N THR D 884 37.51 47.04 -52.05
CA THR D 884 37.38 47.33 -53.48
C THR D 884 36.77 48.71 -53.72
N CYS D 885 35.76 49.08 -52.91
CA CYS D 885 35.18 50.41 -53.03
C CYS D 885 36.18 51.50 -52.64
N ARG D 886 37.03 51.23 -51.66
CA ARG D 886 38.08 52.18 -51.30
C ARG D 886 39.18 52.24 -52.36
N LEU D 887 39.48 51.10 -52.99
CA LEU D 887 40.49 51.07 -54.06
C LEU D 887 40.07 51.93 -55.25
N ILE D 888 38.77 52.14 -55.45
CA ILE D 888 38.26 53.02 -56.50
C ILE D 888 38.02 54.38 -55.86
N PRO D 889 38.78 55.41 -56.22
CA PRO D 889 38.60 56.73 -55.58
C PRO D 889 37.23 57.35 -55.81
N ALA D 890 36.53 56.97 -56.87
CA ALA D 890 35.19 57.52 -57.12
C ALA D 890 34.13 56.97 -56.18
N THR D 891 34.46 55.96 -55.39
CA THR D 891 33.51 55.34 -54.46
C THR D 891 34.02 55.44 -53.02
N LEU D 892 34.49 56.62 -52.63
CA LEU D 892 34.96 56.81 -51.26
C LEU D 892 33.82 56.77 -50.25
N TYR D 893 32.64 57.29 -50.61
CA TYR D 893 31.48 57.24 -49.73
C TYR D 893 31.03 55.79 -49.51
N PRO D 894 30.96 54.95 -50.55
CA PRO D 894 30.79 53.51 -50.28
C PRO D 894 31.87 52.94 -49.38
N GLY D 895 33.12 53.36 -49.54
CA GLY D 895 34.15 52.97 -48.60
C GLY D 895 33.98 53.57 -47.23
N ARG D 896 33.23 54.68 -47.14
CA ARG D 896 32.92 55.28 -45.85
C ARG D 896 31.83 54.52 -45.11
N VAL D 897 30.94 53.84 -45.83
CA VAL D 897 29.77 53.23 -45.21
C VAL D 897 29.93 51.72 -45.03
N ILE D 898 30.59 51.06 -45.99
CA ILE D 898 30.68 49.61 -45.94
C ILE D 898 31.49 49.14 -44.74
N LEU D 899 32.64 49.78 -44.48
CA LEU D 899 33.43 49.41 -43.31
C LEU D 899 32.72 49.77 -42.02
N SER D 900 31.93 50.85 -42.02
CA SER D 900 31.14 51.19 -40.84
C SER D 900 30.12 50.12 -40.51
N LEU D 901 29.45 49.56 -41.52
CA LEU D 901 28.59 48.41 -41.32
C LEU D 901 29.37 47.15 -40.94
N ASP D 902 30.60 47.00 -41.47
CA ASP D 902 31.44 45.87 -41.09
C ASP D 902 31.87 45.94 -39.63
N PHE D 903 31.84 47.12 -39.03
CA PHE D 903 32.15 47.25 -37.60
C PHE D 903 31.18 46.46 -36.74
N ILE D 904 29.90 46.44 -37.13
CA ILE D 904 28.86 45.80 -36.32
C ILE D 904 28.95 44.28 -36.32
N LEU D 905 29.59 43.68 -37.33
CA LEU D 905 29.74 42.23 -37.33
C LEU D 905 30.76 41.75 -36.31
N PHE D 906 31.79 42.54 -36.02
CA PHE D 906 32.81 42.12 -35.08
C PHE D 906 32.29 42.09 -33.64
N CYS D 907 31.36 42.98 -33.29
CA CYS D 907 30.85 42.98 -31.92
C CYS D 907 29.88 41.82 -31.67
N LEU D 908 29.08 41.44 -32.67
CA LEU D 908 28.28 40.23 -32.53
C LEU D 908 29.17 39.00 -32.45
N ARG D 909 30.24 38.97 -33.26
CA ARG D 909 31.26 37.93 -33.09
C ARG D 909 31.86 37.96 -31.70
N LEU D 910 32.03 39.15 -31.11
CA LEU D 910 32.53 39.26 -29.76
C LEU D 910 31.57 38.62 -28.76
N MET D 911 30.27 38.91 -28.87
CA MET D 911 29.29 38.26 -28.00
C MET D 911 29.29 36.76 -28.18
N HIS D 912 29.61 36.27 -29.39
CA HIS D 912 29.88 34.85 -29.57
C HIS D 912 31.09 34.40 -28.76
N ILE D 913 32.12 35.24 -28.68
CA ILE D 913 33.31 34.89 -27.91
C ILE D 913 33.11 35.23 -26.43
N PHE D 914 32.37 36.30 -26.13
CA PHE D 914 32.19 36.81 -24.78
C PHE D 914 31.12 36.04 -24.01
N THR D 915 30.73 34.89 -24.54
CA THR D 915 29.79 33.97 -23.87
C THR D 915 30.53 33.16 -22.81
N ILE D 916 30.97 33.85 -21.76
CA ILE D 916 31.98 33.31 -20.85
C ILE D 916 31.48 33.17 -19.42
N SER D 917 30.56 34.03 -19.00
CA SER D 917 30.19 34.11 -17.59
C SER D 917 28.81 33.49 -17.34
N LYS D 918 28.60 33.07 -16.09
CA LYS D 918 27.34 32.44 -15.72
C LYS D 918 26.16 33.40 -15.84
N THR D 919 26.39 34.69 -15.57
CA THR D 919 25.37 35.70 -15.79
C THR D 919 25.30 36.14 -17.25
N LEU D 920 26.25 35.68 -18.08
CA LEU D 920 26.36 36.10 -19.46
C LEU D 920 26.15 34.92 -20.42
N GLY D 921 26.87 33.82 -20.18
CA GLY D 921 26.89 32.68 -21.05
C GLY D 921 25.54 32.06 -21.36
N PRO D 922 24.86 31.52 -20.33
CA PRO D 922 23.56 30.89 -20.57
C PRO D 922 22.55 31.82 -21.21
N LYS D 923 22.63 33.13 -20.93
CA LYS D 923 21.69 34.07 -21.52
C LYS D 923 22.03 34.42 -22.95
N ILE D 924 23.25 34.12 -23.41
CA ILE D 924 23.54 34.14 -24.84
C ILE D 924 23.19 32.80 -25.48
N ILE D 925 23.23 31.70 -24.73
CA ILE D 925 22.57 30.49 -25.19
C ILE D 925 21.08 30.73 -25.37
N ILE D 926 20.51 31.64 -24.59
CA ILE D 926 19.11 32.02 -24.80
C ILE D 926 18.96 32.74 -26.14
N VAL D 927 19.85 33.68 -26.46
CA VAL D 927 19.71 34.42 -27.72
C VAL D 927 20.00 33.53 -28.91
N LYS D 928 20.58 32.34 -28.70
CA LYS D 928 20.58 31.33 -29.75
C LYS D 928 19.16 30.96 -30.18
N ARG D 929 18.17 31.11 -29.30
CA ARG D 929 16.77 30.91 -29.64
C ARG D 929 16.15 32.12 -30.33
N MET D 930 16.75 33.30 -30.21
CA MET D 930 16.17 34.49 -30.82
C MET D 930 16.83 34.96 -32.10
N MET D 931 18.04 34.52 -32.45
CA MET D 931 18.70 35.06 -33.63
C MET D 931 17.80 34.97 -34.86
N LYS D 932 17.16 33.82 -35.07
CA LYS D 932 16.12 33.74 -36.10
C LYS D 932 14.82 34.38 -35.66
N ASP D 933 14.46 34.28 -34.37
CA ASP D 933 13.32 34.98 -33.83
C ASP D 933 13.50 36.49 -33.88
N VAL D 934 14.74 36.97 -33.84
CA VAL D 934 15.04 38.38 -34.11
C VAL D 934 14.50 38.78 -35.48
N PHE D 935 14.79 37.97 -36.50
CA PHE D 935 14.31 38.29 -37.84
C PHE D 935 12.80 38.22 -37.93
N PHE D 936 12.20 37.21 -37.27
CA PHE D 936 10.75 37.09 -37.28
C PHE D 936 10.08 38.32 -36.68
N PHE D 937 10.61 38.82 -35.57
CA PHE D 937 10.02 40.02 -34.99
C PHE D 937 10.42 41.28 -35.76
N LEU D 938 11.49 41.24 -36.56
CA LEU D 938 11.73 42.32 -37.52
C LEU D 938 10.55 42.45 -38.48
N PHE D 939 10.31 41.43 -39.30
CA PHE D 939 9.27 41.62 -40.32
C PHE D 939 7.88 41.48 -39.72
N LEU D 940 7.77 41.23 -38.43
CA LEU D 940 6.50 41.43 -37.75
C LEU D 940 6.31 42.90 -37.39
N LEU D 941 7.17 43.44 -36.52
CA LEU D 941 7.05 44.81 -36.03
C LEU D 941 7.27 45.85 -37.12
N ALA D 942 8.29 45.69 -37.96
CA ALA D 942 8.57 46.67 -39.00
C ALA D 942 7.50 46.72 -40.08
N VAL D 943 6.98 45.57 -40.52
CA VAL D 943 5.91 45.59 -41.50
C VAL D 943 4.64 46.18 -40.88
N TRP D 944 4.38 45.89 -39.60
CA TRP D 944 3.28 46.55 -38.91
C TRP D 944 3.53 48.04 -38.67
N VAL D 945 4.79 48.48 -38.67
CA VAL D 945 5.06 49.91 -38.66
C VAL D 945 4.47 50.56 -39.91
N VAL D 946 4.51 49.85 -41.04
CA VAL D 946 4.03 50.39 -42.32
C VAL D 946 2.54 50.70 -42.29
N SER D 947 1.73 49.89 -41.60
CA SER D 947 0.29 50.11 -41.62
C SER D 947 -0.12 51.41 -40.95
N PHE D 948 0.79 52.05 -40.21
CA PHE D 948 0.54 53.37 -39.64
C PHE D 948 1.41 54.46 -40.22
N GLY D 949 2.62 54.13 -40.69
CA GLY D 949 3.48 55.15 -41.28
C GLY D 949 2.87 55.78 -42.51
N VAL D 950 2.18 55.00 -43.33
CA VAL D 950 1.48 55.55 -44.49
C VAL D 950 0.19 56.24 -44.08
N ALA D 951 -0.53 55.66 -43.11
CA ALA D 951 -1.82 56.20 -42.68
C ALA D 951 -1.70 57.52 -41.93
N LYS D 952 -0.55 57.79 -41.30
CA LYS D 952 -0.40 59.03 -40.55
C LYS D 952 -0.35 60.24 -41.48
N GLN D 953 0.38 60.13 -42.59
CA GLN D 953 0.53 61.23 -43.53
C GLN D 953 -0.60 61.28 -44.56
N ALA D 954 -1.54 60.34 -44.51
CA ALA D 954 -2.60 60.28 -45.51
C ALA D 954 -3.56 61.45 -45.39
N ILE D 955 -3.93 61.82 -44.18
CA ILE D 955 -4.98 62.83 -43.97
C ILE D 955 -4.38 64.23 -43.82
N LEU D 956 -3.36 64.37 -42.97
CA LEU D 956 -2.75 65.68 -42.79
C LEU D 956 -2.03 66.12 -44.07
N ILE D 957 -2.09 67.41 -44.36
CA ILE D 957 -1.52 67.97 -45.59
C ILE D 957 -0.05 68.27 -45.33
N HIS D 958 0.84 67.45 -45.88
CA HIS D 958 2.27 67.63 -45.78
C HIS D 958 2.86 67.98 -47.13
N ASN D 959 3.87 68.85 -47.12
CA ASN D 959 4.46 69.33 -48.37
C ASN D 959 5.99 69.33 -48.34
N GLU D 960 6.61 68.59 -47.43
CA GLU D 960 8.06 68.49 -47.36
C GLU D 960 8.51 67.33 -48.24
N ARG D 961 9.11 67.65 -49.39
CA ARG D 961 9.52 66.62 -50.33
C ARG D 961 10.63 67.12 -51.24
N ARG D 962 11.57 66.23 -51.54
CA ARG D 962 12.53 66.39 -52.64
C ARG D 962 13.02 65.00 -53.01
N VAL D 963 13.95 64.92 -53.94
CA VAL D 963 14.43 63.64 -54.44
C VAL D 963 15.08 62.86 -53.30
N ASP D 964 14.45 61.75 -52.91
CA ASP D 964 14.95 60.84 -51.87
C ASP D 964 14.91 61.47 -50.47
N TRP D 965 14.33 62.67 -50.34
CA TRP D 965 13.90 63.17 -49.05
C TRP D 965 12.39 63.28 -48.95
N LEU D 966 11.65 63.06 -50.04
CA LEU D 966 10.22 62.84 -49.94
C LEU D 966 9.94 61.60 -49.10
N PHE D 967 10.79 60.58 -49.21
CA PHE D 967 10.71 59.42 -48.33
C PHE D 967 10.88 59.82 -46.87
N ARG D 968 11.71 60.83 -46.60
CA ARG D 968 11.94 61.25 -45.22
C ARG D 968 10.66 61.76 -44.57
N GLY D 969 9.98 62.71 -45.22
CA GLY D 969 8.80 63.32 -44.64
C GLY D 969 7.57 62.44 -44.59
N ALA D 970 7.65 61.21 -45.12
CA ALA D 970 6.51 60.31 -45.12
C ALA D 970 6.78 59.07 -44.29
N VAL D 971 8.04 58.66 -44.20
CA VAL D 971 8.43 57.42 -43.52
C VAL D 971 9.38 57.69 -42.36
N TYR D 972 10.42 58.52 -42.59
CA TYR D 972 11.39 58.79 -41.53
C TYR D 972 10.74 59.51 -40.36
N HIS D 973 9.82 60.44 -40.62
CA HIS D 973 9.11 61.15 -39.58
C HIS D 973 7.94 60.34 -39.01
N SER D 974 7.92 59.03 -39.24
CA SER D 974 6.91 58.13 -38.70
C SER D 974 7.44 57.22 -37.62
N TYR D 975 8.55 56.53 -37.86
CA TYR D 975 9.14 55.69 -36.83
C TYR D 975 9.78 56.51 -35.71
N LEU D 976 10.30 57.69 -36.04
CA LEU D 976 10.85 58.57 -35.01
C LEU D 976 9.79 59.04 -34.03
N THR D 977 8.53 59.10 -34.48
CA THR D 977 7.44 59.46 -33.58
C THR D 977 7.12 58.39 -32.57
N ILE D 978 7.50 57.13 -32.83
CA ILE D 978 7.22 56.05 -31.90
C ILE D 978 8.08 56.21 -30.64
N PHE D 979 9.33 56.60 -30.81
CA PHE D 979 10.29 56.60 -29.71
C PHE D 979 10.61 58.00 -29.18
N GLY D 980 9.85 59.03 -29.58
CA GLY D 980 10.00 60.32 -28.93
C GLY D 980 10.02 61.53 -29.83
N GLN D 981 10.60 61.41 -31.03
CA GLN D 981 10.68 62.55 -31.92
C GLN D 981 9.41 62.70 -32.75
N ILE D 982 8.47 63.51 -32.26
CA ILE D 982 7.18 63.70 -32.91
C ILE D 982 7.08 65.16 -33.34
N PRO D 983 6.95 65.45 -34.63
CA PRO D 983 6.68 66.83 -35.05
C PRO D 983 5.23 67.22 -34.78
N GLY D 984 4.88 67.35 -33.50
CA GLY D 984 3.51 67.67 -33.12
C GLY D 984 3.02 69.00 -33.64
N TYR D 985 3.91 69.99 -33.75
CA TYR D 985 3.55 71.28 -34.32
C TYR D 985 3.41 71.24 -35.83
N ILE D 986 3.78 70.13 -36.47
CA ILE D 986 3.66 69.97 -37.91
C ILE D 986 2.59 68.96 -38.27
N ASP D 987 2.56 67.82 -37.58
CA ASP D 987 1.56 66.79 -37.84
C ASP D 987 0.15 67.24 -37.47
N GLY D 988 0.03 68.24 -36.61
CA GLY D 988 -1.28 68.74 -36.21
C GLY D 988 -1.95 69.59 -37.26
N PHE D 1020 -9.86 70.68 -38.51
CA PHE D 1020 -10.92 69.69 -38.47
C PHE D 1020 -10.42 68.25 -38.25
N PRO D 1021 -9.38 67.77 -39.03
CA PRO D 1021 -8.88 66.40 -38.85
C PRO D 1021 -7.96 66.24 -37.64
N GLU D 1022 -8.43 66.70 -36.48
CA GLU D 1022 -7.69 66.56 -35.23
C GLU D 1022 -8.24 65.45 -34.35
N TRP D 1023 -9.56 65.33 -34.24
CA TRP D 1023 -10.14 64.24 -33.47
C TRP D 1023 -9.76 62.88 -34.05
N LEU D 1024 -9.80 62.75 -35.38
CA LEU D 1024 -9.37 61.51 -36.02
C LEU D 1024 -7.88 61.25 -35.82
N THR D 1025 -7.06 62.31 -35.80
CA THR D 1025 -5.64 62.12 -35.54
C THR D 1025 -5.40 61.62 -34.12
N VAL D 1026 -6.15 62.11 -33.15
CA VAL D 1026 -6.06 61.59 -31.78
C VAL D 1026 -6.54 60.15 -31.74
N LEU D 1027 -7.67 59.86 -32.39
CA LEU D 1027 -8.24 58.52 -32.35
C LEU D 1027 -7.29 57.49 -32.95
N LEU D 1028 -6.74 57.78 -34.13
CA LEU D 1028 -5.85 56.81 -34.78
C LEU D 1028 -4.56 56.60 -34.01
N LEU D 1029 -3.97 57.66 -33.45
CA LEU D 1029 -2.76 57.50 -32.64
C LEU D 1029 -3.03 56.73 -31.38
N CYS D 1030 -4.21 56.88 -30.78
CA CYS D 1030 -4.59 56.03 -29.64
C CYS D 1030 -4.89 54.60 -30.09
N LEU D 1031 -5.49 54.44 -31.27
CA LEU D 1031 -5.87 53.12 -31.77
C LEU D 1031 -4.66 52.26 -32.06
N TYR D 1032 -3.65 52.82 -32.72
CA TYR D 1032 -2.58 52.01 -33.27
C TYR D 1032 -1.54 51.64 -32.21
N LEU D 1033 -1.18 52.58 -31.33
CA LEU D 1033 -0.17 52.32 -30.32
C LEU D 1033 -0.60 51.27 -29.31
N LEU D 1034 -1.91 51.03 -29.16
CA LEU D 1034 -2.35 49.91 -28.34
C LEU D 1034 -1.97 48.58 -28.97
N PHE D 1035 -1.87 48.52 -30.29
CA PHE D 1035 -1.50 47.28 -30.96
C PHE D 1035 -0.01 47.00 -30.89
N THR D 1036 0.82 48.03 -30.75
CA THR D 1036 2.25 47.82 -30.63
C THR D 1036 2.70 47.71 -29.17
N ASN D 1037 2.52 48.78 -28.40
CA ASN D 1037 3.05 48.85 -27.04
C ASN D 1037 2.36 47.89 -26.08
N ILE D 1038 1.22 47.33 -26.46
CA ILE D 1038 0.50 46.35 -25.64
C ILE D 1038 0.65 44.94 -26.21
N LEU D 1039 0.13 44.71 -27.41
CA LEU D 1039 0.26 43.38 -28.00
C LEU D 1039 1.72 43.03 -28.24
N LEU D 1040 2.38 43.75 -29.17
CA LEU D 1040 3.66 43.31 -29.68
C LEU D 1040 4.83 43.55 -28.72
N LEU D 1041 4.59 44.23 -27.60
CA LEU D 1041 5.60 44.40 -26.56
C LEU D 1041 5.22 43.64 -25.30
N ASN D 1042 4.05 43.92 -24.75
CA ASN D 1042 3.66 43.37 -23.47
C ASN D 1042 3.24 41.90 -23.57
N LEU D 1043 2.72 41.45 -24.70
CA LEU D 1043 2.51 40.03 -24.91
C LEU D 1043 3.79 39.33 -25.31
N LEU D 1044 4.73 40.06 -25.92
CA LEU D 1044 6.07 39.55 -26.12
C LEU D 1044 6.77 39.30 -24.79
N ILE D 1045 6.36 40.03 -23.75
CA ILE D 1045 6.79 39.70 -22.40
C ILE D 1045 6.40 38.28 -22.04
N ALA D 1046 5.15 37.90 -22.35
CA ALA D 1046 4.70 36.53 -22.12
C ALA D 1046 5.42 35.53 -23.02
N MET D 1047 5.70 35.89 -24.28
CA MET D 1047 6.46 35.00 -25.15
C MET D 1047 7.90 34.85 -24.71
N PHE D 1048 8.37 35.68 -23.77
CA PHE D 1048 9.72 35.57 -23.25
C PHE D 1048 9.85 34.89 -21.89
N ASN D 1049 8.95 35.17 -20.95
CA ASN D 1049 9.10 34.59 -19.61
C ASN D 1049 9.02 33.07 -19.65
N TYR D 1050 8.02 32.53 -20.34
CA TYR D 1050 7.86 31.08 -20.37
C TYR D 1050 9.01 30.40 -21.12
N THR D 1051 9.46 31.01 -22.22
CA THR D 1051 10.61 30.48 -22.93
C THR D 1051 11.87 30.49 -22.08
N PHE D 1052 12.02 31.48 -21.20
CA PHE D 1052 13.13 31.46 -20.27
C PHE D 1052 13.00 30.33 -19.26
N GLN D 1053 11.78 30.09 -18.77
CA GLN D 1053 11.56 29.10 -17.73
C GLN D 1053 11.43 27.66 -18.25
N GLN D 1054 11.32 27.47 -19.57
CA GLN D 1054 11.08 26.13 -20.10
C GLN D 1054 12.37 25.43 -20.47
N VAL D 1055 13.36 26.17 -20.97
CA VAL D 1055 14.54 25.55 -21.56
C VAL D 1055 15.76 25.95 -20.74
N GLN D 1056 15.52 26.57 -19.58
CA GLN D 1056 16.61 26.93 -18.68
C GLN D 1056 17.37 25.70 -18.20
N GLU D 1057 16.64 24.63 -17.86
CA GLU D 1057 17.27 23.36 -17.51
C GLU D 1057 17.98 22.73 -18.71
N HIS D 1058 17.84 23.33 -19.89
CA HIS D 1058 18.75 22.99 -20.97
C HIS D 1058 19.84 24.05 -21.11
N THR D 1059 19.45 25.32 -21.32
CA THR D 1059 20.41 26.36 -21.68
C THR D 1059 21.53 26.54 -20.67
N ASP D 1060 21.32 26.18 -19.40
CA ASP D 1060 22.40 26.30 -18.43
C ASP D 1060 23.45 25.20 -18.62
N GLN D 1061 22.99 23.93 -18.66
CA GLN D 1061 23.90 22.80 -18.78
C GLN D 1061 24.48 22.65 -20.18
N ILE D 1062 23.75 23.05 -21.22
CA ILE D 1062 24.35 23.00 -22.54
C ILE D 1062 25.40 24.10 -22.68
N TRP D 1063 25.28 25.18 -21.91
CA TRP D 1063 26.37 26.15 -21.85
C TRP D 1063 27.55 25.59 -21.06
N LYS D 1064 27.27 24.83 -20.00
CA LYS D 1064 28.32 24.04 -19.36
C LYS D 1064 29.01 23.12 -20.36
N PHE D 1065 28.27 22.66 -21.38
CA PHE D 1065 28.87 21.88 -22.45
C PHE D 1065 29.75 22.72 -23.37
N GLN D 1066 29.20 23.77 -23.99
CA GLN D 1066 29.92 24.57 -24.98
C GLN D 1066 30.96 25.48 -24.38
N ARG D 1067 31.02 25.63 -23.05
CA ARG D 1067 32.07 26.47 -22.47
C ARG D 1067 33.43 25.84 -22.70
N HIS D 1068 33.47 24.50 -22.82
CA HIS D 1068 34.72 23.80 -23.04
C HIS D 1068 35.42 24.23 -24.32
N ASP D 1069 34.67 24.64 -25.36
CA ASP D 1069 35.29 24.98 -26.64
C ASP D 1069 36.32 26.09 -26.48
N LEU D 1070 35.95 27.14 -25.75
CA LEU D 1070 36.91 28.20 -25.44
C LEU D 1070 38.07 27.66 -24.60
N ILE D 1071 37.80 26.69 -23.72
CA ILE D 1071 38.84 26.16 -22.85
C ILE D 1071 39.86 25.35 -23.65
N GLU D 1072 39.42 24.56 -24.62
CA GLU D 1072 40.39 23.88 -25.48
C GLU D 1072 41.14 24.88 -26.36
N GLU D 1073 40.44 25.90 -26.85
CA GLU D 1073 41.09 26.88 -27.72
C GLU D 1073 42.19 27.63 -27.00
N TYR D 1074 41.98 27.96 -25.73
CA TYR D 1074 43.02 28.60 -24.92
C TYR D 1074 43.91 27.59 -24.22
N HIS D 1075 43.54 26.31 -24.25
CA HIS D 1075 44.47 25.21 -23.99
C HIS D 1075 45.07 24.70 -25.29
N GLY D 1076 44.79 25.38 -26.41
CA GLY D 1076 45.45 25.11 -27.67
C GLY D 1076 46.04 26.38 -28.23
N ARG D 1077 46.46 27.30 -27.35
CA ARG D 1077 46.95 28.61 -27.74
C ARG D 1077 48.26 28.88 -27.04
N PRO D 1078 49.23 29.52 -27.71
CA PRO D 1078 50.45 29.95 -27.01
C PRO D 1078 50.18 31.17 -26.14
N ALA D 1079 51.22 31.60 -25.43
CA ALA D 1079 51.12 32.72 -24.51
C ALA D 1079 51.51 34.05 -25.14
N ALA D 1080 51.48 34.15 -26.46
CA ALA D 1080 51.87 35.41 -27.07
C ALA D 1080 50.64 36.25 -27.40
N PRO D 1081 50.68 37.55 -27.12
CA PRO D 1081 49.57 38.43 -27.47
C PRO D 1081 49.48 38.63 -28.97
N PRO D 1082 48.32 39.01 -29.50
CA PRO D 1082 48.18 39.20 -30.95
C PRO D 1082 49.17 40.19 -31.52
N PRO D 1083 49.57 41.25 -30.77
CA PRO D 1083 50.71 42.06 -31.24
C PRO D 1083 51.97 41.23 -31.46
N PHE D 1084 52.22 40.25 -30.59
CA PHE D 1084 53.39 39.39 -30.69
C PHE D 1084 53.04 37.99 -31.19
N ILE D 1085 51.78 37.73 -31.56
CA ILE D 1085 51.40 36.39 -31.99
C ILE D 1085 51.97 36.03 -33.34
N LEU D 1086 52.43 37.02 -34.12
CA LEU D 1086 53.16 36.73 -35.34
C LEU D 1086 54.50 36.06 -35.05
N LEU D 1087 55.11 36.35 -33.90
CA LEU D 1087 56.31 35.63 -33.49
C LEU D 1087 56.01 34.16 -33.27
N SER D 1088 54.88 33.86 -32.62
CA SER D 1088 54.48 32.46 -32.46
C SER D 1088 54.07 31.84 -33.79
N HIS D 1089 53.51 32.63 -34.70
CA HIS D 1089 53.22 32.13 -36.04
C HIS D 1089 54.51 31.70 -36.74
N LEU D 1090 55.50 32.60 -36.78
CA LEU D 1090 56.80 32.28 -37.35
C LEU D 1090 57.55 31.22 -36.55
N GLN D 1091 57.19 31.01 -35.29
CA GLN D 1091 57.82 29.95 -34.51
C GLN D 1091 57.54 28.58 -35.12
N LEU D 1092 56.30 28.34 -35.56
CA LEU D 1092 55.99 27.11 -36.29
C LEU D 1092 56.32 27.21 -37.77
N PHE D 1093 56.34 28.42 -38.33
CA PHE D 1093 56.76 28.57 -39.72
C PHE D 1093 58.22 28.19 -39.91
N ILE D 1094 59.09 28.56 -38.97
CA ILE D 1094 60.48 28.13 -39.03
C ILE D 1094 60.67 26.72 -38.51
N LYS D 1095 59.64 26.16 -37.85
CA LYS D 1095 59.71 24.79 -37.36
C LYS D 1095 59.26 23.77 -38.39
N ARG D 1096 58.42 24.17 -39.35
CA ARG D 1096 57.97 23.25 -40.39
C ARG D 1096 59.00 23.09 -41.50
N VAL D 1097 59.94 24.03 -41.64
CA VAL D 1097 61.01 23.88 -42.62
C VAL D 1097 62.16 23.02 -42.11
N VAL D 1098 62.24 22.77 -40.80
CA VAL D 1098 63.21 21.83 -40.24
C VAL D 1098 62.55 20.58 -39.69
N LEU D 1099 61.25 20.61 -39.41
CA LEU D 1099 60.49 19.42 -39.00
C LEU D 1099 59.20 19.41 -39.82
N LYS D 1100 59.18 18.61 -40.88
CA LYS D 1100 58.03 18.55 -41.79
C LYS D 1100 57.04 17.47 -41.33
N THR D 1101 56.52 17.66 -40.12
CA THR D 1101 55.52 16.74 -39.57
C THR D 1101 54.72 17.45 -38.48
N PRO D 1102 53.40 17.20 -38.41
CA PRO D 1102 52.57 17.76 -37.34
C PRO D 1102 52.53 16.88 -36.10
N ALA D 1103 53.71 16.46 -35.63
CA ALA D 1103 53.82 15.59 -34.47
C ALA D 1103 54.92 16.10 -33.54
N LYS D 1104 55.03 17.41 -33.40
CA LYS D 1104 56.04 18.01 -32.53
C LYS D 1104 55.55 18.08 -31.08
N ARG D 1105 54.44 18.78 -30.85
CA ARG D 1105 53.84 18.88 -29.54
C ARG D 1105 52.33 18.76 -29.67
N HIS D 1106 51.71 18.15 -28.65
CA HIS D 1106 50.26 18.08 -28.53
C HIS D 1106 49.90 18.91 -27.31
N LYS D 1107 49.80 20.22 -27.50
CA LYS D 1107 49.58 21.13 -26.37
C LYS D 1107 48.12 20.94 -25.95
N GLN D 1108 47.90 19.92 -25.11
CA GLN D 1108 46.57 19.36 -24.88
C GLN D 1108 46.60 18.64 -23.53
N LEU D 1109 45.60 17.78 -23.30
CA LEU D 1109 45.55 16.99 -22.06
C LEU D 1109 46.82 16.18 -21.88
N LYS D 1110 47.13 15.30 -22.84
CA LYS D 1110 48.37 14.53 -22.94
C LYS D 1110 48.88 13.98 -21.61
N ASN D 1111 47.99 13.43 -20.79
CA ASN D 1111 48.40 12.92 -19.48
C ASN D 1111 49.04 11.54 -19.63
N LYS D 1112 50.25 11.38 -19.10
CA LYS D 1112 50.91 10.09 -19.06
C LYS D 1112 50.63 9.42 -17.71
N LEU D 1113 50.25 8.16 -17.76
CA LEU D 1113 49.93 7.37 -16.58
C LEU D 1113 50.69 6.06 -16.63
N GLU D 1114 51.38 5.73 -15.55
CA GLU D 1114 52.12 4.48 -15.47
C GLU D 1114 51.17 3.32 -15.20
N LYS D 1115 51.59 2.12 -15.61
CA LYS D 1115 50.77 0.93 -15.38
C LYS D 1115 50.56 0.67 -13.89
N ASN D 1116 51.63 0.78 -13.09
CA ASN D 1116 51.55 0.36 -11.70
C ASN D 1116 50.74 1.33 -10.85
N GLU D 1117 50.97 2.64 -11.00
CA GLU D 1117 50.15 3.62 -10.30
C GLU D 1117 48.70 3.57 -10.74
N GLU D 1118 48.44 3.21 -12.00
CA GLU D 1118 47.07 3.00 -12.45
C GLU D 1118 46.46 1.74 -11.84
N ALA D 1119 47.29 0.76 -11.50
CA ALA D 1119 46.79 -0.44 -10.83
C ALA D 1119 46.26 -0.12 -9.44
N ALA D 1120 47.00 0.66 -8.66
CA ALA D 1120 46.55 1.06 -7.33
C ALA D 1120 45.27 1.87 -7.42
N LEU D 1121 45.00 2.46 -8.58
CA LEU D 1121 43.69 3.09 -8.79
C LEU D 1121 42.66 2.06 -9.20
N LEU D 1122 42.95 1.27 -10.25
CA LEU D 1122 41.91 0.45 -10.86
C LEU D 1122 41.22 -0.42 -9.82
N SER D 1123 41.99 -1.05 -8.94
CA SER D 1123 41.37 -1.79 -7.84
C SER D 1123 40.41 -0.89 -7.08
N TRP D 1124 40.73 0.39 -6.93
CA TRP D 1124 39.93 1.23 -6.07
C TRP D 1124 38.59 1.63 -6.69
N GLU D 1125 38.53 2.00 -7.98
CA GLU D 1125 37.19 2.35 -8.47
C GLU D 1125 36.39 1.11 -8.85
N ILE D 1126 37.01 -0.06 -8.97
CA ILE D 1126 36.19 -1.27 -9.05
C ILE D 1126 35.59 -1.59 -7.69
N TYR D 1127 36.35 -1.41 -6.61
CA TYR D 1127 35.77 -1.47 -5.27
C TYR D 1127 34.63 -0.46 -5.14
N LEU D 1128 34.89 0.78 -5.57
CA LEU D 1128 33.86 1.81 -5.55
C LEU D 1128 32.70 1.49 -6.47
N LYS D 1129 32.94 0.83 -7.60
CA LYS D 1129 31.85 0.49 -8.52
C LYS D 1129 30.89 -0.50 -7.88
N GLU D 1130 31.42 -1.63 -7.39
CA GLU D 1130 30.53 -2.59 -6.76
C GLU D 1130 29.97 -2.05 -5.45
N ASN D 1131 30.74 -1.24 -4.73
CA ASN D 1131 30.19 -0.52 -3.59
C ASN D 1131 29.00 0.35 -4.00
N TYR D 1132 29.18 1.14 -5.07
CA TYR D 1132 28.13 2.08 -5.47
C TYR D 1132 26.91 1.35 -6.04
N LEU D 1133 27.14 0.30 -6.82
CA LEU D 1133 26.00 -0.44 -7.35
C LEU D 1133 25.27 -1.20 -6.26
N GLN D 1134 26.00 -1.64 -5.22
CA GLN D 1134 25.34 -2.18 -4.04
C GLN D 1134 24.45 -1.12 -3.38
N ASN D 1135 24.98 0.09 -3.24
CA ASN D 1135 24.17 1.18 -2.69
C ASN D 1135 23.06 1.58 -3.65
N ARG D 1136 23.29 1.50 -4.96
CA ARG D 1136 22.28 1.90 -5.93
C ARG D 1136 21.10 0.95 -5.92
N GLN D 1137 21.38 -0.36 -5.92
CA GLN D 1137 20.30 -1.33 -5.75
C GLN D 1137 19.71 -1.25 -4.34
N PHE D 1138 20.50 -0.75 -3.39
CA PHE D 1138 19.96 -0.53 -2.04
C PHE D 1138 18.90 0.57 -2.04
N GLN D 1139 19.21 1.71 -2.66
CA GLN D 1139 18.21 2.78 -2.77
C GLN D 1139 17.06 2.36 -3.67
N GLN D 1140 17.33 1.55 -4.70
CA GLN D 1140 16.23 0.96 -5.46
C GLN D 1140 15.36 0.07 -4.58
N LYS D 1141 16.00 -0.69 -3.69
CA LYS D 1141 15.26 -1.46 -2.69
C LYS D 1141 14.52 -0.56 -1.71
N GLN D 1142 14.91 0.70 -1.61
CA GLN D 1142 14.21 1.67 -0.76
C GLN D 1142 12.99 2.29 -1.44
N ARG D 1143 12.74 1.99 -2.71
CA ARG D 1143 11.55 2.52 -3.35
C ARG D 1143 10.33 1.74 -2.85
N PRO D 1144 9.38 2.40 -2.19
CA PRO D 1144 8.35 1.68 -1.42
C PRO D 1144 7.41 0.83 -2.25
N GLU D 1145 7.35 1.02 -3.56
CA GLU D 1145 6.41 0.23 -4.36
C GLU D 1145 6.81 -1.24 -4.46
N GLN D 1146 8.10 -1.56 -4.33
CA GLN D 1146 8.47 -2.96 -4.11
C GLN D 1146 7.91 -3.45 -2.79
N LYS D 1147 7.99 -2.62 -1.76
CA LYS D 1147 7.37 -2.96 -0.48
C LYS D 1147 5.85 -2.97 -0.56
N ILE D 1148 5.28 -2.49 -1.67
CA ILE D 1148 3.85 -2.71 -1.91
C ILE D 1148 3.62 -4.10 -2.51
N GLU D 1149 4.39 -4.45 -3.54
CA GLU D 1149 4.19 -5.70 -4.27
C GLU D 1149 4.88 -6.91 -3.64
N ASP D 1150 5.79 -6.70 -2.69
CA ASP D 1150 6.40 -7.84 -2.01
C ASP D 1150 5.38 -8.61 -1.20
N ILE D 1151 4.53 -7.91 -0.44
CA ILE D 1151 3.46 -8.61 0.27
C ILE D 1151 2.64 -9.43 -0.71
N SER D 1152 2.43 -8.91 -1.93
CA SER D 1152 1.77 -9.70 -2.96
C SER D 1152 2.52 -11.01 -3.23
N ASN D 1153 3.86 -10.94 -3.32
CA ASN D 1153 4.63 -12.16 -3.61
C ASN D 1153 4.51 -13.19 -2.48
N LYS D 1154 4.76 -12.79 -1.23
CA LYS D 1154 4.55 -13.73 -0.12
C LYS D 1154 3.10 -14.15 0.05
N VAL D 1155 2.14 -13.22 0.03
CA VAL D 1155 0.77 -13.71 0.19
C VAL D 1155 0.40 -14.65 -0.94
N ASP D 1156 1.07 -14.54 -2.09
CA ASP D 1156 0.97 -15.55 -3.12
C ASP D 1156 1.65 -16.86 -2.72
N ALA D 1157 2.57 -16.82 -1.75
CA ALA D 1157 3.09 -18.06 -1.21
C ALA D 1157 2.23 -18.61 -0.07
N MET D 1158 1.34 -17.80 0.52
CA MET D 1158 0.34 -18.27 1.47
C MET D 1158 -0.99 -18.67 0.84
N VAL D 1159 -1.26 -18.30 -0.42
CA VAL D 1159 -2.49 -18.75 -1.05
C VAL D 1159 -2.43 -20.26 -1.29
N ASP D 1160 -1.24 -20.77 -1.61
CA ASP D 1160 -1.07 -22.20 -1.82
C ASP D 1160 -0.56 -22.92 -0.58
N LEU D 1161 -0.22 -22.19 0.48
CA LEU D 1161 0.39 -22.82 1.65
C LEU D 1161 -0.60 -23.65 2.46
N LEU D 1162 -1.90 -23.32 2.42
CA LEU D 1162 -2.92 -24.07 3.12
C LEU D 1162 -3.67 -25.02 2.21
N ASP D 1163 -2.98 -25.61 1.23
CA ASP D 1163 -3.54 -26.59 0.31
C ASP D 1163 -2.81 -27.91 0.44
N LEU D 1164 -2.45 -28.27 1.67
CA LEU D 1164 -1.74 -29.52 1.94
C LEU D 1164 -2.58 -30.49 2.78
N ASP D 1165 -3.82 -30.14 3.08
CA ASP D 1165 -4.69 -31.03 3.83
C ASP D 1165 -6.07 -31.14 3.15
N GLY D 1235 9.34 -55.35 -8.10
CA GLY D 1235 9.55 -55.89 -9.43
C GLY D 1235 9.85 -57.38 -9.42
N ASP D 1236 10.19 -57.91 -10.59
CA ASP D 1236 10.51 -59.33 -10.75
C ASP D 1236 11.87 -59.46 -11.41
N SER D 1237 12.55 -60.56 -11.10
CA SER D 1237 13.88 -60.85 -11.64
C SER D 1237 13.80 -62.14 -12.44
N TYR D 1238 13.44 -62.00 -13.72
CA TYR D 1238 13.43 -63.10 -14.67
C TYR D 1238 14.26 -62.71 -15.89
N HIS D 1239 14.38 -63.65 -16.82
CA HIS D 1239 15.09 -63.36 -18.06
C HIS D 1239 14.33 -62.29 -18.86
N VAL D 1240 14.93 -61.10 -18.93
CA VAL D 1240 14.28 -59.95 -19.55
C VAL D 1240 14.86 -59.58 -20.90
N ASN D 1241 15.48 -60.54 -21.61
CA ASN D 1241 16.01 -60.28 -22.94
C ASN D 1241 15.50 -61.29 -23.97
N ALA D 1242 15.36 -62.56 -23.58
CA ALA D 1242 14.84 -63.56 -24.50
C ALA D 1242 13.37 -63.29 -24.82
N ARG D 1243 12.59 -62.86 -23.83
CA ARG D 1243 11.17 -62.59 -24.01
C ARG D 1243 10.96 -61.19 -24.58
N HIS D 1244 11.37 -61.03 -25.83
CA HIS D 1244 11.21 -59.77 -26.55
C HIS D 1244 10.77 -60.05 -27.97
N LEU D 1245 10.10 -59.07 -28.57
CA LEU D 1245 9.62 -59.21 -29.94
C LEU D 1245 10.81 -59.19 -30.91
N LEU D 1246 10.53 -59.60 -32.16
CA LEU D 1246 11.48 -59.48 -33.25
C LEU D 1246 12.80 -60.16 -32.95
N TYR D 1247 12.80 -61.49 -32.86
CA TYR D 1247 13.99 -62.30 -32.69
C TYR D 1247 15.09 -61.80 -33.62
N PRO D 1248 16.30 -61.51 -33.10
CA PRO D 1248 17.33 -60.83 -33.90
C PRO D 1248 17.58 -61.44 -35.28
N ASN D 1249 17.59 -60.58 -36.29
CA ASN D 1249 17.86 -60.96 -37.68
C ASN D 1249 16.89 -62.02 -38.18
N CYS D 1250 15.60 -61.84 -37.90
CA CYS D 1250 14.58 -62.74 -38.44
C CYS D 1250 13.20 -62.09 -38.36
N PRO D 1251 12.48 -62.03 -39.49
CA PRO D 1251 11.12 -61.46 -39.45
C PRO D 1251 10.10 -62.40 -38.80
N VAL D 1252 10.27 -62.66 -37.50
CA VAL D 1252 9.36 -63.55 -36.79
C VAL D 1252 8.92 -62.84 -35.51
N THR D 1253 7.85 -63.35 -34.89
CA THR D 1253 7.37 -62.81 -33.62
C THR D 1253 7.28 -63.96 -32.63
N ARG D 1254 7.30 -63.62 -31.34
CA ARG D 1254 7.16 -64.57 -30.26
C ARG D 1254 5.80 -64.36 -29.60
N PHE D 1255 5.17 -65.45 -29.18
CA PHE D 1255 3.92 -65.35 -28.44
C PHE D 1255 4.21 -64.67 -27.10
N PRO D 1256 3.53 -63.56 -26.79
CA PRO D 1256 3.87 -62.79 -25.58
C PRO D 1256 3.75 -63.60 -24.30
N VAL D 1257 4.81 -63.59 -23.50
CA VAL D 1257 4.81 -64.30 -22.22
C VAL D 1257 5.10 -63.29 -21.12
N PRO D 1258 4.08 -62.74 -20.46
CA PRO D 1258 4.32 -61.83 -19.34
C PRO D 1258 5.04 -62.52 -18.20
N ASN D 1259 5.54 -61.71 -17.26
CA ASN D 1259 6.37 -62.18 -16.16
C ASN D 1259 5.66 -63.23 -15.30
N GLU D 1260 4.33 -63.19 -15.26
CA GLU D 1260 3.56 -64.08 -14.40
C GLU D 1260 3.70 -65.54 -14.81
N LYS D 1261 3.65 -65.83 -16.11
CA LYS D 1261 3.61 -67.20 -16.60
C LYS D 1261 4.95 -67.65 -17.20
N VAL D 1262 6.05 -66.97 -16.87
CA VAL D 1262 7.36 -67.38 -17.35
C VAL D 1262 7.77 -68.77 -16.84
N PRO D 1263 7.48 -69.19 -15.61
CA PRO D 1263 7.97 -70.51 -15.17
C PRO D 1263 7.29 -71.64 -15.93
N TRP D 1264 7.94 -72.80 -15.93
CA TRP D 1264 7.51 -73.95 -16.70
C TRP D 1264 6.44 -74.77 -15.98
N GLU D 1265 5.94 -74.29 -14.84
CA GLU D 1265 4.87 -74.97 -14.13
C GLU D 1265 3.53 -74.24 -14.20
N THR D 1266 3.53 -72.95 -14.52
CA THR D 1266 2.27 -72.23 -14.70
C THR D 1266 1.52 -72.77 -15.91
N GLU D 1267 0.22 -73.01 -15.73
CA GLU D 1267 -0.62 -73.65 -16.73
C GLU D 1267 -1.07 -72.60 -17.75
N PHE D 1268 -0.53 -72.69 -18.96
CA PHE D 1268 -0.96 -71.87 -20.09
C PHE D 1268 -1.37 -72.77 -21.23
N LEU D 1269 -2.63 -72.66 -21.66
CA LEU D 1269 -3.19 -73.55 -22.67
C LEU D 1269 -3.46 -72.85 -24.00
N ILE D 1270 -3.28 -71.53 -24.08
CA ILE D 1270 -3.29 -70.83 -25.36
C ILE D 1270 -1.92 -70.85 -26.01
N TYR D 1271 -0.97 -71.59 -25.43
CA TYR D 1271 0.43 -71.62 -25.88
C TYR D 1271 0.55 -72.17 -27.29
N ASP D 1272 0.93 -71.32 -28.25
CA ASP D 1272 1.16 -71.73 -29.63
C ASP D 1272 2.30 -70.90 -30.19
N PRO D 1273 3.54 -71.20 -29.80
CA PRO D 1273 4.67 -70.40 -30.24
C PRO D 1273 5.20 -70.87 -31.58
N PRO D 1274 5.83 -69.98 -32.35
CA PRO D 1274 6.41 -70.39 -33.65
C PRO D 1274 7.56 -71.36 -33.50
N PHE D 1275 8.10 -71.82 -34.63
CA PHE D 1275 9.15 -72.84 -34.63
C PHE D 1275 10.28 -72.44 -35.57
N TYR D 1276 10.76 -71.21 -35.46
CA TYR D 1276 11.83 -70.74 -36.34
C TYR D 1276 13.15 -71.42 -36.01
N THR D 1277 13.83 -71.89 -37.05
CA THR D 1277 15.14 -72.50 -36.92
C THR D 1277 15.98 -72.24 -38.17
N ALA D 1278 16.99 -71.38 -38.05
CA ALA D 1278 17.84 -71.04 -39.18
C ALA D 1278 18.63 -72.24 -39.69
N LEU D 1293 11.29 -83.20 -38.66
CA LEU D 1293 11.26 -82.89 -37.24
C LEU D 1293 10.81 -84.11 -36.44
N GLU D 1294 11.52 -84.34 -35.31
CA GLU D 1294 11.30 -85.33 -34.24
C GLU D 1294 12.13 -86.63 -34.31
N PRO D 1295 12.93 -86.92 -35.37
CA PRO D 1295 13.89 -88.03 -35.22
C PRO D 1295 15.21 -87.55 -34.67
N LEU D 1296 15.17 -86.79 -33.56
CA LEU D 1296 16.37 -86.28 -32.92
C LEU D 1296 16.82 -87.14 -31.75
N SER D 1297 16.58 -88.45 -31.81
CA SER D 1297 16.96 -89.35 -30.73
C SER D 1297 18.46 -89.56 -30.70
N THR D 1298 18.92 -90.44 -29.79
CA THR D 1298 20.34 -90.73 -29.62
C THR D 1298 21.15 -89.47 -29.29
N ILE D 1299 20.55 -88.59 -28.51
CA ILE D 1299 21.20 -87.36 -28.04
C ILE D 1299 21.35 -87.51 -26.53
N GLN D 1300 22.59 -87.61 -26.06
CA GLN D 1300 22.86 -87.85 -24.64
C GLN D 1300 22.73 -86.55 -23.85
N TYR D 1301 21.49 -86.13 -23.58
CA TYR D 1301 21.27 -84.94 -22.78
C TYR D 1301 21.64 -85.19 -21.32
N ASN D 1302 21.87 -84.10 -20.59
CA ASN D 1302 22.25 -84.13 -19.17
C ASN D 1302 23.60 -84.78 -18.96
N VAL D 1303 24.28 -85.17 -20.05
CA VAL D 1303 25.61 -85.75 -19.99
C VAL D 1303 26.45 -85.14 -21.10
N VAL D 1304 27.69 -85.60 -21.24
CA VAL D 1304 28.58 -85.09 -22.28
C VAL D 1304 28.26 -85.81 -23.58
N ASP D 1305 27.30 -85.29 -24.32
CA ASP D 1305 26.89 -85.90 -25.59
C ASP D 1305 27.96 -85.69 -26.65
N GLY D 1306 28.74 -86.73 -26.91
CA GLY D 1306 29.86 -86.63 -27.84
C GLY D 1306 30.85 -85.59 -27.40
N LEU D 1307 31.40 -84.84 -28.36
CA LEU D 1307 32.32 -83.74 -28.07
C LEU D 1307 31.56 -82.41 -27.98
N ARG D 1308 30.51 -82.36 -27.15
CA ARG D 1308 29.72 -81.15 -27.01
C ARG D 1308 29.43 -80.79 -25.55
N ASP D 1309 29.53 -81.76 -24.63
CA ASP D 1309 29.27 -81.53 -23.21
C ASP D 1309 27.87 -80.97 -22.98
N ARG D 1310 26.85 -81.76 -23.28
CA ARG D 1310 25.46 -81.32 -23.15
C ARG D 1310 24.93 -81.46 -21.73
N ARG D 1311 25.49 -80.70 -20.78
CA ARG D 1311 24.90 -80.66 -19.44
C ARG D 1311 25.18 -79.26 -18.84
N SER D 1312 24.10 -78.55 -18.56
CA SER D 1312 24.19 -77.18 -18.07
C SER D 1312 24.72 -77.16 -16.64
N PHE D 1313 25.20 -75.98 -16.22
CA PHE D 1313 25.83 -75.83 -14.92
C PHE D 1313 24.85 -76.05 -13.77
N HIS D 1314 23.62 -75.56 -13.89
CA HIS D 1314 22.65 -75.64 -12.80
C HIS D 1314 21.75 -76.87 -12.97
N GLY D 1315 22.40 -78.04 -12.98
CA GLY D 1315 21.71 -79.29 -12.97
C GLY D 1315 21.13 -79.70 -14.32
N PRO D 1316 20.68 -80.94 -14.42
CA PRO D 1316 20.09 -81.43 -15.68
C PRO D 1316 18.77 -80.73 -15.97
N TYR D 1317 18.44 -80.67 -17.26
CA TYR D 1317 17.17 -80.14 -17.73
C TYR D 1317 16.24 -81.31 -18.09
N THR D 1318 15.07 -80.99 -18.64
CA THR D 1318 14.05 -81.99 -18.97
C THR D 1318 13.94 -82.07 -20.49
N VAL D 1319 13.26 -83.08 -21.06
CA VAL D 1319 13.12 -83.21 -22.50
C VAL D 1319 11.65 -83.45 -22.83
N GLN D 1320 11.05 -82.54 -23.62
CA GLN D 1320 9.65 -82.67 -24.02
C GLN D 1320 9.48 -83.39 -25.36
N ALA D 1321 10.09 -84.58 -25.48
CA ALA D 1321 10.08 -85.53 -26.61
C ALA D 1321 11.51 -85.80 -27.05
N GLY D 1322 12.06 -84.90 -27.86
CA GLY D 1322 13.44 -85.00 -28.29
C GLY D 1322 14.12 -83.64 -28.32
N LEU D 1323 13.41 -82.64 -27.80
CA LEU D 1323 13.92 -81.27 -27.74
C LEU D 1323 14.00 -80.83 -26.29
N PRO D 1324 15.12 -80.25 -25.84
CA PRO D 1324 15.21 -79.80 -24.45
C PRO D 1324 14.24 -78.66 -24.15
N LEU D 1325 14.00 -78.40 -22.86
CA LEU D 1325 13.17 -77.29 -22.42
C LEU D 1325 14.08 -76.26 -21.77
N ASN D 1326 13.94 -75.00 -22.21
CA ASN D 1326 14.77 -73.93 -21.69
C ASN D 1326 14.48 -73.73 -20.21
N PRO D 1327 15.50 -73.84 -19.34
CA PRO D 1327 15.28 -73.54 -17.93
C PRO D 1327 15.12 -72.04 -17.71
N MET D 1328 14.97 -71.61 -16.45
CA MET D 1328 14.93 -70.20 -16.10
C MET D 1328 13.67 -69.52 -16.62
N GLY D 1329 12.79 -70.25 -17.29
CA GLY D 1329 11.51 -69.75 -17.71
C GLY D 1329 11.28 -70.04 -19.18
N ARG D 1330 10.19 -69.46 -19.69
CA ARG D 1330 9.80 -69.57 -21.10
C ARG D 1330 10.34 -68.38 -21.87
N THR D 1331 10.35 -68.52 -23.21
CA THR D 1331 10.80 -67.45 -24.09
C THR D 1331 9.67 -66.91 -24.96
N GLY D 1332 8.95 -67.79 -25.65
CA GLY D 1332 7.90 -67.36 -26.56
C GLY D 1332 8.11 -67.93 -27.95
N LEU D 1333 9.27 -68.54 -28.17
CA LEU D 1333 9.63 -69.18 -29.42
C LEU D 1333 10.03 -70.64 -29.15
N ARG D 1334 10.04 -71.44 -30.20
CA ARG D 1334 10.48 -72.83 -30.10
C ARG D 1334 11.59 -73.04 -31.12
N GLY D 1335 12.00 -74.28 -31.31
CA GLY D 1335 13.06 -74.56 -32.26
C GLY D 1335 14.42 -74.23 -31.70
N ARG D 1336 15.27 -73.63 -32.52
CA ARG D 1336 16.64 -73.35 -32.13
C ARG D 1336 17.02 -71.92 -32.49
N GLY D 1337 16.33 -71.34 -33.47
CA GLY D 1337 16.74 -70.03 -33.93
C GLY D 1337 18.08 -70.10 -34.65
N SER D 1338 18.80 -68.99 -34.56
CA SER D 1338 20.14 -68.90 -35.13
C SER D 1338 21.17 -69.44 -34.15
N LEU D 1339 21.14 -70.73 -33.88
CA LEU D 1339 22.04 -71.35 -32.91
C LEU D 1339 22.60 -72.64 -33.48
N SER D 1340 23.72 -73.08 -32.91
CA SER D 1340 24.39 -74.29 -33.36
C SER D 1340 23.53 -75.54 -33.17
N CYS D 1341 23.20 -75.87 -31.92
CA CYS D 1341 22.45 -77.06 -31.59
C CYS D 1341 21.61 -76.82 -30.35
N PHE D 1342 20.60 -77.68 -30.17
CA PHE D 1342 19.75 -77.60 -29.00
C PHE D 1342 20.53 -77.96 -27.74
N GLY D 1343 20.16 -77.33 -26.63
CA GLY D 1343 20.82 -77.56 -25.36
C GLY D 1343 21.68 -76.39 -24.97
N PRO D 1344 22.57 -76.61 -23.98
CA PRO D 1344 23.43 -75.52 -23.50
C PRO D 1344 24.56 -75.24 -24.48
N ASN D 1345 24.49 -74.11 -25.17
CA ASN D 1345 25.58 -73.67 -26.01
C ASN D 1345 26.62 -72.95 -25.16
N HIS D 1346 27.87 -73.39 -25.24
CA HIS D 1346 28.90 -72.89 -24.35
C HIS D 1346 29.83 -71.93 -25.09
N THR D 1347 30.00 -70.74 -24.49
CA THR D 1347 30.98 -69.76 -24.94
C THR D 1347 31.83 -69.40 -23.72
N LEU D 1348 32.95 -68.71 -23.96
CA LEU D 1348 33.97 -68.53 -22.93
C LEU D 1348 34.42 -67.07 -22.87
N TYR D 1349 33.45 -66.14 -22.82
CA TYR D 1349 33.72 -64.71 -22.81
C TYR D 1349 34.79 -64.33 -21.78
N PRO D 1350 35.98 -63.94 -22.22
CA PRO D 1350 37.06 -63.65 -21.28
C PRO D 1350 37.13 -62.19 -20.87
N MET D 1351 37.73 -61.91 -19.73
CA MET D 1351 37.87 -60.54 -19.24
C MET D 1351 39.34 -60.18 -19.08
N VAL D 1352 39.75 -59.11 -19.77
CA VAL D 1352 41.09 -58.57 -19.64
C VAL D 1352 41.00 -57.12 -19.19
N THR D 1353 41.70 -56.78 -18.12
CA THR D 1353 41.52 -55.49 -17.46
C THR D 1353 42.86 -54.84 -17.12
N ARG D 1354 42.82 -53.50 -17.12
CA ARG D 1354 43.87 -52.68 -16.54
C ARG D 1354 43.23 -51.45 -15.89
N TRP D 1355 43.70 -51.05 -14.72
CA TRP D 1355 43.37 -49.74 -14.21
C TRP D 1355 43.84 -48.71 -15.24
N ARG D 1356 43.00 -47.72 -15.55
CA ARG D 1356 43.38 -46.84 -16.66
C ARG D 1356 44.56 -45.98 -16.22
N ARG D 1357 45.55 -45.81 -17.09
CA ARG D 1357 46.65 -44.93 -16.76
C ARG D 1357 46.24 -43.49 -17.05
N ASN D 1358 46.75 -42.54 -16.26
CA ASN D 1358 46.30 -41.17 -16.50
C ASN D 1358 47.39 -40.26 -17.04
N GLU D 1359 48.43 -39.98 -16.25
CA GLU D 1359 49.60 -39.30 -16.80
C GLU D 1359 50.89 -39.78 -16.13
N ASP D 1360 50.75 -40.39 -14.95
CA ASP D 1360 51.89 -40.72 -14.11
C ASP D 1360 51.99 -42.20 -13.81
N GLY D 1361 50.93 -42.97 -14.05
CA GLY D 1361 50.90 -44.37 -13.68
C GLY D 1361 50.00 -44.58 -12.48
N ALA D 1362 50.06 -43.64 -11.55
CA ALA D 1362 49.19 -43.70 -10.38
C ALA D 1362 47.73 -43.57 -10.80
N ILE D 1363 46.95 -44.61 -10.54
CA ILE D 1363 45.51 -44.60 -10.80
C ILE D 1363 44.83 -43.37 -10.22
N CYS D 1364 44.20 -42.59 -11.10
CA CYS D 1364 43.48 -41.39 -10.72
C CYS D 1364 42.11 -41.76 -10.16
N ARG D 1365 41.81 -41.26 -8.97
CA ARG D 1365 40.60 -41.61 -8.26
C ARG D 1365 39.36 -41.22 -9.07
N LYS D 1366 38.42 -42.16 -9.17
CA LYS D 1366 37.15 -41.91 -9.84
C LYS D 1366 36.22 -41.18 -8.88
N SER D 1367 34.92 -41.15 -9.21
CA SER D 1367 33.95 -40.41 -8.41
C SER D 1367 34.03 -40.75 -6.92
N ILE D 1368 34.00 -42.04 -6.57
CA ILE D 1368 34.15 -42.45 -5.19
C ILE D 1368 35.28 -43.47 -5.07
N LYS D 1369 35.11 -44.62 -5.71
CA LYS D 1369 36.05 -45.72 -5.66
C LYS D 1369 36.92 -45.73 -6.92
N LYS D 1370 37.69 -46.80 -7.07
CA LYS D 1370 38.70 -46.83 -8.13
C LYS D 1370 38.07 -47.30 -9.43
N MET D 1371 38.77 -47.09 -10.54
CA MET D 1371 38.19 -47.24 -11.87
C MET D 1371 39.13 -48.08 -12.74
N LEU D 1372 38.55 -48.95 -13.58
CA LEU D 1372 39.30 -49.85 -14.45
C LEU D 1372 38.89 -49.69 -15.90
N GLU D 1373 39.59 -50.42 -16.77
CA GLU D 1373 39.34 -50.45 -18.20
C GLU D 1373 39.29 -51.90 -18.69
N VAL D 1374 38.64 -52.11 -19.83
CA VAL D 1374 38.61 -53.40 -20.53
C VAL D 1374 38.92 -53.18 -22.00
N LEU D 1375 39.33 -54.25 -22.66
CA LEU D 1375 39.64 -54.23 -24.09
C LEU D 1375 38.45 -54.78 -24.86
N VAL D 1376 37.77 -53.91 -25.60
CA VAL D 1376 36.59 -54.28 -26.37
C VAL D 1376 36.91 -54.19 -27.85
N VAL D 1377 36.14 -54.91 -28.66
CA VAL D 1377 36.39 -55.04 -30.10
C VAL D 1377 35.10 -54.71 -30.84
N LYS D 1378 35.23 -54.01 -31.97
CA LYS D 1378 34.10 -53.57 -32.77
C LYS D 1378 34.27 -54.08 -34.20
N LEU D 1379 33.56 -55.16 -34.52
CA LEU D 1379 33.48 -55.61 -35.91
C LEU D 1379 32.59 -54.63 -36.66
N PRO D 1380 32.75 -54.48 -37.99
CA PRO D 1380 32.04 -53.41 -38.70
C PRO D 1380 30.52 -53.50 -38.58
N LEU D 1381 29.94 -54.66 -38.91
CA LEU D 1381 28.48 -54.80 -38.95
C LEU D 1381 27.96 -55.03 -37.52
N SER D 1382 28.03 -53.98 -36.72
CA SER D 1382 27.54 -54.00 -35.34
C SER D 1382 27.27 -52.56 -34.91
N GLU D 1383 26.74 -52.42 -33.70
CA GLU D 1383 26.50 -51.09 -33.11
C GLU D 1383 26.93 -51.03 -31.66
N HIS D 1384 27.68 -52.03 -31.18
CA HIS D 1384 28.16 -52.03 -29.80
C HIS D 1384 29.54 -52.65 -29.73
N TRP D 1385 30.26 -52.29 -28.66
CA TRP D 1385 31.66 -52.67 -28.46
C TRP D 1385 31.71 -54.01 -27.73
N ALA D 1386 31.42 -55.08 -28.47
CA ALA D 1386 31.25 -56.39 -27.87
C ALA D 1386 32.54 -56.91 -27.25
N LEU D 1387 32.39 -57.79 -26.26
CA LEU D 1387 33.54 -58.38 -25.61
C LEU D 1387 34.27 -59.33 -26.56
N PRO D 1388 35.58 -59.49 -26.39
CA PRO D 1388 36.37 -60.35 -27.31
C PRO D 1388 36.32 -61.82 -26.93
N GLY D 1389 35.19 -62.46 -27.22
CA GLY D 1389 35.04 -63.87 -26.96
C GLY D 1389 33.69 -64.38 -27.42
N GLY D 1390 33.61 -65.70 -27.56
CA GLY D 1390 32.40 -66.33 -28.03
C GLY D 1390 32.47 -67.84 -28.09
N SER D 1391 31.91 -68.43 -29.15
CA SER D 1391 31.73 -69.87 -29.27
C SER D 1391 33.04 -70.63 -29.11
N ARG D 1392 33.12 -71.50 -28.12
CA ARG D 1392 34.34 -72.26 -27.86
C ARG D 1392 34.42 -73.51 -28.73
N GLU D 1393 35.31 -73.48 -29.72
CA GLU D 1393 35.59 -74.68 -30.50
C GLU D 1393 36.21 -75.72 -29.57
N PRO D 1394 35.70 -76.95 -29.53
CA PRO D 1394 36.30 -77.98 -28.67
C PRO D 1394 37.81 -78.09 -28.80
N GLY D 1395 38.49 -78.09 -27.66
CA GLY D 1395 39.94 -78.18 -27.64
C GLY D 1395 40.68 -76.91 -28.00
N GLU D 1396 39.97 -75.79 -28.02
CA GLU D 1396 40.60 -74.51 -28.34
C GLU D 1396 40.95 -73.74 -27.07
N MET D 1397 40.01 -73.70 -26.12
CA MET D 1397 40.20 -73.08 -24.81
C MET D 1397 40.30 -71.56 -24.94
N LEU D 1398 40.33 -71.06 -26.17
CA LEU D 1398 40.31 -69.63 -26.44
C LEU D 1398 39.16 -69.32 -27.39
N PRO D 1399 38.29 -68.36 -27.06
CA PRO D 1399 36.93 -68.38 -27.62
C PRO D 1399 36.79 -67.88 -29.06
N ARG D 1400 37.68 -68.30 -29.95
CA ARG D 1400 37.43 -68.27 -31.39
C ARG D 1400 37.38 -66.86 -31.97
N LYS D 1401 37.35 -65.83 -31.10
CA LYS D 1401 37.33 -64.45 -31.55
C LYS D 1401 38.50 -63.66 -30.97
N LEU D 1402 39.01 -64.08 -29.82
CA LEU D 1402 40.27 -63.56 -29.34
C LEU D 1402 41.35 -64.47 -29.92
N LYS D 1403 40.89 -65.42 -30.75
CA LYS D 1403 41.75 -66.32 -31.51
C LYS D 1403 41.85 -65.93 -32.98
N ARG D 1404 41.04 -64.99 -33.45
CA ARG D 1404 40.97 -64.65 -34.86
C ARG D 1404 40.41 -63.24 -35.01
N ILE D 1405 40.88 -62.52 -36.02
CA ILE D 1405 40.53 -61.12 -36.28
C ILE D 1405 41.08 -60.29 -35.11
N LEU D 1406 41.96 -60.91 -34.33
CA LEU D 1406 42.65 -60.31 -33.19
C LEU D 1406 44.05 -60.90 -33.13
N ARG D 1407 44.71 -60.81 -31.98
CA ARG D 1407 46.09 -61.24 -31.87
C ARG D 1407 46.26 -62.68 -32.37
N GLN D 1408 47.21 -62.85 -33.28
CA GLN D 1408 47.49 -64.12 -33.93
C GLN D 1408 48.99 -64.28 -34.05
N GLU D 1409 49.45 -65.52 -34.21
CA GLU D 1409 50.86 -65.87 -34.13
C GLU D 1409 51.40 -65.43 -32.77
N HIS D 1410 50.51 -65.41 -31.77
CA HIS D 1410 50.89 -64.95 -30.44
C HIS D 1410 50.22 -65.79 -29.35
N TRP D 1411 49.47 -66.84 -29.72
CA TRP D 1411 48.63 -67.62 -28.82
C TRP D 1411 49.32 -68.23 -27.61
N PRO D 1412 50.47 -68.95 -27.76
CA PRO D 1412 50.97 -69.79 -26.65
C PRO D 1412 51.05 -69.11 -25.29
N SER D 1413 51.30 -67.80 -25.26
CA SER D 1413 51.47 -67.09 -24.00
C SER D 1413 50.17 -66.93 -23.22
N PHE D 1414 49.18 -66.25 -23.79
CA PHE D 1414 47.91 -66.07 -23.08
C PHE D 1414 47.11 -67.36 -23.06
N GLU D 1415 47.42 -68.31 -23.94
CA GLU D 1415 46.89 -69.65 -23.78
C GLU D 1415 47.59 -70.42 -22.68
N ASN D 1416 48.69 -69.89 -22.15
CA ASN D 1416 49.34 -70.43 -20.96
C ASN D 1416 49.02 -69.57 -19.73
N LEU D 1417 48.23 -68.52 -19.94
CA LEU D 1417 47.85 -67.63 -18.85
C LEU D 1417 46.38 -67.77 -18.49
N LEU D 1418 45.58 -68.35 -19.39
CA LEU D 1418 44.15 -68.49 -19.12
C LEU D 1418 43.88 -69.53 -18.04
N LYS D 1419 44.83 -70.44 -17.81
CA LYS D 1419 44.69 -71.33 -16.67
C LYS D 1419 45.28 -70.68 -15.42
N CYS D 1420 44.91 -69.42 -15.20
CA CYS D 1420 45.33 -68.67 -14.02
C CYS D 1420 44.40 -67.48 -13.81
N GLY D 1421 43.47 -67.59 -12.86
CA GLY D 1421 42.56 -66.50 -12.63
C GLY D 1421 41.28 -66.98 -11.96
N MET D 1422 40.46 -66.01 -11.58
CA MET D 1422 39.21 -66.31 -10.89
C MET D 1422 38.05 -66.36 -11.87
N GLU D 1423 37.09 -67.24 -11.58
CA GLU D 1423 35.85 -67.30 -12.33
C GLU D 1423 34.85 -66.34 -11.69
N VAL D 1424 34.05 -65.67 -12.52
CA VAL D 1424 33.12 -64.67 -11.99
C VAL D 1424 31.68 -65.08 -12.28
N TYR D 1425 31.46 -65.82 -13.37
CA TYR D 1425 30.11 -66.27 -13.67
C TYR D 1425 30.10 -67.51 -14.55
N LYS D 1426 29.79 -68.67 -13.95
CA LYS D 1426 29.58 -69.90 -14.71
C LYS D 1426 28.09 -70.20 -14.79
N GLY D 1427 27.41 -69.72 -15.82
CA GLY D 1427 25.98 -69.88 -15.88
C GLY D 1427 25.38 -69.42 -17.19
N TYR D 1428 24.17 -68.89 -17.09
CA TYR D 1428 23.31 -68.57 -18.22
C TYR D 1428 23.33 -67.08 -18.50
N MET D 1429 23.28 -66.72 -19.79
CA MET D 1429 23.19 -65.32 -20.19
C MET D 1429 21.75 -64.97 -20.51
N ASP D 1430 21.45 -63.67 -20.52
CA ASP D 1430 20.19 -63.21 -21.06
C ASP D 1430 20.38 -62.71 -22.48
N ASP D 1431 20.61 -63.63 -23.41
CA ASP D 1431 20.73 -63.28 -24.82
C ASP D 1431 19.34 -63.02 -25.42
N PRO D 1432 19.25 -62.15 -26.43
CA PRO D 1432 17.98 -61.98 -27.14
C PRO D 1432 17.76 -63.10 -28.16
N ARG D 1433 18.75 -63.99 -28.29
CA ARG D 1433 18.71 -65.07 -29.26
C ARG D 1433 18.23 -66.40 -28.68
N ASN D 1434 17.77 -66.43 -27.44
CA ASN D 1434 17.41 -67.68 -26.80
C ASN D 1434 16.02 -68.15 -27.25
N THR D 1435 15.73 -69.40 -26.95
CA THR D 1435 14.45 -70.01 -27.30
C THR D 1435 14.12 -71.08 -26.26
N ASP D 1436 12.91 -71.64 -26.36
CA ASP D 1436 12.45 -72.60 -25.36
C ASP D 1436 13.18 -73.93 -25.47
N ASN D 1437 13.87 -74.19 -26.57
CA ASN D 1437 14.53 -75.47 -26.79
C ASN D 1437 16.04 -75.34 -26.97
N ALA D 1438 16.60 -74.16 -26.69
CA ALA D 1438 18.05 -73.97 -26.80
C ALA D 1438 18.44 -72.74 -25.99
N TRP D 1439 19.66 -72.77 -25.46
CA TRP D 1439 20.17 -71.65 -24.67
C TRP D 1439 21.69 -71.64 -24.74
N ILE D 1440 22.26 -70.51 -24.33
CA ILE D 1440 23.70 -70.27 -24.42
C ILE D 1440 24.24 -70.02 -23.02
N GLU D 1441 25.40 -70.60 -22.71
CA GLU D 1441 26.02 -70.51 -21.40
C GLU D 1441 27.46 -70.02 -21.52
N THR D 1442 27.97 -69.43 -20.44
CA THR D 1442 29.34 -68.93 -20.40
C THR D 1442 30.09 -69.43 -19.18
N VAL D 1443 31.39 -69.68 -19.37
CA VAL D 1443 32.36 -69.62 -18.29
C VAL D 1443 33.09 -68.29 -18.46
N ALA D 1444 33.28 -67.55 -17.37
CA ALA D 1444 33.81 -66.20 -17.50
C ALA D 1444 35.09 -66.03 -16.70
N VAL D 1445 36.24 -66.14 -17.38
CA VAL D 1445 37.52 -65.95 -16.71
C VAL D 1445 37.93 -64.48 -16.81
N SER D 1446 38.67 -64.03 -15.78
CA SER D 1446 39.14 -62.65 -15.71
C SER D 1446 40.63 -62.64 -15.39
N VAL D 1447 41.35 -61.75 -16.07
CA VAL D 1447 42.76 -61.54 -15.81
C VAL D 1447 43.03 -60.05 -15.64
N HIS D 1448 43.74 -59.68 -14.58
CA HIS D 1448 44.08 -58.30 -14.30
C HIS D 1448 45.58 -58.08 -14.35
N PHE D 1449 45.97 -56.86 -14.74
CA PHE D 1449 47.37 -56.46 -14.85
C PHE D 1449 47.61 -55.36 -13.81
N GLN D 1450 48.31 -55.71 -12.73
CA GLN D 1450 48.52 -54.77 -11.64
C GLN D 1450 49.35 -53.56 -12.07
N ASP D 1451 50.43 -53.80 -12.81
CA ASP D 1451 51.34 -52.73 -13.16
C ASP D 1451 51.02 -52.17 -14.56
N GLN D 1452 51.86 -51.26 -15.00
CA GLN D 1452 51.74 -50.62 -16.31
C GLN D 1452 52.89 -50.94 -17.24
N ASN D 1453 54.10 -51.12 -16.69
CA ASN D 1453 55.27 -51.46 -17.49
C ASN D 1453 55.76 -52.86 -17.12
N ASP D 1454 54.84 -53.79 -16.92
CA ASP D 1454 55.19 -55.16 -16.54
C ASP D 1454 55.62 -55.96 -17.76
N VAL D 1455 55.76 -57.26 -17.60
CA VAL D 1455 56.18 -58.13 -18.70
C VAL D 1455 54.95 -58.74 -19.36
N GLU D 1456 53.77 -58.34 -18.91
CA GLU D 1456 52.52 -58.82 -19.48
C GLU D 1456 51.91 -57.77 -20.40
N LEU D 1457 51.91 -56.51 -19.95
CA LEU D 1457 51.35 -55.43 -20.75
C LEU D 1457 52.34 -54.96 -21.79
N ASN D 1458 53.60 -55.39 -21.67
CA ASN D 1458 54.62 -55.10 -22.68
C ASN D 1458 54.69 -56.18 -23.74
N ARG D 1459 53.98 -57.29 -23.56
CA ARG D 1459 53.89 -58.33 -24.58
C ARG D 1459 52.47 -58.61 -25.06
N LEU D 1460 51.45 -58.04 -24.44
CA LEU D 1460 50.08 -58.21 -24.89
C LEU D 1460 49.72 -57.18 -25.96
N ASN D 1461 49.87 -55.89 -25.61
CA ASN D 1461 49.47 -54.81 -26.50
C ASN D 1461 50.29 -54.77 -27.78
N SER D 1462 51.62 -54.77 -27.66
CA SER D 1462 52.47 -54.68 -28.84
C SER D 1462 52.89 -56.06 -29.34
N ASN D 1463 51.93 -56.98 -29.47
CA ASN D 1463 52.16 -58.24 -30.15
C ASN D 1463 50.92 -58.67 -30.91
N LEU D 1464 49.90 -57.81 -30.90
CA LEU D 1464 48.59 -58.20 -31.41
C LEU D 1464 48.39 -57.70 -32.84
N HIS D 1465 47.97 -58.60 -33.72
CA HIS D 1465 47.55 -58.21 -35.06
C HIS D 1465 46.30 -57.35 -35.03
N ALA D 1466 45.25 -57.78 -34.32
CA ALA D 1466 44.09 -56.96 -34.00
C ALA D 1466 43.27 -56.57 -35.23
N CYS D 1467 43.70 -56.99 -36.42
CA CYS D 1467 42.98 -56.69 -37.65
C CYS D 1467 43.30 -57.75 -38.69
N ASP D 1468 42.39 -58.70 -38.87
CA ASP D 1468 42.47 -59.64 -39.98
C ASP D 1468 41.44 -59.25 -41.03
N SER D 1469 40.18 -59.17 -40.64
CA SER D 1469 39.11 -58.72 -41.52
C SER D 1469 38.15 -57.82 -40.76
N GLY D 1470 38.50 -57.48 -39.52
CA GLY D 1470 37.66 -56.64 -38.68
C GLY D 1470 37.88 -55.17 -38.95
N ALA D 1471 37.45 -54.31 -38.02
CA ALA D 1471 37.56 -52.88 -38.25
C ALA D 1471 37.97 -52.09 -37.02
N SER D 1472 38.18 -52.75 -35.88
CA SER D 1472 38.50 -52.00 -34.67
C SER D 1472 39.03 -52.83 -33.51
N ILE D 1473 39.80 -52.18 -32.64
CA ILE D 1473 40.18 -52.67 -31.32
C ILE D 1473 40.48 -51.44 -30.47
N ARG D 1474 39.98 -51.41 -29.23
CA ARG D 1474 40.08 -50.20 -28.44
C ARG D 1474 39.79 -50.44 -26.96
N TRP D 1475 40.74 -50.08 -26.09
CA TRP D 1475 40.50 -50.11 -24.65
C TRP D 1475 39.46 -49.07 -24.27
N GLN D 1476 38.46 -49.49 -23.49
CA GLN D 1476 37.32 -48.65 -23.18
C GLN D 1476 37.17 -48.54 -21.67
N VAL D 1477 36.69 -47.39 -21.21
CA VAL D 1477 36.52 -47.10 -19.79
C VAL D 1477 35.22 -47.73 -19.32
N VAL D 1478 35.29 -48.50 -18.25
CA VAL D 1478 34.16 -49.33 -17.82
C VAL D 1478 33.22 -48.51 -16.95
N ASP D 1479 32.26 -47.83 -17.58
CA ASP D 1479 31.31 -47.00 -16.85
C ASP D 1479 29.93 -47.64 -16.85
N ARG D 1480 28.95 -46.94 -16.26
CA ARG D 1480 27.57 -47.43 -16.16
C ARG D 1480 26.86 -47.51 -17.51
N ARG D 1481 27.37 -46.81 -18.54
CA ARG D 1481 26.70 -46.75 -19.83
C ARG D 1481 27.64 -47.06 -20.98
N ILE D 1482 28.41 -48.14 -20.88
CA ILE D 1482 29.29 -48.58 -21.96
C ILE D 1482 28.45 -48.89 -23.19
N PRO D 1483 28.85 -48.45 -24.37
CA PRO D 1483 28.16 -48.91 -25.59
C PRO D 1483 28.49 -50.37 -25.90
N LEU D 1484 28.19 -51.24 -24.95
CA LEU D 1484 28.43 -52.67 -25.06
C LEU D 1484 27.08 -53.40 -25.17
N TYR D 1485 27.10 -54.66 -25.58
CA TYR D 1485 25.92 -55.50 -25.57
C TYR D 1485 25.45 -55.66 -24.13
N ALA D 1486 24.16 -55.36 -23.90
CA ALA D 1486 23.59 -55.34 -22.55
C ALA D 1486 23.84 -56.64 -21.80
N ASN D 1487 23.79 -57.75 -22.53
CA ASN D 1487 24.05 -59.05 -21.91
C ASN D 1487 25.46 -59.12 -21.36
N HIS D 1488 26.44 -58.61 -22.11
CA HIS D 1488 27.81 -58.52 -21.62
C HIS D 1488 27.99 -57.50 -20.51
N LYS D 1489 27.26 -56.37 -20.59
CA LYS D 1489 27.25 -55.41 -19.50
C LYS D 1489 26.74 -56.01 -18.20
N THR D 1490 25.90 -57.04 -18.25
CA THR D 1490 25.56 -57.78 -17.05
C THR D 1490 26.78 -58.47 -16.46
N LEU D 1491 27.61 -59.07 -17.32
CA LEU D 1491 28.82 -59.75 -16.84
C LEU D 1491 29.77 -58.75 -16.18
N LEU D 1492 29.97 -57.59 -16.80
CA LEU D 1492 30.87 -56.60 -16.24
C LEU D 1492 30.36 -56.06 -14.91
N GLN D 1493 29.03 -56.00 -14.76
CA GLN D 1493 28.42 -55.46 -13.54
C GLN D 1493 28.69 -56.34 -12.34
N LYS D 1494 29.08 -57.60 -12.58
CA LYS D 1494 29.43 -58.51 -11.49
C LYS D 1494 30.92 -58.85 -11.50
N ALA D 1495 31.65 -58.44 -12.55
CA ALA D 1495 33.06 -58.76 -12.66
C ALA D 1495 33.92 -57.60 -12.16
N ALA D 1496 33.56 -56.37 -12.52
CA ALA D 1496 34.30 -55.20 -12.06
C ALA D 1496 34.11 -55.00 -10.57
N ALA D 1497 33.03 -55.55 -10.01
CA ALA D 1497 32.71 -55.44 -8.59
C ALA D 1497 33.60 -56.29 -7.71
N GLU D 1498 34.43 -57.17 -8.26
CA GLU D 1498 35.31 -58.00 -7.47
C GLU D 1498 36.53 -57.25 -6.93
N PHE D 1499 36.77 -56.03 -7.41
CA PHE D 1499 37.88 -55.21 -6.93
C PHE D 1499 37.44 -53.90 -6.29
N GLY D 1500 36.19 -53.49 -6.46
CA GLY D 1500 35.72 -52.23 -5.90
C GLY D 1500 35.71 -51.13 -6.93
N ALA D 1501 35.27 -51.46 -8.15
CA ALA D 1501 35.30 -50.50 -9.24
C ALA D 1501 33.99 -49.74 -9.39
N HIS D 1502 33.91 -48.87 -10.39
CA HIS D 1502 32.68 -48.16 -10.76
C HIS D 1502 32.27 -48.61 -12.16
N TYR D 1503 31.29 -49.50 -12.22
CA TYR D 1503 30.61 -49.75 -13.47
C TYR D 1503 29.51 -48.71 -13.68
#